data_8GRB
#
_entry.id   8GRB
#
_cell.length_a   209.150
_cell.length_b   170.028
_cell.length_c   208.692
_cell.angle_alpha   90.00
_cell.angle_beta   103.11
_cell.angle_gamma   90.00
#
_symmetry.space_group_name_H-M   'C 1 2 1'
#
loop_
_entity.id
_entity.type
_entity.pdbx_description
1 polymer 'Isocitrate dehydrogenase [NAD] subunit alpha, mitochondrial'
2 polymer 'Isoform A of Isocitrate dehydrogenase [NAD] subunit beta, mitochondrial'
#
loop_
_entity_poly.entity_id
_entity_poly.type
_entity_poly.pdbx_seq_one_letter_code
_entity_poly.pdbx_strand_id
1 'polypeptide(L)'
;TGGVQTVTLIPGDGIGPEISAAVMKIFDAAKAPIQWEERNVTAIQGPGGKWMIPSEAKESMDKNKMGLKGPLKTPIAAGH
PSMNLLLRKTFDLYANVRPCVSIEGYKTPYTDVNIVTIRENTEGEYSGIEHVIVDGVVASIKLITEGASKRIAEFAFEYA
RNNHRSNVTAVHKANIMRMSDGLFLQKCREVAESCKDIKFNEMYLDTVCLNMVQDPSQFDVLVMPNLYGDILSDLCAGLI
GGLGVTPSGNIGANGVAIFESVHGTAPDIAGKDMANPTALLLSAVMMLRHMGLFDHAARIEAACFATIKDGKSLTKDLGG
NAKCSDFTEEICRRVKDLD
;
B,A,E,G,I,K,M,O
2 'polypeptide(L)'
;ASRSQAEDVRVEGSFPVTMLPGDGVGPELMHAVKEVFKAAAVPVEFQEHHLSEVQNMASEEKLEQVLSSMKENKVAIIGK
IHTPMEYKGELASYDMRLRRKLDLFANVVHVKSLPGYMTRHNNLDLVIIREQTEGEYSSLEHESARGVIECLKIVTRAKS
QRIAKFAFDYATKKGRGKVTAVHKANIMKLGDGLFLQCCEEVAELYPKIKFETMIIDNCCMQLVQNPYQFDVLVMPNLYG
NIIDNLAAGLVGGAGVVPGESYSAEYAVFETGARHPFAQAVGRNIANPTAMLLSASNMLRHLNLEYHSSMIADAVKKVIK
VGKVRTSDMGGYATCHDFTEEICRRVKDLDEN
;
C,D,F,H,J,L,N,P
#
# COMPACT_ATOMS: atom_id res chain seq x y z
N GLY A 2 11.79 35.26 8.29
CA GLY A 2 11.00 34.42 9.19
C GLY A 2 10.76 33.00 8.72
N GLY A 3 11.58 32.07 9.21
CA GLY A 3 11.42 30.64 8.98
C GLY A 3 12.36 30.11 7.91
N VAL A 4 12.81 28.88 8.12
CA VAL A 4 13.78 28.27 7.21
C VAL A 4 13.05 27.50 6.11
N GLN A 5 13.53 27.68 4.89
CA GLN A 5 13.01 27.04 3.69
C GLN A 5 14.00 26.05 3.13
N THR A 6 13.50 24.91 2.69
CA THR A 6 14.30 23.92 2.01
C THR A 6 14.16 24.13 0.50
N VAL A 7 15.30 24.17 -0.21
CA VAL A 7 15.33 24.37 -1.65
C VAL A 7 15.88 23.09 -2.23
N THR A 8 15.18 22.51 -3.21
CA THR A 8 15.79 21.38 -3.90
C THR A 8 17.06 21.85 -4.58
N LEU A 9 18.14 21.14 -4.36
CA LEU A 9 19.40 21.43 -5.02
C LEU A 9 19.71 20.32 -6.01
N ILE A 10 19.93 20.67 -7.26
CA ILE A 10 20.33 19.69 -8.26
C ILE A 10 21.75 20.02 -8.71
N PRO A 11 22.77 19.50 -8.02
CA PRO A 11 24.14 19.91 -8.34
C PRO A 11 24.54 19.50 -9.74
N GLY A 12 24.16 18.32 -10.17
CA GLY A 12 24.37 17.95 -11.55
C GLY A 12 25.72 17.32 -11.77
N ASP A 13 26.32 17.55 -12.93
CA ASP A 13 27.49 16.81 -13.36
C ASP A 13 28.67 17.73 -13.60
N GLY A 14 29.84 17.12 -13.81
CA GLY A 14 31.05 17.89 -14.08
C GLY A 14 31.36 18.82 -12.93
N ILE A 15 31.54 20.11 -13.26
CA ILE A 15 31.84 21.14 -12.27
C ILE A 15 30.61 21.41 -11.41
N GLY A 16 29.53 20.66 -11.66
CA GLY A 16 28.26 20.90 -11.02
C GLY A 16 28.39 20.95 -9.52
N PRO A 17 28.81 19.83 -8.93
CA PRO A 17 28.77 19.72 -7.47
C PRO A 17 29.77 20.63 -6.77
N GLU A 18 30.85 21.03 -7.45
CA GLU A 18 31.78 21.99 -6.84
C GLU A 18 31.14 23.37 -6.73
N ILE A 19 30.56 23.87 -7.83
CA ILE A 19 30.04 25.24 -7.78
C ILE A 19 28.77 25.33 -6.93
N SER A 20 27.94 24.28 -6.90
CA SER A 20 26.76 24.34 -6.03
C SER A 20 27.18 24.26 -4.56
N ALA A 21 28.20 23.44 -4.27
CA ALA A 21 28.79 23.46 -2.93
C ALA A 21 29.29 24.86 -2.58
N ALA A 22 29.85 25.57 -3.55
CA ALA A 22 30.31 26.93 -3.30
C ALA A 22 29.16 27.86 -2.98
N VAL A 23 28.05 27.75 -3.74
CA VAL A 23 26.89 28.59 -3.47
C VAL A 23 26.33 28.30 -2.08
N MET A 24 26.22 27.00 -1.74
CA MET A 24 25.80 26.59 -0.40
C MET A 24 26.54 27.36 0.68
N LYS A 25 27.85 27.51 0.52
CA LYS A 25 28.63 28.12 1.58
C LYS A 25 28.54 29.63 1.54
N ILE A 26 28.42 30.22 0.36
CA ILE A 26 28.14 31.65 0.32
C ILE A 26 26.80 31.94 0.98
N PHE A 27 25.79 31.12 0.70
CA PHE A 27 24.49 31.30 1.36
C PHE A 27 24.65 31.16 2.86
N ASP A 28 25.47 30.21 3.30
CA ASP A 28 25.76 30.04 4.73
C ASP A 28 26.38 31.30 5.32
N ALA A 29 27.48 31.77 4.71
CA ALA A 29 28.15 32.97 5.23
C ALA A 29 27.21 34.15 5.36
N ALA A 30 26.20 34.24 4.50
CA ALA A 30 25.21 35.31 4.54
C ALA A 30 24.05 35.03 5.51
N LYS A 31 24.08 33.94 6.27
CA LYS A 31 23.01 33.58 7.22
C LYS A 31 21.64 33.56 6.55
N ALA A 32 21.60 33.15 5.28
CA ALA A 32 20.36 33.23 4.55
C ALA A 32 19.41 32.10 4.96
N PRO A 33 18.12 32.37 5.02
CA PRO A 33 17.17 31.35 5.47
C PRO A 33 16.97 30.18 4.53
N ILE A 34 18.02 29.43 4.19
CA ILE A 34 17.95 28.36 3.20
C ILE A 34 18.53 27.07 3.80
N GLN A 35 17.75 25.99 3.74
CA GLN A 35 18.23 24.62 3.82
C GLN A 35 18.21 23.99 2.44
N TRP A 36 19.05 23.00 2.24
CA TRP A 36 19.16 22.37 0.94
C TRP A 36 18.78 20.90 1.02
N GLU A 37 18.30 20.37 -0.10
CA GLU A 37 17.88 18.97 -0.22
C GLU A 37 18.32 18.46 -1.59
N GLU A 38 19.52 17.86 -1.64
CA GLU A 38 20.07 17.39 -2.90
C GLU A 38 19.15 16.36 -3.55
N ARG A 39 19.06 16.43 -4.88
CA ARG A 39 18.36 15.41 -5.63
C ARG A 39 19.00 15.26 -7.01
N ASN A 40 18.54 14.24 -7.73
CA ASN A 40 19.11 13.85 -9.02
C ASN A 40 17.99 13.81 -10.04
N VAL A 41 18.05 14.73 -11.03
CA VAL A 41 17.05 14.73 -12.09
C VAL A 41 17.45 13.89 -13.29
N THR A 42 18.61 13.25 -13.24
CA THR A 42 19.02 12.38 -14.34
C THR A 42 17.93 11.37 -14.66
N ALA A 43 17.41 11.44 -15.89
CA ALA A 43 16.23 10.68 -16.26
C ALA A 43 16.53 9.19 -16.30
N ILE A 44 15.50 8.37 -16.07
CA ILE A 44 15.60 6.93 -16.07
C ILE A 44 14.49 6.32 -16.93
N GLN A 45 14.77 5.16 -17.48
CA GLN A 45 13.81 4.43 -18.32
C GLN A 45 12.72 3.85 -17.42
N GLY A 46 11.51 4.38 -17.54
CA GLY A 46 10.38 3.91 -16.79
C GLY A 46 9.70 2.74 -17.48
N PRO A 47 8.36 2.68 -17.41
CA PRO A 47 7.59 1.64 -18.07
C PRO A 47 7.82 1.62 -19.58
N TRP A 51 11.41 7.02 -20.64
CA TRP A 51 12.16 8.08 -19.97
C TRP A 51 11.27 9.04 -19.17
N MET A 52 11.77 9.42 -18.00
CA MET A 52 11.03 10.15 -16.97
C MET A 52 12.01 10.62 -15.90
N ILE A 53 11.66 11.68 -15.20
CA ILE A 53 12.57 12.11 -14.14
C ILE A 53 12.13 11.46 -12.82
N PRO A 54 13.08 11.13 -11.94
CA PRO A 54 12.76 10.30 -10.77
C PRO A 54 11.76 10.96 -9.85
N SER A 55 10.97 10.12 -9.15
CA SER A 55 9.82 10.63 -8.41
C SER A 55 10.22 11.36 -7.13
N GLU A 56 11.31 10.95 -6.49
CA GLU A 56 11.78 11.69 -5.32
C GLU A 56 12.18 13.12 -5.69
N ALA A 57 12.75 13.31 -6.88
CA ALA A 57 13.02 14.65 -7.36
C ALA A 57 11.74 15.42 -7.69
N LYS A 58 10.73 14.71 -8.21
CA LYS A 58 9.42 15.34 -8.47
C LYS A 58 8.70 15.70 -7.17
N GLU A 59 8.76 14.81 -6.16
CA GLU A 59 8.08 15.10 -4.88
C GLU A 59 8.76 16.25 -4.15
N SER A 60 10.09 16.38 -4.31
CA SER A 60 10.79 17.48 -3.66
C SER A 60 10.41 18.80 -4.28
N MET A 61 10.38 18.86 -5.61
CA MET A 61 9.95 20.09 -6.27
C MET A 61 8.50 20.38 -5.95
N ASP A 62 7.66 19.34 -5.85
CA ASP A 62 6.25 19.57 -5.51
C ASP A 62 6.13 20.21 -4.13
N LYS A 63 6.94 19.75 -3.16
CA LYS A 63 6.86 20.27 -1.78
C LYS A 63 7.58 21.62 -1.68
N ASN A 64 8.91 21.61 -1.56
CA ASN A 64 9.69 22.83 -1.75
C ASN A 64 9.47 23.33 -3.15
N LYS A 65 8.99 24.55 -3.29
CA LYS A 65 8.68 24.91 -4.67
C LYS A 65 9.91 25.38 -5.44
N MET A 66 11.03 25.63 -4.76
CA MET A 66 12.21 26.22 -5.38
C MET A 66 13.33 25.18 -5.59
N GLY A 67 13.89 25.19 -6.79
CA GLY A 67 15.09 24.42 -7.08
C GLY A 67 16.21 25.32 -7.58
N LEU A 68 17.44 24.88 -7.33
CA LEU A 68 18.66 25.47 -7.87
C LEU A 68 19.40 24.34 -8.56
N LYS A 69 19.66 24.51 -9.87
CA LYS A 69 20.09 23.40 -10.72
C LYS A 69 21.41 23.76 -11.38
N GLY A 70 22.41 22.91 -11.18
CA GLY A 70 23.66 23.07 -11.86
C GLY A 70 23.62 22.47 -13.24
N PRO A 71 24.79 22.39 -13.85
CA PRO A 71 24.83 21.96 -15.25
C PRO A 71 24.67 20.45 -15.39
N LEU A 72 23.79 20.06 -16.29
CA LEU A 72 23.58 18.67 -16.57
C LEU A 72 24.41 18.24 -17.80
N LYS A 73 24.25 16.95 -18.11
CA LYS A 73 25.09 16.11 -18.95
C LYS A 73 24.30 15.85 -20.19
N THR A 74 24.95 15.80 -21.32
CA THR A 74 24.19 15.51 -22.49
C THR A 74 24.08 13.99 -22.62
N PRO A 75 22.89 13.44 -22.49
CA PRO A 75 22.70 12.00 -22.65
C PRO A 75 23.21 11.54 -23.99
N ILE A 76 23.44 10.23 -24.08
CA ILE A 76 24.07 9.64 -25.24
C ILE A 76 23.09 8.91 -26.13
N ALA A 77 22.06 8.27 -25.58
CA ALA A 77 21.09 7.59 -26.41
C ALA A 77 20.42 8.59 -27.34
N ALA A 78 20.24 8.19 -28.60
CA ALA A 78 19.53 9.07 -29.53
C ALA A 78 18.05 9.14 -29.17
N GLY A 79 17.45 8.02 -28.72
CA GLY A 79 16.08 8.00 -28.25
C GLY A 79 15.84 8.77 -26.96
N HIS A 80 16.90 9.28 -26.33
CA HIS A 80 16.77 10.03 -25.08
C HIS A 80 16.29 11.43 -25.38
N PRO A 81 15.18 11.88 -24.80
CA PRO A 81 14.67 13.21 -25.10
C PRO A 81 15.44 14.28 -24.35
N SER A 82 15.29 15.51 -24.84
CA SER A 82 15.87 16.72 -24.25
C SER A 82 15.65 16.75 -22.73
N MET A 83 16.75 16.87 -21.98
CA MET A 83 16.63 16.99 -20.53
C MET A 83 15.84 18.24 -20.15
N ASN A 84 15.88 19.28 -20.98
CA ASN A 84 15.04 20.46 -20.75
C ASN A 84 13.57 20.17 -21.00
N LEU A 85 13.28 19.29 -21.96
CA LEU A 85 11.89 19.00 -22.28
C LEU A 85 11.21 18.27 -21.13
N LEU A 86 11.86 17.22 -20.60
CA LEU A 86 11.32 16.48 -19.45
C LEU A 86 11.05 17.43 -18.29
N LEU A 87 12.05 18.25 -17.92
CA LEU A 87 11.87 19.17 -16.81
C LEU A 87 10.75 20.17 -17.10
N ARG A 88 10.59 20.55 -18.36
CA ARG A 88 9.56 21.51 -18.69
C ARG A 88 8.17 20.89 -18.64
N LYS A 89 8.00 19.67 -19.18
CA LYS A 89 6.67 19.05 -19.20
C LYS A 89 6.27 18.57 -17.81
N THR A 90 7.25 18.16 -17.00
CA THR A 90 6.97 17.74 -15.63
C THR A 90 6.28 18.85 -14.82
N PHE A 91 6.93 20.02 -14.69
CA PHE A 91 6.44 21.11 -13.85
C PHE A 91 5.76 22.24 -14.65
N ASP A 92 5.53 22.04 -15.94
CA ASP A 92 4.94 23.08 -16.80
C ASP A 92 5.71 24.40 -16.68
N LEU A 93 6.98 24.35 -17.07
CA LEU A 93 7.81 25.55 -17.06
C LEU A 93 7.47 26.38 -18.30
N TYR A 94 6.89 27.57 -18.10
CA TYR A 94 6.35 28.31 -19.23
C TYR A 94 7.10 29.61 -19.50
N ALA A 95 7.86 30.11 -18.55
CA ALA A 95 8.57 31.36 -18.69
C ALA A 95 10.03 31.08 -18.41
N ASN A 96 10.87 31.28 -19.41
CA ASN A 96 12.32 31.22 -19.24
C ASN A 96 12.82 32.66 -19.17
N VAL A 97 13.63 32.97 -18.16
CA VAL A 97 13.92 34.35 -17.78
C VAL A 97 15.43 34.51 -17.65
N ARG A 98 15.99 35.46 -18.40
CA ARG A 98 17.45 35.69 -18.43
C ARG A 98 17.76 37.15 -18.22
N PRO A 99 17.99 37.55 -17.00
CA PRO A 99 18.50 38.89 -16.71
C PRO A 99 19.98 38.97 -17.04
N CYS A 100 20.31 39.76 -18.08
CA CYS A 100 21.69 40.02 -18.51
C CYS A 100 22.08 41.44 -18.13
N VAL A 101 23.11 41.55 -17.29
CA VAL A 101 23.63 42.85 -16.85
C VAL A 101 25.15 42.85 -17.03
N SER A 102 25.68 43.94 -17.59
CA SER A 102 27.12 44.13 -17.68
C SER A 102 27.77 43.98 -16.32
N ILE A 103 28.69 43.03 -16.21
CA ILE A 103 29.55 42.92 -15.03
C ILE A 103 30.69 43.92 -15.15
N GLU A 104 30.84 44.81 -14.15
CA GLU A 104 31.84 45.87 -14.29
C GLU A 104 33.27 45.36 -14.13
N GLY A 105 33.50 44.29 -13.35
CA GLY A 105 34.82 43.69 -13.35
C GLY A 105 35.25 43.14 -14.72
N TYR A 106 34.29 42.62 -15.50
CA TYR A 106 34.57 41.77 -16.66
C TYR A 106 34.35 42.54 -17.95
N LYS A 107 35.41 43.20 -18.44
CA LYS A 107 35.33 44.04 -19.64
C LYS A 107 34.74 43.29 -20.84
N THR A 108 33.84 43.96 -21.55
CA THR A 108 33.18 43.49 -22.77
C THR A 108 33.02 44.69 -23.69
N PRO A 109 32.93 44.49 -25.01
CA PRO A 109 32.58 45.61 -25.90
C PRO A 109 31.25 46.31 -25.57
N TYR A 110 30.51 45.80 -24.61
CA TYR A 110 29.17 46.30 -24.31
C TYR A 110 29.13 46.59 -22.83
N THR A 111 29.00 47.87 -22.48
CA THR A 111 29.18 48.27 -21.12
C THR A 111 27.90 48.70 -20.42
N ASP A 112 26.84 49.03 -21.15
CA ASP A 112 25.67 49.39 -20.35
C ASP A 112 24.46 48.53 -20.68
N VAL A 113 24.62 47.22 -20.53
CA VAL A 113 23.58 46.25 -20.84
C VAL A 113 22.83 45.88 -19.56
N ASN A 114 21.50 46.07 -19.56
CA ASN A 114 20.60 45.54 -18.54
C ASN A 114 19.28 45.15 -19.20
N ILE A 115 19.16 43.88 -19.57
CA ILE A 115 18.05 43.38 -20.34
C ILE A 115 17.49 42.13 -19.69
N VAL A 116 16.16 41.99 -19.67
CA VAL A 116 15.51 40.77 -19.23
C VAL A 116 14.72 40.18 -20.39
N THR A 117 15.08 38.96 -20.80
CA THR A 117 14.39 38.24 -21.87
C THR A 117 13.44 37.21 -21.26
N ILE A 118 12.16 37.53 -21.22
CA ILE A 118 11.15 36.57 -20.81
C ILE A 118 10.72 35.78 -22.04
N ARG A 119 10.99 34.49 -22.04
CA ARG A 119 10.73 33.67 -23.20
C ARG A 119 9.58 32.72 -22.92
N GLU A 120 8.63 32.66 -23.85
CA GLU A 120 7.61 31.61 -23.78
C GLU A 120 8.27 30.26 -23.99
N ASN A 121 7.97 29.29 -23.15
CA ASN A 121 8.72 28.05 -23.11
C ASN A 121 7.90 26.79 -23.41
N THR A 122 6.68 26.91 -23.94
CA THR A 122 5.81 25.73 -24.11
C THR A 122 5.41 25.43 -25.54
N GLU A 123 5.38 26.42 -26.42
CA GLU A 123 4.89 26.17 -27.77
C GLU A 123 5.81 26.80 -28.82
N GLY A 124 5.26 27.58 -29.74
CA GLY A 124 6.07 28.24 -30.76
C GLY A 124 6.53 27.26 -31.82
N GLU A 125 7.74 27.44 -32.32
CA GLU A 125 8.28 26.43 -33.22
C GLU A 125 8.70 25.16 -32.48
N TYR A 126 8.85 25.23 -31.16
CA TYR A 126 9.28 24.09 -30.36
C TYR A 126 8.11 23.24 -29.89
N SER A 127 7.07 23.12 -30.71
CA SER A 127 5.90 22.34 -30.35
C SER A 127 6.13 20.85 -30.44
N GLY A 128 7.25 20.42 -31.00
CA GLY A 128 7.49 19.00 -31.13
C GLY A 128 6.64 18.29 -32.14
N ILE A 129 5.92 19.02 -32.99
CA ILE A 129 5.05 18.42 -33.98
C ILE A 129 5.65 18.66 -35.36
N GLU A 130 5.99 17.58 -36.08
CA GLU A 130 6.42 17.68 -37.47
C GLU A 130 5.94 16.46 -38.24
N HIS A 131 5.69 16.65 -39.54
CA HIS A 131 5.25 15.57 -40.42
C HIS A 131 6.13 15.51 -41.65
N VAL A 132 6.40 14.28 -42.12
CA VAL A 132 6.91 14.08 -43.47
C VAL A 132 5.72 14.06 -44.41
N ILE A 133 5.56 15.12 -45.21
CA ILE A 133 4.46 15.17 -46.17
C ILE A 133 4.65 14.15 -47.28
N VAL A 134 5.84 14.12 -47.87
CA VAL A 134 6.25 13.17 -48.90
C VAL A 134 7.74 13.04 -48.75
N ASP A 135 8.35 12.14 -49.52
CA ASP A 135 9.80 12.05 -49.61
C ASP A 135 10.43 13.44 -49.72
N GLY A 136 11.39 13.72 -48.84
CA GLY A 136 12.16 14.96 -48.90
C GLY A 136 11.32 16.22 -48.78
N VAL A 137 10.22 16.18 -48.04
CA VAL A 137 9.37 17.35 -47.83
C VAL A 137 8.82 17.29 -46.41
N VAL A 138 9.30 18.15 -45.52
CA VAL A 138 8.91 18.09 -44.13
C VAL A 138 8.17 19.38 -43.78
N ALA A 139 7.21 19.25 -42.90
CA ALA A 139 6.48 20.38 -42.38
C ALA A 139 6.62 20.39 -40.87
N SER A 140 7.11 21.50 -40.34
CA SER A 140 7.24 21.71 -38.90
C SER A 140 6.11 22.61 -38.43
N ILE A 141 5.40 22.19 -37.37
CA ILE A 141 4.22 22.89 -36.90
C ILE A 141 4.64 23.85 -35.82
N LYS A 142 4.47 25.13 -36.08
CA LYS A 142 4.57 26.15 -35.04
C LYS A 142 3.18 26.39 -34.51
N LEU A 143 3.04 26.36 -33.20
CA LEU A 143 1.78 26.52 -32.49
C LEU A 143 1.84 27.81 -31.67
N ILE A 144 0.86 28.68 -31.85
CA ILE A 144 0.68 29.83 -30.97
C ILE A 144 -0.75 29.82 -30.51
N THR A 145 -0.96 29.75 -29.20
CA THR A 145 -2.30 29.73 -28.67
C THR A 145 -2.56 30.99 -27.86
N GLU A 146 -3.84 31.24 -27.61
CA GLU A 146 -4.25 32.44 -26.88
C GLU A 146 -3.83 32.38 -25.43
N GLY A 147 -4.01 31.24 -24.77
CA GLY A 147 -3.72 31.17 -23.35
C GLY A 147 -2.24 31.28 -23.06
N ALA A 148 -1.43 30.49 -23.75
CA ALA A 148 0.02 30.53 -23.57
C ALA A 148 0.55 31.93 -23.76
N SER A 149 0.06 32.62 -24.79
CA SER A 149 0.56 33.96 -25.04
C SER A 149 0.16 34.93 -23.94
N LYS A 150 -1.10 34.89 -23.50
CA LYS A 150 -1.51 35.76 -22.40
C LYS A 150 -0.69 35.48 -21.15
N ARG A 151 -0.47 34.20 -20.85
CA ARG A 151 0.25 33.83 -19.64
C ARG A 151 1.67 34.39 -19.66
N ILE A 152 2.33 34.36 -20.82
CA ILE A 152 3.72 34.83 -20.88
C ILE A 152 3.76 36.35 -20.79
N ALA A 153 2.78 37.02 -21.37
CA ALA A 153 2.76 38.47 -21.28
C ALA A 153 2.36 38.91 -19.89
N GLU A 154 1.56 38.11 -19.18
CA GLU A 154 1.15 38.47 -17.83
C GLU A 154 2.33 38.34 -16.86
N PHE A 155 3.14 37.29 -17.04
CA PHE A 155 4.39 37.24 -16.29
C PHE A 155 5.24 38.47 -16.56
N ALA A 156 5.45 38.80 -17.84
CA ALA A 156 6.39 39.85 -18.21
C ALA A 156 6.05 41.18 -17.53
N PHE A 157 4.78 41.58 -17.56
CA PHE A 157 4.39 42.82 -16.90
C PHE A 157 4.42 42.69 -15.39
N GLU A 158 4.14 41.49 -14.86
CA GLU A 158 4.40 41.25 -13.43
C GLU A 158 5.88 41.39 -13.11
N TYR A 159 6.75 40.71 -13.88
CA TYR A 159 8.19 40.83 -13.64
C TYR A 159 8.63 42.28 -13.70
N ALA A 160 8.12 43.05 -14.67
CA ALA A 160 8.49 44.46 -14.79
C ALA A 160 8.04 45.27 -13.57
N ARG A 161 6.82 45.03 -13.06
CA ARG A 161 6.37 45.77 -11.89
C ARG A 161 7.16 45.38 -10.65
N ASN A 162 7.29 44.08 -10.40
CA ASN A 162 7.98 43.60 -9.20
C ASN A 162 9.46 43.91 -9.23
N ASN A 163 10.12 43.80 -10.39
CA ASN A 163 11.52 44.14 -10.48
C ASN A 163 11.75 45.57 -10.93
N HIS A 164 10.75 46.44 -10.75
CA HIS A 164 10.88 47.90 -10.93
C HIS A 164 11.52 48.22 -12.28
N ARG A 165 10.93 47.65 -13.33
CA ARG A 165 11.40 47.76 -14.71
C ARG A 165 10.48 48.73 -15.44
N SER A 166 11.06 49.57 -16.32
CA SER A 166 10.30 50.68 -16.88
C SER A 166 9.57 50.37 -18.19
N ASN A 167 10.14 49.51 -19.07
CA ASN A 167 9.55 49.23 -20.38
C ASN A 167 9.53 47.74 -20.63
N VAL A 168 8.57 47.32 -21.47
CA VAL A 168 8.44 45.95 -21.92
C VAL A 168 8.22 45.98 -23.41
N THR A 169 9.05 45.24 -24.14
CA THR A 169 8.94 45.15 -25.60
C THR A 169 8.47 43.76 -25.99
N ALA A 170 7.35 43.70 -26.70
CA ALA A 170 6.94 42.48 -27.38
C ALA A 170 7.70 42.38 -28.70
N VAL A 171 8.49 41.32 -28.87
CA VAL A 171 9.31 41.11 -30.07
C VAL A 171 8.72 39.97 -30.85
N HIS A 172 8.44 40.20 -32.13
CA HIS A 172 7.64 39.27 -32.92
C HIS A 172 8.07 39.34 -34.38
N LYS A 173 7.43 38.52 -35.21
CA LYS A 173 7.60 38.60 -36.66
C LYS A 173 6.22 38.57 -37.32
N ALA A 174 5.37 39.51 -36.93
CA ALA A 174 3.97 39.42 -37.38
C ALA A 174 3.76 39.96 -38.78
N ASN A 175 4.79 40.54 -39.42
CA ASN A 175 4.69 40.83 -40.86
C ASN A 175 4.88 39.58 -41.72
N ILE A 176 5.48 38.52 -41.18
CA ILE A 176 5.68 37.28 -41.93
C ILE A 176 4.59 36.31 -41.51
N MET A 177 4.61 35.90 -40.24
CA MET A 177 3.62 34.98 -39.71
C MET A 177 2.51 35.81 -39.06
N ARG A 178 1.59 36.26 -39.91
CA ARG A 178 0.59 37.27 -39.57
C ARG A 178 -0.49 36.74 -38.63
N MET A 179 -0.75 35.44 -38.66
CA MET A 179 -1.77 34.87 -37.79
C MET A 179 -1.18 34.39 -36.47
N SER A 180 -0.12 33.58 -36.51
CA SER A 180 0.44 33.02 -35.29
C SER A 180 1.06 34.11 -34.41
N ASP A 181 2.10 34.77 -34.93
CA ASP A 181 2.68 35.89 -34.21
C ASP A 181 1.66 37.00 -33.99
N GLY A 182 0.71 37.14 -34.91
CA GLY A 182 -0.35 38.13 -34.72
C GLY A 182 -1.14 37.91 -33.45
N LEU A 183 -1.53 36.67 -33.17
CA LEU A 183 -2.25 36.38 -31.94
C LEU A 183 -1.40 36.72 -30.71
N PHE A 184 -0.11 36.35 -30.73
CA PHE A 184 0.78 36.68 -29.61
C PHE A 184 0.83 38.19 -29.37
N LEU A 185 1.02 38.97 -30.44
CA LEU A 185 0.96 40.42 -30.29
C LEU A 185 -0.39 40.87 -29.76
N GLN A 186 -1.46 40.21 -30.21
CA GLN A 186 -2.81 40.62 -29.83
C GLN A 186 -3.02 40.48 -28.33
N LYS A 187 -2.52 39.40 -27.73
CA LYS A 187 -2.67 39.24 -26.28
C LYS A 187 -1.70 40.13 -25.49
N CYS A 188 -0.44 40.31 -25.95
CA CYS A 188 0.47 41.23 -25.26
C CYS A 188 -0.11 42.64 -25.20
N ARG A 189 -0.80 43.04 -26.26
CA ARG A 189 -1.51 44.31 -26.23
C ARG A 189 -2.59 44.30 -25.17
N GLU A 190 -3.36 43.22 -25.09
CA GLU A 190 -4.45 43.16 -24.12
C GLU A 190 -3.92 43.29 -22.71
N VAL A 191 -2.84 42.57 -22.38
CA VAL A 191 -2.26 42.68 -21.04
C VAL A 191 -1.70 44.08 -20.84
N ALA A 192 -1.01 44.60 -21.86
CA ALA A 192 -0.40 45.92 -21.74
C ALA A 192 -1.42 46.98 -21.36
N GLU A 193 -2.62 46.93 -21.95
CA GLU A 193 -3.64 47.94 -21.66
C GLU A 193 -4.30 47.72 -20.32
N SER A 194 -3.93 46.65 -19.63
CA SER A 194 -4.31 46.43 -18.24
C SER A 194 -3.23 46.83 -17.23
N CYS A 195 -1.97 46.97 -17.66
CA CYS A 195 -0.89 47.38 -16.78
C CYS A 195 -0.28 48.67 -17.28
N LYS A 196 -1.11 49.71 -17.40
CA LYS A 196 -0.71 50.92 -18.11
C LYS A 196 0.38 51.68 -17.38
N ASP A 197 0.97 51.15 -16.30
CA ASP A 197 2.13 51.76 -15.65
C ASP A 197 3.44 51.31 -16.26
N ILE A 198 3.39 50.56 -17.36
CA ILE A 198 4.57 50.09 -18.07
C ILE A 198 4.50 50.57 -19.51
N LYS A 199 5.51 51.32 -19.95
CA LYS A 199 5.57 51.72 -21.36
C LYS A 199 5.80 50.47 -22.20
N PHE A 200 4.81 50.12 -23.01
CA PHE A 200 4.83 48.90 -23.79
C PHE A 200 5.01 49.24 -25.27
N ASN A 201 5.91 48.52 -25.95
CA ASN A 201 6.03 48.68 -27.41
C ASN A 201 6.21 47.32 -28.05
N GLU A 202 6.15 47.31 -29.39
CA GLU A 202 6.41 46.14 -30.23
C GLU A 202 7.57 46.41 -31.17
N MET A 203 8.34 45.37 -31.46
CA MET A 203 9.43 45.45 -32.43
C MET A 203 9.59 44.11 -33.12
N TYR A 204 10.04 44.18 -34.38
CA TYR A 204 10.34 42.99 -35.16
C TYR A 204 11.64 42.36 -34.72
N LEU A 205 11.63 41.03 -34.61
CA LEU A 205 12.84 40.26 -34.30
C LEU A 205 14.08 40.77 -35.02
N ASP A 206 13.99 40.94 -36.35
CA ASP A 206 15.17 41.32 -37.10
C ASP A 206 15.60 42.76 -36.80
N THR A 207 14.66 43.65 -36.50
CA THR A 207 15.04 44.98 -36.03
C THR A 207 15.74 44.88 -34.68
N VAL A 208 15.27 43.99 -33.81
CA VAL A 208 15.85 43.93 -32.47
C VAL A 208 17.28 43.39 -32.54
N CYS A 209 17.49 42.37 -33.37
CA CYS A 209 18.83 41.82 -33.54
C CYS A 209 19.80 42.86 -34.09
N LEU A 210 19.35 43.64 -35.07
CA LEU A 210 20.19 44.70 -35.62
C LEU A 210 20.50 45.75 -34.56
N ASN A 211 19.50 46.15 -33.76
CA ASN A 211 19.75 47.19 -32.77
C ASN A 211 20.51 46.66 -31.57
N MET A 212 20.27 45.42 -31.17
CA MET A 212 20.95 44.87 -30.00
C MET A 212 22.45 44.98 -30.14
N VAL A 213 22.98 44.55 -31.27
CA VAL A 213 24.42 44.55 -31.52
C VAL A 213 25.00 45.96 -31.56
N GLN A 214 24.17 46.95 -31.89
CA GLN A 214 24.64 48.31 -32.04
C GLN A 214 24.50 49.13 -30.75
N ASP A 215 23.39 48.99 -30.04
CA ASP A 215 23.21 49.71 -28.79
C ASP A 215 22.25 48.95 -27.87
N PRO A 216 22.75 48.11 -26.94
CA PRO A 216 21.82 47.46 -25.99
C PRO A 216 21.25 48.40 -24.92
N SER A 217 21.82 49.59 -24.76
CA SER A 217 21.23 50.59 -23.86
C SER A 217 19.72 50.70 -24.05
N GLN A 218 19.23 50.55 -25.29
CA GLN A 218 17.84 50.94 -25.52
C GLN A 218 16.83 49.89 -25.07
N PHE A 219 17.26 48.69 -24.69
CA PHE A 219 16.33 47.63 -24.31
C PHE A 219 16.28 47.43 -22.81
N ASP A 220 15.22 46.75 -22.39
CA ASP A 220 14.84 46.61 -20.99
C ASP A 220 14.32 45.19 -20.78
N VAL A 221 13.00 45.02 -20.82
CA VAL A 221 12.38 43.71 -20.72
C VAL A 221 11.81 43.33 -22.08
N LEU A 222 12.17 42.14 -22.54
CA LEU A 222 11.69 41.62 -23.83
C LEU A 222 10.91 40.34 -23.61
N VAL A 223 9.63 40.34 -24.03
CA VAL A 223 8.76 39.16 -24.02
C VAL A 223 8.50 38.75 -25.47
N MET A 224 8.50 37.44 -25.72
CA MET A 224 8.56 36.95 -27.09
C MET A 224 8.26 35.45 -27.11
N PRO A 225 7.88 34.92 -28.27
CA PRO A 225 7.60 33.49 -28.40
C PRO A 225 8.89 32.68 -28.41
N ASN A 226 8.69 31.36 -28.31
CA ASN A 226 9.73 30.43 -27.90
C ASN A 226 11.04 30.59 -28.68
N LEU A 227 11.05 30.25 -29.97
CA LEU A 227 12.31 30.28 -30.70
C LEU A 227 12.96 31.64 -30.60
N TYR A 228 12.18 32.72 -30.73
CA TYR A 228 12.77 34.06 -30.66
C TYR A 228 13.51 34.24 -29.34
N GLY A 229 12.90 33.81 -28.22
CA GLY A 229 13.57 33.89 -26.94
C GLY A 229 14.78 32.98 -26.82
N ASP A 230 14.70 31.75 -27.37
CA ASP A 230 15.86 30.87 -27.35
C ASP A 230 17.07 31.56 -27.97
N ILE A 231 16.85 32.27 -29.07
CA ILE A 231 17.95 32.93 -29.78
C ILE A 231 18.29 34.25 -29.11
N LEU A 232 17.27 35.06 -28.85
CA LEU A 232 17.54 36.37 -28.31
C LEU A 232 18.25 36.29 -26.96
N SER A 233 18.04 35.22 -26.20
CA SER A 233 18.65 35.14 -24.88
C SER A 233 20.14 34.82 -24.98
N ASP A 234 20.50 33.83 -25.79
CA ASP A 234 21.92 33.53 -25.98
C ASP A 234 22.66 34.73 -26.59
N LEU A 235 22.01 35.46 -27.51
CA LEU A 235 22.59 36.66 -28.09
C LEU A 235 22.91 37.71 -27.02
N CYS A 236 21.95 37.98 -26.13
CA CYS A 236 22.21 38.94 -25.05
C CYS A 236 23.22 38.42 -24.05
N ALA A 237 23.27 37.10 -23.85
CA ALA A 237 24.31 36.55 -22.98
C ALA A 237 25.68 36.95 -23.49
N GLY A 238 25.90 36.83 -24.82
CA GLY A 238 27.19 37.18 -25.40
C GLY A 238 27.53 38.65 -25.24
N LEU A 239 26.50 39.49 -25.04
CA LEU A 239 26.73 40.91 -24.79
C LEU A 239 27.57 41.14 -23.55
N ILE A 240 27.49 40.22 -22.60
CA ILE A 240 28.01 40.47 -21.26
C ILE A 240 29.09 39.48 -20.83
N GLY A 241 29.32 38.40 -21.59
CA GLY A 241 30.41 37.52 -21.25
C GLY A 241 30.19 36.07 -21.61
N GLY A 242 28.93 35.67 -21.79
CA GLY A 242 28.62 34.32 -22.21
C GLY A 242 27.90 33.53 -21.14
N LEU A 243 27.74 32.23 -21.41
CA LEU A 243 26.97 31.37 -20.53
C LEU A 243 27.58 31.24 -19.15
N GLY A 244 28.84 31.64 -18.99
CA GLY A 244 29.52 31.48 -17.73
C GLY A 244 29.18 32.48 -16.65
N VAL A 245 28.39 33.53 -16.94
CA VAL A 245 28.11 34.56 -15.94
C VAL A 245 26.65 35.01 -16.02
N THR A 246 25.82 34.25 -16.72
CA THR A 246 24.40 34.63 -16.87
C THR A 246 23.50 33.77 -16.01
N PRO A 247 22.63 34.37 -15.23
CA PRO A 247 21.64 33.61 -14.47
C PRO A 247 20.56 33.13 -15.43
N SER A 248 19.60 32.40 -14.87
CA SER A 248 18.47 31.92 -15.65
C SER A 248 17.48 31.26 -14.70
N GLY A 249 16.20 31.57 -14.88
CA GLY A 249 15.14 30.90 -14.12
C GLY A 249 14.01 30.48 -15.03
N ASN A 250 13.44 29.29 -14.74
CA ASN A 250 12.29 28.79 -15.48
C ASN A 250 11.10 28.72 -14.54
N ILE A 251 10.12 29.61 -14.74
CA ILE A 251 8.94 29.68 -13.86
C ILE A 251 7.88 28.69 -14.33
N GLY A 252 7.29 27.96 -13.37
CA GLY A 252 6.33 26.93 -13.66
C GLY A 252 5.06 27.09 -12.82
N ALA A 253 4.12 26.19 -13.08
CA ALA A 253 2.86 26.21 -12.36
C ALA A 253 3.00 25.48 -11.02
N ASN A 254 1.98 25.65 -10.16
CA ASN A 254 1.97 25.09 -8.81
C ASN A 254 3.06 25.72 -7.95
N GLY A 255 3.32 27.01 -8.16
CA GLY A 255 4.37 27.73 -7.45
C GLY A 255 5.79 27.31 -7.76
N VAL A 256 5.98 26.41 -8.74
CA VAL A 256 7.28 25.81 -9.00
C VAL A 256 8.18 26.81 -9.73
N ALA A 257 9.48 26.71 -9.49
CA ALA A 257 10.45 27.56 -10.16
C ALA A 257 11.84 26.95 -10.01
N ILE A 258 12.56 26.80 -11.13
CA ILE A 258 13.87 26.16 -11.17
C ILE A 258 14.87 27.13 -11.78
N PHE A 259 15.80 27.60 -10.95
CA PHE A 259 16.86 28.49 -11.38
C PHE A 259 18.12 27.67 -11.63
N GLU A 260 18.73 27.87 -12.79
CA GLU A 260 19.75 26.97 -13.29
C GLU A 260 20.95 27.78 -13.73
N SER A 261 22.05 27.08 -13.95
CA SER A 261 23.17 27.62 -14.70
C SER A 261 23.12 27.03 -16.11
N VAL A 262 23.31 27.89 -17.12
CA VAL A 262 23.14 27.45 -18.49
C VAL A 262 24.46 27.08 -19.15
N HIS A 263 25.58 27.32 -18.49
CA HIS A 263 26.87 26.92 -19.04
C HIS A 263 27.01 25.40 -18.99
N GLY A 264 28.09 24.93 -19.60
CA GLY A 264 28.30 23.51 -19.75
C GLY A 264 28.88 22.89 -18.49
N THR A 265 29.06 21.58 -18.59
CA THR A 265 29.45 20.77 -17.44
C THR A 265 30.96 20.77 -17.21
N ALA A 266 31.73 21.29 -18.18
CA ALA A 266 33.17 21.55 -18.04
C ALA A 266 33.98 20.39 -17.45
N PRO A 267 33.82 19.17 -17.96
CA PRO A 267 34.43 18.02 -17.28
C PRO A 267 35.95 18.06 -17.21
N ASP A 268 36.65 18.79 -18.09
CA ASP A 268 38.11 18.78 -18.05
C ASP A 268 38.66 19.42 -16.77
N ILE A 269 37.92 20.36 -16.17
CA ILE A 269 38.37 21.01 -14.94
C ILE A 269 37.58 20.54 -13.73
N ALA A 270 36.69 19.56 -13.90
CA ALA A 270 36.08 18.93 -12.75
C ALA A 270 37.16 18.35 -11.85
N GLY A 271 36.90 18.37 -10.55
CA GLY A 271 37.83 17.75 -9.63
C GLY A 271 38.89 18.71 -9.21
N LYS A 272 39.64 19.26 -10.18
CA LYS A 272 40.50 20.40 -9.90
C LYS A 272 39.65 21.54 -9.34
N ASP A 273 40.30 22.55 -8.79
CA ASP A 273 39.56 23.64 -8.16
C ASP A 273 39.58 24.87 -9.08
N MET A 274 38.88 24.75 -10.21
CA MET A 274 39.00 25.73 -11.28
C MET A 274 37.65 26.17 -11.85
N ALA A 275 36.54 25.76 -11.25
CA ALA A 275 35.25 26.13 -11.80
C ALA A 275 34.88 27.55 -11.37
N ASN A 276 33.94 28.15 -12.09
CA ASN A 276 33.50 29.51 -11.78
C ASN A 276 32.06 29.48 -11.30
N PRO A 277 31.80 29.66 -10.00
CA PRO A 277 30.41 29.60 -9.52
C PRO A 277 29.58 30.82 -9.90
N THR A 278 30.17 31.84 -10.54
CA THR A 278 29.49 33.11 -10.76
C THR A 278 28.10 32.90 -11.33
N ALA A 279 27.98 32.05 -12.35
CA ALA A 279 26.70 31.85 -13.03
C ALA A 279 25.67 31.15 -12.13
N LEU A 280 26.03 30.00 -11.53
CA LEU A 280 25.08 29.31 -10.66
C LEU A 280 24.66 30.17 -9.48
N LEU A 281 25.54 31.09 -9.06
CA LEU A 281 25.31 31.94 -7.89
C LEU A 281 24.31 33.04 -8.21
N LEU A 282 24.49 33.68 -9.37
CA LEU A 282 23.61 34.78 -9.73
C LEU A 282 22.21 34.29 -10.05
N SER A 283 22.08 32.99 -10.35
CA SER A 283 20.75 32.39 -10.45
C SER A 283 20.16 32.18 -9.06
N ALA A 284 20.99 31.68 -8.14
CA ALA A 284 20.57 31.60 -6.75
C ALA A 284 20.11 32.96 -6.24
N VAL A 285 20.79 34.03 -6.68
CA VAL A 285 20.30 35.38 -6.38
C VAL A 285 18.90 35.57 -6.97
N MET A 286 18.70 35.15 -8.23
CA MET A 286 17.36 35.22 -8.84
C MET A 286 16.34 34.48 -8.00
N MET A 287 16.66 33.26 -7.57
CA MET A 287 15.77 32.48 -6.73
C MET A 287 15.33 33.26 -5.49
N LEU A 288 16.28 33.93 -4.81
CA LEU A 288 15.92 34.70 -3.63
C LEU A 288 14.91 35.80 -3.96
N ARG A 289 15.20 36.62 -4.96
CA ARG A 289 14.25 37.65 -5.35
C ARG A 289 12.89 37.06 -5.71
N HIS A 290 12.87 35.93 -6.42
CA HIS A 290 11.60 35.27 -6.68
C HIS A 290 10.92 34.87 -5.38
N MET A 291 11.71 34.38 -4.40
CA MET A 291 11.20 33.93 -3.12
C MET A 291 10.73 35.07 -2.22
N GLY A 292 11.24 36.28 -2.48
CA GLY A 292 10.98 37.46 -1.68
C GLY A 292 12.11 37.90 -0.78
N LEU A 293 13.24 37.16 -0.70
CA LEU A 293 14.30 37.50 0.24
C LEU A 293 15.23 38.53 -0.39
N PHE A 294 14.69 39.75 -0.58
CA PHE A 294 15.37 40.81 -1.31
C PHE A 294 16.67 41.25 -0.64
N ASP A 295 16.69 41.28 0.69
CA ASP A 295 17.88 41.74 1.41
C ASP A 295 19.00 40.72 1.41
N HIS A 296 18.67 39.45 1.59
CA HIS A 296 19.72 38.44 1.43
C HIS A 296 20.23 38.40 -0.01
N ALA A 297 19.35 38.69 -0.98
CA ALA A 297 19.73 38.67 -2.39
C ALA A 297 20.70 39.80 -2.73
N ALA A 298 20.32 41.05 -2.43
CA ALA A 298 21.21 42.18 -2.74
C ALA A 298 22.55 42.02 -2.06
N ARG A 299 22.56 41.50 -0.82
CA ARG A 299 23.82 41.29 -0.11
C ARG A 299 24.73 40.34 -0.89
N ILE A 300 24.27 39.11 -1.12
CA ILE A 300 25.07 38.10 -1.82
C ILE A 300 25.49 38.63 -3.19
N GLU A 301 24.59 39.29 -3.91
CA GLU A 301 24.92 39.85 -5.20
C GLU A 301 26.03 40.88 -5.09
N ALA A 302 25.88 41.81 -4.15
CA ALA A 302 26.88 42.86 -3.99
C ALA A 302 28.23 42.28 -3.59
N ALA A 303 28.22 41.14 -2.91
CA ALA A 303 29.46 40.47 -2.57
C ALA A 303 30.15 39.97 -3.82
N CYS A 304 29.39 39.28 -4.68
CA CYS A 304 29.97 38.70 -5.88
C CYS A 304 30.52 39.78 -6.80
N PHE A 305 29.72 40.81 -7.08
CA PHE A 305 30.17 41.89 -7.97
C PHE A 305 31.46 42.53 -7.46
N ALA A 306 31.50 42.85 -6.15
CA ALA A 306 32.68 43.49 -5.57
C ALA A 306 33.90 42.60 -5.68
N THR A 307 33.73 41.28 -5.53
CA THR A 307 34.84 40.34 -5.68
C THR A 307 35.41 40.34 -7.09
N ILE A 308 34.59 40.67 -8.10
CA ILE A 308 35.03 40.67 -9.50
C ILE A 308 35.65 42.00 -9.89
N LYS A 309 35.10 43.11 -9.38
CA LYS A 309 35.67 44.42 -9.71
C LYS A 309 37.06 44.59 -9.13
N ASP A 310 37.29 44.06 -7.92
CA ASP A 310 38.63 44.03 -7.36
C ASP A 310 39.59 43.28 -8.26
N GLY A 311 39.15 42.16 -8.81
CA GLY A 311 39.97 41.37 -9.70
C GLY A 311 41.02 40.54 -9.01
N LYS A 312 41.15 40.65 -7.68
CA LYS A 312 42.22 39.94 -6.98
C LYS A 312 42.13 38.44 -7.17
N SER A 313 40.92 37.92 -7.32
CA SER A 313 40.75 36.47 -7.33
C SER A 313 39.69 36.10 -8.38
N LEU A 314 40.16 35.86 -9.59
CA LEU A 314 39.32 35.51 -10.71
C LEU A 314 39.71 34.12 -11.21
N THR A 315 38.70 33.33 -11.57
CA THR A 315 38.92 32.00 -12.12
C THR A 315 39.58 32.08 -13.51
N LYS A 316 39.99 30.92 -14.03
CA LYS A 316 40.71 30.87 -15.31
C LYS A 316 39.90 31.47 -16.46
N ASP A 317 38.56 31.47 -16.37
CA ASP A 317 37.68 31.85 -17.48
C ASP A 317 37.34 33.34 -17.50
N LEU A 318 37.63 34.08 -16.43
CA LEU A 318 37.45 35.52 -16.43
C LEU A 318 38.78 36.28 -16.49
N GLY A 319 39.90 35.57 -16.57
CA GLY A 319 41.21 36.18 -16.78
C GLY A 319 42.13 36.15 -15.57
N GLY A 320 41.95 35.17 -14.67
CA GLY A 320 42.77 35.06 -13.49
C GLY A 320 43.36 33.66 -13.36
N ASN A 321 44.15 33.49 -12.30
CA ASN A 321 44.68 32.17 -11.96
C ASN A 321 44.19 31.69 -10.59
N ALA A 322 43.27 32.42 -9.98
CA ALA A 322 42.70 32.02 -8.69
C ALA A 322 41.95 30.69 -8.79
N LYS A 323 41.98 29.94 -7.70
CA LYS A 323 41.18 28.73 -7.66
C LYS A 323 39.75 29.08 -7.31
N CYS A 324 38.87 28.11 -7.51
CA CYS A 324 37.45 28.30 -7.24
C CYS A 324 37.23 28.58 -5.76
N SER A 325 37.93 27.86 -4.89
CA SER A 325 37.83 28.13 -3.45
C SER A 325 38.41 29.49 -3.10
N ASP A 326 39.53 29.90 -3.73
CA ASP A 326 40.03 31.24 -3.48
C ASP A 326 38.99 32.28 -3.86
N PHE A 327 38.23 32.01 -4.94
CA PHE A 327 37.21 32.96 -5.40
C PHE A 327 36.00 32.97 -4.46
N THR A 328 35.52 31.80 -4.05
CA THR A 328 34.31 31.76 -3.24
C THR A 328 34.58 32.35 -1.85
N GLU A 329 35.64 31.89 -1.18
CA GLU A 329 35.84 32.33 0.20
C GLU A 329 36.07 33.82 0.27
N GLU A 330 36.68 34.41 -0.77
CA GLU A 330 36.68 35.86 -0.82
C GLU A 330 35.27 36.44 -0.82
N ILE A 331 34.36 35.86 -1.62
CA ILE A 331 32.97 36.33 -1.61
C ILE A 331 32.39 36.17 -0.22
N CYS A 332 32.58 34.99 0.40
CA CYS A 332 32.08 34.74 1.75
C CYS A 332 32.59 35.80 2.73
N ARG A 333 33.84 36.23 2.55
CA ARG A 333 34.38 37.30 3.38
C ARG A 333 33.56 38.58 3.23
N ARG A 334 33.32 39.00 1.99
CA ARG A 334 32.69 40.30 1.73
C ARG A 334 31.26 40.36 2.28
N VAL A 335 30.51 39.26 2.15
CA VAL A 335 29.10 39.27 2.52
C VAL A 335 28.89 39.29 4.03
N LYS A 336 29.94 39.05 4.80
CA LYS A 336 29.97 39.41 6.21
C LYS A 336 30.45 40.87 6.37
N ASP A 337 29.62 41.80 5.89
CA ASP A 337 29.91 43.24 5.99
C ASP A 337 29.60 43.77 7.40
N SER B 14 25.89 50.19 -73.68
CA SER B 14 25.24 48.88 -73.75
C SER B 14 24.62 48.53 -72.39
N PHE B 15 24.36 47.22 -72.13
CA PHE B 15 24.02 46.65 -70.82
C PHE B 15 22.75 47.22 -70.19
N PRO B 16 21.58 46.65 -70.50
CA PRO B 16 20.35 47.05 -69.80
C PRO B 16 20.18 46.29 -68.48
N VAL B 17 19.82 47.02 -67.43
CA VAL B 17 19.70 46.50 -66.07
C VAL B 17 18.34 46.90 -65.52
N THR B 18 17.62 45.94 -64.95
CA THR B 18 16.30 46.23 -64.40
C THR B 18 16.43 46.90 -63.03
N MET B 19 15.69 47.99 -62.84
CA MET B 19 15.70 48.71 -61.57
C MET B 19 14.29 48.75 -61.00
N LEU B 20 14.14 48.31 -59.75
CA LEU B 20 12.88 48.42 -59.03
C LEU B 20 13.14 49.28 -57.82
N PRO B 21 12.86 50.58 -57.87
CA PRO B 21 13.21 51.49 -56.76
C PRO B 21 12.71 51.05 -55.40
N GLY B 22 11.51 50.48 -55.33
CA GLY B 22 10.99 49.98 -54.07
C GLY B 22 10.29 51.07 -53.28
N ASP B 23 9.96 50.73 -52.03
CA ASP B 23 9.28 51.66 -51.15
C ASP B 23 10.26 52.14 -50.10
N GLY B 24 9.78 53.04 -49.24
CA GLY B 24 10.69 53.64 -48.29
C GLY B 24 11.62 54.62 -48.99
N VAL B 25 12.89 54.62 -48.57
CA VAL B 25 13.89 55.56 -49.07
C VAL B 25 14.48 55.06 -50.37
N GLY B 26 13.96 53.95 -50.87
CA GLY B 26 14.45 53.33 -52.08
C GLY B 26 14.76 54.30 -53.20
N PRO B 27 13.73 55.00 -53.69
CA PRO B 27 13.95 55.89 -54.84
C PRO B 27 15.10 56.87 -54.65
N GLU B 28 15.31 57.39 -53.43
CA GLU B 28 16.44 58.29 -53.23
C GLU B 28 17.78 57.57 -53.27
N LEU B 29 17.81 56.26 -53.00
CA LEU B 29 19.05 55.53 -53.14
C LEU B 29 19.33 55.18 -54.60
N MET B 30 18.29 54.80 -55.34
CA MET B 30 18.47 54.60 -56.78
C MET B 30 18.81 55.90 -57.48
N HIS B 31 18.32 57.04 -56.95
CA HIS B 31 18.80 58.33 -57.43
C HIS B 31 20.30 58.47 -57.20
N ALA B 32 20.77 58.12 -56.00
CA ALA B 32 22.21 58.14 -55.72
C ALA B 32 22.98 57.21 -56.66
N VAL B 33 22.45 56.00 -56.90
CA VAL B 33 23.12 55.08 -57.81
C VAL B 33 23.29 55.72 -59.17
N LYS B 34 22.21 56.32 -59.69
CA LYS B 34 22.25 56.92 -61.02
C LYS B 34 23.25 58.07 -61.09
N GLU B 35 23.37 58.85 -60.02
CA GLU B 35 24.28 59.98 -60.03
C GLU B 35 25.73 59.54 -59.97
N VAL B 36 26.03 58.50 -59.19
CA VAL B 36 27.39 57.97 -59.16
C VAL B 36 27.73 57.28 -60.48
N PHE B 37 26.80 56.47 -61.00
CA PHE B 37 26.99 55.89 -62.31
C PHE B 37 27.22 56.97 -63.36
N LYS B 38 26.41 58.04 -63.31
CA LYS B 38 26.60 59.16 -64.23
C LYS B 38 27.97 59.79 -64.06
N ALA B 39 28.34 60.11 -62.82
CA ALA B 39 29.68 60.62 -62.52
C ALA B 39 30.76 59.72 -63.13
N ALA B 40 30.67 58.41 -62.87
CA ALA B 40 31.67 57.48 -63.35
C ALA B 40 31.57 57.21 -64.86
N ALA B 41 30.58 57.76 -65.55
CA ALA B 41 30.29 57.43 -66.94
C ALA B 41 30.20 55.90 -67.11
N VAL B 42 29.23 55.31 -66.42
CA VAL B 42 29.06 53.86 -66.42
C VAL B 42 28.16 53.45 -67.57
N PRO B 43 28.54 52.47 -68.40
CA PRO B 43 27.68 52.06 -69.54
C PRO B 43 26.56 51.12 -69.10
N VAL B 44 25.60 51.66 -68.35
CA VAL B 44 24.50 50.86 -67.81
C VAL B 44 23.28 51.75 -67.82
N GLU B 45 22.25 51.34 -68.56
CA GLU B 45 21.02 52.10 -68.74
C GLU B 45 19.93 51.38 -67.93
N PHE B 46 19.33 52.09 -66.99
CA PHE B 46 18.34 51.47 -66.13
C PHE B 46 16.96 51.50 -66.78
N GLN B 47 16.42 50.32 -67.06
CA GLN B 47 15.02 50.16 -67.44
C GLN B 47 14.26 49.88 -66.16
N GLU B 48 13.66 50.92 -65.58
CA GLU B 48 13.11 50.82 -64.25
C GLU B 48 11.58 50.70 -64.24
N HIS B 49 11.07 49.99 -63.22
CA HIS B 49 9.64 49.71 -63.05
C HIS B 49 9.19 50.17 -61.67
N HIS B 50 8.22 51.08 -61.63
CA HIS B 50 7.71 51.67 -60.39
C HIS B 50 6.71 50.76 -59.70
N LEU B 51 7.06 49.50 -59.51
CA LEU B 51 6.15 48.57 -58.86
C LEU B 51 5.84 48.99 -57.42
N SER B 52 4.61 48.70 -57.00
CA SER B 52 4.09 49.02 -55.66
C SER B 52 4.27 50.50 -55.32
N LYS B 62 -1.14 40.71 -64.14
CA LYS B 62 -0.19 41.01 -63.08
C LYS B 62 1.02 41.79 -63.59
N LEU B 63 1.97 42.06 -62.69
CA LEU B 63 3.26 42.62 -63.07
C LEU B 63 4.31 41.51 -63.22
N GLU B 64 3.98 40.57 -64.11
CA GLU B 64 4.95 39.66 -64.73
C GLU B 64 5.89 40.42 -65.66
N GLN B 65 5.66 41.73 -65.80
CA GLN B 65 6.52 42.59 -66.60
C GLN B 65 7.99 42.45 -66.22
N VAL B 66 8.26 42.23 -64.93
CA VAL B 66 9.64 42.19 -64.48
C VAL B 66 10.32 40.88 -64.90
N LEU B 67 9.60 39.75 -64.92
CA LEU B 67 10.14 38.53 -65.52
C LEU B 67 10.37 38.72 -67.01
N SER B 68 9.42 39.39 -67.69
CA SER B 68 9.62 39.76 -69.09
C SER B 68 10.94 40.50 -69.26
N SER B 69 11.22 41.46 -68.38
CA SER B 69 12.44 42.25 -68.52
C SER B 69 13.70 41.48 -68.11
N MET B 70 13.63 40.75 -67.00
CA MET B 70 14.78 39.97 -66.57
C MET B 70 15.08 38.80 -67.49
N LYS B 71 14.07 38.32 -68.24
CA LYS B 71 14.34 37.28 -69.21
C LYS B 71 15.32 37.75 -70.29
N GLU B 72 15.41 39.06 -70.52
CA GLU B 72 16.40 39.65 -71.42
C GLU B 72 17.58 40.26 -70.67
N ASN B 73 17.31 41.10 -69.66
CA ASN B 73 18.38 41.84 -68.97
C ASN B 73 19.19 40.92 -68.05
N LYS B 74 18.51 40.01 -67.35
CA LYS B 74 19.10 38.99 -66.48
C LYS B 74 19.68 39.53 -65.16
N VAL B 75 19.79 40.85 -65.01
CA VAL B 75 20.26 41.43 -63.76
C VAL B 75 19.32 42.55 -63.34
N ALA B 76 19.24 42.78 -62.03
CA ALA B 76 18.44 43.88 -61.51
C ALA B 76 19.11 44.50 -60.28
N ILE B 77 18.70 45.74 -60.01
CA ILE B 77 19.02 46.44 -58.76
C ILE B 77 17.67 46.83 -58.14
N ILE B 78 17.41 46.33 -56.93
CA ILE B 78 16.09 46.51 -56.33
C ILE B 78 16.20 47.07 -54.93
N GLY B 79 15.13 47.77 -54.53
CA GLY B 79 15.02 48.29 -53.19
C GLY B 79 14.09 47.45 -52.35
N LYS B 80 13.48 48.08 -51.34
CA LYS B 80 12.62 47.38 -50.40
C LYS B 80 11.20 47.25 -50.97
N ILE B 81 10.66 46.03 -50.88
CA ILE B 81 9.37 45.71 -51.49
C ILE B 81 8.35 45.24 -50.46
N ALA B 92 1.28 34.08 -49.72
CA ALA B 92 2.57 34.77 -49.67
C ALA B 92 2.39 36.24 -50.08
N SER B 93 3.38 37.08 -49.78
CA SER B 93 3.36 38.51 -50.12
C SER B 93 4.36 38.85 -51.22
N TYR B 94 4.29 40.12 -51.66
CA TYR B 94 4.89 40.56 -52.91
C TYR B 94 6.36 40.18 -53.03
N ASP B 95 7.16 40.46 -51.99
CA ASP B 95 8.58 40.10 -52.05
C ASP B 95 8.75 38.60 -52.28
N MET B 96 8.16 37.77 -51.42
CA MET B 96 8.27 36.32 -51.58
C MET B 96 7.62 35.83 -52.88
N ARG B 97 6.65 36.55 -53.43
CA ARG B 97 6.09 36.19 -54.72
C ARG B 97 7.05 36.54 -55.86
N LEU B 98 7.67 37.72 -55.80
CA LEU B 98 8.67 38.09 -56.79
C LEU B 98 9.81 37.09 -56.80
N ARG B 99 10.36 36.81 -55.62
CA ARG B 99 11.45 35.85 -55.55
C ARG B 99 11.01 34.52 -56.13
N ARG B 100 9.73 34.17 -55.97
CA ARG B 100 9.24 32.89 -56.50
C ARG B 100 9.14 32.94 -58.02
N LYS B 101 8.71 34.07 -58.60
CA LYS B 101 8.65 34.16 -60.06
C LYS B 101 10.03 34.27 -60.69
N LEU B 102 11.04 34.74 -59.93
CA LEU B 102 12.41 34.81 -60.42
C LEU B 102 13.27 33.65 -59.91
N ASP B 103 12.68 32.71 -59.18
CA ASP B 103 13.39 31.64 -58.48
C ASP B 103 14.68 32.14 -57.84
N LEU B 104 14.54 33.23 -57.09
CA LEU B 104 15.68 33.80 -56.35
C LEU B 104 15.79 33.02 -55.05
N PHE B 105 16.44 31.85 -55.15
CA PHE B 105 16.51 30.94 -54.01
C PHE B 105 17.67 31.30 -53.08
N ALA B 106 18.79 31.74 -53.63
CA ALA B 106 19.99 31.97 -52.82
C ALA B 106 20.16 33.45 -52.57
N ASN B 107 20.37 33.81 -51.29
CA ASN B 107 20.63 35.18 -50.87
C ASN B 107 22.03 35.25 -50.26
N VAL B 108 22.77 36.28 -50.63
CA VAL B 108 24.17 36.42 -50.23
C VAL B 108 24.31 37.79 -49.62
N VAL B 109 24.77 37.86 -48.38
CA VAL B 109 24.98 39.13 -47.71
C VAL B 109 26.44 39.22 -47.32
N HIS B 110 27.07 40.35 -47.64
CA HIS B 110 28.50 40.56 -47.38
C HIS B 110 28.68 41.36 -46.10
N VAL B 111 29.33 40.75 -45.12
CA VAL B 111 29.54 41.40 -43.85
C VAL B 111 31.02 41.72 -43.72
N LYS B 112 31.40 42.91 -44.17
CA LYS B 112 32.80 43.30 -44.22
C LYS B 112 32.97 44.68 -43.59
N SER B 113 33.87 44.76 -42.62
CA SER B 113 34.22 46.04 -42.02
C SER B 113 34.79 47.00 -43.08
N LEU B 114 34.29 48.25 -43.06
CA LEU B 114 34.77 49.34 -43.90
C LEU B 114 35.87 50.12 -43.17
N PRO B 115 37.03 50.31 -43.79
CA PRO B 115 38.22 50.71 -43.01
C PRO B 115 38.03 51.97 -42.16
N GLY B 116 37.23 52.94 -42.58
CA GLY B 116 37.07 54.12 -41.74
C GLY B 116 36.04 54.02 -40.63
N TYR B 117 34.98 53.27 -40.89
CA TYR B 117 33.87 53.09 -39.95
C TYR B 117 34.30 52.13 -38.85
N MET B 118 34.34 52.62 -37.61
CA MET B 118 34.83 51.84 -36.47
C MET B 118 33.66 51.36 -35.65
N THR B 119 33.64 50.06 -35.37
CA THR B 119 32.57 49.43 -34.61
C THR B 119 33.18 48.59 -33.50
N ARG B 120 32.38 47.82 -32.78
CA ARG B 120 32.93 46.92 -31.78
C ARG B 120 33.56 45.69 -32.40
N HIS B 121 33.54 45.54 -33.73
CA HIS B 121 34.11 44.37 -34.38
C HIS B 121 34.67 44.83 -35.73
N ASN B 122 35.98 45.01 -35.81
CA ASN B 122 36.56 45.48 -37.05
C ASN B 122 37.44 44.40 -37.65
N ASN B 123 37.78 44.61 -38.92
CA ASN B 123 38.47 43.61 -39.74
C ASN B 123 37.73 42.27 -39.75
N LEU B 124 36.41 42.35 -39.90
CA LEU B 124 35.55 41.17 -40.04
C LEU B 124 35.20 40.90 -41.51
N ASP B 125 35.19 39.63 -41.90
CA ASP B 125 34.88 39.30 -43.30
C ASP B 125 34.05 38.02 -43.35
N LEU B 126 32.73 38.16 -43.31
CA LEU B 126 31.78 37.05 -43.33
C LEU B 126 30.89 37.16 -44.56
N VAL B 127 30.42 36.00 -45.01
CA VAL B 127 29.41 35.92 -46.06
C VAL B 127 28.24 35.07 -45.53
N ILE B 128 27.05 35.64 -45.52
CA ILE B 128 25.84 34.97 -45.03
C ILE B 128 25.06 34.50 -46.24
N ILE B 129 24.83 33.19 -46.33
CA ILE B 129 24.11 32.59 -47.45
C ILE B 129 22.81 31.97 -46.92
N ARG B 130 21.68 32.35 -47.52
CA ARG B 130 20.36 32.13 -46.95
C ARG B 130 19.39 31.59 -47.99
N GLU B 131 18.75 30.46 -47.68
CA GLU B 131 17.63 30.00 -48.48
C GLU B 131 16.46 30.96 -48.33
N GLN B 132 15.72 31.16 -49.42
CA GLN B 132 14.82 32.29 -49.53
C GLN B 132 13.44 31.94 -50.07
N THR B 133 13.17 30.69 -50.42
CA THR B 133 11.88 30.31 -50.97
C THR B 133 11.06 29.40 -50.07
N GLU B 134 11.56 29.08 -48.88
CA GLU B 134 10.97 28.04 -48.04
C GLU B 134 10.76 28.55 -46.62
N GLY B 135 10.60 27.62 -45.68
CA GLY B 135 10.38 27.92 -44.29
C GLY B 135 9.00 28.47 -43.95
N GLU B 136 8.98 29.42 -43.02
CA GLU B 136 7.73 29.96 -42.50
C GLU B 136 7.17 31.06 -43.38
N TYR B 137 7.64 31.17 -44.62
CA TYR B 137 7.44 32.37 -45.41
C TYR B 137 6.43 32.21 -46.54
N SER B 138 5.62 31.13 -46.55
CA SER B 138 4.60 30.98 -47.59
C SER B 138 3.19 31.10 -47.05
N SER B 139 3.06 31.76 -45.89
CA SER B 139 1.77 32.08 -45.30
C SER B 139 0.89 30.85 -45.10
N LEU B 140 1.50 29.72 -44.71
CA LEU B 140 0.73 28.49 -44.51
C LEU B 140 0.27 28.41 -43.05
N GLU B 141 -0.74 29.23 -42.74
CA GLU B 141 -1.24 29.35 -41.38
C GLU B 141 -2.74 29.08 -41.34
N HIS B 142 -3.21 28.51 -40.22
CA HIS B 142 -4.64 28.33 -40.06
C HIS B 142 -5.01 28.26 -38.59
N GLU B 143 -6.31 28.22 -38.34
CA GLU B 143 -6.87 28.16 -36.99
C GLU B 143 -7.40 26.75 -36.72
N SER B 144 -6.79 26.05 -35.75
CA SER B 144 -7.26 24.72 -35.43
C SER B 144 -8.50 24.73 -34.59
N ALA B 145 -8.73 25.85 -33.91
CA ALA B 145 -9.72 26.01 -32.86
C ALA B 145 -9.57 27.42 -32.31
N ARG B 146 -10.66 27.98 -31.76
CA ARG B 146 -10.61 29.36 -31.30
C ARG B 146 -9.43 29.59 -30.37
N GLY B 147 -8.52 30.45 -30.79
CA GLY B 147 -7.33 30.73 -30.01
C GLY B 147 -6.19 29.77 -30.24
N VAL B 148 -6.23 28.94 -31.29
CA VAL B 148 -5.17 27.99 -31.58
C VAL B 148 -4.76 28.14 -33.04
N ILE B 149 -3.58 28.71 -33.29
CA ILE B 149 -3.08 28.95 -34.64
C ILE B 149 -1.97 27.96 -34.96
N GLU B 150 -2.04 27.35 -36.14
CA GLU B 150 -0.94 26.56 -36.68
C GLU B 150 -0.30 27.32 -37.84
N CYS B 151 1.01 27.13 -37.99
CA CYS B 151 1.86 27.80 -38.99
C CYS B 151 2.90 26.78 -39.46
N LEU B 152 2.92 26.43 -40.73
CA LEU B 152 3.78 25.34 -41.19
C LEU B 152 5.10 25.90 -41.67
N LYS B 153 6.20 25.24 -41.27
CA LYS B 153 7.56 25.58 -41.72
C LYS B 153 8.03 24.49 -42.67
N ILE B 154 8.28 24.85 -43.92
CA ILE B 154 8.53 23.89 -44.99
C ILE B 154 10.03 23.78 -45.25
N VAL B 155 10.57 22.58 -45.14
CA VAL B 155 11.94 22.27 -45.55
C VAL B 155 11.91 21.10 -46.53
N THR B 156 12.59 21.27 -47.66
CA THR B 156 12.62 20.21 -48.65
C THR B 156 14.06 19.89 -49.06
N ARG B 157 14.29 18.59 -49.31
CA ARG B 157 15.57 18.13 -49.83
C ARG B 157 16.03 18.97 -51.02
N ALA B 158 15.16 19.09 -52.02
CA ALA B 158 15.45 19.85 -53.22
C ALA B 158 16.09 21.21 -52.93
N LYS B 159 15.42 22.04 -52.12
CA LYS B 159 15.93 23.37 -51.88
C LYS B 159 17.05 23.40 -50.86
N SER B 160 17.15 22.40 -49.97
CA SER B 160 18.30 22.37 -49.07
C SER B 160 19.56 21.89 -49.79
N GLN B 161 19.43 20.87 -50.66
CA GLN B 161 20.57 20.44 -51.46
C GLN B 161 21.03 21.56 -52.39
N ARG B 162 20.11 22.43 -52.81
CA ARG B 162 20.48 23.49 -53.73
C ARG B 162 21.19 24.65 -53.03
N ILE B 163 20.64 25.13 -51.92
CA ILE B 163 21.32 26.19 -51.17
C ILE B 163 22.65 25.69 -50.63
N ALA B 164 22.76 24.37 -50.42
CA ALA B 164 24.02 23.82 -49.93
C ALA B 164 25.08 23.79 -51.02
N LYS B 165 24.72 23.35 -52.22
CA LYS B 165 25.68 23.37 -53.33
C LYS B 165 26.10 24.80 -53.64
N PHE B 166 25.20 25.77 -53.46
CA PHE B 166 25.52 27.16 -53.77
C PHE B 166 26.54 27.72 -52.79
N ALA B 167 26.35 27.46 -51.50
CA ALA B 167 27.30 27.94 -50.51
C ALA B 167 28.70 27.41 -50.78
N PHE B 168 28.82 26.11 -51.11
CA PHE B 168 30.14 25.53 -51.40
C PHE B 168 30.68 26.01 -52.76
N ASP B 169 29.82 26.10 -53.78
CA ASP B 169 30.28 26.75 -55.01
C ASP B 169 30.69 28.19 -54.73
N TYR B 170 30.03 28.87 -53.77
CA TYR B 170 30.46 30.23 -53.45
C TYR B 170 31.84 30.23 -52.82
N ALA B 171 32.10 29.24 -51.96
CA ALA B 171 33.39 29.18 -51.30
C ALA B 171 34.49 28.84 -52.31
N THR B 172 34.19 27.98 -53.28
CA THR B 172 35.19 27.64 -54.27
C THR B 172 35.49 28.82 -55.19
N LYS B 173 34.44 29.41 -55.79
CA LYS B 173 34.63 30.55 -56.68
C LYS B 173 35.37 31.71 -56.01
N LYS B 174 35.17 31.92 -54.71
CA LYS B 174 35.63 33.13 -54.04
C LYS B 174 36.78 32.86 -53.08
N GLY B 175 37.36 31.66 -53.09
CA GLY B 175 38.54 31.40 -52.28
C GLY B 175 38.30 31.26 -50.79
N ARG B 176 37.05 31.05 -50.39
CA ARG B 176 36.71 30.88 -48.98
C ARG B 176 37.12 29.49 -48.51
N GLY B 177 37.25 29.33 -47.21
CA GLY B 177 37.79 28.10 -46.69
C GLY B 177 36.81 27.25 -45.89
N LYS B 178 35.82 27.89 -45.27
CA LYS B 178 34.89 27.16 -44.40
C LYS B 178 33.45 27.54 -44.69
N VAL B 179 32.58 26.54 -44.65
CA VAL B 179 31.13 26.70 -44.74
C VAL B 179 30.53 26.09 -43.48
N THR B 180 29.84 26.91 -42.70
CA THR B 180 29.19 26.50 -41.45
C THR B 180 27.68 26.43 -41.67
N ALA B 181 27.12 25.25 -41.43
CA ALA B 181 25.67 25.08 -41.51
C ALA B 181 25.04 25.38 -40.15
N VAL B 182 24.12 26.36 -40.11
CA VAL B 182 23.46 26.81 -38.88
C VAL B 182 22.01 26.32 -38.88
N HIS B 183 21.59 25.70 -37.77
CA HIS B 183 20.32 24.98 -37.73
C HIS B 183 19.80 24.92 -36.30
N LYS B 184 18.61 24.37 -36.15
CA LYS B 184 18.07 23.98 -34.85
C LYS B 184 17.58 22.54 -34.91
N ALA B 185 18.48 21.64 -35.31
CA ALA B 185 18.07 20.28 -35.62
C ALA B 185 17.93 19.42 -34.39
N ASN B 186 18.35 19.91 -33.23
CA ASN B 186 18.15 19.17 -32.00
C ASN B 186 16.72 19.29 -31.48
N ILE B 187 15.98 20.34 -31.87
CA ILE B 187 14.57 20.48 -31.50
C ILE B 187 13.69 20.01 -32.65
N MET B 188 13.85 20.63 -33.82
CA MET B 188 13.12 20.21 -35.02
C MET B 188 13.97 19.16 -35.74
N LYS B 189 13.87 17.92 -35.23
CA LYS B 189 14.78 16.86 -35.67
C LYS B 189 14.59 16.54 -37.14
N LEU B 190 13.35 16.22 -37.54
CA LEU B 190 12.99 16.26 -38.94
C LEU B 190 13.02 17.71 -39.42
N GLY B 191 13.32 17.93 -40.69
CA GLY B 191 13.20 19.31 -41.11
C GLY B 191 14.48 20.13 -40.97
N ASP B 192 14.88 20.53 -39.77
CA ASP B 192 16.21 21.10 -39.67
C ASP B 192 17.26 20.00 -39.84
N GLY B 193 16.96 18.79 -39.38
CA GLY B 193 17.85 17.68 -39.65
C GLY B 193 17.86 17.31 -41.13
N LEU B 194 16.75 17.57 -41.82
CA LEU B 194 16.76 17.42 -43.27
C LEU B 194 17.70 18.42 -43.90
N PHE B 195 17.53 19.70 -43.55
CA PHE B 195 18.46 20.72 -44.02
C PHE B 195 19.89 20.35 -43.65
N LEU B 196 20.10 19.91 -42.40
CA LEU B 196 21.42 19.44 -42.02
C LEU B 196 21.87 18.28 -42.90
N GLN B 197 20.99 17.30 -43.10
CA GLN B 197 21.35 16.09 -43.83
C GLN B 197 21.82 16.44 -45.23
N CYS B 198 21.12 17.35 -45.89
CA CYS B 198 21.53 17.72 -47.23
C CYS B 198 22.84 18.48 -47.24
N CYS B 199 23.10 19.36 -46.25
CA CYS B 199 24.39 20.07 -46.19
C CYS B 199 25.55 19.08 -46.07
N GLU B 200 25.42 18.11 -45.18
CA GLU B 200 26.52 17.18 -44.92
C GLU B 200 26.89 16.38 -46.17
N GLU B 201 25.88 15.99 -46.96
CA GLU B 201 26.15 15.26 -48.20
C GLU B 201 26.83 16.15 -49.23
N VAL B 202 26.36 17.38 -49.39
CA VAL B 202 26.99 18.27 -50.35
C VAL B 202 28.41 18.56 -49.91
N ALA B 203 28.62 18.61 -48.60
CA ALA B 203 29.94 18.95 -48.11
C ALA B 203 30.99 17.93 -48.54
N GLU B 204 30.57 16.68 -48.82
CA GLU B 204 31.52 15.65 -49.23
C GLU B 204 31.97 15.83 -50.66
N LEU B 205 31.22 16.57 -51.47
CA LEU B 205 31.63 16.86 -52.83
C LEU B 205 32.66 17.97 -52.93
N TYR B 206 33.02 18.61 -51.82
CA TYR B 206 33.95 19.75 -51.82
C TYR B 206 35.01 19.51 -50.76
N PRO B 207 35.88 18.50 -50.94
CA PRO B 207 36.82 18.14 -49.85
C PRO B 207 37.77 19.27 -49.50
N LYS B 208 38.03 20.17 -50.45
CA LYS B 208 38.93 21.29 -50.20
C LYS B 208 38.32 22.35 -49.29
N ILE B 209 37.01 22.40 -49.13
CA ILE B 209 36.37 23.34 -48.22
C ILE B 209 36.11 22.63 -46.89
N LYS B 210 36.33 23.34 -45.79
CA LYS B 210 36.04 22.77 -44.48
C LYS B 210 34.59 23.03 -44.10
N PHE B 211 34.01 22.11 -43.34
CA PHE B 211 32.57 22.16 -43.09
C PHE B 211 32.30 21.93 -41.62
N GLU B 212 31.58 22.88 -41.02
CA GLU B 212 31.17 22.82 -39.63
C GLU B 212 29.68 23.07 -39.54
N THR B 213 29.08 22.59 -38.43
CA THR B 213 27.70 22.91 -38.10
C THR B 213 27.69 23.59 -36.75
N MET B 214 26.69 24.45 -36.55
CA MET B 214 26.49 25.15 -35.29
C MET B 214 25.00 25.38 -35.10
N ILE B 215 24.57 25.41 -33.84
CA ILE B 215 23.16 25.54 -33.51
C ILE B 215 22.81 27.03 -33.45
N ILE B 216 21.71 27.41 -34.11
CA ILE B 216 21.38 28.81 -34.39
C ILE B 216 21.65 29.73 -33.18
N ASP B 217 21.18 29.33 -31.98
CA ASP B 217 21.25 30.23 -30.85
C ASP B 217 22.67 30.33 -30.30
N ASN B 218 23.39 29.21 -30.26
CA ASN B 218 24.84 29.28 -30.03
C ASN B 218 25.51 30.25 -31.01
N CYS B 219 25.20 30.09 -32.32
CA CYS B 219 25.82 30.87 -33.39
C CYS B 219 25.65 32.36 -33.19
N CYS B 220 24.45 32.78 -32.80
CA CYS B 220 24.19 34.18 -32.50
C CYS B 220 25.09 34.65 -31.36
N MET B 221 25.16 33.89 -30.27
CA MET B 221 26.04 34.26 -29.17
C MET B 221 27.49 34.32 -29.62
N GLN B 222 27.92 33.37 -30.46
CA GLN B 222 29.28 33.42 -30.96
C GLN B 222 29.51 34.64 -31.85
N LEU B 223 28.51 35.00 -32.66
CA LEU B 223 28.60 36.15 -33.53
C LEU B 223 28.83 37.46 -32.79
N VAL B 224 28.57 37.54 -31.48
CA VAL B 224 28.84 38.78 -30.76
C VAL B 224 30.16 38.70 -30.02
N GLN B 225 30.49 37.53 -29.46
CA GLN B 225 31.76 37.37 -28.76
C GLN B 225 32.91 37.33 -29.76
N ASN B 226 32.80 36.46 -30.76
CA ASN B 226 33.89 36.23 -31.70
C ASN B 226 33.37 35.80 -33.07
N PRO B 227 32.89 36.75 -33.87
CA PRO B 227 32.46 36.41 -35.23
C PRO B 227 33.62 36.01 -36.14
N TYR B 228 34.86 36.12 -35.67
CA TYR B 228 36.02 35.85 -36.53
C TYR B 228 36.18 34.36 -36.83
N GLN B 229 35.60 33.49 -35.99
CA GLN B 229 35.64 32.04 -36.18
C GLN B 229 34.87 31.58 -37.41
N PHE B 230 34.11 32.47 -38.05
CA PHE B 230 33.27 32.12 -39.19
C PHE B 230 33.91 32.61 -40.48
N ASP B 231 33.66 31.83 -41.56
CA ASP B 231 34.07 32.16 -42.91
C ASP B 231 32.79 32.41 -43.70
N VAL B 232 32.17 31.33 -44.18
CA VAL B 232 30.89 31.38 -44.87
C VAL B 232 29.84 30.63 -44.04
N LEU B 233 28.64 31.20 -43.98
CA LEU B 233 27.54 30.63 -43.21
C LEU B 233 26.36 30.36 -44.14
N VAL B 234 25.77 29.17 -44.01
CA VAL B 234 24.62 28.76 -44.80
C VAL B 234 23.51 28.29 -43.85
N MET B 235 22.27 28.65 -44.18
CA MET B 235 21.16 28.42 -43.27
C MET B 235 19.83 28.53 -44.02
N PRO B 236 18.71 28.10 -43.44
CA PRO B 236 17.41 28.29 -44.09
C PRO B 236 16.87 29.68 -43.79
N ASN B 237 15.76 29.99 -44.46
CA ASN B 237 15.14 31.32 -44.41
C ASN B 237 15.17 32.08 -43.08
N LEU B 238 14.50 31.60 -42.03
CA LEU B 238 14.27 32.46 -40.85
C LEU B 238 15.56 32.74 -40.10
N TYR B 239 16.41 31.73 -39.90
CA TYR B 239 17.71 32.00 -39.30
C TYR B 239 18.54 32.95 -40.17
N GLY B 240 18.40 32.85 -41.49
CA GLY B 240 18.97 33.85 -42.38
C GLY B 240 18.49 35.27 -42.12
N ASN B 241 17.17 35.45 -41.95
CA ASN B 241 16.65 36.75 -41.51
C ASN B 241 17.35 37.24 -40.23
N ILE B 242 17.57 36.33 -39.28
CA ILE B 242 18.10 36.73 -37.98
C ILE B 242 19.57 37.11 -38.10
N ILE B 243 20.35 36.23 -38.72
CA ILE B 243 21.79 36.47 -38.82
C ILE B 243 22.10 37.57 -39.84
N ASP B 244 21.26 37.75 -40.86
CA ASP B 244 21.46 38.87 -41.78
C ASP B 244 21.51 40.19 -41.01
N ASN B 245 20.50 40.44 -40.16
CA ASN B 245 20.49 41.71 -39.44
C ASN B 245 21.50 41.71 -38.31
N LEU B 246 21.63 40.61 -37.58
CA LEU B 246 22.58 40.57 -36.46
C LEU B 246 24.00 40.88 -36.95
N ALA B 247 24.45 40.19 -38.00
CA ALA B 247 25.81 40.40 -38.49
C ALA B 247 25.97 41.78 -39.10
N ALA B 248 24.92 42.29 -39.74
CA ALA B 248 24.97 43.66 -40.25
C ALA B 248 25.29 44.66 -39.14
N GLY B 249 24.71 44.45 -37.95
CA GLY B 249 24.97 45.33 -36.81
C GLY B 249 26.40 45.29 -36.32
N LEU B 250 27.09 44.17 -36.54
CA LEU B 250 28.47 44.06 -36.10
C LEU B 250 29.40 45.01 -36.86
N VAL B 251 29.10 45.32 -38.11
CA VAL B 251 30.07 45.99 -38.98
C VAL B 251 29.55 47.32 -39.51
N GLY B 252 28.52 47.93 -38.89
CA GLY B 252 28.06 49.21 -39.39
C GLY B 252 26.58 49.52 -39.43
N GLY B 253 25.72 48.56 -39.79
CA GLY B 253 24.28 48.75 -39.80
C GLY B 253 23.65 48.57 -41.16
N ALA B 254 22.34 48.79 -41.20
CA ALA B 254 21.57 48.56 -42.42
C ALA B 254 21.92 49.53 -43.53
N GLY B 255 22.70 50.56 -43.25
CA GLY B 255 23.04 51.48 -44.31
C GLY B 255 24.36 51.24 -45.00
N VAL B 256 25.04 50.13 -44.73
CA VAL B 256 26.38 49.94 -45.33
C VAL B 256 26.63 48.50 -45.78
N VAL B 257 25.72 47.59 -45.43
CA VAL B 257 25.88 46.17 -45.76
C VAL B 257 25.11 45.88 -47.04
N PRO B 258 25.76 45.49 -48.12
CA PRO B 258 25.05 45.20 -49.36
C PRO B 258 24.70 43.72 -49.46
N GLY B 259 23.73 43.42 -50.32
CA GLY B 259 23.39 42.04 -50.57
C GLY B 259 22.95 41.74 -51.99
N GLU B 260 22.88 40.43 -52.28
CA GLU B 260 22.45 39.94 -53.59
C GLU B 260 21.63 38.68 -53.43
N SER B 261 20.74 38.46 -54.39
CA SER B 261 20.01 37.22 -54.57
C SER B 261 20.25 36.70 -55.99
N TYR B 262 20.43 35.41 -56.08
CA TYR B 262 20.78 34.74 -57.32
C TYR B 262 19.65 33.78 -57.74
N SER B 263 19.70 33.38 -58.99
CA SER B 263 18.87 32.28 -59.48
C SER B 263 19.81 31.26 -60.13
N ALA B 264 19.27 30.44 -61.01
CA ALA B 264 20.15 29.84 -62.00
C ALA B 264 20.52 30.88 -63.05
N GLU B 265 19.59 31.76 -63.38
CA GLU B 265 19.69 32.67 -64.51
C GLU B 265 19.78 34.14 -64.11
N TYR B 266 19.39 34.50 -62.89
CA TYR B 266 19.14 35.88 -62.53
C TYR B 266 20.01 36.29 -61.35
N ALA B 267 20.42 37.56 -61.34
CA ALA B 267 21.17 38.13 -60.23
C ALA B 267 20.51 39.45 -59.88
N VAL B 268 20.02 39.56 -58.64
CA VAL B 268 19.35 40.76 -58.18
C VAL B 268 20.13 41.35 -57.00
N PHE B 269 20.40 42.65 -57.05
CA PHE B 269 21.28 43.28 -56.07
C PHE B 269 20.48 44.22 -55.18
N GLU B 270 20.48 43.96 -53.89
CA GLU B 270 19.69 44.74 -52.93
C GLU B 270 20.58 45.12 -51.74
N THR B 271 19.95 45.45 -50.63
CA THR B 271 20.69 45.70 -49.40
C THR B 271 20.63 44.45 -48.53
N GLY B 272 21.58 44.37 -47.59
CA GLY B 272 21.78 43.16 -46.78
C GLY B 272 20.76 42.96 -45.67
N ALA B 273 20.60 43.95 -44.82
CA ALA B 273 19.64 43.88 -43.73
C ALA B 273 18.36 44.57 -44.21
N ARG B 274 17.32 43.77 -44.47
CA ARG B 274 16.11 44.36 -45.03
C ARG B 274 14.97 44.22 -44.03
N HIS B 275 15.26 44.52 -42.76
CA HIS B 275 14.26 44.44 -41.71
C HIS B 275 13.27 45.59 -41.82
N PRO B 276 12.09 45.47 -41.19
CA PRO B 276 10.97 46.37 -41.56
C PRO B 276 11.22 47.86 -41.40
N PHE B 277 12.02 48.29 -40.43
CA PHE B 277 12.38 49.71 -40.25
C PHE B 277 13.83 49.96 -40.57
N ALA B 278 14.32 49.37 -41.67
CA ALA B 278 15.75 49.41 -41.99
C ALA B 278 16.25 50.84 -42.18
N GLN B 279 15.71 51.52 -43.18
CA GLN B 279 15.98 52.94 -43.32
C GLN B 279 14.67 53.70 -43.50
N ALA B 280 13.57 53.16 -42.95
CA ALA B 280 12.23 53.53 -43.39
C ALA B 280 11.82 54.95 -42.95
N VAL B 281 12.53 55.55 -42.01
CA VAL B 281 12.26 56.93 -41.61
C VAL B 281 13.22 57.85 -42.33
N GLY B 282 12.77 59.07 -42.56
CA GLY B 282 13.64 60.10 -43.09
C GLY B 282 13.49 60.32 -44.58
N ARG B 283 14.05 61.45 -45.01
CA ARG B 283 14.22 61.78 -46.41
C ARG B 283 15.42 62.73 -46.51
N ASN B 284 16.31 62.47 -47.46
CA ASN B 284 17.62 63.12 -47.57
C ASN B 284 18.50 62.89 -46.33
N ILE B 285 18.21 61.84 -45.57
CA ILE B 285 19.10 61.43 -44.49
C ILE B 285 19.63 60.02 -44.67
N ALA B 286 19.07 59.24 -45.60
CA ALA B 286 19.47 57.85 -45.80
C ALA B 286 20.94 57.73 -46.17
N ASN B 287 21.52 56.57 -45.86
CA ASN B 287 22.89 56.26 -46.25
C ASN B 287 22.88 55.53 -47.58
N PRO B 288 23.52 56.06 -48.63
CA PRO B 288 23.57 55.34 -49.91
C PRO B 288 24.66 54.29 -49.98
N THR B 289 25.45 54.12 -48.90
CA THR B 289 26.59 53.22 -48.97
C THR B 289 26.17 51.81 -49.38
N ALA B 290 25.14 51.25 -48.71
CA ALA B 290 24.74 49.87 -48.94
C ALA B 290 24.38 49.65 -50.41
N MET B 291 23.47 50.49 -50.93
CA MET B 291 23.03 50.37 -52.31
C MET B 291 24.20 50.58 -53.27
N LEU B 292 24.99 51.64 -53.05
CA LEU B 292 26.13 51.89 -53.93
C LEU B 292 27.06 50.70 -53.98
N LEU B 293 27.30 50.07 -52.83
CA LEU B 293 28.24 48.96 -52.78
C LEU B 293 27.71 47.79 -53.57
N SER B 294 26.43 47.45 -53.42
CA SER B 294 25.95 46.35 -54.24
C SER B 294 25.73 46.79 -55.69
N ALA B 295 25.54 48.09 -55.93
CA ALA B 295 25.65 48.59 -57.29
C ALA B 295 27.02 48.25 -57.91
N SER B 296 28.10 48.49 -57.17
CA SER B 296 29.42 48.12 -57.70
C SER B 296 29.56 46.61 -57.81
N ASN B 297 28.98 45.89 -56.85
CA ASN B 297 28.96 44.44 -56.96
C ASN B 297 28.22 43.98 -58.20
N MET B 298 27.18 44.72 -58.59
CA MET B 298 26.42 44.41 -59.80
C MET B 298 27.29 44.63 -61.04
N LEU B 299 28.00 45.78 -61.09
CA LEU B 299 28.92 46.04 -62.19
C LEU B 299 29.97 44.94 -62.29
N ARG B 300 30.42 44.41 -61.14
CA ARG B 300 31.35 43.29 -61.21
C ARG B 300 30.69 42.09 -61.90
N HIS B 301 29.38 41.91 -61.68
CA HIS B 301 28.67 40.77 -62.27
C HIS B 301 28.52 40.95 -63.77
N LEU B 302 28.31 42.17 -64.25
CA LEU B 302 28.23 42.45 -65.68
C LEU B 302 29.59 42.45 -66.35
N ASN B 303 30.65 42.16 -65.59
CA ASN B 303 32.03 42.22 -66.06
C ASN B 303 32.46 43.63 -66.41
N LEU B 304 31.91 44.61 -65.71
CA LEU B 304 32.42 45.99 -65.75
C LEU B 304 33.35 46.22 -64.56
N GLU B 305 34.48 45.52 -64.56
CA GLU B 305 35.38 45.56 -63.41
C GLU B 305 35.94 46.95 -63.19
N TYR B 306 36.23 47.68 -64.29
CA TYR B 306 36.81 49.00 -64.12
C TYR B 306 35.87 49.93 -63.33
N HIS B 307 34.59 49.99 -63.72
CA HIS B 307 33.64 50.84 -63.02
C HIS B 307 33.25 50.28 -61.65
N SER B 308 33.31 48.96 -61.48
CA SER B 308 32.93 48.35 -60.20
C SER B 308 33.88 48.75 -59.09
N SER B 309 35.19 48.72 -59.39
CA SER B 309 36.20 49.07 -58.40
C SER B 309 36.35 50.56 -58.27
N MET B 310 36.10 51.29 -59.35
CA MET B 310 36.10 52.73 -59.24
C MET B 310 35.05 53.19 -58.25
N ILE B 311 33.79 52.81 -58.48
CA ILE B 311 32.72 53.18 -57.57
C ILE B 311 32.99 52.65 -56.17
N ALA B 312 33.30 51.36 -56.05
CA ALA B 312 33.53 50.76 -54.74
C ALA B 312 34.50 51.60 -53.91
N ASP B 313 35.69 51.88 -54.45
CA ASP B 313 36.75 52.46 -53.65
C ASP B 313 36.58 53.97 -53.48
N ALA B 314 35.93 54.63 -54.43
CA ALA B 314 35.41 55.95 -54.14
C ALA B 314 34.67 55.95 -52.80
N VAL B 315 33.68 55.05 -52.67
CA VAL B 315 32.83 55.02 -51.47
C VAL B 315 33.67 54.68 -50.24
N LYS B 316 34.50 53.64 -50.35
CA LYS B 316 35.35 53.24 -49.23
C LYS B 316 36.28 54.37 -48.79
N LYS B 317 36.77 55.19 -49.73
CA LYS B 317 37.70 56.27 -49.36
C LYS B 317 36.96 57.46 -48.76
N VAL B 318 35.78 57.80 -49.29
CA VAL B 318 34.99 58.87 -48.69
C VAL B 318 34.66 58.53 -47.25
N ILE B 319 34.39 57.25 -46.99
CA ILE B 319 34.08 56.82 -45.63
C ILE B 319 35.31 56.84 -44.75
N LYS B 320 36.47 56.46 -45.30
CA LYS B 320 37.68 56.38 -44.49
C LYS B 320 38.22 57.77 -44.13
N VAL B 321 38.39 58.66 -45.12
CA VAL B 321 38.87 60.00 -44.84
C VAL B 321 37.94 60.69 -43.86
N GLY B 322 36.70 60.25 -43.76
CA GLY B 322 35.80 60.71 -42.73
C GLY B 322 35.28 62.13 -42.84
N LYS B 323 35.41 62.78 -44.00
CA LYS B 323 34.94 64.18 -44.14
C LYS B 323 33.41 64.29 -43.98
N VAL B 324 32.68 63.48 -44.75
CA VAL B 324 31.24 63.46 -44.79
C VAL B 324 30.83 62.08 -44.33
N ARG B 325 29.87 62.09 -43.43
CA ARG B 325 29.28 60.91 -42.83
C ARG B 325 27.82 61.24 -42.64
N THR B 326 26.98 60.25 -42.96
CA THR B 326 25.56 60.28 -42.70
C THR B 326 25.27 59.91 -41.26
N SER B 327 24.06 60.21 -40.79
CA SER B 327 23.80 60.17 -39.36
C SER B 327 23.99 58.79 -38.76
N ASP B 328 23.72 57.73 -39.54
CA ASP B 328 23.92 56.38 -39.01
C ASP B 328 25.37 56.10 -38.67
N MET B 329 26.30 56.93 -39.18
CA MET B 329 27.73 56.75 -39.02
C MET B 329 28.34 57.81 -38.09
N GLY B 330 27.52 58.51 -37.32
CA GLY B 330 28.03 59.53 -36.44
C GLY B 330 28.45 60.77 -37.18
N GLY B 331 27.77 61.09 -38.26
CA GLY B 331 28.07 62.32 -38.97
C GLY B 331 26.86 63.21 -39.01
N TYR B 332 26.94 64.26 -39.81
CA TYR B 332 25.87 65.23 -39.89
C TYR B 332 25.62 65.66 -41.34
N ALA B 333 25.80 64.75 -42.30
CA ALA B 333 25.62 65.14 -43.69
C ALA B 333 24.42 64.44 -44.29
N THR B 334 23.85 65.09 -45.30
CA THR B 334 22.68 64.56 -45.96
C THR B 334 23.09 63.47 -46.94
N CYS B 335 22.08 62.72 -47.39
CA CYS B 335 22.27 61.72 -48.44
C CYS B 335 22.85 62.38 -49.68
N HIS B 336 22.32 63.54 -50.05
CA HIS B 336 22.83 64.29 -51.20
C HIS B 336 24.30 64.63 -51.01
N ASP B 337 24.65 65.21 -49.86
CA ASP B 337 26.04 65.60 -49.60
C ASP B 337 26.98 64.41 -49.71
N PHE B 338 26.67 63.33 -49.00
CA PHE B 338 27.50 62.13 -49.08
C PHE B 338 27.65 61.64 -50.52
N THR B 339 26.57 61.67 -51.31
CA THR B 339 26.66 61.23 -52.71
C THR B 339 27.39 62.25 -53.57
N GLU B 340 27.23 63.54 -53.26
CA GLU B 340 27.98 64.56 -53.98
C GLU B 340 29.47 64.36 -53.79
N GLU B 341 29.86 63.81 -52.64
CA GLU B 341 31.28 63.58 -52.35
C GLU B 341 31.81 62.36 -53.10
N ILE B 342 31.10 61.23 -53.07
CA ILE B 342 31.46 60.07 -53.90
C ILE B 342 31.69 60.49 -55.35
N CYS B 343 30.73 61.23 -55.91
CA CYS B 343 30.86 61.75 -57.26
C CYS B 343 32.11 62.58 -57.40
N ARG B 344 32.33 63.47 -56.44
CA ARG B 344 33.46 64.38 -56.51
C ARG B 344 34.78 63.65 -56.60
N ARG B 345 34.88 62.47 -55.97
CA ARG B 345 36.14 61.74 -55.99
C ARG B 345 36.19 60.65 -57.06
N VAL B 346 35.05 60.18 -57.57
CA VAL B 346 35.12 59.36 -58.78
C VAL B 346 35.78 60.15 -59.90
N LYS B 347 35.44 61.45 -60.01
CA LYS B 347 35.91 62.35 -61.06
C LYS B 347 37.28 63.00 -60.79
N ASP B 348 37.98 62.66 -59.68
CA ASP B 348 39.19 63.37 -59.20
C ASP B 348 40.48 62.70 -59.64
N LEU B 349 41.10 63.22 -60.70
CA LEU B 349 42.11 62.43 -61.35
C LEU B 349 43.36 62.18 -60.53
N ASP B 350 43.59 62.87 -59.38
CA ASP B 350 44.80 62.63 -58.57
C ASP B 350 44.59 61.65 -57.41
N GLU B 351 43.61 60.77 -57.51
CA GLU B 351 43.44 59.63 -56.62
C GLU B 351 44.76 59.06 -56.10
N GLY C 3 -50.98 25.94 -28.50
CA GLY C 3 -51.66 26.66 -29.57
C GLY C 3 -51.09 26.33 -30.95
N VAL C 4 -51.22 27.25 -31.90
CA VAL C 4 -50.72 27.03 -33.25
C VAL C 4 -49.39 27.76 -33.41
N GLN C 5 -48.41 27.05 -33.99
CA GLN C 5 -47.04 27.54 -34.06
C GLN C 5 -46.76 28.06 -35.48
N THR C 6 -45.85 29.03 -35.56
CA THR C 6 -45.41 29.61 -36.82
C THR C 6 -44.09 28.99 -37.24
N VAL C 7 -44.01 28.54 -38.49
CA VAL C 7 -42.80 27.97 -39.07
C VAL C 7 -42.35 28.86 -40.23
N THR C 8 -41.05 29.14 -40.29
CA THR C 8 -40.49 29.96 -41.36
C THR C 8 -40.38 29.11 -42.61
N LEU C 9 -41.05 29.53 -43.68
CA LEU C 9 -41.07 28.79 -44.95
C LEU C 9 -40.07 29.40 -45.94
N ILE C 10 -39.21 28.57 -46.51
CA ILE C 10 -38.21 29.02 -47.47
C ILE C 10 -38.42 28.24 -48.76
N PRO C 11 -39.32 28.68 -49.66
CA PRO C 11 -39.69 27.84 -50.81
C PRO C 11 -38.56 27.63 -51.80
N GLY C 12 -37.57 28.51 -51.84
CA GLY C 12 -36.46 28.25 -52.73
C GLY C 12 -36.72 28.67 -54.16
N ASP C 13 -36.19 27.89 -55.10
CA ASP C 13 -36.21 28.21 -56.52
C ASP C 13 -36.67 26.99 -57.30
N GLY C 14 -36.95 27.21 -58.60
CA GLY C 14 -37.48 26.17 -59.49
C GLY C 14 -38.80 25.55 -59.10
N ILE C 15 -38.77 24.26 -58.77
CA ILE C 15 -40.01 23.60 -58.36
C ILE C 15 -40.37 23.88 -56.92
N GLY C 16 -39.53 24.66 -56.21
CA GLY C 16 -39.65 24.87 -54.79
C GLY C 16 -40.98 25.45 -54.39
N PRO C 17 -41.31 26.61 -54.97
CA PRO C 17 -42.66 27.18 -54.80
C PRO C 17 -43.78 26.18 -55.00
N GLU C 18 -43.74 25.39 -56.09
CA GLU C 18 -44.84 24.48 -56.35
C GLU C 18 -45.00 23.44 -55.24
N ILE C 19 -43.89 22.89 -54.74
CA ILE C 19 -44.02 21.83 -53.76
C ILE C 19 -44.23 22.43 -52.39
N SER C 20 -43.72 23.64 -52.14
CA SER C 20 -44.06 24.31 -50.90
C SER C 20 -45.55 24.63 -50.85
N ALA C 21 -46.11 25.11 -51.96
CA ALA C 21 -47.56 25.27 -52.03
C ALA C 21 -48.27 23.95 -51.71
N ALA C 22 -47.74 22.84 -52.24
CA ALA C 22 -48.40 21.55 -52.04
C ALA C 22 -48.37 21.13 -50.58
N VAL C 23 -47.29 21.43 -49.87
CA VAL C 23 -47.22 21.08 -48.45
C VAL C 23 -48.21 21.94 -47.66
N MET C 24 -48.34 23.21 -48.05
CA MET C 24 -49.24 24.11 -47.36
C MET C 24 -50.68 23.62 -47.45
N LYS C 25 -51.07 23.09 -48.60
CA LYS C 25 -52.43 22.58 -48.76
C LYS C 25 -52.64 21.25 -48.05
N ILE C 26 -51.66 20.34 -48.14
CA ILE C 26 -51.72 19.09 -47.40
C ILE C 26 -51.76 19.37 -45.89
N PHE C 27 -50.92 20.30 -45.44
CA PHE C 27 -50.90 20.65 -44.02
C PHE C 27 -52.24 21.24 -43.59
N ASP C 28 -52.90 21.95 -44.51
CA ASP C 28 -54.21 22.52 -44.19
C ASP C 28 -55.28 21.44 -44.06
N ALA C 29 -55.27 20.44 -44.95
CA ALA C 29 -56.26 19.36 -44.86
C ALA C 29 -56.11 18.54 -43.58
N ALA C 30 -54.89 18.45 -43.03
CA ALA C 30 -54.63 17.73 -41.79
C ALA C 30 -55.07 18.49 -40.54
N LYS C 31 -55.66 19.68 -40.69
CA LYS C 31 -56.00 20.53 -39.56
C LYS C 31 -54.78 20.78 -38.66
N ALA C 32 -53.59 20.80 -39.27
CA ALA C 32 -52.34 20.89 -38.51
C ALA C 32 -52.11 22.32 -38.03
N PRO C 33 -51.85 22.53 -36.74
CA PRO C 33 -51.76 23.91 -36.21
C PRO C 33 -50.52 24.67 -36.68
N ILE C 34 -50.39 24.88 -37.99
CA ILE C 34 -49.15 25.41 -38.55
C ILE C 34 -49.45 26.66 -39.36
N GLN C 35 -48.75 27.74 -39.01
CA GLN C 35 -48.76 29.01 -39.74
C GLN C 35 -47.43 29.15 -40.48
N TRP C 36 -47.46 29.70 -41.69
CA TRP C 36 -46.27 29.83 -42.51
C TRP C 36 -45.84 31.27 -42.62
N GLU C 37 -44.53 31.49 -42.61
CA GLU C 37 -43.94 32.82 -42.75
C GLU C 37 -42.87 32.71 -43.84
N GLU C 38 -43.20 33.15 -45.05
CA GLU C 38 -42.28 32.99 -46.17
C GLU C 38 -41.05 33.85 -45.98
N ARG C 39 -39.89 33.28 -46.31
CA ARG C 39 -38.63 33.98 -46.27
C ARG C 39 -37.77 33.55 -47.45
N ASN C 40 -36.74 34.35 -47.71
CA ASN C 40 -35.85 34.13 -48.84
C ASN C 40 -34.44 34.15 -48.29
N VAL C 41 -33.68 33.08 -48.51
CA VAL C 41 -32.34 32.97 -47.92
C VAL C 41 -31.25 33.32 -48.90
N THR C 42 -31.58 33.68 -50.14
CA THR C 42 -30.57 33.94 -51.16
C THR C 42 -29.59 34.99 -50.67
N ALA C 43 -28.32 34.63 -50.65
CA ALA C 43 -27.32 35.49 -50.01
C ALA C 43 -27.25 36.83 -50.72
N ILE C 44 -27.07 37.89 -49.92
CA ILE C 44 -26.82 39.23 -50.40
C ILE C 44 -25.39 39.58 -50.05
N GLN C 45 -24.86 40.59 -50.73
CA GLN C 45 -23.52 41.12 -50.47
C GLN C 45 -23.57 42.09 -49.30
N GLY C 46 -23.03 41.70 -48.15
CA GLY C 46 -23.01 42.55 -46.99
C GLY C 46 -21.88 43.56 -47.02
N PRO C 47 -21.53 44.12 -45.86
CA PRO C 47 -20.41 45.06 -45.79
C PRO C 47 -19.11 44.46 -46.33
N GLY C 48 -18.45 45.20 -47.21
CA GLY C 48 -17.23 44.76 -47.85
C GLY C 48 -17.44 43.70 -48.91
N GLY C 49 -18.69 43.36 -49.24
CA GLY C 49 -19.00 42.31 -50.19
C GLY C 49 -19.12 40.92 -49.61
N LYS C 50 -18.94 40.77 -48.28
CA LYS C 50 -19.04 39.48 -47.60
C LYS C 50 -20.50 38.99 -47.56
N TRP C 51 -20.81 37.95 -48.33
CA TRP C 51 -22.18 37.49 -48.48
C TRP C 51 -22.80 37.10 -47.14
N MET C 52 -24.13 37.16 -47.06
CA MET C 52 -24.80 36.83 -45.82
C MET C 52 -26.26 36.47 -46.08
N ILE C 53 -26.81 35.69 -45.17
CA ILE C 53 -28.26 35.47 -45.14
C ILE C 53 -28.94 36.78 -44.80
N PRO C 54 -30.04 37.14 -45.45
CA PRO C 54 -30.76 38.36 -45.09
C PRO C 54 -31.20 38.37 -43.63
N SER C 55 -31.34 39.58 -43.10
CA SER C 55 -31.67 39.72 -41.69
C SER C 55 -33.07 39.20 -41.39
N GLU C 56 -34.05 39.51 -42.23
CA GLU C 56 -35.40 38.98 -41.98
C GLU C 56 -35.42 37.45 -42.00
N ALA C 57 -34.49 36.84 -42.75
CA ALA C 57 -34.37 35.39 -42.76
C ALA C 57 -33.80 34.89 -41.43
N LYS C 58 -32.75 35.54 -40.93
CA LYS C 58 -32.18 35.15 -39.65
C LYS C 58 -33.16 35.42 -38.51
N GLU C 59 -33.68 36.65 -38.42
CA GLU C 59 -34.57 37.01 -37.31
C GLU C 59 -35.76 36.07 -37.22
N SER C 60 -36.32 35.68 -38.37
CA SER C 60 -37.50 34.84 -38.36
C SER C 60 -37.18 33.41 -37.94
N MET C 61 -35.99 32.92 -38.28
CA MET C 61 -35.58 31.61 -37.82
C MET C 61 -35.31 31.63 -36.32
N ASP C 62 -34.59 32.66 -35.82
CA ASP C 62 -34.31 32.73 -34.39
C ASP C 62 -35.58 32.83 -33.54
N LYS C 63 -36.67 33.36 -34.10
CA LYS C 63 -37.95 33.45 -33.39
C LYS C 63 -38.75 32.15 -33.50
N ASN C 64 -39.03 31.71 -34.72
CA ASN C 64 -39.89 30.54 -34.89
C ASN C 64 -39.16 29.21 -34.71
N LYS C 65 -37.83 29.21 -34.81
CA LYS C 65 -37.00 28.04 -34.55
C LYS C 65 -37.10 26.99 -35.65
N MET C 66 -38.31 26.67 -36.10
CA MET C 66 -38.50 25.67 -37.16
C MET C 66 -38.56 26.31 -38.54
N GLY C 67 -37.83 25.73 -39.48
CA GLY C 67 -37.91 26.15 -40.88
C GLY C 67 -38.17 24.98 -41.81
N LEU C 68 -38.93 25.25 -42.88
CA LEU C 68 -39.14 24.31 -43.99
C LEU C 68 -38.59 24.95 -45.26
N LYS C 69 -37.61 24.30 -45.89
CA LYS C 69 -36.82 24.93 -46.94
C LYS C 69 -36.68 24.02 -48.15
N GLY C 70 -37.04 24.53 -49.33
CA GLY C 70 -36.95 23.75 -50.54
C GLY C 70 -35.61 23.86 -51.23
N PRO C 71 -35.52 23.29 -52.44
CA PRO C 71 -34.26 23.32 -53.18
C PRO C 71 -33.87 24.74 -53.50
N LEU C 72 -32.57 24.98 -53.57
CA LEU C 72 -32.05 26.30 -53.86
C LEU C 72 -31.12 26.23 -55.08
N LYS C 73 -31.14 27.31 -55.85
CA LYS C 73 -30.30 27.40 -57.02
C LYS C 73 -28.84 27.43 -56.62
N THR C 74 -27.98 26.94 -57.50
CA THR C 74 -26.55 27.08 -57.32
C THR C 74 -26.12 28.50 -57.69
N PRO C 75 -25.48 29.24 -56.78
CA PRO C 75 -25.01 30.59 -57.12
C PRO C 75 -23.88 30.54 -58.15
N ILE C 76 -23.80 31.60 -58.97
CA ILE C 76 -22.86 31.56 -60.08
C ILE C 76 -21.59 32.34 -59.76
N ALA C 77 -21.67 33.38 -58.92
CA ALA C 77 -20.48 34.16 -58.60
C ALA C 77 -19.40 33.26 -57.97
N ALA C 78 -18.13 33.51 -58.35
CA ALA C 78 -17.06 32.60 -57.96
C ALA C 78 -16.67 32.76 -56.49
N GLY C 79 -16.51 34.01 -56.04
CA GLY C 79 -16.26 34.21 -54.62
C GLY C 79 -17.40 33.83 -53.72
N HIS C 80 -18.55 33.44 -54.28
CA HIS C 80 -19.75 33.22 -53.47
C HIS C 80 -19.64 31.92 -52.70
N PRO C 81 -19.82 31.94 -51.39
CA PRO C 81 -19.71 30.71 -50.59
C PRO C 81 -20.94 29.82 -50.73
N SER C 82 -20.70 28.54 -50.45
CA SER C 82 -21.74 27.52 -50.55
C SER C 82 -22.97 27.95 -49.77
N MET C 83 -24.14 27.67 -50.34
CA MET C 83 -25.38 27.92 -49.60
C MET C 83 -25.41 27.11 -48.32
N ASN C 84 -25.18 25.80 -48.44
CA ASN C 84 -25.14 24.95 -47.25
C ASN C 84 -24.15 25.48 -46.22
N LEU C 85 -23.03 26.05 -46.68
CA LEU C 85 -22.03 26.52 -45.74
C LEU C 85 -22.50 27.78 -45.01
N LEU C 86 -23.11 28.71 -45.74
CA LEU C 86 -23.64 29.92 -45.14
C LEU C 86 -24.66 29.61 -44.07
N LEU C 87 -25.63 28.76 -44.39
CA LEU C 87 -26.67 28.40 -43.44
C LEU C 87 -26.08 27.72 -42.21
N ARG C 88 -25.31 26.66 -42.46
CA ARG C 88 -24.63 25.93 -41.39
C ARG C 88 -23.92 26.89 -40.43
N LYS C 89 -23.18 27.88 -40.97
CA LYS C 89 -22.46 28.79 -40.08
C LYS C 89 -23.37 29.82 -39.45
N THR C 90 -24.41 30.26 -40.14
CA THR C 90 -25.30 31.30 -39.62
C THR C 90 -26.14 30.79 -38.45
N PHE C 91 -26.49 29.50 -38.44
CA PHE C 91 -27.35 28.92 -37.44
C PHE C 91 -26.68 27.86 -36.59
N ASP C 92 -25.38 27.63 -36.79
CA ASP C 92 -24.69 26.53 -36.15
C ASP C 92 -25.46 25.22 -36.32
N LEU C 93 -25.73 24.88 -37.58
CA LEU C 93 -26.36 23.60 -37.90
C LEU C 93 -25.31 22.52 -37.77
N TYR C 94 -25.35 21.76 -36.67
CA TYR C 94 -24.27 20.82 -36.34
C TYR C 94 -24.62 19.38 -36.62
N ALA C 95 -25.90 19.04 -36.70
CA ALA C 95 -26.32 17.68 -36.99
C ALA C 95 -27.14 17.68 -38.26
N ASN C 96 -26.71 16.86 -39.23
CA ASN C 96 -27.52 16.52 -40.38
C ASN C 96 -28.16 15.15 -40.18
N VAL C 97 -29.46 15.07 -40.43
CA VAL C 97 -30.24 13.86 -40.15
C VAL C 97 -30.95 13.42 -41.43
N ARG C 98 -30.76 12.16 -41.81
CA ARG C 98 -31.37 11.61 -43.02
C ARG C 98 -32.00 10.28 -42.66
N PRO C 99 -33.31 10.26 -42.39
CA PRO C 99 -34.01 8.97 -42.18
C PRO C 99 -34.42 8.38 -43.52
N CYS C 100 -33.93 7.19 -43.82
CA CYS C 100 -34.27 6.49 -45.05
C CYS C 100 -35.13 5.28 -44.72
N VAL C 101 -36.33 5.25 -45.31
CA VAL C 101 -37.33 4.23 -45.07
C VAL C 101 -37.87 3.76 -46.41
N SER C 102 -37.83 2.45 -46.64
CA SER C 102 -38.37 1.86 -47.87
C SER C 102 -39.85 2.20 -48.03
N ILE C 103 -40.21 2.70 -49.20
CA ILE C 103 -41.59 3.08 -49.48
C ILE C 103 -42.35 1.90 -50.07
N GLU C 104 -43.51 1.58 -49.48
CA GLU C 104 -44.25 0.35 -49.79
C GLU C 104 -44.57 0.23 -51.27
N GLY C 105 -44.94 1.33 -51.92
CA GLY C 105 -45.33 1.32 -53.31
C GLY C 105 -44.26 1.65 -54.33
N TYR C 106 -43.06 2.00 -53.90
CA TYR C 106 -41.97 2.38 -54.80
C TYR C 106 -40.93 1.27 -54.73
N LYS C 107 -40.85 0.47 -55.79
CA LYS C 107 -39.99 -0.71 -55.79
C LYS C 107 -38.54 -0.33 -56.08
N THR C 108 -37.65 -0.83 -55.25
CA THR C 108 -36.21 -0.83 -55.47
C THR C 108 -35.72 -2.22 -55.09
N PRO C 109 -34.46 -2.53 -55.40
CA PRO C 109 -33.93 -3.85 -55.03
C PRO C 109 -33.95 -4.12 -53.54
N TYR C 110 -34.30 -3.14 -52.71
CA TYR C 110 -34.29 -3.22 -51.25
C TYR C 110 -35.66 -2.85 -50.73
N THR C 111 -36.19 -3.67 -49.85
CA THR C 111 -37.53 -3.46 -49.33
C THR C 111 -37.59 -3.27 -47.82
N ASP C 112 -36.61 -3.78 -47.08
CA ASP C 112 -36.64 -3.80 -45.61
C ASP C 112 -35.71 -2.75 -45.00
N VAL C 113 -35.71 -1.54 -45.57
CA VAL C 113 -34.76 -0.48 -45.19
C VAL C 113 -35.42 0.50 -44.22
N ASN C 114 -34.72 0.79 -43.13
CA ASN C 114 -35.17 1.80 -42.17
C ASN C 114 -34.00 2.39 -41.40
N ILE C 115 -33.32 3.37 -41.97
CA ILE C 115 -32.00 3.78 -41.48
C ILE C 115 -32.01 5.28 -41.30
N VAL C 116 -31.42 5.74 -40.20
CA VAL C 116 -31.30 7.16 -39.90
C VAL C 116 -29.82 7.43 -39.75
N THR C 117 -29.25 8.19 -40.68
CA THR C 117 -27.85 8.55 -40.64
C THR C 117 -27.75 9.92 -40.00
N ILE C 118 -26.96 10.03 -38.94
CA ILE C 118 -26.79 11.29 -38.24
C ILE C 118 -25.36 11.73 -38.46
N ARG C 119 -25.18 12.74 -39.30
CA ARG C 119 -23.87 13.14 -39.76
C ARG C 119 -23.44 14.41 -39.04
N GLU C 120 -22.24 14.39 -38.49
CA GLU C 120 -21.66 15.61 -37.93
C GLU C 120 -21.42 16.59 -39.08
N ASN C 121 -21.78 17.86 -38.87
CA ASN C 121 -21.96 18.77 -39.99
C ASN C 121 -21.07 20.01 -39.92
N THR C 122 -20.01 20.00 -39.08
CA THR C 122 -19.22 21.22 -38.84
C THR C 122 -17.71 21.06 -38.96
N GLU C 123 -17.15 19.87 -38.88
CA GLU C 123 -15.69 19.78 -39.02
C GLU C 123 -15.27 18.64 -39.94
N GLY C 124 -14.33 17.82 -39.47
CA GLY C 124 -13.90 16.66 -40.23
C GLY C 124 -13.06 17.09 -41.42
N GLU C 125 -13.28 16.44 -42.55
CA GLU C 125 -12.50 16.85 -43.70
C GLU C 125 -13.06 18.10 -44.37
N TYR C 126 -14.25 18.53 -43.97
CA TYR C 126 -14.89 19.73 -44.49
C TYR C 126 -14.52 20.94 -43.67
N SER C 127 -13.32 20.92 -43.12
CA SER C 127 -12.87 22.01 -42.27
C SER C 127 -12.71 23.31 -43.04
N GLY C 128 -12.59 23.23 -44.37
CA GLY C 128 -12.17 24.35 -45.18
C GLY C 128 -10.72 24.82 -45.03
N ILE C 129 -9.83 23.98 -44.49
CA ILE C 129 -8.42 24.33 -44.32
C ILE C 129 -7.61 23.50 -45.30
N GLU C 130 -7.05 24.14 -46.33
CA GLU C 130 -6.07 23.46 -47.17
C GLU C 130 -4.80 24.27 -47.32
N HIS C 131 -3.67 23.58 -47.43
CA HIS C 131 -2.40 24.22 -47.66
C HIS C 131 -1.68 23.60 -48.84
N VAL C 132 -1.31 24.46 -49.79
CA VAL C 132 -0.35 24.15 -50.86
C VAL C 132 1.03 24.11 -50.22
N ILE C 133 1.52 22.89 -49.98
CA ILE C 133 2.76 22.71 -49.24
C ILE C 133 3.93 23.12 -50.10
N VAL C 134 4.01 22.54 -51.28
CA VAL C 134 4.95 22.95 -52.33
C VAL C 134 4.17 22.82 -53.63
N ASP C 135 4.74 23.30 -54.71
CA ASP C 135 4.03 23.13 -55.97
C ASP C 135 3.81 21.65 -56.20
N GLY C 136 2.56 21.29 -56.50
CA GLY C 136 2.17 19.92 -56.78
C GLY C 136 1.87 19.08 -55.58
N VAL C 137 1.88 19.66 -54.37
CA VAL C 137 1.68 18.91 -53.12
C VAL C 137 0.75 19.70 -52.20
N VAL C 138 -0.41 19.12 -51.90
CA VAL C 138 -1.44 19.78 -51.13
C VAL C 138 -1.77 18.92 -49.93
N ALA C 139 -1.96 19.58 -48.79
CA ALA C 139 -2.37 18.99 -47.53
C ALA C 139 -3.72 19.57 -47.12
N SER C 140 -4.74 18.71 -47.06
CA SER C 140 -6.06 19.07 -46.58
C SER C 140 -6.21 18.64 -45.13
N ILE C 141 -6.53 19.59 -44.25
CA ILE C 141 -6.57 19.33 -42.82
C ILE C 141 -7.95 18.78 -42.45
N LYS C 142 -7.99 17.56 -41.95
CA LYS C 142 -9.19 17.04 -41.31
C LYS C 142 -9.16 17.44 -39.84
N LEU C 143 -10.26 18.00 -39.33
CA LEU C 143 -10.35 18.52 -37.98
C LEU C 143 -11.39 17.75 -37.18
N ILE C 144 -10.94 17.04 -36.14
CA ILE C 144 -11.82 16.36 -35.20
C ILE C 144 -11.60 16.94 -33.81
N THR C 145 -12.68 17.34 -33.13
CA THR C 145 -12.60 17.89 -31.78
C THR C 145 -13.52 17.16 -30.82
N GLU C 146 -13.16 17.18 -29.54
CA GLU C 146 -13.95 16.45 -28.55
C GLU C 146 -15.30 17.08 -28.32
N GLY C 147 -15.39 18.41 -28.41
CA GLY C 147 -16.67 19.07 -28.17
C GLY C 147 -17.68 18.75 -29.27
N ALA C 148 -17.23 18.77 -30.52
CA ALA C 148 -18.12 18.49 -31.63
C ALA C 148 -18.50 17.02 -31.68
N SER C 149 -17.54 16.13 -31.42
CA SER C 149 -17.86 14.71 -31.44
C SER C 149 -18.79 14.35 -30.29
N LYS C 150 -18.55 14.92 -29.09
CA LYS C 150 -19.49 14.72 -28.01
C LYS C 150 -20.87 15.25 -28.38
N ARG C 151 -20.91 16.42 -29.02
CA ARG C 151 -22.20 17.02 -29.30
C ARG C 151 -23.02 16.17 -30.24
N ILE C 152 -22.38 15.60 -31.28
CA ILE C 152 -23.11 14.85 -32.30
C ILE C 152 -23.61 13.53 -31.71
N ALA C 153 -22.84 12.92 -30.80
CA ALA C 153 -23.23 11.66 -30.17
C ALA C 153 -24.39 11.85 -29.21
N GLU C 154 -24.39 12.98 -28.48
CA GLU C 154 -25.53 13.33 -27.65
C GLU C 154 -26.81 13.52 -28.46
N PHE C 155 -26.71 13.98 -29.73
CA PHE C 155 -27.94 14.16 -30.50
C PHE C 155 -28.45 12.83 -31.06
N ALA C 156 -27.53 11.98 -31.54
CA ALA C 156 -27.94 10.65 -31.98
C ALA C 156 -28.74 9.94 -30.90
N PHE C 157 -28.28 10.02 -29.64
CA PHE C 157 -29.03 9.37 -28.57
C PHE C 157 -30.32 10.12 -28.26
N GLU C 158 -30.26 11.46 -28.21
CA GLU C 158 -31.49 12.24 -28.24
C GLU C 158 -32.42 11.81 -29.37
N TYR C 159 -31.90 11.61 -30.58
CA TYR C 159 -32.78 11.22 -31.69
C TYR C 159 -33.40 9.85 -31.42
N ALA C 160 -32.58 8.89 -31.00
CA ALA C 160 -33.08 7.53 -30.83
C ALA C 160 -34.09 7.44 -29.71
N ARG C 161 -33.87 8.22 -28.64
CA ARG C 161 -34.83 8.25 -27.53
C ARG C 161 -36.17 8.83 -27.99
N ASN C 162 -36.15 9.95 -28.73
CA ASN C 162 -37.40 10.64 -29.08
C ASN C 162 -38.14 9.98 -30.26
N ASN C 163 -37.49 9.12 -31.04
CA ASN C 163 -38.16 8.47 -32.15
C ASN C 163 -38.17 6.96 -31.96
N HIS C 164 -38.19 6.51 -30.71
CA HIS C 164 -38.27 5.09 -30.33
C HIS C 164 -37.41 4.22 -31.22
N ARG C 165 -36.11 4.45 -31.13
CA ARG C 165 -35.13 3.77 -31.97
C ARG C 165 -34.32 2.83 -31.08
N SER C 166 -34.03 1.63 -31.59
CA SER C 166 -33.50 0.57 -30.73
C SER C 166 -32.02 0.79 -30.45
N ASN C 167 -31.23 0.91 -31.52
CA ASN C 167 -29.78 0.87 -31.50
C ASN C 167 -29.22 2.13 -32.13
N VAL C 168 -27.95 2.40 -31.80
CA VAL C 168 -27.16 3.45 -32.43
C VAL C 168 -25.82 2.82 -32.76
N THR C 169 -25.35 3.02 -33.99
CA THR C 169 -24.01 2.56 -34.39
C THR C 169 -23.12 3.76 -34.73
N ALA C 170 -21.99 3.85 -34.04
CA ALA C 170 -20.94 4.79 -34.42
C ALA C 170 -20.11 4.19 -35.56
N VAL C 171 -20.03 4.89 -36.69
CA VAL C 171 -19.30 4.46 -37.88
C VAL C 171 -18.02 5.28 -38.01
N HIS C 172 -16.90 4.62 -38.28
CA HIS C 172 -15.61 5.29 -38.14
C HIS C 172 -14.52 4.54 -38.90
N LYS C 173 -13.34 5.16 -38.96
CA LYS C 173 -12.14 4.49 -39.49
C LYS C 173 -10.98 4.67 -38.52
N ALA C 174 -11.24 4.40 -37.23
CA ALA C 174 -10.20 4.55 -36.21
C ALA C 174 -8.99 3.67 -36.47
N ASN C 175 -9.12 2.63 -37.30
CA ASN C 175 -7.97 1.80 -37.63
C ASN C 175 -7.00 2.54 -38.54
N ILE C 176 -7.50 3.46 -39.36
CA ILE C 176 -6.66 4.21 -40.30
C ILE C 176 -6.31 5.58 -39.74
N MET C 177 -7.27 6.30 -39.18
CA MET C 177 -7.02 7.57 -38.56
C MET C 177 -7.15 7.38 -37.04
N ARG C 178 -6.11 6.80 -36.44
CA ARG C 178 -6.17 6.43 -35.03
C ARG C 178 -6.43 7.62 -34.12
N MET C 179 -5.76 8.75 -34.37
CA MET C 179 -5.88 9.86 -33.43
C MET C 179 -7.18 10.61 -33.62
N SER C 180 -7.53 10.95 -34.85
CA SER C 180 -8.73 11.74 -35.06
C SER C 180 -9.99 10.89 -34.91
N ASP C 181 -10.12 9.85 -35.72
CA ASP C 181 -11.34 9.04 -35.62
C ASP C 181 -11.41 8.34 -34.26
N GLY C 182 -10.26 7.98 -33.68
CA GLY C 182 -10.27 7.45 -32.33
C GLY C 182 -10.91 8.39 -31.33
N LEU C 183 -10.53 9.67 -31.37
CA LEU C 183 -11.15 10.65 -30.48
C LEU C 183 -12.64 10.75 -30.72
N PHE C 184 -13.07 10.75 -32.00
CA PHE C 184 -14.50 10.73 -32.26
C PHE C 184 -15.14 9.49 -31.68
N LEU C 185 -14.51 8.34 -31.90
CA LEU C 185 -15.09 7.11 -31.39
C LEU C 185 -15.06 7.12 -29.86
N GLN C 186 -14.05 7.77 -29.28
CA GLN C 186 -13.98 7.85 -27.83
C GLN C 186 -15.11 8.71 -27.26
N LYS C 187 -15.41 9.85 -27.88
CA LYS C 187 -16.45 10.68 -27.31
C LYS C 187 -17.81 10.01 -27.47
N CYS C 188 -17.95 9.23 -28.54
CA CYS C 188 -19.16 8.44 -28.74
C CYS C 188 -19.30 7.43 -27.63
N ARG C 189 -18.21 6.73 -27.31
CA ARG C 189 -18.25 5.72 -26.26
C ARG C 189 -18.64 6.33 -24.92
N GLU C 190 -18.12 7.51 -24.62
CA GLU C 190 -18.38 8.12 -23.32
C GLU C 190 -19.86 8.47 -23.17
N VAL C 191 -20.44 9.11 -24.20
CA VAL C 191 -21.88 9.37 -24.22
C VAL C 191 -22.67 8.06 -24.20
N ALA C 192 -22.18 7.06 -24.94
CA ALA C 192 -22.82 5.76 -24.96
C ALA C 192 -23.01 5.15 -23.56
N GLU C 193 -22.12 5.47 -22.60
CA GLU C 193 -22.25 4.95 -21.24
C GLU C 193 -23.30 5.69 -20.40
N SER C 194 -23.60 6.93 -20.73
CA SER C 194 -24.67 7.66 -20.06
C SER C 194 -26.03 7.48 -20.74
N CYS C 195 -26.12 6.55 -21.69
CA CYS C 195 -27.36 6.27 -22.42
C CYS C 195 -27.51 4.76 -22.57
N LYS C 196 -27.28 4.04 -21.48
CA LYS C 196 -27.34 2.59 -21.52
C LYS C 196 -28.72 2.05 -21.89
N ASP C 197 -29.75 2.88 -21.92
CA ASP C 197 -31.04 2.39 -22.38
C ASP C 197 -31.17 2.37 -23.90
N ILE C 198 -30.22 2.92 -24.63
CA ILE C 198 -30.11 2.73 -26.07
C ILE C 198 -28.91 1.83 -26.31
N LYS C 199 -29.09 0.76 -27.10
CA LYS C 199 -27.97 -0.11 -27.42
C LYS C 199 -27.00 0.61 -28.40
N PHE C 200 -25.70 0.48 -28.13
CA PHE C 200 -24.70 1.18 -28.92
C PHE C 200 -23.63 0.19 -29.36
N ASN C 201 -23.15 0.35 -30.59
CA ASN C 201 -21.99 -0.43 -31.03
C ASN C 201 -21.25 0.36 -32.09
N GLU C 202 -20.05 -0.14 -32.42
CA GLU C 202 -19.13 0.49 -33.35
C GLU C 202 -18.94 -0.39 -34.57
N MET C 203 -18.75 0.24 -35.71
CA MET C 203 -18.35 -0.50 -36.89
C MET C 203 -17.45 0.37 -37.75
N TYR C 204 -16.67 -0.29 -38.62
CA TYR C 204 -15.80 0.40 -39.56
C TYR C 204 -16.58 0.85 -40.79
N LEU C 205 -16.18 1.98 -41.35
CA LEU C 205 -16.93 2.55 -42.46
C LEU C 205 -16.95 1.61 -43.64
N ASP C 206 -15.81 1.01 -43.95
CA ASP C 206 -15.76 0.10 -45.09
C ASP C 206 -16.63 -1.12 -44.83
N THR C 207 -16.61 -1.65 -43.61
CA THR C 207 -17.51 -2.73 -43.30
C THR C 207 -18.96 -2.28 -43.45
N VAL C 208 -19.24 -1.05 -43.05
CA VAL C 208 -20.64 -0.63 -43.05
C VAL C 208 -21.14 -0.52 -44.48
N CYS C 209 -20.28 -0.13 -45.43
CA CYS C 209 -20.73 0.00 -46.81
C CYS C 209 -20.91 -1.35 -47.49
N LEU C 210 -20.02 -2.32 -47.22
CA LEU C 210 -20.23 -3.63 -47.82
C LEU C 210 -21.45 -4.31 -47.24
N ASN C 211 -21.70 -4.14 -45.94
CA ASN C 211 -22.90 -4.73 -45.34
C ASN C 211 -24.15 -3.95 -45.74
N MET C 212 -24.01 -2.63 -45.86
CA MET C 212 -25.15 -1.78 -46.19
C MET C 212 -25.85 -2.27 -47.44
N VAL C 213 -25.10 -2.81 -48.39
CA VAL C 213 -25.64 -3.13 -49.71
C VAL C 213 -25.97 -4.61 -49.84
N GLN C 214 -25.40 -5.46 -48.99
CA GLN C 214 -25.90 -6.82 -48.91
C GLN C 214 -27.19 -6.89 -48.08
N ASP C 215 -27.25 -6.18 -46.96
CA ASP C 215 -28.40 -6.26 -46.08
C ASP C 215 -28.55 -4.98 -45.26
N PRO C 216 -29.41 -4.05 -45.70
CA PRO C 216 -29.61 -2.81 -44.95
C PRO C 216 -30.51 -2.95 -43.73
N SER C 217 -31.17 -4.08 -43.55
CA SER C 217 -32.07 -4.16 -42.41
C SER C 217 -31.29 -4.22 -41.11
N GLN C 218 -30.03 -4.67 -41.16
CA GLN C 218 -29.29 -4.91 -39.94
C GLN C 218 -28.94 -3.62 -39.21
N PHE C 219 -29.20 -2.46 -39.82
CA PHE C 219 -28.79 -1.16 -39.34
C PHE C 219 -29.99 -0.35 -38.86
N ASP C 220 -29.72 0.64 -38.03
CA ASP C 220 -30.72 1.48 -37.39
C ASP C 220 -30.30 2.95 -37.42
N VAL C 221 -29.90 3.48 -36.27
CA VAL C 221 -29.41 4.84 -36.20
C VAL C 221 -27.90 4.83 -36.32
N LEU C 222 -27.37 5.62 -37.23
CA LEU C 222 -25.93 5.69 -37.47
C LEU C 222 -25.44 7.10 -37.21
N VAL C 223 -24.24 7.23 -36.65
CA VAL C 223 -23.64 8.53 -36.35
C VAL C 223 -22.16 8.45 -36.70
N MET C 224 -21.65 9.44 -37.43
CA MET C 224 -20.29 9.36 -37.94
C MET C 224 -19.76 10.78 -38.16
N PRO C 225 -18.45 10.91 -38.46
CA PRO C 225 -17.90 12.23 -38.83
C PRO C 225 -18.41 12.67 -40.19
N ASN C 226 -18.21 13.95 -40.46
CA ASN C 226 -18.76 14.66 -41.61
C ASN C 226 -18.68 13.93 -42.93
N LEU C 227 -17.48 13.79 -43.50
CA LEU C 227 -17.35 13.22 -44.83
C LEU C 227 -18.04 11.87 -44.90
N TYR C 228 -17.84 11.00 -43.89
CA TYR C 228 -18.50 9.70 -43.89
C TYR C 228 -20.03 9.83 -43.93
N GLY C 229 -20.59 10.86 -43.32
CA GLY C 229 -22.05 11.03 -43.35
C GLY C 229 -22.54 11.56 -44.69
N ASP C 230 -21.85 12.57 -45.23
CA ASP C 230 -22.22 13.09 -46.54
C ASP C 230 -22.33 11.97 -47.56
N ILE C 231 -21.59 10.86 -47.36
CA ILE C 231 -21.52 9.78 -48.32
C ILE C 231 -22.58 8.76 -47.97
N LEU C 232 -22.48 8.22 -46.75
CA LEU C 232 -23.41 7.18 -46.32
C LEU C 232 -24.85 7.60 -46.50
N SER C 233 -25.16 8.87 -46.22
CA SER C 233 -26.53 9.35 -46.36
C SER C 233 -27.00 9.29 -47.81
N ASP C 234 -26.12 9.58 -48.77
CA ASP C 234 -26.53 9.44 -50.16
C ASP C 234 -26.60 7.96 -50.57
N LEU C 235 -25.64 7.14 -50.11
CA LEU C 235 -25.78 5.70 -50.28
C LEU C 235 -27.17 5.24 -49.85
N CYS C 236 -27.52 5.52 -48.58
CA CYS C 236 -28.76 5.02 -48.01
C CYS C 236 -29.97 5.53 -48.78
N ALA C 237 -29.93 6.80 -49.18
CA ALA C 237 -30.98 7.34 -50.03
C ALA C 237 -31.05 6.58 -51.36
N GLY C 238 -29.91 6.11 -51.87
CA GLY C 238 -29.93 5.28 -53.06
C GLY C 238 -30.64 3.95 -52.87
N LEU C 239 -30.82 3.52 -51.63
CA LEU C 239 -31.49 2.25 -51.37
C LEU C 239 -33.01 2.35 -51.42
N ILE C 240 -33.58 3.55 -51.33
CA ILE C 240 -35.03 3.70 -51.19
C ILE C 240 -35.67 4.41 -52.37
N GLY C 241 -34.87 4.99 -53.27
CA GLY C 241 -35.43 5.50 -54.51
C GLY C 241 -34.86 6.83 -54.95
N GLY C 242 -33.76 7.27 -54.34
CA GLY C 242 -33.14 8.52 -54.73
C GLY C 242 -33.50 9.69 -53.82
N LEU C 243 -33.00 10.87 -54.18
CA LEU C 243 -33.25 12.08 -53.39
C LEU C 243 -34.68 12.62 -53.51
N GLY C 244 -35.46 12.15 -54.49
CA GLY C 244 -36.80 12.67 -54.60
C GLY C 244 -37.79 12.15 -53.59
N VAL C 245 -37.39 11.18 -52.79
CA VAL C 245 -38.30 10.61 -51.79
C VAL C 245 -37.62 10.64 -50.43
N THR C 246 -36.61 11.50 -50.26
CA THR C 246 -35.71 11.43 -49.12
C THR C 246 -35.77 12.69 -48.26
N PRO C 247 -36.26 12.60 -47.04
CA PRO C 247 -36.33 13.79 -46.18
C PRO C 247 -34.98 14.10 -45.53
N SER C 248 -34.82 15.37 -45.17
CA SER C 248 -33.60 15.84 -44.55
C SER C 248 -33.91 16.83 -43.45
N GLY C 249 -33.22 16.69 -42.32
CA GLY C 249 -33.23 17.70 -41.28
C GLY C 249 -31.83 18.19 -40.98
N ASN C 250 -31.74 19.46 -40.57
CA ASN C 250 -30.50 20.05 -40.05
C ASN C 250 -30.79 20.70 -38.69
N ILE C 251 -30.30 20.10 -37.63
CA ILE C 251 -30.55 20.60 -36.28
C ILE C 251 -29.42 21.54 -35.91
N GLY C 252 -29.76 22.66 -35.28
CA GLY C 252 -28.74 23.64 -34.92
C GLY C 252 -28.79 24.23 -33.52
N ALA C 253 -28.13 25.38 -33.35
CA ALA C 253 -28.06 25.99 -32.03
C ALA C 253 -29.37 26.71 -31.69
N ASN C 254 -29.57 26.94 -30.40
CA ASN C 254 -30.71 27.71 -29.88
C ASN C 254 -32.05 27.13 -30.31
N GLY C 255 -32.12 25.80 -30.36
CA GLY C 255 -33.36 25.16 -30.75
C GLY C 255 -33.74 25.28 -32.22
N VAL C 256 -32.83 25.74 -33.06
CA VAL C 256 -33.16 25.97 -34.47
C VAL C 256 -33.01 24.67 -35.25
N ALA C 257 -34.01 24.33 -36.04
CA ALA C 257 -33.90 23.20 -36.97
C ALA C 257 -34.52 23.60 -38.30
N ILE C 258 -33.87 23.20 -39.39
CA ILE C 258 -34.32 23.52 -40.74
C ILE C 258 -34.45 22.21 -41.49
N PHE C 259 -35.65 21.94 -42.00
CA PHE C 259 -35.94 20.70 -42.69
C PHE C 259 -36.11 20.99 -44.17
N GLU C 260 -35.43 20.22 -45.00
CA GLU C 260 -35.15 20.64 -46.37
C GLU C 260 -35.33 19.46 -47.29
N SER C 261 -35.38 19.76 -48.59
CA SER C 261 -35.33 18.74 -49.62
C SER C 261 -33.91 18.74 -50.17
N VAL C 262 -33.35 17.56 -50.35
CA VAL C 262 -31.95 17.49 -50.80
C VAL C 262 -31.81 17.46 -52.31
N HIS C 263 -32.91 17.36 -53.06
CA HIS C 263 -32.90 17.34 -54.51
C HIS C 263 -32.80 18.75 -55.07
N GLY C 264 -32.62 18.83 -56.38
CA GLY C 264 -32.29 20.08 -57.03
C GLY C 264 -33.52 20.85 -57.49
N THR C 265 -33.25 21.97 -58.17
CA THR C 265 -34.29 22.94 -58.53
C THR C 265 -35.21 22.44 -59.62
N ALA C 266 -34.74 21.54 -60.49
CA ALA C 266 -35.49 20.99 -61.61
C ALA C 266 -36.07 22.09 -62.50
N PRO C 267 -35.23 22.99 -63.00
CA PRO C 267 -35.76 24.20 -63.68
C PRO C 267 -36.53 23.91 -64.96
N ASP C 268 -36.32 22.75 -65.59
CA ASP C 268 -37.03 22.46 -66.82
C ASP C 268 -38.51 22.20 -66.55
N ILE C 269 -38.86 21.64 -65.39
CA ILE C 269 -40.26 21.29 -65.11
C ILE C 269 -40.93 22.30 -64.17
N ALA C 270 -40.29 23.45 -63.95
CA ALA C 270 -40.90 24.50 -63.14
C ALA C 270 -42.06 25.13 -63.89
N GLY C 271 -43.14 25.45 -63.17
CA GLY C 271 -44.28 26.04 -63.85
C GLY C 271 -45.29 24.98 -64.26
N LYS C 272 -44.82 23.98 -65.01
CA LYS C 272 -45.57 22.75 -65.26
C LYS C 272 -46.08 22.15 -63.96
N ASP C 273 -47.13 21.36 -64.05
CA ASP C 273 -47.58 20.61 -62.89
C ASP C 273 -46.95 19.22 -62.92
N MET C 274 -45.63 19.23 -62.83
CA MET C 274 -44.84 18.02 -62.96
C MET C 274 -43.99 17.69 -61.75
N ALA C 275 -43.80 18.63 -60.81
CA ALA C 275 -42.87 18.39 -59.72
C ALA C 275 -43.42 17.34 -58.77
N ASN C 276 -42.53 16.69 -58.02
CA ASN C 276 -42.97 15.74 -57.00
C ASN C 276 -42.68 16.33 -55.62
N PRO C 277 -43.68 16.49 -54.76
CA PRO C 277 -43.45 17.07 -53.43
C PRO C 277 -43.12 16.09 -52.33
N THR C 278 -43.09 14.77 -52.60
CA THR C 278 -42.91 13.79 -51.53
C THR C 278 -41.74 14.12 -50.62
N ALA C 279 -40.58 14.44 -51.20
CA ALA C 279 -39.39 14.74 -50.42
C ALA C 279 -39.63 15.88 -49.43
N LEU C 280 -40.12 17.02 -49.92
CA LEU C 280 -40.34 18.14 -49.01
C LEU C 280 -41.44 17.83 -47.99
N LEU C 281 -42.49 17.12 -48.43
CA LEU C 281 -43.56 16.79 -47.50
C LEU C 281 -43.05 15.88 -46.40
N LEU C 282 -42.32 14.83 -46.77
CA LEU C 282 -41.76 13.93 -45.75
C LEU C 282 -40.84 14.69 -44.81
N SER C 283 -40.13 15.68 -45.34
CA SER C 283 -39.32 16.54 -44.48
C SER C 283 -40.20 17.35 -43.56
N ALA C 284 -41.37 17.77 -44.04
CA ALA C 284 -42.27 18.50 -43.14
C ALA C 284 -42.77 17.61 -41.99
N VAL C 285 -42.96 16.29 -42.22
CA VAL C 285 -43.39 15.43 -41.11
C VAL C 285 -42.21 15.08 -40.20
N MET C 286 -41.00 15.07 -40.74
CA MET C 286 -39.84 15.16 -39.86
C MET C 286 -39.95 16.35 -38.93
N MET C 287 -40.26 17.51 -39.50
CA MET C 287 -40.43 18.71 -38.70
C MET C 287 -41.52 18.53 -37.66
N LEU C 288 -42.70 18.03 -38.07
CA LEU C 288 -43.79 17.85 -37.12
C LEU C 288 -43.34 17.03 -35.91
N ARG C 289 -42.82 15.82 -36.17
CA ARG C 289 -42.31 14.98 -35.09
C ARG C 289 -41.29 15.73 -34.24
N HIS C 290 -40.45 16.56 -34.88
CA HIS C 290 -39.51 17.36 -34.10
C HIS C 290 -40.25 18.34 -33.18
N MET C 291 -41.42 18.82 -33.60
CA MET C 291 -42.18 19.75 -32.79
C MET C 291 -43.08 19.05 -31.79
N GLY C 292 -43.11 17.72 -31.82
CA GLY C 292 -43.98 16.98 -30.93
C GLY C 292 -45.38 16.81 -31.44
N LEU C 293 -45.65 17.16 -32.69
CA LEU C 293 -46.97 16.98 -33.29
C LEU C 293 -47.11 15.58 -33.89
N PHE C 294 -46.74 14.56 -33.09
CA PHE C 294 -46.61 13.19 -33.58
C PHE C 294 -47.89 12.68 -34.23
N ASP C 295 -49.05 13.03 -33.66
CA ASP C 295 -50.30 12.53 -34.21
C ASP C 295 -50.57 13.12 -35.59
N HIS C 296 -50.40 14.44 -35.72
CA HIS C 296 -50.54 15.07 -37.03
C HIS C 296 -49.54 14.54 -38.05
N ALA C 297 -48.28 14.36 -37.62
CA ALA C 297 -47.27 13.83 -38.53
C ALA C 297 -47.65 12.44 -39.00
N ALA C 298 -48.02 11.57 -38.06
CA ALA C 298 -48.36 10.18 -38.38
C ALA C 298 -49.44 10.11 -39.44
N ARG C 299 -50.39 11.04 -39.40
CA ARG C 299 -51.49 11.02 -40.37
C ARG C 299 -51.01 11.43 -41.77
N ILE C 300 -50.33 12.59 -41.86
CA ILE C 300 -49.85 13.06 -43.17
C ILE C 300 -48.86 12.07 -43.77
N GLU C 301 -47.97 11.50 -42.94
CA GLU C 301 -47.09 10.44 -43.41
C GLU C 301 -47.89 9.26 -43.92
N ALA C 302 -48.74 8.68 -43.06
CA ALA C 302 -49.49 7.49 -43.42
C ALA C 302 -50.41 7.71 -44.61
N ALA C 303 -50.80 8.96 -44.87
CA ALA C 303 -51.71 9.31 -45.95
C ALA C 303 -50.99 9.68 -47.23
N CYS C 304 -49.68 9.57 -47.27
CA CYS C 304 -48.87 9.75 -48.46
C CYS C 304 -48.26 8.42 -48.88
N PHE C 305 -47.83 7.63 -47.90
CA PHE C 305 -47.49 6.24 -48.13
C PHE C 305 -48.65 5.51 -48.80
N ALA C 306 -49.87 5.72 -48.29
CA ALA C 306 -51.05 5.15 -48.92
C ALA C 306 -51.20 5.63 -50.35
N THR C 307 -51.07 6.94 -50.57
CA THR C 307 -51.22 7.53 -51.89
C THR C 307 -50.20 6.97 -52.88
N ILE C 308 -49.06 6.49 -52.39
CA ILE C 308 -48.10 5.86 -53.26
C ILE C 308 -48.34 4.34 -53.36
N LYS C 309 -48.85 3.71 -52.29
CA LYS C 309 -49.03 2.26 -52.32
C LYS C 309 -50.01 1.86 -53.41
N ASP C 310 -51.15 2.56 -53.51
CA ASP C 310 -52.18 2.21 -54.50
C ASP C 310 -51.74 2.62 -55.90
N GLY C 311 -50.82 3.58 -55.97
CA GLY C 311 -50.13 3.89 -57.21
C GLY C 311 -50.99 4.46 -58.30
N LYS C 312 -52.20 4.87 -57.95
CA LYS C 312 -53.12 5.37 -58.98
C LYS C 312 -52.55 6.60 -59.70
N SER C 313 -51.75 7.43 -59.01
CA SER C 313 -51.42 8.71 -59.67
C SER C 313 -50.07 9.25 -59.14
N LEU C 314 -49.01 8.53 -59.47
CA LEU C 314 -47.68 9.02 -59.19
C LEU C 314 -47.31 10.11 -60.19
N THR C 315 -46.23 10.84 -59.89
CA THR C 315 -45.73 11.89 -60.76
C THR C 315 -44.75 11.29 -61.77
N LYS C 316 -44.26 12.12 -62.68
CA LYS C 316 -43.40 11.66 -63.76
C LYS C 316 -42.23 10.82 -63.24
N ASP C 317 -41.52 11.35 -62.23
CA ASP C 317 -40.31 10.73 -61.71
C ASP C 317 -40.58 9.41 -60.99
N LEU C 318 -41.75 9.25 -60.37
CA LEU C 318 -42.00 8.06 -59.57
C LEU C 318 -42.46 6.87 -60.38
N GLY C 319 -42.33 6.94 -61.71
CA GLY C 319 -42.82 5.88 -62.56
C GLY C 319 -44.33 5.94 -62.67
N GLY C 320 -44.83 7.08 -63.16
CA GLY C 320 -46.25 7.33 -63.27
C GLY C 320 -46.47 8.42 -64.30
N ASN C 321 -47.75 8.79 -64.48
CA ASN C 321 -48.15 9.74 -65.52
C ASN C 321 -48.94 10.94 -65.02
N ALA C 322 -49.28 10.99 -63.72
CA ALA C 322 -50.16 12.03 -63.17
C ALA C 322 -49.39 13.34 -62.98
N LYS C 323 -50.04 14.33 -62.37
CA LYS C 323 -49.50 15.67 -62.21
C LYS C 323 -49.32 16.00 -60.73
N CYS C 324 -48.78 17.20 -60.46
CA CYS C 324 -48.58 17.63 -59.08
C CYS C 324 -49.90 17.90 -58.38
N SER C 325 -50.91 18.33 -59.13
CA SER C 325 -52.22 18.59 -58.54
C SER C 325 -52.85 17.30 -58.03
N ASP C 326 -52.87 16.26 -58.88
CA ASP C 326 -53.59 15.04 -58.52
C ASP C 326 -52.91 14.33 -57.37
N PHE C 327 -51.58 14.18 -57.45
CA PHE C 327 -50.82 13.60 -56.35
C PHE C 327 -51.10 14.35 -55.06
N THR C 328 -51.02 15.67 -55.09
CA THR C 328 -51.34 16.45 -53.90
C THR C 328 -52.78 16.21 -53.46
N GLU C 329 -53.72 16.15 -54.41
CA GLU C 329 -55.13 16.07 -54.05
C GLU C 329 -55.47 14.74 -53.42
N GLU C 330 -54.88 13.66 -53.92
CA GLU C 330 -55.09 12.37 -53.28
C GLU C 330 -54.67 12.40 -51.82
N ILE C 331 -53.53 13.03 -51.52
CA ILE C 331 -53.05 13.08 -50.15
C ILE C 331 -54.00 13.88 -49.27
N CYS C 332 -54.53 14.99 -49.81
CA CYS C 332 -55.47 15.79 -49.03
C CYS C 332 -56.71 14.97 -48.69
N ARG C 333 -57.30 14.30 -49.69
CA ARG C 333 -58.47 13.47 -49.48
C ARG C 333 -58.25 12.45 -48.38
N ARG C 334 -57.14 11.71 -48.43
CA ARG C 334 -56.94 10.62 -47.49
C ARG C 334 -56.54 11.10 -46.10
N VAL C 335 -55.93 12.29 -45.98
CA VAL C 335 -55.60 12.81 -44.66
C VAL C 335 -56.84 13.29 -43.92
N LYS C 336 -58.03 13.20 -44.54
CA LYS C 336 -59.25 13.59 -43.86
C LYS C 336 -59.96 12.43 -43.16
N ASP C 337 -59.79 11.20 -43.62
CA ASP C 337 -60.31 10.04 -42.89
C ASP C 337 -59.24 9.45 -41.95
N SER D 14 10.11 -23.98 -63.84
CA SER D 14 8.85 -23.42 -63.33
C SER D 14 8.84 -21.86 -63.32
N PHE D 15 8.11 -21.29 -62.33
CA PHE D 15 7.79 -19.87 -62.18
C PHE D 15 7.78 -19.52 -60.69
N PRO D 16 8.72 -18.74 -60.21
CA PRO D 16 8.74 -18.44 -58.78
C PRO D 16 7.81 -17.28 -58.41
N VAL D 17 7.02 -17.44 -57.35
CA VAL D 17 6.08 -16.42 -56.91
C VAL D 17 6.12 -16.36 -55.39
N THR D 18 6.37 -15.19 -54.83
CA THR D 18 6.47 -15.08 -53.39
C THR D 18 5.05 -15.05 -52.82
N MET D 19 4.82 -15.83 -51.75
CA MET D 19 3.50 -15.99 -51.13
C MET D 19 3.56 -15.49 -49.69
N LEU D 20 2.76 -14.47 -49.37
CA LEU D 20 2.62 -13.95 -48.01
C LEU D 20 1.27 -14.41 -47.46
N PRO D 21 1.19 -15.59 -46.83
CA PRO D 21 -0.13 -16.13 -46.41
C PRO D 21 -0.89 -15.17 -45.53
N GLY D 22 -0.19 -14.47 -44.64
CA GLY D 22 -0.83 -13.55 -43.75
C GLY D 22 -1.56 -14.20 -42.57
N ASP D 23 -2.63 -13.57 -42.15
CA ASP D 23 -3.32 -13.92 -40.93
C ASP D 23 -4.71 -14.43 -41.26
N GLY D 24 -5.43 -14.83 -40.21
CA GLY D 24 -6.79 -15.29 -40.36
C GLY D 24 -6.88 -16.43 -41.35
N VAL D 25 -7.92 -16.39 -42.18
CA VAL D 25 -8.11 -17.41 -43.19
C VAL D 25 -6.99 -17.44 -44.22
N GLY D 26 -6.17 -16.39 -44.27
CA GLY D 26 -5.05 -16.28 -45.19
C GLY D 26 -4.30 -17.58 -45.43
N PRO D 27 -3.70 -18.13 -44.37
CA PRO D 27 -3.02 -19.43 -44.55
C PRO D 27 -3.93 -20.52 -45.06
N GLU D 28 -5.23 -20.45 -44.78
CA GLU D 28 -6.15 -21.46 -45.31
C GLU D 28 -6.48 -21.21 -46.77
N LEU D 29 -6.80 -19.95 -47.11
CA LEU D 29 -7.03 -19.61 -48.52
C LEU D 29 -5.80 -19.91 -49.36
N MET D 30 -4.60 -19.69 -48.81
CA MET D 30 -3.41 -20.06 -49.55
C MET D 30 -3.29 -21.57 -49.70
N HIS D 31 -3.71 -22.34 -48.70
CA HIS D 31 -3.71 -23.78 -48.88
C HIS D 31 -4.63 -24.18 -50.03
N ALA D 32 -5.66 -23.38 -50.27
CA ALA D 32 -6.55 -23.68 -51.38
C ALA D 32 -5.88 -23.40 -52.72
N VAL D 33 -5.18 -22.26 -52.85
CA VAL D 33 -4.48 -21.95 -54.10
C VAL D 33 -3.57 -23.10 -54.49
N LYS D 34 -2.88 -23.69 -53.51
CA LYS D 34 -1.88 -24.70 -53.84
C LYS D 34 -2.47 -26.08 -54.02
N GLU D 35 -3.62 -26.37 -53.41
CA GLU D 35 -4.29 -27.62 -53.74
C GLU D 35 -4.91 -27.54 -55.13
N VAL D 36 -5.36 -26.35 -55.53
CA VAL D 36 -5.89 -26.20 -56.88
C VAL D 36 -4.76 -26.08 -57.91
N PHE D 37 -3.63 -25.48 -57.55
CA PHE D 37 -2.49 -25.46 -58.47
C PHE D 37 -1.91 -26.85 -58.66
N LYS D 38 -1.82 -27.64 -57.58
CA LYS D 38 -1.35 -29.00 -57.72
C LYS D 38 -2.26 -29.77 -58.67
N ALA D 39 -3.58 -29.63 -58.48
CA ALA D 39 -4.52 -30.40 -59.28
C ALA D 39 -4.46 -30.01 -60.75
N ALA D 40 -4.04 -28.78 -61.03
CA ALA D 40 -4.00 -28.28 -62.40
C ALA D 40 -2.59 -28.31 -62.98
N ALA D 41 -1.64 -28.90 -62.26
CA ALA D 41 -0.27 -29.00 -62.71
C ALA D 41 0.25 -27.65 -63.18
N VAL D 42 -0.08 -26.62 -62.40
CA VAL D 42 0.38 -25.25 -62.61
C VAL D 42 1.88 -25.15 -62.40
N PRO D 43 2.65 -24.73 -63.42
CA PRO D 43 4.11 -24.71 -63.28
C PRO D 43 4.62 -23.57 -62.41
N VAL D 44 4.17 -23.48 -61.16
CA VAL D 44 4.52 -22.36 -60.28
C VAL D 44 5.05 -22.89 -58.97
N GLU D 45 6.19 -22.36 -58.50
CA GLU D 45 6.78 -22.72 -57.20
C GLU D 45 6.65 -21.53 -56.27
N PHE D 46 5.79 -21.66 -55.26
CA PHE D 46 5.60 -20.60 -54.27
C PHE D 46 6.76 -20.59 -53.29
N GLN D 47 7.26 -19.40 -53.00
CA GLN D 47 8.32 -19.20 -52.04
C GLN D 47 7.69 -18.51 -50.85
N GLU D 48 7.51 -19.26 -49.75
CA GLU D 48 6.59 -18.88 -48.68
C GLU D 48 7.36 -18.11 -47.59
N HIS D 49 7.00 -16.84 -47.40
CA HIS D 49 7.56 -16.02 -46.33
C HIS D 49 6.62 -16.10 -45.13
N HIS D 50 7.01 -16.94 -44.16
CA HIS D 50 6.06 -17.54 -43.23
C HIS D 50 5.31 -16.48 -42.43
N LEU D 51 5.97 -15.40 -42.06
CA LEU D 51 5.38 -14.34 -41.27
C LEU D 51 5.47 -13.03 -42.02
N SER D 52 4.67 -12.07 -41.57
CA SER D 52 4.47 -10.84 -42.32
C SER D 52 5.75 -10.03 -42.46
N LYS D 62 15.11 -7.17 -41.49
CA LYS D 62 13.89 -7.90 -41.14
C LYS D 62 12.93 -8.02 -42.34
N LEU D 63 12.22 -6.92 -42.65
CA LEU D 63 11.16 -6.99 -43.65
C LEU D 63 11.69 -7.16 -45.07
N GLU D 64 12.89 -6.63 -45.36
CA GLU D 64 13.39 -6.44 -46.72
C GLU D 64 13.63 -7.75 -47.46
N GLN D 65 13.54 -8.90 -46.81
CA GLN D 65 13.72 -10.13 -47.54
C GLN D 65 12.58 -10.36 -48.52
N VAL D 66 11.38 -9.84 -48.21
CA VAL D 66 10.27 -9.93 -49.15
C VAL D 66 10.55 -9.07 -50.37
N LEU D 67 11.24 -7.94 -50.20
CA LEU D 67 11.54 -7.07 -51.34
C LEU D 67 12.65 -7.66 -52.21
N SER D 68 13.68 -8.24 -51.58
CA SER D 68 14.73 -8.95 -52.32
C SER D 68 14.18 -10.18 -53.02
N SER D 69 13.19 -10.85 -52.42
CA SER D 69 12.50 -11.93 -53.12
C SER D 69 11.61 -11.36 -54.21
N MET D 70 10.97 -10.22 -53.95
CA MET D 70 10.18 -9.60 -55.00
C MET D 70 11.05 -9.11 -56.15
N LYS D 71 12.33 -8.80 -55.88
CA LYS D 71 13.18 -8.28 -56.95
C LYS D 71 13.40 -9.32 -58.03
N GLU D 72 13.62 -10.58 -57.63
CA GLU D 72 13.79 -11.64 -58.62
C GLU D 72 12.45 -12.19 -59.12
N ASN D 73 11.48 -12.41 -58.24
CA ASN D 73 10.23 -13.06 -58.66
C ASN D 73 9.29 -12.10 -59.38
N LYS D 74 9.20 -10.85 -58.92
CA LYS D 74 8.42 -9.77 -59.53
C LYS D 74 6.92 -9.92 -59.28
N VAL D 75 6.46 -11.08 -58.83
CA VAL D 75 5.03 -11.34 -58.65
C VAL D 75 4.81 -11.94 -57.26
N ALA D 76 3.73 -11.51 -56.59
CA ALA D 76 3.36 -12.06 -55.30
C ALA D 76 1.85 -12.30 -55.21
N ILE D 77 1.48 -13.12 -54.23
CA ILE D 77 0.08 -13.34 -53.88
C ILE D 77 -0.01 -13.33 -52.36
N ILE D 78 -0.86 -12.46 -51.80
CA ILE D 78 -0.85 -12.22 -50.37
C ILE D 78 -2.24 -12.35 -49.79
N GLY D 79 -2.30 -12.70 -48.51
CA GLY D 79 -3.47 -12.50 -47.67
C GLY D 79 -3.52 -11.09 -47.12
N LYS D 80 -4.11 -10.96 -45.92
CA LYS D 80 -4.02 -9.73 -45.15
C LYS D 80 -3.05 -9.93 -43.99
N ILE D 81 -2.74 -8.83 -43.29
CA ILE D 81 -1.85 -8.92 -42.12
C ILE D 81 -2.17 -7.87 -41.06
N ALA D 92 3.05 4.79 -40.13
CA ALA D 92 2.02 4.18 -40.97
C ALA D 92 1.62 2.80 -40.41
N SER D 93 1.18 1.87 -41.27
CA SER D 93 0.70 0.55 -40.90
C SER D 93 1.62 -0.54 -41.45
N TYR D 94 1.44 -1.77 -40.94
CA TYR D 94 2.28 -2.89 -41.38
C TYR D 94 2.11 -3.18 -42.86
N ASP D 95 0.86 -3.33 -43.31
CA ASP D 95 0.63 -3.69 -44.70
C ASP D 95 0.83 -2.50 -45.64
N MET D 96 0.57 -1.27 -45.17
CA MET D 96 0.95 -0.10 -45.95
C MET D 96 2.39 0.33 -45.71
N ARG D 97 3.14 -0.42 -44.90
CA ARG D 97 4.59 -0.34 -44.98
C ARG D 97 5.11 -1.13 -46.17
N LEU D 98 4.66 -2.39 -46.29
CA LEU D 98 4.97 -3.21 -47.46
C LEU D 98 4.68 -2.48 -48.76
N ARG D 99 3.51 -1.84 -48.88
CA ARG D 99 3.14 -1.18 -50.12
C ARG D 99 4.06 -0.02 -50.47
N ARG D 100 4.72 0.62 -49.48
CA ARG D 100 5.70 1.65 -49.79
C ARG D 100 7.02 1.04 -50.29
N LYS D 101 7.51 0.00 -49.63
CA LYS D 101 8.79 -0.59 -50.06
C LYS D 101 8.69 -1.14 -51.50
N LEU D 102 7.50 -1.55 -51.93
CA LEU D 102 7.29 -2.14 -53.25
C LEU D 102 6.59 -1.20 -54.20
N ASP D 103 6.23 0.00 -53.72
CA ASP D 103 5.71 1.06 -54.57
C ASP D 103 4.40 0.64 -55.22
N LEU D 104 3.63 -0.22 -54.54
CA LEU D 104 2.33 -0.64 -55.04
C LEU D 104 1.40 0.57 -54.99
N PHE D 105 1.48 1.40 -56.02
CA PHE D 105 0.68 2.61 -55.98
C PHE D 105 -0.73 2.40 -56.51
N ALA D 106 -0.92 1.46 -57.43
CA ALA D 106 -2.19 1.31 -58.11
C ALA D 106 -2.86 0.01 -57.64
N ASN D 107 -4.08 0.13 -57.12
CA ASN D 107 -4.91 -1.01 -56.75
C ASN D 107 -6.08 -1.16 -57.73
N VAL D 108 -6.34 -2.41 -58.16
CA VAL D 108 -7.37 -2.72 -59.13
C VAL D 108 -8.28 -3.79 -58.54
N VAL D 109 -9.59 -3.52 -58.55
CA VAL D 109 -10.59 -4.50 -58.11
C VAL D 109 -11.56 -4.75 -59.26
N HIS D 110 -11.68 -6.04 -59.65
CA HIS D 110 -12.61 -6.45 -60.71
C HIS D 110 -13.94 -6.85 -60.07
N VAL D 111 -14.98 -6.03 -60.28
CA VAL D 111 -16.29 -6.27 -59.69
C VAL D 111 -17.12 -6.90 -60.80
N LYS D 112 -17.21 -8.24 -60.79
CA LYS D 112 -17.93 -8.98 -61.84
C LYS D 112 -18.84 -10.03 -61.23
N SER D 113 -20.09 -10.02 -61.68
CA SER D 113 -21.06 -11.02 -61.27
C SER D 113 -20.58 -12.43 -61.63
N LEU D 114 -20.92 -13.38 -60.78
CA LEU D 114 -20.72 -14.78 -61.09
C LEU D 114 -22.06 -15.41 -61.47
N PRO D 115 -22.20 -15.94 -62.69
CA PRO D 115 -23.53 -16.36 -63.19
C PRO D 115 -24.37 -17.19 -62.23
N GLY D 116 -23.77 -18.11 -61.48
CA GLY D 116 -24.61 -18.89 -60.59
C GLY D 116 -25.07 -18.19 -59.32
N TYR D 117 -24.37 -17.13 -58.91
CA TYR D 117 -24.51 -16.55 -57.57
C TYR D 117 -25.37 -15.29 -57.70
N MET D 118 -26.63 -15.40 -57.32
CA MET D 118 -27.58 -14.33 -57.61
C MET D 118 -27.55 -13.31 -56.47
N THR D 119 -27.44 -12.04 -56.85
CA THR D 119 -27.45 -10.89 -55.94
C THR D 119 -28.49 -9.92 -56.45
N ARG D 120 -28.52 -8.70 -55.93
CA ARG D 120 -29.47 -7.70 -56.39
C ARG D 120 -28.98 -6.95 -57.61
N HIS D 121 -27.76 -7.20 -58.09
CA HIS D 121 -27.23 -6.57 -59.31
C HIS D 121 -26.39 -7.63 -60.02
N ASN D 122 -27.05 -8.41 -60.87
CA ASN D 122 -26.40 -9.43 -61.69
C ASN D 122 -25.97 -8.83 -63.02
N ASN D 123 -25.08 -9.53 -63.73
CA ASN D 123 -24.60 -9.09 -65.05
C ASN D 123 -23.96 -7.70 -64.99
N LEU D 124 -23.21 -7.44 -63.92
CA LEU D 124 -22.56 -6.16 -63.71
C LEU D 124 -21.07 -6.32 -63.97
N ASP D 125 -20.43 -5.32 -64.58
CA ASP D 125 -18.97 -5.46 -64.79
C ASP D 125 -18.27 -4.11 -64.66
N LEU D 126 -17.65 -3.88 -63.50
CA LEU D 126 -16.88 -2.68 -63.22
C LEU D 126 -15.49 -3.04 -62.76
N VAL D 127 -14.56 -2.10 -62.93
CA VAL D 127 -13.24 -2.19 -62.33
C VAL D 127 -12.98 -0.95 -61.50
N ILE D 128 -12.58 -1.14 -60.24
CA ILE D 128 -12.23 -0.03 -59.37
C ILE D 128 -10.70 0.12 -59.41
N ILE D 129 -10.24 1.33 -59.72
CA ILE D 129 -8.83 1.68 -59.70
C ILE D 129 -8.61 2.71 -58.61
N ARG D 130 -7.81 2.34 -57.62
CA ARG D 130 -7.63 3.14 -56.41
C ARG D 130 -6.16 3.46 -56.27
N GLU D 131 -5.85 4.73 -55.99
CA GLU D 131 -4.52 5.13 -55.54
C GLU D 131 -4.28 4.73 -54.08
N GLN D 132 -3.08 4.23 -53.77
CA GLN D 132 -2.84 3.59 -52.48
C GLN D 132 -1.74 4.17 -51.60
N THR D 133 -1.04 5.24 -52.00
CA THR D 133 0.11 5.70 -51.23
C THR D 133 -0.10 7.03 -50.51
N GLU D 134 -1.01 7.86 -50.98
CA GLU D 134 -1.26 9.18 -50.39
C GLU D 134 -2.53 9.17 -49.54
N GLY D 135 -3.03 10.36 -49.25
CA GLY D 135 -4.29 10.55 -48.58
C GLY D 135 -4.12 10.62 -47.09
N GLU D 136 -5.07 10.01 -46.37
CA GLU D 136 -5.07 9.93 -44.92
C GLU D 136 -4.18 8.82 -44.38
N TYR D 137 -3.63 7.99 -45.26
CA TYR D 137 -3.12 6.69 -44.86
C TYR D 137 -1.68 6.72 -44.41
N SER D 138 -1.14 7.88 -44.08
CA SER D 138 0.24 7.93 -43.62
C SER D 138 0.37 8.41 -42.18
N SER D 139 -0.73 8.43 -41.42
CA SER D 139 -0.69 8.76 -39.98
C SER D 139 0.01 10.08 -39.72
N LEU D 140 -0.34 11.11 -40.50
CA LEU D 140 0.14 12.47 -40.25
C LEU D 140 -0.89 13.20 -39.41
N GLU D 141 -0.95 12.79 -38.15
CA GLU D 141 -1.88 13.33 -37.19
C GLU D 141 -1.14 13.91 -36.01
N HIS D 142 -1.73 14.92 -35.38
CA HIS D 142 -1.20 15.45 -34.15
C HIS D 142 -2.34 16.11 -33.36
N GLU D 143 -1.96 16.67 -32.21
CA GLU D 143 -2.86 17.35 -31.28
C GLU D 143 -2.44 18.81 -31.24
N SER D 144 -3.26 19.71 -31.79
CA SER D 144 -2.86 21.11 -31.71
C SER D 144 -3.31 21.77 -30.42
N ALA D 145 -4.14 21.10 -29.65
CA ALA D 145 -4.67 21.63 -28.40
C ALA D 145 -5.39 20.49 -27.71
N ARG D 146 -5.69 20.68 -26.42
CA ARG D 146 -6.38 19.61 -25.71
C ARG D 146 -7.73 19.36 -26.40
N GLY D 147 -7.91 18.13 -26.89
CA GLY D 147 -9.17 17.79 -27.52
C GLY D 147 -9.34 18.30 -28.93
N VAL D 148 -8.26 18.56 -29.65
CA VAL D 148 -8.29 19.06 -31.02
C VAL D 148 -7.27 18.25 -31.81
N ILE D 149 -7.74 17.40 -32.72
CA ILE D 149 -6.85 16.54 -33.49
C ILE D 149 -6.86 17.03 -34.92
N GLU D 150 -5.67 17.12 -35.54
CA GLU D 150 -5.53 17.34 -36.98
C GLU D 150 -5.01 16.07 -37.62
N CYS D 151 -5.67 15.66 -38.70
CA CYS D 151 -5.22 14.62 -39.64
C CYS D 151 -4.95 15.28 -40.98
N LEU D 152 -3.75 15.11 -41.54
CA LEU D 152 -3.45 15.64 -42.87
C LEU D 152 -3.84 14.63 -43.94
N LYS D 153 -4.51 15.10 -44.99
CA LYS D 153 -4.75 14.33 -46.21
C LYS D 153 -3.85 14.90 -47.31
N ILE D 154 -3.01 14.05 -47.90
CA ILE D 154 -2.02 14.50 -48.88
C ILE D 154 -2.46 14.12 -50.28
N VAL D 155 -2.42 15.09 -51.20
CA VAL D 155 -2.66 14.84 -52.61
C VAL D 155 -1.54 15.53 -53.40
N THR D 156 -0.81 14.78 -54.22
CA THR D 156 0.26 15.37 -55.00
C THR D 156 -0.02 15.21 -56.48
N ARG D 157 0.60 16.09 -57.27
CA ARG D 157 0.51 15.98 -58.73
C ARG D 157 1.16 14.68 -59.21
N ALA D 158 2.31 14.32 -58.63
CA ALA D 158 3.01 13.10 -58.99
C ALA D 158 2.07 11.89 -59.01
N LYS D 159 1.43 11.61 -57.88
CA LYS D 159 0.73 10.33 -57.80
C LYS D 159 -0.64 10.40 -58.44
N SER D 160 -1.22 11.59 -58.57
CA SER D 160 -2.49 11.68 -59.28
C SER D 160 -2.30 11.39 -60.76
N GLN D 161 -1.31 12.02 -61.39
CA GLN D 161 -0.97 11.70 -62.76
C GLN D 161 -0.67 10.21 -62.95
N ARG D 162 0.10 9.61 -62.05
CA ARG D 162 0.48 8.20 -62.21
C ARG D 162 -0.74 7.28 -62.15
N ILE D 163 -1.72 7.59 -61.30
CA ILE D 163 -2.90 6.73 -61.20
C ILE D 163 -3.89 7.07 -62.29
N ALA D 164 -3.87 8.29 -62.79
CA ALA D 164 -4.77 8.63 -63.89
C ALA D 164 -4.31 7.97 -65.19
N LYS D 165 -3.02 8.08 -65.51
CA LYS D 165 -2.53 7.39 -66.69
C LYS D 165 -2.70 5.88 -66.55
N PHE D 166 -2.47 5.35 -65.34
CA PHE D 166 -2.70 3.92 -65.11
C PHE D 166 -4.10 3.55 -65.50
N ALA D 167 -5.08 4.35 -65.06
CA ALA D 167 -6.47 4.03 -65.32
C ALA D 167 -6.77 3.99 -66.81
N PHE D 168 -6.22 4.94 -67.57
CA PHE D 168 -6.46 4.94 -69.01
C PHE D 168 -5.64 3.87 -69.72
N ASP D 169 -4.40 3.65 -69.25
CA ASP D 169 -3.61 2.50 -69.69
C ASP D 169 -4.37 1.21 -69.43
N TYR D 170 -4.99 1.10 -68.24
CA TYR D 170 -5.82 -0.07 -67.96
C TYR D 170 -6.97 -0.17 -68.94
N ALA D 171 -7.69 0.93 -69.15
CA ALA D 171 -8.89 0.85 -69.97
C ALA D 171 -8.57 0.47 -71.41
N THR D 172 -7.38 0.84 -71.92
CA THR D 172 -7.05 0.51 -73.31
C THR D 172 -6.53 -0.93 -73.43
N LYS D 173 -5.54 -1.32 -72.60
CA LYS D 173 -5.06 -2.71 -72.61
C LYS D 173 -6.23 -3.71 -72.55
N LYS D 174 -7.18 -3.49 -71.63
CA LYS D 174 -8.30 -4.40 -71.38
C LYS D 174 -9.55 -4.04 -72.19
N GLY D 175 -9.55 -2.92 -72.89
CA GLY D 175 -10.62 -2.69 -73.83
C GLY D 175 -11.92 -2.18 -73.26
N ARG D 176 -11.92 -1.72 -72.01
CA ARG D 176 -13.00 -0.91 -71.47
C ARG D 176 -13.10 0.41 -72.23
N GLY D 177 -14.27 1.03 -72.19
CA GLY D 177 -14.47 2.27 -72.95
C GLY D 177 -14.76 3.55 -72.20
N LYS D 178 -14.69 3.57 -70.86
CA LYS D 178 -15.02 4.77 -70.09
C LYS D 178 -14.24 4.79 -68.77
N VAL D 179 -13.73 5.96 -68.41
CA VAL D 179 -13.08 6.18 -67.13
C VAL D 179 -13.84 7.29 -66.42
N THR D 180 -14.39 6.98 -65.22
CA THR D 180 -15.08 7.97 -64.39
C THR D 180 -14.19 8.34 -63.20
N ALA D 181 -13.85 9.63 -63.08
CA ALA D 181 -13.05 10.11 -61.96
C ALA D 181 -13.99 10.51 -60.81
N VAL D 182 -13.88 9.82 -59.71
CA VAL D 182 -14.61 10.13 -58.48
C VAL D 182 -13.77 11.07 -57.60
N HIS D 183 -14.41 12.06 -56.98
CA HIS D 183 -13.71 13.08 -56.20
C HIS D 183 -14.70 13.78 -55.28
N LYS D 184 -14.18 14.66 -54.43
CA LYS D 184 -14.98 15.64 -53.71
C LYS D 184 -14.37 17.03 -53.86
N ALA D 185 -14.13 17.42 -55.10
CA ALA D 185 -13.43 18.67 -55.38
C ALA D 185 -14.29 19.91 -55.19
N ASN D 186 -15.62 19.78 -55.10
CA ASN D 186 -16.44 20.96 -54.81
C ASN D 186 -16.33 21.41 -53.37
N ILE D 187 -15.85 20.56 -52.47
CA ILE D 187 -15.66 20.93 -51.07
C ILE D 187 -14.17 21.12 -50.76
N MET D 188 -13.34 20.12 -51.06
CA MET D 188 -11.90 20.26 -50.94
C MET D 188 -11.38 20.72 -52.29
N LYS D 189 -11.37 22.05 -52.49
CA LYS D 189 -11.15 22.64 -53.81
C LYS D 189 -9.71 22.50 -54.28
N LEU D 190 -8.75 22.54 -53.37
CA LEU D 190 -7.39 22.05 -53.58
C LEU D 190 -7.33 20.58 -53.18
N GLY D 191 -6.22 19.92 -53.46
CA GLY D 191 -6.22 18.53 -53.06
C GLY D 191 -7.16 17.71 -53.94
N ASP D 192 -8.44 17.60 -53.58
CA ASP D 192 -9.35 16.91 -54.50
C ASP D 192 -9.46 17.64 -55.83
N GLY D 193 -9.33 18.98 -55.81
CA GLY D 193 -9.23 19.72 -57.06
C GLY D 193 -8.00 19.37 -57.87
N LEU D 194 -6.88 19.07 -57.18
CA LEU D 194 -5.65 18.73 -57.88
C LEU D 194 -5.72 17.32 -58.48
N PHE D 195 -6.39 16.39 -57.78
CA PHE D 195 -6.66 15.08 -58.35
C PHE D 195 -7.48 15.22 -59.65
N LEU D 196 -8.60 15.95 -59.57
CA LEU D 196 -9.44 16.16 -60.74
C LEU D 196 -8.67 16.82 -61.88
N GLN D 197 -7.83 17.80 -61.57
CA GLN D 197 -7.04 18.49 -62.59
C GLN D 197 -6.19 17.50 -63.38
N CYS D 198 -5.33 16.75 -62.68
CA CYS D 198 -4.49 15.74 -63.31
C CYS D 198 -5.33 14.80 -64.18
N CYS D 199 -6.37 14.22 -63.58
CA CYS D 199 -7.26 13.28 -64.26
C CYS D 199 -7.77 13.87 -65.58
N GLU D 200 -8.30 15.09 -65.52
CA GLU D 200 -8.74 15.78 -66.73
C GLU D 200 -7.62 15.95 -67.75
N GLU D 201 -6.36 16.12 -67.30
CA GLU D 201 -5.25 16.29 -68.24
C GLU D 201 -4.93 14.98 -68.96
N VAL D 202 -4.63 13.94 -68.19
CA VAL D 202 -4.38 12.61 -68.77
C VAL D 202 -5.54 12.19 -69.66
N ALA D 203 -6.76 12.54 -69.27
CA ALA D 203 -7.92 12.22 -70.08
C ALA D 203 -7.80 12.73 -71.52
N GLU D 204 -6.98 13.74 -71.75
CA GLU D 204 -6.90 14.30 -73.09
C GLU D 204 -5.97 13.49 -73.97
N LEU D 205 -5.00 12.81 -73.39
CA LEU D 205 -4.13 11.97 -74.18
C LEU D 205 -4.77 10.66 -74.57
N TYR D 206 -6.04 10.43 -74.23
CA TYR D 206 -6.68 9.15 -74.48
C TYR D 206 -8.04 9.38 -75.14
N PRO D 207 -8.03 9.80 -76.41
CA PRO D 207 -9.28 10.28 -77.03
C PRO D 207 -10.32 9.22 -77.27
N LYS D 208 -9.95 7.96 -77.41
CA LYS D 208 -10.97 6.94 -77.70
C LYS D 208 -11.57 6.34 -76.44
N ILE D 209 -11.15 6.80 -75.26
CA ILE D 209 -11.77 6.47 -73.99
C ILE D 209 -12.58 7.66 -73.53
N LYS D 210 -13.82 7.41 -73.11
CA LYS D 210 -14.70 8.47 -72.64
C LYS D 210 -14.40 8.81 -71.18
N PHE D 211 -14.43 10.10 -70.85
CA PHE D 211 -14.01 10.55 -69.53
C PHE D 211 -15.09 11.40 -68.90
N GLU D 212 -15.71 10.88 -67.84
CA GLU D 212 -16.66 11.61 -67.01
C GLU D 212 -16.09 11.81 -65.61
N THR D 213 -16.71 12.72 -64.85
CA THR D 213 -16.33 12.98 -63.47
C THR D 213 -17.57 12.99 -62.61
N MET D 214 -17.45 12.47 -61.39
CA MET D 214 -18.60 12.26 -60.51
C MET D 214 -18.18 12.48 -59.06
N ILE D 215 -19.04 13.14 -58.30
CA ILE D 215 -18.75 13.46 -56.91
C ILE D 215 -18.98 12.24 -56.04
N ILE D 216 -18.11 12.06 -55.03
CA ILE D 216 -17.99 10.77 -54.36
C ILE D 216 -19.33 10.34 -53.77
N ASP D 217 -20.03 11.25 -53.10
CA ASP D 217 -21.27 10.81 -52.48
C ASP D 217 -22.35 10.59 -53.52
N ASN D 218 -22.38 11.35 -54.61
CA ASN D 218 -23.36 11.02 -55.64
C ASN D 218 -23.08 9.65 -56.27
N CYS D 219 -21.78 9.34 -56.45
CA CYS D 219 -21.38 8.10 -57.11
C CYS D 219 -21.82 6.87 -56.30
N CYS D 220 -21.64 6.93 -54.97
CA CYS D 220 -22.12 5.87 -54.07
C CYS D 220 -23.63 5.67 -54.18
N MET D 221 -24.37 6.76 -54.29
CA MET D 221 -25.80 6.61 -54.53
C MET D 221 -26.08 5.96 -55.88
N GLN D 222 -25.28 6.25 -56.91
CA GLN D 222 -25.53 5.61 -58.19
C GLN D 222 -25.17 4.13 -58.16
N LEU D 223 -24.16 3.75 -57.37
CA LEU D 223 -23.74 2.36 -57.39
C LEU D 223 -24.84 1.44 -56.86
N VAL D 224 -25.65 1.88 -55.91
CA VAL D 224 -26.69 0.99 -55.44
C VAL D 224 -27.90 1.04 -56.32
N GLN D 225 -28.01 2.10 -57.13
CA GLN D 225 -29.20 2.36 -57.94
C GLN D 225 -29.05 1.87 -59.37
N ASN D 226 -27.98 2.26 -60.04
CA ASN D 226 -27.73 1.86 -61.42
C ASN D 226 -26.24 1.69 -61.62
N PRO D 227 -25.64 0.66 -60.99
CA PRO D 227 -24.20 0.46 -61.15
C PRO D 227 -23.80 0.24 -62.60
N TYR D 228 -24.73 -0.11 -63.47
CA TYR D 228 -24.39 -0.45 -64.85
C TYR D 228 -23.88 0.74 -65.65
N GLN D 229 -24.00 1.96 -65.14
CA GLN D 229 -23.57 3.16 -65.86
C GLN D 229 -22.07 3.39 -65.83
N PHE D 230 -21.29 2.55 -65.17
CA PHE D 230 -19.87 2.81 -65.02
C PHE D 230 -19.07 1.74 -65.76
N ASP D 231 -17.78 2.03 -65.90
CA ASP D 231 -16.87 1.12 -66.59
C ASP D 231 -15.61 0.95 -65.73
N VAL D 232 -14.62 1.83 -65.93
CA VAL D 232 -13.51 1.99 -65.00
C VAL D 232 -13.79 3.23 -64.16
N LEU D 233 -13.55 3.11 -62.85
CA LEU D 233 -13.59 4.24 -61.93
C LEU D 233 -12.19 4.42 -61.35
N VAL D 234 -11.67 5.64 -61.37
CA VAL D 234 -10.38 5.96 -60.78
C VAL D 234 -10.61 6.98 -59.67
N MET D 235 -9.98 6.76 -58.52
CA MET D 235 -10.23 7.59 -57.35
C MET D 235 -9.00 7.55 -56.46
N PRO D 236 -8.93 8.43 -55.46
CA PRO D 236 -7.82 8.34 -54.48
C PRO D 236 -8.05 7.27 -53.40
N ASN D 237 -7.25 7.32 -52.33
CA ASN D 237 -7.16 6.21 -51.37
C ASN D 237 -8.47 5.92 -50.65
N LEU D 238 -9.04 6.90 -49.94
CA LEU D 238 -10.15 6.60 -49.02
C LEU D 238 -11.41 6.25 -49.80
N TYR D 239 -11.72 7.05 -50.82
CA TYR D 239 -12.82 6.73 -51.72
C TYR D 239 -12.69 5.32 -52.26
N GLY D 240 -11.47 4.95 -52.64
CA GLY D 240 -11.23 3.57 -53.07
C GLY D 240 -11.70 2.56 -52.06
N ASN D 241 -11.23 2.68 -50.81
CA ASN D 241 -11.69 1.82 -49.73
C ASN D 241 -13.21 1.76 -49.70
N ILE D 242 -13.86 2.94 -49.77
CA ILE D 242 -15.32 2.98 -49.71
C ILE D 242 -15.92 2.26 -50.90
N ILE D 243 -15.49 2.62 -52.11
CA ILE D 243 -16.11 2.03 -53.27
C ILE D 243 -15.70 0.58 -53.45
N ASP D 244 -14.45 0.23 -53.09
CA ASP D 244 -14.03 -1.16 -53.09
C ASP D 244 -15.01 -2.03 -52.34
N ASN D 245 -15.27 -1.72 -51.07
CA ASN D 245 -16.14 -2.60 -50.32
C ASN D 245 -17.61 -2.42 -50.71
N LEU D 246 -18.01 -1.19 -51.05
CA LEU D 246 -19.38 -0.95 -51.52
C LEU D 246 -19.72 -1.85 -52.71
N ALA D 247 -18.92 -1.76 -53.78
CA ALA D 247 -19.22 -2.47 -55.01
C ALA D 247 -19.02 -3.97 -54.86
N ALA D 248 -18.06 -4.39 -54.03
CA ALA D 248 -17.96 -5.81 -53.73
C ALA D 248 -19.25 -6.33 -53.10
N GLY D 249 -19.96 -5.48 -52.36
CA GLY D 249 -21.25 -5.87 -51.81
C GLY D 249 -22.29 -6.09 -52.88
N LEU D 250 -22.17 -5.36 -54.00
CA LEU D 250 -23.11 -5.49 -55.09
C LEU D 250 -23.12 -6.90 -55.66
N VAL D 251 -21.95 -7.55 -55.74
CA VAL D 251 -21.75 -8.73 -56.56
C VAL D 251 -21.50 -9.98 -55.73
N GLY D 252 -21.73 -9.94 -54.41
CA GLY D 252 -21.58 -11.14 -53.61
C GLY D 252 -20.64 -11.09 -52.42
N GLY D 253 -19.90 -9.99 -52.26
CA GLY D 253 -19.18 -9.74 -51.03
C GLY D 253 -17.75 -10.24 -51.02
N ALA D 254 -17.15 -10.16 -49.82
CA ALA D 254 -15.72 -10.34 -49.68
C ALA D 254 -15.26 -11.75 -50.01
N GLY D 255 -16.18 -12.69 -50.14
CA GLY D 255 -15.74 -14.03 -50.44
C GLY D 255 -15.43 -14.31 -51.89
N VAL D 256 -15.72 -13.39 -52.81
CA VAL D 256 -15.68 -13.77 -54.22
C VAL D 256 -14.99 -12.73 -55.11
N VAL D 257 -14.49 -11.66 -54.52
CA VAL D 257 -14.10 -10.49 -55.29
C VAL D 257 -12.57 -10.38 -55.25
N PRO D 258 -11.90 -10.51 -56.39
CA PRO D 258 -10.44 -10.44 -56.42
C PRO D 258 -9.90 -9.03 -56.62
N GLY D 259 -8.71 -8.80 -56.07
CA GLY D 259 -7.98 -7.57 -56.33
C GLY D 259 -6.54 -7.84 -56.72
N GLU D 260 -5.91 -6.81 -57.27
CA GLU D 260 -4.47 -6.83 -57.52
C GLU D 260 -3.90 -5.42 -57.42
N SER D 261 -2.66 -5.33 -56.94
CA SER D 261 -1.97 -4.05 -56.75
C SER D 261 -0.68 -4.06 -57.56
N TYR D 262 -0.51 -3.04 -58.40
CA TYR D 262 0.66 -2.94 -59.26
C TYR D 262 1.64 -1.87 -58.76
N SER D 263 2.89 -2.06 -59.13
CA SER D 263 3.87 -0.99 -59.17
C SER D 263 4.29 -0.85 -60.62
N ALA D 264 5.44 -0.25 -60.91
CA ALA D 264 5.91 -0.25 -62.29
C ALA D 264 6.48 -1.60 -62.69
N GLU D 265 7.05 -2.32 -61.74
CA GLU D 265 7.67 -3.63 -61.94
C GLU D 265 6.84 -4.76 -61.36
N TYR D 266 6.34 -4.58 -60.13
CA TYR D 266 5.77 -5.65 -59.33
C TYR D 266 4.26 -5.78 -59.55
N ALA D 267 3.76 -7.00 -59.45
CA ALA D 267 2.32 -7.27 -59.43
C ALA D 267 2.04 -8.13 -58.21
N VAL D 268 1.12 -7.69 -57.36
CA VAL D 268 0.75 -8.42 -56.16
C VAL D 268 -0.76 -8.60 -56.14
N PHE D 269 -1.20 -9.86 -56.02
CA PHE D 269 -2.60 -10.24 -56.18
C PHE D 269 -3.19 -10.60 -54.82
N GLU D 270 -4.30 -9.95 -54.50
CA GLU D 270 -4.96 -10.10 -53.21
C GLU D 270 -6.47 -10.14 -53.44
N THR D 271 -7.22 -10.04 -52.34
CA THR D 271 -8.67 -9.94 -52.38
C THR D 271 -9.07 -8.48 -52.55
N GLY D 272 -10.28 -8.26 -53.07
CA GLY D 272 -10.76 -6.93 -53.39
C GLY D 272 -11.30 -6.11 -52.23
N ALA D 273 -12.22 -6.68 -51.46
CA ALA D 273 -12.76 -6.02 -50.28
C ALA D 273 -11.86 -6.36 -49.09
N ARG D 274 -11.16 -5.34 -48.57
CA ARG D 274 -10.13 -5.53 -47.56
C ARG D 274 -10.51 -4.87 -46.23
N HIS D 275 -11.80 -4.89 -45.88
CA HIS D 275 -12.26 -4.36 -44.60
C HIS D 275 -11.84 -5.29 -43.47
N PRO D 276 -11.93 -4.83 -42.21
CA PRO D 276 -11.32 -5.61 -41.12
C PRO D 276 -12.00 -6.93 -40.82
N PHE D 277 -13.31 -7.05 -41.05
CA PHE D 277 -13.99 -8.32 -40.83
C PHE D 277 -14.30 -9.05 -42.13
N ALA D 278 -13.35 -9.04 -43.07
CA ALA D 278 -13.61 -9.49 -44.43
C ALA D 278 -13.97 -10.97 -44.45
N GLN D 279 -13.08 -11.80 -43.91
CA GLN D 279 -13.39 -13.21 -43.71
C GLN D 279 -12.97 -13.61 -42.28
N ALA D 280 -13.60 -12.99 -41.29
CA ALA D 280 -13.35 -13.34 -39.89
C ALA D 280 -14.18 -14.56 -39.51
N VAL D 281 -13.89 -15.66 -40.19
CA VAL D 281 -14.51 -16.96 -39.95
C VAL D 281 -13.46 -17.89 -39.32
N GLY D 282 -13.93 -19.01 -38.75
CA GLY D 282 -13.04 -19.99 -38.16
C GLY D 282 -12.43 -20.92 -39.19
N ARG D 283 -11.80 -21.99 -38.70
CA ARG D 283 -11.16 -22.93 -39.60
C ARG D 283 -12.22 -23.64 -40.45
N ASN D 284 -11.95 -23.74 -41.76
CA ASN D 284 -12.75 -24.55 -42.69
C ASN D 284 -14.15 -23.97 -42.91
N ILE D 285 -14.25 -22.65 -43.00
CA ILE D 285 -15.54 -21.99 -43.20
C ILE D 285 -15.50 -21.08 -44.43
N ALA D 286 -14.36 -20.42 -44.63
CA ALA D 286 -14.25 -19.28 -45.55
C ALA D 286 -14.36 -19.71 -47.01
N ASN D 287 -14.68 -18.73 -47.86
CA ASN D 287 -14.93 -18.97 -49.26
C ASN D 287 -13.66 -18.68 -50.04
N PRO D 288 -13.06 -19.65 -50.71
CA PRO D 288 -11.81 -19.39 -51.43
C PRO D 288 -12.01 -18.82 -52.83
N THR D 289 -13.23 -18.39 -53.16
CA THR D 289 -13.47 -17.91 -54.53
C THR D 289 -12.65 -16.66 -54.85
N ALA D 290 -12.59 -15.71 -53.91
CA ALA D 290 -11.83 -14.49 -54.14
C ALA D 290 -10.36 -14.81 -54.43
N MET D 291 -9.70 -15.52 -53.52
CA MET D 291 -8.27 -15.75 -53.73
C MET D 291 -8.04 -16.54 -55.01
N LEU D 292 -8.87 -17.57 -55.29
CA LEU D 292 -8.66 -18.43 -56.45
C LEU D 292 -8.82 -17.68 -57.77
N LEU D 293 -9.87 -16.88 -57.90
CA LEU D 293 -9.99 -16.02 -59.08
C LEU D 293 -8.78 -15.09 -59.22
N SER D 294 -8.31 -14.49 -58.11
CA SER D 294 -7.18 -13.58 -58.24
C SER D 294 -5.90 -14.38 -58.52
N ALA D 295 -5.82 -15.60 -57.98
CA ALA D 295 -4.80 -16.56 -58.40
C ALA D 295 -4.84 -16.81 -59.91
N SER D 296 -6.04 -16.99 -60.47
CA SER D 296 -6.09 -17.16 -61.92
C SER D 296 -5.66 -15.87 -62.65
N ASN D 297 -5.96 -14.70 -62.09
CA ASN D 297 -5.50 -13.48 -62.75
C ASN D 297 -3.99 -13.27 -62.62
N MET D 298 -3.37 -13.78 -61.54
CA MET D 298 -1.92 -13.85 -61.47
C MET D 298 -1.36 -14.73 -62.58
N LEU D 299 -1.97 -15.90 -62.80
CA LEU D 299 -1.46 -16.81 -63.82
C LEU D 299 -1.44 -16.14 -65.20
N ARG D 300 -2.47 -15.35 -65.51
CA ARG D 300 -2.45 -14.59 -66.76
C ARG D 300 -1.26 -13.64 -66.80
N HIS D 301 -1.01 -12.91 -65.72
CA HIS D 301 0.11 -11.99 -65.69
C HIS D 301 1.43 -12.71 -65.90
N LEU D 302 1.53 -13.94 -65.41
CA LEU D 302 2.68 -14.81 -65.63
C LEU D 302 2.71 -15.39 -67.03
N ASN D 303 1.74 -15.04 -67.88
CA ASN D 303 1.55 -15.52 -69.25
C ASN D 303 1.17 -17.00 -69.31
N LEU D 304 0.85 -17.62 -68.16
CA LEU D 304 0.33 -18.99 -68.12
C LEU D 304 -1.18 -18.96 -68.38
N GLU D 305 -1.52 -18.62 -69.62
CA GLU D 305 -2.91 -18.31 -69.96
C GLU D 305 -3.81 -19.55 -69.94
N TYR D 306 -3.30 -20.69 -70.40
CA TYR D 306 -4.13 -21.89 -70.35
C TYR D 306 -4.56 -22.18 -68.93
N HIS D 307 -3.61 -22.14 -68.00
CA HIS D 307 -3.91 -22.45 -66.60
C HIS D 307 -4.79 -21.39 -65.95
N SER D 308 -4.59 -20.12 -66.31
CA SER D 308 -5.39 -19.04 -65.75
C SER D 308 -6.86 -19.22 -66.08
N SER D 309 -7.15 -19.62 -67.33
CA SER D 309 -8.52 -19.83 -67.78
C SER D 309 -9.10 -21.16 -67.30
N MET D 310 -8.27 -22.19 -67.18
CA MET D 310 -8.78 -23.46 -66.66
C MET D 310 -9.26 -23.30 -65.22
N ILE D 311 -8.46 -22.66 -64.38
CA ILE D 311 -8.86 -22.48 -63.00
C ILE D 311 -10.03 -21.48 -62.89
N ALA D 312 -10.07 -20.45 -63.73
CA ALA D 312 -11.20 -19.53 -63.70
C ALA D 312 -12.50 -20.24 -64.07
N ASP D 313 -12.46 -21.06 -65.12
CA ASP D 313 -13.67 -21.73 -65.59
C ASP D 313 -14.17 -22.71 -64.56
N ALA D 314 -13.26 -23.48 -63.97
CA ALA D 314 -13.66 -24.43 -62.94
C ALA D 314 -14.45 -23.73 -61.84
N VAL D 315 -13.83 -22.71 -61.22
CA VAL D 315 -14.48 -21.93 -60.18
C VAL D 315 -15.87 -21.49 -60.62
N LYS D 316 -15.95 -20.89 -61.81
CA LYS D 316 -17.23 -20.33 -62.25
C LYS D 316 -18.26 -21.41 -62.52
N LYS D 317 -17.82 -22.57 -63.04
CA LYS D 317 -18.76 -23.66 -63.24
C LYS D 317 -19.25 -24.18 -61.90
N VAL D 318 -18.31 -24.59 -61.03
CA VAL D 318 -18.68 -25.11 -59.72
C VAL D 318 -19.69 -24.18 -59.04
N ILE D 319 -19.48 -22.88 -59.17
CA ILE D 319 -20.43 -21.94 -58.58
C ILE D 319 -21.78 -22.02 -59.31
N LYS D 320 -21.75 -22.06 -60.65
CA LYS D 320 -23.02 -22.03 -61.39
C LYS D 320 -23.85 -23.29 -61.18
N VAL D 321 -23.21 -24.48 -61.19
CA VAL D 321 -23.96 -25.73 -61.05
C VAL D 321 -24.70 -25.76 -59.71
N GLY D 322 -24.08 -25.21 -58.66
CA GLY D 322 -24.75 -25.03 -57.39
C GLY D 322 -24.66 -26.20 -56.43
N LYS D 323 -23.99 -27.29 -56.80
CA LYS D 323 -23.87 -28.43 -55.90
C LYS D 323 -23.19 -28.00 -54.59
N VAL D 324 -22.12 -27.22 -54.69
CA VAL D 324 -21.26 -26.92 -53.56
C VAL D 324 -21.12 -25.40 -53.42
N ARG D 325 -21.61 -24.84 -52.31
CA ARG D 325 -21.47 -23.42 -52.00
C ARG D 325 -21.01 -23.24 -50.57
N THR D 326 -20.09 -22.30 -50.37
CA THR D 326 -19.69 -21.91 -49.03
C THR D 326 -20.87 -21.24 -48.30
N SER D 327 -20.72 -21.08 -46.98
CA SER D 327 -21.81 -20.49 -46.20
C SER D 327 -22.12 -19.07 -46.64
N ASP D 328 -21.12 -18.30 -47.03
CA ASP D 328 -21.38 -16.91 -47.42
C ASP D 328 -22.15 -16.80 -48.72
N MET D 329 -22.20 -17.88 -49.50
CA MET D 329 -23.02 -17.94 -50.71
C MET D 329 -24.32 -18.69 -50.49
N GLY D 330 -24.60 -19.10 -49.27
CA GLY D 330 -25.83 -19.81 -49.00
C GLY D 330 -25.67 -21.26 -48.59
N GLY D 331 -24.95 -22.06 -49.41
CA GLY D 331 -24.74 -23.47 -49.15
C GLY D 331 -24.15 -23.81 -47.79
N TYR D 332 -24.07 -25.09 -47.47
CA TYR D 332 -23.59 -25.52 -46.17
C TYR D 332 -22.17 -26.03 -46.22
N ALA D 333 -21.49 -25.86 -47.36
CA ALA D 333 -20.24 -26.55 -47.59
C ALA D 333 -19.09 -25.86 -46.89
N THR D 334 -18.20 -26.67 -46.33
CA THR D 334 -16.96 -26.16 -45.80
C THR D 334 -16.07 -25.60 -46.93
N CYS D 335 -14.91 -25.11 -46.54
CA CYS D 335 -13.96 -24.58 -47.49
C CYS D 335 -13.18 -25.70 -48.17
N HIS D 336 -12.88 -26.76 -47.43
CA HIS D 336 -12.27 -27.95 -48.03
C HIS D 336 -13.22 -28.60 -49.02
N ASP D 337 -14.47 -28.82 -48.59
CA ASP D 337 -15.50 -29.35 -49.49
C ASP D 337 -15.55 -28.57 -50.79
N PHE D 338 -15.43 -27.25 -50.71
CA PHE D 338 -15.60 -26.43 -51.89
C PHE D 338 -14.38 -26.47 -52.79
N THR D 339 -13.17 -26.42 -52.21
CA THR D 339 -12.03 -26.30 -53.10
C THR D 339 -11.65 -27.65 -53.68
N GLU D 340 -11.90 -28.74 -52.93
CA GLU D 340 -11.66 -30.05 -53.53
C GLU D 340 -12.66 -30.34 -54.64
N GLU D 341 -13.84 -29.72 -54.59
CA GLU D 341 -14.73 -29.77 -55.73
C GLU D 341 -14.14 -29.03 -56.93
N ILE D 342 -13.52 -27.87 -56.68
CA ILE D 342 -12.76 -27.19 -57.74
C ILE D 342 -11.71 -28.14 -58.30
N CYS D 343 -11.00 -28.84 -57.42
CA CYS D 343 -9.91 -29.72 -57.83
C CYS D 343 -10.41 -30.81 -58.76
N ARG D 344 -11.51 -31.48 -58.37
CA ARG D 344 -12.09 -32.51 -59.23
C ARG D 344 -12.37 -31.93 -60.60
N ARG D 345 -13.17 -30.87 -60.66
CA ARG D 345 -13.60 -30.36 -61.96
C ARG D 345 -12.45 -29.80 -62.80
N VAL D 346 -11.29 -29.51 -62.22
CA VAL D 346 -10.20 -28.95 -63.02
C VAL D 346 -9.17 -29.99 -63.45
N LYS D 347 -9.02 -31.09 -62.70
CA LYS D 347 -8.27 -32.23 -63.22
C LYS D 347 -9.00 -32.89 -64.39
N ASP D 348 -10.32 -32.64 -64.52
CA ASP D 348 -11.12 -33.16 -65.62
C ASP D 348 -10.91 -32.37 -66.90
N LEU D 349 -10.87 -31.03 -66.82
CA LEU D 349 -10.54 -30.24 -67.99
C LEU D 349 -9.13 -30.54 -68.50
N ASP D 350 -8.23 -31.04 -67.64
CA ASP D 350 -6.96 -31.62 -68.07
C ASP D 350 -7.09 -33.09 -68.46
N GLU D 351 -8.31 -33.51 -68.84
CA GLU D 351 -8.71 -34.89 -69.16
C GLU D 351 -7.58 -35.88 -69.46
N THR E 1 -1.11 -36.50 48.68
CA THR E 1 -0.40 -35.90 47.55
C THR E 1 -0.42 -36.86 46.34
N GLY E 2 0.39 -36.54 45.32
CA GLY E 2 0.57 -37.39 44.15
C GLY E 2 1.84 -38.24 44.20
N GLY E 3 2.35 -38.44 45.40
CA GLY E 3 3.56 -39.22 45.61
C GLY E 3 4.63 -38.43 46.35
N VAL E 4 5.61 -39.19 46.84
CA VAL E 4 6.78 -38.64 47.52
C VAL E 4 7.80 -38.21 46.47
N GLN E 5 8.12 -36.93 46.45
CA GLN E 5 9.15 -36.40 45.57
C GLN E 5 10.51 -36.44 46.24
N THR E 6 11.51 -36.92 45.53
CA THR E 6 12.87 -36.84 46.02
C THR E 6 13.44 -35.47 45.71
N VAL E 7 13.97 -34.81 46.72
CA VAL E 7 14.71 -33.57 46.56
C VAL E 7 16.19 -33.86 46.75
N THR E 8 17.03 -33.27 45.92
CA THR E 8 18.47 -33.35 46.11
C THR E 8 18.85 -32.38 47.22
N LEU E 9 19.35 -32.91 48.33
CA LEU E 9 19.80 -32.13 49.46
C LEU E 9 21.33 -31.99 49.43
N ILE E 10 21.82 -30.76 49.41
CA ILE E 10 23.25 -30.50 49.49
C ILE E 10 23.53 -29.80 50.81
N PRO E 11 23.80 -30.54 51.89
CA PRO E 11 23.86 -29.89 53.20
C PRO E 11 25.00 -28.88 53.31
N GLY E 12 26.09 -29.10 52.60
CA GLY E 12 27.14 -28.11 52.61
C GLY E 12 28.17 -28.32 53.71
N ASP E 13 28.77 -27.22 54.17
CA ASP E 13 29.89 -27.30 55.08
C ASP E 13 29.60 -26.49 56.34
N GLY E 14 30.35 -26.77 57.40
CA GLY E 14 30.15 -26.07 58.66
C GLY E 14 28.83 -26.46 59.30
N ILE E 15 27.96 -25.47 59.55
CA ILE E 15 26.68 -25.73 60.20
C ILE E 15 25.72 -26.35 59.19
N GLY E 16 26.17 -26.45 57.95
CA GLY E 16 25.33 -26.96 56.89
C GLY E 16 24.60 -28.23 57.26
N PRO E 17 25.34 -29.26 57.67
CA PRO E 17 24.69 -30.50 58.11
C PRO E 17 23.67 -30.28 59.21
N GLU E 18 24.00 -29.47 60.24
CA GLU E 18 23.09 -29.34 61.36
C GLU E 18 21.79 -28.65 60.97
N ILE E 19 21.87 -27.58 60.15
CA ILE E 19 20.62 -26.94 59.73
C ILE E 19 19.90 -27.76 58.66
N SER E 20 20.61 -28.53 57.85
CA SER E 20 19.89 -29.41 56.92
C SER E 20 19.11 -30.47 57.69
N ALA E 21 19.79 -31.17 58.63
CA ALA E 21 19.14 -32.14 59.50
C ALA E 21 17.90 -31.56 60.14
N ALA E 22 17.99 -30.32 60.59
CA ALA E 22 16.85 -29.62 61.17
C ALA E 22 15.71 -29.46 60.16
N VAL E 23 16.02 -29.07 58.92
CA VAL E 23 14.95 -28.88 57.96
C VAL E 23 14.26 -30.21 57.69
N MET E 24 15.06 -31.27 57.47
CA MET E 24 14.52 -32.63 57.35
C MET E 24 13.57 -32.93 58.49
N LYS E 25 13.97 -32.59 59.72
CA LYS E 25 13.15 -32.90 60.88
C LYS E 25 11.85 -32.12 60.86
N ILE E 26 11.92 -30.82 60.61
CA ILE E 26 10.69 -30.02 60.51
C ILE E 26 9.79 -30.56 59.40
N PHE E 27 10.40 -31.03 58.29
CA PHE E 27 9.62 -31.53 57.16
C PHE E 27 8.94 -32.86 57.52
N ASP E 28 9.64 -33.71 58.27
CA ASP E 28 9.02 -34.95 58.73
C ASP E 28 7.79 -34.68 59.58
N ALA E 29 7.93 -33.86 60.63
CA ALA E 29 6.77 -33.55 61.47
C ALA E 29 5.61 -33.01 60.65
N ALA E 30 5.91 -32.09 59.74
CA ALA E 30 4.88 -31.51 58.88
C ALA E 30 4.24 -32.55 57.99
N LYS E 31 4.89 -33.71 57.82
CA LYS E 31 4.43 -34.75 56.91
C LYS E 31 4.55 -34.31 55.47
N ALA E 32 5.49 -33.41 55.19
CA ALA E 32 5.67 -32.96 53.82
C ALA E 32 5.96 -34.18 52.94
N PRO E 33 5.48 -34.20 51.72
CA PRO E 33 5.73 -35.34 50.84
C PRO E 33 7.10 -35.27 50.17
N ILE E 34 8.13 -35.08 50.97
CA ILE E 34 9.49 -34.91 50.48
C ILE E 34 10.33 -36.10 50.92
N GLN E 35 11.16 -36.59 50.02
CA GLN E 35 12.24 -37.54 50.28
C GLN E 35 13.56 -36.84 49.98
N TRP E 36 14.58 -37.09 50.78
CA TRP E 36 15.85 -36.42 50.54
C TRP E 36 16.85 -37.36 49.91
N GLU E 37 17.72 -36.80 49.09
CA GLU E 37 18.82 -37.55 48.50
C GLU E 37 20.04 -36.64 48.56
N GLU E 38 21.00 -36.97 49.43
CA GLU E 38 22.11 -36.08 49.70
C GLU E 38 23.17 -36.20 48.62
N ARG E 39 23.76 -35.07 48.25
CA ARG E 39 24.85 -35.08 47.28
C ARG E 39 25.87 -34.02 47.65
N ASN E 40 27.03 -34.11 47.02
CA ASN E 40 28.07 -33.10 47.11
C ASN E 40 28.17 -32.31 45.83
N VAL E 41 28.30 -31.00 45.97
CA VAL E 41 28.58 -30.15 44.84
C VAL E 41 29.99 -29.62 44.86
N THR E 42 30.82 -30.03 45.83
CA THR E 42 32.16 -29.46 45.96
C THR E 42 33.02 -29.80 44.75
N ALA E 43 33.60 -28.78 44.15
CA ALA E 43 34.23 -28.94 42.84
C ALA E 43 35.43 -29.87 42.91
N ILE E 44 35.72 -30.50 41.78
CA ILE E 44 36.84 -31.43 41.64
C ILE E 44 37.53 -31.15 40.30
N GLN E 45 38.81 -31.48 40.24
CA GLN E 45 39.65 -31.19 39.07
C GLN E 45 39.41 -32.25 38.00
N GLY E 46 38.73 -31.87 36.92
CA GLY E 46 38.46 -32.80 35.84
C GLY E 46 39.65 -32.99 34.89
N PRO E 47 39.36 -33.44 33.66
CA PRO E 47 40.44 -33.62 32.67
C PRO E 47 41.10 -32.29 32.34
N GLY E 48 42.42 -32.24 32.57
CA GLY E 48 43.17 -31.03 32.41
C GLY E 48 43.24 -30.16 33.64
N GLY E 49 42.66 -30.59 34.76
CA GLY E 49 42.60 -29.79 35.96
C GLY E 49 41.39 -28.89 36.05
N LYS E 50 40.65 -28.73 34.94
CA LYS E 50 39.45 -27.93 34.92
C LYS E 50 38.54 -28.33 36.06
N TRP E 51 37.86 -27.35 36.65
CA TRP E 51 36.98 -27.61 37.78
C TRP E 51 35.55 -27.90 37.30
N MET E 52 34.98 -28.98 37.81
CA MET E 52 33.66 -29.44 37.45
C MET E 52 32.94 -29.86 38.72
N ILE E 53 31.61 -29.81 38.69
CA ILE E 53 30.88 -30.34 39.84
C ILE E 53 30.67 -31.84 39.62
N PRO E 54 30.52 -32.62 40.68
CA PRO E 54 30.54 -34.07 40.52
C PRO E 54 29.40 -34.60 39.65
N SER E 55 29.69 -35.72 38.99
CA SER E 55 28.73 -36.42 38.15
C SER E 55 27.41 -36.68 38.88
N GLU E 56 27.46 -37.39 40.01
CA GLU E 56 26.22 -37.79 40.68
C GLU E 56 25.40 -36.59 41.16
N ALA E 57 26.02 -35.41 41.29
CA ALA E 57 25.28 -34.21 41.64
C ALA E 57 24.47 -33.72 40.44
N LYS E 58 25.12 -33.57 39.29
CA LYS E 58 24.42 -33.20 38.07
C LYS E 58 23.31 -34.20 37.75
N GLU E 59 23.60 -35.49 37.83
CA GLU E 59 22.58 -36.48 37.50
C GLU E 59 21.41 -36.40 38.45
N SER E 60 21.68 -36.23 39.74
CA SER E 60 20.60 -36.27 40.70
C SER E 60 19.71 -35.03 40.58
N MET E 61 20.24 -33.95 40.00
CA MET E 61 19.45 -32.73 39.80
C MET E 61 18.84 -32.64 38.41
N ASP E 62 19.39 -33.33 37.42
CA ASP E 62 18.68 -33.51 36.17
C ASP E 62 17.40 -34.30 36.41
N LYS E 63 17.50 -35.43 37.12
CA LYS E 63 16.34 -35.99 37.80
C LYS E 63 15.99 -35.12 39.01
N ASN E 64 14.94 -35.49 39.74
CA ASN E 64 14.55 -34.80 40.98
C ASN E 64 14.17 -33.32 40.75
N LYS E 65 15.03 -32.57 40.05
CA LYS E 65 14.78 -31.19 39.61
C LYS E 65 14.91 -30.17 40.74
N MET E 66 14.40 -30.50 41.92
CA MET E 66 14.46 -29.59 43.06
C MET E 66 15.69 -29.86 43.92
N GLY E 67 16.32 -28.78 44.39
CA GLY E 67 17.47 -28.89 45.28
C GLY E 67 17.32 -27.93 46.44
N LEU E 68 17.87 -28.35 47.59
CA LEU E 68 18.02 -27.51 48.78
C LEU E 68 19.49 -27.51 49.17
N LYS E 69 20.08 -26.32 49.29
CA LYS E 69 21.54 -26.15 49.36
C LYS E 69 21.93 -25.33 50.57
N GLY E 70 22.72 -25.93 51.46
CA GLY E 70 23.26 -25.22 52.60
C GLY E 70 24.44 -24.33 52.23
N PRO E 71 25.04 -23.69 53.23
CA PRO E 71 26.20 -22.83 52.96
C PRO E 71 27.41 -23.64 52.49
N LEU E 72 28.23 -23.02 51.64
CA LEU E 72 29.39 -23.69 51.04
C LEU E 72 30.69 -23.01 51.44
N LYS E 73 31.74 -23.80 51.57
CA LYS E 73 33.07 -23.30 51.89
C LYS E 73 33.65 -22.52 50.71
N THR E 74 34.29 -21.38 51.01
CA THR E 74 35.04 -20.68 49.99
C THR E 74 36.31 -21.48 49.69
N PRO E 75 36.57 -21.84 48.44
CA PRO E 75 37.77 -22.62 48.14
C PRO E 75 39.00 -21.73 48.20
N ILE E 76 40.15 -22.39 48.41
CA ILE E 76 41.40 -21.67 48.62
C ILE E 76 42.18 -21.48 47.32
N ALA E 77 42.02 -22.37 46.34
CA ALA E 77 42.77 -22.24 45.11
C ALA E 77 42.33 -21.00 44.33
N ALA E 78 43.32 -20.28 43.79
CA ALA E 78 43.01 -19.12 42.94
C ALA E 78 42.48 -19.57 41.58
N GLY E 79 43.02 -20.66 41.02
CA GLY E 79 42.45 -21.27 39.83
C GLY E 79 41.02 -21.76 39.98
N HIS E 80 40.45 -21.66 41.18
CA HIS E 80 39.12 -22.19 41.47
C HIS E 80 38.06 -21.17 41.12
N PRO E 81 37.07 -21.50 40.29
CA PRO E 81 35.94 -20.59 40.09
C PRO E 81 35.05 -20.61 41.31
N SER E 82 34.22 -19.58 41.42
CA SER E 82 33.25 -19.56 42.51
C SER E 82 32.22 -20.65 42.30
N MET E 83 31.84 -21.31 43.38
CA MET E 83 30.80 -22.32 43.29
C MET E 83 29.52 -21.76 42.68
N ASN E 84 29.25 -20.47 42.85
CA ASN E 84 28.08 -19.86 42.23
C ASN E 84 28.17 -19.91 40.71
N LEU E 85 29.28 -19.46 40.13
CA LEU E 85 29.44 -19.55 38.67
C LEU E 85 29.32 -21.00 38.21
N LEU E 86 29.90 -21.93 38.96
CA LEU E 86 29.95 -23.32 38.52
C LEU E 86 28.55 -23.91 38.44
N LEU E 87 27.79 -23.79 39.52
CA LEU E 87 26.38 -24.21 39.55
C LEU E 87 25.57 -23.50 38.47
N ARG E 88 25.68 -22.18 38.43
CA ARG E 88 25.02 -21.35 37.42
C ARG E 88 25.21 -21.91 36.02
N LYS E 89 26.46 -22.14 35.61
CA LYS E 89 26.76 -22.70 34.30
C LYS E 89 26.26 -24.13 34.16
N THR E 90 26.30 -24.94 35.24
CA THR E 90 25.91 -26.35 35.13
C THR E 90 24.42 -26.53 34.88
N PHE E 91 23.58 -25.65 35.43
CA PHE E 91 22.12 -25.79 35.29
C PHE E 91 21.46 -24.57 34.66
N ASP E 92 22.25 -23.63 34.12
CA ASP E 92 21.72 -22.43 33.50
C ASP E 92 20.74 -21.75 34.45
N LEU E 93 21.20 -21.46 35.66
CA LEU E 93 20.38 -20.78 36.65
C LEU E 93 20.29 -19.32 36.22
N TYR E 94 19.17 -18.94 35.61
CA TYR E 94 19.10 -17.62 35.00
C TYR E 94 18.48 -16.57 35.92
N ALA E 95 17.66 -16.99 36.90
CA ALA E 95 16.92 -16.07 37.74
C ALA E 95 17.27 -16.34 39.19
N ASN E 96 17.79 -15.32 39.87
CA ASN E 96 17.97 -15.32 41.31
C ASN E 96 16.79 -14.59 41.94
N VAL E 97 16.08 -15.25 42.86
CA VAL E 97 14.83 -14.74 43.41
C VAL E 97 14.96 -14.69 44.93
N ARG E 98 14.70 -13.54 45.52
CA ARG E 98 14.90 -13.34 46.96
C ARG E 98 13.69 -12.63 47.57
N PRO E 99 12.81 -13.37 48.22
CA PRO E 99 11.65 -12.76 48.91
C PRO E 99 12.06 -12.23 50.28
N CYS E 100 11.77 -10.96 50.55
CA CYS E 100 12.21 -10.31 51.77
C CYS E 100 10.99 -9.80 52.53
N VAL E 101 10.61 -10.51 53.59
CA VAL E 101 9.45 -10.13 54.39
C VAL E 101 9.89 -9.92 55.83
N SER E 102 9.47 -8.79 56.43
CA SER E 102 9.79 -8.46 57.81
C SER E 102 9.22 -9.51 58.76
N ILE E 103 10.08 -10.02 59.65
CA ILE E 103 9.74 -11.05 60.62
C ILE E 103 9.13 -10.41 61.87
N GLU E 104 7.93 -10.89 62.28
CA GLU E 104 7.21 -10.24 63.38
C GLU E 104 7.99 -10.27 64.69
N GLY E 105 8.62 -11.38 65.02
CA GLY E 105 9.37 -11.36 66.26
C GLY E 105 10.80 -10.85 66.23
N TYR E 106 11.18 -10.05 65.24
CA TYR E 106 12.57 -9.59 65.07
C TYR E 106 12.57 -8.10 64.70
N LYS E 107 12.65 -7.25 65.74
CA LYS E 107 12.68 -5.81 65.53
C LYS E 107 13.85 -5.44 64.65
N THR E 108 13.54 -4.75 63.55
CA THR E 108 14.46 -4.05 62.68
C THR E 108 13.88 -2.66 62.43
N PRO E 109 14.71 -1.64 62.22
CA PRO E 109 14.15 -0.32 61.90
C PRO E 109 13.06 -0.37 60.84
N TYR E 110 13.01 -1.44 60.02
CA TYR E 110 12.06 -1.56 58.92
C TYR E 110 11.02 -2.62 59.25
N THR E 111 9.75 -2.21 59.29
CA THR E 111 8.64 -3.07 59.68
C THR E 111 7.77 -3.55 58.54
N ASP E 112 7.56 -2.74 57.50
CA ASP E 112 6.54 -3.10 56.52
C ASP E 112 7.11 -3.57 55.18
N VAL E 113 8.06 -4.52 55.22
CA VAL E 113 8.82 -4.91 54.04
C VAL E 113 8.23 -6.18 53.47
N ASN E 114 7.77 -6.13 52.22
CA ASN E 114 7.48 -7.34 51.46
C ASN E 114 7.98 -7.08 50.03
N ILE E 115 9.21 -7.52 49.77
CA ILE E 115 9.91 -7.21 48.52
C ILE E 115 10.55 -8.49 48.00
N VAL E 116 10.27 -8.82 46.74
CA VAL E 116 10.94 -9.93 46.05
C VAL E 116 11.84 -9.34 44.97
N THR E 117 13.11 -9.76 44.94
CA THR E 117 14.04 -9.28 43.91
C THR E 117 14.38 -10.42 42.97
N ILE E 118 13.97 -10.28 41.70
CA ILE E 118 14.30 -11.22 40.64
C ILE E 118 15.49 -10.65 39.90
N ARG E 119 16.56 -11.43 39.78
CA ARG E 119 17.83 -10.91 39.32
C ARG E 119 18.32 -11.77 38.16
N GLU E 120 18.49 -11.14 37.00
CA GLU E 120 19.18 -11.79 35.89
C GLU E 120 20.54 -12.28 36.38
N ASN E 121 20.86 -13.54 36.06
CA ASN E 121 22.00 -14.23 36.66
C ASN E 121 23.04 -14.71 35.66
N THR E 122 22.96 -14.32 34.38
CA THR E 122 23.77 -14.94 33.33
C THR E 122 24.73 -13.99 32.64
N GLU E 123 24.36 -12.72 32.50
CA GLU E 123 25.12 -11.75 31.73
C GLU E 123 25.35 -10.48 32.56
N GLY E 124 25.19 -9.30 31.95
CA GLY E 124 25.41 -8.07 32.68
C GLY E 124 26.89 -7.73 32.85
N GLU E 125 27.19 -7.04 33.95
CA GLU E 125 28.60 -6.83 34.25
C GLU E 125 29.31 -8.11 34.64
N TYR E 126 28.60 -9.23 34.80
CA TYR E 126 29.22 -10.50 35.20
C TYR E 126 29.45 -11.38 33.99
N SER E 127 29.90 -10.77 32.89
CA SER E 127 30.10 -11.52 31.67
C SER E 127 31.34 -12.39 31.74
N GLY E 128 32.23 -12.08 32.68
CA GLY E 128 33.54 -12.70 32.75
C GLY E 128 34.47 -12.31 31.64
N ILE E 129 34.18 -11.22 30.91
CA ILE E 129 34.99 -10.77 29.78
C ILE E 129 35.74 -9.49 30.19
N GLU E 130 37.04 -9.60 30.43
CA GLU E 130 37.83 -8.40 30.68
C GLU E 130 39.12 -8.43 29.89
N HIS E 131 39.50 -7.27 29.35
CA HIS E 131 40.70 -7.11 28.56
C HIS E 131 41.58 -6.02 29.15
N VAL E 132 42.88 -6.31 29.21
CA VAL E 132 43.90 -5.30 29.46
C VAL E 132 44.20 -4.60 28.13
N ILE E 133 43.69 -3.38 27.96
CA ILE E 133 43.83 -2.66 26.68
C ILE E 133 45.26 -2.20 26.46
N VAL E 134 45.77 -1.39 27.37
CA VAL E 134 47.18 -1.02 27.46
C VAL E 134 47.56 -1.17 28.93
N ASP E 135 48.85 -1.04 29.23
CA ASP E 135 49.26 -1.18 30.63
C ASP E 135 48.55 -0.12 31.45
N GLY E 136 47.83 -0.57 32.48
CA GLY E 136 47.18 0.33 33.39
C GLY E 136 45.78 0.74 32.98
N VAL E 137 45.25 0.18 31.90
CA VAL E 137 43.90 0.48 31.41
C VAL E 137 43.18 -0.83 31.13
N VAL E 138 42.05 -1.06 31.80
CA VAL E 138 41.28 -2.29 31.69
C VAL E 138 39.86 -1.95 31.24
N ALA E 139 39.31 -2.80 30.37
CA ALA E 139 37.91 -2.74 29.96
C ALA E 139 37.21 -4.01 30.38
N SER E 140 36.22 -3.87 31.26
CA SER E 140 35.29 -4.93 31.61
C SER E 140 34.05 -4.80 30.74
N ILE E 141 33.59 -5.92 30.21
CA ILE E 141 32.53 -5.92 29.20
C ILE E 141 31.19 -6.24 29.86
N LYS E 142 30.27 -5.30 29.83
CA LYS E 142 28.89 -5.58 30.15
C LYS E 142 28.21 -6.20 28.93
N LEU E 143 27.36 -7.20 29.16
CA LEU E 143 26.60 -7.91 28.12
C LEU E 143 25.12 -7.89 28.45
N ILE E 144 24.32 -7.34 27.54
CA ILE E 144 22.87 -7.35 27.68
C ILE E 144 22.27 -7.86 26.39
N THR E 145 21.71 -9.07 26.41
CA THR E 145 21.05 -9.62 25.24
C THR E 145 19.52 -9.57 25.39
N GLU E 146 18.84 -9.45 24.25
CA GLU E 146 17.38 -9.39 24.31
C GLU E 146 16.77 -10.74 24.74
N GLY E 147 17.43 -11.87 24.42
CA GLY E 147 16.97 -13.15 24.91
C GLY E 147 16.92 -13.19 26.44
N ALA E 148 18.09 -12.91 27.03
CA ALA E 148 18.24 -13.00 28.47
C ALA E 148 17.34 -12.00 29.19
N SER E 149 17.19 -10.80 28.63
CA SER E 149 16.31 -9.82 29.27
C SER E 149 14.86 -10.27 29.22
N LYS E 150 14.39 -10.72 28.06
CA LYS E 150 13.01 -11.16 28.00
C LYS E 150 12.78 -12.34 28.93
N ARG E 151 13.70 -13.31 28.91
CA ARG E 151 13.57 -14.47 29.78
C ARG E 151 13.41 -14.09 31.25
N ILE E 152 14.24 -13.18 31.75
CA ILE E 152 14.14 -12.82 33.15
C ILE E 152 12.85 -12.05 33.39
N ALA E 153 12.40 -11.28 32.41
CA ALA E 153 11.18 -10.50 32.62
C ALA E 153 9.94 -11.39 32.52
N GLU E 154 9.97 -12.38 31.60
CA GLU E 154 8.90 -13.38 31.54
C GLU E 154 8.75 -14.06 32.88
N PHE E 155 9.88 -14.46 33.48
CA PHE E 155 9.81 -15.04 34.82
C PHE E 155 9.17 -14.07 35.80
N ALA E 156 9.70 -12.84 35.89
CA ALA E 156 9.27 -11.94 36.95
C ALA E 156 7.76 -11.75 36.92
N PHE E 157 7.19 -11.61 35.70
CA PHE E 157 5.74 -11.45 35.60
C PHE E 157 5.00 -12.75 35.94
N GLU E 158 5.52 -13.89 35.50
CA GLU E 158 4.92 -15.16 35.91
C GLU E 158 4.92 -15.29 37.43
N TYR E 159 6.09 -15.04 38.05
CA TYR E 159 6.21 -15.10 39.51
C TYR E 159 5.23 -14.15 40.15
N ALA E 160 5.06 -12.97 39.55
CA ALA E 160 4.11 -12.01 40.08
C ALA E 160 2.69 -12.54 40.03
N ARG E 161 2.30 -13.10 38.87
CA ARG E 161 0.95 -13.64 38.75
C ARG E 161 0.73 -14.80 39.71
N ASN E 162 1.73 -15.67 39.85
CA ASN E 162 1.52 -16.90 40.61
C ASN E 162 1.64 -16.70 42.12
N ASN E 163 2.32 -15.66 42.57
CA ASN E 163 2.37 -15.39 43.99
C ASN E 163 1.47 -14.22 44.40
N HIS E 164 0.50 -13.87 43.57
CA HIS E 164 -0.49 -12.83 43.91
C HIS E 164 0.20 -11.51 44.27
N ARG E 165 0.96 -11.01 43.30
CA ARG E 165 1.81 -9.84 43.44
C ARG E 165 1.29 -8.73 42.55
N SER E 166 1.14 -7.53 43.10
CA SER E 166 0.41 -6.49 42.38
C SER E 166 1.27 -5.75 41.36
N ASN E 167 2.57 -5.55 41.64
CA ASN E 167 3.41 -4.68 40.81
C ASN E 167 4.74 -5.33 40.52
N VAL E 168 5.22 -5.14 39.29
CA VAL E 168 6.61 -5.37 38.93
C VAL E 168 7.25 -4.02 38.62
N THR E 169 8.43 -3.79 39.17
CA THR E 169 9.22 -2.59 38.87
C THR E 169 10.53 -3.03 38.24
N ALA E 170 10.71 -2.69 36.96
CA ALA E 170 11.99 -2.85 36.29
C ALA E 170 12.95 -1.75 36.76
N VAL E 171 14.11 -2.15 37.27
CA VAL E 171 15.10 -1.22 37.82
C VAL E 171 16.31 -1.20 36.89
N HIS E 172 16.66 -0.03 36.38
CA HIS E 172 17.64 0.10 35.31
C HIS E 172 18.52 1.29 35.61
N LYS E 173 19.46 1.55 34.70
CA LYS E 173 20.22 2.80 34.65
C LYS E 173 20.34 3.27 33.21
N ALA E 174 19.22 3.19 32.47
CA ALA E 174 19.18 3.48 31.04
C ALA E 174 19.49 4.95 30.70
N ASN E 175 19.51 5.84 31.70
CA ASN E 175 19.96 7.21 31.46
C ASN E 175 21.48 7.30 31.28
N ILE E 176 22.22 6.27 31.70
CA ILE E 176 23.68 6.23 31.60
C ILE E 176 24.11 5.21 30.57
N MET E 177 23.71 3.95 30.77
CA MET E 177 23.99 2.91 29.79
C MET E 177 22.76 2.76 28.92
N ARG E 178 22.65 3.68 27.96
CA ARG E 178 21.43 3.79 27.15
C ARG E 178 21.26 2.59 26.22
N MET E 179 22.32 2.19 25.52
CA MET E 179 22.15 1.07 24.60
C MET E 179 21.82 -0.23 25.32
N SER E 180 22.53 -0.54 26.41
CA SER E 180 22.43 -1.88 26.94
C SER E 180 21.28 -2.03 27.94
N ASP E 181 21.16 -1.09 28.89
CA ASP E 181 20.02 -1.17 29.80
C ASP E 181 18.72 -0.89 29.05
N GLY E 182 18.75 0.04 28.11
CA GLY E 182 17.56 0.36 27.34
C GLY E 182 16.98 -0.84 26.62
N LEU E 183 17.84 -1.75 26.15
CA LEU E 183 17.35 -3.00 25.56
C LEU E 183 16.69 -3.88 26.62
N PHE E 184 17.35 -4.06 27.76
CA PHE E 184 16.74 -4.75 28.88
C PHE E 184 15.38 -4.13 29.22
N LEU E 185 15.34 -2.80 29.32
CA LEU E 185 14.07 -2.11 29.56
C LEU E 185 13.06 -2.37 28.44
N GLN E 186 13.54 -2.36 27.19
CA GLN E 186 12.64 -2.57 26.05
C GLN E 186 11.97 -3.94 26.13
N LYS E 187 12.73 -4.96 26.51
CA LYS E 187 12.14 -6.29 26.59
C LYS E 187 11.15 -6.38 27.76
N CYS E 188 11.48 -5.81 28.93
CA CYS E 188 10.54 -5.81 30.03
C CYS E 188 9.21 -5.22 29.61
N ARG E 189 9.27 -4.09 28.89
CA ARG E 189 8.05 -3.48 28.37
C ARG E 189 7.28 -4.46 27.51
N GLU E 190 7.97 -5.17 26.60
CA GLU E 190 7.28 -6.09 25.72
C GLU E 190 6.54 -7.17 26.49
N VAL E 191 7.11 -7.63 27.61
CA VAL E 191 6.41 -8.62 28.42
C VAL E 191 5.30 -7.97 29.22
N ALA E 192 5.52 -6.75 29.72
CA ALA E 192 4.47 -6.06 30.45
C ALA E 192 3.19 -5.94 29.63
N GLU E 193 3.30 -5.77 28.32
CA GLU E 193 2.08 -5.55 27.53
C GLU E 193 1.29 -6.83 27.34
N SER E 194 1.92 -8.00 27.40
CA SER E 194 1.19 -9.26 27.34
C SER E 194 0.62 -9.66 28.69
N CYS E 195 1.08 -9.06 29.78
CA CYS E 195 0.60 -9.37 31.14
C CYS E 195 -0.01 -8.13 31.77
N LYS E 196 -0.99 -7.52 31.10
CA LYS E 196 -1.53 -6.26 31.59
C LYS E 196 -2.19 -6.41 32.96
N ASP E 197 -2.15 -7.60 33.56
CA ASP E 197 -2.80 -7.86 34.85
C ASP E 197 -1.94 -7.49 36.04
N ILE E 198 -0.62 -7.37 35.85
CA ILE E 198 0.27 -6.85 36.87
C ILE E 198 0.66 -5.44 36.46
N LYS E 199 0.56 -4.49 37.39
CA LYS E 199 0.94 -3.12 37.09
C LYS E 199 2.46 -3.02 36.98
N PHE E 200 2.94 -2.46 35.86
CA PHE E 200 4.35 -2.31 35.55
C PHE E 200 4.78 -0.86 35.70
N ASN E 201 6.03 -0.65 36.15
CA ASN E 201 6.65 0.66 36.05
C ASN E 201 8.16 0.47 36.04
N GLU E 202 8.86 1.47 35.52
CA GLU E 202 10.31 1.54 35.51
C GLU E 202 10.79 2.58 36.51
N MET E 203 11.98 2.35 37.07
CA MET E 203 12.55 3.29 38.03
C MET E 203 14.07 3.15 38.00
N TYR E 204 14.74 4.26 38.26
CA TYR E 204 16.19 4.29 38.22
C TYR E 204 16.80 3.70 39.49
N LEU E 205 17.88 2.94 39.30
CA LEU E 205 18.56 2.24 40.39
C LEU E 205 18.91 3.17 41.54
N ASP E 206 19.52 4.32 41.24
CA ASP E 206 19.87 5.23 42.33
C ASP E 206 18.62 5.70 43.10
N THR E 207 17.50 5.93 42.39
CA THR E 207 16.28 6.33 43.08
C THR E 207 15.73 5.19 43.91
N VAL E 208 15.85 3.96 43.41
CA VAL E 208 15.37 2.81 44.17
C VAL E 208 16.17 2.66 45.47
N CYS E 209 17.51 2.76 45.40
CA CYS E 209 18.29 2.66 46.63
C CYS E 209 17.98 3.78 47.58
N LEU E 210 17.90 5.01 47.06
CA LEU E 210 17.63 6.14 47.94
C LEU E 210 16.22 6.06 48.54
N ASN E 211 15.25 5.58 47.76
CA ASN E 211 13.90 5.40 48.31
C ASN E 211 13.83 4.19 49.23
N MET E 212 14.49 3.09 48.86
CA MET E 212 14.40 1.87 49.66
C MET E 212 14.72 2.14 51.11
N VAL E 213 15.82 2.86 51.36
CA VAL E 213 16.28 3.09 52.72
C VAL E 213 15.27 3.91 53.51
N GLN E 214 14.46 4.72 52.82
CA GLN E 214 13.50 5.60 53.48
C GLN E 214 12.12 4.94 53.64
N ASP E 215 11.54 4.41 52.56
CA ASP E 215 10.22 3.78 52.61
C ASP E 215 10.19 2.51 51.75
N PRO E 216 10.58 1.37 52.31
CA PRO E 216 10.51 0.11 51.54
C PRO E 216 9.10 -0.37 51.28
N SER E 217 8.10 0.11 52.03
CA SER E 217 6.76 -0.43 51.86
C SER E 217 6.16 -0.10 50.50
N GLN E 218 6.82 0.73 49.70
CA GLN E 218 6.33 1.19 48.41
C GLN E 218 6.73 0.27 47.28
N PHE E 219 7.63 -0.68 47.52
CA PHE E 219 8.10 -1.58 46.48
C PHE E 219 7.43 -2.92 46.60
N ASP E 220 7.48 -3.67 45.51
CA ASP E 220 6.86 -4.99 45.52
C ASP E 220 7.84 -5.99 44.91
N VAL E 221 7.68 -6.27 43.62
CA VAL E 221 8.53 -7.22 42.91
C VAL E 221 9.46 -6.42 42.02
N LEU E 222 10.74 -6.78 42.02
CA LEU E 222 11.77 -6.01 41.34
C LEU E 222 12.57 -6.94 40.44
N VAL E 223 12.62 -6.61 39.15
CA VAL E 223 13.38 -7.35 38.14
C VAL E 223 14.45 -6.40 37.61
N MET E 224 15.64 -6.92 37.31
CA MET E 224 16.76 -6.03 37.04
C MET E 224 17.94 -6.82 36.48
N PRO E 225 18.87 -6.14 35.81
CA PRO E 225 20.09 -6.80 35.36
C PRO E 225 20.93 -7.27 36.54
N ASN E 226 21.87 -8.15 36.20
CA ASN E 226 22.70 -8.87 37.15
C ASN E 226 23.29 -8.02 38.29
N LEU E 227 24.25 -7.12 38.01
CA LEU E 227 24.91 -6.39 39.10
C LEU E 227 23.89 -5.59 39.92
N TYR E 228 22.85 -5.06 39.29
CA TYR E 228 21.87 -4.29 40.06
C TYR E 228 21.15 -5.19 41.07
N GLY E 229 20.85 -6.42 40.68
CA GLY E 229 20.19 -7.36 41.57
C GLY E 229 21.07 -7.93 42.67
N ASP E 230 22.34 -8.25 42.33
CA ASP E 230 23.33 -8.65 43.32
C ASP E 230 23.34 -7.70 44.52
N ILE E 231 23.36 -6.39 44.22
CA ILE E 231 23.45 -5.38 45.27
C ILE E 231 22.10 -5.19 45.93
N LEU E 232 21.07 -4.99 45.13
CA LEU E 232 19.74 -4.65 45.65
C LEU E 232 19.18 -5.74 46.56
N SER E 233 19.52 -7.01 46.29
CA SER E 233 19.03 -8.13 47.09
C SER E 233 19.64 -8.13 48.49
N ASP E 234 20.96 -7.92 48.60
CA ASP E 234 21.57 -7.86 49.92
C ASP E 234 21.11 -6.62 50.67
N LEU E 235 21.00 -5.48 49.97
CA LEU E 235 20.46 -4.28 50.58
C LEU E 235 19.08 -4.56 51.20
N CYS E 236 18.20 -5.22 50.43
CA CYS E 236 16.85 -5.52 50.91
C CYS E 236 16.89 -6.51 52.06
N ALA E 237 17.79 -7.50 51.97
CA ALA E 237 17.99 -8.43 53.07
C ALA E 237 18.36 -7.68 54.35
N GLY E 238 19.20 -6.67 54.24
CA GLY E 238 19.53 -5.89 55.42
C GLY E 238 18.30 -5.35 56.11
N LEU E 239 17.30 -4.95 55.32
CA LEU E 239 16.09 -4.34 55.88
C LEU E 239 15.41 -5.22 56.91
N ILE E 240 15.61 -6.53 56.86
CA ILE E 240 14.78 -7.45 57.63
C ILE E 240 15.60 -8.29 58.60
N GLY E 241 16.93 -8.21 58.56
CA GLY E 241 17.72 -8.91 59.55
C GLY E 241 18.94 -9.58 59.00
N GLY E 242 19.18 -9.44 57.69
CA GLY E 242 20.40 -9.96 57.11
C GLY E 242 20.29 -11.39 56.63
N LEU E 243 21.44 -11.93 56.23
CA LEU E 243 21.50 -13.15 55.43
C LEU E 243 20.97 -14.38 56.16
N GLY E 244 20.96 -14.35 57.49
CA GLY E 244 20.62 -15.55 58.23
C GLY E 244 19.14 -15.78 58.42
N VAL E 245 18.29 -14.94 57.83
CA VAL E 245 16.85 -15.15 57.87
C VAL E 245 16.25 -14.98 56.48
N THR E 246 17.10 -14.87 55.45
CA THR E 246 16.58 -14.56 54.13
C THR E 246 16.54 -15.82 53.28
N PRO E 247 15.37 -16.17 52.74
CA PRO E 247 15.31 -17.25 51.76
C PRO E 247 15.85 -16.80 50.42
N SER E 248 16.24 -17.77 49.60
CA SER E 248 16.71 -17.51 48.25
C SER E 248 16.46 -18.73 47.39
N GLY E 249 16.08 -18.49 46.13
CA GLY E 249 16.03 -19.54 45.12
C GLY E 249 16.63 -19.12 43.78
N ASN E 250 17.28 -20.07 43.10
CA ASN E 250 17.77 -19.87 41.75
C ASN E 250 17.00 -20.83 40.83
N ILE E 251 16.28 -20.27 39.87
CA ILE E 251 15.56 -21.07 38.89
C ILE E 251 16.41 -21.20 37.62
N GLY E 252 16.51 -22.42 37.12
CA GLY E 252 17.28 -22.68 35.91
C GLY E 252 16.57 -23.52 34.86
N ALA E 253 17.36 -24.10 33.96
CA ALA E 253 16.80 -24.76 32.79
C ALA E 253 16.36 -26.19 33.14
N ASN E 254 15.47 -26.72 32.29
CA ASN E 254 14.90 -28.06 32.44
C ASN E 254 14.21 -28.24 33.77
N GLY E 255 13.51 -27.20 34.21
CA GLY E 255 12.76 -27.28 35.46
C GLY E 255 13.60 -27.35 36.70
N VAL E 256 14.90 -27.13 36.61
CA VAL E 256 15.77 -27.23 37.77
C VAL E 256 15.65 -25.97 38.61
N ALA E 257 15.69 -26.14 39.92
CA ALA E 257 15.68 -24.98 40.81
C ALA E 257 16.43 -25.39 42.07
N ILE E 258 17.38 -24.54 42.50
CA ILE E 258 18.21 -24.85 43.65
C ILE E 258 17.96 -23.75 44.69
N PHE E 259 17.33 -24.11 45.80
CA PHE E 259 17.02 -23.17 46.87
C PHE E 259 18.07 -23.30 47.97
N GLU E 260 18.58 -22.16 48.42
CA GLU E 260 19.84 -22.11 49.15
C GLU E 260 19.73 -21.13 50.30
N SER E 261 20.58 -21.34 51.29
CA SER E 261 20.86 -20.31 52.30
C SER E 261 22.06 -19.52 51.80
N VAL E 262 21.96 -18.20 51.87
CA VAL E 262 23.03 -17.38 51.31
C VAL E 262 23.90 -16.80 52.42
N HIS E 263 23.77 -17.31 53.64
CA HIS E 263 24.63 -17.00 54.76
C HIS E 263 25.82 -17.93 54.75
N GLY E 264 26.72 -17.72 55.72
CA GLY E 264 27.99 -18.39 55.72
C GLY E 264 28.01 -19.72 56.46
N THR E 265 29.16 -20.37 56.38
CA THR E 265 29.34 -21.72 56.93
C THR E 265 29.37 -21.73 58.44
N ALA E 266 29.60 -20.56 59.06
CA ALA E 266 29.68 -20.34 60.50
C ALA E 266 30.45 -21.46 61.22
N PRO E 267 31.71 -21.70 60.83
CA PRO E 267 32.42 -22.85 61.39
C PRO E 267 32.76 -22.69 62.87
N ASP E 268 32.78 -21.46 63.41
CA ASP E 268 33.07 -21.30 64.84
C ASP E 268 32.05 -22.04 65.69
N ILE E 269 30.77 -22.01 65.29
CA ILE E 269 29.72 -22.73 66.00
C ILE E 269 29.38 -24.05 65.33
N ALA E 270 30.17 -24.47 64.36
CA ALA E 270 29.96 -25.78 63.76
C ALA E 270 30.22 -26.87 64.81
N GLY E 271 29.21 -27.69 65.09
CA GLY E 271 29.38 -28.78 66.01
C GLY E 271 28.66 -28.47 67.30
N LYS E 272 28.89 -27.25 67.82
CA LYS E 272 28.08 -26.77 68.93
C LYS E 272 26.64 -26.65 68.48
N ASP E 273 25.77 -26.38 69.42
CA ASP E 273 24.38 -26.53 69.07
C ASP E 273 23.69 -25.19 68.89
N MET E 274 24.33 -24.32 68.11
CA MET E 274 23.98 -22.91 68.10
C MET E 274 23.44 -22.43 66.76
N ALA E 275 23.42 -23.28 65.73
CA ALA E 275 23.10 -22.85 64.38
C ALA E 275 21.65 -22.39 64.27
N ASN E 276 21.39 -21.45 63.35
CA ASN E 276 20.04 -20.93 63.18
C ASN E 276 19.49 -21.39 61.83
N PRO E 277 18.52 -22.31 61.79
CA PRO E 277 18.05 -22.80 60.50
C PRO E 277 17.02 -21.91 59.83
N THR E 278 16.72 -20.72 60.36
CA THR E 278 15.60 -19.97 59.80
C THR E 278 15.77 -19.70 58.32
N ALA E 279 17.00 -19.38 57.89
CA ALA E 279 17.20 -19.05 56.49
C ALA E 279 17.00 -20.25 55.59
N LEU E 280 17.54 -21.42 55.96
CA LEU E 280 17.44 -22.58 55.07
C LEU E 280 16.03 -23.14 55.07
N LEU E 281 15.36 -23.10 56.24
CA LEU E 281 13.97 -23.52 56.31
C LEU E 281 13.12 -22.72 55.35
N LEU E 282 13.18 -21.40 55.45
CA LEU E 282 12.34 -20.58 54.59
C LEU E 282 12.72 -20.76 53.13
N SER E 283 13.99 -21.11 52.86
CA SER E 283 14.34 -21.50 51.50
C SER E 283 13.60 -22.76 51.09
N ALA E 284 13.53 -23.73 51.99
CA ALA E 284 12.78 -24.94 51.71
C ALA E 284 11.29 -24.64 51.53
N VAL E 285 10.77 -23.65 52.27
CA VAL E 285 9.41 -23.18 52.01
C VAL E 285 9.28 -22.67 50.57
N MET E 286 10.24 -21.84 50.14
CA MET E 286 10.26 -21.42 48.73
C MET E 286 10.18 -22.61 47.81
N MET E 287 11.06 -23.59 48.02
CA MET E 287 11.05 -24.83 47.25
C MET E 287 9.66 -25.43 47.20
N LEU E 288 8.97 -25.45 48.35
CA LEU E 288 7.65 -26.07 48.43
C LEU E 288 6.63 -25.33 47.57
N ARG E 289 6.64 -23.99 47.65
CA ARG E 289 5.70 -23.22 46.86
C ARG E 289 5.98 -23.35 45.36
N HIS E 290 7.26 -23.21 44.98
CA HIS E 290 7.65 -23.56 43.62
C HIS E 290 7.06 -24.91 43.22
N MET E 291 7.14 -25.90 44.10
CA MET E 291 6.69 -27.25 43.77
C MET E 291 5.16 -27.41 43.70
N GLY E 292 4.39 -26.41 44.11
CA GLY E 292 2.95 -26.56 44.18
C GLY E 292 2.42 -27.07 45.50
N LEU E 293 3.30 -27.43 46.43
CA LEU E 293 2.93 -27.94 47.76
C LEU E 293 2.63 -26.77 48.69
N PHE E 294 1.56 -26.06 48.36
CA PHE E 294 1.24 -24.80 49.03
C PHE E 294 0.88 -25.00 50.49
N ASP E 295 0.12 -26.05 50.80
CA ASP E 295 -0.38 -26.20 52.17
C ASP E 295 0.72 -26.60 53.14
N HIS E 296 1.62 -27.50 52.72
CA HIS E 296 2.75 -27.79 53.58
C HIS E 296 3.65 -26.58 53.71
N ALA E 297 3.71 -25.78 52.65
CA ALA E 297 4.48 -24.55 52.73
C ALA E 297 3.94 -23.65 53.84
N ALA E 298 2.63 -23.41 53.86
CA ALA E 298 2.08 -22.45 54.79
C ALA E 298 2.22 -22.92 56.23
N ARG E 299 2.04 -24.23 56.47
CA ARG E 299 2.12 -24.77 57.83
C ARG E 299 3.53 -24.66 58.38
N ILE E 300 4.53 -25.12 57.62
CA ILE E 300 5.90 -24.99 58.08
C ILE E 300 6.23 -23.52 58.27
N GLU E 301 5.79 -22.69 57.34
CA GLU E 301 6.12 -21.28 57.48
C GLU E 301 5.43 -20.70 58.71
N ALA E 302 4.10 -20.87 58.82
CA ALA E 302 3.39 -20.37 59.99
C ALA E 302 4.04 -20.85 61.27
N ALA E 303 4.47 -22.11 61.30
CA ALA E 303 5.01 -22.66 62.56
C ALA E 303 6.32 -21.99 62.94
N CYS E 304 7.17 -21.70 61.95
CA CYS E 304 8.43 -21.04 62.20
C CYS E 304 8.20 -19.59 62.63
N PHE E 305 7.38 -18.87 61.86
CA PHE E 305 7.02 -17.48 62.19
C PHE E 305 6.52 -17.36 63.63
N ALA E 306 5.66 -18.29 64.06
CA ALA E 306 5.11 -18.27 65.42
C ALA E 306 6.19 -18.55 66.46
N THR E 307 7.06 -19.53 66.21
CA THR E 307 8.19 -19.77 67.09
C THR E 307 8.98 -18.48 67.32
N ILE E 308 9.28 -17.77 66.23
CA ILE E 308 10.06 -16.54 66.35
C ILE E 308 9.25 -15.50 67.12
N LYS E 309 7.95 -15.39 66.82
CA LYS E 309 7.13 -14.34 67.39
C LYS E 309 7.06 -14.43 68.91
N ASP E 310 7.07 -15.66 69.44
CA ASP E 310 6.91 -15.90 70.86
C ASP E 310 8.18 -15.59 71.62
N GLY E 311 9.34 -16.01 71.11
CA GLY E 311 10.58 -15.62 71.72
C GLY E 311 11.13 -16.56 72.78
N LYS E 312 10.37 -17.57 73.21
CA LYS E 312 10.95 -18.58 74.09
C LYS E 312 12.24 -19.16 73.48
N SER E 313 12.17 -19.62 72.23
CA SER E 313 13.26 -20.38 71.60
C SER E 313 13.88 -19.57 70.46
N LEU E 314 15.00 -18.92 70.71
CA LEU E 314 15.67 -18.11 69.69
C LEU E 314 17.16 -18.35 69.80
N THR E 315 17.80 -18.64 68.69
CA THR E 315 19.25 -18.85 68.67
C THR E 315 20.00 -17.54 68.98
N LYS E 316 21.28 -17.68 69.37
CA LYS E 316 22.07 -16.53 69.82
C LYS E 316 22.07 -15.41 68.79
N ASP E 317 22.20 -15.75 67.52
CA ASP E 317 22.26 -14.74 66.46
C ASP E 317 20.97 -13.94 66.38
N LEU E 318 19.84 -14.50 66.78
CA LEU E 318 18.62 -13.73 66.84
C LEU E 318 18.42 -13.05 68.21
N GLY E 319 19.47 -12.94 69.02
CA GLY E 319 19.40 -12.26 70.30
C GLY E 319 18.75 -13.06 71.42
N GLY E 320 18.57 -14.37 71.25
CA GLY E 320 18.12 -15.24 72.32
C GLY E 320 19.25 -16.06 72.88
N ASN E 321 18.87 -17.10 73.64
CA ASN E 321 19.84 -17.92 74.36
C ASN E 321 19.81 -19.40 73.98
N ALA E 322 18.86 -19.83 73.13
CA ALA E 322 18.52 -21.23 72.94
C ALA E 322 19.38 -21.91 71.87
N LYS E 323 19.37 -23.23 71.92
CA LYS E 323 20.11 -24.06 70.98
C LYS E 323 19.26 -24.35 69.74
N CYS E 324 19.93 -24.87 68.69
CA CYS E 324 19.28 -25.23 67.45
C CYS E 324 18.29 -26.40 67.66
N SER E 325 18.75 -27.45 68.33
CA SER E 325 17.82 -28.50 68.79
C SER E 325 16.60 -27.87 69.45
N ASP E 326 16.82 -26.95 70.39
CA ASP E 326 15.68 -26.29 71.05
C ASP E 326 14.78 -25.63 70.04
N PHE E 327 15.36 -24.84 69.11
CA PHE E 327 14.57 -24.04 68.18
C PHE E 327 13.82 -24.94 67.21
N THR E 328 14.52 -25.87 66.56
CA THR E 328 13.86 -26.82 65.68
C THR E 328 12.71 -27.52 66.39
N GLU E 329 12.99 -28.02 67.61
CA GLU E 329 11.98 -28.80 68.35
C GLU E 329 10.68 -28.03 68.49
N GLU E 330 10.76 -26.74 68.81
CA GLU E 330 9.53 -25.97 69.02
C GLU E 330 8.71 -25.86 67.74
N ILE E 331 9.37 -25.69 66.59
CA ILE E 331 8.64 -25.61 65.32
C ILE E 331 7.89 -26.91 65.07
N CYS E 332 8.55 -28.05 65.29
CA CYS E 332 7.92 -29.35 65.02
C CYS E 332 6.65 -29.53 65.84
N ARG E 333 6.72 -29.25 67.15
CA ARG E 333 5.52 -29.22 67.98
C ARG E 333 4.46 -28.31 67.38
N ARG E 334 4.87 -27.11 66.97
CA ARG E 334 3.93 -26.18 66.37
C ARG E 334 3.33 -26.73 65.08
N VAL E 335 4.18 -27.23 64.18
CA VAL E 335 3.69 -27.61 62.85
C VAL E 335 2.61 -28.69 62.95
N LYS E 336 2.68 -29.55 63.98
CA LYS E 336 1.63 -30.53 64.24
C LYS E 336 0.54 -29.87 65.08
N ASP E 337 -0.37 -29.16 64.41
CA ASP E 337 -1.26 -28.19 65.08
C ASP E 337 -1.96 -28.79 66.31
N SER F 14 33.11 40.97 45.49
CA SER F 14 34.33 40.35 46.02
C SER F 14 34.11 38.83 46.08
N PHE F 15 35.23 38.06 46.21
CA PHE F 15 35.23 36.59 46.20
C PHE F 15 34.28 36.05 45.14
N PRO F 16 34.65 36.09 43.86
CA PRO F 16 33.71 35.68 42.82
C PRO F 16 33.64 34.16 42.72
N VAL F 17 32.41 33.65 42.68
CA VAL F 17 32.10 32.25 42.44
C VAL F 17 31.24 32.15 41.19
N THR F 18 31.41 31.06 40.41
CA THR F 18 30.57 30.82 39.23
C THR F 18 29.39 29.93 39.63
N MET F 19 28.18 30.40 39.36
CA MET F 19 26.93 29.77 39.80
C MET F 19 26.26 29.14 38.59
N LEU F 20 26.17 27.82 38.55
CA LEU F 20 25.46 27.12 37.49
C LEU F 20 24.14 26.57 38.03
N PRO F 21 22.99 27.25 37.82
CA PRO F 21 21.72 26.75 38.40
C PRO F 21 21.27 25.41 37.83
N GLY F 22 21.36 25.25 36.51
CA GLY F 22 21.05 23.97 35.89
C GLY F 22 19.57 23.65 35.80
N ASP F 23 19.31 22.36 35.64
CA ASP F 23 17.98 21.85 35.36
C ASP F 23 17.19 21.74 36.66
N GLY F 24 15.92 21.39 36.51
CA GLY F 24 15.12 21.02 37.66
C GLY F 24 14.89 22.19 38.59
N VAL F 25 15.06 21.92 39.89
CA VAL F 25 14.79 22.92 40.91
C VAL F 25 15.96 23.86 41.13
N GLY F 26 17.10 23.62 40.48
CA GLY F 26 18.33 24.38 40.64
C GLY F 26 18.20 25.87 40.69
N PRO F 27 17.49 26.47 39.72
CA PRO F 27 17.19 27.92 39.80
C PRO F 27 16.61 28.36 41.16
N GLU F 28 15.56 27.69 41.60
CA GLU F 28 14.94 28.10 42.85
C GLU F 28 15.84 27.82 44.05
N LEU F 29 16.60 26.73 44.00
CA LEU F 29 17.60 26.49 45.04
C LEU F 29 18.60 27.64 45.11
N MET F 30 19.12 28.08 43.95
CA MET F 30 20.13 29.15 43.93
C MET F 30 19.58 30.53 44.33
N HIS F 31 18.27 30.78 44.14
CA HIS F 31 17.70 31.98 44.73
C HIS F 31 17.77 31.90 46.26
N ALA F 32 17.62 30.68 46.82
CA ALA F 32 17.64 30.48 48.27
C ALA F 32 19.02 30.73 48.84
N VAL F 33 20.07 30.22 48.20
CA VAL F 33 21.42 30.53 48.67
C VAL F 33 21.73 32.00 48.47
N LYS F 34 21.29 32.59 47.35
CA LYS F 34 21.63 33.99 47.12
C LYS F 34 20.88 34.90 48.09
N GLU F 35 19.64 34.55 48.42
CA GLU F 35 18.87 35.37 49.35
C GLU F 35 19.34 35.18 50.79
N VAL F 36 19.94 34.04 51.13
CA VAL F 36 20.52 33.88 52.46
C VAL F 36 21.87 34.60 52.55
N PHE F 37 22.63 34.62 51.45
CA PHE F 37 23.88 35.36 51.42
C PHE F 37 23.63 36.86 51.59
N LYS F 38 22.57 37.39 50.93
CA LYS F 38 22.20 38.78 51.15
C LYS F 38 21.96 39.06 52.63
N ALA F 39 21.21 38.18 53.31
CA ALA F 39 20.84 38.41 54.70
C ALA F 39 22.00 38.24 55.67
N ALA F 40 22.97 37.39 55.33
CA ALA F 40 24.17 37.23 56.14
C ALA F 40 25.25 38.26 55.81
N ALA F 41 25.03 39.13 54.81
CA ALA F 41 26.06 40.06 54.34
C ALA F 41 27.30 39.30 53.90
N VAL F 42 27.10 38.20 53.19
CA VAL F 42 28.21 37.40 52.69
C VAL F 42 28.82 38.12 51.47
N PRO F 43 30.14 38.32 51.46
CA PRO F 43 30.82 38.98 50.32
C PRO F 43 31.28 38.01 49.24
N VAL F 44 30.31 37.55 48.45
CA VAL F 44 30.54 36.68 47.33
C VAL F 44 29.75 37.27 46.17
N GLU F 45 30.44 37.62 45.09
CA GLU F 45 29.76 38.03 43.87
C GLU F 45 29.62 36.80 42.98
N PHE F 46 28.38 36.46 42.62
CA PHE F 46 28.14 35.31 41.78
C PHE F 46 28.15 35.70 40.31
N GLN F 47 28.77 34.85 39.50
CA GLN F 47 28.80 34.98 38.05
C GLN F 47 27.94 33.85 37.49
N GLU F 48 26.66 34.16 37.26
CA GLU F 48 25.75 33.13 36.79
C GLU F 48 26.08 32.74 35.35
N HIS F 49 25.98 31.44 35.05
CA HIS F 49 26.24 30.90 33.72
C HIS F 49 25.15 29.87 33.43
N HIS F 50 24.30 30.13 32.44
CA HIS F 50 23.18 29.24 32.14
C HIS F 50 23.49 28.41 30.90
N LEU F 51 23.06 27.15 30.93
CA LEU F 51 23.50 26.13 29.97
C LEU F 51 22.51 25.83 28.82
N LYS F 62 31.49 22.94 23.34
CA LYS F 62 30.61 24.10 23.13
C LYS F 62 30.92 25.29 24.04
N LEU F 63 30.54 25.16 25.33
CA LEU F 63 30.67 26.24 26.31
C LEU F 63 31.93 26.05 27.14
N GLU F 64 33.05 26.55 26.59
CA GLU F 64 34.33 26.58 27.28
C GLU F 64 34.48 27.78 28.21
N GLN F 65 33.56 28.76 28.15
CA GLN F 65 33.67 29.95 28.99
C GLN F 65 33.29 29.69 30.44
N VAL F 66 32.69 28.52 30.73
CA VAL F 66 32.56 28.04 32.11
C VAL F 66 33.92 27.61 32.66
N LEU F 67 34.84 27.20 31.79
CA LEU F 67 36.19 26.84 32.24
C LEU F 67 37.09 28.08 32.30
N SER F 68 36.88 29.02 31.39
CA SER F 68 37.68 30.23 31.44
C SER F 68 37.29 31.09 32.63
N SER F 69 36.04 30.98 33.09
CA SER F 69 35.61 31.72 34.27
C SER F 69 36.09 31.05 35.56
N MET F 70 36.31 29.75 35.51
CA MET F 70 36.73 29.00 36.69
C MET F 70 38.23 28.85 36.79
N LYS F 71 38.95 29.04 35.69
CA LYS F 71 40.38 29.33 35.78
C LYS F 71 40.63 30.56 36.66
N GLU F 72 39.66 31.49 36.71
CA GLU F 72 39.82 32.74 37.44
C GLU F 72 39.06 32.81 38.76
N ASN F 73 37.99 32.03 38.92
CA ASN F 73 37.26 32.03 40.19
C ASN F 73 37.63 30.85 41.07
N LYS F 74 37.95 29.72 40.45
CA LYS F 74 38.51 28.56 41.14
C LYS F 74 37.54 27.84 42.08
N VAL F 75 36.38 28.42 42.40
CA VAL F 75 35.34 27.68 43.12
C VAL F 75 33.99 27.95 42.45
N ALA F 76 33.12 26.93 42.44
CA ALA F 76 31.77 27.03 41.86
C ALA F 76 30.72 26.45 42.79
N ILE F 77 29.47 26.87 42.54
CA ILE F 77 28.31 26.17 43.07
C ILE F 77 27.39 25.89 41.88
N ILE F 78 27.05 24.61 41.68
CA ILE F 78 26.31 24.15 40.51
C ILE F 78 25.11 23.30 40.93
N GLY F 79 24.17 23.18 40.02
CA GLY F 79 23.02 22.31 40.22
C GLY F 79 23.05 21.04 39.38
N LYS F 80 21.90 20.68 38.81
CA LYS F 80 21.72 19.36 38.22
C LYS F 80 21.99 19.39 36.72
N ILE F 81 22.63 18.33 36.24
CA ILE F 81 22.97 18.27 34.83
C ILE F 81 22.09 17.32 34.05
N ALA F 92 29.65 12.06 24.16
CA ALA F 92 29.33 11.63 25.53
C ALA F 92 28.21 12.46 26.14
N SER F 93 28.11 12.43 27.48
CA SER F 93 26.99 13.02 28.22
C SER F 93 27.07 14.55 28.20
N TYR F 94 26.21 15.19 29.01
CA TYR F 94 26.34 16.61 29.23
C TYR F 94 27.05 16.93 30.55
N ASP F 95 26.78 16.13 31.60
CA ASP F 95 27.49 16.28 32.86
C ASP F 95 28.96 15.97 32.68
N MET F 96 29.27 14.75 32.27
CA MET F 96 30.66 14.32 32.22
C MET F 96 31.46 15.09 31.18
N ARG F 97 30.80 15.91 30.35
CA ARG F 97 31.55 16.83 29.51
C ARG F 97 32.16 17.94 30.35
N LEU F 98 31.38 18.51 31.28
CA LEU F 98 31.93 19.55 32.16
C LEU F 98 32.95 18.96 33.13
N ARG F 99 32.58 17.91 33.85
CA ARG F 99 33.50 17.24 34.77
C ARG F 99 34.81 16.87 34.08
N ARG F 100 34.75 16.41 32.83
CA ARG F 100 35.98 16.12 32.10
C ARG F 100 36.71 17.41 31.75
N LYS F 101 35.98 18.43 31.28
CA LYS F 101 36.62 19.69 30.94
C LYS F 101 37.24 20.36 32.17
N LEU F 102 36.74 20.04 33.36
CA LEU F 102 37.25 20.64 34.60
C LEU F 102 38.06 19.68 35.44
N ASP F 103 38.21 18.43 35.00
CA ASP F 103 38.96 17.40 35.74
C ASP F 103 38.49 17.30 37.17
N LEU F 104 37.16 17.24 37.34
CA LEU F 104 36.54 16.96 38.64
C LEU F 104 36.45 15.44 38.81
N PHE F 105 37.63 14.83 38.97
CA PHE F 105 37.75 13.40 39.18
C PHE F 105 37.25 12.95 40.56
N ALA F 106 37.05 13.88 41.50
CA ALA F 106 36.79 13.52 42.88
C ALA F 106 35.46 14.06 43.35
N ASN F 107 34.57 13.18 43.80
CA ASN F 107 33.31 13.60 44.39
C ASN F 107 33.29 13.27 45.88
N VAL F 108 32.76 14.18 46.69
CA VAL F 108 32.73 14.03 48.14
C VAL F 108 31.32 14.36 48.65
N VAL F 109 30.73 13.45 49.40
CA VAL F 109 29.38 13.61 49.95
C VAL F 109 29.44 13.29 51.44
N HIS F 110 29.27 14.30 52.30
CA HIS F 110 29.25 14.06 53.75
C HIS F 110 27.85 13.64 54.15
N VAL F 111 27.69 12.38 54.56
CA VAL F 111 26.41 11.92 55.05
C VAL F 111 26.46 12.02 56.59
N LYS F 112 25.74 12.99 57.13
CA LYS F 112 25.85 13.35 58.53
C LYS F 112 24.50 13.73 59.08
N SER F 113 24.06 13.04 60.13
CA SER F 113 22.73 13.27 60.70
C SER F 113 22.53 14.75 61.04
N LEU F 114 21.28 15.20 60.95
CA LEU F 114 20.88 16.54 61.38
C LEU F 114 20.07 16.43 62.67
N PRO F 115 20.43 17.16 63.72
CA PRO F 115 19.85 16.88 65.05
C PRO F 115 18.33 16.94 65.13
N GLY F 116 17.67 17.93 64.52
CA GLY F 116 16.23 17.84 64.67
C GLY F 116 15.52 16.82 63.79
N TYR F 117 16.20 16.30 62.77
CA TYR F 117 15.60 15.47 61.74
C TYR F 117 15.83 14.04 62.16
N MET F 118 14.76 13.35 62.55
CA MET F 118 14.88 11.99 63.06
C MET F 118 14.57 11.03 61.93
N THR F 119 15.50 10.10 61.69
CA THR F 119 15.44 9.01 60.72
C THR F 119 15.67 7.71 61.48
N ARG F 120 15.83 6.59 60.77
CA ARG F 120 16.13 5.31 61.43
C ARG F 120 17.61 5.11 61.76
N HIS F 121 18.48 6.09 61.47
CA HIS F 121 19.93 5.96 61.71
C HIS F 121 20.46 7.35 62.07
N ASN F 122 20.23 7.74 63.32
CA ASN F 122 20.66 9.05 63.77
C ASN F 122 22.11 8.96 64.24
N ASN F 123 22.67 10.12 64.60
CA ASN F 123 24.07 10.26 65.03
C ASN F 123 25.05 9.52 64.09
N LEU F 124 24.85 9.71 62.79
CA LEU F 124 25.69 9.07 61.77
C LEU F 124 26.62 10.11 61.15
N ASP F 125 27.83 9.68 60.82
CA ASP F 125 28.79 10.60 60.21
C ASP F 125 29.80 9.81 59.37
N LEU F 126 29.55 9.75 58.06
CA LEU F 126 30.42 9.15 57.05
C LEU F 126 30.71 10.15 55.93
N VAL F 127 31.77 9.87 55.16
CA VAL F 127 31.99 10.56 53.90
C VAL F 127 32.14 9.51 52.79
N ILE F 128 31.51 9.79 51.64
CA ILE F 128 31.60 8.93 50.46
C ILE F 128 32.48 9.65 49.44
N ILE F 129 33.64 9.06 49.14
CA ILE F 129 34.55 9.59 48.13
C ILE F 129 34.43 8.77 46.85
N ARG F 130 34.03 9.40 45.76
CA ARG F 130 33.68 8.69 44.54
C ARG F 130 34.49 9.21 43.37
N GLU F 131 34.99 8.29 42.53
CA GLU F 131 35.71 8.65 41.29
C GLU F 131 34.72 8.87 40.14
N GLN F 132 34.82 10.02 39.47
CA GLN F 132 33.75 10.54 38.64
C GLN F 132 34.06 10.60 37.16
N THR F 133 35.17 10.03 36.71
CA THR F 133 35.52 10.23 35.31
C THR F 133 35.63 8.96 34.49
N GLU F 134 35.77 7.78 35.10
CA GLU F 134 35.77 6.56 34.31
C GLU F 134 34.48 5.79 34.47
N GLY F 135 34.60 4.47 34.39
CA GLY F 135 33.48 3.59 34.57
C GLY F 135 32.67 3.46 33.28
N GLU F 136 31.36 3.31 33.46
CA GLU F 136 30.44 3.11 32.37
C GLU F 136 29.92 4.43 31.81
N TYR F 137 30.48 5.55 32.24
CA TYR F 137 29.80 6.80 31.98
C TYR F 137 30.27 7.47 30.70
N SER F 138 31.14 6.84 29.91
CA SER F 138 31.61 7.47 28.70
C SER F 138 30.93 6.94 27.45
N SER F 139 29.79 6.28 27.60
CA SER F 139 28.94 5.90 26.49
C SER F 139 29.66 5.02 25.47
N LEU F 140 30.49 4.09 25.97
CA LEU F 140 31.22 3.14 25.14
C LEU F 140 30.38 1.88 24.94
N GLU F 141 29.35 1.99 24.09
CA GLU F 141 28.40 0.89 23.84
C GLU F 141 28.26 0.61 22.35
N HIS F 142 27.94 -0.64 22.03
CA HIS F 142 27.77 -1.03 20.63
C HIS F 142 27.00 -2.34 20.54
N GLU F 143 26.60 -2.67 19.33
CA GLU F 143 25.85 -3.89 19.02
C GLU F 143 26.79 -4.82 18.28
N SER F 144 27.16 -5.95 18.91
CA SER F 144 28.07 -6.88 18.24
C SER F 144 27.30 -7.85 17.36
N ALA F 145 26.00 -7.93 17.56
CA ALA F 145 25.10 -8.79 16.79
C ALA F 145 23.69 -8.32 17.10
N ARG F 146 22.73 -8.76 16.29
CA ARG F 146 21.37 -8.32 16.52
C ARG F 146 20.89 -8.82 17.88
N GLY F 147 20.56 -7.88 18.76
CA GLY F 147 20.05 -8.21 20.07
C GLY F 147 21.10 -8.39 21.14
N VAL F 148 22.37 -8.07 20.87
CA VAL F 148 23.47 -8.27 21.81
C VAL F 148 24.21 -6.94 21.97
N ILE F 149 24.04 -6.29 23.13
CA ILE F 149 24.74 -5.02 23.36
C ILE F 149 25.99 -5.26 24.23
N GLU F 150 27.09 -4.59 23.88
CA GLU F 150 28.25 -4.50 24.75
C GLU F 150 28.36 -3.09 25.29
N CYS F 151 28.90 -2.99 26.50
CA CYS F 151 29.04 -1.71 27.20
C CYS F 151 30.33 -1.80 28.01
N LEU F 152 31.33 -0.98 27.68
CA LEU F 152 32.63 -1.05 28.36
C LEU F 152 32.62 -0.25 29.66
N LYS F 153 33.09 -0.86 30.75
CA LYS F 153 33.39 -0.16 32.00
C LYS F 153 34.91 0.00 32.07
N ILE F 154 35.39 1.23 32.08
CA ILE F 154 36.82 1.50 31.98
C ILE F 154 37.38 1.75 33.38
N VAL F 155 38.43 1.04 33.75
CA VAL F 155 39.19 1.43 34.94
C VAL F 155 40.65 1.55 34.56
N THR F 156 41.26 2.68 34.94
CA THR F 156 42.67 2.91 34.67
C THR F 156 43.45 2.96 35.96
N ARG F 157 44.75 2.66 35.85
CA ARG F 157 45.63 2.83 37.01
C ARG F 157 45.72 4.29 37.40
N ALA F 158 45.75 5.19 36.42
CA ALA F 158 45.93 6.60 36.75
C ALA F 158 44.81 7.10 37.65
N LYS F 159 43.57 7.09 37.16
CA LYS F 159 42.49 7.71 37.94
C LYS F 159 42.24 7.00 39.26
N SER F 160 42.66 5.73 39.38
CA SER F 160 42.43 4.97 40.60
C SER F 160 43.50 5.26 41.66
N GLN F 161 44.77 5.40 41.27
CA GLN F 161 45.74 5.91 42.22
C GLN F 161 45.34 7.31 42.67
N ARG F 162 44.85 8.12 41.73
CA ARG F 162 44.53 9.49 42.07
C ARG F 162 43.43 9.56 43.13
N ILE F 163 42.35 8.79 42.93
CA ILE F 163 41.23 8.87 43.86
C ILE F 163 41.60 8.23 45.19
N ALA F 164 42.47 7.22 45.18
CA ALA F 164 42.94 6.66 46.44
C ALA F 164 43.74 7.69 47.23
N LYS F 165 44.70 8.36 46.58
CA LYS F 165 45.45 9.39 47.27
C LYS F 165 44.53 10.47 47.85
N PHE F 166 43.51 10.86 47.07
CA PHE F 166 42.58 11.87 47.55
C PHE F 166 41.82 11.39 48.78
N ALA F 167 41.45 10.11 48.80
CA ALA F 167 40.70 9.60 49.93
C ALA F 167 41.54 9.64 51.20
N PHE F 168 42.79 9.20 51.12
CA PHE F 168 43.66 9.26 52.30
C PHE F 168 44.05 10.68 52.66
N ASP F 169 44.23 11.56 51.65
CA ASP F 169 44.48 12.96 51.97
C ASP F 169 43.24 13.60 52.59
N TYR F 170 42.05 13.15 52.21
CA TYR F 170 40.85 13.63 52.89
C TYR F 170 40.83 13.13 54.33
N ALA F 171 41.05 11.84 54.53
CA ALA F 171 40.97 11.30 55.89
C ALA F 171 41.92 12.03 56.83
N THR F 172 43.11 12.43 56.35
CA THR F 172 44.07 13.05 57.23
C THR F 172 43.83 14.55 57.38
N LYS F 173 43.46 15.24 56.28
CA LYS F 173 43.09 16.64 56.42
C LYS F 173 41.97 16.84 57.44
N LYS F 174 41.05 15.88 57.56
CA LYS F 174 39.82 16.13 58.30
C LYS F 174 39.74 15.32 59.60
N GLY F 175 40.79 14.59 59.95
CA GLY F 175 40.82 13.94 61.23
C GLY F 175 40.20 12.57 61.27
N ARG F 176 39.81 12.03 60.11
CA ARG F 176 39.21 10.71 60.03
C ARG F 176 40.24 9.61 60.24
N GLY F 177 39.77 8.41 60.53
CA GLY F 177 40.68 7.37 60.95
C GLY F 177 40.72 6.15 60.06
N LYS F 178 39.64 5.91 59.30
CA LYS F 178 39.50 4.70 58.49
C LYS F 178 39.06 5.06 57.07
N VAL F 179 39.63 4.35 56.11
CA VAL F 179 39.24 4.44 54.70
C VAL F 179 38.90 3.04 54.22
N THR F 180 37.68 2.85 53.73
CA THR F 180 37.22 1.56 53.24
C THR F 180 37.13 1.62 51.73
N ALA F 181 37.81 0.69 51.07
CA ALA F 181 37.78 0.58 49.61
C ALA F 181 36.69 -0.39 49.21
N VAL F 182 35.69 0.10 48.45
CA VAL F 182 34.52 -0.69 48.07
C VAL F 182 34.65 -1.10 46.61
N HIS F 183 34.35 -2.36 46.30
CA HIS F 183 34.68 -2.92 44.99
C HIS F 183 33.81 -4.14 44.71
N LYS F 184 34.04 -4.76 43.55
CA LYS F 184 33.45 -6.06 43.20
C LYS F 184 34.52 -6.95 42.55
N ALA F 185 35.71 -6.98 43.16
CA ALA F 185 36.86 -7.52 42.46
C ALA F 185 36.91 -9.04 42.47
N ASN F 186 36.02 -9.71 43.18
CA ASN F 186 35.95 -11.16 43.06
C ASN F 186 35.24 -11.58 41.78
N ILE F 187 34.54 -10.65 41.13
CA ILE F 187 33.89 -10.96 39.86
C ILE F 187 34.74 -10.36 38.74
N MET F 188 34.73 -9.03 38.61
CA MET F 188 35.64 -8.33 37.67
C MET F 188 37.04 -8.24 38.29
N LYS F 189 37.78 -9.35 38.15
CA LYS F 189 39.08 -9.51 38.80
C LYS F 189 40.07 -8.46 38.30
N LEU F 190 40.45 -8.55 37.02
CA LEU F 190 41.07 -7.41 36.35
C LEU F 190 40.18 -6.20 36.52
N GLY F 191 40.75 -5.02 36.50
CA GLY F 191 39.81 -3.90 36.48
C GLY F 191 39.31 -3.47 37.84
N ASP F 192 38.38 -4.18 38.47
CA ASP F 192 38.04 -3.82 39.85
C ASP F 192 39.19 -4.16 40.80
N GLY F 193 39.95 -5.22 40.49
CA GLY F 193 41.17 -5.48 41.23
C GLY F 193 42.27 -4.49 40.90
N LEU F 194 42.23 -3.88 39.72
CA LEU F 194 43.16 -2.81 39.45
C LEU F 194 42.92 -1.65 40.41
N PHE F 195 41.67 -1.21 40.51
CA PHE F 195 41.35 -0.12 41.44
C PHE F 195 41.71 -0.51 42.86
N LEU F 196 41.40 -1.75 43.24
CA LEU F 196 41.62 -2.19 44.61
C LEU F 196 43.11 -2.33 44.93
N GLN F 197 43.94 -2.63 43.93
CA GLN F 197 45.38 -2.68 44.19
C GLN F 197 45.97 -1.28 44.29
N CYS F 198 45.52 -0.37 43.44
CA CYS F 198 45.94 1.02 43.58
C CYS F 198 45.62 1.53 44.97
N CYS F 199 44.43 1.16 45.49
CA CYS F 199 44.07 1.47 46.86
C CYS F 199 45.11 0.92 47.85
N GLU F 200 45.41 -0.38 47.72
CA GLU F 200 46.33 -1.04 48.63
C GLU F 200 47.71 -0.42 48.60
N GLU F 201 48.12 0.11 47.46
CA GLU F 201 49.43 0.77 47.38
C GLU F 201 49.41 2.12 48.06
N VAL F 202 48.47 3.00 47.66
CA VAL F 202 48.35 4.32 48.29
C VAL F 202 48.26 4.17 49.81
N ALA F 203 47.62 3.09 50.26
CA ALA F 203 47.29 2.94 51.67
C ALA F 203 48.53 2.89 52.54
N GLU F 204 49.56 2.17 52.07
CA GLU F 204 50.77 2.02 52.87
C GLU F 204 51.50 3.34 53.08
N LEU F 205 51.33 4.29 52.18
CA LEU F 205 51.90 5.62 52.40
C LEU F 205 51.20 6.39 53.52
N TYR F 206 50.11 5.87 54.07
CA TYR F 206 49.31 6.59 55.06
C TYR F 206 49.06 5.69 56.25
N PRO F 207 50.12 5.30 56.96
CA PRO F 207 49.93 4.30 58.01
C PRO F 207 49.10 4.81 59.16
N LYS F 208 48.96 6.13 59.33
CA LYS F 208 48.11 6.67 60.40
C LYS F 208 46.64 6.34 60.19
N ILE F 209 46.24 5.93 58.98
CA ILE F 209 44.85 5.69 58.62
C ILE F 209 44.63 4.19 58.45
N LYS F 210 43.54 3.68 59.01
CA LYS F 210 43.24 2.26 58.89
C LYS F 210 42.59 1.99 57.55
N PHE F 211 43.06 0.94 56.87
CA PHE F 211 42.59 0.57 55.54
C PHE F 211 41.83 -0.74 55.56
N GLU F 212 40.56 -0.70 55.16
CA GLU F 212 39.77 -1.90 54.95
C GLU F 212 39.26 -1.95 53.52
N THR F 213 38.84 -3.15 53.11
CA THR F 213 38.20 -3.35 51.83
C THR F 213 36.91 -4.13 52.05
N MET F 214 35.91 -3.83 51.24
CA MET F 214 34.61 -4.49 51.34
C MET F 214 34.01 -4.60 49.95
N ILE F 215 33.14 -5.61 49.74
CA ILE F 215 32.52 -5.84 48.45
C ILE F 215 31.19 -5.11 48.39
N ILE F 216 30.85 -4.60 47.20
CA ILE F 216 29.87 -3.53 47.07
C ILE F 216 28.51 -3.96 47.59
N ASP F 217 28.13 -5.23 47.35
CA ASP F 217 26.78 -5.63 47.78
C ASP F 217 26.73 -5.83 49.28
N ASN F 218 27.76 -6.45 49.86
CA ASN F 218 27.87 -6.55 51.32
C ASN F 218 27.69 -5.19 51.97
N CYS F 219 28.39 -4.19 51.44
CA CYS F 219 28.52 -2.88 52.06
C CYS F 219 27.16 -2.18 52.10
N CYS F 220 26.41 -2.28 50.99
CA CYS F 220 25.04 -1.84 50.89
C CYS F 220 24.22 -2.48 51.99
N MET F 221 24.39 -3.78 52.15
CA MET F 221 23.74 -4.46 53.26
C MET F 221 24.20 -3.86 54.57
N GLN F 222 25.52 -3.78 54.76
CA GLN F 222 26.06 -3.23 56.00
C GLN F 222 25.60 -1.80 56.25
N LEU F 223 25.40 -1.01 55.18
CA LEU F 223 24.94 0.37 55.35
C LEU F 223 23.53 0.46 55.91
N VAL F 224 22.81 -0.65 55.95
CA VAL F 224 21.42 -0.67 56.35
C VAL F 224 21.30 -1.25 57.75
N GLN F 225 22.18 -2.19 58.08
CA GLN F 225 22.18 -2.76 59.41
C GLN F 225 22.96 -1.91 60.39
N ASN F 226 24.20 -1.56 60.03
CA ASN F 226 25.12 -0.89 60.95
C ASN F 226 26.09 -0.03 60.14
N PRO F 227 25.62 1.13 59.67
CA PRO F 227 26.50 2.01 58.91
C PRO F 227 27.48 2.76 59.80
N TYR F 228 27.46 2.49 61.10
CA TYR F 228 28.38 3.12 62.04
C TYR F 228 29.77 2.54 61.96
N GLN F 229 29.94 1.40 61.27
CA GLN F 229 31.24 0.75 61.14
C GLN F 229 32.12 1.41 60.11
N PHE F 230 31.59 2.35 59.33
CA PHE F 230 32.35 2.97 58.24
C PHE F 230 32.82 4.35 58.66
N ASP F 231 33.84 4.83 57.98
CA ASP F 231 34.37 6.16 58.23
C ASP F 231 34.44 6.89 56.90
N VAL F 232 35.52 6.68 56.15
CA VAL F 232 35.62 7.13 54.79
C VAL F 232 35.43 5.91 53.90
N LEU F 233 34.73 6.11 52.78
CA LEU F 233 34.55 5.07 51.79
C LEU F 233 34.99 5.60 50.43
N VAL F 234 35.82 4.83 49.74
CA VAL F 234 36.33 5.18 48.41
C VAL F 234 35.95 4.07 47.43
N MET F 235 35.53 4.46 46.23
CA MET F 235 34.99 3.49 45.28
C MET F 235 34.99 4.11 43.89
N PRO F 236 34.81 3.30 42.82
CA PRO F 236 34.66 3.88 41.47
C PRO F 236 33.31 4.53 41.21
N ASN F 237 33.13 4.99 39.96
CA ASN F 237 31.96 5.78 39.57
C ASN F 237 30.63 5.13 39.97
N LEU F 238 30.33 3.95 39.41
CA LEU F 238 28.99 3.38 39.51
C LEU F 238 28.64 3.08 40.95
N TYR F 239 29.52 2.35 41.64
CA TYR F 239 29.31 2.10 43.06
C TYR F 239 29.13 3.40 43.83
N GLY F 240 29.82 4.47 43.43
CA GLY F 240 29.65 5.75 44.11
C GLY F 240 28.24 6.30 43.96
N ASN F 241 27.68 6.20 42.75
CA ASN F 241 26.28 6.54 42.50
C ASN F 241 25.34 5.72 43.39
N ILE F 242 25.60 4.41 43.50
CA ILE F 242 24.73 3.59 44.34
C ILE F 242 24.81 4.03 45.79
N ILE F 243 26.01 4.30 46.29
CA ILE F 243 26.15 4.54 47.71
C ILE F 243 25.83 6.00 48.06
N ASP F 244 26.12 6.95 47.16
CA ASP F 244 25.72 8.33 47.45
C ASP F 244 24.24 8.39 47.76
N ASN F 245 23.42 7.79 46.88
CA ASN F 245 21.98 7.86 47.06
C ASN F 245 21.49 6.92 48.16
N LEU F 246 22.12 5.74 48.29
CA LEU F 246 21.76 4.85 49.39
C LEU F 246 22.01 5.51 50.74
N ALA F 247 23.22 6.03 50.94
CA ALA F 247 23.55 6.60 52.24
C ALA F 247 22.71 7.85 52.50
N ALA F 248 22.52 8.69 51.49
CA ALA F 248 21.76 9.92 51.72
C ALA F 248 20.36 9.60 52.28
N GLY F 249 19.80 8.46 51.87
CA GLY F 249 18.54 8.00 52.45
C GLY F 249 18.66 7.72 53.94
N LEU F 250 19.86 7.38 54.42
CA LEU F 250 20.02 7.11 55.84
C LEU F 250 19.78 8.36 56.68
N VAL F 251 20.12 9.55 56.19
CA VAL F 251 20.16 10.74 57.04
C VAL F 251 19.13 11.79 56.64
N GLY F 252 18.15 11.45 55.82
CA GLY F 252 17.09 12.41 55.51
C GLY F 252 16.83 12.74 54.05
N GLY F 253 17.44 11.97 53.13
CA GLY F 253 17.17 12.11 51.71
C GLY F 253 17.91 13.23 50.98
N ALA F 254 17.68 13.27 49.66
CA ALA F 254 18.36 14.17 48.74
C ALA F 254 18.19 15.64 49.08
N GLY F 255 17.19 16.00 49.90
CA GLY F 255 16.92 17.39 50.21
C GLY F 255 17.86 18.03 51.20
N VAL F 256 18.79 17.28 51.78
CA VAL F 256 19.52 17.75 52.97
C VAL F 256 21.00 17.37 52.90
N VAL F 257 21.38 16.54 51.93
CA VAL F 257 22.73 15.97 51.88
C VAL F 257 23.55 16.76 50.86
N PRO F 258 24.58 17.50 51.27
CA PRO F 258 25.42 18.23 50.33
C PRO F 258 26.61 17.41 49.85
N GLY F 259 27.08 17.75 48.66
CA GLY F 259 28.33 17.23 48.19
C GLY F 259 29.16 18.30 47.50
N GLU F 260 30.37 17.93 47.13
CA GLU F 260 31.20 18.82 46.32
C GLU F 260 32.17 17.99 45.48
N SER F 261 32.51 18.50 44.30
CA SER F 261 33.49 17.83 43.47
C SER F 261 34.75 18.67 43.45
N TYR F 262 35.90 18.01 43.34
CA TYR F 262 37.19 18.67 43.41
C TYR F 262 38.01 18.36 42.15
N SER F 263 38.78 19.35 41.74
CA SER F 263 39.80 19.18 40.72
C SER F 263 41.16 19.22 41.40
N ALA F 264 42.23 19.25 40.61
CA ALA F 264 43.53 19.61 41.18
C ALA F 264 43.49 21.04 41.73
N GLU F 265 42.89 21.96 40.99
CA GLU F 265 42.79 23.35 41.41
C GLU F 265 41.36 23.82 41.64
N TYR F 266 40.36 23.16 41.08
CA TYR F 266 39.00 23.66 41.20
C TYR F 266 38.26 22.97 42.35
N ALA F 267 37.19 23.62 42.80
CA ALA F 267 36.29 23.10 43.82
C ALA F 267 34.87 23.44 43.42
N VAL F 268 34.04 22.44 43.15
CA VAL F 268 32.66 22.67 42.74
C VAL F 268 31.72 22.04 43.74
N PHE F 269 30.77 22.83 44.24
CA PHE F 269 29.90 22.45 45.34
C PHE F 269 28.50 22.16 44.79
N GLU F 270 28.05 20.91 44.96
CA GLU F 270 26.78 20.42 44.45
C GLU F 270 25.87 19.94 45.58
N THR F 271 24.87 19.14 45.23
CA THR F 271 24.09 18.36 46.17
C THR F 271 24.60 16.91 46.16
N GLY F 272 24.34 16.19 47.25
CA GLY F 272 24.92 14.86 47.40
C GLY F 272 24.24 13.79 46.57
N ALA F 273 22.92 13.78 46.53
CA ALA F 273 22.18 12.73 45.84
C ALA F 273 21.71 13.28 44.50
N ARG F 274 22.26 12.75 43.41
CA ARG F 274 22.10 13.38 42.10
C ARG F 274 21.25 12.53 41.16
N HIS F 275 20.44 11.61 41.71
CA HIS F 275 19.57 10.78 40.90
C HIS F 275 18.49 11.64 40.24
N PRO F 276 17.87 11.13 39.16
CA PRO F 276 17.02 12.00 38.32
C PRO F 276 15.77 12.53 39.00
N PHE F 277 15.28 11.88 40.05
CA PHE F 277 14.10 12.38 40.73
C PHE F 277 14.42 13.07 42.05
N ALA F 278 15.66 13.58 42.17
CA ALA F 278 16.06 14.46 43.28
C ALA F 278 15.35 15.81 43.18
N GLN F 279 15.24 16.35 41.97
CA GLN F 279 14.43 17.56 41.74
C GLN F 279 12.95 17.28 41.98
N ALA F 280 12.40 16.27 41.29
CA ALA F 280 11.04 15.73 41.52
C ALA F 280 10.04 16.87 41.33
N VAL F 281 9.06 17.05 42.22
CA VAL F 281 8.12 18.16 42.07
C VAL F 281 8.85 19.49 42.18
N GLY F 282 8.51 20.43 41.30
CA GLY F 282 9.24 21.68 41.23
C GLY F 282 8.35 22.91 41.17
N ARG F 283 7.69 23.25 42.30
CA ARG F 283 6.85 24.45 42.33
C ARG F 283 6.72 24.90 43.80
N ASN F 284 7.78 25.55 44.30
CA ASN F 284 7.90 26.06 45.68
C ASN F 284 7.85 24.97 46.74
N ILE F 285 8.11 23.71 46.37
CA ILE F 285 8.04 22.59 47.31
C ILE F 285 9.43 22.25 47.85
N ALA F 286 10.46 22.45 47.02
CA ALA F 286 11.78 21.83 47.21
C ALA F 286 12.47 22.28 48.48
N ASN F 287 13.42 21.47 48.94
CA ASN F 287 14.14 21.75 50.18
C ASN F 287 15.48 22.40 49.88
N PRO F 288 15.77 23.58 50.43
CA PRO F 288 17.06 24.24 50.20
C PRO F 288 18.20 23.83 51.13
N THR F 289 17.93 22.96 52.12
CA THR F 289 18.96 22.56 53.07
C THR F 289 20.22 22.02 52.38
N ALA F 290 20.04 21.12 51.40
CA ALA F 290 21.20 20.57 50.70
C ALA F 290 22.11 21.68 50.16
N MET F 291 21.57 22.53 49.28
CA MET F 291 22.34 23.63 48.69
C MET F 291 22.85 24.59 49.77
N LEU F 292 22.00 24.95 50.74
CA LEU F 292 22.45 25.94 51.74
C LEU F 292 23.58 25.41 52.60
N LEU F 293 23.55 24.12 52.96
CA LEU F 293 24.67 23.54 53.69
C LEU F 293 25.92 23.45 52.80
N SER F 294 25.77 23.01 51.55
CA SER F 294 26.92 22.98 50.64
C SER F 294 27.45 24.39 50.39
N ALA F 295 26.56 25.39 50.36
CA ALA F 295 27.01 26.78 50.26
C ALA F 295 27.90 27.15 51.43
N SER F 296 27.51 26.75 52.64
CA SER F 296 28.38 27.03 53.77
C SER F 296 29.71 26.29 53.65
N ASN F 297 29.71 25.07 53.11
CA ASN F 297 30.98 24.40 52.85
C ASN F 297 31.82 25.20 51.88
N MET F 298 31.20 25.74 50.83
CA MET F 298 31.88 26.65 49.93
C MET F 298 32.50 27.81 50.70
N LEU F 299 31.69 28.48 51.53
CA LEU F 299 32.17 29.64 52.28
C LEU F 299 33.41 29.29 53.11
N ARG F 300 33.45 28.09 53.68
CA ARG F 300 34.64 27.68 54.42
C ARG F 300 35.81 27.48 53.49
N HIS F 301 35.56 26.91 52.31
CA HIS F 301 36.64 26.75 51.35
C HIS F 301 37.26 28.09 50.98
N LEU F 302 36.45 29.15 50.93
CA LEU F 302 36.86 30.51 50.61
C LEU F 302 37.45 31.24 51.81
N ASN F 303 37.68 30.55 52.92
CA ASN F 303 38.25 31.14 54.13
C ASN F 303 37.33 32.22 54.73
N LEU F 304 36.02 32.09 54.55
CA LEU F 304 35.07 32.92 55.27
C LEU F 304 34.41 32.07 56.37
N GLU F 305 35.23 31.62 57.31
CA GLU F 305 34.72 30.66 58.29
C GLU F 305 33.64 31.26 59.17
N TYR F 306 33.57 32.59 59.30
CA TYR F 306 32.48 33.15 60.07
C TYR F 306 31.14 32.93 59.38
N HIS F 307 31.03 33.39 58.13
CA HIS F 307 29.76 33.24 57.42
C HIS F 307 29.42 31.77 57.23
N SER F 308 30.43 30.93 56.98
CA SER F 308 30.19 29.50 56.80
C SER F 308 29.44 28.93 57.97
N SER F 309 29.92 29.21 59.19
CA SER F 309 29.32 28.60 60.36
C SER F 309 28.09 29.33 60.86
N MET F 310 27.93 30.63 60.55
CA MET F 310 26.68 31.29 60.91
C MET F 310 25.54 30.75 60.08
N ILE F 311 25.74 30.63 58.77
CA ILE F 311 24.72 30.05 57.89
C ILE F 311 24.45 28.61 58.29
N ALA F 312 25.51 27.81 58.50
CA ALA F 312 25.29 26.40 58.76
C ALA F 312 24.55 26.19 60.08
N ASP F 313 24.88 26.98 61.10
CA ASP F 313 24.17 26.85 62.39
C ASP F 313 22.74 27.34 62.26
N ALA F 314 22.50 28.33 61.41
CA ALA F 314 21.14 28.78 61.14
C ALA F 314 20.29 27.60 60.64
N VAL F 315 20.63 27.08 59.45
CA VAL F 315 20.02 25.86 58.92
C VAL F 315 19.80 24.87 60.06
N LYS F 316 20.88 24.45 60.71
CA LYS F 316 20.81 23.42 61.75
C LYS F 316 19.79 23.77 62.83
N LYS F 317 19.79 25.02 63.30
CA LYS F 317 18.86 25.37 64.37
C LYS F 317 17.41 25.36 63.89
N VAL F 318 17.16 25.80 62.65
CA VAL F 318 15.80 25.78 62.13
C VAL F 318 15.30 24.36 62.02
N ILE F 319 16.21 23.43 61.75
CA ILE F 319 15.82 22.02 61.66
C ILE F 319 15.48 21.47 63.05
N LYS F 320 16.27 21.84 64.08
CA LYS F 320 16.02 21.25 65.40
C LYS F 320 14.82 21.87 66.10
N VAL F 321 14.50 23.14 65.82
CA VAL F 321 13.23 23.70 66.30
C VAL F 321 12.07 22.87 65.77
N GLY F 322 12.14 22.47 64.49
CA GLY F 322 11.12 21.64 63.86
C GLY F 322 9.84 22.34 63.40
N LYS F 323 9.70 23.63 63.67
CA LYS F 323 8.44 24.26 63.28
C LYS F 323 8.38 24.56 61.80
N VAL F 324 9.52 24.83 61.15
CA VAL F 324 9.55 25.03 59.71
C VAL F 324 10.29 23.87 59.08
N ARG F 325 9.60 23.17 58.18
CA ARG F 325 10.12 21.99 57.52
C ARG F 325 9.42 21.79 56.19
N THR F 326 10.20 21.54 55.15
CA THR F 326 9.65 21.23 53.84
C THR F 326 9.02 19.84 53.85
N SER F 327 8.36 19.50 52.74
CA SER F 327 7.55 18.30 52.70
C SER F 327 8.41 17.05 52.82
N ASP F 328 9.58 17.02 52.18
CA ASP F 328 10.43 15.84 52.21
C ASP F 328 10.93 15.52 53.60
N MET F 329 10.82 16.46 54.52
CA MET F 329 11.19 16.24 55.91
C MET F 329 10.00 15.82 56.77
N GLY F 330 8.81 15.69 56.18
CA GLY F 330 7.61 15.51 56.95
C GLY F 330 6.90 16.79 57.29
N GLY F 331 7.35 17.91 56.76
CA GLY F 331 6.78 19.21 57.07
C GLY F 331 5.71 19.62 56.09
N TYR F 332 5.27 20.87 56.25
CA TYR F 332 4.20 21.48 55.48
C TYR F 332 4.59 22.90 55.09
N ALA F 333 5.89 23.16 54.99
CA ALA F 333 6.39 24.46 54.60
C ALA F 333 6.77 24.50 53.12
N THR F 334 6.67 25.69 52.55
CA THR F 334 7.15 25.96 51.22
C THR F 334 8.65 26.22 51.25
N CYS F 335 9.30 25.92 50.13
CA CYS F 335 10.71 26.25 49.94
C CYS F 335 10.99 27.68 50.36
N HIS F 336 10.07 28.56 50.02
CA HIS F 336 10.24 29.96 50.31
C HIS F 336 9.94 30.31 51.78
N ASP F 337 9.04 29.55 52.43
CA ASP F 337 8.78 29.75 53.87
C ASP F 337 9.98 29.35 54.71
N PHE F 338 10.62 28.23 54.34
CA PHE F 338 11.84 27.75 55.00
C PHE F 338 13.02 28.67 54.72
N THR F 339 13.15 29.14 53.48
CA THR F 339 14.25 30.03 53.14
C THR F 339 14.15 31.34 53.88
N GLU F 340 12.95 31.96 53.92
CA GLU F 340 12.80 33.22 54.64
C GLU F 340 13.12 33.04 56.13
N GLU F 341 12.76 31.89 56.69
CA GLU F 341 13.03 31.63 58.11
C GLU F 341 14.51 31.59 58.38
N ILE F 342 15.29 30.94 57.50
CA ILE F 342 16.74 30.95 57.65
C ILE F 342 17.26 32.37 57.76
N CYS F 343 16.95 33.20 56.74
CA CYS F 343 17.37 34.61 56.72
C CYS F 343 17.07 35.31 58.05
N ARG F 344 15.82 35.19 58.50
CA ARG F 344 15.41 35.78 59.77
C ARG F 344 16.43 35.47 60.84
N ARG F 345 16.84 34.21 60.95
CA ARG F 345 17.76 33.82 62.01
C ARG F 345 19.18 34.28 61.72
N VAL F 346 19.57 34.28 60.44
CA VAL F 346 20.92 34.68 60.03
C VAL F 346 21.14 36.19 60.16
N LYS F 347 20.07 36.97 60.30
CA LYS F 347 20.22 38.42 60.41
C LYS F 347 20.52 38.88 61.84
N ASP F 348 20.62 37.97 62.80
CA ASP F 348 21.00 38.30 64.18
C ASP F 348 22.22 39.26 64.26
N GLY G 3 14.85 -16.85 -23.45
CA GLY G 3 14.31 -15.53 -23.79
C GLY G 3 15.22 -14.40 -23.33
N VAL G 4 14.86 -13.15 -23.66
CA VAL G 4 15.70 -12.01 -23.27
C VAL G 4 15.46 -11.68 -21.80
N GLN G 5 16.51 -11.19 -21.15
CA GLN G 5 16.47 -10.87 -19.72
C GLN G 5 16.86 -9.42 -19.53
N THR G 6 16.20 -8.76 -18.58
CA THR G 6 16.40 -7.35 -18.30
C THR G 6 17.34 -7.16 -17.10
N VAL G 7 18.49 -6.53 -17.33
CA VAL G 7 19.46 -6.23 -16.27
C VAL G 7 19.65 -4.72 -16.19
N THR G 8 19.81 -4.20 -14.98
CA THR G 8 19.72 -2.76 -14.76
C THR G 8 21.09 -2.11 -14.89
N LEU G 9 21.12 -1.00 -15.63
CA LEU G 9 22.35 -0.32 -16.01
C LEU G 9 22.53 0.93 -15.16
N ILE G 10 23.67 1.01 -14.47
CA ILE G 10 24.06 2.21 -13.73
C ILE G 10 25.32 2.72 -14.42
N PRO G 11 25.19 3.62 -15.39
CA PRO G 11 26.39 4.08 -16.11
C PRO G 11 27.32 4.88 -15.22
N GLY G 12 26.78 5.57 -14.21
CA GLY G 12 27.63 6.37 -13.36
C GLY G 12 28.07 7.64 -14.07
N ASP G 13 29.26 8.11 -13.69
CA ASP G 13 29.75 9.44 -14.02
C ASP G 13 31.05 9.34 -14.81
N GLY G 14 31.56 10.50 -15.23
CA GLY G 14 32.84 10.54 -15.95
C GLY G 14 32.81 9.71 -17.21
N ILE G 15 33.79 8.81 -17.35
CA ILE G 15 33.85 7.94 -18.52
C ILE G 15 32.72 6.92 -18.47
N GLY G 16 31.87 7.00 -17.46
CA GLY G 16 30.81 6.04 -17.22
C GLY G 16 29.91 5.79 -18.41
N PRO G 17 29.15 6.80 -18.82
CA PRO G 17 28.16 6.58 -19.88
C PRO G 17 28.77 6.21 -21.21
N GLU G 18 30.05 6.50 -21.45
CA GLU G 18 30.63 6.08 -22.71
C GLU G 18 30.98 4.60 -22.67
N ILE G 19 31.62 4.13 -21.59
CA ILE G 19 32.03 2.73 -21.57
C ILE G 19 30.81 1.80 -21.46
N SER G 20 29.77 2.23 -20.74
CA SER G 20 28.56 1.43 -20.70
C SER G 20 27.84 1.43 -22.04
N ALA G 21 27.84 2.57 -22.75
CA ALA G 21 27.34 2.60 -24.12
C ALA G 21 28.14 1.63 -25.00
N ALA G 22 29.44 1.52 -24.73
CA ALA G 22 30.27 0.60 -25.48
C ALA G 22 29.90 -0.85 -25.17
N VAL G 23 29.64 -1.17 -23.89
CA VAL G 23 29.38 -2.57 -23.59
C VAL G 23 27.94 -2.97 -23.95
N MET G 24 27.00 -2.02 -24.03
CA MET G 24 25.67 -2.48 -24.42
C MET G 24 25.57 -2.74 -25.92
N LYS G 25 26.35 -2.04 -26.72
CA LYS G 25 26.27 -2.35 -28.14
C LYS G 25 27.33 -3.36 -28.59
N ILE G 26 28.32 -3.69 -27.75
CA ILE G 26 29.00 -4.96 -27.98
C ILE G 26 28.07 -6.11 -27.66
N PHE G 27 27.15 -5.92 -26.71
CA PHE G 27 26.17 -6.98 -26.44
C PHE G 27 25.25 -7.16 -27.63
N ASP G 28 24.64 -6.07 -28.11
CA ASP G 28 23.82 -6.11 -29.32
C ASP G 28 24.59 -6.68 -30.50
N ALA G 29 25.87 -6.35 -30.62
CA ALA G 29 26.68 -6.93 -31.67
C ALA G 29 26.86 -8.44 -31.47
N ALA G 30 27.07 -8.85 -30.22
CA ALA G 30 27.09 -10.28 -29.92
C ALA G 30 25.69 -10.88 -29.91
N LYS G 31 24.68 -10.05 -30.09
CA LYS G 31 23.29 -10.48 -29.98
C LYS G 31 23.04 -11.23 -28.67
N ALA G 32 23.44 -10.59 -27.55
CA ALA G 32 23.17 -11.19 -26.25
C ALA G 32 21.74 -10.88 -25.83
N PRO G 33 21.06 -11.82 -25.20
CA PRO G 33 19.62 -11.63 -24.87
C PRO G 33 19.40 -10.76 -23.64
N ILE G 34 19.92 -9.54 -23.68
CA ILE G 34 19.91 -8.62 -22.54
C ILE G 34 19.29 -7.31 -22.95
N GLN G 35 18.24 -6.90 -22.25
CA GLN G 35 17.64 -5.57 -22.41
C GLN G 35 18.04 -4.71 -21.22
N TRP G 36 18.45 -3.47 -21.46
CA TRP G 36 19.01 -2.64 -20.40
C TRP G 36 17.97 -1.70 -19.81
N GLU G 37 18.09 -1.46 -18.51
CA GLU G 37 17.21 -0.52 -17.81
C GLU G 37 18.09 0.46 -17.03
N GLU G 38 18.22 1.69 -17.53
CA GLU G 38 19.11 2.66 -16.92
C GLU G 38 18.50 3.19 -15.63
N ARG G 39 19.30 3.16 -14.57
CA ARG G 39 18.93 3.74 -13.29
C ARG G 39 20.09 4.58 -12.77
N ASN G 40 19.77 5.45 -11.83
CA ASN G 40 20.78 6.31 -11.22
C ASN G 40 20.82 6.04 -9.72
N VAL G 41 22.02 5.84 -9.19
CA VAL G 41 22.21 5.45 -7.79
C VAL G 41 22.87 6.54 -6.96
N THR G 42 23.19 7.69 -7.55
CA THR G 42 23.70 8.81 -6.76
C THR G 42 22.83 9.05 -5.53
N ALA G 43 23.47 9.28 -4.39
CA ALA G 43 22.73 9.32 -3.14
C ALA G 43 21.85 10.56 -3.06
N ILE G 44 20.76 10.41 -2.33
CA ILE G 44 19.74 11.45 -2.20
C ILE G 44 19.52 11.69 -0.72
N GLN G 45 19.42 12.96 -0.33
CA GLN G 45 19.18 13.34 1.06
C GLN G 45 17.76 12.96 1.43
N GLY G 46 17.60 11.81 2.08
CA GLY G 46 16.29 11.25 2.34
C GLY G 46 15.55 11.99 3.44
N PRO G 47 14.60 11.31 4.08
CA PRO G 47 13.82 11.94 5.16
C PRO G 47 14.72 12.15 6.37
N GLY G 48 14.90 13.42 6.73
CA GLY G 48 15.70 13.76 7.89
C GLY G 48 17.15 14.02 7.63
N GLY G 49 17.55 14.24 6.37
CA GLY G 49 18.91 14.58 6.03
C GLY G 49 19.82 13.39 5.78
N LYS G 50 19.44 12.22 6.29
CA LYS G 50 20.19 10.99 6.05
C LYS G 50 20.25 10.71 4.55
N TRP G 51 21.37 10.14 4.10
CA TRP G 51 21.52 9.81 2.69
C TRP G 51 21.02 8.39 2.44
N MET G 52 20.30 8.21 1.33
CA MET G 52 19.80 6.92 0.89
C MET G 52 19.99 6.80 -0.61
N ILE G 53 19.91 5.57 -1.12
CA ILE G 53 19.97 5.39 -2.57
C ILE G 53 18.54 5.53 -3.09
N PRO G 54 18.34 6.17 -4.24
CA PRO G 54 16.98 6.36 -4.74
C PRO G 54 16.20 5.06 -4.86
N SER G 55 14.89 5.17 -4.67
CA SER G 55 14.01 4.00 -4.62
C SER G 55 13.90 3.31 -5.97
N GLU G 56 13.69 4.09 -7.04
CA GLU G 56 13.57 3.48 -8.36
C GLU G 56 14.79 2.63 -8.70
N ALA G 57 15.95 2.92 -8.10
CA ALA G 57 17.11 2.06 -8.28
C ALA G 57 17.01 0.80 -7.42
N LYS G 58 16.46 0.94 -6.21
CA LYS G 58 16.18 -0.24 -5.38
C LYS G 58 15.15 -1.13 -6.06
N GLU G 59 14.03 -0.57 -6.49
CA GLU G 59 12.98 -1.38 -7.13
C GLU G 59 13.53 -2.06 -8.37
N SER G 60 14.27 -1.33 -9.20
CA SER G 60 14.74 -1.90 -10.45
C SER G 60 15.69 -3.07 -10.21
N MET G 61 16.43 -3.06 -9.11
CA MET G 61 17.30 -4.19 -8.84
C MET G 61 16.59 -5.30 -8.07
N ASP G 62 15.60 -4.95 -7.25
CA ASP G 62 14.74 -5.99 -6.68
C ASP G 62 13.98 -6.75 -7.76
N LYS G 63 13.57 -6.07 -8.84
CA LYS G 63 12.85 -6.74 -9.93
C LYS G 63 13.78 -7.41 -10.93
N ASN G 64 14.94 -6.83 -11.22
CA ASN G 64 15.80 -7.42 -12.25
C ASN G 64 16.96 -8.21 -11.67
N LYS G 65 17.36 -7.92 -10.43
CA LYS G 65 18.35 -8.70 -9.68
C LYS G 65 19.77 -8.64 -10.25
N MET G 66 19.92 -8.49 -11.57
CA MET G 66 21.21 -8.32 -12.21
C MET G 66 21.47 -6.84 -12.47
N GLY G 67 22.65 -6.36 -12.06
CA GLY G 67 23.01 -4.97 -12.28
C GLY G 67 24.44 -4.78 -12.78
N LEU G 68 24.59 -3.92 -13.78
CA LEU G 68 25.90 -3.54 -14.32
C LEU G 68 26.13 -2.07 -13.98
N LYS G 69 27.31 -1.75 -13.43
CA LYS G 69 27.53 -0.47 -12.73
C LYS G 69 28.90 0.09 -13.02
N GLY G 70 28.95 1.34 -13.49
CA GLY G 70 30.19 1.99 -13.82
C GLY G 70 30.84 2.70 -12.64
N PRO G 71 31.86 3.52 -12.93
CA PRO G 71 32.49 4.30 -11.86
C PRO G 71 31.57 5.41 -11.38
N LEU G 72 31.61 5.70 -10.08
CA LEU G 72 30.78 6.75 -9.49
C LEU G 72 31.61 7.87 -8.89
N LYS G 73 31.06 9.08 -8.92
CA LYS G 73 31.75 10.24 -8.36
C LYS G 73 31.92 10.07 -6.87
N THR G 74 33.04 10.54 -6.37
CA THR G 74 33.21 10.64 -4.93
C THR G 74 32.33 11.76 -4.41
N PRO G 75 31.42 11.50 -3.48
CA PRO G 75 30.58 12.59 -2.96
C PRO G 75 31.39 13.62 -2.18
N ILE G 76 30.90 14.85 -2.19
CA ILE G 76 31.65 15.97 -1.60
C ILE G 76 31.29 16.17 -0.14
N ALA G 77 30.02 16.07 0.23
CA ALA G 77 29.60 16.36 1.60
C ALA G 77 30.27 15.40 2.58
N ALA G 78 30.65 15.92 3.76
CA ALA G 78 31.30 15.07 4.76
C ALA G 78 30.30 14.17 5.45
N GLY G 79 29.15 14.71 5.83
CA GLY G 79 28.09 13.84 6.33
C GLY G 79 27.74 12.71 5.39
N HIS G 80 28.15 12.79 4.12
CA HIS G 80 27.85 11.75 3.14
C HIS G 80 28.62 10.47 3.47
N PRO G 81 27.96 9.33 3.64
CA PRO G 81 28.68 8.05 3.72
C PRO G 81 29.22 7.66 2.36
N SER G 82 30.05 6.62 2.38
CA SER G 82 30.68 6.16 1.14
C SER G 82 29.67 5.41 0.29
N MET G 83 29.81 5.55 -1.02
CA MET G 83 28.88 4.89 -1.95
C MET G 83 28.93 3.39 -1.74
N ASN G 84 30.12 2.81 -1.71
CA ASN G 84 30.21 1.36 -1.60
C ASN G 84 29.63 0.89 -0.29
N LEU G 85 29.40 1.81 0.65
CA LEU G 85 28.78 1.47 1.92
C LEU G 85 27.26 1.37 1.80
N LEU G 86 26.60 2.46 1.37
CA LEU G 86 25.14 2.40 1.27
C LEU G 86 24.69 1.32 0.31
N LEU G 87 25.43 1.12 -0.79
CA LEU G 87 25.11 0.04 -1.73
C LEU G 87 25.27 -1.33 -1.07
N ARG G 88 26.22 -1.45 -0.15
CA ARG G 88 26.37 -2.68 0.62
C ARG G 88 25.14 -2.96 1.48
N LYS G 89 24.69 -1.97 2.27
CA LYS G 89 23.64 -2.25 3.24
C LYS G 89 22.24 -2.21 2.61
N THR G 90 22.05 -1.48 1.51
CA THR G 90 20.75 -1.50 0.84
C THR G 90 20.47 -2.84 0.15
N PHE G 91 21.51 -3.59 -0.21
CA PHE G 91 21.30 -4.85 -0.92
C PHE G 91 21.93 -6.06 -0.25
N ASP G 92 22.49 -5.91 0.95
CA ASP G 92 23.16 -6.99 1.68
C ASP G 92 24.17 -7.70 0.76
N LEU G 93 25.10 -6.91 0.25
CA LEU G 93 26.16 -7.42 -0.60
C LEU G 93 27.24 -8.04 0.28
N TYR G 94 27.27 -9.36 0.35
CA TYR G 94 28.12 -10.02 1.31
C TYR G 94 29.38 -10.62 0.70
N ALA G 95 29.41 -10.81 -0.60
CA ALA G 95 30.61 -11.30 -1.26
C ALA G 95 31.11 -10.27 -2.27
N ASN G 96 32.43 -10.08 -2.28
CA ASN G 96 33.10 -9.27 -3.29
C ASN G 96 33.99 -10.18 -4.10
N VAL G 97 33.58 -10.45 -5.35
CA VAL G 97 34.33 -11.34 -6.24
C VAL G 97 35.15 -10.53 -7.22
N ARG G 98 36.37 -10.97 -7.45
CA ARG G 98 37.37 -10.20 -8.19
C ARG G 98 38.30 -11.20 -8.89
N PRO G 99 37.88 -11.73 -10.04
CA PRO G 99 38.72 -12.68 -10.79
C PRO G 99 39.82 -11.96 -11.55
N CYS G 100 41.07 -12.42 -11.37
CA CYS G 100 42.25 -11.75 -11.89
C CYS G 100 43.01 -12.70 -12.80
N VAL G 101 42.93 -12.44 -14.11
CA VAL G 101 43.56 -13.29 -15.13
C VAL G 101 44.54 -12.46 -15.95
N SER G 102 45.77 -12.95 -16.06
CA SER G 102 46.76 -12.31 -16.95
C SER G 102 46.24 -12.24 -18.38
N ILE G 103 46.41 -11.09 -19.01
CA ILE G 103 46.01 -10.88 -20.39
C ILE G 103 47.24 -10.99 -21.28
N GLU G 104 47.08 -11.74 -22.39
CA GLU G 104 48.01 -11.70 -23.51
C GLU G 104 47.79 -10.40 -24.25
N GLY G 105 48.87 -9.62 -24.43
CA GLY G 105 48.75 -8.31 -25.06
C GLY G 105 49.27 -7.23 -24.13
N TYR G 106 48.40 -6.72 -23.26
CA TYR G 106 48.89 -5.97 -22.11
C TYR G 106 49.85 -6.87 -21.35
N LYS G 107 51.13 -6.57 -21.44
CA LYS G 107 52.21 -7.39 -20.90
C LYS G 107 52.66 -6.83 -19.55
N THR G 108 52.64 -7.67 -18.50
CA THR G 108 53.22 -7.29 -17.22
C THR G 108 54.34 -8.25 -16.82
N PRO G 109 55.07 -8.02 -15.72
CA PRO G 109 56.05 -9.03 -15.27
C PRO G 109 55.43 -10.39 -14.92
N TYR G 110 54.12 -10.44 -14.76
CA TYR G 110 53.41 -11.61 -14.24
C TYR G 110 52.58 -12.22 -15.36
N THR G 111 52.92 -13.44 -15.74
CA THR G 111 52.40 -14.04 -16.96
C THR G 111 51.30 -15.07 -16.74
N ASP G 112 51.35 -15.81 -15.64
CA ASP G 112 50.59 -17.05 -15.51
C ASP G 112 49.38 -16.92 -14.57
N VAL G 113 48.91 -15.70 -14.32
CA VAL G 113 47.96 -15.45 -13.24
C VAL G 113 46.55 -15.86 -13.67
N ASN G 114 45.86 -16.59 -12.79
CA ASN G 114 44.43 -16.87 -12.98
C ASN G 114 43.81 -17.10 -11.59
N ILE G 115 43.40 -16.01 -10.96
CA ILE G 115 43.04 -16.01 -9.55
C ILE G 115 41.70 -15.31 -9.38
N VAL G 116 40.86 -15.86 -8.51
CA VAL G 116 39.61 -15.24 -8.11
C VAL G 116 39.65 -15.07 -6.61
N THR G 117 39.34 -13.88 -6.13
CA THR G 117 39.30 -13.62 -4.69
C THR G 117 37.86 -13.40 -4.26
N ILE G 118 37.40 -14.23 -3.33
CA ILE G 118 36.11 -14.03 -2.68
C ILE G 118 36.37 -13.37 -1.33
N ARG G 119 35.84 -12.17 -1.15
CA ARG G 119 36.07 -11.37 0.03
C ARG G 119 34.77 -11.21 0.81
N GLU G 120 34.75 -11.70 2.05
CA GLU G 120 33.64 -11.40 2.96
C GLU G 120 33.50 -9.90 3.08
N ASN G 121 32.30 -9.38 2.85
CA ASN G 121 32.12 -7.95 2.63
C ASN G 121 31.30 -7.24 3.71
N THR G 122 30.98 -7.90 4.83
CA THR G 122 30.03 -7.36 5.81
C THR G 122 30.59 -7.12 7.21
N GLU G 123 31.59 -7.87 7.65
CA GLU G 123 32.09 -7.73 9.02
C GLU G 123 33.59 -7.44 9.03
N GLY G 124 34.35 -8.24 9.78
CA GLY G 124 35.80 -8.10 9.83
C GLY G 124 36.19 -6.85 10.57
N GLU G 125 37.33 -6.26 10.17
CA GLU G 125 37.68 -4.96 10.74
C GLU G 125 36.89 -3.81 10.14
N TYR G 126 35.92 -4.08 9.25
CA TYR G 126 34.99 -3.05 8.76
C TYR G 126 33.64 -3.18 9.46
N SER G 127 33.69 -3.58 10.72
CA SER G 127 32.53 -3.63 11.57
C SER G 127 31.85 -2.28 11.71
N GLY G 128 32.62 -1.18 11.62
CA GLY G 128 32.11 0.12 12.00
C GLY G 128 32.16 0.43 13.48
N ILE G 129 32.84 -0.37 14.29
CA ILE G 129 32.81 -0.23 15.74
C ILE G 129 34.19 0.16 16.27
N GLU G 130 34.35 1.40 16.72
CA GLU G 130 35.55 1.83 17.42
C GLU G 130 35.13 2.62 18.65
N HIS G 131 35.94 2.54 19.70
CA HIS G 131 35.72 3.32 20.90
C HIS G 131 37.01 4.02 21.31
N VAL G 132 36.86 5.23 21.84
CA VAL G 132 37.95 5.92 22.53
C VAL G 132 37.94 5.44 23.98
N ILE G 133 38.81 4.48 24.29
CA ILE G 133 38.83 3.88 25.63
C ILE G 133 39.10 4.95 26.69
N VAL G 134 40.28 5.56 26.60
CA VAL G 134 40.63 6.79 27.28
C VAL G 134 41.20 7.72 26.22
N ASP G 135 41.54 8.95 26.64
CA ASP G 135 42.07 9.91 25.69
C ASP G 135 43.36 9.37 25.07
N GLY G 136 43.41 9.33 23.74
CA GLY G 136 44.59 8.85 23.07
C GLY G 136 44.78 7.35 23.11
N VAL G 137 43.72 6.60 23.41
CA VAL G 137 43.72 5.14 23.29
C VAL G 137 42.43 4.68 22.63
N VAL G 138 42.49 4.42 21.31
CA VAL G 138 41.35 3.98 20.50
C VAL G 138 41.38 2.45 20.36
N ALA G 139 40.20 1.81 20.47
CA ALA G 139 40.04 0.38 20.20
C ALA G 139 39.01 0.17 19.11
N SER G 140 39.41 -0.54 18.06
CA SER G 140 38.51 -0.84 16.96
C SER G 140 38.17 -2.32 16.98
N ILE G 141 36.89 -2.62 16.82
CA ILE G 141 36.38 -3.98 17.02
C ILE G 141 36.28 -4.71 15.69
N LYS G 142 37.04 -5.78 15.57
CA LYS G 142 36.86 -6.77 14.51
C LYS G 142 35.71 -7.70 14.91
N LEU G 143 34.81 -7.97 13.97
CA LEU G 143 33.70 -8.91 14.18
C LEU G 143 33.80 -10.06 13.20
N ILE G 144 33.80 -11.29 13.71
CA ILE G 144 33.70 -12.48 12.88
C ILE G 144 32.58 -13.35 13.43
N THR G 145 31.53 -13.54 12.65
CA THR G 145 30.37 -14.30 13.10
C THR G 145 30.24 -15.62 12.36
N GLU G 146 29.62 -16.58 13.02
CA GLU G 146 29.36 -17.88 12.41
C GLU G 146 28.65 -17.72 11.06
N GLY G 147 27.52 -17.03 11.05
CA GLY G 147 26.72 -16.97 9.84
C GLY G 147 27.46 -16.36 8.65
N ALA G 148 28.08 -15.21 8.87
CA ALA G 148 28.78 -14.57 7.77
C ALA G 148 29.89 -15.47 7.24
N SER G 149 30.71 -16.05 8.12
CA SER G 149 31.81 -16.89 7.62
C SER G 149 31.27 -18.10 6.87
N LYS G 150 30.21 -18.73 7.41
CA LYS G 150 29.58 -19.84 6.71
C LYS G 150 29.06 -19.39 5.36
N ARG G 151 28.45 -18.20 5.31
CA ARG G 151 27.84 -17.71 4.08
C ARG G 151 28.89 -17.42 3.00
N ILE G 152 30.04 -16.84 3.37
CA ILE G 152 31.05 -16.55 2.38
C ILE G 152 31.76 -17.83 1.98
N ALA G 153 31.89 -18.78 2.90
CA ALA G 153 32.50 -20.05 2.55
C ALA G 153 31.62 -20.84 1.58
N GLU G 154 30.30 -20.72 1.75
CA GLU G 154 29.42 -21.38 0.80
C GLU G 154 29.54 -20.76 -0.58
N PHE G 155 29.55 -19.43 -0.67
CA PHE G 155 29.62 -18.80 -1.98
C PHE G 155 30.89 -19.18 -2.72
N ALA G 156 32.04 -19.12 -2.05
CA ALA G 156 33.29 -19.51 -2.70
C ALA G 156 33.16 -20.88 -3.36
N PHE G 157 32.49 -21.82 -2.68
CA PHE G 157 32.32 -23.14 -3.27
C PHE G 157 31.27 -23.13 -4.38
N GLU G 158 30.19 -22.36 -4.21
CA GLU G 158 29.28 -22.15 -5.32
C GLU G 158 29.98 -21.55 -6.54
N TYR G 159 30.92 -20.61 -6.34
CA TYR G 159 31.64 -20.00 -7.48
C TYR G 159 32.58 -21.00 -8.11
N ALA G 160 33.36 -21.73 -7.30
CA ALA G 160 34.33 -22.64 -7.86
C ALA G 160 33.67 -23.77 -8.63
N ARG G 161 32.39 -24.02 -8.32
CA ARG G 161 31.61 -25.03 -9.01
C ARG G 161 31.25 -24.57 -10.42
N ASN G 162 30.49 -23.47 -10.51
CA ASN G 162 29.93 -22.97 -11.76
C ASN G 162 30.96 -22.38 -12.72
N ASN G 163 32.25 -22.36 -12.33
CA ASN G 163 33.31 -21.84 -13.19
C ASN G 163 34.47 -22.82 -13.28
N HIS G 164 34.21 -24.10 -13.01
CA HIS G 164 35.18 -25.15 -13.27
C HIS G 164 36.54 -24.86 -12.67
N ARG G 165 36.50 -24.34 -11.45
CA ARG G 165 37.72 -24.03 -10.72
C ARG G 165 38.04 -25.18 -9.78
N SER G 166 39.30 -25.55 -9.75
CA SER G 166 39.73 -26.78 -9.10
C SER G 166 39.85 -26.58 -7.58
N ASN G 167 40.90 -25.90 -7.13
CA ASN G 167 41.20 -25.79 -5.70
C ASN G 167 40.62 -24.51 -5.10
N VAL G 168 40.48 -24.52 -3.77
CA VAL G 168 40.01 -23.38 -2.99
C VAL G 168 40.90 -23.24 -1.78
N THR G 169 41.28 -21.99 -1.46
CA THR G 169 42.12 -21.69 -0.30
C THR G 169 41.44 -20.65 0.60
N ALA G 170 41.21 -21.01 1.86
CA ALA G 170 40.86 -20.02 2.87
C ALA G 170 42.14 -19.37 3.39
N VAL G 171 42.14 -18.04 3.47
CA VAL G 171 43.31 -17.27 3.86
C VAL G 171 42.98 -16.54 5.16
N HIS G 172 43.87 -16.68 6.14
CA HIS G 172 43.55 -16.27 7.50
C HIS G 172 44.83 -15.84 8.20
N LYS G 173 44.65 -15.10 9.28
CA LYS G 173 45.74 -14.81 10.19
C LYS G 173 45.40 -15.44 11.54
N ALA G 174 45.06 -16.74 11.50
CA ALA G 174 44.46 -17.39 12.67
C ALA G 174 45.48 -17.74 13.75
N ASN G 175 46.78 -17.74 13.44
CA ASN G 175 47.81 -17.89 14.45
C ASN G 175 48.01 -16.64 15.29
N ILE G 176 47.40 -15.51 14.92
CA ILE G 176 47.49 -14.27 15.69
C ILE G 176 46.15 -13.90 16.29
N MET G 177 45.07 -14.04 15.54
CA MET G 177 43.73 -13.81 16.04
C MET G 177 43.08 -15.20 16.17
N ARG G 178 43.50 -15.93 17.21
CA ARG G 178 43.15 -17.33 17.35
C ARG G 178 41.62 -17.56 17.38
N MET G 179 40.85 -16.64 17.96
CA MET G 179 39.40 -16.84 18.03
C MET G 179 38.71 -16.42 16.74
N SER G 180 38.64 -15.11 16.49
CA SER G 180 37.94 -14.57 15.33
C SER G 180 38.31 -15.28 14.03
N ASP G 181 39.58 -15.21 13.62
CA ASP G 181 39.95 -15.94 12.42
C ASP G 181 39.83 -17.44 12.63
N GLY G 182 39.90 -17.89 13.89
CA GLY G 182 39.72 -19.31 14.16
C GLY G 182 38.35 -19.80 13.76
N LEU G 183 37.31 -19.02 14.09
CA LEU G 183 35.96 -19.40 13.73
C LEU G 183 35.74 -19.31 12.21
N PHE G 184 36.24 -18.25 11.58
CA PHE G 184 36.14 -18.15 10.13
C PHE G 184 36.76 -19.37 9.45
N LEU G 185 37.96 -19.75 9.89
CA LEU G 185 38.60 -20.93 9.33
C LEU G 185 37.77 -22.18 9.58
N GLN G 186 37.09 -22.24 10.72
CA GLN G 186 36.31 -23.42 11.11
C GLN G 186 35.08 -23.60 10.22
N LYS G 187 34.37 -22.50 9.91
CA LYS G 187 33.21 -22.60 9.04
C LYS G 187 33.58 -22.94 7.60
N CYS G 188 34.73 -22.47 7.09
CA CYS G 188 35.20 -22.91 5.79
C CYS G 188 35.54 -24.39 5.81
N ARG G 189 36.22 -24.83 6.87
CA ARG G 189 36.52 -26.24 7.03
C ARG G 189 35.25 -27.07 6.93
N GLU G 190 34.18 -26.62 7.61
CA GLU G 190 32.90 -27.31 7.57
C GLU G 190 32.39 -27.44 6.15
N VAL G 191 32.28 -26.30 5.44
CA VAL G 191 31.75 -26.27 4.08
C VAL G 191 32.64 -27.10 3.16
N ALA G 192 33.95 -27.07 3.40
CA ALA G 192 34.86 -27.79 2.53
C ALA G 192 34.58 -29.29 2.59
N GLU G 193 34.17 -29.77 3.78
CA GLU G 193 33.84 -31.17 4.01
C GLU G 193 32.64 -31.62 3.18
N SER G 194 31.68 -30.72 2.99
CA SER G 194 30.46 -31.04 2.29
C SER G 194 30.57 -30.85 0.77
N CYS G 195 31.54 -30.08 0.28
CA CYS G 195 31.77 -29.95 -1.16
C CYS G 195 33.12 -30.58 -1.49
N LYS G 196 33.16 -31.90 -1.47
CA LYS G 196 34.43 -32.58 -1.65
C LYS G 196 34.82 -32.76 -3.12
N ASP G 197 34.04 -32.22 -4.07
CA ASP G 197 34.54 -32.15 -5.45
C ASP G 197 35.64 -31.12 -5.60
N ILE G 198 35.69 -30.15 -4.68
CA ILE G 198 36.60 -29.01 -4.73
C ILE G 198 37.73 -29.23 -3.73
N LYS G 199 38.96 -29.42 -4.22
CA LYS G 199 40.09 -29.52 -3.31
C LYS G 199 40.16 -28.26 -2.47
N PHE G 200 40.44 -28.43 -1.17
CA PHE G 200 40.45 -27.33 -0.21
C PHE G 200 41.75 -27.33 0.59
N ASN G 201 42.17 -26.14 1.03
CA ASN G 201 43.36 -26.01 1.87
C ASN G 201 43.34 -24.64 2.54
N GLU G 202 44.36 -24.39 3.37
CA GLU G 202 44.47 -23.16 4.13
C GLU G 202 45.90 -22.65 4.08
N MET G 203 46.04 -21.33 4.03
CA MET G 203 47.33 -20.69 4.08
C MET G 203 47.24 -19.44 4.92
N TYR G 204 48.33 -19.15 5.64
CA TYR G 204 48.43 -17.91 6.38
C TYR G 204 48.60 -16.74 5.42
N LEU G 205 47.96 -15.62 5.72
CA LEU G 205 47.91 -14.49 4.80
C LEU G 205 49.30 -14.00 4.40
N ASP G 206 50.19 -13.83 5.38
CA ASP G 206 51.51 -13.33 5.02
C ASP G 206 52.27 -14.33 4.15
N THR G 207 52.07 -15.63 4.37
CA THR G 207 52.62 -16.59 3.42
C THR G 207 51.99 -16.43 2.04
N VAL G 208 50.68 -16.18 1.99
CA VAL G 208 50.02 -15.97 0.70
C VAL G 208 50.64 -14.78 -0.01
N CYS G 209 50.86 -13.68 0.70
CA CYS G 209 51.44 -12.50 0.07
C CYS G 209 52.87 -12.75 -0.42
N LEU G 210 53.75 -13.30 0.43
CA LEU G 210 55.13 -13.53 -0.03
C LEU G 210 55.14 -14.45 -1.23
N ASN G 211 54.23 -15.42 -1.25
CA ASN G 211 54.18 -16.38 -2.34
C ASN G 211 53.47 -15.78 -3.55
N MET G 212 52.41 -15.01 -3.31
CA MET G 212 51.68 -14.34 -4.40
C MET G 212 52.61 -13.58 -5.35
N VAL G 213 53.64 -12.91 -4.82
CA VAL G 213 54.51 -12.08 -5.65
C VAL G 213 55.67 -12.86 -6.25
N GLN G 214 55.83 -14.13 -5.90
CA GLN G 214 56.90 -14.92 -6.49
C GLN G 214 56.41 -15.87 -7.58
N ASP G 215 55.21 -16.43 -7.41
CA ASP G 215 54.57 -17.37 -8.30
C ASP G 215 53.07 -17.36 -8.05
N PRO G 216 52.30 -16.54 -8.77
CA PRO G 216 50.84 -16.60 -8.64
C PRO G 216 50.19 -17.74 -9.40
N SER G 217 50.95 -18.51 -10.19
CA SER G 217 50.40 -19.69 -10.83
C SER G 217 49.87 -20.70 -9.82
N GLN G 218 50.31 -20.62 -8.56
CA GLN G 218 50.02 -21.65 -7.58
C GLN G 218 48.72 -21.43 -6.83
N PHE G 219 47.97 -20.36 -7.11
CA PHE G 219 46.72 -20.09 -6.40
C PHE G 219 45.55 -20.13 -7.37
N ASP G 220 44.38 -20.32 -6.80
CA ASP G 220 43.16 -20.55 -7.57
C ASP G 220 42.06 -19.64 -7.05
N VAL G 221 41.17 -20.18 -6.24
CA VAL G 221 40.10 -19.40 -5.62
C VAL G 221 40.46 -19.20 -4.16
N LEU G 222 40.48 -17.95 -3.70
CA LEU G 222 40.86 -17.61 -2.33
C LEU G 222 39.67 -16.99 -1.61
N VAL G 223 39.42 -17.41 -0.36
CA VAL G 223 38.28 -16.89 0.39
C VAL G 223 38.76 -16.33 1.73
N MET G 224 38.22 -15.17 2.11
CA MET G 224 38.93 -14.38 3.10
C MET G 224 37.99 -13.54 3.94
N PRO G 225 38.39 -13.22 5.17
CA PRO G 225 37.73 -12.14 5.92
C PRO G 225 37.85 -10.80 5.18
N ASN G 226 37.04 -9.84 5.61
CA ASN G 226 36.90 -8.55 4.93
C ASN G 226 38.23 -7.83 4.62
N LEU G 227 38.96 -7.37 5.64
CA LEU G 227 40.15 -6.54 5.41
C LEU G 227 41.15 -7.28 4.54
N TYR G 228 41.44 -8.55 4.86
CA TYR G 228 42.34 -9.35 4.05
C TYR G 228 41.97 -9.26 2.58
N GLY G 229 40.69 -9.51 2.27
CA GLY G 229 40.27 -9.53 0.89
C GLY G 229 40.33 -8.16 0.23
N ASP G 230 40.14 -7.10 1.00
CA ASP G 230 40.27 -5.76 0.42
C ASP G 230 41.67 -5.55 -0.15
N ILE G 231 42.71 -6.00 0.54
CA ILE G 231 44.04 -5.70 0.05
C ILE G 231 44.47 -6.76 -0.96
N LEU G 232 44.13 -8.03 -0.72
CA LEU G 232 44.57 -9.06 -1.63
C LEU G 232 43.94 -8.88 -3.01
N SER G 233 42.68 -8.42 -3.05
CA SER G 233 42.03 -8.19 -4.33
C SER G 233 42.72 -7.09 -5.14
N ASP G 234 43.41 -6.17 -4.47
CA ASP G 234 44.13 -5.14 -5.20
C ASP G 234 45.56 -5.56 -5.49
N LEU G 235 46.20 -6.26 -4.56
CA LEU G 235 47.48 -6.87 -4.86
C LEU G 235 47.39 -7.68 -6.15
N CYS G 236 46.36 -8.51 -6.25
CA CYS G 236 46.17 -9.39 -7.41
C CYS G 236 45.78 -8.60 -8.65
N ALA G 237 45.01 -7.51 -8.47
CA ALA G 237 44.76 -6.63 -9.59
C ALA G 237 46.08 -6.03 -10.08
N GLY G 238 46.97 -5.70 -9.16
CA GLY G 238 48.29 -5.22 -9.53
C GLY G 238 49.19 -6.29 -10.11
N LEU G 239 48.78 -7.55 -10.09
CA LEU G 239 49.55 -8.57 -10.77
C LEU G 239 49.33 -8.54 -12.27
N ILE G 240 48.21 -8.00 -12.74
CA ILE G 240 47.78 -8.23 -14.11
C ILE G 240 47.58 -6.95 -14.90
N GLY G 241 47.94 -5.79 -14.34
CA GLY G 241 47.82 -4.56 -15.08
C GLY G 241 47.04 -3.43 -14.44
N GLY G 242 46.45 -3.64 -13.26
CA GLY G 242 45.75 -2.57 -12.57
C GLY G 242 44.23 -2.63 -12.72
N LEU G 243 43.57 -1.67 -12.05
CA LEU G 243 42.11 -1.61 -11.98
C LEU G 243 41.46 -1.23 -13.30
N GLY G 244 42.21 -1.09 -14.39
CA GLY G 244 41.59 -0.82 -15.68
C GLY G 244 41.15 -2.08 -16.39
N VAL G 245 41.75 -3.22 -16.05
CA VAL G 245 41.50 -4.48 -16.75
C VAL G 245 40.79 -5.50 -15.88
N THR G 246 40.46 -5.18 -14.62
CA THR G 246 40.01 -6.20 -13.67
C THR G 246 38.51 -6.12 -13.47
N PRO G 247 37.79 -7.22 -13.66
CA PRO G 247 36.36 -7.22 -13.41
C PRO G 247 36.09 -7.31 -11.91
N SER G 248 34.84 -7.02 -11.54
CA SER G 248 34.46 -7.07 -10.14
C SER G 248 32.96 -7.30 -10.00
N GLY G 249 32.58 -8.17 -9.08
CA GLY G 249 31.18 -8.40 -8.78
C GLY G 249 30.89 -8.41 -7.29
N ASN G 250 29.64 -8.09 -6.96
CA ASN G 250 29.20 -7.98 -5.57
C ASN G 250 27.91 -8.75 -5.37
N ILE G 251 28.01 -9.87 -4.67
CA ILE G 251 26.91 -10.82 -4.54
C ILE G 251 26.08 -10.48 -3.29
N GLY G 252 24.77 -10.43 -3.45
CA GLY G 252 23.92 -9.94 -2.37
C GLY G 252 22.71 -10.79 -2.05
N ALA G 253 21.83 -10.28 -1.22
CA ALA G 253 20.64 -11.00 -0.80
C ALA G 253 19.62 -11.08 -1.95
N ASN G 254 18.69 -12.03 -1.83
CA ASN G 254 17.54 -12.12 -2.75
C ASN G 254 17.97 -12.24 -4.20
N GLY G 255 19.12 -12.88 -4.46
CA GLY G 255 19.58 -13.08 -5.81
C GLY G 255 20.13 -11.85 -6.49
N VAL G 256 20.39 -10.79 -5.73
CA VAL G 256 21.03 -9.61 -6.27
C VAL G 256 22.50 -9.91 -6.56
N ALA G 257 23.01 -9.25 -7.58
CA ALA G 257 24.43 -9.31 -7.92
C ALA G 257 24.71 -8.06 -8.74
N ILE G 258 25.63 -7.23 -8.27
CA ILE G 258 26.01 -6.02 -8.97
C ILE G 258 27.45 -6.18 -9.42
N PHE G 259 27.67 -6.17 -10.73
CA PHE G 259 29.01 -6.24 -11.27
C PHE G 259 29.41 -4.85 -11.75
N GLU G 260 30.66 -4.48 -11.47
CA GLU G 260 31.04 -3.07 -11.48
C GLU G 260 32.45 -2.93 -12.01
N SER G 261 32.84 -1.68 -12.23
CA SER G 261 34.20 -1.31 -12.54
C SER G 261 34.80 -0.67 -11.30
N VAL G 262 36.03 -1.05 -10.96
CA VAL G 262 36.65 -0.47 -9.77
C VAL G 262 37.60 0.67 -10.10
N HIS G 263 37.90 0.89 -11.38
CA HIS G 263 38.76 2.00 -11.78
C HIS G 263 38.05 3.32 -11.52
N GLY G 264 38.82 4.40 -11.61
CA GLY G 264 38.28 5.69 -11.30
C GLY G 264 37.22 6.17 -12.27
N THR G 265 36.78 7.42 -12.11
CA THR G 265 35.78 7.99 -12.99
C THR G 265 36.39 8.79 -14.14
N ALA G 266 37.71 9.07 -14.08
CA ALA G 266 38.54 9.69 -15.12
C ALA G 266 37.88 10.87 -15.83
N PRO G 267 37.65 11.99 -15.14
CA PRO G 267 36.93 13.09 -15.79
C PRO G 267 37.76 13.80 -16.87
N ASP G 268 39.09 13.71 -16.81
CA ASP G 268 39.92 14.39 -17.80
C ASP G 268 39.75 13.85 -19.20
N ILE G 269 39.26 12.63 -19.34
CA ILE G 269 39.02 12.06 -20.66
C ILE G 269 37.53 11.87 -20.90
N ALA G 270 36.69 12.50 -20.10
CA ALA G 270 35.25 12.35 -20.23
C ALA G 270 34.78 12.97 -21.54
N GLY G 271 34.08 12.19 -22.37
CA GLY G 271 33.54 12.71 -23.60
C GLY G 271 34.49 12.79 -24.78
N LYS G 272 35.76 12.45 -24.60
CA LYS G 272 36.78 12.60 -25.63
C LYS G 272 37.07 11.28 -26.39
N ASP G 273 36.19 10.29 -26.26
CA ASP G 273 36.35 8.94 -26.84
C ASP G 273 37.79 8.42 -26.70
N MET G 274 38.35 8.55 -25.50
CA MET G 274 39.63 7.92 -25.19
C MET G 274 39.54 6.90 -24.05
N ALA G 275 38.35 6.66 -23.51
CA ALA G 275 38.20 5.81 -22.35
C ALA G 275 38.37 4.34 -22.72
N ASN G 276 38.73 3.54 -21.71
CA ASN G 276 38.93 2.12 -21.91
C ASN G 276 37.80 1.32 -21.28
N PRO G 277 36.96 0.64 -22.05
CA PRO G 277 35.81 -0.06 -21.47
C PRO G 277 36.07 -1.53 -21.13
N THR G 278 37.32 -1.97 -21.14
CA THR G 278 37.60 -3.39 -20.97
C THR G 278 37.10 -3.90 -19.62
N ALA G 279 37.49 -3.24 -18.53
CA ALA G 279 37.06 -3.66 -17.20
C ALA G 279 35.56 -3.89 -17.14
N LEU G 280 34.79 -2.82 -17.42
CA LEU G 280 33.33 -2.93 -17.32
C LEU G 280 32.77 -3.98 -18.28
N LEU G 281 33.40 -4.15 -19.44
CA LEU G 281 33.04 -5.26 -20.30
C LEU G 281 33.30 -6.60 -19.60
N LEU G 282 34.53 -6.81 -19.13
CA LEU G 282 34.86 -8.09 -18.51
C LEU G 282 33.99 -8.37 -17.29
N SER G 283 33.54 -7.32 -16.61
CA SER G 283 32.60 -7.56 -15.51
C SER G 283 31.25 -7.95 -16.03
N ALA G 284 30.83 -7.41 -17.18
CA ALA G 284 29.57 -7.90 -17.74
C ALA G 284 29.71 -9.32 -18.28
N VAL G 285 30.92 -9.76 -18.60
CA VAL G 285 31.15 -11.19 -18.82
C VAL G 285 30.86 -11.97 -17.54
N MET G 286 31.25 -11.41 -16.40
CA MET G 286 30.86 -11.97 -15.10
C MET G 286 29.35 -11.92 -14.89
N MET G 287 28.72 -10.79 -15.23
CA MET G 287 27.26 -10.76 -15.17
C MET G 287 26.64 -11.83 -16.06
N LEU G 288 27.25 -12.09 -17.23
CA LEU G 288 26.72 -13.12 -18.11
C LEU G 288 26.89 -14.51 -17.49
N ARG G 289 28.13 -14.87 -17.13
CA ARG G 289 28.39 -16.19 -16.58
C ARG G 289 27.62 -16.43 -15.28
N HIS G 290 27.45 -15.39 -14.45
CA HIS G 290 26.57 -15.51 -13.29
C HIS G 290 25.16 -15.85 -13.73
N MET G 291 24.70 -15.25 -14.83
CA MET G 291 23.33 -15.42 -15.26
C MET G 291 23.09 -16.79 -15.90
N GLY G 292 24.15 -17.52 -16.21
CA GLY G 292 24.02 -18.77 -16.92
C GLY G 292 24.31 -18.74 -18.41
N LEU G 293 24.47 -17.55 -19.00
CA LEU G 293 24.59 -17.43 -20.45
C LEU G 293 26.06 -17.57 -20.84
N PHE G 294 26.58 -18.76 -20.55
CA PHE G 294 28.01 -18.96 -20.68
C PHE G 294 28.45 -18.77 -22.11
N ASP G 295 27.65 -19.24 -23.07
CA ASP G 295 28.09 -19.17 -24.45
C ASP G 295 28.22 -17.73 -24.91
N HIS G 296 27.27 -16.88 -24.53
CA HIS G 296 27.35 -15.47 -24.91
C HIS G 296 28.52 -14.79 -24.23
N ALA G 297 28.79 -15.13 -22.97
CA ALA G 297 29.96 -14.57 -22.29
C ALA G 297 31.25 -15.06 -22.91
N ALA G 298 31.29 -16.32 -23.33
CA ALA G 298 32.52 -16.89 -23.88
C ALA G 298 32.95 -16.16 -25.14
N ARG G 299 32.00 -15.83 -26.02
CA ARG G 299 32.33 -15.15 -27.27
C ARG G 299 32.86 -13.73 -27.02
N ILE G 300 32.11 -12.93 -26.25
CA ILE G 300 32.51 -11.56 -25.91
C ILE G 300 33.89 -11.53 -25.27
N GLU G 301 34.14 -12.44 -24.31
CA GLU G 301 35.45 -12.50 -23.69
C GLU G 301 36.55 -12.82 -24.70
N ALA G 302 36.31 -13.80 -25.56
CA ALA G 302 37.31 -14.22 -26.53
C ALA G 302 37.52 -13.16 -27.61
N ALA G 303 36.48 -12.40 -27.92
CA ALA G 303 36.57 -11.37 -28.94
C ALA G 303 37.27 -10.11 -28.45
N CYS G 304 37.40 -9.94 -27.13
CA CYS G 304 38.03 -8.75 -26.59
C CYS G 304 39.52 -8.99 -26.34
N PHE G 305 39.86 -10.20 -25.87
CA PHE G 305 41.27 -10.56 -25.76
C PHE G 305 41.91 -10.61 -27.13
N ALA G 306 41.22 -11.23 -28.10
CA ALA G 306 41.72 -11.27 -29.48
C ALA G 306 41.99 -9.87 -29.99
N THR G 307 41.20 -8.89 -29.55
CA THR G 307 41.47 -7.49 -29.88
C THR G 307 42.73 -7.00 -29.18
N ILE G 308 42.90 -7.35 -27.91
CA ILE G 308 44.03 -6.85 -27.15
C ILE G 308 45.31 -7.54 -27.59
N LYS G 309 45.25 -8.84 -27.93
CA LYS G 309 46.47 -9.59 -28.26
C LYS G 309 47.05 -9.09 -29.58
N ASP G 310 46.21 -8.97 -30.61
CA ASP G 310 46.56 -8.29 -31.83
C ASP G 310 47.38 -7.03 -31.54
N GLY G 311 46.74 -6.04 -30.94
CA GLY G 311 47.42 -4.83 -30.50
C GLY G 311 47.31 -3.69 -31.46
N LYS G 312 46.55 -3.84 -32.54
CA LYS G 312 46.53 -2.82 -33.58
C LYS G 312 45.67 -1.63 -33.21
N SER G 313 44.71 -1.80 -32.30
CA SER G 313 43.89 -0.70 -31.78
C SER G 313 43.67 -0.95 -30.29
N LEU G 314 44.54 -0.36 -29.46
CA LEU G 314 44.32 -0.34 -28.02
C LEU G 314 43.81 1.05 -27.65
N THR G 315 44.22 1.61 -26.51
CA THR G 315 43.87 2.97 -26.09
C THR G 315 45.02 3.53 -25.25
N LYS G 316 44.87 4.81 -24.88
CA LYS G 316 45.97 5.56 -24.28
C LYS G 316 46.61 4.79 -23.11
N ASP G 317 45.78 4.15 -22.28
CA ASP G 317 46.27 3.48 -21.07
C ASP G 317 46.93 2.14 -21.35
N LEU G 318 46.50 1.40 -22.38
CA LEU G 318 47.15 0.15 -22.71
C LEU G 318 48.35 0.34 -23.61
N GLY G 319 48.92 1.54 -23.61
CA GLY G 319 50.04 1.86 -24.48
C GLY G 319 49.64 1.94 -25.92
N GLY G 320 48.77 2.89 -26.24
CA GLY G 320 48.21 2.95 -27.58
C GLY G 320 47.74 4.36 -27.89
N ASN G 321 47.24 4.51 -29.11
CA ASN G 321 46.75 5.79 -29.60
C ASN G 321 45.36 5.67 -30.24
N ALA G 322 44.69 4.52 -30.11
CA ALA G 322 43.39 4.34 -30.73
C ALA G 322 42.30 4.90 -29.84
N LYS G 323 41.17 5.27 -30.45
CA LYS G 323 40.09 5.90 -29.72
C LYS G 323 39.20 4.84 -29.04
N CYS G 324 38.37 5.29 -28.09
CA CYS G 324 37.41 4.40 -27.46
C CYS G 324 36.47 3.80 -28.50
N SER G 325 36.01 4.63 -29.43
CA SER G 325 35.10 4.19 -30.48
C SER G 325 35.68 3.04 -31.29
N ASP G 326 36.92 3.16 -31.75
CA ASP G 326 37.42 2.18 -32.70
C ASP G 326 37.84 0.89 -32.02
N PHE G 327 38.42 0.94 -30.82
CA PHE G 327 38.73 -0.29 -30.11
C PHE G 327 37.47 -1.06 -29.75
N THR G 328 36.37 -0.34 -29.51
CA THR G 328 35.07 -0.97 -29.29
C THR G 328 34.51 -1.58 -30.57
N GLU G 329 34.80 -0.99 -31.73
CA GLU G 329 34.31 -1.54 -33.00
C GLU G 329 35.12 -2.75 -33.45
N GLU G 330 36.43 -2.80 -33.17
CA GLU G 330 37.16 -4.02 -33.47
C GLU G 330 36.63 -5.20 -32.70
N ILE G 331 35.92 -4.95 -31.58
CA ILE G 331 35.39 -6.04 -30.78
C ILE G 331 34.06 -6.54 -31.33
N CYS G 332 33.20 -5.63 -31.81
CA CYS G 332 31.97 -6.04 -32.48
C CYS G 332 32.27 -6.75 -33.79
N ARG G 333 33.27 -6.28 -34.54
CA ARG G 333 33.58 -6.97 -35.79
C ARG G 333 34.07 -8.37 -35.50
N ARG G 334 34.90 -8.55 -34.47
CA ARG G 334 35.47 -9.86 -34.23
C ARG G 334 34.49 -10.80 -33.52
N VAL G 335 33.49 -10.26 -32.83
CA VAL G 335 32.60 -11.12 -32.05
C VAL G 335 31.72 -11.95 -32.98
N LYS G 336 31.14 -11.32 -34.01
CA LYS G 336 30.22 -12.02 -34.92
C LYS G 336 30.99 -12.69 -36.05
N ASP G 337 31.96 -13.52 -35.69
CA ASP G 337 32.75 -14.30 -36.64
C ASP G 337 33.34 -15.54 -35.95
N SER H 14 86.52 -7.53 23.33
CA SER H 14 85.42 -8.05 22.51
C SER H 14 84.08 -7.52 22.98
N PHE H 15 83.07 -7.58 22.08
CA PHE H 15 81.72 -7.11 22.34
C PHE H 15 80.80 -8.27 22.66
N PRO H 16 80.08 -8.24 23.78
CA PRO H 16 79.15 -9.32 24.08
C PRO H 16 77.81 -9.03 23.42
N VAL H 17 77.29 -10.03 22.71
CA VAL H 17 76.02 -9.95 22.01
C VAL H 17 75.18 -11.14 22.47
N THR H 18 73.91 -10.88 22.78
CA THR H 18 73.01 -11.98 23.12
C THR H 18 72.57 -12.72 21.86
N MET H 19 72.53 -14.05 21.94
CA MET H 19 72.15 -14.89 20.81
C MET H 19 71.11 -15.92 21.23
N LEU H 20 69.86 -15.72 20.80
CA LEU H 20 68.80 -16.70 20.99
C LEU H 20 68.59 -17.44 19.67
N PRO H 21 69.20 -18.60 19.47
CA PRO H 21 69.13 -19.25 18.16
C PRO H 21 67.71 -19.58 17.71
N GLY H 22 66.97 -20.34 18.52
CA GLY H 22 65.56 -20.54 18.23
C GLY H 22 65.14 -21.85 17.60
N ASP H 23 64.12 -21.76 16.75
CA ASP H 23 63.39 -22.88 16.19
C ASP H 23 63.92 -23.25 14.80
N GLY H 24 63.73 -24.51 14.42
CA GLY H 24 63.92 -24.93 13.05
C GLY H 24 65.34 -24.73 12.56
N VAL H 25 65.50 -23.87 11.54
CA VAL H 25 66.81 -23.65 10.94
C VAL H 25 67.60 -22.56 11.64
N GLY H 26 67.00 -21.87 12.61
CA GLY H 26 67.67 -20.89 13.43
C GLY H 26 69.01 -21.34 13.94
N PRO H 27 69.04 -22.45 14.70
CA PRO H 27 70.33 -23.01 15.13
C PRO H 27 71.35 -23.12 14.01
N GLU H 28 70.93 -23.56 12.83
CA GLU H 28 71.88 -23.74 11.75
C GLU H 28 72.32 -22.40 11.14
N LEU H 29 71.41 -21.43 11.06
CA LEU H 29 71.78 -20.10 10.60
C LEU H 29 72.78 -19.44 11.54
N MET H 30 72.58 -19.59 12.85
CA MET H 30 73.54 -19.02 13.80
C MET H 30 74.91 -19.66 13.67
N HIS H 31 74.95 -20.97 13.39
CA HIS H 31 76.21 -21.63 13.10
C HIS H 31 76.92 -20.94 11.93
N ALA H 32 76.16 -20.64 10.87
CA ALA H 32 76.68 -19.85 9.75
C ALA H 32 77.25 -18.53 10.24
N VAL H 33 76.43 -17.75 10.97
CA VAL H 33 76.90 -16.49 11.52
C VAL H 33 78.15 -16.71 12.36
N LYS H 34 78.16 -17.75 13.19
CA LYS H 34 79.32 -17.95 14.05
C LYS H 34 80.55 -18.33 13.24
N GLU H 35 80.36 -19.11 12.18
CA GLU H 35 81.50 -19.60 11.39
C GLU H 35 82.08 -18.50 10.48
N VAL H 36 81.20 -17.74 9.81
CA VAL H 36 81.67 -16.56 9.09
C VAL H 36 82.43 -15.63 10.02
N PHE H 37 81.87 -15.40 11.21
CA PHE H 37 82.52 -14.50 12.16
C PHE H 37 83.90 -14.99 12.53
N LYS H 38 84.03 -16.29 12.82
CA LYS H 38 85.34 -16.86 13.13
C LYS H 38 86.31 -16.64 11.98
N ALA H 39 85.80 -16.53 10.75
CA ALA H 39 86.65 -16.34 9.58
C ALA H 39 87.04 -14.88 9.34
N ALA H 40 86.23 -13.91 9.80
CA ALA H 40 86.57 -12.50 9.65
C ALA H 40 87.23 -11.92 10.90
N ALA H 41 87.52 -12.75 11.91
CA ALA H 41 88.13 -12.29 13.15
C ALA H 41 87.26 -11.27 13.87
N VAL H 42 85.97 -11.28 13.58
CA VAL H 42 85.02 -10.40 14.24
C VAL H 42 85.14 -10.56 15.74
N PRO H 43 85.53 -9.50 16.47
CA PRO H 43 85.61 -9.54 17.94
C PRO H 43 84.25 -9.37 18.61
N VAL H 44 83.39 -10.37 18.44
CA VAL H 44 82.22 -10.50 19.30
C VAL H 44 82.28 -11.86 19.97
N GLU H 45 81.73 -11.93 21.18
CA GLU H 45 81.55 -13.16 21.93
C GLU H 45 80.07 -13.22 22.28
N PHE H 46 79.34 -14.14 21.63
CA PHE H 46 77.90 -14.25 21.82
C PHE H 46 77.58 -14.94 23.15
N GLN H 47 76.44 -14.59 23.72
CA GLN H 47 75.95 -15.17 24.97
C GLN H 47 74.76 -16.08 24.63
N GLU H 48 75.06 -17.34 24.29
CA GLU H 48 74.09 -18.29 23.76
C GLU H 48 73.10 -18.69 24.86
N HIS H 49 71.91 -18.13 24.82
CA HIS H 49 70.81 -18.48 25.71
C HIS H 49 69.83 -19.32 24.91
N HIS H 50 70.19 -20.59 24.67
CA HIS H 50 69.44 -21.37 23.69
C HIS H 50 67.98 -21.55 24.08
N LEU H 51 67.66 -21.59 25.37
CA LEU H 51 66.26 -21.67 25.79
C LEU H 51 65.46 -20.53 25.16
N SER H 52 64.37 -20.87 24.49
CA SER H 52 63.52 -19.86 23.88
C SER H 52 62.93 -18.92 24.94
N LYS H 62 61.27 -17.71 33.77
CA LYS H 62 62.55 -18.27 33.36
C LYS H 62 63.15 -17.44 32.21
N LEU H 63 62.32 -16.57 31.64
CA LEU H 63 62.72 -15.75 30.50
C LEU H 63 63.37 -14.45 30.92
N GLU H 64 63.06 -13.93 32.11
CA GLU H 64 63.71 -12.72 32.60
C GLU H 64 65.22 -12.89 32.61
N GLN H 65 65.71 -14.14 32.59
CA GLN H 65 67.13 -14.41 32.43
C GLN H 65 67.68 -13.75 31.15
N VAL H 66 66.89 -13.75 30.07
CA VAL H 66 67.35 -13.15 28.81
C VAL H 66 67.38 -11.63 28.92
N LEU H 67 66.34 -11.04 29.55
CA LEU H 67 66.28 -9.58 29.65
C LEU H 67 67.49 -9.01 30.37
N SER H 68 67.98 -9.72 31.40
CA SER H 68 69.14 -9.24 32.13
C SER H 68 70.39 -9.23 31.27
N SER H 69 70.48 -10.15 30.30
CA SER H 69 71.64 -10.19 29.42
C SER H 69 71.57 -9.04 28.41
N MET H 70 70.37 -8.65 28.03
CA MET H 70 70.25 -7.48 27.15
C MET H 70 70.41 -6.17 27.89
N LYS H 71 70.17 -6.15 29.21
CA LYS H 71 70.48 -4.94 29.97
C LYS H 71 71.98 -4.66 29.98
N GLU H 72 72.82 -5.70 29.87
CA GLU H 72 74.27 -5.50 29.81
C GLU H 72 74.79 -5.44 28.38
N ASN H 73 74.32 -6.32 27.48
CA ASN H 73 74.84 -6.35 26.11
C ASN H 73 74.23 -5.27 25.24
N LYS H 74 72.92 -5.05 25.37
CA LYS H 74 72.11 -4.07 24.64
C LYS H 74 71.97 -4.34 23.14
N VAL H 75 72.54 -5.43 22.61
CA VAL H 75 72.35 -5.81 21.21
C VAL H 75 72.22 -7.33 21.13
N ALA H 76 71.40 -7.81 20.19
CA ALA H 76 71.17 -9.25 20.07
C ALA H 76 70.97 -9.65 18.62
N ILE H 77 71.18 -10.95 18.36
CA ILE H 77 70.81 -11.63 17.12
C ILE H 77 69.94 -12.84 17.47
N ILE H 78 68.82 -13.00 16.77
CA ILE H 78 67.81 -13.97 17.16
C ILE H 78 67.22 -14.68 15.95
N GLY H 79 66.68 -15.88 16.22
CA GLY H 79 65.87 -16.62 15.28
C GLY H 79 64.39 -16.55 15.60
N LYS H 80 63.62 -17.45 15.01
CA LYS H 80 62.19 -17.55 15.30
C LYS H 80 61.97 -18.53 16.45
N ILE H 81 60.92 -18.25 17.25
CA ILE H 81 60.50 -19.08 18.39
C ILE H 81 58.98 -19.30 18.35
N ALA H 92 50.17 -13.75 24.43
CA ALA H 92 50.06 -14.26 23.06
C ALA H 92 51.27 -15.15 22.69
N SER H 93 52.00 -14.77 21.63
CA SER H 93 53.15 -15.53 21.16
C SER H 93 54.38 -15.29 22.05
N TYR H 94 55.18 -16.35 22.26
CA TYR H 94 56.36 -16.22 23.10
C TYR H 94 57.30 -15.12 22.58
N ASP H 95 57.32 -14.94 21.26
CA ASP H 95 58.11 -13.85 20.68
C ASP H 95 57.55 -12.48 21.07
N MET H 96 56.22 -12.33 21.07
CA MET H 96 55.64 -11.07 21.49
C MET H 96 55.84 -10.84 22.99
N ARG H 97 55.82 -11.92 23.78
CA ARG H 97 56.13 -11.80 25.19
C ARG H 97 57.59 -11.44 25.43
N LEU H 98 58.46 -11.78 24.47
CA LEU H 98 59.85 -11.33 24.51
C LEU H 98 59.98 -9.88 24.09
N ARG H 99 59.28 -9.49 23.01
CA ARG H 99 59.35 -8.12 22.54
C ARG H 99 58.79 -7.16 23.56
N ARG H 100 57.70 -7.55 24.23
CA ARG H 100 57.13 -6.67 25.24
C ARG H 100 58.18 -6.33 26.31
N LYS H 101 58.88 -7.34 26.82
CA LYS H 101 59.86 -7.09 27.88
C LYS H 101 60.94 -6.13 27.40
N LEU H 102 61.47 -6.36 26.18
CA LEU H 102 62.56 -5.55 25.66
C LEU H 102 62.11 -4.22 25.05
N ASP H 103 60.80 -4.01 24.92
CA ASP H 103 60.22 -2.76 24.42
C ASP H 103 60.55 -2.53 22.94
N LEU H 104 60.58 -3.61 22.17
CA LEU H 104 60.92 -3.51 20.75
C LEU H 104 59.71 -2.95 20.00
N PHE H 105 59.55 -1.64 20.08
CA PHE H 105 58.38 -1.04 19.44
C PHE H 105 58.53 -0.94 17.92
N ALA H 106 59.74 -0.73 17.41
CA ALA H 106 59.94 -0.39 16.01
C ALA H 106 60.65 -1.54 15.28
N ASN H 107 60.08 -1.95 14.14
CA ASN H 107 60.64 -3.03 13.32
C ASN H 107 61.04 -2.49 11.95
N VAL H 108 62.22 -2.85 11.49
CA VAL H 108 62.79 -2.30 10.26
C VAL H 108 63.23 -3.43 9.34
N VAL H 109 62.72 -3.44 8.11
CA VAL H 109 63.15 -4.41 7.11
C VAL H 109 63.72 -3.66 5.90
N HIS H 110 64.93 -4.06 5.49
CA HIS H 110 65.56 -3.53 4.28
C HIS H 110 65.22 -4.44 3.11
N VAL H 111 64.51 -3.88 2.14
CA VAL H 111 64.11 -4.59 0.93
C VAL H 111 65.06 -4.09 -0.15
N LYS H 112 66.17 -4.81 -0.36
CA LYS H 112 67.17 -4.41 -1.33
C LYS H 112 67.51 -5.56 -2.26
N SER H 113 67.29 -5.35 -3.55
CA SER H 113 67.67 -6.33 -4.55
C SER H 113 69.17 -6.64 -4.48
N LEU H 114 69.52 -7.92 -4.61
CA LEU H 114 70.89 -8.36 -4.63
C LEU H 114 71.37 -8.49 -6.08
N PRO H 115 72.44 -7.79 -6.45
CA PRO H 115 72.77 -7.58 -7.88
C PRO H 115 72.94 -8.85 -8.72
N GLY H 116 73.04 -10.02 -8.13
CA GLY H 116 73.15 -11.17 -9.01
C GLY H 116 71.93 -12.07 -9.05
N TYR H 117 71.01 -11.87 -8.13
CA TYR H 117 69.87 -12.75 -7.90
C TYR H 117 68.70 -12.05 -8.55
N MET H 118 68.35 -12.45 -9.75
CA MET H 118 67.45 -11.65 -10.57
C MET H 118 66.02 -12.01 -10.22
N THR H 119 65.19 -11.00 -10.01
CA THR H 119 63.76 -11.20 -9.83
C THR H 119 63.00 -10.35 -10.82
N ARG H 120 61.67 -10.33 -10.69
CA ARG H 120 60.83 -9.42 -11.45
C ARG H 120 61.03 -7.95 -11.07
N HIS H 121 61.71 -7.64 -9.97
CA HIS H 121 61.96 -6.25 -9.58
C HIS H 121 63.39 -6.19 -9.08
N ASN H 122 64.27 -5.69 -9.94
CA ASN H 122 65.68 -5.52 -9.63
C ASN H 122 65.99 -4.05 -9.40
N ASN H 123 67.20 -3.80 -8.87
CA ASN H 123 67.62 -2.45 -8.47
C ASN H 123 66.59 -1.81 -7.54
N LEU H 124 66.10 -2.58 -6.58
CA LEU H 124 65.06 -2.09 -5.68
C LEU H 124 65.65 -1.80 -4.30
N ASP H 125 65.22 -0.68 -3.72
CA ASP H 125 65.74 -0.29 -2.40
C ASP H 125 64.62 0.36 -1.59
N LEU H 126 64.04 -0.39 -0.64
CA LEU H 126 62.96 0.08 0.23
C LEU H 126 63.21 -0.26 1.68
N VAL H 127 62.68 0.59 2.55
CA VAL H 127 62.70 0.38 3.99
C VAL H 127 61.27 0.45 4.49
N ILE H 128 60.79 -0.62 5.12
CA ILE H 128 59.48 -0.63 5.78
C ILE H 128 59.71 -0.60 7.27
N ILE H 129 59.10 0.38 7.93
CA ILE H 129 59.14 0.53 9.38
C ILE H 129 57.75 0.29 9.95
N ARG H 130 57.68 -0.58 10.94
CA ARG H 130 56.43 -1.12 11.42
C ARG H 130 56.35 -1.03 12.95
N GLU H 131 55.23 -0.51 13.43
CA GLU H 131 54.90 -0.62 14.85
C GLU H 131 54.63 -2.08 15.23
N GLN H 132 55.21 -2.52 16.34
CA GLN H 132 55.34 -3.95 16.63
C GLN H 132 54.67 -4.37 17.93
N THR H 133 53.91 -3.50 18.59
CA THR H 133 53.40 -3.81 19.92
C THR H 133 51.89 -3.70 20.07
N GLU H 134 51.22 -2.89 19.26
CA GLU H 134 49.79 -2.59 19.39
C GLU H 134 48.98 -3.44 18.41
N GLY H 135 47.75 -3.01 18.13
CA GLY H 135 46.91 -3.65 17.15
C GLY H 135 46.21 -4.90 17.64
N GLU H 136 46.10 -5.91 16.76
CA GLU H 136 45.40 -7.15 17.02
C GLU H 136 46.27 -8.16 17.72
N TYR H 137 47.50 -7.79 18.04
CA TYR H 137 48.53 -8.74 18.41
C TYR H 137 48.65 -8.93 19.91
N SER H 138 47.82 -8.26 20.72
CA SER H 138 47.78 -8.54 22.15
C SER H 138 46.79 -9.64 22.50
N SER H 139 46.17 -10.26 21.50
CA SER H 139 45.29 -11.41 21.71
C SER H 139 44.13 -11.04 22.64
N LEU H 140 43.42 -9.99 22.26
CA LEU H 140 42.31 -9.48 23.05
C LEU H 140 40.97 -9.79 22.39
N GLU H 141 40.63 -11.07 22.28
CA GLU H 141 39.35 -11.45 21.73
C GLU H 141 38.48 -12.10 22.79
N HIS H 142 37.17 -12.09 22.56
CA HIS H 142 36.22 -12.81 23.40
C HIS H 142 35.03 -13.28 22.57
N GLU H 143 34.10 -13.97 23.21
CA GLU H 143 32.88 -14.43 22.56
C GLU H 143 31.73 -13.65 23.18
N SER H 144 31.12 -12.76 22.40
CA SER H 144 30.08 -11.93 22.98
C SER H 144 28.70 -12.57 22.89
N ALA H 145 28.59 -13.71 22.20
CA ALA H 145 27.41 -14.53 22.03
C ALA H 145 27.87 -15.73 21.23
N ARG H 146 27.06 -16.79 21.18
CA ARG H 146 27.53 -17.95 20.46
C ARG H 146 27.68 -17.59 19.00
N GLY H 147 28.81 -18.02 18.41
CA GLY H 147 29.08 -17.72 17.02
C GLY H 147 29.34 -16.26 16.72
N VAL H 148 29.73 -15.47 17.72
CA VAL H 148 29.95 -14.05 17.53
C VAL H 148 31.16 -13.69 18.35
N ILE H 149 32.26 -13.33 17.68
CA ILE H 149 33.56 -13.11 18.29
C ILE H 149 33.93 -11.64 18.10
N GLU H 150 34.51 -11.04 19.12
CA GLU H 150 35.12 -9.72 18.99
C GLU H 150 36.63 -9.84 19.07
N CYS H 151 37.31 -8.98 18.33
CA CYS H 151 38.77 -8.84 18.36
C CYS H 151 39.07 -7.36 18.43
N LEU H 152 39.77 -6.94 19.48
CA LEU H 152 40.10 -5.53 19.65
C LEU H 152 41.44 -5.22 18.99
N LYS H 153 41.46 -4.19 18.14
CA LYS H 153 42.67 -3.65 17.56
C LYS H 153 42.99 -2.37 18.31
N ILE H 154 44.19 -2.27 18.88
CA ILE H 154 44.52 -1.16 19.80
C ILE H 154 45.49 -0.21 19.13
N VAL H 155 45.11 1.05 19.00
CA VAL H 155 45.98 2.11 18.48
C VAL H 155 46.03 3.25 19.48
N THR H 156 47.24 3.73 19.81
CA THR H 156 47.43 4.84 20.75
C THR H 156 48.35 5.88 20.18
N ARG H 157 48.15 7.12 20.64
CA ARG H 157 49.02 8.25 20.29
C ARG H 157 50.48 8.04 20.75
N ALA H 158 50.68 7.48 21.95
CA ALA H 158 52.04 7.30 22.46
C ALA H 158 52.90 6.49 21.49
N LYS H 159 52.39 5.34 21.04
CA LYS H 159 53.17 4.47 20.18
C LYS H 159 53.09 4.91 18.72
N SER H 160 51.97 5.50 18.30
CA SER H 160 51.93 6.12 16.97
C SER H 160 53.00 7.20 16.83
N GLN H 161 53.01 8.19 17.73
CA GLN H 161 54.06 9.21 17.70
C GLN H 161 55.44 8.57 17.70
N ARG H 162 55.60 7.53 18.51
CA ARG H 162 56.92 6.93 18.67
C ARG H 162 57.42 6.30 17.37
N ILE H 163 56.58 5.47 16.73
CA ILE H 163 56.99 4.84 15.47
C ILE H 163 57.13 5.88 14.38
N ALA H 164 56.35 6.96 14.44
CA ALA H 164 56.44 7.99 13.40
C ALA H 164 57.71 8.82 13.57
N LYS H 165 57.99 9.24 14.80
CA LYS H 165 59.26 9.92 15.07
C LYS H 165 60.43 9.06 14.63
N PHE H 166 60.41 7.78 15.01
CA PHE H 166 61.50 6.88 14.64
C PHE H 166 61.64 6.80 13.14
N ALA H 167 60.51 6.78 12.43
CA ALA H 167 60.57 6.67 10.98
C ALA H 167 61.31 7.86 10.38
N PHE H 168 61.05 9.08 10.86
CA PHE H 168 61.71 10.25 10.27
C PHE H 168 63.15 10.34 10.74
N ASP H 169 63.42 9.97 11.99
CA ASP H 169 64.81 9.86 12.39
C ASP H 169 65.53 8.86 11.51
N TYR H 170 64.86 7.78 11.10
CA TYR H 170 65.51 6.84 10.18
C TYR H 170 65.82 7.53 8.85
N ALA H 171 64.82 8.20 8.27
CA ALA H 171 65.06 8.83 6.97
C ALA H 171 66.22 9.81 7.03
N THR H 172 66.40 10.47 8.18
CA THR H 172 67.48 11.45 8.29
C THR H 172 68.81 10.76 8.58
N LYS H 173 68.93 10.06 9.72
CA LYS H 173 70.12 9.27 10.02
C LYS H 173 70.68 8.55 8.78
N LYS H 174 69.83 7.89 8.00
CA LYS H 174 70.27 7.05 6.90
C LYS H 174 70.14 7.74 5.54
N GLY H 175 69.71 8.99 5.49
CA GLY H 175 69.77 9.73 4.24
C GLY H 175 68.65 9.48 3.26
N ARG H 176 67.48 9.11 3.75
CA ARG H 176 66.35 8.81 2.89
C ARG H 176 65.54 10.08 2.67
N GLY H 177 64.93 10.20 1.51
CA GLY H 177 64.15 11.39 1.22
C GLY H 177 62.65 11.36 1.46
N LYS H 178 62.02 10.19 1.41
CA LYS H 178 60.58 10.12 1.55
C LYS H 178 60.18 9.13 2.64
N VAL H 179 59.08 9.47 3.32
CA VAL H 179 58.42 8.59 4.29
C VAL H 179 56.94 8.54 3.90
N THR H 180 56.45 7.34 3.59
CA THR H 180 55.03 7.13 3.31
C THR H 180 54.35 6.39 4.47
N ALA H 181 53.28 6.97 4.98
CA ALA H 181 52.50 6.36 6.06
C ALA H 181 51.31 5.62 5.46
N VAL H 182 51.21 4.33 5.76
CA VAL H 182 50.22 3.45 5.13
C VAL H 182 49.15 3.11 6.16
N HIS H 183 47.90 3.39 5.83
CA HIS H 183 46.81 3.40 6.80
C HIS H 183 45.57 2.82 6.17
N LYS H 184 44.50 2.73 6.95
CA LYS H 184 43.19 2.46 6.40
C LYS H 184 42.19 3.39 7.03
N ALA H 185 42.57 4.64 7.21
CA ALA H 185 41.77 5.57 7.99
C ALA H 185 40.49 5.96 7.31
N ASN H 186 40.22 5.53 6.08
CA ASN H 186 38.92 5.82 5.51
C ASN H 186 37.86 4.87 6.04
N ILE H 187 38.26 3.70 6.54
CA ILE H 187 37.34 2.74 7.15
C ILE H 187 37.40 2.88 8.66
N MET H 188 38.58 2.65 9.23
CA MET H 188 38.76 2.82 10.68
C MET H 188 39.15 4.28 10.95
N LYS H 189 38.11 5.12 11.16
CA LYS H 189 38.26 6.57 11.18
C LYS H 189 38.95 7.09 12.43
N LEU H 190 38.73 6.49 13.60
CA LEU H 190 39.62 6.59 14.76
C LEU H 190 40.54 5.37 14.79
N GLY H 191 41.71 5.53 15.33
CA GLY H 191 42.51 4.32 15.28
C GLY H 191 43.46 4.41 14.12
N ASP H 192 43.03 4.05 12.91
CA ASP H 192 43.88 4.39 11.78
C ASP H 192 43.86 5.90 11.53
N GLY H 193 42.78 6.58 11.91
CA GLY H 193 42.82 8.02 11.89
C GLY H 193 43.84 8.57 12.88
N LEU H 194 43.95 7.96 14.05
CA LEU H 194 44.84 8.47 15.08
C LEU H 194 46.30 8.27 14.69
N PHE H 195 46.67 7.05 14.29
CA PHE H 195 47.99 6.81 13.70
C PHE H 195 48.31 7.85 12.64
N LEU H 196 47.37 8.10 11.70
CA LEU H 196 47.57 9.13 10.68
C LEU H 196 47.84 10.49 11.31
N GLN H 197 46.98 10.91 12.23
CA GLN H 197 47.16 12.18 12.93
C GLN H 197 48.58 12.35 13.42
N CYS H 198 49.07 11.41 14.24
CA CYS H 198 50.41 11.56 14.78
C CYS H 198 51.44 11.61 13.66
N CYS H 199 51.32 10.71 12.70
CA CYS H 199 52.19 10.66 11.54
C CYS H 199 52.35 12.06 10.96
N GLU H 200 51.22 12.71 10.71
CA GLU H 200 51.21 14.03 10.09
C GLU H 200 51.78 15.08 11.03
N GLU H 201 51.66 14.87 12.34
CA GLU H 201 52.25 15.81 13.28
C GLU H 201 53.76 15.70 13.27
N VAL H 202 54.27 14.47 13.39
CA VAL H 202 55.73 14.28 13.37
C VAL H 202 56.29 14.66 12.01
N ALA H 203 55.49 14.57 10.95
CA ALA H 203 55.98 15.00 9.65
C ALA H 203 56.37 16.47 9.67
N GLU H 204 55.61 17.30 10.39
CA GLU H 204 55.84 18.74 10.32
C GLU H 204 57.17 19.16 10.94
N LEU H 205 57.70 18.35 11.87
CA LEU H 205 59.00 18.58 12.49
C LEU H 205 60.18 18.20 11.62
N TYR H 206 59.93 17.65 10.43
CA TYR H 206 61.01 17.22 9.56
C TYR H 206 60.76 17.80 8.18
N PRO H 207 60.92 19.11 8.02
CA PRO H 207 60.56 19.75 6.74
C PRO H 207 61.41 19.32 5.57
N LYS H 208 62.57 18.69 5.82
CA LYS H 208 63.43 18.27 4.72
C LYS H 208 63.08 16.89 4.19
N ILE H 209 62.25 16.13 4.90
CA ILE H 209 61.81 14.80 4.47
C ILE H 209 60.42 14.88 3.87
N LYS H 210 60.23 14.29 2.69
CA LYS H 210 58.93 14.31 2.05
C LYS H 210 57.94 13.40 2.76
N PHE H 211 56.68 13.83 2.86
CA PHE H 211 55.63 13.05 3.51
C PHE H 211 54.47 12.78 2.55
N GLU H 212 54.11 11.50 2.41
CA GLU H 212 52.95 11.08 1.63
C GLU H 212 52.15 10.06 2.44
N THR H 213 50.86 10.01 2.18
CA THR H 213 50.03 8.97 2.74
C THR H 213 49.43 8.15 1.61
N MET H 214 49.05 6.92 1.91
CA MET H 214 48.48 5.99 0.94
C MET H 214 47.75 4.87 1.67
N ILE H 215 46.57 4.52 1.15
CA ILE H 215 45.73 3.47 1.72
C ILE H 215 46.35 2.10 1.47
N ILE H 216 46.16 1.18 2.41
CA ILE H 216 46.95 -0.05 2.45
C ILE H 216 46.73 -0.90 1.19
N ASP H 217 45.48 -1.06 0.72
CA ASP H 217 45.31 -1.94 -0.44
C ASP H 217 45.97 -1.34 -1.68
N ASN H 218 45.79 -0.04 -1.90
CA ASN H 218 46.50 0.59 -2.99
C ASN H 218 48.00 0.39 -2.84
N CYS H 219 48.49 0.41 -1.61
CA CYS H 219 49.93 0.33 -1.43
C CYS H 219 50.46 -1.05 -1.85
N CYS H 220 49.67 -2.12 -1.66
CA CYS H 220 50.09 -3.45 -2.10
C CYS H 220 50.02 -3.58 -3.62
N MET H 221 48.97 -3.01 -4.22
CA MET H 221 48.90 -2.91 -5.68
C MET H 221 50.09 -2.14 -6.21
N GLN H 222 50.38 -1.00 -5.59
CA GLN H 222 51.50 -0.18 -6.02
C GLN H 222 52.83 -0.92 -5.90
N LEU H 223 53.01 -1.68 -4.83
CA LEU H 223 54.26 -2.42 -4.62
C LEU H 223 54.51 -3.48 -5.69
N VAL H 224 53.47 -3.87 -6.43
CA VAL H 224 53.64 -4.89 -7.45
C VAL H 224 53.79 -4.30 -8.84
N GLN H 225 53.22 -3.14 -9.09
CA GLN H 225 53.43 -2.48 -10.37
C GLN H 225 54.71 -1.67 -10.35
N ASN H 226 54.84 -0.79 -9.38
CA ASN H 226 55.95 0.17 -9.33
C ASN H 226 56.37 0.37 -7.90
N PRO H 227 57.10 -0.60 -7.34
CA PRO H 227 57.63 -0.44 -5.99
C PRO H 227 58.71 0.63 -5.88
N TYR H 228 59.23 1.14 -7.01
CA TYR H 228 60.35 2.08 -6.96
C TYR H 228 59.91 3.46 -6.52
N GLN H 229 58.61 3.74 -6.58
CA GLN H 229 58.07 5.00 -6.09
C GLN H 229 58.25 5.23 -4.60
N PHE H 230 58.64 4.21 -3.83
CA PHE H 230 58.66 4.33 -2.38
C PHE H 230 60.10 4.44 -1.87
N ASP H 231 60.25 5.05 -0.71
CA ASP H 231 61.54 5.13 -0.04
C ASP H 231 61.42 4.47 1.34
N VAL H 232 60.89 5.20 2.32
CA VAL H 232 60.59 4.65 3.62
C VAL H 232 59.08 4.57 3.77
N LEU H 233 58.61 3.41 4.23
CA LEU H 233 57.20 3.18 4.54
C LEU H 233 57.05 3.01 6.05
N VAL H 234 56.00 3.59 6.62
CA VAL H 234 55.69 3.43 8.04
C VAL H 234 54.22 3.06 8.19
N MET H 235 53.93 2.08 9.07
CA MET H 235 52.59 1.53 9.18
C MET H 235 52.43 0.90 10.57
N PRO H 236 51.18 0.55 10.96
CA PRO H 236 50.97 -0.18 12.23
C PRO H 236 51.22 -1.68 12.10
N ASN H 237 50.84 -2.47 13.12
CA ASN H 237 51.41 -3.82 13.23
C ASN H 237 50.99 -4.72 12.07
N LEU H 238 49.69 -4.80 11.78
CA LEU H 238 49.23 -5.77 10.79
C LEU H 238 49.73 -5.42 9.39
N TYR H 239 49.42 -4.21 8.92
CA TYR H 239 49.92 -3.79 7.61
C TYR H 239 51.40 -4.05 7.48
N GLY H 240 52.14 -3.89 8.57
CA GLY H 240 53.55 -4.24 8.57
C GLY H 240 53.79 -5.71 8.27
N ASN H 241 52.92 -6.60 8.77
CA ASN H 241 53.02 -8.02 8.44
C ASN H 241 52.83 -8.25 6.94
N ILE H 242 51.86 -7.54 6.35
CA ILE H 242 51.55 -7.71 4.94
C ILE H 242 52.70 -7.23 4.07
N ILE H 243 53.10 -5.97 4.24
CA ILE H 243 54.13 -5.38 3.39
C ILE H 243 55.47 -6.08 3.60
N ASP H 244 55.81 -6.44 4.84
CA ASP H 244 57.10 -7.09 5.08
C ASP H 244 57.23 -8.34 4.22
N ASN H 245 56.17 -9.15 4.17
CA ASN H 245 56.30 -10.39 3.42
C ASN H 245 56.01 -10.15 1.94
N LEU H 246 55.07 -9.26 1.65
CA LEU H 246 54.92 -8.80 0.27
C LEU H 246 56.25 -8.33 -0.31
N ALA H 247 56.85 -7.29 0.31
CA ALA H 247 58.03 -6.68 -0.27
C ALA H 247 59.20 -7.67 -0.33
N ALA H 248 59.30 -8.58 0.65
CA ALA H 248 60.40 -9.52 0.62
C ALA H 248 60.32 -10.43 -0.60
N GLY H 249 59.11 -10.80 -1.03
CA GLY H 249 59.00 -11.64 -2.20
C GLY H 249 59.45 -10.92 -3.46
N LEU H 250 59.24 -9.61 -3.53
CA LEU H 250 59.70 -8.81 -4.66
C LEU H 250 61.19 -9.03 -4.93
N VAL H 251 61.99 -9.09 -3.88
CA VAL H 251 63.44 -9.11 -4.03
C VAL H 251 64.01 -10.51 -3.80
N GLY H 252 63.16 -11.53 -3.79
CA GLY H 252 63.64 -12.89 -3.74
C GLY H 252 63.53 -13.67 -2.42
N GLY H 253 62.63 -13.29 -1.51
CA GLY H 253 62.13 -14.23 -0.53
C GLY H 253 62.81 -14.15 0.83
N ALA H 254 62.20 -14.87 1.78
CA ALA H 254 62.61 -14.84 3.17
C ALA H 254 64.06 -15.26 3.36
N GLY H 255 64.67 -15.90 2.38
CA GLY H 255 66.03 -16.36 2.58
C GLY H 255 67.09 -15.30 2.39
N VAL H 256 66.72 -14.09 1.97
CA VAL H 256 67.72 -13.06 1.72
C VAL H 256 67.43 -11.74 2.44
N VAL H 257 66.20 -11.50 2.90
CA VAL H 257 65.86 -10.17 3.42
C VAL H 257 66.13 -10.08 4.92
N PRO H 258 66.91 -9.08 5.40
CA PRO H 258 67.19 -8.97 6.85
C PRO H 258 66.27 -8.01 7.60
N GLY H 259 66.23 -8.13 8.93
CA GLY H 259 65.45 -7.19 9.73
C GLY H 259 66.11 -6.89 11.06
N GLU H 260 65.68 -5.78 11.66
CA GLU H 260 66.09 -5.38 13.01
C GLU H 260 64.93 -4.68 13.72
N SER H 261 64.74 -4.99 15.01
CA SER H 261 63.74 -4.31 15.84
C SER H 261 64.45 -3.51 16.92
N TYR H 262 63.98 -2.28 17.16
CA TYR H 262 64.67 -1.32 18.01
C TYR H 262 63.87 -0.97 19.26
N SER H 263 64.57 -0.90 20.39
CA SER H 263 64.08 -0.28 21.62
C SER H 263 64.68 1.13 21.71
N ALA H 264 64.52 1.78 22.87
CA ALA H 264 65.26 3.03 23.08
C ALA H 264 66.74 2.77 23.25
N GLU H 265 67.09 1.63 23.85
CA GLU H 265 68.48 1.24 24.08
C GLU H 265 68.89 -0.05 23.41
N TYR H 266 67.98 -1.01 23.22
CA TYR H 266 68.39 -2.28 22.64
C TYR H 266 68.22 -2.28 21.12
N ALA H 267 68.89 -3.25 20.49
CA ALA H 267 68.78 -3.49 19.05
C ALA H 267 68.87 -4.99 18.83
N VAL H 268 67.84 -5.55 18.22
CA VAL H 268 67.74 -6.99 17.98
C VAL H 268 67.65 -7.22 16.48
N PHE H 269 68.52 -8.09 15.96
CA PHE H 269 68.67 -8.29 14.52
C PHE H 269 68.20 -9.68 14.12
N GLU H 270 67.39 -9.74 13.07
CA GLU H 270 66.72 -10.97 12.69
C GLU H 270 66.46 -10.95 11.18
N THR H 271 65.69 -11.93 10.70
CA THR H 271 65.23 -12.00 9.32
C THR H 271 63.99 -11.12 9.15
N GLY H 272 63.68 -10.78 7.90
CA GLY H 272 62.71 -9.74 7.61
C GLY H 272 61.32 -10.23 7.25
N ALA H 273 61.24 -11.38 6.58
CA ALA H 273 59.97 -12.05 6.32
C ALA H 273 59.79 -13.12 7.39
N ARG H 274 58.83 -12.89 8.28
CA ARG H 274 58.67 -13.67 9.49
C ARG H 274 57.35 -14.40 9.49
N HIS H 275 56.91 -14.83 8.32
CA HIS H 275 55.67 -15.59 8.27
C HIS H 275 55.92 -17.03 8.71
N PRO H 276 54.86 -17.77 9.03
CA PRO H 276 55.06 -19.09 9.66
C PRO H 276 55.88 -20.05 8.83
N PHE H 277 55.89 -19.90 7.52
CA PHE H 277 56.61 -20.84 6.67
C PHE H 277 57.89 -20.26 6.10
N ALA H 278 58.38 -19.17 6.69
CA ALA H 278 59.65 -18.57 6.27
C ALA H 278 60.77 -19.55 6.56
N GLN H 279 61.35 -20.12 5.49
CA GLN H 279 62.51 -21.03 5.55
C GLN H 279 62.18 -22.30 6.34
N ALA H 280 61.11 -22.97 5.91
CA ALA H 280 60.67 -24.23 6.52
C ALA H 280 61.24 -25.42 5.75
N VAL H 281 62.56 -25.54 5.80
CA VAL H 281 63.28 -26.62 5.14
C VAL H 281 64.01 -27.42 6.22
N GLY H 282 64.75 -28.46 5.81
CA GLY H 282 65.44 -29.33 6.73
C GLY H 282 66.92 -29.01 6.88
N ARG H 283 67.65 -29.99 7.42
CA ARG H 283 69.04 -29.76 7.80
C ARG H 283 69.88 -29.52 6.55
N ASN H 284 70.59 -28.39 6.52
CA ASN H 284 71.50 -28.01 5.44
C ASN H 284 70.78 -27.75 4.12
N ILE H 285 69.78 -26.88 4.13
CA ILE H 285 68.96 -26.58 2.97
C ILE H 285 68.73 -25.08 2.85
N ALA H 286 68.86 -24.38 3.96
CA ALA H 286 68.38 -23.01 4.08
C ALA H 286 69.43 -22.00 3.61
N ASN H 287 68.94 -20.80 3.30
CA ASN H 287 69.81 -19.69 2.89
C ASN H 287 70.32 -18.94 4.09
N PRO H 288 71.64 -18.84 4.28
CA PRO H 288 72.18 -18.00 5.35
C PRO H 288 72.30 -16.54 4.97
N THR H 289 71.85 -16.14 3.78
CA THR H 289 72.07 -14.77 3.34
C THR H 289 71.38 -13.79 4.26
N ALA H 290 70.10 -14.04 4.54
CA ALA H 290 69.27 -13.13 5.33
C ALA H 290 69.90 -12.84 6.69
N MET H 291 70.28 -13.87 7.44
CA MET H 291 70.81 -13.55 8.76
C MET H 291 72.25 -13.07 8.70
N LEU H 292 73.02 -13.51 7.71
CA LEU H 292 74.37 -12.98 7.52
C LEU H 292 74.30 -11.49 7.22
N LEU H 293 73.41 -11.09 6.31
CA LEU H 293 73.24 -9.67 6.02
C LEU H 293 72.86 -8.91 7.27
N SER H 294 71.93 -9.48 8.06
CA SER H 294 71.54 -8.82 9.31
C SER H 294 72.68 -8.83 10.32
N ALA H 295 73.41 -9.94 10.42
CA ALA H 295 74.60 -9.99 11.28
C ALA H 295 75.57 -8.87 10.92
N SER H 296 75.66 -8.56 9.63
CA SER H 296 76.53 -7.49 9.17
C SER H 296 75.99 -6.13 9.58
N ASN H 297 74.68 -5.93 9.39
CA ASN H 297 73.98 -4.76 9.92
C ASN H 297 74.15 -4.65 11.43
N MET H 298 74.11 -5.78 12.14
CA MET H 298 74.44 -5.77 13.55
C MET H 298 75.81 -5.16 13.78
N LEU H 299 76.80 -5.58 12.99
CA LEU H 299 78.16 -5.08 13.17
C LEU H 299 78.25 -3.57 12.96
N ARG H 300 77.46 -3.02 12.03
CA ARG H 300 77.45 -1.57 11.87
C ARG H 300 76.97 -0.90 13.14
N HIS H 301 76.06 -1.56 13.85
CA HIS H 301 75.53 -0.99 15.06
C HIS H 301 76.63 -0.85 16.11
N LEU H 302 77.53 -1.83 16.19
CA LEU H 302 78.64 -1.77 17.14
C LEU H 302 79.82 -0.95 16.61
N ASN H 303 79.64 -0.26 15.48
CA ASN H 303 80.69 0.53 14.83
C ASN H 303 81.94 -0.30 14.56
N LEU H 304 81.75 -1.59 14.28
CA LEU H 304 82.73 -2.40 13.57
C LEU H 304 82.43 -2.33 12.08
N GLU H 305 82.65 -1.14 11.50
CA GLU H 305 82.26 -0.94 10.11
C GLU H 305 83.17 -1.69 9.14
N TYR H 306 84.44 -1.90 9.49
CA TYR H 306 85.29 -2.71 8.61
C TYR H 306 84.71 -4.10 8.43
N HIS H 307 84.45 -4.80 9.54
CA HIS H 307 83.96 -6.18 9.45
C HIS H 307 82.55 -6.23 8.91
N SER H 308 81.74 -5.22 9.24
CA SER H 308 80.39 -5.17 8.72
C SER H 308 80.41 -5.09 7.20
N SER H 309 81.28 -4.25 6.64
CA SER H 309 81.34 -4.09 5.19
C SER H 309 81.95 -5.31 4.53
N MET H 310 83.01 -5.88 5.11
CA MET H 310 83.66 -7.05 4.55
C MET H 310 82.69 -8.23 4.44
N ILE H 311 81.88 -8.45 5.49
CA ILE H 311 80.93 -9.56 5.47
C ILE H 311 79.85 -9.31 4.41
N ALA H 312 79.24 -8.11 4.41
CA ALA H 312 78.24 -7.82 3.38
C ALA H 312 78.84 -7.91 1.98
N ASP H 313 80.06 -7.40 1.80
CA ASP H 313 80.68 -7.43 0.47
C ASP H 313 80.88 -8.87 0.03
N ALA H 314 81.50 -9.68 0.87
CA ALA H 314 81.64 -11.10 0.56
C ALA H 314 80.30 -11.75 0.24
N VAL H 315 79.27 -11.47 1.06
CA VAL H 315 77.97 -12.10 0.82
C VAL H 315 77.40 -11.65 -0.53
N LYS H 316 77.41 -10.34 -0.76
CA LYS H 316 76.86 -9.82 -2.01
C LYS H 316 77.66 -10.30 -3.22
N LYS H 317 78.98 -10.51 -3.07
CA LYS H 317 79.81 -10.96 -4.18
C LYS H 317 79.65 -12.45 -4.47
N VAL H 318 79.61 -13.28 -3.42
CA VAL H 318 79.40 -14.71 -3.66
C VAL H 318 78.09 -14.93 -4.39
N ILE H 319 77.10 -14.08 -4.13
CA ILE H 319 75.81 -14.23 -4.82
C ILE H 319 75.89 -13.69 -6.25
N LYS H 320 76.76 -12.70 -6.52
CA LYS H 320 76.83 -12.16 -7.88
C LYS H 320 77.62 -13.08 -8.80
N VAL H 321 78.78 -13.56 -8.35
CA VAL H 321 79.59 -14.51 -9.10
C VAL H 321 78.74 -15.66 -9.62
N GLY H 322 77.90 -16.23 -8.76
CA GLY H 322 76.92 -17.22 -9.18
C GLY H 322 77.36 -18.66 -9.13
N LYS H 323 78.60 -18.93 -8.67
CA LYS H 323 79.03 -20.31 -8.48
C LYS H 323 78.13 -21.02 -7.47
N VAL H 324 78.11 -20.54 -6.22
CA VAL H 324 77.40 -21.23 -5.14
C VAL H 324 76.09 -20.50 -4.86
N ARG H 325 74.99 -21.26 -4.85
CA ARG H 325 73.65 -20.70 -4.71
C ARG H 325 72.70 -21.76 -4.17
N THR H 326 72.04 -21.45 -3.05
CA THR H 326 71.14 -22.35 -2.35
C THR H 326 69.84 -22.53 -3.13
N SER H 327 68.99 -23.43 -2.63
CA SER H 327 67.82 -23.85 -3.40
C SER H 327 66.90 -22.68 -3.71
N ASP H 328 66.54 -21.92 -2.69
CA ASP H 328 65.62 -20.79 -2.84
C ASP H 328 66.07 -19.84 -3.96
N MET H 329 67.39 -19.62 -4.07
CA MET H 329 67.94 -18.71 -5.08
C MET H 329 68.14 -19.37 -6.43
N GLY H 330 67.79 -20.65 -6.58
CA GLY H 330 67.89 -21.33 -7.86
C GLY H 330 69.22 -22.04 -8.06
N GLY H 331 69.61 -22.85 -7.08
CA GLY H 331 70.86 -23.57 -7.16
C GLY H 331 70.74 -24.91 -6.46
N TYR H 332 71.79 -25.72 -6.58
CA TYR H 332 71.84 -27.04 -5.95
C TYR H 332 72.83 -27.05 -4.78
N ALA H 333 73.02 -25.90 -4.13
CA ALA H 333 74.01 -25.78 -3.07
C ALA H 333 73.37 -25.96 -1.71
N THR H 334 74.03 -26.72 -0.84
CA THR H 334 73.59 -26.87 0.55
C THR H 334 74.12 -25.70 1.38
N CYS H 335 73.61 -25.59 2.61
CA CYS H 335 73.86 -24.38 3.38
C CYS H 335 75.32 -24.31 3.85
N HIS H 336 75.90 -25.45 4.26
CA HIS H 336 77.31 -25.45 4.60
C HIS H 336 78.17 -25.21 3.37
N ASP H 337 77.77 -25.75 2.21
CA ASP H 337 78.36 -25.35 0.94
C ASP H 337 78.50 -23.84 0.87
N PHE H 338 77.36 -23.15 0.92
CA PHE H 338 77.31 -21.70 0.76
C PHE H 338 78.10 -21.00 1.86
N THR H 339 77.89 -21.41 3.11
CA THR H 339 78.55 -20.73 4.22
C THR H 339 80.06 -20.79 4.07
N GLU H 340 80.58 -21.91 3.55
CA GLU H 340 82.03 -22.02 3.42
C GLU H 340 82.57 -21.30 2.20
N GLU H 341 81.78 -21.16 1.14
CA GLU H 341 82.19 -20.22 0.09
C GLU H 341 82.30 -18.82 0.65
N ILE H 342 81.36 -18.43 1.53
CA ILE H 342 81.39 -17.10 2.14
C ILE H 342 82.65 -16.93 2.98
N CYS H 343 82.95 -17.92 3.83
CA CYS H 343 84.12 -17.82 4.68
C CYS H 343 85.38 -17.71 3.84
N ARG H 344 85.42 -18.49 2.76
CA ARG H 344 86.56 -18.49 1.83
C ARG H 344 86.82 -17.08 1.33
N ARG H 345 85.81 -16.44 0.74
CA ARG H 345 85.99 -15.09 0.21
C ARG H 345 86.22 -14.05 1.29
N VAL H 346 85.72 -14.26 2.52
CA VAL H 346 85.98 -13.23 3.52
C VAL H 346 87.37 -13.40 4.12
N LYS H 347 87.79 -14.63 4.42
CA LYS H 347 89.17 -14.87 4.82
C LYS H 347 90.14 -14.41 3.74
N ASP H 348 89.66 -14.28 2.51
CA ASP H 348 90.51 -13.79 1.42
C ASP H 348 90.77 -12.30 1.56
N LEU H 349 89.70 -11.50 1.74
CA LEU H 349 89.84 -10.05 1.86
C LEU H 349 90.65 -9.62 3.08
N ASP H 350 91.00 -10.55 3.97
CA ASP H 350 92.04 -10.31 4.98
C ASP H 350 93.40 -10.77 4.44
N GLU H 351 93.83 -10.13 3.35
CA GLU H 351 95.00 -10.57 2.57
C GLU H 351 96.25 -10.78 3.42
N GLY I 2 4.41 56.32 -18.95
CA GLY I 2 3.88 55.45 -19.98
C GLY I 2 2.38 55.50 -20.24
N GLY I 3 1.86 56.70 -20.48
CA GLY I 3 0.46 56.92 -20.82
C GLY I 3 -0.39 57.48 -19.69
N VAL I 4 -1.24 58.45 -20.02
CA VAL I 4 -2.14 59.07 -19.07
C VAL I 4 -3.36 58.20 -18.86
N GLN I 5 -3.67 57.89 -17.59
CA GLN I 5 -4.81 57.06 -17.22
C GLN I 5 -5.93 57.90 -16.61
N THR I 6 -7.17 57.55 -16.92
CA THR I 6 -8.32 58.23 -16.35
C THR I 6 -8.86 57.41 -15.18
N VAL I 7 -9.26 58.10 -14.12
CA VAL I 7 -9.78 57.47 -12.91
C VAL I 7 -11.24 57.87 -12.75
N THR I 8 -12.08 56.93 -12.38
CA THR I 8 -13.42 57.32 -12.01
C THR I 8 -13.35 58.15 -10.72
N LEU I 9 -13.75 59.41 -10.80
CA LEU I 9 -13.87 60.26 -9.63
C LEU I 9 -15.31 60.26 -9.12
N ILE I 10 -15.49 59.95 -7.84
CA ILE I 10 -16.80 59.99 -7.22
C ILE I 10 -16.72 61.02 -6.10
N PRO I 11 -16.88 62.31 -6.41
CA PRO I 11 -16.69 63.35 -5.38
C PRO I 11 -17.61 63.21 -4.18
N GLY I 12 -18.85 62.74 -4.37
CA GLY I 12 -19.73 62.46 -3.25
C GLY I 12 -20.49 63.68 -2.75
N ASP I 13 -20.88 63.69 -1.48
CA ASP I 13 -21.78 64.72 -0.97
C ASP I 13 -21.14 65.48 0.19
N GLY I 14 -21.79 66.57 0.59
CA GLY I 14 -21.25 67.37 1.69
C GLY I 14 -19.98 68.11 1.28
N ILE I 15 -18.92 67.92 2.06
CA ILE I 15 -17.61 68.50 1.73
C ILE I 15 -16.93 67.73 0.63
N GLY I 16 -17.54 66.66 0.15
CA GLY I 16 -16.99 65.80 -0.88
C GLY I 16 -16.46 66.55 -2.08
N PRO I 17 -17.34 67.28 -2.77
CA PRO I 17 -16.91 68.04 -3.94
C PRO I 17 -15.70 68.95 -3.71
N GLU I 18 -15.63 69.69 -2.58
CA GLU I 18 -14.48 70.57 -2.38
C GLU I 18 -13.20 69.79 -2.12
N ILE I 19 -13.29 68.66 -1.42
CA ILE I 19 -12.05 67.92 -1.17
C ILE I 19 -11.61 67.15 -2.42
N SER I 20 -12.55 66.65 -3.23
CA SER I 20 -12.17 66.03 -4.49
C SER I 20 -11.52 67.05 -5.42
N ALA I 21 -12.03 68.28 -5.41
CA ALA I 21 -11.44 69.34 -6.23
C ALA I 21 -10.00 69.59 -5.81
N ALA I 22 -9.75 69.57 -4.49
CA ALA I 22 -8.40 69.74 -3.98
C ALA I 22 -7.47 68.62 -4.47
N VAL I 23 -7.96 67.37 -4.54
CA VAL I 23 -7.05 66.31 -4.94
C VAL I 23 -6.74 66.41 -6.42
N MET I 24 -7.74 66.73 -7.26
CA MET I 24 -7.47 66.99 -8.68
C MET I 24 -6.40 68.07 -8.84
N LYS I 25 -6.50 69.12 -8.01
CA LYS I 25 -5.59 70.26 -8.12
C LYS I 25 -4.16 69.87 -7.77
N ILE I 26 -3.98 69.11 -6.70
CA ILE I 26 -2.63 68.71 -6.32
C ILE I 26 -2.07 67.71 -7.32
N PHE I 27 -2.93 66.86 -7.88
CA PHE I 27 -2.49 65.91 -8.89
C PHE I 27 -2.02 66.63 -10.16
N ASP I 28 -2.62 67.79 -10.46
CA ASP I 28 -2.12 68.62 -11.55
C ASP I 28 -0.71 69.13 -11.25
N ALA I 29 -0.52 69.73 -10.06
CA ALA I 29 0.78 70.30 -9.69
C ALA I 29 1.89 69.24 -9.74
N ALA I 30 1.61 68.05 -9.27
CA ALA I 30 2.61 67.01 -9.29
C ALA I 30 2.82 66.43 -10.69
N LYS I 31 2.07 66.90 -11.69
CA LYS I 31 2.07 66.34 -13.05
C LYS I 31 1.87 64.82 -13.01
N ALA I 32 0.80 64.39 -12.37
CA ALA I 32 0.55 62.96 -12.38
C ALA I 32 -0.19 62.59 -13.67
N PRO I 33 0.08 61.43 -14.23
CA PRO I 33 -0.64 61.02 -15.46
C PRO I 33 -2.05 60.53 -15.17
N ILE I 34 -2.92 61.46 -14.74
CA ILE I 34 -4.28 61.11 -14.31
C ILE I 34 -5.28 62.10 -14.90
N GLN I 35 -6.36 61.55 -15.47
CA GLN I 35 -7.50 62.33 -15.95
C GLN I 35 -8.69 61.89 -15.12
N TRP I 36 -9.66 62.78 -14.92
CA TRP I 36 -10.80 62.50 -14.05
C TRP I 36 -12.09 62.29 -14.84
N GLU I 37 -12.85 61.27 -14.46
CA GLU I 37 -14.12 60.96 -15.10
C GLU I 37 -15.15 60.96 -13.99
N GLU I 38 -15.81 62.11 -13.78
CA GLU I 38 -16.70 62.28 -12.64
C GLU I 38 -17.97 61.46 -12.81
N ARG I 39 -18.32 60.68 -11.79
CA ARG I 39 -19.49 59.82 -11.80
C ARG I 39 -20.22 59.94 -10.47
N ASN I 40 -21.49 59.55 -10.49
CA ASN I 40 -22.37 59.63 -9.32
C ASN I 40 -22.84 58.22 -8.99
N VAL I 41 -22.77 57.85 -7.73
CA VAL I 41 -23.05 56.47 -7.39
C VAL I 41 -24.28 56.36 -6.48
N THR I 42 -24.96 57.48 -6.21
CA THR I 42 -26.21 57.45 -5.46
C THR I 42 -27.14 56.42 -6.04
N ALA I 43 -27.61 55.50 -5.21
CA ALA I 43 -28.36 54.38 -5.73
C ALA I 43 -29.70 54.87 -6.25
N ILE I 44 -30.30 54.12 -7.17
CA ILE I 44 -31.59 54.45 -7.76
C ILE I 44 -32.45 53.19 -7.79
N GLN I 45 -33.71 53.35 -8.20
CA GLN I 45 -34.77 52.37 -8.01
C GLN I 45 -35.13 51.61 -9.29
N GLY I 46 -35.52 50.35 -9.12
CA GLY I 46 -36.26 49.61 -10.15
C GLY I 46 -35.46 48.75 -11.11
N LYS I 50 -36.03 47.43 -6.39
CA LYS I 50 -34.68 47.14 -5.90
C LYS I 50 -33.69 48.25 -6.29
N TRP I 51 -32.62 48.42 -5.51
CA TRP I 51 -31.65 49.49 -5.76
C TRP I 51 -30.39 48.97 -6.44
N MET I 52 -29.87 49.81 -7.32
CA MET I 52 -28.73 49.50 -8.14
C MET I 52 -27.82 50.71 -8.09
N ILE I 53 -26.59 50.52 -8.51
CA ILE I 53 -25.81 51.74 -8.68
C ILE I 53 -25.99 52.20 -10.12
N PRO I 54 -25.94 53.49 -10.39
CA PRO I 54 -26.12 54.00 -11.75
C PRO I 54 -25.32 53.26 -12.80
N SER I 55 -25.83 53.23 -14.03
CA SER I 55 -25.23 52.41 -15.08
C SER I 55 -23.95 53.02 -15.62
N GLU I 56 -23.89 54.35 -15.75
CA GLU I 56 -22.66 55.01 -16.17
C GLU I 56 -21.56 54.91 -15.12
N ALA I 57 -21.93 54.65 -13.86
CA ALA I 57 -20.89 54.51 -12.86
C ALA I 57 -20.28 53.11 -12.90
N LYS I 58 -21.11 52.08 -13.13
CA LYS I 58 -20.56 50.74 -13.31
C LYS I 58 -19.75 50.66 -14.60
N GLU I 59 -20.31 51.15 -15.72
CA GLU I 59 -19.61 51.08 -17.00
C GLU I 59 -18.28 51.78 -16.94
N SER I 60 -18.20 52.86 -16.16
CA SER I 60 -16.97 53.61 -16.02
C SER I 60 -15.98 52.87 -15.11
N MET I 61 -16.40 52.54 -13.88
CA MET I 61 -15.60 51.70 -13.00
C MET I 61 -15.11 50.43 -13.69
N ASP I 62 -15.90 49.86 -14.60
CA ASP I 62 -15.43 48.67 -15.30
C ASP I 62 -14.41 49.01 -16.38
N LYS I 63 -14.64 50.09 -17.14
CA LYS I 63 -13.67 50.51 -18.15
C LYS I 63 -12.37 50.93 -17.46
N ASN I 64 -12.29 52.10 -16.84
CA ASN I 64 -11.08 52.40 -16.06
C ASN I 64 -11.19 51.72 -14.71
N LYS I 65 -10.11 51.13 -14.23
CA LYS I 65 -10.36 50.22 -13.11
C LYS I 65 -10.24 50.89 -11.74
N MET I 66 -9.73 52.11 -11.68
CA MET I 66 -9.50 52.81 -10.42
C MET I 66 -10.63 53.81 -10.15
N GLY I 67 -11.08 53.85 -8.91
CA GLY I 67 -12.04 54.86 -8.48
C GLY I 67 -11.55 55.60 -7.25
N LEU I 68 -11.88 56.89 -7.18
CA LEU I 68 -11.56 57.73 -6.04
C LEU I 68 -12.87 58.31 -5.52
N LYS I 69 -13.23 57.97 -4.30
CA LYS I 69 -14.58 58.15 -3.79
C LYS I 69 -14.55 59.08 -2.59
N GLY I 70 -15.43 60.08 -2.60
CA GLY I 70 -15.64 60.93 -1.46
C GLY I 70 -16.63 60.37 -0.43
N PRO I 71 -17.10 61.23 0.46
CA PRO I 71 -18.13 60.83 1.41
C PRO I 71 -19.50 60.86 0.77
N LEU I 72 -20.35 59.95 1.21
CA LEU I 72 -21.71 59.81 0.73
C LEU I 72 -22.72 60.02 1.85
N LYS I 73 -23.81 60.68 1.51
CA LYS I 73 -24.86 60.86 2.48
C LYS I 73 -25.44 59.52 2.90
N THR I 74 -25.96 59.47 4.12
CA THR I 74 -26.66 58.28 4.57
C THR I 74 -28.05 58.21 3.94
N PRO I 75 -28.41 57.10 3.30
CA PRO I 75 -29.79 56.94 2.81
C PRO I 75 -30.80 57.03 3.95
N ILE I 76 -31.81 57.90 3.78
CA ILE I 76 -32.83 58.14 4.79
C ILE I 76 -33.97 57.13 4.73
N ALA I 77 -33.93 56.18 3.78
CA ALA I 77 -35.02 55.24 3.56
C ALA I 77 -34.69 53.85 4.12
N ALA I 78 -35.76 53.09 4.40
CA ALA I 78 -35.61 51.77 5.00
C ALA I 78 -35.30 50.69 3.96
N GLY I 79 -35.90 50.79 2.77
CA GLY I 79 -35.52 49.90 1.69
C GLY I 79 -34.04 50.03 1.34
N HIS I 80 -33.60 51.26 1.07
CA HIS I 80 -32.24 51.60 0.66
C HIS I 80 -31.23 51.00 1.63
N PRO I 81 -30.43 50.04 1.17
CA PRO I 81 -29.36 49.50 2.02
C PRO I 81 -28.11 50.39 1.99
N SER I 82 -27.11 49.93 2.71
CA SER I 82 -25.78 50.50 2.69
C SER I 82 -25.33 50.81 1.29
N MET I 83 -24.71 51.98 1.11
CA MET I 83 -23.99 52.21 -0.13
C MET I 83 -22.73 51.37 -0.19
N ASN I 84 -22.15 51.07 0.98
CA ASN I 84 -21.05 50.11 1.07
C ASN I 84 -21.49 48.75 0.57
N LEU I 85 -22.70 48.34 0.92
CA LEU I 85 -23.18 47.02 0.51
C LEU I 85 -23.38 46.94 -0.99
N LEU I 86 -23.94 48.00 -1.62
CA LEU I 86 -24.14 47.98 -3.05
C LEU I 86 -22.81 47.92 -3.79
N LEU I 87 -21.87 48.80 -3.39
CA LEU I 87 -20.58 48.84 -4.08
C LEU I 87 -19.83 47.55 -3.88
N ARG I 88 -19.88 47.02 -2.65
CA ARG I 88 -19.29 45.73 -2.34
C ARG I 88 -19.69 44.68 -3.36
N LYS I 89 -21.00 44.46 -3.51
CA LYS I 89 -21.51 43.37 -4.34
C LYS I 89 -21.40 43.63 -5.84
N THR I 90 -21.36 44.90 -6.26
CA THR I 90 -21.25 45.27 -7.67
C THR I 90 -19.85 45.04 -8.26
N PHE I 91 -18.79 45.15 -7.45
CA PHE I 91 -17.42 44.98 -7.93
C PHE I 91 -16.64 43.90 -7.17
N ASP I 92 -17.33 43.11 -6.32
CA ASP I 92 -16.70 42.08 -5.50
C ASP I 92 -15.49 42.66 -4.77
N LEU I 93 -15.79 43.65 -3.93
CA LEU I 93 -14.78 44.33 -3.13
C LEU I 93 -14.54 43.50 -1.87
N TYR I 94 -13.61 42.56 -1.97
CA TYR I 94 -13.43 41.55 -0.94
C TYR I 94 -12.35 41.91 0.08
N ALA I 95 -11.48 42.87 -0.23
CA ALA I 95 -10.39 43.22 0.66
C ALA I 95 -10.42 44.72 0.91
N ASN I 96 -10.66 45.10 2.16
CA ASN I 96 -10.68 46.48 2.61
C ASN I 96 -9.36 46.79 3.31
N VAL I 97 -8.55 47.64 2.71
CA VAL I 97 -7.17 47.85 3.12
C VAL I 97 -7.05 49.23 3.77
N ARG I 98 -6.67 49.23 5.04
CA ARG I 98 -6.64 50.45 5.85
C ARG I 98 -5.26 50.64 6.48
N PRO I 99 -4.36 51.52 5.87
CA PRO I 99 -2.99 51.71 6.42
C PRO I 99 -2.87 52.87 7.37
N CYS I 100 -2.47 52.60 8.60
CA CYS I 100 -2.53 53.60 9.67
C CYS I 100 -1.12 54.00 10.07
N VAL I 101 -0.75 55.24 9.75
CA VAL I 101 0.60 55.72 10.01
C VAL I 101 0.57 57.06 10.74
N SER I 102 1.28 57.12 11.86
CA SER I 102 1.32 58.32 12.68
C SER I 102 1.85 59.51 11.88
N ILE I 103 1.09 60.58 11.91
CA ILE I 103 1.44 61.83 11.23
C ILE I 103 2.34 62.69 12.12
N GLU I 104 3.52 63.06 11.60
CA GLU I 104 4.48 63.80 12.41
C GLU I 104 3.91 65.14 12.90
N GLY I 105 3.24 65.87 12.03
CA GLY I 105 2.79 67.18 12.48
C GLY I 105 1.53 67.25 13.32
N TYR I 106 0.96 66.09 13.71
CA TYR I 106 -0.38 66.01 14.33
C TYR I 106 -0.27 65.18 15.61
N LYS I 107 0.33 65.78 16.65
CA LYS I 107 0.75 65.00 17.82
C LYS I 107 -0.43 64.30 18.49
N THR I 108 -0.14 63.13 19.06
CA THR I 108 -1.12 62.12 19.42
C THR I 108 -0.47 61.18 20.41
N PRO I 109 -1.19 60.67 21.42
CA PRO I 109 -0.53 59.83 22.45
C PRO I 109 0.29 58.67 21.89
N TYR I 110 0.11 58.37 20.60
CA TYR I 110 0.79 57.28 19.91
C TYR I 110 1.58 57.87 18.74
N THR I 111 2.85 57.52 18.64
CA THR I 111 3.66 58.10 17.60
C THR I 111 4.41 57.07 16.77
N ASP I 112 4.53 55.82 17.24
CA ASP I 112 5.27 54.80 16.50
C ASP I 112 4.37 53.89 15.67
N VAL I 113 3.23 54.41 15.16
CA VAL I 113 2.20 53.58 14.54
C VAL I 113 2.45 53.44 13.03
N ASN I 114 2.47 52.18 12.52
CA ASN I 114 2.63 51.84 11.10
C ASN I 114 1.99 50.47 10.88
N ILE I 115 0.66 50.47 10.90
CA ILE I 115 -0.15 49.26 10.85
C ILE I 115 -1.05 49.34 9.63
N VAL I 116 -1.12 48.24 8.88
CA VAL I 116 -2.06 48.10 7.78
C VAL I 116 -2.98 46.95 8.15
N THR I 117 -4.26 47.23 8.24
CA THR I 117 -5.23 46.19 8.56
C THR I 117 -5.90 45.75 7.27
N ILE I 118 -5.92 44.44 7.04
CA ILE I 118 -6.53 43.83 5.88
C ILE I 118 -7.76 43.09 6.36
N ARG I 119 -8.93 43.53 5.89
CA ARG I 119 -10.20 43.05 6.39
C ARG I 119 -11.02 42.41 5.27
N GLU I 120 -11.34 41.14 5.45
CA GLU I 120 -12.30 40.47 4.57
C GLU I 120 -13.65 41.20 4.60
N ASN I 121 -14.22 41.42 3.42
CA ASN I 121 -15.37 42.31 3.28
C ASN I 121 -16.62 41.65 2.69
N THR I 122 -16.67 40.32 2.59
CA THR I 122 -17.81 39.67 1.94
C THR I 122 -18.62 38.73 2.83
N GLU I 123 -18.04 38.20 3.90
CA GLU I 123 -18.79 37.26 4.72
C GLU I 123 -18.70 37.62 6.19
N GLY I 124 -18.40 36.65 7.05
CA GLY I 124 -18.28 36.92 8.47
C GLY I 124 -19.65 37.07 9.11
N GLU I 125 -19.70 37.90 10.16
CA GLU I 125 -20.98 38.32 10.74
C GLU I 125 -21.76 39.27 9.80
N TYR I 126 -21.19 39.69 8.68
CA TYR I 126 -21.89 40.59 7.75
C TYR I 126 -22.37 39.76 6.58
N SER I 127 -22.96 38.61 6.91
CA SER I 127 -23.60 37.75 5.93
C SER I 127 -24.89 38.35 5.43
N GLY I 128 -25.49 39.25 6.19
CA GLY I 128 -26.82 39.74 5.89
C GLY I 128 -27.91 38.74 6.18
N ILE I 129 -27.60 37.67 6.91
CA ILE I 129 -28.50 36.57 7.21
C ILE I 129 -28.83 36.58 8.69
N GLU I 130 -30.11 36.80 9.03
CA GLU I 130 -30.55 36.53 10.39
C GLU I 130 -32.01 36.05 10.37
N HIS I 131 -32.40 35.33 11.42
CA HIS I 131 -33.73 34.79 11.51
C HIS I 131 -34.29 35.03 12.90
N VAL I 132 -35.54 35.50 12.95
CA VAL I 132 -36.32 35.47 14.19
C VAL I 132 -36.77 34.03 14.47
N ILE I 133 -36.01 33.35 15.33
CA ILE I 133 -36.27 31.94 15.62
C ILE I 133 -37.69 31.77 16.16
N VAL I 134 -37.99 32.46 17.25
CA VAL I 134 -39.33 32.68 17.79
C VAL I 134 -39.36 34.13 18.23
N ASP I 135 -40.49 34.56 18.81
CA ASP I 135 -40.59 35.93 19.26
C ASP I 135 -39.56 36.17 20.34
N GLY I 136 -38.85 37.30 20.23
CA GLY I 136 -37.86 37.65 21.22
C GLY I 136 -36.62 36.78 21.21
N VAL I 137 -36.39 36.04 20.14
CA VAL I 137 -35.18 35.22 19.99
C VAL I 137 -34.68 35.35 18.55
N VAL I 138 -33.50 35.96 18.37
CA VAL I 138 -32.93 36.18 17.03
C VAL I 138 -31.61 35.41 16.91
N ALA I 139 -31.34 34.90 15.70
CA ALA I 139 -30.10 34.21 15.33
C ALA I 139 -29.46 34.89 14.12
N SER I 140 -28.37 35.65 14.34
CA SER I 140 -27.59 36.21 13.24
C SER I 140 -26.52 35.22 12.82
N ILE I 141 -26.39 35.02 11.51
CA ILE I 141 -25.63 33.88 11.01
C ILE I 141 -24.28 34.36 10.46
N LYS I 142 -23.20 33.92 11.13
CA LYS I 142 -21.84 34.15 10.69
C LYS I 142 -21.46 33.08 9.66
N LEU I 143 -21.00 33.52 8.49
CA LEU I 143 -20.54 32.67 7.40
C LEU I 143 -19.03 32.84 7.22
N ILE I 144 -18.30 31.73 7.25
CA ILE I 144 -16.88 31.71 6.88
C ILE I 144 -16.66 30.57 5.88
N THR I 145 -16.10 30.92 4.72
CA THR I 145 -15.80 29.95 3.67
C THR I 145 -14.31 29.90 3.43
N GLU I 146 -13.81 28.70 3.09
CA GLU I 146 -12.40 28.57 2.77
C GLU I 146 -12.02 29.42 1.57
N GLY I 147 -12.91 29.55 0.61
CA GLY I 147 -12.60 30.37 -0.55
C GLY I 147 -12.31 31.79 -0.15
N ALA I 148 -13.30 32.46 0.46
CA ALA I 148 -13.10 33.84 0.87
C ALA I 148 -11.89 33.96 1.78
N SER I 149 -11.74 33.01 2.70
CA SER I 149 -10.64 33.09 3.64
C SER I 149 -9.30 32.95 2.93
N LYS I 150 -9.20 32.01 2.00
CA LYS I 150 -7.96 31.88 1.24
C LYS I 150 -7.69 33.14 0.44
N ARG I 151 -8.73 33.69 -0.17
CA ARG I 151 -8.52 34.86 -1.00
C ARG I 151 -7.95 36.03 -0.18
N ILE I 152 -8.48 36.27 1.03
CA ILE I 152 -8.00 37.42 1.78
C ILE I 152 -6.59 37.18 2.29
N ALA I 153 -6.31 35.96 2.74
CA ALA I 153 -4.95 35.69 3.23
C ALA I 153 -3.94 35.87 2.10
N GLU I 154 -4.27 35.35 0.91
CA GLU I 154 -3.34 35.47 -0.22
C GLU I 154 -3.05 36.94 -0.52
N PHE I 155 -4.08 37.77 -0.48
CA PHE I 155 -3.86 39.18 -0.72
C PHE I 155 -2.99 39.80 0.36
N ALA I 156 -3.19 39.43 1.63
CA ALA I 156 -2.40 40.06 2.70
C ALA I 156 -0.90 39.81 2.50
N PHE I 157 -0.53 38.56 2.20
CA PHE I 157 0.87 38.25 1.97
C PHE I 157 1.37 38.89 0.67
N GLU I 158 0.55 38.91 -0.38
CA GLU I 158 0.92 39.66 -1.57
C GLU I 158 1.24 41.11 -1.22
N TYR I 159 0.34 41.75 -0.45
CA TYR I 159 0.53 43.15 -0.10
C TYR I 159 1.77 43.31 0.76
N ALA I 160 1.95 42.42 1.75
CA ALA I 160 3.14 42.47 2.58
C ALA I 160 4.40 42.41 1.73
N ARG I 161 4.47 41.45 0.82
CA ARG I 161 5.61 41.38 -0.10
C ARG I 161 5.74 42.67 -0.90
N ASN I 162 4.72 43.01 -1.71
CA ASN I 162 4.80 44.17 -2.61
C ASN I 162 5.00 45.49 -1.90
N ASN I 163 4.77 45.58 -0.57
CA ASN I 163 5.03 46.82 0.14
C ASN I 163 6.17 46.69 1.14
N HIS I 164 7.00 45.66 1.00
CA HIS I 164 8.26 45.57 1.74
C HIS I 164 8.00 45.60 3.25
N ARG I 165 7.19 44.62 3.68
CA ARG I 165 6.65 44.53 5.03
C ARG I 165 7.11 43.24 5.70
N SER I 166 7.31 43.31 7.01
CA SER I 166 8.03 42.24 7.68
C SER I 166 7.11 41.11 8.14
N ASN I 167 6.08 41.41 8.94
CA ASN I 167 5.23 40.41 9.58
C ASN I 167 3.78 40.58 9.17
N VAL I 168 3.06 39.45 9.05
CA VAL I 168 1.61 39.43 8.86
C VAL I 168 0.99 38.60 9.98
N THR I 169 0.03 39.18 10.69
CA THR I 169 -0.61 38.53 11.84
C THR I 169 -2.05 38.21 11.48
N ALA I 170 -2.43 36.94 11.58
CA ALA I 170 -3.84 36.59 11.48
C ALA I 170 -4.51 36.77 12.84
N VAL I 171 -5.62 37.50 12.87
CA VAL I 171 -6.34 37.83 14.10
C VAL I 171 -7.69 37.16 14.06
N HIS I 172 -8.07 36.53 15.16
CA HIS I 172 -9.19 35.61 15.18
C HIS I 172 -9.68 35.44 16.62
N LYS I 173 -10.75 34.68 16.79
CA LYS I 173 -11.22 34.18 18.07
C LYS I 173 -11.53 32.69 17.96
N ALA I 174 -10.60 31.97 17.35
CA ALA I 174 -10.80 30.55 17.10
C ALA I 174 -10.82 29.71 18.37
N ASN I 175 -10.71 30.31 19.56
CA ASN I 175 -10.95 29.59 20.81
C ASN I 175 -12.41 29.68 21.25
N ILE I 176 -13.21 30.58 20.68
CA ILE I 176 -14.64 30.65 20.92
C ILE I 176 -15.42 30.06 19.76
N MET I 177 -15.20 30.58 18.55
CA MET I 177 -15.87 30.07 17.37
C MET I 177 -14.90 29.16 16.64
N ARG I 178 -14.77 27.93 17.16
CA ARG I 178 -13.70 27.03 16.70
C ARG I 178 -13.85 26.67 15.23
N MET I 179 -15.05 26.28 14.82
CA MET I 179 -15.22 25.85 13.44
C MET I 179 -14.98 26.99 12.45
N SER I 180 -15.65 28.14 12.65
CA SER I 180 -15.60 29.19 11.64
C SER I 180 -14.26 29.94 11.64
N ASP I 181 -13.88 30.52 12.78
CA ASP I 181 -12.58 31.19 12.83
C ASP I 181 -11.45 30.19 12.60
N GLY I 182 -11.65 28.93 13.00
CA GLY I 182 -10.62 27.94 12.79
C GLY I 182 -10.39 27.63 11.33
N LEU I 183 -11.43 27.75 10.51
CA LEU I 183 -11.20 27.59 9.10
C LEU I 183 -10.47 28.80 8.53
N PHE I 184 -10.79 30.00 9.02
CA PHE I 184 -10.07 31.19 8.59
C PHE I 184 -8.60 31.08 8.94
N LEU I 185 -8.33 30.81 10.22
CA LEU I 185 -7.00 30.50 10.70
C LEU I 185 -6.31 29.47 9.82
N GLN I 186 -7.01 28.35 9.54
CA GLN I 186 -6.43 27.27 8.75
C GLN I 186 -5.99 27.76 7.37
N LYS I 187 -6.79 28.62 6.76
CA LYS I 187 -6.46 29.04 5.41
C LYS I 187 -5.29 30.04 5.39
N CYS I 188 -5.21 30.96 6.38
CA CYS I 188 -4.00 31.79 6.52
C CYS I 188 -2.75 30.93 6.68
N ARG I 189 -2.81 29.98 7.63
CA ARG I 189 -1.72 29.02 7.81
C ARG I 189 -1.31 28.36 6.50
N GLU I 190 -2.25 28.06 5.62
CA GLU I 190 -1.83 27.40 4.38
C GLU I 190 -1.13 28.38 3.44
N VAL I 191 -1.63 29.61 3.33
CA VAL I 191 -0.92 30.59 2.51
C VAL I 191 0.44 30.95 3.11
N ALA I 192 0.54 30.95 4.44
CA ALA I 192 1.78 31.36 5.11
C ALA I 192 2.93 30.41 4.79
N GLU I 193 2.69 29.11 4.87
CA GLU I 193 3.73 28.12 4.58
C GLU I 193 4.15 28.14 3.11
N SER I 194 3.45 28.89 2.28
CA SER I 194 3.77 29.03 0.86
C SER I 194 4.37 30.40 0.53
N CYS I 195 4.35 31.33 1.47
CA CYS I 195 5.11 32.57 1.36
C CYS I 195 5.90 32.74 2.66
N LYS I 196 6.95 31.93 2.82
CA LYS I 196 7.74 31.96 4.05
C LYS I 196 8.74 33.12 4.12
N ASP I 197 8.73 34.04 3.15
CA ASP I 197 9.50 35.28 3.30
C ASP I 197 8.83 36.30 4.19
N ILE I 198 7.67 35.99 4.76
CA ILE I 198 6.94 36.89 5.64
C ILE I 198 6.69 36.17 6.96
N LYS I 199 7.10 36.80 8.07
CA LYS I 199 6.90 36.22 9.38
C LYS I 199 5.40 36.23 9.70
N PHE I 200 4.76 35.06 9.72
CA PHE I 200 3.34 34.94 10.02
C PHE I 200 3.12 34.43 11.44
N ASN I 201 2.30 35.17 12.21
CA ASN I 201 1.86 34.74 13.53
C ASN I 201 0.34 34.86 13.62
N GLU I 202 -0.18 34.44 14.78
CA GLU I 202 -1.59 34.51 15.09
C GLU I 202 -1.77 35.10 16.47
N MET I 203 -2.86 35.82 16.64
CA MET I 203 -3.20 36.38 17.92
C MET I 203 -4.71 36.42 18.04
N TYR I 204 -5.18 36.20 19.26
CA TYR I 204 -6.59 36.36 19.57
C TYR I 204 -6.97 37.83 19.51
N LEU I 205 -8.19 38.09 19.03
CA LEU I 205 -8.62 39.47 18.81
C LEU I 205 -8.58 40.30 20.09
N ASP I 206 -9.07 39.75 21.21
CA ASP I 206 -9.02 40.46 22.49
C ASP I 206 -7.58 40.82 22.86
N THR I 207 -6.64 39.89 22.66
CA THR I 207 -5.24 40.18 22.94
C THR I 207 -4.73 41.31 22.05
N VAL I 208 -5.19 41.36 20.79
CA VAL I 208 -4.73 42.42 19.91
C VAL I 208 -5.26 43.79 20.38
N CYS I 209 -6.55 43.88 20.74
CA CYS I 209 -7.08 45.15 21.26
C CYS I 209 -6.33 45.60 22.52
N LEU I 210 -6.07 44.65 23.44
CA LEU I 210 -5.42 44.97 24.70
C LEU I 210 -3.95 45.35 24.49
N ASN I 211 -3.28 44.75 23.49
CA ASN I 211 -1.90 45.11 23.21
C ASN I 211 -1.82 46.35 22.34
N MET I 212 -2.83 46.55 21.49
CA MET I 212 -2.83 47.64 20.52
C MET I 212 -2.73 48.99 21.22
N VAL I 213 -3.52 49.19 22.29
CA VAL I 213 -3.60 50.50 22.92
C VAL I 213 -2.52 50.71 23.97
N GLN I 214 -1.74 49.67 24.30
CA GLN I 214 -0.51 49.89 25.04
C GLN I 214 0.67 50.16 24.12
N ASP I 215 0.92 49.27 23.15
CA ASP I 215 2.10 49.36 22.30
C ASP I 215 1.78 49.01 20.85
N PRO I 216 1.43 50.01 20.04
CA PRO I 216 1.09 49.76 18.63
C PRO I 216 2.27 49.35 17.78
N SER I 217 3.50 49.64 18.22
CA SER I 217 4.67 49.34 17.41
C SER I 217 4.76 47.87 17.03
N GLN I 218 4.21 46.96 17.82
CA GLN I 218 4.53 45.55 17.63
C GLN I 218 3.62 44.86 16.62
N PHE I 219 2.82 45.62 15.88
CA PHE I 219 1.94 45.09 14.84
C PHE I 219 2.32 45.68 13.49
N ASP I 220 2.21 44.85 12.46
CA ASP I 220 2.59 45.23 11.12
C ASP I 220 1.36 45.14 10.27
N VAL I 221 1.18 44.06 9.51
CA VAL I 221 0.02 43.84 8.68
C VAL I 221 -0.90 42.88 9.42
N LEU I 222 -2.12 43.30 9.69
CA LEU I 222 -3.12 42.43 10.30
C LEU I 222 -4.15 41.99 9.26
N VAL I 223 -4.53 40.70 9.29
CA VAL I 223 -5.51 40.08 8.37
C VAL I 223 -6.57 39.33 9.19
N MET I 224 -7.85 39.62 8.94
CA MET I 224 -8.87 39.22 9.90
C MET I 224 -10.19 39.06 9.19
N PRO I 225 -11.18 38.39 9.82
CA PRO I 225 -12.52 38.30 9.23
C PRO I 225 -13.25 39.62 9.37
N ASN I 226 -14.32 39.75 8.58
CA ASN I 226 -15.02 41.03 8.41
C ASN I 226 -15.19 41.85 9.69
N LEU I 227 -15.98 41.35 10.65
CA LEU I 227 -16.33 42.17 11.81
C LEU I 227 -15.09 42.64 12.55
N TYR I 228 -14.19 41.71 12.89
CA TYR I 228 -12.95 42.09 13.57
C TYR I 228 -12.16 43.12 12.76
N GLY I 229 -12.15 42.99 11.43
CA GLY I 229 -11.54 44.01 10.59
C GLY I 229 -12.30 45.32 10.62
N ASP I 230 -13.62 45.28 10.72
CA ASP I 230 -14.33 46.53 10.87
C ASP I 230 -13.98 47.19 12.20
N ILE I 231 -13.92 46.42 13.28
CA ILE I 231 -13.60 46.99 14.59
C ILE I 231 -12.20 47.57 14.58
N LEU I 232 -11.23 46.78 14.16
CA LEU I 232 -9.84 47.12 14.41
C LEU I 232 -9.39 48.28 13.54
N SER I 233 -9.92 48.40 12.33
CA SER I 233 -9.50 49.50 11.47
C SER I 233 -9.85 50.83 12.12
N ASP I 234 -11.00 50.91 12.80
CA ASP I 234 -11.35 52.16 13.45
C ASP I 234 -10.54 52.36 14.72
N LEU I 235 -10.33 51.30 15.51
CA LEU I 235 -9.44 51.39 16.65
C LEU I 235 -8.06 51.87 16.24
N CYS I 236 -7.57 51.42 15.09
CA CYS I 236 -6.24 51.83 14.66
C CYS I 236 -6.26 53.23 14.09
N ALA I 237 -7.41 53.66 13.54
CA ALA I 237 -7.50 55.01 13.03
C ALA I 237 -7.47 56.02 14.16
N GLY I 238 -8.09 55.68 15.30
CA GLY I 238 -8.03 56.59 16.45
C GLY I 238 -6.61 56.81 16.91
N LEU I 239 -5.83 55.73 16.94
CA LEU I 239 -4.42 55.81 17.33
C LEU I 239 -3.73 57.00 16.70
N ILE I 240 -4.10 57.36 15.46
CA ILE I 240 -3.37 58.36 14.70
C ILE I 240 -4.16 59.63 14.45
N GLY I 241 -5.41 59.70 14.88
CA GLY I 241 -6.10 60.97 14.81
C GLY I 241 -7.44 60.90 14.14
N GLY I 242 -7.94 59.68 13.91
CA GLY I 242 -9.31 59.48 13.47
C GLY I 242 -9.50 59.46 11.96
N LEU I 243 -10.78 59.44 11.58
CA LEU I 243 -11.15 59.22 10.19
C LEU I 243 -10.74 60.36 9.27
N GLY I 244 -10.28 61.50 9.79
CA GLY I 244 -10.01 62.62 8.92
C GLY I 244 -8.65 62.62 8.25
N VAL I 245 -7.77 61.70 8.61
CA VAL I 245 -6.44 61.65 8.03
C VAL I 245 -6.04 60.23 7.66
N THR I 246 -7.03 59.31 7.51
CA THR I 246 -6.73 57.89 7.26
C THR I 246 -7.11 57.48 5.86
N PRO I 247 -6.17 56.89 5.13
CA PRO I 247 -6.49 56.34 3.81
C PRO I 247 -7.26 55.04 3.95
N SER I 248 -7.89 54.63 2.85
CA SER I 248 -8.66 53.39 2.89
C SER I 248 -8.89 52.92 1.45
N GLY I 249 -8.57 51.65 1.17
CA GLY I 249 -8.79 51.08 -0.15
C GLY I 249 -9.66 49.85 -0.10
N ASN I 250 -10.45 49.64 -1.16
CA ASN I 250 -11.27 48.44 -1.34
C ASN I 250 -10.85 47.77 -2.64
N ILE I 251 -10.11 46.69 -2.55
CA ILE I 251 -9.69 45.97 -3.74
C ILE I 251 -10.81 45.04 -4.18
N GLY I 252 -11.04 44.96 -5.48
CA GLY I 252 -12.11 44.13 -6.00
C GLY I 252 -11.70 43.21 -7.13
N ALA I 253 -12.69 42.54 -7.72
CA ALA I 253 -12.44 41.64 -8.82
C ALA I 253 -12.26 42.41 -10.12
N ASN I 254 -11.63 41.74 -11.09
CA ASN I 254 -11.41 42.27 -12.44
C ASN I 254 -10.62 43.59 -12.41
N GLY I 255 -9.61 43.66 -11.57
CA GLY I 255 -8.75 44.84 -11.56
C GLY I 255 -9.35 46.06 -10.91
N VAL I 256 -10.61 46.01 -10.53
CA VAL I 256 -11.30 47.16 -9.97
C VAL I 256 -10.84 47.38 -8.53
N ALA I 257 -10.73 48.65 -8.16
CA ALA I 257 -10.37 49.03 -6.80
C ALA I 257 -10.91 50.43 -6.58
N ILE I 258 -11.45 50.69 -5.39
CA ILE I 258 -11.97 52.02 -5.08
C ILE I 258 -11.32 52.53 -3.80
N PHE I 259 -10.64 53.66 -3.89
CA PHE I 259 -10.00 54.27 -2.73
C PHE I 259 -10.87 55.45 -2.28
N GLU I 260 -11.04 55.58 -0.97
CA GLU I 260 -12.16 56.35 -0.43
C GLU I 260 -11.77 57.11 0.82
N SER I 261 -12.56 58.12 1.13
CA SER I 261 -12.48 58.75 2.44
C SER I 261 -13.56 58.13 3.32
N VAL I 262 -13.18 57.67 4.50
CA VAL I 262 -14.10 57.00 5.40
C VAL I 262 -14.68 57.93 6.46
N HIS I 263 -14.35 59.22 6.40
CA HIS I 263 -14.96 60.22 7.25
C HIS I 263 -16.32 60.62 6.69
N GLY I 264 -16.98 61.56 7.34
CA GLY I 264 -18.35 61.91 7.03
C GLY I 264 -18.50 63.15 6.15
N THR I 265 -19.73 63.34 5.67
CA THR I 265 -20.02 64.39 4.71
C THR I 265 -19.81 65.78 5.26
N ALA I 266 -19.87 65.95 6.58
CA ALA I 266 -19.66 67.23 7.25
C ALA I 266 -20.50 68.39 6.67
N PRO I 267 -21.83 68.29 6.69
CA PRO I 267 -22.64 69.26 5.93
C PRO I 267 -22.53 70.70 6.44
N ASP I 268 -22.30 70.91 7.74
CA ASP I 268 -22.30 72.26 8.33
C ASP I 268 -21.10 73.10 7.89
N ILE I 269 -20.02 72.47 7.40
CA ILE I 269 -18.88 73.21 6.87
C ILE I 269 -18.84 73.21 5.36
N ALA I 270 -19.82 72.57 4.71
CA ALA I 270 -19.83 72.51 3.26
C ALA I 270 -20.11 73.88 2.66
N GLY I 271 -19.33 74.24 1.65
CA GLY I 271 -19.50 75.51 1.01
C GLY I 271 -18.67 76.61 1.59
N LYS I 272 -17.82 76.31 2.57
CA LYS I 272 -17.22 77.33 3.42
C LYS I 272 -15.72 77.27 3.42
N ASP I 273 -15.15 76.39 2.61
CA ASP I 273 -13.72 76.25 2.54
C ASP I 273 -13.10 75.99 3.93
N MET I 274 -13.67 75.01 4.65
CA MET I 274 -13.11 74.62 5.94
C MET I 274 -12.88 73.11 6.02
N ALA I 275 -12.84 72.44 4.87
CA ALA I 275 -12.77 70.99 4.87
C ALA I 275 -11.33 70.50 4.83
N ASN I 276 -11.12 69.28 5.30
CA ASN I 276 -9.80 68.71 5.31
C ASN I 276 -9.67 67.63 4.22
N PRO I 277 -8.88 67.86 3.19
CA PRO I 277 -8.70 66.85 2.13
C PRO I 277 -7.65 65.81 2.41
N THR I 278 -6.92 65.87 3.54
CA THR I 278 -5.81 64.96 3.77
C THR I 278 -6.21 63.52 3.55
N ALA I 279 -7.37 63.12 4.08
CA ALA I 279 -7.86 61.76 3.94
C ALA I 279 -7.95 61.35 2.48
N LEU I 280 -8.80 62.05 1.71
CA LEU I 280 -8.95 61.71 0.30
C LEU I 280 -7.61 61.78 -0.43
N LEU I 281 -6.81 62.80 -0.13
CA LEU I 281 -5.47 62.90 -0.73
C LEU I 281 -4.68 61.64 -0.49
N LEU I 282 -4.58 61.22 0.78
CA LEU I 282 -3.80 60.03 1.13
C LEU I 282 -4.44 58.77 0.58
N SER I 283 -5.75 58.79 0.32
CA SER I 283 -6.34 57.67 -0.41
C SER I 283 -5.94 57.71 -1.88
N ALA I 284 -5.96 58.89 -2.50
CA ALA I 284 -5.46 59.01 -3.87
C ALA I 284 -3.98 58.62 -3.98
N VAL I 285 -3.20 58.86 -2.91
CA VAL I 285 -1.82 58.38 -2.87
C VAL I 285 -1.78 56.85 -2.80
N MET I 286 -2.67 56.24 -2.01
CA MET I 286 -2.78 54.78 -2.01
C MET I 286 -3.18 54.26 -3.39
N MET I 287 -4.03 55.01 -4.09
CA MET I 287 -4.39 54.65 -5.46
C MET I 287 -3.16 54.59 -6.35
N LEU I 288 -2.39 55.69 -6.42
CA LEU I 288 -1.16 55.70 -7.20
C LEU I 288 -0.30 54.50 -6.88
N ARG I 289 -0.07 54.25 -5.58
CA ARG I 289 0.76 53.12 -5.22
C ARG I 289 0.18 51.80 -5.76
N HIS I 290 -1.15 51.65 -5.72
CA HIS I 290 -1.74 50.42 -6.23
C HIS I 290 -1.67 50.39 -7.76
N MET I 291 -1.72 51.55 -8.40
CA MET I 291 -1.60 51.59 -9.85
C MET I 291 -0.19 51.23 -10.27
N GLY I 292 0.80 51.71 -9.55
CA GLY I 292 2.19 51.51 -9.92
C GLY I 292 2.96 52.79 -10.12
N LEU I 293 2.31 53.96 -10.04
CA LEU I 293 2.96 55.26 -10.19
C LEU I 293 3.56 55.63 -8.84
N PHE I 294 4.67 54.96 -8.52
CA PHE I 294 5.26 55.01 -7.20
C PHE I 294 5.87 56.38 -6.90
N ASP I 295 6.57 56.94 -7.89
CA ASP I 295 7.27 58.20 -7.64
C ASP I 295 6.26 59.33 -7.43
N HIS I 296 5.25 59.41 -8.29
CA HIS I 296 4.24 60.45 -8.15
C HIS I 296 3.56 60.37 -6.79
N ALA I 297 3.24 59.15 -6.33
CA ALA I 297 2.63 59.01 -5.01
C ALA I 297 3.54 59.57 -3.93
N ALA I 298 4.75 59.02 -3.82
CA ALA I 298 5.72 59.44 -2.80
C ALA I 298 5.88 60.95 -2.76
N ARG I 299 5.85 61.60 -3.93
CA ARG I 299 6.03 63.04 -3.97
C ARG I 299 4.82 63.78 -3.42
N ILE I 300 3.60 63.32 -3.75
CA ILE I 300 2.41 63.97 -3.20
C ILE I 300 2.27 63.64 -1.72
N GLU I 301 2.62 62.41 -1.34
CA GLU I 301 2.64 62.08 0.08
C GLU I 301 3.58 63.00 0.82
N ALA I 302 4.83 63.12 0.34
CA ALA I 302 5.82 63.98 1.01
C ALA I 302 5.35 65.42 1.09
N ALA I 303 4.79 65.95 0.01
CA ALA I 303 4.29 67.33 0.05
C ALA I 303 3.22 67.53 1.11
N CYS I 304 2.45 66.50 1.47
CA CYS I 304 1.39 66.67 2.46
C CYS I 304 1.89 66.40 3.88
N PHE I 305 2.72 65.36 4.05
CA PHE I 305 3.38 65.15 5.34
C PHE I 305 4.20 66.37 5.73
N ALA I 306 4.86 67.00 4.75
CA ALA I 306 5.66 68.19 5.00
C ALA I 306 4.78 69.37 5.38
N THR I 307 3.64 69.50 4.71
CA THR I 307 2.77 70.65 4.94
C THR I 307 2.15 70.62 6.33
N ILE I 308 1.91 69.43 6.88
CA ILE I 308 1.33 69.37 8.22
C ILE I 308 2.41 69.54 9.28
N LYS I 309 3.62 69.04 8.99
CA LYS I 309 4.73 69.19 9.94
C LYS I 309 5.01 70.66 10.24
N ASP I 310 5.15 71.49 9.21
CA ASP I 310 5.41 72.90 9.44
C ASP I 310 4.20 73.63 10.03
N GLY I 311 2.99 73.11 9.83
CA GLY I 311 1.83 73.57 10.56
C GLY I 311 1.40 75.00 10.32
N LYS I 312 2.09 75.72 9.45
CA LYS I 312 1.65 77.07 9.15
C LYS I 312 0.24 77.04 8.57
N SER I 313 -0.15 75.93 7.97
CA SER I 313 -1.36 75.87 7.15
C SER I 313 -2.18 74.65 7.53
N LEU I 314 -2.76 74.66 8.71
CA LEU I 314 -3.65 73.57 9.07
C LEU I 314 -5.10 74.00 8.88
N THR I 315 -6.03 73.19 9.34
CA THR I 315 -7.45 73.46 9.22
C THR I 315 -8.09 73.22 10.59
N LYS I 316 -9.35 73.65 10.73
CA LYS I 316 -10.01 73.61 12.04
C LYS I 316 -9.91 72.23 12.68
N ASP I 317 -10.07 71.17 11.89
CA ASP I 317 -10.09 69.82 12.44
C ASP I 317 -8.72 69.28 12.84
N LEU I 318 -7.64 69.96 12.45
CA LEU I 318 -6.27 69.58 12.83
C LEU I 318 -5.63 70.57 13.78
N GLY I 319 -6.36 71.62 14.17
CA GLY I 319 -5.91 72.62 15.13
C GLY I 319 -5.43 73.93 14.56
N GLY I 320 -5.71 74.22 13.28
CA GLY I 320 -5.29 75.45 12.65
C GLY I 320 -6.42 76.47 12.57
N ASN I 321 -6.14 77.56 11.84
CA ASN I 321 -7.14 78.56 11.50
C ASN I 321 -7.17 78.87 10.01
N ALA I 322 -6.45 78.12 9.17
CA ALA I 322 -6.35 78.36 7.73
C ALA I 322 -7.46 77.63 6.96
N LYS I 323 -7.59 77.97 5.69
CA LYS I 323 -8.67 77.46 4.86
C LYS I 323 -8.15 76.31 4.01
N CYS I 324 -9.08 75.45 3.57
CA CYS I 324 -8.74 74.42 2.61
C CYS I 324 -8.05 75.00 1.38
N SER I 325 -8.46 76.21 0.96
CA SER I 325 -7.66 77.02 0.05
C SER I 325 -6.18 76.92 0.38
N ASP I 326 -5.83 77.49 1.53
CA ASP I 326 -4.42 77.60 1.88
C ASP I 326 -3.79 76.24 1.95
N PHE I 327 -4.46 75.30 2.62
CA PHE I 327 -3.89 73.98 2.83
C PHE I 327 -3.52 73.33 1.50
N THR I 328 -4.45 73.37 0.54
CA THR I 328 -4.20 72.78 -0.77
C THR I 328 -3.11 73.55 -1.51
N GLU I 329 -3.15 74.88 -1.42
CA GLU I 329 -2.10 75.69 -2.03
C GLU I 329 -0.72 75.26 -1.56
N GLU I 330 -0.51 75.21 -0.22
CA GLU I 330 0.84 74.90 0.29
C GLU I 330 1.32 73.55 -0.21
N ILE I 331 0.40 72.61 -0.43
CA ILE I 331 0.84 71.30 -0.91
C ILE I 331 1.26 71.38 -2.38
N CYS I 332 0.51 72.15 -3.19
CA CYS I 332 0.90 72.28 -4.59
C CYS I 332 2.19 73.08 -4.72
N ARG I 333 2.33 74.12 -3.90
CA ARG I 333 3.60 74.82 -3.82
C ARG I 333 4.75 73.85 -3.57
N ARG I 334 4.62 73.03 -2.52
CA ARG I 334 5.74 72.18 -2.12
C ARG I 334 5.94 70.97 -3.03
N VAL I 335 4.90 70.47 -3.69
CA VAL I 335 5.12 69.29 -4.53
C VAL I 335 5.97 69.65 -5.75
N LYS I 336 5.98 70.92 -6.14
CA LYS I 336 6.83 71.43 -7.21
C LYS I 336 8.28 71.51 -6.69
N ASP I 337 8.91 70.32 -6.61
CA ASP I 337 10.26 70.16 -6.04
C ASP I 337 11.36 70.61 -7.01
N SER J 14 -16.19 34.29 60.62
CA SER J 14 -17.06 33.49 59.75
C SER J 14 -16.62 33.62 58.26
N PHE J 15 -17.57 33.96 57.36
CA PHE J 15 -17.38 34.40 55.97
C PHE J 15 -16.67 33.40 55.06
N PRO J 16 -17.33 32.32 54.67
CA PRO J 16 -16.69 31.38 53.75
C PRO J 16 -16.87 31.75 52.28
N VAL J 17 -15.79 31.60 51.53
CA VAL J 17 -15.72 32.03 50.15
C VAL J 17 -15.16 30.88 49.33
N THR J 18 -15.73 30.61 48.14
CA THR J 18 -15.20 29.60 47.25
C THR J 18 -14.12 30.20 46.38
N MET J 19 -12.98 29.51 46.29
CA MET J 19 -11.85 29.91 45.46
C MET J 19 -11.63 28.88 44.35
N LEU J 20 -11.51 29.36 43.11
CA LEU J 20 -11.21 28.51 41.95
C LEU J 20 -9.93 29.05 41.32
N PRO J 21 -8.75 28.57 41.73
CA PRO J 21 -7.50 29.22 41.28
C PRO J 21 -7.41 29.31 39.76
N GLY J 22 -7.87 28.28 39.07
CA GLY J 22 -7.90 28.40 37.64
C GLY J 22 -6.55 28.13 36.99
N ASP J 23 -6.42 28.63 35.76
CA ASP J 23 -5.38 28.22 34.83
C ASP J 23 -4.24 29.23 34.83
N GLY J 24 -3.01 28.73 34.80
CA GLY J 24 -1.86 29.55 34.43
C GLY J 24 -1.22 30.22 35.65
N VAL J 25 -1.36 31.54 35.75
CA VAL J 25 -0.86 32.26 36.91
C VAL J 25 -1.88 32.31 38.04
N GLY J 26 -3.08 31.77 37.84
CA GLY J 26 -4.15 31.78 38.80
C GLY J 26 -3.74 31.40 40.21
N PRO J 27 -3.19 30.18 40.37
CA PRO J 27 -2.74 29.77 41.71
C PRO J 27 -1.74 30.71 42.33
N GLU J 28 -0.82 31.26 41.52
CA GLU J 28 0.16 32.21 42.03
C GLU J 28 -0.52 33.47 42.54
N LEU J 29 -1.55 33.93 41.82
CA LEU J 29 -2.31 35.10 42.23
C LEU J 29 -3.12 34.83 43.50
N MET J 30 -3.80 33.68 43.55
CA MET J 30 -4.57 33.35 44.74
C MET J 30 -3.68 33.24 45.98
N HIS J 31 -2.44 32.76 45.82
CA HIS J 31 -1.54 32.73 46.97
C HIS J 31 -1.28 34.14 47.46
N ALA J 32 -1.19 35.08 46.51
CA ALA J 32 -1.00 36.48 46.85
C ALA J 32 -2.20 37.04 47.61
N VAL J 33 -3.39 36.55 47.28
CA VAL J 33 -4.57 37.01 48.00
C VAL J 33 -4.58 36.47 49.42
N LYS J 34 -4.34 35.16 49.57
CA LYS J 34 -4.34 34.56 50.90
C LYS J 34 -3.28 35.16 51.79
N GLU J 35 -2.14 35.59 51.21
CA GLU J 35 -1.08 36.20 52.01
C GLU J 35 -1.47 37.60 52.52
N VAL J 36 -1.98 38.45 51.63
CA VAL J 36 -2.47 39.76 52.07
C VAL J 36 -3.63 39.60 53.04
N PHE J 37 -4.52 38.64 52.77
CA PHE J 37 -5.62 38.35 53.69
C PHE J 37 -5.08 37.90 55.05
N LYS J 38 -4.08 37.02 55.05
CA LYS J 38 -3.48 36.58 56.30
C LYS J 38 -2.74 37.72 57.00
N ALA J 39 -2.12 38.62 56.24
CA ALA J 39 -1.43 39.72 56.91
C ALA J 39 -2.39 40.75 57.44
N ALA J 40 -3.59 40.82 56.90
CA ALA J 40 -4.59 41.78 57.33
C ALA J 40 -5.60 41.17 58.29
N ALA J 41 -5.43 39.90 58.63
CA ALA J 41 -6.31 39.21 59.58
C ALA J 41 -7.76 39.21 59.08
N VAL J 42 -7.93 38.91 57.80
CA VAL J 42 -9.24 38.97 57.16
C VAL J 42 -10.04 37.74 57.56
N PRO J 43 -11.25 37.89 58.15
CA PRO J 43 -12.04 36.73 58.64
C PRO J 43 -12.74 35.98 57.52
N VAL J 44 -11.94 35.51 56.57
CA VAL J 44 -12.43 34.82 55.40
C VAL J 44 -11.71 33.50 55.33
N GLU J 45 -12.46 32.41 55.12
CA GLU J 45 -11.89 31.07 55.04
C GLU J 45 -12.23 30.53 53.65
N PHE J 46 -11.20 30.35 52.81
CA PHE J 46 -11.38 29.98 51.42
C PHE J 46 -11.65 28.49 51.27
N GLN J 47 -12.82 28.13 50.77
CA GLN J 47 -13.11 26.74 50.43
C GLN J 47 -12.77 26.57 48.95
N GLU J 48 -11.62 25.96 48.68
CA GLU J 48 -11.03 25.88 47.34
C GLU J 48 -11.59 24.73 46.53
N HIS J 49 -11.76 24.96 45.23
CA HIS J 49 -12.32 23.98 44.31
C HIS J 49 -11.48 23.95 43.03
N HIS J 50 -10.22 23.52 43.18
CA HIS J 50 -9.34 23.12 42.08
C HIS J 50 -10.11 22.46 40.94
N LEU J 51 -10.11 23.06 39.75
CA LEU J 51 -10.88 22.54 38.63
C LEU J 51 -10.20 22.88 37.32
N SER J 52 -10.16 21.90 36.42
CA SER J 52 -9.48 21.98 35.10
C SER J 52 -7.99 22.30 35.23
N GLU J 61 -18.02 18.81 33.51
CA GLU J 61 -17.74 17.75 34.52
C GLU J 61 -18.72 17.90 35.69
N LYS J 62 -18.48 17.17 36.77
CA LYS J 62 -19.35 17.22 37.97
C LYS J 62 -18.81 18.30 38.90
N LEU J 63 -18.87 19.48 38.31
CA LEU J 63 -18.63 20.76 38.91
C LEU J 63 -19.88 21.26 39.67
N GLU J 64 -20.87 20.36 39.88
CA GLU J 64 -22.06 20.72 40.65
C GLU J 64 -21.72 21.06 42.10
N GLN J 65 -20.59 20.58 42.61
CA GLN J 65 -20.16 20.97 43.95
C GLN J 65 -19.75 22.44 44.00
N VAL J 66 -19.31 23.03 42.87
CA VAL J 66 -19.00 24.45 42.90
C VAL J 66 -20.27 25.26 43.08
N LEU J 67 -21.38 24.82 42.43
CA LEU J 67 -22.68 25.36 42.76
C LEU J 67 -23.18 24.87 44.13
N SER J 68 -22.78 23.67 44.55
CA SER J 68 -23.02 23.34 45.95
C SER J 68 -22.30 24.31 46.90
N SER J 69 -21.11 24.81 46.52
CA SER J 69 -20.40 25.80 47.34
C SER J 69 -21.01 27.20 47.17
N MET J 70 -21.36 27.59 45.94
CA MET J 70 -22.03 28.87 45.76
C MET J 70 -23.40 28.91 46.44
N LYS J 71 -24.07 27.76 46.58
CA LYS J 71 -25.40 27.78 47.21
C LYS J 71 -25.30 28.13 48.70
N GLU J 72 -24.21 27.73 49.36
CA GLU J 72 -23.93 28.15 50.73
C GLU J 72 -23.20 29.49 50.79
N ASN J 73 -22.08 29.64 50.04
CA ASN J 73 -21.18 30.79 50.22
C ASN J 73 -21.71 32.06 49.57
N LYS J 74 -22.33 31.93 48.39
CA LYS J 74 -22.92 33.02 47.63
C LYS J 74 -21.88 33.94 47.02
N VAL J 75 -20.61 33.84 47.41
CA VAL J 75 -19.55 34.71 46.91
C VAL J 75 -18.32 33.88 46.61
N ALA J 76 -17.62 34.21 45.53
CA ALA J 76 -16.44 33.46 45.10
C ALA J 76 -15.37 34.40 44.56
N ILE J 77 -14.15 33.89 44.50
CA ILE J 77 -13.05 34.50 43.75
C ILE J 77 -12.47 33.44 42.80
N ILE J 78 -12.35 33.78 41.51
CA ILE J 78 -11.92 32.83 40.49
C ILE J 78 -10.87 33.44 39.56
N GLY J 79 -10.07 32.57 38.97
CA GLY J 79 -9.10 32.93 37.94
C GLY J 79 -9.56 32.59 36.53
N LYS J 80 -8.59 32.35 35.65
CA LYS J 80 -8.91 32.05 34.27
C LYS J 80 -9.33 30.59 34.15
N ILE J 81 -10.33 30.35 33.32
CA ILE J 81 -10.81 28.99 33.07
C ILE J 81 -10.63 28.60 31.60
N ALA J 92 -20.30 23.93 24.33
CA ALA J 92 -19.70 25.17 24.83
C ALA J 92 -18.59 24.87 25.85
N SER J 93 -17.92 25.93 26.34
CA SER J 93 -16.73 25.81 27.17
C SER J 93 -17.04 25.89 28.66
N TYR J 94 -16.19 25.25 29.47
CA TYR J 94 -16.49 25.11 30.89
C TYR J 94 -16.72 26.48 31.56
N ASP J 95 -15.98 27.52 31.12
CA ASP J 95 -16.25 28.85 31.65
C ASP J 95 -17.67 29.30 31.32
N MET J 96 -18.15 28.98 30.13
CA MET J 96 -19.55 29.24 29.79
C MET J 96 -20.48 28.27 30.53
N ARG J 97 -20.03 27.04 30.76
CA ARG J 97 -20.84 26.10 31.52
C ARG J 97 -20.90 26.50 32.99
N LEU J 98 -19.79 27.01 33.52
CA LEU J 98 -19.77 27.52 34.90
C LEU J 98 -20.70 28.72 35.06
N ARG J 99 -20.67 29.63 34.11
CA ARG J 99 -21.53 30.79 34.22
C ARG J 99 -22.99 30.42 34.06
N ARG J 100 -23.28 29.42 33.20
CA ARG J 100 -24.67 29.00 33.03
C ARG J 100 -25.16 28.27 34.26
N LYS J 101 -24.35 27.39 34.84
CA LYS J 101 -24.73 26.76 36.10
C LYS J 101 -24.91 27.76 37.23
N LEU J 102 -24.28 28.94 37.16
CA LEU J 102 -24.37 29.96 38.20
C LEU J 102 -25.16 31.19 37.77
N ASP J 103 -25.73 31.18 36.57
CA ASP J 103 -26.52 32.30 36.05
C ASP J 103 -25.76 33.62 36.09
N LEU J 104 -24.45 33.58 35.82
CA LEU J 104 -23.61 34.80 35.84
C LEU J 104 -23.78 35.63 34.56
N PHE J 105 -25.01 36.13 34.38
CA PHE J 105 -25.37 36.89 33.18
C PHE J 105 -24.67 38.25 33.09
N ALA J 106 -24.09 38.77 34.17
CA ALA J 106 -23.52 40.11 34.10
C ALA J 106 -22.02 40.07 34.39
N ASN J 107 -21.27 40.83 33.58
CA ASN J 107 -19.85 41.07 33.82
C ASN J 107 -19.65 42.56 34.00
N VAL J 108 -18.99 42.94 35.08
CA VAL J 108 -18.68 44.33 35.38
C VAL J 108 -17.17 44.47 35.42
N VAL J 109 -16.64 45.39 34.63
CA VAL J 109 -15.22 45.73 34.68
C VAL J 109 -15.08 47.21 34.97
N HIS J 110 -14.32 47.53 36.00
CA HIS J 110 -14.15 48.92 36.41
C HIS J 110 -12.81 49.40 35.86
N VAL J 111 -12.86 50.41 35.00
CA VAL J 111 -11.68 50.90 34.31
C VAL J 111 -11.29 52.24 34.92
N LYS J 112 -10.40 52.22 35.92
CA LYS J 112 -10.00 53.49 36.47
C LYS J 112 -8.50 53.53 36.67
N SER J 113 -7.93 54.68 36.29
CA SER J 113 -6.50 54.87 36.41
C SER J 113 -6.07 54.73 37.86
N LEU J 114 -4.87 54.21 38.07
CA LEU J 114 -4.25 54.15 39.39
C LEU J 114 -3.23 55.29 39.52
N PRO J 115 -3.23 55.98 40.69
CA PRO J 115 -2.51 57.26 40.82
C PRO J 115 -1.10 57.31 40.26
N GLY J 116 -0.21 56.47 40.75
CA GLY J 116 1.15 56.63 40.26
C GLY J 116 1.53 55.83 39.04
N TYR J 117 0.58 55.23 38.35
CA TYR J 117 0.86 54.37 37.21
C TYR J 117 0.39 55.20 36.01
N MET J 118 1.32 55.88 35.36
CA MET J 118 0.95 56.82 34.31
C MET J 118 0.83 56.09 32.96
N THR J 119 -0.32 56.25 32.34
CA THR J 119 -0.66 55.69 31.04
C THR J 119 -0.75 56.84 30.04
N ARG J 120 -1.36 56.57 28.89
CA ARG J 120 -1.67 57.64 27.97
C ARG J 120 -3.05 58.23 28.21
N HIS J 121 -3.81 57.69 29.18
CA HIS J 121 -5.18 58.12 29.48
C HIS J 121 -5.36 58.10 31.00
N ASN J 122 -4.71 59.04 31.69
CA ASN J 122 -4.76 59.07 33.14
C ASN J 122 -6.06 59.70 33.60
N ASN J 123 -6.35 59.56 34.89
CA ASN J 123 -7.55 60.16 35.46
C ASN J 123 -8.81 59.69 34.75
N LEU J 124 -8.83 58.43 34.31
CA LEU J 124 -9.99 57.88 33.62
C LEU J 124 -10.83 57.03 34.57
N ASP J 125 -12.16 57.04 34.37
CA ASP J 125 -13.07 56.27 35.23
C ASP J 125 -14.29 55.76 34.43
N LEU J 126 -14.24 54.49 34.00
CA LEU J 126 -15.31 53.84 33.24
C LEU J 126 -15.68 52.48 33.82
N VAL J 127 -16.91 52.08 33.55
CA VAL J 127 -17.41 50.76 33.89
C VAL J 127 -17.93 50.12 32.61
N ILE J 128 -17.46 48.91 32.33
CA ILE J 128 -17.97 48.10 31.23
C ILE J 128 -18.92 47.05 31.80
N ILE J 129 -20.18 47.08 31.37
CA ILE J 129 -21.16 46.08 31.78
C ILE J 129 -21.47 45.20 30.58
N ARG J 130 -21.31 43.90 30.77
CA ARG J 130 -21.33 42.99 29.64
C ARG J 130 -22.29 41.83 29.88
N GLU J 131 -23.04 41.46 28.83
CA GLU J 131 -23.83 40.25 28.87
C GLU J 131 -22.95 39.04 28.57
N GLN J 132 -23.16 37.96 29.31
CA GLN J 132 -22.18 36.89 29.38
C GLN J 132 -22.71 35.52 28.97
N THR J 133 -23.98 35.38 28.58
CA THR J 133 -24.52 34.05 28.35
C THR J 133 -25.07 33.80 26.96
N GLU J 134 -25.18 34.81 26.10
CA GLU J 134 -25.65 34.67 24.72
C GLU J 134 -24.50 34.91 23.74
N GLY J 135 -24.84 35.35 22.52
CA GLY J 135 -23.84 35.71 21.54
C GLY J 135 -23.27 34.49 20.83
N GLU J 136 -22.02 34.64 20.38
CA GLU J 136 -21.30 33.63 19.62
C GLU J 136 -20.79 32.50 20.50
N TYR J 137 -21.11 32.50 21.78
CA TYR J 137 -20.35 31.76 22.78
C TYR J 137 -20.96 30.42 23.14
N SER J 138 -22.12 30.09 22.59
CA SER J 138 -22.72 28.81 22.89
C SER J 138 -22.33 27.76 21.86
N SER J 139 -21.44 28.11 20.95
CA SER J 139 -20.77 27.16 20.06
C SER J 139 -21.76 26.45 19.13
N LEU J 140 -22.64 27.24 18.50
CA LEU J 140 -23.59 26.76 17.50
C LEU J 140 -22.96 26.98 16.12
N GLU J 141 -22.32 25.93 15.61
CA GLU J 141 -21.64 25.94 14.34
C GLU J 141 -21.90 24.64 13.58
N HIS J 142 -21.98 24.72 12.27
CA HIS J 142 -22.10 23.51 11.47
C HIS J 142 -21.49 23.79 10.10
N GLU J 143 -21.29 22.72 9.36
CA GLU J 143 -20.73 22.75 8.00
C GLU J 143 -21.88 22.56 7.03
N SER J 144 -22.33 23.63 6.38
CA SER J 144 -23.49 23.48 5.51
C SER J 144 -23.13 22.85 4.17
N ALA J 145 -21.88 22.99 3.76
CA ALA J 145 -21.32 22.39 2.55
C ALA J 145 -19.81 22.40 2.74
N ARG J 146 -19.10 21.66 1.90
CA ARG J 146 -17.67 21.53 2.15
C ARG J 146 -17.03 22.90 2.07
N GLY J 147 -16.33 23.28 3.13
CA GLY J 147 -15.73 24.59 3.16
C GLY J 147 -16.69 25.74 3.41
N VAL J 148 -17.91 25.47 3.89
CA VAL J 148 -18.87 26.52 4.20
C VAL J 148 -19.35 26.34 5.63
N ILE J 149 -18.89 27.19 6.55
CA ILE J 149 -19.21 27.03 7.96
C ILE J 149 -20.20 28.11 8.40
N GLU J 150 -21.23 27.72 9.13
CA GLU J 150 -22.12 28.66 9.75
C GLU J 150 -21.83 28.74 11.23
N CYS J 151 -22.07 29.93 11.80
CA CYS J 151 -21.90 30.18 13.22
C CYS J 151 -23.07 31.06 13.66
N LEU J 152 -23.82 30.64 14.69
CA LEU J 152 -25.05 31.35 15.07
C LEU J 152 -24.80 32.25 16.28
N LYS J 153 -25.05 33.55 16.12
CA LYS J 153 -24.96 34.51 17.21
C LYS J 153 -26.38 34.79 17.70
N ILE J 154 -26.64 34.48 18.99
CA ILE J 154 -27.98 34.46 19.56
C ILE J 154 -28.21 35.70 20.40
N VAL J 155 -29.30 36.42 20.12
CA VAL J 155 -29.78 37.52 20.97
C VAL J 155 -31.20 37.22 21.39
N THR J 156 -31.54 37.46 22.65
CA THR J 156 -32.90 37.27 23.12
C THR J 156 -33.41 38.49 23.88
N ARG J 157 -34.73 38.72 23.77
CA ARG J 157 -35.37 39.77 24.55
C ARG J 157 -35.11 39.59 26.05
N ALA J 158 -35.24 38.36 26.55
CA ALA J 158 -35.08 38.11 27.99
C ALA J 158 -33.71 38.55 28.48
N LYS J 159 -32.64 38.01 27.89
CA LYS J 159 -31.33 38.34 28.44
C LYS J 159 -30.88 39.75 28.07
N SER J 160 -31.52 40.39 27.09
CA SER J 160 -31.13 41.73 26.69
C SER J 160 -31.64 42.77 27.66
N GLN J 161 -32.93 42.74 28.02
CA GLN J 161 -33.38 43.73 29.01
C GLN J 161 -32.82 43.42 30.38
N ARG J 162 -32.67 42.15 30.72
CA ARG J 162 -32.00 41.80 31.97
C ARG J 162 -30.66 42.54 32.14
N ILE J 163 -29.80 42.51 31.11
CA ILE J 163 -28.53 43.24 31.20
C ILE J 163 -28.76 44.74 31.12
N ALA J 164 -29.75 45.19 30.36
CA ALA J 164 -29.99 46.63 30.29
C ALA J 164 -30.47 47.15 31.64
N LYS J 165 -31.29 46.37 32.35
CA LYS J 165 -31.74 46.82 33.65
C LYS J 165 -30.61 46.75 34.65
N PHE J 166 -29.71 45.76 34.49
CA PHE J 166 -28.57 45.65 35.40
C PHE J 166 -27.64 46.84 35.27
N ALA J 167 -27.46 47.36 34.06
CA ALA J 167 -26.61 48.53 33.90
C ALA J 167 -27.26 49.78 34.49
N PHE J 168 -28.58 49.92 34.31
CA PHE J 168 -29.24 51.10 34.85
C PHE J 168 -29.38 51.02 36.36
N ASP J 169 -29.40 49.81 36.93
CA ASP J 169 -29.35 49.67 38.38
C ASP J 169 -27.95 49.99 38.90
N TYR J 170 -26.92 49.52 38.19
CA TYR J 170 -25.55 49.87 38.56
C TYR J 170 -25.37 51.38 38.51
N ALA J 171 -25.87 52.02 37.44
CA ALA J 171 -25.68 53.46 37.31
C ALA J 171 -26.45 54.20 38.40
N THR J 172 -27.65 53.69 38.75
CA THR J 172 -28.37 54.26 39.89
C THR J 172 -27.62 53.95 41.18
N LYS J 173 -27.35 52.67 41.42
CA LYS J 173 -26.76 52.22 42.68
C LYS J 173 -25.46 52.96 43.02
N LYS J 174 -24.71 53.38 42.00
CA LYS J 174 -23.36 53.88 42.22
C LYS J 174 -23.23 55.35 41.87
N GLY J 175 -24.34 56.06 41.74
CA GLY J 175 -24.27 57.49 41.54
C GLY J 175 -23.76 57.92 40.19
N ARG J 176 -23.77 57.02 39.20
CA ARG J 176 -23.30 57.28 37.85
C ARG J 176 -24.36 58.00 37.03
N GLY J 177 -23.89 58.74 36.03
CA GLY J 177 -24.74 59.67 35.31
C GLY J 177 -25.28 59.24 33.96
N LYS J 178 -24.56 58.36 33.25
CA LYS J 178 -24.94 58.02 31.89
C LYS J 178 -24.67 56.54 31.64
N VAL J 179 -25.59 55.88 30.93
CA VAL J 179 -25.38 54.55 30.39
C VAL J 179 -25.33 54.67 28.86
N THR J 180 -24.28 54.14 28.25
CA THR J 180 -24.13 54.15 26.79
C THR J 180 -24.14 52.72 26.26
N ALA J 181 -25.07 52.42 25.35
CA ALA J 181 -25.28 51.06 24.85
C ALA J 181 -24.58 50.91 23.50
N VAL J 182 -23.71 49.91 23.40
CA VAL J 182 -22.85 49.72 22.24
C VAL J 182 -23.38 48.55 21.40
N HIS J 183 -23.32 48.68 20.09
CA HIS J 183 -24.03 47.74 19.21
C HIS J 183 -23.55 47.91 17.77
N LYS J 184 -24.02 47.00 16.92
CA LYS J 184 -23.83 47.14 15.48
C LYS J 184 -25.17 46.83 14.78
N ALA J 185 -26.20 47.57 15.14
CA ALA J 185 -27.53 47.29 14.61
C ALA J 185 -27.73 47.88 13.22
N ASN J 186 -26.86 48.78 12.76
CA ASN J 186 -26.89 49.19 11.36
C ASN J 186 -26.53 48.06 10.40
N ILE J 187 -25.62 47.16 10.79
CA ILE J 187 -25.39 45.96 9.98
C ILE J 187 -26.31 44.82 10.39
N MET J 188 -26.30 44.43 11.67
CA MET J 188 -27.16 43.33 12.14
C MET J 188 -28.49 43.91 12.64
N LYS J 189 -29.38 44.20 11.67
CA LYS J 189 -30.61 44.94 11.95
C LYS J 189 -31.49 44.24 12.97
N LEU J 190 -31.88 43.00 12.72
CA LEU J 190 -32.43 42.14 13.76
C LEU J 190 -31.34 41.73 14.72
N GLY J 191 -31.71 41.19 15.87
CA GLY J 191 -30.63 40.71 16.73
C GLY J 191 -29.93 41.81 17.52
N ASP J 192 -29.00 42.54 16.90
CA ASP J 192 -28.47 43.72 17.56
C ASP J 192 -29.54 44.78 17.70
N GLY J 193 -30.40 44.93 16.69
CA GLY J 193 -31.54 45.80 16.85
C GLY J 193 -32.39 45.38 18.03
N LEU J 194 -32.55 44.07 18.22
CA LEU J 194 -33.32 43.58 19.36
C LEU J 194 -32.65 44.00 20.65
N PHE J 195 -31.33 43.82 20.75
CA PHE J 195 -30.62 44.24 21.95
C PHE J 195 -30.76 45.73 22.17
N LEU J 196 -30.56 46.51 21.11
CA LEU J 196 -30.63 47.96 21.23
C LEU J 196 -32.03 48.42 21.60
N GLN J 197 -33.05 47.73 21.12
CA GLN J 197 -34.42 48.14 21.38
C GLN J 197 -34.81 47.88 22.82
N CYS J 198 -34.35 46.76 23.39
CA CYS J 198 -34.59 46.53 24.81
C CYS J 198 -33.93 47.61 25.66
N CYS J 199 -32.67 47.94 25.35
CA CYS J 199 -31.94 48.98 26.08
C CYS J 199 -32.75 50.27 26.11
N GLU J 200 -33.27 50.66 24.94
CA GLU J 200 -34.09 51.86 24.84
C GLU J 200 -35.35 51.75 25.69
N GLU J 201 -35.94 50.55 25.80
CA GLU J 201 -37.10 50.39 26.68
C GLU J 201 -36.70 50.57 28.12
N VAL J 202 -35.69 49.81 28.56
CA VAL J 202 -35.23 49.94 29.94
C VAL J 202 -34.85 51.37 30.22
N ALA J 203 -34.29 52.07 29.22
CA ALA J 203 -33.86 53.43 29.46
C ALA J 203 -35.02 54.33 29.87
N GLU J 204 -36.22 54.08 29.34
CA GLU J 204 -37.36 54.93 29.66
C GLU J 204 -37.66 54.89 31.16
N LEU J 205 -37.52 53.72 31.78
CA LEU J 205 -37.82 53.55 33.20
C LEU J 205 -36.89 54.32 34.14
N TYR J 206 -35.74 54.79 33.65
CA TYR J 206 -34.76 55.48 34.50
C TYR J 206 -34.50 56.85 33.89
N PRO J 207 -35.41 57.79 34.10
CA PRO J 207 -35.23 59.13 33.50
C PRO J 207 -34.11 59.92 34.12
N LYS J 208 -33.68 59.57 35.33
CA LYS J 208 -32.62 60.30 35.99
C LYS J 208 -31.24 59.98 35.43
N ILE J 209 -31.13 59.14 34.41
CA ILE J 209 -29.86 58.67 33.86
C ILE J 209 -29.87 58.88 32.35
N LYS J 210 -28.82 59.54 31.83
CA LYS J 210 -28.78 59.81 30.40
C LYS J 210 -28.49 58.51 29.66
N PHE J 211 -29.22 58.26 28.57
CA PHE J 211 -29.03 57.08 27.72
C PHE J 211 -28.50 57.48 26.35
N GLU J 212 -27.47 56.78 25.89
CA GLU J 212 -26.90 57.02 24.57
C GLU J 212 -26.62 55.71 23.87
N THR J 213 -26.52 55.76 22.55
CA THR J 213 -26.13 54.60 21.78
C THR J 213 -24.93 54.94 20.91
N MET J 214 -24.03 53.97 20.74
CA MET J 214 -22.86 54.13 19.90
C MET J 214 -22.53 52.82 19.22
N ILE J 215 -22.18 52.90 17.94
CA ILE J 215 -21.88 51.70 17.17
C ILE J 215 -20.48 51.19 17.54
N ILE J 216 -20.35 49.86 17.65
CA ILE J 216 -19.16 49.24 18.23
C ILE J 216 -17.87 49.77 17.60
N ASP J 217 -17.84 49.96 16.28
CA ASP J 217 -16.55 50.29 15.70
C ASP J 217 -16.20 51.76 15.96
N ASN J 218 -17.17 52.67 15.89
CA ASN J 218 -16.90 54.03 16.35
C ASN J 218 -16.47 54.02 17.82
N CYS J 219 -17.15 53.22 18.66
CA CYS J 219 -16.86 53.21 20.09
C CYS J 219 -15.39 52.96 20.36
N CYS J 220 -14.84 51.92 19.72
CA CYS J 220 -13.44 51.58 19.89
C CYS J 220 -12.57 52.79 19.56
N MET J 221 -12.86 53.44 18.44
CA MET J 221 -12.10 54.63 18.07
C MET J 221 -12.22 55.71 19.14
N GLN J 222 -13.45 55.94 19.63
CA GLN J 222 -13.61 56.98 20.64
C GLN J 222 -12.84 56.66 21.92
N LEU J 223 -12.75 55.38 22.28
CA LEU J 223 -12.04 54.99 23.49
C LEU J 223 -10.56 55.33 23.42
N VAL J 224 -9.98 55.38 22.23
CA VAL J 224 -8.56 55.67 22.12
C VAL J 224 -8.30 57.17 21.93
N GLN J 225 -9.23 57.89 21.32
CA GLN J 225 -9.06 59.33 21.19
C GLN J 225 -9.56 60.08 22.40
N ASN J 226 -10.62 59.62 23.03
CA ASN J 226 -11.20 60.40 24.11
C ASN J 226 -12.14 59.54 24.96
N PRO J 227 -11.59 58.59 25.71
CA PRO J 227 -12.44 57.71 26.52
C PRO J 227 -13.15 58.42 27.66
N TYR J 228 -12.79 59.68 27.94
CA TYR J 228 -13.39 60.41 29.04
C TYR J 228 -14.85 60.74 28.79
N GLN J 229 -15.27 60.68 27.53
CA GLN J 229 -16.64 60.99 27.17
C GLN J 229 -17.61 59.93 27.66
N PHE J 230 -17.13 58.75 28.01
CA PHE J 230 -18.03 57.68 28.39
C PHE J 230 -18.29 57.71 29.89
N ASP J 231 -19.06 56.74 30.36
CA ASP J 231 -19.40 56.64 31.77
C ASP J 231 -19.64 55.17 32.08
N VAL J 232 -20.84 54.70 31.74
CA VAL J 232 -21.17 53.29 31.82
C VAL J 232 -21.55 52.80 30.42
N LEU J 233 -20.90 51.72 29.98
CA LEU J 233 -21.18 51.09 28.70
C LEU J 233 -21.78 49.72 28.93
N VAL J 234 -22.84 49.40 28.17
CA VAL J 234 -23.50 48.10 28.24
C VAL J 234 -23.58 47.51 26.84
N MET J 235 -23.26 46.23 26.72
CA MET J 235 -23.09 45.62 25.41
C MET J 235 -23.26 44.11 25.53
N PRO J 236 -23.46 43.40 24.42
CA PRO J 236 -23.48 41.93 24.53
C PRO J 236 -22.08 41.34 24.52
N ASN J 237 -22.00 40.00 24.52
CA ASN J 237 -20.78 39.24 24.77
C ASN J 237 -19.56 39.65 23.94
N LEU J 238 -19.60 39.40 22.62
CA LEU J 238 -18.43 39.66 21.80
C LEU J 238 -17.91 41.08 21.97
N TYR J 239 -18.79 42.09 21.88
CA TYR J 239 -18.31 43.45 22.06
C TYR J 239 -17.78 43.67 23.46
N GLY J 240 -18.30 42.92 24.44
CA GLY J 240 -17.82 43.06 25.80
C GLY J 240 -16.40 42.57 25.97
N ASN J 241 -16.11 41.40 25.38
CA ASN J 241 -14.73 40.92 25.30
C ASN J 241 -13.80 41.99 24.73
N ILE J 242 -14.23 42.65 23.65
CA ILE J 242 -13.36 43.57 22.92
C ILE J 242 -13.06 44.80 23.75
N ILE J 243 -14.10 45.46 24.24
CA ILE J 243 -13.91 46.68 25.02
C ILE J 243 -13.30 46.40 26.40
N ASP J 244 -13.63 45.25 27.01
CA ASP J 244 -12.95 44.88 28.26
C ASP J 244 -11.45 44.93 28.08
N ASN J 245 -10.95 44.31 27.02
CA ASN J 245 -9.51 44.29 26.80
C ASN J 245 -8.99 45.60 26.25
N LEU J 246 -9.76 46.29 25.41
CA LEU J 246 -9.32 47.61 24.96
C LEU J 246 -9.18 48.56 26.14
N ALA J 247 -10.29 48.81 26.84
CA ALA J 247 -10.30 49.77 27.94
C ALA J 247 -9.34 49.38 29.04
N ALA J 248 -9.10 48.07 29.22
CA ALA J 248 -8.04 47.66 30.13
C ALA J 248 -6.71 48.28 29.73
N GLY J 249 -6.35 48.15 28.45
CA GLY J 249 -5.10 48.75 27.99
C GLY J 249 -5.02 50.22 28.32
N LEU J 250 -6.15 50.93 28.28
CA LEU J 250 -6.14 52.37 28.49
C LEU J 250 -5.55 52.74 29.85
N VAL J 251 -5.66 51.88 30.88
CA VAL J 251 -5.24 52.27 32.24
C VAL J 251 -4.21 51.32 32.84
N GLY J 252 -3.47 50.58 32.02
CA GLY J 252 -2.41 49.74 32.58
C GLY J 252 -2.41 48.25 32.29
N GLY J 253 -3.34 47.76 31.46
CA GLY J 253 -3.30 46.38 31.02
C GLY J 253 -3.87 45.35 32.00
N ALA J 254 -3.84 44.10 31.55
CA ALA J 254 -4.53 43.03 32.27
C ALA J 254 -4.03 42.88 33.71
N GLY J 255 -2.83 43.36 34.02
CA GLY J 255 -2.27 43.13 35.34
C GLY J 255 -2.97 43.87 36.47
N VAL J 256 -3.78 44.90 36.18
CA VAL J 256 -4.17 45.86 37.22
C VAL J 256 -5.67 46.17 37.21
N VAL J 257 -6.44 45.41 36.45
CA VAL J 257 -7.83 45.75 36.19
C VAL J 257 -8.74 44.65 36.73
N PRO J 258 -9.61 44.95 37.70
CA PRO J 258 -10.43 43.89 38.30
C PRO J 258 -11.83 43.79 37.71
N GLY J 259 -12.47 42.63 37.83
CA GLY J 259 -13.83 42.48 37.38
C GLY J 259 -14.67 41.69 38.37
N GLU J 260 -15.99 41.86 38.23
CA GLU J 260 -17.00 41.16 38.99
C GLU J 260 -18.03 40.59 38.02
N SER J 261 -18.51 39.38 38.29
CA SER J 261 -19.62 38.79 37.54
C SER J 261 -20.78 38.49 38.50
N TYR J 262 -21.97 38.97 38.18
CA TYR J 262 -23.13 38.85 39.04
C TYR J 262 -24.17 37.87 38.47
N SER J 263 -24.91 37.24 39.37
CA SER J 263 -26.18 36.60 39.05
C SER J 263 -27.27 37.31 39.85
N ALA J 264 -28.48 36.74 39.87
CA ALA J 264 -29.50 37.27 40.78
C ALA J 264 -29.04 37.18 42.23
N GLU J 265 -28.29 36.13 42.58
CA GLU J 265 -27.96 35.85 43.97
C GLU J 265 -26.48 35.60 44.25
N TYR J 266 -25.65 35.30 43.24
CA TYR J 266 -24.24 35.02 43.42
C TYR J 266 -23.40 36.20 42.95
N ALA J 267 -22.16 36.23 43.41
CA ALA J 267 -21.19 37.25 43.01
C ALA J 267 -19.82 36.60 42.93
N VAL J 268 -19.21 36.65 41.75
CA VAL J 268 -17.91 36.04 41.52
C VAL J 268 -16.93 37.12 41.08
N PHE J 269 -15.76 37.13 41.70
CA PHE J 269 -14.79 38.22 41.54
C PHE J 269 -13.57 37.70 40.81
N GLU J 270 -13.34 38.25 39.62
CA GLU J 270 -12.31 37.76 38.70
C GLU J 270 -11.47 38.93 38.22
N THR J 271 -10.61 38.70 37.25
CA THR J 271 -9.92 39.82 36.63
C THR J 271 -10.77 40.38 35.47
N GLY J 272 -10.44 41.60 35.07
CA GLY J 272 -11.22 42.33 34.08
C GLY J 272 -10.85 42.13 32.63
N ALA J 273 -9.59 41.81 32.34
CA ALA J 273 -9.12 41.53 30.98
C ALA J 273 -8.78 40.04 30.91
N ARG J 274 -9.81 39.23 30.96
CA ARG J 274 -9.64 37.81 30.74
C ARG J 274 -9.36 37.60 29.26
N HIS J 275 -8.27 36.87 28.97
CA HIS J 275 -7.93 36.49 27.60
C HIS J 275 -6.71 35.56 27.67
N PRO J 276 -6.35 34.88 26.57
CA PRO J 276 -5.36 33.79 26.67
C PRO J 276 -3.98 34.18 27.14
N PHE J 277 -3.49 35.37 26.80
CA PHE J 277 -2.11 35.75 27.11
C PHE J 277 -2.00 36.77 28.25
N ALA J 278 -3.06 36.97 29.04
CA ALA J 278 -2.89 37.68 30.31
C ALA J 278 -2.14 36.81 31.30
N GLN J 279 -2.62 35.57 31.49
CA GLN J 279 -1.88 34.52 32.16
C GLN J 279 -0.56 34.29 31.43
N ALA J 280 -0.67 33.68 30.25
CA ALA J 280 0.46 33.51 29.33
C ALA J 280 1.55 32.64 29.94
N VAL J 281 2.70 33.25 30.19
CA VAL J 281 3.83 32.60 30.86
C VAL J 281 3.94 33.18 32.27
N GLY J 282 4.03 32.29 33.26
CA GLY J 282 4.16 32.73 34.63
C GLY J 282 5.10 31.86 35.44
N ARG J 283 6.03 32.52 36.14
CA ARG J 283 6.81 31.92 37.21
C ARG J 283 7.44 33.04 38.07
N ASN J 284 6.61 33.69 38.90
CA ASN J 284 7.01 34.78 39.83
C ASN J 284 7.34 36.09 39.11
N ILE J 285 6.51 36.44 38.13
CA ILE J 285 6.65 37.69 37.40
C ILE J 285 5.30 38.39 37.36
N ALA J 286 4.23 37.66 37.70
CA ALA J 286 2.84 38.11 37.50
C ALA J 286 2.47 39.23 38.45
N ASN J 287 1.52 40.05 38.01
CA ASN J 287 1.06 41.18 38.78
C ASN J 287 -0.19 40.80 39.54
N PRO J 288 -0.21 40.91 40.86
CA PRO J 288 -1.42 40.62 41.64
C PRO J 288 -2.34 41.81 41.85
N THR J 289 -1.98 42.99 41.32
CA THR J 289 -2.81 44.17 41.57
C THR J 289 -4.26 43.88 41.24
N ALA J 290 -4.51 43.33 40.06
CA ALA J 290 -5.87 43.09 39.62
C ALA J 290 -6.62 42.20 40.61
N MET J 291 -6.02 41.08 40.97
CA MET J 291 -6.72 40.13 41.83
C MET J 291 -6.94 40.72 43.24
N LEU J 292 -5.96 41.46 43.77
CA LEU J 292 -6.11 42.10 45.08
C LEU J 292 -7.17 43.19 45.04
N LEU J 293 -7.07 44.09 44.05
CA LEU J 293 -8.12 45.07 43.85
C LEU J 293 -9.49 44.40 43.77
N SER J 294 -9.60 43.33 42.97
CA SER J 294 -10.83 42.55 42.89
C SER J 294 -11.18 41.94 44.25
N ALA J 295 -10.15 41.50 44.99
CA ALA J 295 -10.39 40.93 46.32
C ALA J 295 -10.93 41.99 47.26
N SER J 296 -10.45 43.21 47.18
CA SER J 296 -11.03 44.19 48.09
C SER J 296 -12.47 44.52 47.67
N ASN J 297 -12.79 44.42 46.38
CA ASN J 297 -14.18 44.57 45.98
C ASN J 297 -15.04 43.45 46.54
N MET J 298 -14.56 42.21 46.44
CA MET J 298 -15.25 41.09 47.07
C MET J 298 -15.52 41.39 48.54
N LEU J 299 -14.51 41.90 49.24
CA LEU J 299 -14.65 42.12 50.68
C LEU J 299 -15.74 43.14 50.96
N ARG J 300 -15.81 44.22 50.16
CA ARG J 300 -16.90 45.17 50.32
C ARG J 300 -18.23 44.47 50.18
N HIS J 301 -18.32 43.55 49.21
CA HIS J 301 -19.53 42.76 49.04
C HIS J 301 -19.85 41.94 50.29
N LEU J 302 -18.83 41.42 50.95
CA LEU J 302 -19.06 40.65 52.17
C LEU J 302 -19.34 41.49 53.42
N ASN J 303 -19.58 42.82 53.32
CA ASN J 303 -19.79 43.68 54.49
C ASN J 303 -18.52 43.85 55.35
N LEU J 304 -17.36 43.73 54.73
CA LEU J 304 -16.10 44.01 55.40
C LEU J 304 -15.48 45.29 54.86
N GLU J 305 -16.23 46.42 54.87
CA GLU J 305 -15.81 47.66 54.20
C GLU J 305 -14.44 48.07 54.67
N TYR J 306 -14.08 47.59 55.86
CA TYR J 306 -12.79 47.99 56.50
C TYR J 306 -11.64 47.25 55.86
N HIS J 307 -11.61 45.93 55.98
CA HIS J 307 -10.59 45.17 55.28
C HIS J 307 -10.59 45.50 53.79
N SER J 308 -11.78 45.68 53.22
CA SER J 308 -11.86 46.12 51.83
C SER J 308 -10.98 47.35 51.61
N SER J 309 -11.24 48.40 52.38
CA SER J 309 -10.63 49.67 52.04
C SER J 309 -9.19 49.73 52.52
N MET J 310 -8.87 49.06 53.61
CA MET J 310 -7.47 48.97 53.97
C MET J 310 -6.65 48.25 52.90
N ILE J 311 -7.20 47.19 52.31
CA ILE J 311 -6.39 46.46 51.33
C ILE J 311 -6.25 47.23 50.02
N ALA J 312 -7.35 47.78 49.50
CA ALA J 312 -7.23 48.64 48.33
C ALA J 312 -6.24 49.77 48.59
N ASP J 313 -6.41 50.49 49.72
CA ASP J 313 -5.53 51.62 50.08
C ASP J 313 -4.08 51.20 50.13
N ALA J 314 -3.81 49.98 50.60
CA ALA J 314 -2.44 49.47 50.63
C ALA J 314 -1.87 49.35 49.22
N VAL J 315 -2.52 48.54 48.38
CA VAL J 315 -2.11 48.37 46.98
C VAL J 315 -1.99 49.72 46.28
N LYS J 316 -2.95 50.60 46.49
CA LYS J 316 -2.94 51.91 45.85
C LYS J 316 -1.76 52.76 46.30
N LYS J 317 -1.29 52.59 47.54
CA LYS J 317 -0.14 53.38 47.97
C LYS J 317 1.20 52.78 47.52
N VAL J 318 1.33 51.45 47.53
CA VAL J 318 2.54 50.83 47.01
C VAL J 318 2.78 51.23 45.55
N ILE J 319 1.70 51.38 44.80
CA ILE J 319 1.80 51.77 43.40
C ILE J 319 2.07 53.27 43.28
N LYS J 320 1.51 54.10 44.18
CA LYS J 320 1.72 55.53 44.07
C LYS J 320 3.15 55.92 44.42
N VAL J 321 3.71 55.35 45.50
CA VAL J 321 5.10 55.65 45.87
C VAL J 321 6.03 55.18 44.76
N GLY J 322 5.61 54.19 43.99
CA GLY J 322 6.30 53.84 42.77
C GLY J 322 7.57 53.02 42.92
N LYS J 323 7.96 52.64 44.14
CA LYS J 323 9.26 52.00 44.26
C LYS J 323 9.23 50.48 44.05
N VAL J 324 8.11 49.81 44.24
CA VAL J 324 8.01 48.37 44.04
C VAL J 324 6.94 48.09 43.00
N ARG J 325 7.36 47.55 41.85
CA ARG J 325 6.47 47.36 40.71
C ARG J 325 6.92 46.15 39.89
N THR J 326 5.94 45.37 39.43
CA THR J 326 6.20 44.26 38.52
C THR J 326 6.51 44.77 37.11
N SER J 327 7.02 43.86 36.27
CA SER J 327 7.57 44.27 34.98
C SER J 327 6.50 44.86 34.05
N ASP J 328 5.25 44.41 34.14
CA ASP J 328 4.22 45.04 33.31
C ASP J 328 4.03 46.51 33.64
N MET J 329 4.15 46.87 34.92
CA MET J 329 4.04 48.28 35.30
C MET J 329 5.33 49.06 35.06
N GLY J 330 6.34 48.44 34.46
CA GLY J 330 7.57 49.14 34.16
C GLY J 330 8.64 48.97 35.22
N GLY J 331 8.40 48.18 36.24
CA GLY J 331 9.28 48.06 37.36
C GLY J 331 10.13 46.81 37.29
N TYR J 332 10.72 46.47 38.43
CA TYR J 332 11.73 45.40 38.49
C TYR J 332 11.48 44.42 39.64
N ALA J 333 10.28 44.42 40.22
CA ALA J 333 9.93 43.54 41.32
C ALA J 333 9.31 42.24 40.82
N THR J 334 9.53 41.17 41.60
CA THR J 334 8.85 39.90 41.43
C THR J 334 7.41 40.07 41.87
N CYS J 335 6.59 39.04 41.59
CA CYS J 335 5.27 38.92 42.21
C CYS J 335 5.42 38.89 43.73
N HIS J 336 6.37 38.08 44.22
CA HIS J 336 6.51 37.88 45.66
C HIS J 336 6.99 39.15 46.35
N ASP J 337 7.93 39.86 45.74
CA ASP J 337 8.38 41.13 46.32
C ASP J 337 7.23 42.10 46.47
N PHE J 338 6.44 42.25 45.40
CA PHE J 338 5.26 43.12 45.42
C PHE J 338 4.25 42.64 46.45
N THR J 339 3.96 41.33 46.48
CA THR J 339 2.99 40.83 47.44
C THR J 339 3.47 41.08 48.86
N GLU J 340 4.76 40.80 49.13
CA GLU J 340 5.36 41.01 50.45
C GLU J 340 5.43 42.49 50.81
N GLU J 341 5.49 43.39 49.83
CA GLU J 341 5.40 44.82 50.11
C GLU J 341 3.99 45.27 50.46
N ILE J 342 2.97 44.71 49.81
CA ILE J 342 1.57 45.02 50.16
C ILE J 342 1.27 44.62 51.60
N CYS J 343 1.73 43.43 52.03
CA CYS J 343 1.50 42.97 53.40
C CYS J 343 2.14 43.90 54.43
N ARG J 344 3.39 44.29 54.18
CA ARG J 344 4.09 45.20 55.06
C ARG J 344 3.23 46.40 55.43
N ARG J 345 2.63 47.06 54.42
CA ARG J 345 1.76 48.20 54.70
C ARG J 345 0.43 47.79 55.32
N VAL J 346 -0.01 46.54 55.12
CA VAL J 346 -1.35 46.18 55.57
C VAL J 346 -1.38 45.76 57.04
N LYS J 347 -0.25 45.42 57.64
CA LYS J 347 -0.24 45.30 59.10
C LYS J 347 0.22 46.59 59.77
N ASP J 348 0.27 47.69 59.01
CA ASP J 348 0.50 49.06 59.51
C ASP J 348 1.89 49.19 60.15
N GLY K 3 -20.31 -12.94 -18.83
CA GLY K 3 -20.28 -14.21 -18.12
C GLY K 3 -21.00 -14.17 -16.78
N VAL K 4 -20.60 -15.03 -15.86
CA VAL K 4 -21.25 -15.09 -14.54
C VAL K 4 -20.67 -14.00 -13.65
N GLN K 5 -21.54 -13.13 -13.17
CA GLN K 5 -21.13 -11.99 -12.35
C GLN K 5 -21.29 -12.30 -10.88
N THR K 6 -20.26 -12.01 -10.11
CA THR K 6 -20.33 -12.21 -8.68
C THR K 6 -21.12 -11.09 -8.02
N VAL K 7 -21.95 -11.45 -7.03
CA VAL K 7 -22.80 -10.51 -6.30
C VAL K 7 -22.51 -10.65 -4.81
N THR K 8 -22.37 -9.52 -4.11
CA THR K 8 -22.19 -9.57 -2.66
C THR K 8 -23.53 -9.84 -1.98
N LEU K 9 -23.64 -10.96 -1.27
CA LEU K 9 -24.85 -11.32 -0.57
C LEU K 9 -24.69 -10.97 0.91
N ILE K 10 -25.66 -10.23 1.44
CA ILE K 10 -25.62 -9.88 2.85
C ILE K 10 -26.87 -10.48 3.48
N PRO K 11 -26.82 -11.73 3.94
CA PRO K 11 -28.06 -12.41 4.37
C PRO K 11 -28.68 -11.76 5.58
N GLY K 12 -27.88 -11.18 6.48
CA GLY K 12 -28.44 -10.49 7.62
C GLY K 12 -28.80 -11.42 8.77
N ASP K 13 -29.76 -10.97 9.57
CA ASP K 13 -30.15 -11.60 10.81
C ASP K 13 -31.59 -12.10 10.73
N GLY K 14 -31.99 -12.90 11.72
CA GLY K 14 -33.36 -13.35 11.80
C GLY K 14 -33.69 -14.28 10.66
N ILE K 15 -34.72 -13.96 9.88
CA ILE K 15 -35.12 -14.82 8.77
C ILE K 15 -34.25 -14.49 7.58
N GLY K 16 -33.23 -13.67 7.80
CA GLY K 16 -32.37 -13.23 6.74
C GLY K 16 -31.73 -14.38 5.98
N PRO K 17 -30.91 -15.19 6.67
CA PRO K 17 -30.34 -16.39 6.01
C PRO K 17 -31.36 -17.28 5.34
N GLU K 18 -32.48 -17.53 6.02
CA GLU K 18 -33.56 -18.37 5.48
C GLU K 18 -34.03 -17.88 4.11
N ILE K 19 -34.19 -16.57 3.95
CA ILE K 19 -34.77 -16.07 2.70
C ILE K 19 -33.73 -15.82 1.62
N SER K 20 -32.50 -15.42 2.00
CA SER K 20 -31.39 -15.33 1.05
C SER K 20 -31.10 -16.69 0.44
N ALA K 21 -31.02 -17.71 1.30
CA ALA K 21 -30.94 -19.09 0.85
C ALA K 21 -32.01 -19.40 -0.20
N ALA K 22 -33.26 -19.06 0.10
CA ALA K 22 -34.35 -19.36 -0.84
C ALA K 22 -34.21 -18.60 -2.14
N VAL K 23 -33.61 -17.41 -2.13
CA VAL K 23 -33.54 -16.68 -3.39
C VAL K 23 -32.30 -17.11 -4.17
N MET K 24 -31.21 -17.48 -3.48
CA MET K 24 -30.15 -18.25 -4.12
C MET K 24 -30.72 -19.40 -4.93
N LYS K 25 -31.61 -20.17 -4.32
CA LYS K 25 -32.18 -21.35 -4.95
C LYS K 25 -33.02 -20.99 -6.16
N ILE K 26 -33.78 -19.90 -6.06
CA ILE K 26 -34.64 -19.52 -7.18
C ILE K 26 -33.82 -19.00 -8.36
N PHE K 27 -32.73 -18.27 -8.06
CA PHE K 27 -31.81 -17.87 -9.12
C PHE K 27 -31.18 -19.09 -9.78
N ASP K 28 -30.80 -20.09 -8.98
CA ASP K 28 -30.29 -21.35 -9.50
C ASP K 28 -31.27 -21.98 -10.49
N ALA K 29 -32.55 -22.08 -10.09
CA ALA K 29 -33.53 -22.76 -10.94
C ALA K 29 -33.72 -22.06 -12.28
N ALA K 30 -33.32 -20.80 -12.39
CA ALA K 30 -33.54 -20.00 -13.59
C ALA K 30 -32.24 -19.70 -14.32
N LYS K 31 -31.13 -20.33 -13.93
CA LYS K 31 -29.86 -20.27 -14.65
C LYS K 31 -29.32 -18.83 -14.72
N ALA K 32 -29.43 -18.10 -13.63
CA ALA K 32 -28.94 -16.75 -13.62
C ALA K 32 -27.41 -16.76 -13.65
N PRO K 33 -26.79 -16.00 -14.53
CA PRO K 33 -25.32 -15.86 -14.46
C PRO K 33 -24.88 -15.11 -13.22
N ILE K 34 -25.21 -15.66 -12.04
CA ILE K 34 -25.05 -14.99 -10.77
C ILE K 34 -24.32 -15.93 -9.82
N GLN K 35 -23.14 -15.52 -9.38
CA GLN K 35 -22.42 -16.08 -8.25
C GLN K 35 -22.67 -15.20 -7.04
N TRP K 36 -22.41 -15.74 -5.84
CA TRP K 36 -22.64 -15.03 -4.58
C TRP K 36 -21.40 -15.07 -3.70
N GLU K 37 -21.17 -13.99 -2.96
CA GLU K 37 -20.04 -13.85 -2.04
C GLU K 37 -20.59 -13.31 -0.72
N GLU K 38 -20.91 -14.22 0.20
CA GLU K 38 -21.51 -13.82 1.48
C GLU K 38 -20.61 -12.87 2.25
N ARG K 39 -21.18 -11.76 2.72
CA ARG K 39 -20.47 -10.86 3.61
C ARG K 39 -21.37 -10.49 4.78
N ASN K 40 -20.76 -9.89 5.79
CA ASN K 40 -21.49 -9.39 6.93
C ASN K 40 -21.25 -7.89 7.03
N VAL K 41 -22.31 -7.15 7.37
CA VAL K 41 -22.22 -5.71 7.52
C VAL K 41 -22.31 -5.27 8.96
N THR K 42 -22.69 -6.15 9.89
CA THR K 42 -22.84 -5.79 11.28
C THR K 42 -21.62 -4.98 11.74
N ALA K 43 -21.88 -3.72 12.12
CA ALA K 43 -20.79 -2.75 12.29
C ALA K 43 -19.87 -3.15 13.45
N ILE K 44 -18.59 -2.84 13.30
CA ILE K 44 -17.57 -3.19 14.29
C ILE K 44 -17.05 -1.90 14.91
N GLN K 45 -16.74 -1.97 16.20
CA GLN K 45 -16.14 -0.85 16.92
C GLN K 45 -14.78 -0.60 16.30
N GLY K 46 -14.64 0.50 15.58
CA GLY K 46 -13.40 0.82 14.91
C GLY K 46 -12.44 1.56 15.82
N PRO K 47 -11.65 2.48 15.25
CA PRO K 47 -10.62 3.27 15.92
C PRO K 47 -11.16 4.38 16.82
N LYS K 50 -15.22 4.93 16.86
CA LYS K 50 -16.03 5.25 15.68
C LYS K 50 -16.51 3.97 15.02
N TRP K 51 -17.81 3.68 15.14
CA TRP K 51 -18.38 2.50 14.50
C TRP K 51 -18.20 2.56 12.99
N MET K 52 -17.88 1.41 12.39
CA MET K 52 -17.59 1.38 10.95
C MET K 52 -18.00 0.04 10.36
N ILE K 53 -18.24 0.05 9.05
CA ILE K 53 -18.57 -1.13 8.25
C ILE K 53 -17.32 -1.96 8.05
N PRO K 54 -17.39 -3.28 8.21
CA PRO K 54 -16.19 -4.12 8.11
C PRO K 54 -15.48 -3.98 6.78
N SER K 55 -14.14 -4.08 6.83
CA SER K 55 -13.30 -3.83 5.66
C SER K 55 -13.56 -4.84 4.53
N GLU K 56 -13.62 -6.13 4.87
CA GLU K 56 -13.87 -7.13 3.83
C GLU K 56 -15.23 -6.95 3.18
N ALA K 57 -16.16 -6.26 3.84
CA ALA K 57 -17.45 -5.98 3.21
C ALA K 57 -17.35 -4.81 2.23
N LYS K 58 -16.63 -3.75 2.62
CA LYS K 58 -16.42 -2.64 1.70
C LYS K 58 -15.69 -3.13 0.45
N GLU K 59 -14.59 -3.85 0.63
CA GLU K 59 -13.82 -4.35 -0.51
C GLU K 59 -14.70 -5.18 -1.46
N SER K 60 -15.50 -6.08 -0.92
CA SER K 60 -16.34 -6.89 -1.78
C SER K 60 -17.35 -6.04 -2.55
N MET K 61 -17.98 -5.07 -1.86
CA MET K 61 -18.95 -4.21 -2.54
C MET K 61 -18.29 -3.38 -3.63
N ASP K 62 -17.11 -2.80 -3.34
CA ASP K 62 -16.37 -2.02 -4.34
C ASP K 62 -16.03 -2.85 -5.57
N LYS K 63 -15.61 -4.10 -5.36
CA LYS K 63 -15.31 -4.99 -6.47
C LYS K 63 -16.56 -5.35 -7.24
N ASN K 64 -17.59 -5.87 -6.54
CA ASN K 64 -18.73 -6.53 -7.20
C ASN K 64 -19.76 -5.55 -7.69
N LYS K 65 -19.86 -4.41 -7.02
CA LYS K 65 -20.84 -3.36 -7.26
C LYS K 65 -22.24 -3.77 -6.84
N MET K 66 -22.75 -4.93 -7.25
CA MET K 66 -24.12 -5.29 -6.89
C MET K 66 -24.18 -5.99 -5.54
N GLY K 67 -25.25 -5.71 -4.80
CA GLY K 67 -25.45 -6.29 -3.48
C GLY K 67 -26.91 -6.64 -3.25
N LEU K 68 -27.12 -7.64 -2.39
CA LEU K 68 -28.43 -8.04 -1.90
C LEU K 68 -28.39 -8.10 -0.37
N LYS K 69 -29.26 -7.32 0.29
CA LYS K 69 -29.26 -7.16 1.73
C LYS K 69 -30.57 -7.63 2.31
N GLY K 70 -30.50 -8.48 3.33
CA GLY K 70 -31.65 -8.91 4.08
C GLY K 70 -31.86 -8.04 5.30
N PRO K 71 -32.89 -8.36 6.09
CA PRO K 71 -33.18 -7.57 7.29
C PRO K 71 -32.02 -7.61 8.25
N LEU K 72 -31.78 -6.50 8.94
CA LEU K 72 -30.72 -6.41 9.93
C LEU K 72 -31.28 -6.14 11.32
N LYS K 73 -30.55 -6.62 12.33
CA LYS K 73 -30.90 -6.38 13.72
C LYS K 73 -30.65 -4.93 14.09
N THR K 74 -31.54 -4.31 14.85
CA THR K 74 -31.26 -2.98 15.34
C THR K 74 -30.24 -3.09 16.47
N PRO K 75 -29.16 -2.31 16.46
CA PRO K 75 -28.13 -2.42 17.50
C PRO K 75 -28.67 -1.97 18.84
N ILE K 76 -27.93 -2.26 19.92
CA ILE K 76 -28.48 -1.88 21.21
C ILE K 76 -27.66 -0.84 21.96
N ALA K 77 -26.37 -0.70 21.62
CA ALA K 77 -25.62 0.45 22.16
C ALA K 77 -26.31 1.73 21.74
N ALA K 78 -26.60 2.61 22.71
CA ALA K 78 -27.31 3.84 22.36
C ALA K 78 -26.44 4.74 21.50
N GLY K 79 -25.11 4.65 21.64
CA GLY K 79 -24.19 5.41 20.83
C GLY K 79 -23.98 4.88 19.42
N HIS K 80 -24.48 3.68 19.16
CA HIS K 80 -24.32 3.06 17.85
C HIS K 80 -25.12 3.85 16.82
N PRO K 81 -24.50 4.28 15.73
CA PRO K 81 -25.26 4.97 14.69
C PRO K 81 -26.18 4.01 13.95
N SER K 82 -27.10 4.60 13.22
CA SER K 82 -27.99 3.81 12.39
C SER K 82 -27.21 2.99 11.37
N MET K 83 -27.66 1.75 11.15
CA MET K 83 -27.07 0.90 10.13
C MET K 83 -27.37 1.40 8.73
N ASN K 84 -28.49 2.10 8.56
CA ASN K 84 -28.76 2.78 7.31
C ASN K 84 -27.74 3.91 7.09
N LEU K 85 -27.58 4.78 8.10
CA LEU K 85 -26.71 5.94 7.95
C LEU K 85 -25.30 5.50 7.63
N LEU K 86 -24.83 4.46 8.31
CA LEU K 86 -23.50 3.94 8.05
C LEU K 86 -23.35 3.52 6.60
N LEU K 87 -24.27 2.68 6.10
CA LEU K 87 -24.14 2.19 4.74
C LEU K 87 -24.27 3.32 3.72
N ARG K 88 -25.26 4.19 3.94
CA ARG K 88 -25.42 5.41 3.12
C ARG K 88 -24.11 6.17 3.00
N LYS K 89 -23.49 6.52 4.14
CA LYS K 89 -22.24 7.28 4.08
C LYS K 89 -21.09 6.47 3.50
N THR K 90 -21.08 5.14 3.70
CA THR K 90 -19.94 4.31 3.28
C THR K 90 -19.86 4.18 1.76
N PHE K 91 -20.99 4.12 1.08
CA PHE K 91 -21.00 3.95 -0.36
C PHE K 91 -21.59 5.14 -1.09
N ASP K 92 -22.04 6.16 -0.36
CA ASP K 92 -22.74 7.30 -0.95
C ASP K 92 -24.00 6.83 -1.67
N LEU K 93 -24.87 6.17 -0.91
CA LEU K 93 -26.16 5.76 -1.43
C LEU K 93 -27.06 7.01 -1.52
N TYR K 94 -27.12 7.63 -2.70
CA TYR K 94 -27.84 8.90 -2.82
C TYR K 94 -29.29 8.73 -3.26
N ALA K 95 -29.64 7.62 -3.90
CA ALA K 95 -30.99 7.40 -4.41
C ALA K 95 -31.58 6.20 -3.70
N ASN K 96 -32.74 6.37 -3.07
CA ASN K 96 -33.51 5.26 -2.56
C ASN K 96 -34.67 5.02 -3.51
N VAL K 97 -34.83 3.79 -3.97
CA VAL K 97 -35.74 3.46 -5.07
C VAL K 97 -36.69 2.35 -4.64
N ARG K 98 -38.00 2.60 -4.71
CA ARG K 98 -39.02 1.64 -4.26
C ARG K 98 -40.13 1.48 -5.28
N PRO K 99 -40.12 0.39 -6.06
CA PRO K 99 -41.24 0.16 -6.98
C PRO K 99 -42.39 -0.55 -6.29
N CYS K 100 -43.51 0.13 -6.16
CA CYS K 100 -44.70 -0.44 -5.52
C CYS K 100 -45.71 -0.83 -6.60
N VAL K 101 -45.88 -2.13 -6.79
CA VAL K 101 -46.85 -2.61 -7.76
C VAL K 101 -47.75 -3.64 -7.07
N SER K 102 -49.05 -3.54 -7.31
CA SER K 102 -49.97 -4.37 -6.55
C SER K 102 -49.96 -5.79 -7.08
N ILE K 103 -50.08 -6.74 -6.15
CA ILE K 103 -49.89 -8.16 -6.38
C ILE K 103 -51.25 -8.82 -6.60
N GLU K 104 -51.37 -9.64 -7.65
CA GLU K 104 -52.69 -10.16 -7.99
C GLU K 104 -53.19 -11.15 -6.93
N GLY K 105 -52.31 -11.98 -6.39
CA GLY K 105 -52.80 -12.91 -5.38
C GLY K 105 -53.07 -12.31 -3.99
N TYR K 106 -52.66 -11.07 -3.74
CA TYR K 106 -52.61 -10.52 -2.38
C TYR K 106 -53.50 -9.28 -2.36
N LYS K 107 -54.80 -9.51 -2.26
CA LYS K 107 -55.77 -8.43 -2.45
C LYS K 107 -55.68 -7.42 -1.31
N THR K 108 -55.62 -6.14 -1.68
CA THR K 108 -55.76 -5.01 -0.78
C THR K 108 -56.84 -4.12 -1.36
N PRO K 109 -57.26 -3.07 -0.64
CA PRO K 109 -58.28 -2.16 -1.19
C PRO K 109 -57.86 -1.41 -2.45
N TYR K 110 -56.59 -1.53 -2.86
CA TYR K 110 -56.00 -0.81 -3.98
C TYR K 110 -55.41 -1.84 -4.95
N THR K 111 -55.88 -1.83 -6.20
CA THR K 111 -55.54 -2.92 -7.11
C THR K 111 -54.79 -2.50 -8.36
N ASP K 112 -54.66 -1.21 -8.64
CA ASP K 112 -54.06 -0.78 -9.91
C ASP K 112 -52.79 0.02 -9.69
N VAL K 113 -52.07 -0.28 -8.61
CA VAL K 113 -50.93 0.52 -8.16
C VAL K 113 -49.68 0.08 -8.94
N ASN K 114 -48.99 1.07 -9.54
CA ASN K 114 -47.71 0.84 -10.21
C ASN K 114 -46.88 2.12 -10.07
N ILE K 115 -46.25 2.30 -8.91
CA ILE K 115 -45.57 3.56 -8.58
C ILE K 115 -44.15 3.30 -8.12
N VAL K 116 -43.22 4.10 -8.60
CA VAL K 116 -41.82 4.03 -8.16
C VAL K 116 -41.49 5.33 -7.44
N THR K 117 -41.22 5.26 -6.14
CA THR K 117 -40.76 6.43 -5.40
C THR K 117 -39.25 6.52 -5.51
N ILE K 118 -38.77 7.58 -6.10
CA ILE K 118 -37.34 7.87 -6.12
C ILE K 118 -37.07 8.92 -5.06
N ARG K 119 -36.21 8.60 -4.12
CA ARG K 119 -36.06 9.44 -2.95
C ARG K 119 -34.60 9.82 -2.78
N GLU K 120 -34.34 11.13 -2.77
CA GLU K 120 -33.05 11.66 -2.38
C GLU K 120 -32.70 11.19 -0.96
N ASN K 121 -31.43 10.83 -0.75
CA ASN K 121 -31.05 10.03 0.42
C ASN K 121 -29.86 10.62 1.18
N THR K 122 -29.57 11.90 0.98
CA THR K 122 -28.32 12.58 1.35
C THR K 122 -28.52 13.79 2.22
N GLU K 123 -29.57 14.58 1.97
CA GLU K 123 -29.77 15.83 2.68
C GLU K 123 -31.21 16.00 3.12
N GLY K 124 -31.79 17.17 2.81
CA GLY K 124 -33.14 17.47 3.21
C GLY K 124 -33.20 17.62 4.71
N GLU K 125 -34.32 17.22 5.29
CA GLU K 125 -34.42 17.31 6.74
C GLU K 125 -33.54 16.28 7.45
N TYR K 126 -32.81 15.42 6.75
CA TYR K 126 -32.02 14.36 7.38
C TYR K 126 -30.55 14.74 7.44
N SER K 127 -30.28 16.04 7.55
CA SER K 127 -28.95 16.58 7.40
C SER K 127 -28.05 16.25 8.59
N GLY K 128 -28.64 15.85 9.73
CA GLY K 128 -27.89 15.68 10.96
C GLY K 128 -27.59 16.96 11.72
N ILE K 129 -27.90 18.13 11.17
CA ILE K 129 -27.58 19.42 11.76
C ILE K 129 -28.74 19.88 12.63
N GLU K 130 -28.54 19.90 13.96
CA GLU K 130 -29.48 20.55 14.87
C GLU K 130 -28.72 21.34 15.93
N HIS K 131 -29.34 22.45 16.38
CA HIS K 131 -28.79 23.34 17.38
C HIS K 131 -29.86 23.68 18.42
N VAL K 132 -29.50 23.59 19.70
CA VAL K 132 -30.30 24.17 20.79
C VAL K 132 -30.02 25.68 20.81
N ILE K 133 -30.98 26.48 20.33
CA ILE K 133 -30.77 27.92 20.20
C ILE K 133 -30.66 28.54 21.58
N VAL K 134 -31.65 28.26 22.42
CA VAL K 134 -31.62 28.46 23.85
C VAL K 134 -32.37 27.29 24.46
N ASP K 135 -32.43 27.24 25.79
CA ASP K 135 -33.15 26.16 26.44
C ASP K 135 -34.57 26.08 25.90
N GLY K 136 -35.05 24.86 25.69
CA GLY K 136 -36.39 24.65 25.16
C GLY K 136 -36.67 25.15 23.76
N VAL K 137 -35.64 25.40 22.95
CA VAL K 137 -35.84 25.93 21.61
C VAL K 137 -34.86 25.25 20.68
N VAL K 138 -35.32 24.24 19.94
CA VAL K 138 -34.40 23.52 19.08
C VAL K 138 -34.61 23.97 17.64
N ALA K 139 -33.50 24.18 16.95
CA ALA K 139 -33.51 24.44 15.52
C ALA K 139 -32.77 23.33 14.79
N SER K 140 -33.32 22.96 13.64
CA SER K 140 -33.23 21.66 12.94
C SER K 140 -33.14 22.04 11.43
N ILE K 141 -32.04 21.65 10.79
CA ILE K 141 -31.54 22.28 9.60
C ILE K 141 -31.74 21.35 8.41
N LYS K 142 -32.62 21.81 7.50
CA LYS K 142 -32.91 21.21 6.23
C LYS K 142 -31.96 21.82 5.23
N LEU K 143 -31.13 20.96 4.64
CA LEU K 143 -30.17 21.34 3.62
C LEU K 143 -30.66 20.87 2.25
N ILE K 144 -30.65 21.76 1.28
CA ILE K 144 -30.92 21.38 -0.12
C ILE K 144 -29.88 22.07 -0.98
N THR K 145 -29.14 21.29 -1.77
CA THR K 145 -28.09 21.81 -2.65
C THR K 145 -28.40 21.55 -4.12
N GLU K 146 -27.95 22.45 -5.00
CA GLU K 146 -28.15 22.28 -6.44
C GLU K 146 -27.59 20.95 -6.94
N GLY K 147 -26.42 20.54 -6.44
CA GLY K 147 -25.78 19.34 -6.96
C GLY K 147 -26.55 18.08 -6.62
N ALA K 148 -26.86 17.90 -5.34
CA ALA K 148 -27.65 16.74 -4.93
C ALA K 148 -28.99 16.67 -5.65
N SER K 149 -29.68 17.81 -5.80
CA SER K 149 -31.01 17.74 -6.39
C SER K 149 -30.92 17.41 -7.87
N LYS K 150 -29.86 17.89 -8.53
CA LYS K 150 -29.62 17.51 -9.92
C LYS K 150 -29.35 16.02 -10.01
N ARG K 151 -28.50 15.51 -9.14
CA ARG K 151 -28.11 14.12 -9.21
C ARG K 151 -29.31 13.19 -9.06
N ILE K 152 -30.23 13.50 -8.15
CA ILE K 152 -31.40 12.61 -7.99
C ILE K 152 -32.39 12.81 -9.13
N ALA K 153 -32.47 14.01 -9.71
CA ALA K 153 -33.33 14.22 -10.88
C ALA K 153 -32.82 13.39 -12.04
N GLU K 154 -31.52 13.50 -12.33
CA GLU K 154 -30.96 12.72 -13.42
C GLU K 154 -31.24 11.24 -13.25
N PHE K 155 -31.28 10.76 -11.98
CA PHE K 155 -31.55 9.33 -11.76
C PHE K 155 -33.00 8.98 -12.02
N ALA K 156 -33.94 9.80 -11.56
CA ALA K 156 -35.33 9.47 -11.86
C ALA K 156 -35.52 9.32 -13.36
N PHE K 157 -34.92 10.18 -14.16
CA PHE K 157 -35.11 10.03 -15.61
C PHE K 157 -34.33 8.84 -16.16
N GLU K 158 -33.09 8.61 -15.68
CA GLU K 158 -32.41 7.36 -16.02
C GLU K 158 -33.30 6.15 -15.70
N TYR K 159 -33.84 6.10 -14.47
CA TYR K 159 -34.71 4.97 -14.10
C TYR K 159 -35.94 4.89 -14.99
N ALA K 160 -36.53 6.02 -15.35
CA ALA K 160 -37.72 5.93 -16.19
C ALA K 160 -37.35 5.37 -17.56
N ARG K 161 -36.15 5.72 -18.05
CA ARG K 161 -35.71 5.23 -19.35
C ARG K 161 -35.42 3.73 -19.31
N ASN K 162 -34.50 3.29 -18.42
CA ASN K 162 -34.16 1.88 -18.35
C ASN K 162 -35.36 0.95 -18.05
N ASN K 163 -36.45 1.47 -17.47
CA ASN K 163 -37.52 0.60 -17.01
C ASN K 163 -38.84 0.88 -17.73
N HIS K 164 -38.72 1.37 -18.97
CA HIS K 164 -39.84 1.76 -19.83
C HIS K 164 -40.93 2.39 -18.96
N ARG K 165 -40.62 3.56 -18.38
CA ARG K 165 -41.54 4.35 -17.58
C ARG K 165 -41.81 5.65 -18.32
N SER K 166 -43.04 6.16 -18.22
CA SER K 166 -43.49 7.28 -19.05
C SER K 166 -43.45 8.64 -18.34
N ASN K 167 -44.01 8.73 -17.14
CA ASN K 167 -44.10 10.01 -16.46
C ASN K 167 -43.21 10.04 -15.24
N VAL K 168 -42.50 11.16 -15.07
CA VAL K 168 -41.81 11.51 -13.83
C VAL K 168 -42.56 12.67 -13.21
N THR K 169 -42.81 12.60 -11.91
CA THR K 169 -43.49 13.67 -11.20
C THR K 169 -42.65 14.12 -10.02
N ALA K 170 -42.26 15.41 -10.02
CA ALA K 170 -41.56 16.00 -8.89
C ALA K 170 -42.57 16.43 -7.82
N VAL K 171 -42.45 15.84 -6.64
CA VAL K 171 -43.29 16.12 -5.50
C VAL K 171 -42.49 16.99 -4.53
N HIS K 172 -43.06 18.13 -4.13
CA HIS K 172 -42.36 19.13 -3.31
C HIS K 172 -43.37 19.93 -2.50
N LYS K 173 -42.86 20.83 -1.67
CA LYS K 173 -43.65 21.82 -0.94
C LYS K 173 -43.06 23.21 -1.15
N ALA K 174 -42.81 23.54 -2.43
CA ALA K 174 -42.20 24.80 -2.80
C ALA K 174 -43.06 26.01 -2.44
N ASN K 175 -44.37 25.80 -2.21
CA ASN K 175 -45.22 26.89 -1.77
C ASN K 175 -45.02 27.24 -0.29
N ILE K 176 -44.51 26.32 0.51
CA ILE K 176 -44.14 26.59 1.90
C ILE K 176 -42.67 26.93 2.03
N MET K 177 -41.80 26.07 1.49
CA MET K 177 -40.36 26.23 1.59
C MET K 177 -39.85 26.74 0.23
N ARG K 178 -40.04 28.05 0.01
CA ARG K 178 -39.91 28.61 -1.34
C ARG K 178 -38.48 28.65 -1.82
N MET K 179 -37.53 28.77 -0.90
CA MET K 179 -36.15 28.76 -1.36
C MET K 179 -35.60 27.34 -1.47
N SER K 180 -35.78 26.52 -0.43
CA SER K 180 -35.16 25.20 -0.42
C SER K 180 -35.85 24.25 -1.39
N ASP K 181 -37.17 24.00 -1.21
CA ASP K 181 -37.85 23.17 -2.18
C ASP K 181 -37.85 23.79 -3.57
N GLY K 182 -37.93 25.12 -3.65
CA GLY K 182 -37.83 25.76 -4.94
C GLY K 182 -36.55 25.39 -5.68
N LEU K 183 -35.44 25.29 -4.93
CA LEU K 183 -34.19 24.90 -5.57
C LEU K 183 -34.28 23.46 -6.08
N PHE K 184 -34.86 22.57 -5.27
CA PHE K 184 -35.02 21.19 -5.70
C PHE K 184 -35.87 21.13 -6.95
N LEU K 185 -37.00 21.84 -6.94
CA LEU K 185 -37.88 21.85 -8.09
C LEU K 185 -37.17 22.47 -9.31
N GLN K 186 -36.40 23.55 -9.11
CA GLN K 186 -35.68 24.17 -10.22
C GLN K 186 -34.74 23.19 -10.91
N LYS K 187 -34.06 22.34 -10.14
CA LYS K 187 -33.12 21.42 -10.76
C LYS K 187 -33.82 20.26 -11.45
N CYS K 188 -35.05 19.95 -11.05
CA CYS K 188 -35.80 18.93 -11.77
C CYS K 188 -36.23 19.45 -13.14
N ARG K 189 -36.66 20.71 -13.20
CA ARG K 189 -37.04 21.29 -14.48
C ARG K 189 -35.88 21.29 -15.46
N GLU K 190 -34.67 21.62 -14.99
CA GLU K 190 -33.54 21.70 -15.90
C GLU K 190 -33.24 20.35 -16.50
N VAL K 191 -33.17 19.32 -15.64
CA VAL K 191 -32.96 17.95 -16.10
C VAL K 191 -34.09 17.51 -17.00
N ALA K 192 -35.34 17.81 -16.61
CA ALA K 192 -36.48 17.45 -17.45
C ALA K 192 -36.38 18.06 -18.84
N GLU K 193 -35.65 19.18 -18.99
CA GLU K 193 -35.51 19.84 -20.29
C GLU K 193 -34.57 19.09 -21.22
N SER K 194 -33.57 18.40 -20.67
CA SER K 194 -32.65 17.48 -21.36
C SER K 194 -33.23 16.05 -21.54
N CYS K 195 -34.47 15.81 -21.12
CA CYS K 195 -35.08 14.50 -21.23
C CYS K 195 -36.52 14.63 -21.68
N LYS K 196 -36.76 15.45 -22.70
CA LYS K 196 -38.13 15.69 -23.16
C LYS K 196 -38.83 14.39 -23.57
N ASP K 197 -38.10 13.28 -23.75
CA ASP K 197 -38.68 11.97 -24.06
C ASP K 197 -39.42 11.32 -22.89
N ILE K 198 -39.40 11.93 -21.70
CA ILE K 198 -40.14 11.45 -20.53
C ILE K 198 -41.03 12.61 -20.09
N LYS K 199 -42.33 12.36 -19.90
CA LYS K 199 -43.23 13.45 -19.56
C LYS K 199 -42.99 13.86 -18.11
N PHE K 200 -42.81 15.16 -17.88
CA PHE K 200 -42.52 15.68 -16.55
C PHE K 200 -43.66 16.57 -16.09
N ASN K 201 -44.08 16.38 -14.83
CA ASN K 201 -44.94 17.33 -14.12
C ASN K 201 -44.52 17.43 -12.66
N GLU K 202 -45.15 18.38 -11.96
CA GLU K 202 -44.89 18.69 -10.58
C GLU K 202 -46.20 18.64 -9.81
N MET K 203 -46.16 18.13 -8.58
CA MET K 203 -47.32 18.23 -7.71
C MET K 203 -46.82 18.52 -6.31
N TYR K 204 -47.66 19.20 -5.54
CA TYR K 204 -47.37 19.44 -4.13
C TYR K 204 -47.48 18.15 -3.33
N LEU K 205 -46.67 18.05 -2.27
CA LEU K 205 -46.67 16.83 -1.44
C LEU K 205 -48.04 16.54 -0.83
N ASP K 206 -48.67 17.52 -0.18
CA ASP K 206 -49.99 17.27 0.40
C ASP K 206 -51.02 16.92 -0.68
N THR K 207 -50.99 17.60 -1.84
CA THR K 207 -51.93 17.23 -2.89
C THR K 207 -51.68 15.79 -3.33
N VAL K 208 -50.44 15.34 -3.23
CA VAL K 208 -50.12 14.00 -3.71
C VAL K 208 -50.67 12.97 -2.74
N CYS K 209 -50.50 13.18 -1.44
CA CYS K 209 -51.02 12.22 -0.47
C CYS K 209 -52.54 12.07 -0.59
N LEU K 210 -53.26 13.19 -0.77
CA LEU K 210 -54.70 13.09 -0.87
C LEU K 210 -55.14 12.42 -2.17
N ASN K 211 -54.44 12.68 -3.28
CA ASN K 211 -54.80 12.00 -4.53
C ASN K 211 -54.34 10.55 -4.50
N MET K 212 -53.20 10.29 -3.84
CA MET K 212 -52.67 8.94 -3.76
C MET K 212 -53.66 7.98 -3.10
N VAL K 213 -54.21 8.37 -1.94
CA VAL K 213 -55.14 7.52 -1.18
C VAL K 213 -56.44 7.29 -1.95
N GLN K 214 -56.80 8.20 -2.84
CA GLN K 214 -58.06 8.13 -3.59
C GLN K 214 -57.91 7.33 -4.87
N ASP K 215 -56.94 7.68 -5.68
CA ASP K 215 -56.75 7.03 -6.97
C ASP K 215 -55.27 6.92 -7.21
N PRO K 216 -54.64 5.86 -6.70
CA PRO K 216 -53.20 5.65 -6.96
C PRO K 216 -52.85 5.44 -8.43
N SER K 217 -53.80 5.05 -9.29
CA SER K 217 -53.43 4.66 -10.65
C SER K 217 -52.87 5.82 -11.47
N GLN K 218 -53.03 7.06 -11.02
CA GLN K 218 -52.63 8.25 -11.77
C GLN K 218 -51.15 8.59 -11.61
N PHE K 219 -50.38 7.86 -10.82
CA PHE K 219 -48.98 8.16 -10.55
C PHE K 219 -48.06 7.11 -11.15
N ASP K 220 -46.94 7.56 -11.72
CA ASP K 220 -45.91 6.68 -12.25
C ASP K 220 -44.66 6.84 -11.36
N VAL K 221 -43.70 7.67 -11.76
CA VAL K 221 -42.41 7.77 -11.07
C VAL K 221 -42.37 9.10 -10.31
N LEU K 222 -42.10 9.03 -9.02
CA LEU K 222 -42.05 10.21 -8.17
C LEU K 222 -40.62 10.49 -7.72
N VAL K 223 -40.18 11.73 -7.82
CA VAL K 223 -38.85 12.14 -7.37
C VAL K 223 -39.00 13.26 -6.35
N MET K 224 -38.32 13.13 -5.21
CA MET K 224 -38.63 13.90 -4.01
C MET K 224 -37.38 14.15 -3.21
N PRO K 225 -37.38 15.18 -2.38
CA PRO K 225 -36.37 15.30 -1.33
C PRO K 225 -36.60 14.30 -0.22
N ASN K 226 -35.55 14.12 0.59
CA ASN K 226 -35.40 12.99 1.51
C ASN K 226 -36.62 12.73 2.40
N LEU K 227 -37.06 13.71 3.18
CA LEU K 227 -38.09 13.41 4.16
C LEU K 227 -39.39 12.98 3.48
N TYR K 228 -39.81 13.74 2.46
CA TYR K 228 -41.04 13.38 1.74
C TYR K 228 -40.91 12.02 1.09
N GLY K 229 -39.70 11.64 0.66
CA GLY K 229 -39.48 10.31 0.11
C GLY K 229 -39.58 9.19 1.13
N ASP K 230 -39.02 9.41 2.32
CA ASP K 230 -39.18 8.46 3.41
C ASP K 230 -40.65 8.24 3.76
N ILE K 231 -41.40 9.33 3.92
CA ILE K 231 -42.84 9.21 4.16
C ILE K 231 -43.52 8.49 3.02
N LEU K 232 -43.34 9.00 1.81
CA LEU K 232 -44.20 8.56 0.71
C LEU K 232 -43.93 7.12 0.30
N SER K 233 -42.68 6.64 0.46
CA SER K 233 -42.43 5.26 0.06
C SER K 233 -43.15 4.27 0.97
N ASP K 234 -43.21 4.56 2.28
CA ASP K 234 -43.96 3.68 3.16
C ASP K 234 -45.47 3.77 2.90
N LEU K 235 -45.97 4.95 2.52
CA LEU K 235 -47.39 5.10 2.22
C LEU K 235 -47.79 4.26 1.02
N CYS K 236 -46.92 4.17 0.02
CA CYS K 236 -47.24 3.43 -1.18
C CYS K 236 -47.12 1.93 -0.95
N ALA K 237 -46.10 1.52 -0.19
CA ALA K 237 -46.04 0.15 0.28
C ALA K 237 -47.37 -0.26 0.93
N GLY K 238 -47.97 0.64 1.71
CA GLY K 238 -49.20 0.31 2.39
C GLY K 238 -50.35 0.06 1.45
N LEU K 239 -50.32 0.72 0.28
CA LEU K 239 -51.29 0.43 -0.77
C LEU K 239 -51.27 -1.04 -1.18
N ILE K 240 -50.09 -1.65 -1.26
CA ILE K 240 -49.94 -2.99 -1.85
C ILE K 240 -49.74 -4.08 -0.81
N GLY K 241 -49.81 -3.76 0.47
CA GLY K 241 -49.82 -4.78 1.51
C GLY K 241 -48.64 -4.80 2.46
N GLY K 242 -47.77 -3.81 2.44
CA GLY K 242 -46.78 -3.66 3.49
C GLY K 242 -45.38 -4.02 3.01
N LEU K 243 -44.43 -3.78 3.93
CA LEU K 243 -43.02 -4.03 3.67
C LEU K 243 -42.70 -5.49 3.47
N GLY K 244 -43.62 -6.41 3.76
CA GLY K 244 -43.37 -7.81 3.52
C GLY K 244 -43.20 -8.18 2.05
N VAL K 245 -43.68 -7.33 1.15
CA VAL K 245 -43.72 -7.66 -0.27
C VAL K 245 -43.21 -6.52 -1.13
N THR K 246 -42.52 -5.54 -0.54
CA THR K 246 -42.06 -4.37 -1.31
C THR K 246 -40.57 -4.45 -1.53
N PRO K 247 -40.13 -4.50 -2.78
CA PRO K 247 -38.69 -4.48 -3.08
C PRO K 247 -38.12 -3.09 -2.81
N SER K 248 -36.80 -3.03 -2.67
CA SER K 248 -36.14 -1.76 -2.39
C SER K 248 -34.69 -1.83 -2.88
N GLY K 249 -34.24 -0.79 -3.60
CA GLY K 249 -32.84 -0.65 -3.95
C GLY K 249 -32.30 0.73 -3.62
N ASN K 250 -30.99 0.79 -3.37
CA ASN K 250 -30.30 2.02 -3.03
C ASN K 250 -29.11 2.18 -3.97
N ILE K 251 -29.11 3.24 -4.80
CA ILE K 251 -28.05 3.42 -5.79
C ILE K 251 -26.97 4.34 -5.22
N GLY K 252 -25.72 3.98 -5.44
CA GLY K 252 -24.63 4.75 -4.87
C GLY K 252 -23.59 5.21 -5.87
N ALA K 253 -22.50 5.77 -5.34
CA ALA K 253 -21.38 6.25 -6.14
C ALA K 253 -20.59 5.08 -6.72
N ASN K 254 -19.70 5.40 -7.65
CA ASN K 254 -18.69 4.45 -8.14
C ASN K 254 -19.30 3.13 -8.61
N GLY K 255 -20.56 3.17 -9.06
CA GLY K 255 -21.19 1.99 -9.61
C GLY K 255 -21.88 1.08 -8.63
N VAL K 256 -21.80 1.39 -7.33
CA VAL K 256 -22.31 0.51 -6.28
C VAL K 256 -23.83 0.60 -6.19
N ALA K 257 -24.47 -0.52 -5.95
CA ALA K 257 -25.91 -0.47 -5.74
C ALA K 257 -26.32 -1.65 -4.85
N ILE K 258 -27.13 -1.38 -3.84
CA ILE K 258 -27.52 -2.40 -2.86
C ILE K 258 -29.03 -2.54 -2.89
N PHE K 259 -29.49 -3.76 -3.13
CA PHE K 259 -30.90 -4.06 -3.14
C PHE K 259 -31.24 -4.83 -1.88
N GLU K 260 -32.30 -4.42 -1.20
CA GLU K 260 -32.52 -4.82 0.18
C GLU K 260 -33.97 -5.19 0.39
N SER K 261 -34.20 -6.00 1.40
CA SER K 261 -35.55 -6.16 1.93
C SER K 261 -35.67 -5.20 3.12
N VAL K 262 -36.80 -4.51 3.21
CA VAL K 262 -36.97 -3.46 4.21
C VAL K 262 -37.89 -3.90 5.35
N HIS K 263 -38.39 -5.13 5.32
CA HIS K 263 -39.16 -5.66 6.44
C HIS K 263 -38.22 -5.93 7.60
N GLY K 264 -38.74 -6.57 8.65
CA GLY K 264 -37.97 -6.79 9.85
C GLY K 264 -37.30 -8.15 9.86
N THR K 265 -36.58 -8.41 10.95
CA THR K 265 -35.83 -9.65 11.04
C THR K 265 -36.72 -10.83 11.35
N ALA K 266 -37.86 -10.59 12.03
CA ALA K 266 -38.85 -11.59 12.41
C ALA K 266 -38.25 -12.70 13.26
N PRO K 267 -37.75 -12.41 14.46
CA PRO K 267 -37.00 -13.44 15.17
C PRO K 267 -37.84 -14.64 15.55
N ASP K 268 -39.12 -14.41 15.88
CA ASP K 268 -39.97 -15.50 16.35
C ASP K 268 -40.01 -16.66 15.37
N ILE K 269 -40.13 -16.37 14.07
CA ILE K 269 -40.26 -17.41 13.06
C ILE K 269 -38.91 -17.73 12.43
N ALA K 270 -37.84 -17.13 12.94
CA ALA K 270 -36.50 -17.47 12.45
C ALA K 270 -36.21 -18.93 12.74
N GLY K 271 -35.92 -19.70 11.68
CA GLY K 271 -35.59 -21.11 11.80
C GLY K 271 -36.74 -22.07 11.53
N LYS K 272 -37.98 -21.59 11.49
CA LYS K 272 -39.15 -22.46 11.43
C LYS K 272 -39.65 -22.69 10.01
N ASP K 273 -38.89 -22.28 8.99
CA ASP K 273 -39.32 -22.31 7.59
C ASP K 273 -40.74 -21.76 7.46
N MET K 274 -40.90 -20.53 7.92
CA MET K 274 -42.17 -19.86 7.78
C MET K 274 -42.07 -18.46 7.20
N ALA K 275 -40.85 -17.99 6.92
CA ALA K 275 -40.62 -16.64 6.42
C ALA K 275 -41.07 -16.50 4.97
N ASN K 276 -41.41 -15.28 4.58
CA ASN K 276 -41.83 -15.05 3.20
C ASN K 276 -40.72 -14.37 2.40
N PRO K 277 -40.14 -15.03 1.39
CA PRO K 277 -39.01 -14.43 0.66
C PRO K 277 -39.38 -13.50 -0.49
N THR K 278 -40.67 -13.18 -0.66
CA THR K 278 -41.07 -12.34 -1.79
C THR K 278 -40.29 -11.03 -1.83
N ALA K 279 -40.29 -10.29 -0.71
CA ALA K 279 -39.62 -8.98 -0.67
C ALA K 279 -38.19 -9.09 -1.19
N LEU K 280 -37.41 -9.99 -0.62
CA LEU K 280 -36.03 -10.16 -1.07
C LEU K 280 -35.98 -10.61 -2.53
N LEU K 281 -36.92 -11.47 -2.94
CA LEU K 281 -36.89 -12.02 -4.29
C LEU K 281 -37.14 -10.93 -5.33
N LEU K 282 -38.15 -10.09 -5.11
CA LEU K 282 -38.37 -8.97 -6.01
C LEU K 282 -37.27 -7.92 -5.91
N SER K 283 -36.64 -7.74 -4.72
CA SER K 283 -35.46 -6.90 -4.67
C SER K 283 -34.35 -7.46 -5.53
N ALA K 284 -34.26 -8.79 -5.63
CA ALA K 284 -33.28 -9.39 -6.51
C ALA K 284 -33.68 -9.21 -7.97
N VAL K 285 -34.97 -9.17 -8.26
CA VAL K 285 -35.41 -8.87 -9.62
C VAL K 285 -34.99 -7.47 -10.01
N MET K 286 -35.12 -6.51 -9.09
CA MET K 286 -34.55 -5.18 -9.27
C MET K 286 -33.05 -5.23 -9.61
N MET K 287 -32.27 -5.90 -8.78
CA MET K 287 -30.83 -6.05 -9.05
C MET K 287 -30.58 -6.59 -10.46
N LEU K 288 -31.34 -7.63 -10.86
CA LEU K 288 -31.09 -8.24 -12.16
C LEU K 288 -31.35 -7.25 -13.29
N ARG K 289 -32.42 -6.46 -13.18
CA ARG K 289 -32.68 -5.44 -14.21
C ARG K 289 -31.66 -4.32 -14.15
N HIS K 290 -31.20 -3.98 -12.95
CA HIS K 290 -30.13 -3.00 -12.87
C HIS K 290 -28.87 -3.52 -13.57
N MET K 291 -28.66 -4.83 -13.59
CA MET K 291 -27.49 -5.41 -14.22
C MET K 291 -27.69 -5.69 -15.71
N GLY K 292 -28.84 -5.31 -16.25
CA GLY K 292 -29.16 -5.58 -17.64
C GLY K 292 -29.77 -6.95 -17.90
N LEU K 293 -29.88 -7.81 -16.87
CA LEU K 293 -30.32 -9.19 -17.04
C LEU K 293 -31.85 -9.26 -17.06
N PHE K 294 -32.43 -8.66 -18.10
CA PHE K 294 -33.88 -8.44 -18.12
C PHE K 294 -34.65 -9.74 -18.28
N ASP K 295 -34.18 -10.65 -19.14
CA ASP K 295 -34.89 -11.92 -19.34
C ASP K 295 -35.01 -12.67 -18.04
N HIS K 296 -33.88 -12.81 -17.33
CA HIS K 296 -33.89 -13.53 -16.06
C HIS K 296 -34.84 -12.86 -15.09
N ALA K 297 -34.72 -11.54 -14.93
CA ALA K 297 -35.59 -10.82 -14.01
C ALA K 297 -37.06 -11.02 -14.39
N ALA K 298 -37.40 -10.84 -15.67
CA ALA K 298 -38.80 -10.92 -16.07
C ALA K 298 -39.39 -12.31 -15.83
N ARG K 299 -38.55 -13.35 -15.92
CA ARG K 299 -39.02 -14.71 -15.71
C ARG K 299 -39.11 -15.04 -14.23
N ILE K 300 -38.03 -14.80 -13.48
CA ILE K 300 -38.07 -15.00 -12.03
C ILE K 300 -39.23 -14.23 -11.42
N GLU K 301 -39.33 -12.94 -11.75
CA GLU K 301 -40.45 -12.16 -11.26
C GLU K 301 -41.78 -12.79 -11.66
N ALA K 302 -41.91 -13.19 -12.92
CA ALA K 302 -43.16 -13.79 -13.38
C ALA K 302 -43.48 -15.05 -12.60
N ALA K 303 -42.45 -15.84 -12.28
CA ALA K 303 -42.67 -17.12 -11.61
C ALA K 303 -43.20 -16.89 -10.20
N CYS K 304 -42.68 -15.86 -9.53
CA CYS K 304 -43.19 -15.48 -8.22
C CYS K 304 -44.64 -15.03 -8.30
N PHE K 305 -44.96 -14.15 -9.25
CA PHE K 305 -46.29 -13.56 -9.29
C PHE K 305 -47.35 -14.63 -9.49
N ALA K 306 -47.09 -15.60 -10.37
CA ALA K 306 -48.03 -16.69 -10.64
C ALA K 306 -48.22 -17.59 -9.42
N THR K 307 -47.15 -17.82 -8.65
CA THR K 307 -47.26 -18.58 -7.41
C THR K 307 -48.14 -17.87 -6.39
N ILE K 308 -48.07 -16.54 -6.33
CA ILE K 308 -48.91 -15.83 -5.37
C ILE K 308 -50.37 -15.88 -5.82
N LYS K 309 -50.62 -15.79 -7.14
CA LYS K 309 -51.99 -15.72 -7.64
C LYS K 309 -52.71 -17.06 -7.53
N ASP K 310 -52.00 -18.16 -7.81
CA ASP K 310 -52.56 -19.48 -7.56
C ASP K 310 -52.93 -19.63 -6.09
N GLY K 311 -52.01 -19.27 -5.21
CA GLY K 311 -52.34 -19.20 -3.81
C GLY K 311 -52.34 -20.54 -3.11
N LYS K 312 -51.94 -21.61 -3.80
CA LYS K 312 -51.95 -22.92 -3.18
C LYS K 312 -50.82 -23.08 -2.18
N SER K 313 -49.80 -22.24 -2.25
CA SER K 313 -48.62 -22.42 -1.42
C SER K 313 -48.16 -21.08 -0.84
N LEU K 314 -49.08 -20.32 -0.25
CA LEU K 314 -48.72 -19.03 0.34
C LEU K 314 -48.35 -19.19 1.80
N THR K 315 -47.30 -18.46 2.22
CA THR K 315 -46.85 -18.44 3.61
C THR K 315 -47.90 -17.90 4.56
N LYS K 316 -47.58 -17.89 5.87
CA LYS K 316 -48.55 -17.53 6.89
C LYS K 316 -48.87 -16.04 6.88
N ASP K 317 -47.95 -15.20 6.41
CA ASP K 317 -48.13 -13.76 6.47
C ASP K 317 -48.98 -13.21 5.33
N LEU K 318 -49.03 -13.92 4.20
CA LEU K 318 -49.83 -13.56 3.03
C LEU K 318 -51.23 -14.19 3.05
N GLY K 319 -51.53 -15.03 4.04
CA GLY K 319 -52.84 -15.64 4.12
C GLY K 319 -52.85 -17.08 3.66
N GLY K 320 -51.84 -17.84 4.03
CA GLY K 320 -51.81 -19.26 3.75
C GLY K 320 -51.34 -20.02 4.97
N ASN K 321 -50.89 -21.27 4.75
CA ASN K 321 -50.30 -22.08 5.80
C ASN K 321 -49.15 -22.94 5.26
N ALA K 322 -48.39 -22.41 4.30
CA ALA K 322 -47.31 -23.13 3.66
C ALA K 322 -45.98 -22.74 4.28
N LYS K 323 -45.07 -23.70 4.36
CA LYS K 323 -43.70 -23.41 4.76
C LYS K 323 -43.02 -22.60 3.66
N CYS K 324 -42.00 -21.84 4.06
CA CYS K 324 -41.17 -21.10 3.11
C CYS K 324 -40.51 -22.07 2.17
N SER K 325 -39.95 -23.12 2.74
CA SER K 325 -39.59 -24.36 2.06
C SER K 325 -40.49 -24.64 0.85
N ASP K 326 -41.81 -24.66 1.05
CA ASP K 326 -42.73 -25.07 -0.02
C ASP K 326 -42.94 -23.95 -1.04
N PHE K 327 -43.18 -22.73 -0.55
CA PHE K 327 -43.33 -21.54 -1.39
C PHE K 327 -42.18 -21.38 -2.38
N THR K 328 -40.95 -21.54 -1.89
CA THR K 328 -39.83 -21.24 -2.76
C THR K 328 -39.54 -22.33 -3.78
N GLU K 329 -40.07 -23.55 -3.61
CA GLU K 329 -39.80 -24.50 -4.68
C GLU K 329 -40.87 -24.48 -5.76
N GLU K 330 -42.12 -24.18 -5.42
CA GLU K 330 -43.10 -24.02 -6.49
C GLU K 330 -42.70 -22.87 -7.41
N ILE K 331 -42.08 -21.82 -6.87
CA ILE K 331 -41.54 -20.77 -7.72
C ILE K 331 -40.47 -21.34 -8.63
N CYS K 332 -39.53 -22.10 -8.05
CA CYS K 332 -38.52 -22.82 -8.83
C CYS K 332 -39.18 -23.72 -9.88
N ARG K 333 -40.07 -24.61 -9.42
CA ARG K 333 -40.82 -25.48 -10.32
C ARG K 333 -41.41 -24.72 -11.50
N ARG K 334 -41.83 -23.48 -11.28
CA ARG K 334 -42.43 -22.71 -12.37
C ARG K 334 -41.39 -22.03 -13.24
N VAL K 335 -40.29 -21.53 -12.64
CA VAL K 335 -39.25 -20.88 -13.43
C VAL K 335 -38.40 -21.89 -14.20
N LYS K 336 -38.39 -23.16 -13.75
CA LYS K 336 -37.79 -24.28 -14.45
C LYS K 336 -38.63 -24.66 -15.66
N ASP K 337 -39.12 -23.68 -16.44
CA ASP K 337 -40.00 -23.94 -17.59
C ASP K 337 -39.82 -22.89 -18.70
N SER L 14 -78.72 37.02 18.72
CA SER L 14 -77.80 36.81 17.57
C SER L 14 -76.35 37.06 17.98
N PHE L 15 -75.52 35.99 17.91
CA PHE L 15 -74.12 36.08 18.32
C PHE L 15 -73.25 36.44 17.13
N PRO L 16 -72.40 37.46 17.27
CA PRO L 16 -71.64 37.96 16.12
C PRO L 16 -70.45 37.06 15.82
N VAL L 17 -70.37 36.59 14.57
CA VAL L 17 -69.33 35.70 14.10
C VAL L 17 -68.70 36.33 12.86
N THR L 18 -67.39 36.43 12.83
CA THR L 18 -66.72 37.07 11.70
C THR L 18 -66.46 36.03 10.61
N MET L 19 -66.68 36.42 9.36
CA MET L 19 -66.62 35.52 8.21
C MET L 19 -65.61 36.05 7.21
N LEU L 20 -64.58 35.24 6.91
CA LEU L 20 -63.54 35.56 5.94
C LEU L 20 -63.69 34.66 4.73
N PRO L 21 -64.49 35.04 3.73
CA PRO L 21 -64.77 34.12 2.63
C PRO L 21 -63.54 33.58 1.95
N GLY L 22 -62.58 34.44 1.64
CA GLY L 22 -61.38 34.00 0.96
C GLY L 22 -61.52 33.99 -0.54
N ASP L 23 -60.46 33.51 -1.18
CA ASP L 23 -60.33 33.49 -2.62
C ASP L 23 -60.63 32.08 -3.13
N GLY L 24 -61.33 32.00 -4.26
CA GLY L 24 -61.64 30.73 -4.89
C GLY L 24 -63.11 30.42 -4.78
N VAL L 25 -63.44 29.18 -4.39
CA VAL L 25 -64.84 28.85 -4.10
C VAL L 25 -65.29 29.42 -2.76
N GLY L 26 -64.41 30.10 -2.02
CA GLY L 26 -64.73 30.68 -0.75
C GLY L 26 -66.10 31.33 -0.66
N PRO L 27 -66.33 32.40 -1.42
CA PRO L 27 -67.67 33.01 -1.43
C PRO L 27 -68.78 31.99 -1.62
N GLU L 28 -68.71 31.17 -2.68
CA GLU L 28 -69.77 30.21 -2.95
C GLU L 28 -70.07 29.36 -1.72
N LEU L 29 -69.02 28.89 -1.04
CA LEU L 29 -69.20 28.08 0.16
C LEU L 29 -69.82 28.88 1.30
N MET L 30 -69.41 30.14 1.46
CA MET L 30 -70.04 30.96 2.48
C MET L 30 -71.50 31.23 2.14
N HIS L 31 -71.81 31.49 0.86
CA HIS L 31 -73.20 31.61 0.44
C HIS L 31 -73.99 30.36 0.82
N ALA L 32 -73.37 29.19 0.69
CA ALA L 32 -74.01 27.96 1.16
C ALA L 32 -74.32 28.05 2.65
N VAL L 33 -73.33 28.39 3.46
CA VAL L 33 -73.52 28.43 4.91
C VAL L 33 -74.63 29.40 5.28
N LYS L 34 -74.65 30.57 4.64
CA LYS L 34 -75.64 31.58 5.00
C LYS L 34 -77.05 31.17 4.60
N GLU L 35 -77.20 30.56 3.43
CA GLU L 35 -78.54 30.12 3.02
C GLU L 35 -79.04 29.02 3.94
N VAL L 36 -78.21 28.02 4.23
CA VAL L 36 -78.55 27.00 5.22
C VAL L 36 -78.84 27.64 6.58
N PHE L 37 -78.11 28.69 6.92
CA PHE L 37 -78.28 29.32 8.24
C PHE L 37 -79.57 30.11 8.33
N LYS L 38 -80.08 30.61 7.21
CA LYS L 38 -81.39 31.24 7.21
C LYS L 38 -82.51 30.20 7.27
N ALA L 39 -82.40 29.13 6.45
CA ALA L 39 -83.41 28.09 6.42
C ALA L 39 -83.52 27.35 7.76
N ALA L 40 -82.46 27.36 8.55
CA ALA L 40 -82.50 26.76 9.86
C ALA L 40 -82.77 27.77 10.97
N ALA L 41 -82.80 29.06 10.62
CA ALA L 41 -83.14 30.10 11.58
C ALA L 41 -82.15 30.17 12.74
N VAL L 42 -80.87 30.14 12.43
CA VAL L 42 -79.84 30.20 13.46
C VAL L 42 -79.67 31.64 13.92
N PRO L 43 -79.37 31.88 15.19
CA PRO L 43 -79.10 33.25 15.66
C PRO L 43 -77.61 33.61 15.69
N VAL L 44 -77.03 33.78 14.49
CA VAL L 44 -75.69 34.34 14.35
C VAL L 44 -75.74 35.43 13.27
N GLU L 45 -74.94 36.48 13.46
CA GLU L 45 -74.81 37.56 12.48
C GLU L 45 -73.39 37.56 11.96
N PHE L 46 -73.23 37.29 10.66
CA PHE L 46 -71.89 37.20 10.10
C PHE L 46 -71.39 38.58 9.74
N GLN L 47 -70.16 38.85 10.16
CA GLN L 47 -69.43 40.09 9.90
C GLN L 47 -68.41 39.80 8.80
N GLU L 48 -68.79 40.06 7.54
CA GLU L 48 -67.96 39.78 6.37
C GLU L 48 -66.85 40.80 6.26
N HIS L 49 -65.61 40.37 6.45
CA HIS L 49 -64.51 41.29 6.14
C HIS L 49 -64.17 41.26 4.67
N HIS L 50 -64.40 40.11 4.01
CA HIS L 50 -64.53 39.99 2.55
C HIS L 50 -63.45 40.77 1.80
N LEU L 51 -62.23 40.64 2.32
CA LEU L 51 -61.03 41.16 1.68
C LEU L 51 -59.86 40.73 2.57
N SER L 52 -58.88 40.08 1.95
CA SER L 52 -57.63 39.69 2.61
C SER L 52 -57.91 38.74 3.77
N LYS L 62 -52.86 46.76 8.58
CA LYS L 62 -53.46 46.55 7.27
C LYS L 62 -54.70 45.69 7.41
N LEU L 63 -54.53 44.58 8.12
CA LEU L 63 -55.58 43.59 8.33
C LEU L 63 -56.08 43.58 9.76
N GLU L 64 -55.85 44.67 10.51
CA GLU L 64 -56.26 44.70 11.90
C GLU L 64 -57.78 44.62 12.07
N GLN L 65 -58.55 45.01 11.05
CA GLN L 65 -60.00 44.82 11.12
C GLN L 65 -60.35 43.36 11.41
N VAL L 66 -59.56 42.42 10.90
CA VAL L 66 -59.77 41.01 11.23
C VAL L 66 -59.58 40.78 12.72
N LEU L 67 -58.48 41.29 13.28
CA LEU L 67 -58.12 40.94 14.65
C LEU L 67 -59.08 41.53 15.68
N SER L 68 -59.47 42.80 15.53
CA SER L 68 -60.33 43.33 16.57
C SER L 68 -61.79 43.01 16.29
N SER L 69 -62.14 42.56 15.07
CA SER L 69 -63.38 41.81 14.91
C SER L 69 -63.33 40.57 15.77
N MET L 70 -62.17 39.92 15.80
CA MET L 70 -62.00 38.73 16.62
C MET L 70 -61.94 39.03 18.12
N LYS L 71 -61.55 40.24 18.52
CA LYS L 71 -61.50 40.53 19.95
C LYS L 71 -62.91 40.53 20.56
N GLU L 72 -63.88 41.10 19.86
CA GLU L 72 -65.26 41.08 20.32
C GLU L 72 -65.97 39.77 19.97
N ASN L 73 -65.82 39.29 18.73
CA ASN L 73 -66.62 38.16 18.27
C ASN L 73 -66.11 36.82 18.80
N LYS L 74 -64.79 36.64 18.85
CA LYS L 74 -64.10 35.50 19.44
C LYS L 74 -64.30 34.21 18.66
N VAL L 75 -65.00 34.24 17.53
CA VAL L 75 -65.30 33.05 16.71
C VAL L 75 -65.38 33.47 15.25
N ALA L 76 -64.85 32.61 14.37
CA ALA L 76 -64.84 32.91 12.95
C ALA L 76 -65.03 31.65 12.13
N ILE L 77 -65.47 31.85 10.90
CA ILE L 77 -65.51 30.82 9.87
C ILE L 77 -64.80 31.42 8.66
N ILE L 78 -63.88 30.66 8.06
CA ILE L 78 -62.96 31.20 7.06
C ILE L 78 -62.73 30.22 5.92
N GLY L 79 -62.55 30.77 4.72
CA GLY L 79 -62.01 30.05 3.58
C GLY L 79 -60.49 30.07 3.56
N LYS L 80 -59.91 29.92 2.38
CA LYS L 80 -58.46 29.97 2.24
C LYS L 80 -58.07 31.33 1.69
N ILE L 81 -56.99 31.89 2.24
CA ILE L 81 -56.49 33.20 1.83
C ILE L 81 -55.22 33.08 0.98
N ALA L 92 -43.88 34.93 6.69
CA ALA L 92 -44.34 33.62 6.22
C ALA L 92 -45.39 33.85 5.13
N SER L 93 -46.49 33.07 5.09
CA SER L 93 -47.54 33.32 4.10
C SER L 93 -48.78 33.98 4.75
N TYR L 94 -49.60 34.61 3.90
CA TYR L 94 -50.70 35.46 4.39
C TYR L 94 -51.65 34.68 5.29
N ASP L 95 -51.92 33.42 4.95
CA ASP L 95 -52.70 32.57 5.84
C ASP L 95 -51.97 32.37 7.16
N MET L 96 -50.69 31.96 7.11
CA MET L 96 -49.96 31.67 8.35
C MET L 96 -49.64 32.92 9.15
N ARG L 97 -49.73 34.12 8.55
CA ARG L 97 -49.65 35.34 9.34
C ARG L 97 -50.85 35.48 10.26
N LEU L 98 -52.06 35.24 9.73
CA LEU L 98 -53.27 35.32 10.52
C LEU L 98 -53.24 34.38 11.71
N ARG L 99 -52.67 33.19 11.53
CA ARG L 99 -52.55 32.25 12.65
C ARG L 99 -51.66 32.81 13.75
N ARG L 100 -50.60 33.53 13.37
CA ARG L 100 -49.73 34.07 14.40
C ARG L 100 -50.38 35.26 15.10
N LYS L 101 -51.07 36.12 14.35
CA LYS L 101 -51.74 37.26 14.97
C LYS L 101 -52.79 36.80 15.98
N LEU L 102 -53.55 35.74 15.66
CA LEU L 102 -54.57 35.20 16.55
C LEU L 102 -54.06 34.06 17.44
N ASP L 103 -52.82 33.61 17.23
CA ASP L 103 -52.20 32.51 17.99
C ASP L 103 -53.02 31.23 17.89
N LEU L 104 -53.41 30.89 16.66
CA LEU L 104 -54.16 29.65 16.42
C LEU L 104 -53.16 28.50 16.38
N PHE L 105 -52.71 28.10 17.58
CA PHE L 105 -51.64 27.12 17.70
C PHE L 105 -52.14 25.70 17.46
N ALA L 106 -53.36 25.42 17.88
CA ALA L 106 -53.90 24.07 17.84
C ALA L 106 -54.86 23.95 16.66
N ASN L 107 -54.56 23.06 15.73
CA ASN L 107 -55.44 22.76 14.61
C ASN L 107 -56.03 21.37 14.80
N VAL L 108 -57.33 21.24 14.50
CA VAL L 108 -58.07 20.01 14.76
C VAL L 108 -58.87 19.66 13.52
N VAL L 109 -58.71 18.42 13.05
CA VAL L 109 -59.39 17.95 11.86
C VAL L 109 -60.13 16.66 12.19
N HIS L 110 -61.44 16.63 11.90
CA HIS L 110 -62.29 15.49 12.18
C HIS L 110 -62.37 14.62 10.94
N VAL L 111 -61.75 13.45 10.99
CA VAL L 111 -61.80 12.47 9.89
C VAL L 111 -62.87 11.44 10.24
N LYS L 112 -64.08 11.62 9.68
CA LYS L 112 -65.20 10.73 9.95
C LYS L 112 -65.92 10.36 8.66
N SER L 113 -66.16 9.06 8.50
CA SER L 113 -66.80 8.55 7.30
C SER L 113 -68.27 8.98 7.25
N LEU L 114 -68.77 9.20 6.03
CA LEU L 114 -70.15 9.63 5.88
C LEU L 114 -71.02 8.47 5.36
N PRO L 115 -72.02 8.06 6.14
CA PRO L 115 -72.72 6.80 5.87
C PRO L 115 -73.23 6.61 4.45
N GLY L 116 -73.61 7.67 3.75
CA GLY L 116 -73.97 7.48 2.35
C GLY L 116 -72.80 7.40 1.39
N TYR L 117 -71.69 8.09 1.70
CA TYR L 117 -70.55 8.25 0.80
C TYR L 117 -69.54 7.16 1.10
N MET L 118 -69.40 6.20 0.21
CA MET L 118 -68.60 5.03 0.52
C MET L 118 -67.22 5.20 -0.07
N THR L 119 -66.21 4.81 0.70
CA THR L 119 -64.81 4.86 0.29
C THR L 119 -64.17 3.53 0.63
N ARG L 120 -62.85 3.43 0.51
CA ARG L 120 -62.19 2.17 0.76
C ARG L 120 -62.01 1.91 2.25
N HIS L 121 -62.22 2.93 3.08
CA HIS L 121 -62.15 2.79 4.53
C HIS L 121 -63.40 3.47 5.08
N ASN L 122 -64.46 2.69 5.28
CA ASN L 122 -65.70 3.22 5.82
C ASN L 122 -65.74 3.02 7.33
N ASN L 123 -66.70 3.69 7.97
CA ASN L 123 -66.90 3.56 9.43
C ASN L 123 -65.65 3.97 10.20
N LEU L 124 -64.97 5.00 9.73
CA LEU L 124 -63.72 5.45 10.30
C LEU L 124 -63.98 6.68 11.15
N ASP L 125 -63.20 6.86 12.22
CA ASP L 125 -63.45 7.97 13.13
C ASP L 125 -62.13 8.36 13.80
N LEU L 126 -61.37 9.26 13.13
CA LEU L 126 -60.10 9.80 13.64
C LEU L 126 -60.18 11.31 13.85
N VAL L 127 -59.43 11.79 14.84
CA VAL L 127 -59.22 13.21 15.02
C VAL L 127 -57.73 13.48 14.92
N ILE L 128 -57.36 14.41 14.05
CA ILE L 128 -55.98 14.82 13.83
C ILE L 128 -55.76 16.14 14.56
N ILE L 129 -54.80 16.18 15.48
CA ILE L 129 -54.45 17.40 16.20
C ILE L 129 -53.05 17.82 15.78
N ARG L 130 -52.89 19.10 15.47
CA ARG L 130 -51.67 19.52 14.83
C ARG L 130 -51.22 20.89 15.34
N GLU L 131 -49.93 21.00 15.64
CA GLU L 131 -49.33 22.29 15.95
C GLU L 131 -49.21 23.13 14.66
N GLN L 132 -49.55 24.41 14.74
CA GLN L 132 -49.73 25.19 13.52
C GLN L 132 -48.88 26.43 13.42
N THR L 133 -48.09 26.76 14.43
CA THR L 133 -47.41 28.04 14.44
C THR L 133 -45.91 27.94 14.30
N GLU L 134 -45.33 26.74 14.23
CA GLU L 134 -43.86 26.65 14.12
C GLU L 134 -43.49 25.57 13.12
N GLY L 135 -42.27 25.03 13.25
CA GLY L 135 -41.70 24.14 12.25
C GLY L 135 -41.10 24.88 11.08
N GLU L 136 -41.16 24.27 9.88
CA GLU L 136 -40.71 24.81 8.59
C GLU L 136 -41.59 25.92 8.06
N TYR L 137 -42.54 26.48 8.80
CA TYR L 137 -43.57 27.31 8.20
C TYR L 137 -43.34 28.81 8.43
N SER L 138 -42.22 29.19 9.03
CA SER L 138 -41.90 30.59 9.22
C SER L 138 -40.94 31.10 8.16
N SER L 139 -40.79 30.35 7.08
CA SER L 139 -39.96 30.74 5.94
C SER L 139 -38.59 31.24 6.38
N LEU L 140 -38.01 30.56 7.36
CA LEU L 140 -36.64 30.87 7.81
C LEU L 140 -35.66 30.13 6.91
N GLU L 141 -35.41 30.72 5.74
CA GLU L 141 -34.51 30.14 4.75
C GLU L 141 -33.44 31.16 4.39
N HIS L 142 -32.25 30.66 4.03
CA HIS L 142 -31.19 31.52 3.50
C HIS L 142 -30.26 30.72 2.61
N GLU L 143 -29.47 31.45 1.82
CA GLU L 143 -28.42 30.89 0.96
C GLU L 143 -27.08 30.98 1.68
N SER L 144 -26.49 29.84 2.07
CA SER L 144 -25.20 29.96 2.76
C SER L 144 -24.00 29.87 1.82
N ALA L 145 -24.15 29.23 0.67
CA ALA L 145 -23.18 29.29 -0.41
C ALA L 145 -23.96 29.28 -1.71
N ARG L 146 -23.28 29.32 -2.85
CA ARG L 146 -24.02 29.31 -4.10
C ARG L 146 -24.56 27.90 -4.32
N GLY L 147 -25.88 27.79 -4.49
CA GLY L 147 -26.48 26.49 -4.70
C GLY L 147 -26.65 25.66 -3.45
N VAL L 148 -26.78 26.30 -2.29
CA VAL L 148 -26.88 25.63 -1.00
C VAL L 148 -27.88 26.41 -0.16
N ILE L 149 -29.08 25.86 0.06
CA ILE L 149 -30.10 26.56 0.84
C ILE L 149 -30.30 25.89 2.18
N GLU L 150 -30.46 26.68 3.23
CA GLU L 150 -30.79 26.15 4.54
C GLU L 150 -32.22 26.51 4.90
N CYS L 151 -32.93 25.56 5.50
CA CYS L 151 -34.28 25.76 5.99
C CYS L 151 -34.36 25.35 7.46
N LEU L 152 -34.68 26.29 8.31
CA LEU L 152 -34.72 26.02 9.75
C LEU L 152 -36.09 25.47 10.12
N LYS L 153 -36.11 24.35 10.81
CA LYS L 153 -37.34 23.81 11.37
C LYS L 153 -37.32 24.00 12.88
N ILE L 154 -38.32 24.70 13.42
CA ILE L 154 -38.34 25.11 14.82
C ILE L 154 -39.29 24.25 15.64
N VAL L 155 -38.75 23.65 16.71
CA VAL L 155 -39.52 23.02 17.77
C VAL L 155 -39.21 23.74 19.08
N THR L 156 -40.23 24.07 19.85
CA THR L 156 -39.99 24.65 21.17
C THR L 156 -40.74 23.85 22.21
N ARG L 157 -40.13 23.72 23.39
CA ARG L 157 -40.81 23.03 24.49
C ARG L 157 -42.13 23.69 24.82
N ALA L 158 -42.16 25.03 24.86
CA ALA L 158 -43.40 25.78 25.10
C ALA L 158 -44.51 25.32 24.17
N LYS L 159 -44.28 25.42 22.86
CA LYS L 159 -45.35 25.20 21.90
C LYS L 159 -45.74 23.74 21.81
N SER L 160 -44.83 22.81 22.12
CA SER L 160 -45.15 21.39 22.11
C SER L 160 -45.80 20.94 23.41
N GLN L 161 -45.50 21.56 24.54
CA GLN L 161 -46.29 21.25 25.72
C GLN L 161 -47.73 21.70 25.52
N ARG L 162 -47.92 22.86 24.88
CA ARG L 162 -49.26 23.44 24.70
C ARG L 162 -50.12 22.53 23.83
N ILE L 163 -49.54 21.98 22.76
CA ILE L 163 -50.30 21.13 21.85
C ILE L 163 -50.50 19.72 22.42
N ALA L 164 -49.51 19.17 23.15
CA ALA L 164 -49.72 17.89 23.83
C ALA L 164 -50.89 17.99 24.80
N LYS L 165 -50.81 18.93 25.75
CA LYS L 165 -51.93 19.21 26.64
C LYS L 165 -53.25 19.30 25.89
N PHE L 166 -53.29 20.11 24.82
CA PHE L 166 -54.52 20.22 24.04
C PHE L 166 -55.01 18.85 23.59
N ALA L 167 -54.11 18.02 23.06
CA ALA L 167 -54.54 16.73 22.56
C ALA L 167 -55.20 15.94 23.68
N PHE L 168 -54.64 16.00 24.88
CA PHE L 168 -55.17 15.18 25.96
C PHE L 168 -56.44 15.80 26.54
N ASP L 169 -56.52 17.13 26.55
CA ASP L 169 -57.76 17.79 26.91
C ASP L 169 -58.87 17.39 25.95
N TYR L 170 -58.59 17.43 24.64
CA TYR L 170 -59.56 17.00 23.63
C TYR L 170 -60.00 15.56 23.89
N ALA L 171 -59.05 14.68 24.18
CA ALA L 171 -59.41 13.28 24.42
C ALA L 171 -60.32 13.14 25.66
N THR L 172 -60.08 13.92 26.72
CA THR L 172 -61.00 13.81 27.85
C THR L 172 -62.32 14.52 27.53
N LYS L 173 -62.27 15.80 27.15
CA LYS L 173 -63.47 16.55 26.81
C LYS L 173 -64.41 15.75 25.91
N LYS L 174 -63.92 15.27 24.78
CA LYS L 174 -64.79 14.59 23.82
C LYS L 174 -64.87 13.10 24.07
N GLY L 175 -64.22 12.60 25.12
CA GLY L 175 -64.40 11.20 25.47
C GLY L 175 -63.76 10.22 24.53
N ARG L 176 -62.58 10.53 24.00
CA ARG L 176 -61.83 9.62 23.17
C ARG L 176 -60.91 8.75 24.04
N GLY L 177 -60.39 7.68 23.45
CA GLY L 177 -59.66 6.71 24.23
C GLY L 177 -58.15 6.73 24.11
N LYS L 178 -57.60 7.12 22.96
CA LYS L 178 -56.16 7.07 22.79
C LYS L 178 -55.60 8.36 22.18
N VAL L 179 -54.37 8.67 22.55
CA VAL L 179 -53.60 9.74 21.92
C VAL L 179 -52.31 9.12 21.40
N THR L 180 -52.07 9.24 20.11
CA THR L 180 -50.83 8.77 19.50
C THR L 180 -50.03 9.98 19.04
N ALA L 181 -48.78 10.06 19.49
CA ALA L 181 -47.88 11.12 19.06
C ALA L 181 -47.06 10.66 17.86
N VAL L 182 -47.10 11.42 16.78
CA VAL L 182 -46.41 11.06 15.53
C VAL L 182 -45.20 11.94 15.36
N HIS L 183 -44.05 11.33 15.07
CA HIS L 183 -42.78 12.05 15.13
C HIS L 183 -41.78 11.36 14.22
N LYS L 184 -40.56 11.90 14.21
CA LYS L 184 -39.43 11.30 13.51
C LYS L 184 -38.19 11.57 14.34
N ALA L 185 -38.25 11.23 15.62
CA ALA L 185 -37.19 11.60 16.57
C ALA L 185 -35.96 10.72 16.47
N ASN L 186 -36.00 9.63 15.69
CA ASN L 186 -34.79 8.85 15.46
C ASN L 186 -33.85 9.56 14.50
N ILE L 187 -34.38 10.40 13.61
CA ILE L 187 -33.49 11.15 12.73
C ILE L 187 -33.25 12.52 13.36
N MET L 188 -34.32 13.30 13.53
CA MET L 188 -34.20 14.60 14.19
C MET L 188 -34.29 14.38 15.71
N LYS L 189 -33.14 14.05 16.32
CA LYS L 189 -33.11 13.59 17.70
C LYS L 189 -33.34 14.74 18.68
N LEU L 190 -32.76 15.90 18.41
CA LEU L 190 -33.21 17.10 19.09
C LEU L 190 -34.41 17.65 18.34
N GLY L 191 -35.28 18.35 19.04
CA GLY L 191 -36.32 18.96 18.25
C GLY L 191 -37.49 18.03 18.04
N ASP L 192 -37.36 17.05 17.15
CA ASP L 192 -38.40 16.05 17.17
C ASP L 192 -38.32 15.22 18.44
N GLY L 193 -37.11 14.97 18.94
CA GLY L 193 -36.97 14.35 20.24
C GLY L 193 -37.59 15.19 21.35
N LEU L 194 -37.49 16.52 21.24
CA LEU L 194 -38.06 17.41 22.25
C LEU L 194 -39.59 17.43 22.19
N PHE L 195 -40.15 17.19 21.01
CA PHE L 195 -41.61 17.08 20.89
C PHE L 195 -42.10 15.81 21.57
N LEU L 196 -41.60 14.66 21.10
CA LEU L 196 -41.84 13.39 21.78
C LEU L 196 -41.74 13.53 23.28
N GLN L 197 -40.63 14.09 23.74
CA GLN L 197 -40.38 14.22 25.17
C GLN L 197 -41.52 14.96 25.85
N CYS L 198 -41.90 16.11 25.28
CA CYS L 198 -42.95 16.94 25.87
C CYS L 198 -44.27 16.18 25.92
N CYS L 199 -44.63 15.49 24.82
CA CYS L 199 -45.85 14.68 24.81
C CYS L 199 -45.80 13.59 25.87
N GLU L 200 -44.63 13.00 26.06
CA GLU L 200 -44.52 11.94 27.05
C GLU L 200 -44.67 12.49 28.47
N GLU L 201 -44.23 13.73 28.71
CA GLU L 201 -44.45 14.30 30.02
C GLU L 201 -45.92 14.63 30.24
N VAL L 202 -46.59 15.15 29.21
CA VAL L 202 -48.01 15.48 29.36
C VAL L 202 -48.85 14.20 29.36
N ALA L 203 -48.35 13.14 28.73
CA ALA L 203 -49.09 11.88 28.74
C ALA L 203 -49.20 11.28 30.12
N GLU L 204 -48.38 11.76 31.06
CA GLU L 204 -48.42 11.23 32.42
C GLU L 204 -49.39 11.97 33.31
N LEU L 205 -49.78 13.18 32.93
CA LEU L 205 -50.81 13.91 33.63
C LEU L 205 -52.21 13.42 33.27
N TYR L 206 -52.33 12.50 32.32
CA TYR L 206 -53.64 12.00 31.89
C TYR L 206 -53.60 10.48 31.83
N PRO L 207 -53.50 9.82 32.99
CA PRO L 207 -53.42 8.34 32.98
C PRO L 207 -54.65 7.66 32.44
N LYS L 208 -55.82 8.31 32.45
CA LYS L 208 -57.00 7.65 31.94
C LYS L 208 -57.02 7.58 30.42
N ILE L 209 -56.17 8.33 29.73
CA ILE L 209 -56.04 8.28 28.27
C ILE L 209 -54.79 7.50 27.93
N LYS L 210 -54.93 6.42 27.16
CA LYS L 210 -53.77 5.67 26.72
C LYS L 210 -53.05 6.40 25.60
N PHE L 211 -51.73 6.24 25.58
CA PHE L 211 -50.83 7.05 24.77
C PHE L 211 -49.85 6.13 24.06
N GLU L 212 -49.76 6.26 22.74
CA GLU L 212 -48.75 5.55 21.96
C GLU L 212 -47.85 6.54 21.20
N THR L 213 -46.73 6.02 20.72
CA THR L 213 -45.91 6.78 19.80
C THR L 213 -45.77 6.00 18.49
N MET L 214 -45.47 6.71 17.41
CA MET L 214 -45.31 6.08 16.10
C MET L 214 -44.61 7.06 15.16
N ILE L 215 -43.69 6.54 14.36
CA ILE L 215 -42.87 7.38 13.50
C ILE L 215 -43.67 7.75 12.25
N ILE L 216 -43.42 8.95 11.73
CA ILE L 216 -44.34 9.57 10.77
C ILE L 216 -44.54 8.71 9.53
N ASP L 217 -43.48 8.01 9.08
CA ASP L 217 -43.65 7.25 7.85
C ASP L 217 -44.24 5.87 8.10
N ASN L 218 -43.99 5.26 9.25
CA ASN L 218 -44.74 4.06 9.63
C ASN L 218 -46.24 4.37 9.77
N CYS L 219 -46.59 5.59 10.22
CA CYS L 219 -47.97 5.95 10.51
C CYS L 219 -48.78 6.22 9.23
N CYS L 220 -48.12 6.83 8.24
CA CYS L 220 -48.72 6.95 6.92
C CYS L 220 -49.03 5.57 6.34
N MET L 221 -48.15 4.59 6.58
CA MET L 221 -48.42 3.24 6.12
C MET L 221 -49.56 2.60 6.90
N GLN L 222 -49.57 2.78 8.23
CA GLN L 222 -50.67 2.20 9.02
C GLN L 222 -52.02 2.80 8.63
N LEU L 223 -52.04 4.08 8.26
CA LEU L 223 -53.29 4.76 7.97
C LEU L 223 -53.92 4.34 6.65
N VAL L 224 -53.24 3.54 5.81
CA VAL L 224 -53.84 3.08 4.56
C VAL L 224 -54.12 1.59 4.57
N GLN L 225 -53.52 0.81 5.47
CA GLN L 225 -53.96 -0.56 5.60
C GLN L 225 -54.77 -0.83 6.84
N ASN L 226 -54.61 -0.03 7.90
CA ASN L 226 -55.50 -0.21 9.03
C ASN L 226 -55.63 1.08 9.84
N PRO L 227 -56.39 2.08 9.36
CA PRO L 227 -56.51 3.33 10.12
C PRO L 227 -57.31 3.16 11.39
N TYR L 228 -58.10 2.09 11.51
CA TYR L 228 -58.98 1.93 12.67
C TYR L 228 -58.22 1.74 13.97
N GLN L 229 -56.90 1.64 13.91
CA GLN L 229 -56.09 1.51 15.11
C GLN L 229 -55.97 2.82 15.86
N PHE L 230 -56.12 3.94 15.19
CA PHE L 230 -55.87 5.23 15.81
C PHE L 230 -57.15 5.78 16.41
N ASP L 231 -56.99 6.78 17.27
CA ASP L 231 -58.11 7.50 17.88
C ASP L 231 -57.88 8.98 17.62
N VAL L 232 -57.03 9.56 18.47
CA VAL L 232 -56.52 10.91 18.32
C VAL L 232 -55.03 10.81 17.98
N LEU L 233 -54.58 11.66 17.06
CA LEU L 233 -53.17 11.79 16.73
C LEU L 233 -52.78 13.24 16.94
N VAL L 234 -51.62 13.46 17.56
CA VAL L 234 -51.02 14.79 17.64
C VAL L 234 -49.66 14.77 16.94
N MET L 235 -49.42 15.78 16.10
CA MET L 235 -48.18 15.92 15.31
C MET L 235 -47.69 17.36 15.31
N PRO L 236 -46.48 17.62 14.78
CA PRO L 236 -46.08 19.00 14.53
C PRO L 236 -46.59 19.51 13.17
N ASN L 237 -46.10 20.67 12.72
CA ASN L 237 -46.80 21.38 11.65
C ASN L 237 -46.73 20.62 10.32
N LEU L 238 -45.54 20.17 9.90
CA LEU L 238 -45.42 19.54 8.59
C LEU L 238 -46.10 18.17 8.54
N TYR L 239 -45.85 17.31 9.54
CA TYR L 239 -46.53 16.02 9.57
C TYR L 239 -48.06 16.19 9.64
N GLY L 240 -48.52 17.24 10.32
CA GLY L 240 -49.93 17.57 10.31
C GLY L 240 -50.44 17.86 8.92
N ASN L 241 -49.68 18.63 8.13
CA ASN L 241 -50.04 18.86 6.74
C ASN L 241 -50.15 17.55 5.95
N ILE L 242 -49.19 16.65 6.11
CA ILE L 242 -49.25 15.37 5.43
C ILE L 242 -50.50 14.59 5.84
N ILE L 243 -50.66 14.34 7.14
CA ILE L 243 -51.72 13.41 7.53
C ILE L 243 -53.09 14.03 7.31
N ASP L 244 -53.21 15.35 7.46
CA ASP L 244 -54.50 16.01 7.25
C ASP L 244 -55.09 15.61 5.92
N ASN L 245 -54.26 15.56 4.88
CA ASN L 245 -54.78 15.29 3.54
C ASN L 245 -54.84 13.80 3.23
N LEU L 246 -53.83 13.02 3.64
CA LEU L 246 -53.90 11.55 3.52
C LEU L 246 -55.15 11.02 4.19
N ALA L 247 -55.39 11.44 5.43
CA ALA L 247 -56.56 10.93 6.15
C ALA L 247 -57.83 11.45 5.52
N ALA L 248 -57.85 12.74 5.14
CA ALA L 248 -59.00 13.27 4.43
C ALA L 248 -59.39 12.37 3.26
N GLY L 249 -58.40 11.93 2.48
CA GLY L 249 -58.68 11.06 1.35
C GLY L 249 -59.41 9.79 1.74
N LEU L 250 -59.06 9.24 2.92
CA LEU L 250 -59.66 7.98 3.35
C LEU L 250 -61.17 8.03 3.38
N VAL L 251 -61.75 9.20 3.65
CA VAL L 251 -63.17 9.32 3.97
C VAL L 251 -63.93 10.21 2.97
N GLY L 252 -63.39 10.46 1.77
CA GLY L 252 -64.14 11.29 0.84
C GLY L 252 -63.44 12.49 0.24
N GLY L 253 -62.51 13.12 0.96
CA GLY L 253 -61.62 14.12 0.41
C GLY L 253 -61.91 15.53 0.88
N ALA L 254 -61.31 16.49 0.18
CA ALA L 254 -61.41 17.90 0.57
C ALA L 254 -62.84 18.40 0.59
N GLY L 255 -63.74 17.72 -0.12
CA GLY L 255 -65.09 18.22 -0.22
C GLY L 255 -65.92 18.03 1.04
N VAL L 256 -65.50 17.18 1.98
CA VAL L 256 -66.38 16.79 3.07
C VAL L 256 -65.74 16.90 4.45
N VAL L 257 -64.43 17.12 4.54
CA VAL L 257 -63.71 17.03 5.80
C VAL L 257 -63.69 18.41 6.46
N PRO L 258 -64.24 18.57 7.66
CA PRO L 258 -64.19 19.87 8.34
C PRO L 258 -63.03 19.98 9.31
N GLY L 259 -62.60 21.24 9.56
CA GLY L 259 -61.52 21.50 10.48
C GLY L 259 -61.77 22.74 11.32
N GLU L 260 -60.90 22.93 12.31
CA GLU L 260 -60.99 24.09 13.19
C GLU L 260 -59.66 24.32 13.92
N SER L 261 -59.32 25.59 14.13
CA SER L 261 -58.07 25.94 14.81
C SER L 261 -58.38 26.80 16.04
N TYR L 262 -57.77 26.44 17.16
CA TYR L 262 -58.03 27.07 18.43
C TYR L 262 -56.84 27.91 18.88
N SER L 263 -57.15 29.03 19.54
CA SER L 263 -56.23 29.81 20.34
C SER L 263 -56.60 29.64 21.80
N ALA L 264 -56.04 30.47 22.66
CA ALA L 264 -56.47 30.45 24.06
C ALA L 264 -57.88 31.01 24.22
N GLU L 265 -58.24 31.97 23.38
CA GLU L 265 -59.54 32.63 23.47
C GLU L 265 -60.42 32.42 22.25
N TYR L 266 -59.84 32.21 21.07
CA TYR L 266 -60.56 32.25 19.80
C TYR L 266 -60.78 30.86 19.24
N ALA L 267 -61.79 30.72 18.39
CA ALA L 267 -62.00 29.50 17.62
C ALA L 267 -62.34 29.87 16.18
N VAL L 268 -61.59 29.32 15.24
CA VAL L 268 -61.81 29.59 13.82
C VAL L 268 -62.12 28.28 13.12
N PHE L 269 -63.18 28.26 12.33
CA PHE L 269 -63.65 27.04 11.69
C PHE L 269 -63.46 27.12 10.18
N GLU L 270 -63.04 26.01 9.60
CA GLU L 270 -62.58 25.99 8.21
C GLU L 270 -62.70 24.57 7.68
N THR L 271 -62.36 24.40 6.39
CA THR L 271 -62.27 23.06 5.84
C THR L 271 -60.99 22.39 6.34
N GLY L 272 -61.02 21.04 6.33
CA GLY L 272 -59.97 20.20 6.87
C GLY L 272 -58.74 19.95 6.00
N ALA L 273 -58.93 19.61 4.73
CA ALA L 273 -57.83 19.35 3.80
C ALA L 273 -57.49 20.67 3.14
N ARG L 274 -56.30 21.19 3.41
CA ARG L 274 -55.94 22.54 2.97
C ARG L 274 -54.86 22.54 1.91
N HIS L 275 -54.64 21.41 1.22
CA HIS L 275 -53.65 21.39 0.15
C HIS L 275 -54.05 22.37 -0.95
N PRO L 276 -53.08 22.80 -1.77
CA PRO L 276 -53.32 23.92 -2.69
C PRO L 276 -54.35 23.67 -3.78
N PHE L 277 -54.86 22.45 -3.94
CA PHE L 277 -55.87 22.21 -4.98
C PHE L 277 -57.18 21.72 -4.41
N ALA L 278 -57.36 21.87 -3.09
CA ALA L 278 -58.61 21.52 -2.43
C ALA L 278 -59.73 22.40 -2.96
N GLN L 279 -60.75 21.76 -3.56
CA GLN L 279 -61.87 22.45 -4.19
C GLN L 279 -61.40 23.54 -5.15
N ALA L 280 -60.53 23.15 -6.08
CA ALA L 280 -60.11 24.02 -7.17
C ALA L 280 -61.06 23.87 -8.34
N VAL L 281 -62.33 24.21 -8.07
CA VAL L 281 -63.44 23.86 -8.95
C VAL L 281 -64.02 25.13 -9.55
N GLY L 282 -64.87 24.96 -10.56
CA GLY L 282 -65.48 26.06 -11.27
C GLY L 282 -66.53 26.78 -10.45
N ARG L 283 -67.47 27.46 -11.09
CA ARG L 283 -68.59 28.02 -10.36
C ARG L 283 -69.71 26.97 -10.30
N ASN L 284 -70.34 26.87 -9.13
CA ASN L 284 -71.48 25.97 -8.88
C ASN L 284 -71.10 24.50 -9.01
N ILE L 285 -69.87 24.17 -8.60
CA ILE L 285 -69.39 22.79 -8.72
C ILE L 285 -68.96 22.26 -7.36
N ALA L 286 -68.49 23.15 -6.48
CA ALA L 286 -67.85 22.71 -5.24
C ALA L 286 -68.86 22.10 -4.27
N ASN L 287 -68.33 21.34 -3.32
CA ASN L 287 -69.14 20.61 -2.36
C ASN L 287 -69.17 21.36 -1.03
N PRO L 288 -70.34 21.79 -0.57
CA PRO L 288 -70.42 22.56 0.68
C PRO L 288 -70.44 21.71 1.94
N THR L 289 -70.42 20.38 1.81
CA THR L 289 -70.50 19.50 2.98
C THR L 289 -69.46 19.87 4.04
N ALA L 290 -68.20 20.04 3.62
CA ALA L 290 -67.11 20.30 4.56
C ALA L 290 -67.32 21.61 5.29
N MET L 291 -67.64 22.67 4.56
CA MET L 291 -67.86 23.94 5.25
C MET L 291 -69.18 23.94 6.03
N LEU L 292 -70.22 23.24 5.56
CA LEU L 292 -71.45 23.18 6.33
C LEU L 292 -71.23 22.41 7.64
N LEU L 293 -70.58 21.24 7.55
CA LEU L 293 -70.25 20.51 8.76
C LEU L 293 -69.26 21.27 9.64
N SER L 294 -68.40 22.08 9.05
CA SER L 294 -67.56 22.94 9.88
C SER L 294 -68.42 24.01 10.53
N ALA L 295 -69.31 24.63 9.75
CA ALA L 295 -70.23 25.61 10.31
C ALA L 295 -71.08 24.99 11.41
N SER L 296 -71.54 23.77 11.18
CA SER L 296 -72.25 23.02 12.21
C SER L 296 -71.47 22.99 13.51
N ASN L 297 -70.18 22.68 13.41
CA ASN L 297 -69.35 22.52 14.61
C ASN L 297 -69.12 23.87 15.31
N MET L 298 -69.08 24.96 14.55
CA MET L 298 -69.01 26.28 15.15
C MET L 298 -70.26 26.57 15.98
N LEU L 299 -71.42 26.15 15.46
CA LEU L 299 -72.66 26.33 16.20
C LEU L 299 -72.60 25.64 17.57
N ARG L 300 -71.95 24.47 17.65
CA ARG L 300 -71.87 23.81 18.94
C ARG L 300 -70.78 24.43 19.77
N HIS L 301 -69.83 25.09 19.12
CA HIS L 301 -68.85 25.90 19.86
C HIS L 301 -69.54 27.06 20.56
N LEU L 302 -70.53 27.68 19.90
CA LEU L 302 -71.34 28.77 20.43
C LEU L 302 -72.47 28.32 21.35
N ASN L 303 -72.55 27.02 21.68
CA ASN L 303 -73.56 26.43 22.58
C ASN L 303 -74.96 26.31 21.95
N LEU L 304 -75.13 26.74 20.70
CA LEU L 304 -76.36 26.49 19.95
C LEU L 304 -76.42 25.02 19.52
N GLU L 305 -76.51 24.14 20.51
CA GLU L 305 -76.48 22.70 20.23
C GLU L 305 -77.68 22.28 19.39
N TYR L 306 -78.82 22.95 19.58
CA TYR L 306 -79.99 22.65 18.77
C TYR L 306 -79.69 22.85 17.28
N HIS L 307 -79.31 24.06 16.89
CA HIS L 307 -79.08 24.34 15.49
C HIS L 307 -77.91 23.54 14.92
N SER L 308 -76.87 23.27 15.72
CA SER L 308 -75.73 22.53 15.22
C SER L 308 -76.13 21.14 14.76
N SER L 309 -76.90 20.44 15.59
CA SER L 309 -77.33 19.09 15.24
C SER L 309 -78.24 19.09 14.04
N MET L 310 -79.24 19.97 14.04
CA MET L 310 -80.19 19.98 12.95
C MET L 310 -79.47 20.17 11.62
N ILE L 311 -78.58 21.17 11.57
CA ILE L 311 -77.84 21.43 10.34
C ILE L 311 -77.01 20.21 9.96
N ALA L 312 -76.24 19.66 10.89
CA ALA L 312 -75.38 18.51 10.56
C ALA L 312 -76.18 17.29 10.14
N ASP L 313 -77.26 16.98 10.87
CA ASP L 313 -78.05 15.80 10.54
C ASP L 313 -78.73 15.95 9.18
N ALA L 314 -79.15 17.17 8.84
CA ALA L 314 -79.60 17.42 7.49
C ALA L 314 -78.52 17.11 6.47
N VAL L 315 -77.30 17.60 6.71
CA VAL L 315 -76.22 17.34 5.76
C VAL L 315 -75.94 15.85 5.67
N LYS L 316 -75.95 15.16 6.82
CA LYS L 316 -75.68 13.74 6.82
C LYS L 316 -76.81 12.95 6.13
N LYS L 317 -78.07 13.36 6.34
CA LYS L 317 -79.17 12.64 5.72
C LYS L 317 -79.22 12.84 4.21
N VAL L 318 -79.02 14.08 3.75
CA VAL L 318 -78.95 14.35 2.32
C VAL L 318 -77.86 13.50 1.68
N ILE L 319 -76.77 13.26 2.42
CA ILE L 319 -75.70 12.47 1.82
C ILE L 319 -76.07 11.01 1.78
N LYS L 320 -76.68 10.48 2.85
CA LYS L 320 -77.10 9.08 2.85
C LYS L 320 -78.18 8.81 1.79
N VAL L 321 -79.22 9.66 1.73
CA VAL L 321 -80.35 9.41 0.83
C VAL L 321 -79.85 9.30 -0.61
N GLY L 322 -78.98 10.21 -1.02
CA GLY L 322 -78.16 9.98 -2.20
C GLY L 322 -78.68 10.49 -3.52
N LYS L 323 -79.68 11.39 -3.52
CA LYS L 323 -80.18 12.07 -4.71
C LYS L 323 -79.21 13.07 -5.27
N VAL L 324 -79.00 14.07 -4.43
CA VAL L 324 -78.18 15.21 -4.75
C VAL L 324 -76.77 14.88 -4.29
N ARG L 325 -75.87 14.67 -5.24
CA ARG L 325 -74.46 14.55 -4.92
C ARG L 325 -73.67 15.40 -5.88
N THR L 326 -72.67 16.10 -5.35
CA THR L 326 -71.74 16.90 -6.12
C THR L 326 -70.74 16.00 -6.86
N SER L 327 -70.11 16.55 -7.90
CA SER L 327 -69.26 15.73 -8.77
C SER L 327 -68.14 15.05 -8.02
N ASP L 328 -67.69 15.61 -6.89
CA ASP L 328 -66.64 14.97 -6.14
C ASP L 328 -67.13 13.72 -5.40
N MET L 329 -68.44 13.55 -5.30
CA MET L 329 -69.04 12.41 -4.61
C MET L 329 -69.66 11.42 -5.58
N GLY L 330 -69.34 11.54 -6.88
CA GLY L 330 -69.90 10.67 -7.90
C GLY L 330 -71.24 11.11 -8.45
N GLY L 331 -71.85 12.16 -7.88
CA GLY L 331 -73.13 12.64 -8.34
C GLY L 331 -72.96 13.72 -9.38
N TYR L 332 -74.09 14.21 -9.88
CA TYR L 332 -74.08 15.14 -11.00
C TYR L 332 -74.77 16.45 -10.67
N ALA L 333 -74.81 16.82 -9.38
CA ALA L 333 -75.59 17.96 -8.92
C ALA L 333 -74.72 19.17 -8.62
N THR L 334 -75.21 20.35 -9.01
CA THR L 334 -74.50 21.59 -8.75
C THR L 334 -74.50 21.88 -7.26
N CYS L 335 -73.73 22.90 -6.88
CA CYS L 335 -73.55 23.23 -5.48
C CYS L 335 -74.80 23.94 -4.95
N HIS L 336 -75.40 24.83 -5.75
CA HIS L 336 -76.69 25.39 -5.36
C HIS L 336 -77.73 24.28 -5.20
N ASP L 337 -77.80 23.36 -6.16
CA ASP L 337 -78.73 22.22 -6.06
C ASP L 337 -78.53 21.49 -4.75
N PHE L 338 -77.28 21.22 -4.41
CA PHE L 338 -76.96 20.48 -3.19
C PHE L 338 -77.40 21.25 -1.96
N THR L 339 -77.01 22.52 -1.83
CA THR L 339 -77.40 23.24 -0.63
C THR L 339 -78.91 23.49 -0.61
N GLU L 340 -79.54 23.68 -1.77
CA GLU L 340 -80.97 23.96 -1.76
C GLU L 340 -81.73 22.77 -1.20
N GLU L 341 -81.29 21.55 -1.53
CA GLU L 341 -81.91 20.37 -0.95
C GLU L 341 -81.54 20.21 0.51
N ILE L 342 -80.39 20.74 0.93
CA ILE L 342 -80.04 20.72 2.35
C ILE L 342 -80.99 21.61 3.13
N CYS L 343 -81.36 22.76 2.54
CA CYS L 343 -82.33 23.65 3.16
C CYS L 343 -83.73 23.06 3.17
N ARG L 344 -84.10 22.34 2.11
CA ARG L 344 -85.42 21.72 2.10
C ARG L 344 -85.53 20.66 3.20
N ARG L 345 -84.42 20.01 3.55
CA ARG L 345 -84.49 18.98 4.57
C ARG L 345 -84.45 19.58 5.96
N VAL L 346 -83.81 20.73 6.12
CA VAL L 346 -83.80 21.36 7.42
C VAL L 346 -85.20 21.77 7.82
N LYS L 347 -85.97 22.28 6.86
CA LYS L 347 -87.30 22.80 7.13
C LYS L 347 -88.36 21.71 7.27
N ASP L 348 -88.01 20.44 7.01
CA ASP L 348 -89.00 19.38 6.91
C ASP L 348 -89.52 18.95 8.29
N LEU L 349 -90.76 18.44 8.32
CA LEU L 349 -91.45 17.96 9.53
C LEU L 349 -91.54 19.04 10.61
N GLY M 3 -5.69 1.39 34.83
CA GLY M 3 -5.09 0.34 34.05
C GLY M 3 -6.07 -0.77 33.73
N VAL M 4 -6.76 -0.61 32.61
CA VAL M 4 -7.82 -1.52 32.18
C VAL M 4 -7.46 -2.07 30.81
N GLN M 5 -7.90 -3.29 30.55
CA GLN M 5 -7.61 -3.99 29.31
C GLN M 5 -8.84 -4.10 28.44
N THR M 6 -8.60 -4.22 27.18
CA THR M 6 -9.70 -4.32 26.27
C THR M 6 -9.90 -5.79 25.95
N VAL M 7 -11.15 -6.26 26.05
CA VAL M 7 -11.54 -7.62 25.66
C VAL M 7 -12.29 -7.55 24.34
N THR M 8 -11.99 -8.48 23.46
CA THR M 8 -12.80 -8.65 22.27
C THR M 8 -14.15 -9.22 22.66
N LEU M 9 -15.24 -8.58 22.22
CA LEU M 9 -16.60 -9.02 22.56
C LEU M 9 -17.34 -9.52 21.32
N ILE M 10 -17.79 -10.76 21.38
CA ILE M 10 -18.50 -11.35 20.25
C ILE M 10 -19.91 -11.71 20.69
N PRO M 11 -20.83 -10.74 20.69
CA PRO M 11 -22.20 -11.02 21.18
C PRO M 11 -22.94 -12.05 20.34
N GLY M 12 -22.46 -12.32 19.12
CA GLY M 12 -23.09 -13.32 18.28
C GLY M 12 -24.53 -12.98 17.90
N ASP M 13 -25.34 -14.02 17.79
CA ASP M 13 -26.68 -13.94 17.21
C ASP M 13 -27.73 -14.39 18.23
N GLY M 14 -28.99 -14.15 17.89
CA GLY M 14 -30.08 -14.59 18.76
C GLY M 14 -30.18 -13.74 20.01
N ILE M 15 -30.33 -14.41 21.16
CA ILE M 15 -30.32 -13.73 22.46
C ILE M 15 -28.95 -13.25 22.87
N GLY M 16 -27.93 -13.50 22.05
CA GLY M 16 -26.57 -13.10 22.37
C GLY M 16 -26.39 -11.64 22.71
N PRO M 17 -26.76 -10.72 21.80
CA PRO M 17 -26.60 -9.27 22.10
C PRO M 17 -27.13 -8.85 23.47
N GLU M 18 -28.37 -9.27 23.84
CA GLU M 18 -28.92 -8.90 25.14
C GLU M 18 -28.03 -9.38 26.26
N ILE M 19 -27.63 -10.66 26.23
CA ILE M 19 -26.92 -11.21 27.39
C ILE M 19 -25.49 -10.69 27.44
N SER M 20 -24.85 -10.43 26.28
CA SER M 20 -23.58 -9.73 26.25
C SER M 20 -23.71 -8.35 26.87
N ALA M 21 -24.71 -7.59 26.41
CA ALA M 21 -24.99 -6.29 27.02
C ALA M 21 -25.15 -6.40 28.53
N ALA M 22 -25.90 -7.39 29.00
CA ALA M 22 -26.10 -7.55 30.43
C ALA M 22 -24.78 -7.79 31.15
N VAL M 23 -23.89 -8.59 30.57
CA VAL M 23 -22.64 -8.89 31.23
C VAL M 23 -21.62 -7.78 31.07
N MET M 24 -21.79 -6.92 30.06
CA MET M 24 -21.07 -5.65 30.00
C MET M 24 -21.44 -4.74 31.17
N LYS M 25 -22.74 -4.69 31.50
CA LYS M 25 -23.29 -3.86 32.55
C LYS M 25 -23.08 -4.44 33.94
N ILE M 26 -22.83 -5.74 34.07
CA ILE M 26 -22.48 -6.28 35.38
C ILE M 26 -21.00 -6.09 35.68
N PHE M 27 -20.16 -6.33 34.67
CA PHE M 27 -18.73 -6.03 34.79
C PHE M 27 -18.50 -4.57 35.17
N ASP M 28 -19.15 -3.65 34.45
CA ASP M 28 -19.00 -2.22 34.66
C ASP M 28 -19.67 -1.75 35.98
N ALA M 29 -20.67 -2.48 36.48
CA ALA M 29 -21.22 -2.15 37.80
C ALA M 29 -20.25 -2.48 38.92
N ALA M 30 -19.40 -3.49 38.74
CA ALA M 30 -18.38 -3.82 39.72
C ALA M 30 -17.00 -3.29 39.34
N LYS M 31 -16.96 -2.30 38.44
CA LYS M 31 -15.73 -1.57 38.12
C LYS M 31 -14.61 -2.53 37.72
N ALA M 32 -14.98 -3.58 36.99
CA ALA M 32 -13.96 -4.45 36.43
C ALA M 32 -13.09 -3.64 35.47
N PRO M 33 -11.77 -3.74 35.58
CA PRO M 33 -10.87 -2.98 34.70
C PRO M 33 -10.88 -3.50 33.29
N ILE M 34 -12.04 -3.52 32.64
CA ILE M 34 -12.15 -4.10 31.31
C ILE M 34 -13.03 -3.22 30.43
N GLN M 35 -12.49 -2.83 29.28
CA GLN M 35 -13.24 -2.16 28.22
C GLN M 35 -13.38 -3.10 27.02
N TRP M 36 -14.51 -3.05 26.34
CA TRP M 36 -14.77 -4.04 25.32
C TRP M 36 -14.55 -3.49 23.91
N GLU M 37 -14.57 -4.43 22.96
CA GLU M 37 -14.29 -4.13 21.56
C GLU M 37 -15.14 -5.11 20.75
N GLU M 38 -16.41 -4.73 20.59
CA GLU M 38 -17.37 -5.61 19.96
C GLU M 38 -16.93 -6.00 18.57
N ARG M 39 -16.85 -7.30 18.33
CA ARG M 39 -16.53 -7.84 17.02
C ARG M 39 -17.56 -8.90 16.66
N ASN M 40 -17.71 -9.12 15.36
CA ASN M 40 -18.62 -10.11 14.82
C ASN M 40 -17.80 -11.12 14.03
N VAL M 41 -17.94 -12.39 14.41
CA VAL M 41 -17.06 -13.44 13.89
C VAL M 41 -17.72 -14.23 12.77
N THR M 42 -19.04 -14.08 12.60
CA THR M 42 -19.85 -14.81 11.62
C THR M 42 -19.12 -14.92 10.28
N ALA M 43 -18.72 -16.14 9.96
CA ALA M 43 -17.74 -16.39 8.91
C ALA M 43 -18.20 -15.85 7.57
N ILE M 44 -17.23 -15.57 6.70
CA ILE M 44 -17.51 -15.02 5.38
C ILE M 44 -16.69 -15.76 4.32
N GLN M 45 -17.12 -15.60 3.07
CA GLN M 45 -16.53 -16.31 1.93
C GLN M 45 -15.23 -15.66 1.50
N GLY M 46 -14.10 -16.23 1.95
CA GLY M 46 -12.79 -15.69 1.72
C GLY M 46 -12.33 -15.76 0.27
N PRO M 47 -11.03 -15.48 0.07
CA PRO M 47 -10.55 -15.16 -1.29
C PRO M 47 -10.85 -16.21 -2.34
N GLY M 48 -10.97 -17.48 -1.97
CA GLY M 48 -11.21 -18.47 -3.01
C GLY M 48 -12.60 -19.07 -2.95
N GLY M 49 -13.42 -18.59 -2.02
CA GLY M 49 -14.64 -19.25 -1.63
C GLY M 49 -14.51 -19.95 -0.29
N LYS M 50 -13.27 -20.31 0.10
CA LYS M 50 -12.96 -20.79 1.44
C LYS M 50 -13.64 -19.89 2.47
N TRP M 51 -14.16 -20.51 3.53
CA TRP M 51 -14.71 -19.70 4.60
C TRP M 51 -13.58 -19.33 5.57
N MET M 52 -13.70 -18.14 6.16
CA MET M 52 -12.70 -17.61 7.09
C MET M 52 -13.33 -16.52 7.94
N ILE M 53 -12.60 -16.15 8.98
CA ILE M 53 -13.05 -15.16 9.94
C ILE M 53 -12.73 -13.79 9.36
N PRO M 54 -13.57 -12.78 9.55
CA PRO M 54 -13.16 -11.41 9.23
C PRO M 54 -11.98 -10.98 10.10
N SER M 55 -11.04 -10.28 9.47
CA SER M 55 -9.78 -10.02 10.16
C SER M 55 -9.97 -9.13 11.38
N GLU M 56 -10.76 -8.05 11.27
CA GLU M 56 -10.94 -7.18 12.41
C GLU M 56 -11.30 -7.97 13.67
N ALA M 57 -11.90 -9.15 13.48
CA ALA M 57 -12.13 -10.08 14.58
C ALA M 57 -10.86 -10.84 14.94
N LYS M 58 -10.06 -11.19 13.94
CA LYS M 58 -8.77 -11.82 14.22
C LYS M 58 -7.81 -10.83 14.87
N GLU M 59 -7.56 -9.68 14.21
CA GLU M 59 -6.71 -8.65 14.79
C GLU M 59 -7.06 -8.38 16.24
N SER M 60 -8.35 -8.27 16.54
CA SER M 60 -8.74 -7.93 17.89
C SER M 60 -8.35 -9.06 18.85
N MET M 61 -8.43 -10.31 18.39
CA MET M 61 -8.04 -11.43 19.23
C MET M 61 -6.52 -11.51 19.35
N ASP M 62 -5.83 -11.37 18.23
CA ASP M 62 -4.37 -11.40 18.24
C ASP M 62 -3.78 -10.30 19.11
N LYS M 63 -4.50 -9.19 19.31
CA LYS M 63 -4.04 -8.07 20.14
C LYS M 63 -4.59 -8.17 21.56
N ASN M 64 -5.89 -8.33 21.71
CA ASN M 64 -6.48 -8.32 23.04
C ASN M 64 -6.35 -9.66 23.74
N LYS M 65 -6.14 -10.75 22.99
CA LYS M 65 -5.94 -12.11 23.49
C LYS M 65 -7.21 -12.73 24.07
N MET M 66 -7.91 -12.03 24.97
CA MET M 66 -9.17 -12.54 25.50
C MET M 66 -10.32 -12.20 24.57
N GLY M 67 -11.27 -13.14 24.44
CA GLY M 67 -12.52 -12.94 23.72
C GLY M 67 -13.68 -13.45 24.56
N LEU M 68 -14.82 -12.75 24.55
CA LEU M 68 -16.10 -13.27 25.02
C LEU M 68 -16.97 -13.57 23.80
N LYS M 69 -17.51 -14.80 23.75
CA LYS M 69 -18.27 -15.31 22.60
C LYS M 69 -19.62 -15.81 23.07
N GLY M 70 -20.69 -15.24 22.51
CA GLY M 70 -22.03 -15.67 22.83
C GLY M 70 -22.52 -16.69 21.82
N PRO M 71 -23.76 -17.15 21.98
CA PRO M 71 -24.29 -18.15 21.05
C PRO M 71 -24.17 -17.66 19.61
N LEU M 72 -23.75 -18.54 18.72
CA LEU M 72 -23.65 -18.21 17.30
C LEU M 72 -24.72 -18.96 16.51
N LYS M 73 -25.17 -18.36 15.42
CA LYS M 73 -26.13 -19.02 14.54
C LYS M 73 -25.46 -20.21 13.86
N THR M 74 -26.26 -21.22 13.56
CA THR M 74 -25.75 -22.37 12.83
C THR M 74 -25.79 -22.10 11.32
N PRO M 75 -24.66 -22.13 10.61
CA PRO M 75 -24.66 -21.84 9.17
C PRO M 75 -25.51 -22.84 8.41
N ILE M 76 -26.10 -22.39 7.29
CA ILE M 76 -27.10 -23.18 6.58
C ILE M 76 -26.49 -23.98 5.44
N ALA M 77 -25.46 -23.45 4.78
CA ALA M 77 -24.86 -24.14 3.64
C ALA M 77 -24.04 -25.35 4.08
N ALA M 78 -24.08 -26.43 3.28
CA ALA M 78 -23.41 -27.66 3.68
C ALA M 78 -21.90 -27.53 3.61
N GLY M 79 -21.39 -26.77 2.62
CA GLY M 79 -19.96 -26.55 2.55
C GLY M 79 -19.41 -25.74 3.70
N HIS M 80 -20.27 -25.03 4.42
CA HIS M 80 -19.83 -24.16 5.50
C HIS M 80 -19.27 -25.01 6.64
N PRO M 81 -18.00 -24.84 7.01
CA PRO M 81 -17.46 -25.59 8.16
C PRO M 81 -18.16 -25.17 9.43
N SER M 82 -18.00 -25.98 10.47
CA SER M 82 -18.47 -25.56 11.78
C SER M 82 -17.69 -24.32 12.17
N MET M 83 -18.35 -23.38 12.83
CA MET M 83 -17.60 -22.24 13.30
C MET M 83 -16.71 -22.58 14.49
N ASN M 84 -17.11 -23.58 15.31
CA ASN M 84 -16.18 -24.10 16.31
C ASN M 84 -14.90 -24.60 15.65
N LEU M 85 -14.99 -25.03 14.40
CA LEU M 85 -13.81 -25.51 13.66
C LEU M 85 -12.95 -24.35 13.17
N LEU M 86 -13.57 -23.32 12.58
CA LEU M 86 -12.79 -22.19 12.06
C LEU M 86 -12.10 -21.44 13.18
N LEU M 87 -12.85 -21.06 14.21
CA LEU M 87 -12.26 -20.48 15.41
C LEU M 87 -11.11 -21.33 15.92
N ARG M 88 -11.34 -22.62 16.17
CA ARG M 88 -10.31 -23.42 16.81
C ARG M 88 -9.07 -23.59 15.95
N LYS M 89 -9.15 -23.30 14.65
CA LYS M 89 -8.00 -23.48 13.79
C LYS M 89 -7.42 -22.18 13.27
N THR M 90 -8.14 -21.07 13.38
CA THR M 90 -7.48 -19.80 13.13
C THR M 90 -6.63 -19.40 14.33
N PHE M 91 -7.05 -19.78 15.53
CA PHE M 91 -6.39 -19.39 16.78
C PHE M 91 -5.69 -20.56 17.46
N ASP M 92 -5.78 -21.76 16.90
CA ASP M 92 -5.17 -22.96 17.49
C ASP M 92 -5.66 -23.19 18.91
N LEU M 93 -6.99 -23.09 19.09
CA LEU M 93 -7.57 -23.40 20.40
C LEU M 93 -7.33 -24.88 20.65
N TYR M 94 -6.43 -25.20 21.59
CA TYR M 94 -6.07 -26.60 21.79
C TYR M 94 -6.78 -27.24 22.98
N ALA M 95 -7.35 -26.46 23.90
CA ALA M 95 -7.85 -26.98 25.17
C ALA M 95 -9.23 -26.40 25.45
N ASN M 96 -10.23 -27.28 25.63
CA ASN M 96 -11.59 -26.87 25.92
C ASN M 96 -11.84 -27.15 27.40
N VAL M 97 -12.24 -26.13 28.14
CA VAL M 97 -12.31 -26.18 29.59
C VAL M 97 -13.76 -25.99 30.00
N ARG M 98 -14.28 -26.90 30.82
CA ARG M 98 -15.67 -26.90 31.25
C ARG M 98 -15.73 -27.14 32.74
N PRO M 99 -15.69 -26.09 33.55
CA PRO M 99 -15.89 -26.27 34.99
C PRO M 99 -17.38 -26.35 35.28
N CYS M 100 -17.80 -27.47 35.91
CA CYS M 100 -19.20 -27.78 36.21
C CYS M 100 -19.38 -27.84 37.71
N VAL M 101 -19.96 -26.82 38.28
CA VAL M 101 -20.16 -26.81 39.75
C VAL M 101 -21.65 -26.65 40.00
N SER M 102 -22.18 -27.46 40.89
CA SER M 102 -23.62 -27.40 41.21
C SER M 102 -23.99 -26.01 41.72
N ILE M 103 -25.12 -25.47 41.26
CA ILE M 103 -25.66 -24.14 41.67
C ILE M 103 -26.58 -24.37 42.86
N GLU M 104 -26.36 -23.68 43.98
CA GLU M 104 -27.19 -23.97 45.18
C GLU M 104 -28.65 -23.53 45.00
N GLY M 105 -28.90 -22.49 44.24
CA GLY M 105 -30.31 -22.09 44.10
C GLY M 105 -31.01 -22.73 42.94
N TYR M 106 -30.48 -23.79 42.33
CA TYR M 106 -31.16 -24.41 41.17
C TYR M 106 -30.96 -25.91 41.29
N LYS M 107 -31.86 -26.57 42.03
CA LYS M 107 -31.80 -28.00 42.37
C LYS M 107 -31.77 -28.89 41.15
N THR M 108 -31.10 -30.03 41.31
CA THR M 108 -30.95 -31.09 40.30
C THR M 108 -30.66 -32.38 41.04
N PRO M 109 -31.10 -33.55 40.58
CA PRO M 109 -30.75 -34.82 41.25
C PRO M 109 -29.32 -34.92 41.80
N TYR M 110 -28.38 -34.18 41.24
CA TYR M 110 -26.97 -34.25 41.60
C TYR M 110 -26.58 -32.97 42.34
N THR M 111 -26.24 -33.10 43.62
CA THR M 111 -26.07 -31.94 44.47
C THR M 111 -24.63 -31.64 44.88
N ASP M 112 -23.67 -32.51 44.57
CA ASP M 112 -22.33 -32.37 45.15
C ASP M 112 -21.25 -32.25 44.09
N VAL M 113 -21.57 -31.64 42.94
CA VAL M 113 -20.77 -31.79 41.71
C VAL M 113 -19.82 -30.60 41.55
N ASN M 114 -18.52 -30.90 41.43
CA ASN M 114 -17.53 -29.86 41.19
C ASN M 114 -16.37 -30.43 40.36
N ILE M 115 -16.56 -30.43 39.04
CA ILE M 115 -15.76 -31.17 38.09
C ILE M 115 -15.28 -30.22 37.01
N VAL M 116 -14.02 -30.33 36.61
CA VAL M 116 -13.50 -29.56 35.49
C VAL M 116 -13.01 -30.53 34.42
N THR M 117 -13.62 -30.47 33.24
CA THR M 117 -13.27 -31.39 32.16
C THR M 117 -12.37 -30.64 31.17
N ILE M 118 -11.10 -31.04 31.10
CA ILE M 118 -10.19 -30.45 30.14
C ILE M 118 -10.15 -31.36 28.92
N ARG M 119 -10.39 -30.79 27.75
CA ARG M 119 -10.66 -31.55 26.55
C ARG M 119 -9.69 -31.15 25.45
N GLU M 120 -8.86 -32.10 25.04
CA GLU M 120 -8.00 -31.90 23.88
C GLU M 120 -8.86 -31.60 22.65
N ASN M 121 -8.50 -30.57 21.90
CA ASN M 121 -9.43 -30.01 20.93
C ASN M 121 -8.89 -30.05 19.50
N THR M 122 -7.82 -30.79 19.23
CA THR M 122 -7.06 -30.72 17.98
C THR M 122 -7.20 -31.94 17.11
N GLU M 123 -7.28 -33.12 17.72
CA GLU M 123 -7.19 -34.36 16.97
C GLU M 123 -8.20 -35.39 17.48
N GLY M 124 -7.74 -36.62 17.68
CA GLY M 124 -8.64 -37.72 18.01
C GLY M 124 -9.51 -38.12 16.82
N GLU M 125 -10.75 -38.50 17.13
CA GLU M 125 -11.69 -38.84 16.08
C GLU M 125 -12.13 -37.62 15.29
N TYR M 126 -11.94 -36.41 15.82
CA TYR M 126 -12.29 -35.19 15.12
C TYR M 126 -11.14 -34.70 14.25
N SER M 127 -10.32 -35.63 13.74
CA SER M 127 -9.18 -35.27 12.91
C SER M 127 -9.60 -34.69 11.59
N GLY M 128 -10.84 -34.95 11.18
CA GLY M 128 -11.34 -34.50 9.91
C GLY M 128 -10.89 -35.30 8.73
N ILE M 129 -10.37 -36.50 8.95
CA ILE M 129 -9.90 -37.36 7.87
C ILE M 129 -10.81 -38.59 7.76
N GLU M 130 -11.39 -38.80 6.56
CA GLU M 130 -12.24 -39.95 6.30
C GLU M 130 -12.08 -40.40 4.85
N HIS M 131 -12.10 -41.71 4.63
CA HIS M 131 -11.87 -42.27 3.31
C HIS M 131 -12.92 -43.33 2.98
N VAL M 132 -13.67 -43.11 1.90
CA VAL M 132 -14.55 -44.15 1.36
C VAL M 132 -13.66 -45.18 0.67
N ILE M 133 -13.34 -46.26 1.39
CA ILE M 133 -12.36 -47.25 0.92
C ILE M 133 -12.86 -47.96 -0.34
N VAL M 134 -14.06 -48.53 -0.26
CA VAL M 134 -14.80 -49.07 -1.38
C VAL M 134 -16.25 -48.73 -1.09
N ASP M 135 -17.12 -48.88 -2.08
CA ASP M 135 -18.48 -48.41 -1.89
C ASP M 135 -19.08 -49.12 -0.70
N GLY M 136 -19.66 -48.34 0.20
CA GLY M 136 -20.32 -48.87 1.38
C GLY M 136 -19.38 -49.23 2.51
N VAL M 137 -18.10 -48.85 2.42
CA VAL M 137 -17.11 -49.09 3.47
C VAL M 137 -16.38 -47.77 3.71
N VAL M 138 -16.56 -47.17 4.89
CA VAL M 138 -15.95 -45.87 5.18
C VAL M 138 -15.01 -46.03 6.38
N ALA M 139 -13.86 -45.36 6.32
CA ALA M 139 -12.85 -45.42 7.38
C ALA M 139 -12.50 -44.02 7.89
N SER M 140 -12.92 -43.70 9.12
CA SER M 140 -12.61 -42.41 9.74
C SER M 140 -11.35 -42.55 10.58
N ILE M 141 -10.37 -41.70 10.33
CA ILE M 141 -9.05 -41.81 10.94
C ILE M 141 -8.96 -40.97 12.22
N LYS M 142 -8.83 -41.65 13.36
CA LYS M 142 -8.47 -41.00 14.62
C LYS M 142 -6.97 -40.80 14.70
N LEU M 143 -6.55 -39.62 15.14
CA LEU M 143 -5.15 -39.22 15.15
C LEU M 143 -4.77 -38.82 16.57
N ILE M 144 -3.80 -39.52 17.17
CA ILE M 144 -3.26 -39.09 18.46
C ILE M 144 -1.77 -38.87 18.29
N THR M 145 -1.34 -37.65 18.60
CA THR M 145 0.07 -37.29 18.53
C THR M 145 0.61 -37.00 19.92
N GLU M 146 1.94 -37.01 20.02
CA GLU M 146 2.57 -36.94 21.32
C GLU M 146 2.78 -35.52 21.77
N GLY M 147 2.95 -34.58 20.85
CA GLY M 147 2.95 -33.19 21.26
C GLY M 147 1.59 -32.75 21.76
N ALA M 148 0.53 -33.27 21.15
CA ALA M 148 -0.78 -32.80 21.50
C ALA M 148 -1.27 -33.43 22.79
N SER M 149 -0.91 -34.68 23.07
CA SER M 149 -1.25 -35.26 24.36
C SER M 149 -0.45 -34.60 25.46
N LYS M 150 0.85 -34.40 25.24
CA LYS M 150 1.67 -33.73 26.24
C LYS M 150 1.15 -32.33 26.53
N ARG M 151 0.85 -31.56 25.47
CA ARG M 151 0.34 -30.21 25.68
C ARG M 151 -0.95 -30.22 26.51
N ILE M 152 -1.93 -31.03 26.12
CA ILE M 152 -3.18 -31.04 26.86
C ILE M 152 -2.99 -31.51 28.29
N ALA M 153 -2.03 -32.41 28.53
CA ALA M 153 -1.76 -32.82 29.90
C ALA M 153 -1.10 -31.68 30.69
N GLU M 154 -0.10 -31.02 30.11
CA GLU M 154 0.54 -29.90 30.78
C GLU M 154 -0.49 -28.85 31.18
N PHE M 155 -1.45 -28.56 30.31
CA PHE M 155 -2.47 -27.63 30.71
C PHE M 155 -3.26 -28.17 31.89
N ALA M 156 -3.70 -29.43 31.82
CA ALA M 156 -4.59 -29.94 32.88
C ALA M 156 -3.92 -29.84 34.24
N PHE M 157 -2.62 -30.14 34.30
CA PHE M 157 -1.89 -30.10 35.56
C PHE M 157 -1.60 -28.65 35.97
N GLU M 158 -1.22 -27.81 35.01
CA GLU M 158 -1.12 -26.38 35.31
C GLU M 158 -2.42 -25.83 35.90
N TYR M 159 -3.57 -26.02 35.20
CA TYR M 159 -4.87 -25.57 35.69
C TYR M 159 -5.11 -26.08 37.10
N ALA M 160 -4.96 -27.40 37.31
CA ALA M 160 -5.21 -27.96 38.64
C ALA M 160 -4.35 -27.27 39.72
N ARG M 161 -3.13 -26.82 39.37
CA ARG M 161 -2.31 -26.08 40.33
C ARG M 161 -2.87 -24.69 40.58
N ASN M 162 -3.09 -23.92 39.51
CA ASN M 162 -3.53 -22.55 39.68
C ASN M 162 -4.95 -22.44 40.20
N ASN M 163 -5.70 -23.54 40.26
CA ASN M 163 -7.05 -23.53 40.78
C ASN M 163 -7.22 -24.45 41.97
N HIS M 164 -6.13 -24.70 42.70
CA HIS M 164 -6.19 -25.35 44.00
C HIS M 164 -7.00 -26.64 43.90
N ARG M 165 -6.74 -27.40 42.85
CA ARG M 165 -7.39 -28.67 42.59
C ARG M 165 -6.46 -29.79 43.05
N SER M 166 -7.03 -30.91 43.46
CA SER M 166 -6.19 -31.94 44.06
C SER M 166 -5.89 -33.10 43.14
N ASN M 167 -6.89 -33.61 42.42
CA ASN M 167 -6.72 -34.77 41.55
C ASN M 167 -6.92 -34.39 40.08
N VAL M 168 -6.19 -35.09 39.22
CA VAL M 168 -6.35 -35.08 37.77
C VAL M 168 -6.53 -36.54 37.37
N THR M 169 -7.50 -36.80 36.50
CA THR M 169 -7.79 -38.17 36.07
C THR M 169 -7.70 -38.24 34.55
N ALA M 170 -6.75 -38.99 34.02
CA ALA M 170 -6.75 -39.23 32.57
C ALA M 170 -7.81 -40.27 32.25
N VAL M 171 -8.71 -39.92 31.31
CA VAL M 171 -9.83 -40.78 30.91
C VAL M 171 -9.57 -41.24 29.48
N HIS M 172 -9.60 -42.54 29.26
CA HIS M 172 -9.08 -43.10 28.03
C HIS M 172 -9.73 -44.45 27.77
N LYS M 173 -9.45 -45.02 26.60
CA LYS M 173 -9.90 -46.36 26.24
C LYS M 173 -8.71 -47.15 25.67
N ALA M 174 -7.67 -47.31 26.49
CA ALA M 174 -6.46 -47.97 26.00
C ALA M 174 -6.57 -49.49 26.02
N ASN M 175 -7.67 -50.03 26.59
CA ASN M 175 -7.98 -51.44 26.39
C ASN M 175 -8.46 -51.74 24.98
N ILE M 176 -9.00 -50.75 24.26
CA ILE M 176 -9.46 -50.97 22.90
C ILE M 176 -8.50 -50.37 21.90
N MET M 177 -8.33 -49.07 21.94
CA MET M 177 -7.38 -48.40 21.05
C MET M 177 -6.03 -48.33 21.75
N ARG M 178 -5.28 -49.44 21.66
CA ARG M 178 -4.10 -49.65 22.51
C ARG M 178 -2.94 -48.73 22.11
N MET M 179 -2.72 -48.56 20.82
CA MET M 179 -1.59 -47.74 20.41
C MET M 179 -1.91 -46.25 20.51
N SER M 180 -3.13 -45.88 20.11
CA SER M 180 -3.44 -44.46 20.04
C SER M 180 -3.70 -43.92 21.43
N ASP M 181 -4.74 -44.42 22.12
CA ASP M 181 -4.98 -43.97 23.48
C ASP M 181 -3.78 -44.25 24.36
N GLY M 182 -3.13 -45.40 24.13
CA GLY M 182 -1.89 -45.70 24.84
C GLY M 182 -0.91 -44.55 24.82
N LEU M 183 -0.78 -43.88 23.67
CA LEU M 183 0.14 -42.75 23.58
C LEU M 183 -0.35 -41.58 24.44
N PHE M 184 -1.63 -41.21 24.32
CA PHE M 184 -2.20 -40.18 25.18
C PHE M 184 -1.89 -40.45 26.65
N LEU M 185 -2.22 -41.66 27.12
CA LEU M 185 -1.94 -42.06 28.50
C LEU M 185 -0.44 -41.96 28.81
N GLN M 186 0.41 -42.32 27.85
CA GLN M 186 1.83 -42.37 28.13
C GLN M 186 2.37 -40.98 28.43
N LYS M 187 1.93 -39.98 27.66
CA LYS M 187 2.34 -38.63 27.93
C LYS M 187 1.70 -38.09 29.20
N CYS M 188 0.45 -38.50 29.48
CA CYS M 188 -0.19 -38.07 30.72
C CYS M 188 0.67 -38.47 31.91
N ARG M 189 1.22 -39.69 31.87
CA ARG M 189 2.04 -40.16 32.98
C ARG M 189 3.35 -39.41 33.09
N GLU M 190 3.93 -39.01 31.97
CA GLU M 190 5.20 -38.30 32.02
C GLU M 190 5.02 -36.96 32.70
N VAL M 191 3.97 -36.23 32.33
CA VAL M 191 3.71 -34.94 32.97
C VAL M 191 3.37 -35.13 34.43
N ALA M 192 2.58 -36.16 34.74
CA ALA M 192 2.22 -36.40 36.13
C ALA M 192 3.46 -36.56 37.01
N GLU M 193 4.47 -37.29 36.51
CA GLU M 193 5.72 -37.47 37.26
C GLU M 193 6.41 -36.14 37.55
N SER M 194 6.23 -35.14 36.70
CA SER M 194 6.82 -33.83 36.94
C SER M 194 5.88 -32.84 37.65
N CYS M 195 4.66 -33.27 37.98
CA CYS M 195 3.70 -32.45 38.72
C CYS M 195 3.12 -33.28 39.87
N LYS M 196 4.02 -33.83 40.71
CA LYS M 196 3.59 -34.72 41.79
C LYS M 196 2.86 -33.99 42.90
N ASP M 197 2.75 -32.66 42.82
CA ASP M 197 1.86 -31.94 43.72
C ASP M 197 0.40 -32.28 43.51
N ILE M 198 0.04 -32.91 42.42
CA ILE M 198 -1.34 -33.30 42.17
C ILE M 198 -1.40 -34.81 42.02
N LYS M 199 -2.42 -35.44 42.64
CA LYS M 199 -2.55 -36.89 42.59
C LYS M 199 -3.08 -37.25 41.20
N PHE M 200 -2.34 -38.09 40.47
CA PHE M 200 -2.74 -38.54 39.14
C PHE M 200 -3.31 -39.95 39.21
N ASN M 201 -4.34 -40.20 38.40
CA ASN M 201 -4.85 -41.56 38.20
C ASN M 201 -5.33 -41.70 36.76
N GLU M 202 -5.57 -42.95 36.33
CA GLU M 202 -6.14 -43.24 35.02
C GLU M 202 -7.44 -44.01 35.20
N MET M 203 -8.41 -43.74 34.33
CA MET M 203 -9.66 -44.47 34.35
C MET M 203 -10.18 -44.69 32.94
N TYR M 204 -10.94 -45.76 32.77
CA TYR M 204 -11.55 -46.06 31.50
C TYR M 204 -12.79 -45.19 31.31
N LEU M 205 -12.98 -44.73 30.06
CA LEU M 205 -14.10 -43.85 29.74
C LEU M 205 -15.44 -44.45 30.16
N ASP M 206 -15.64 -45.74 29.85
CA ASP M 206 -16.90 -46.38 30.20
C ASP M 206 -17.09 -46.45 31.72
N THR M 207 -16.02 -46.70 32.47
CA THR M 207 -16.14 -46.71 33.93
C THR M 207 -16.55 -45.34 34.45
N VAL M 208 -15.88 -44.30 33.95
CA VAL M 208 -16.19 -42.94 34.32
C VAL M 208 -17.67 -42.63 34.06
N CYS M 209 -18.16 -43.02 32.88
CA CYS M 209 -19.56 -42.78 32.55
C CYS M 209 -20.48 -43.46 33.56
N LEU M 210 -20.29 -44.75 33.80
CA LEU M 210 -21.14 -45.44 34.76
C LEU M 210 -20.97 -44.88 36.18
N ASN M 211 -19.80 -44.32 36.48
CA ASN M 211 -19.59 -43.82 37.82
C ASN M 211 -20.12 -42.41 37.96
N MET M 212 -20.01 -41.62 36.89
CA MET M 212 -20.47 -40.23 36.95
C MET M 212 -21.95 -40.17 37.30
N VAL M 213 -22.77 -40.98 36.63
CA VAL M 213 -24.20 -40.97 36.84
C VAL M 213 -24.59 -41.38 38.26
N GLN M 214 -23.72 -42.08 38.95
CA GLN M 214 -23.99 -42.65 40.27
C GLN M 214 -23.39 -41.87 41.42
N ASP M 215 -22.26 -41.24 41.22
CA ASP M 215 -21.65 -40.52 42.30
C ASP M 215 -20.61 -39.59 41.70
N PRO M 216 -21.01 -38.39 41.26
CA PRO M 216 -20.05 -37.49 40.61
C PRO M 216 -19.09 -36.84 41.55
N SER M 217 -19.34 -36.89 42.85
CA SER M 217 -18.41 -36.25 43.78
C SER M 217 -17.04 -36.89 43.74
N GLN M 218 -16.92 -38.10 43.20
CA GLN M 218 -15.63 -38.77 43.23
C GLN M 218 -14.61 -38.16 42.27
N PHE M 219 -15.03 -37.31 41.34
CA PHE M 219 -14.15 -36.80 40.29
C PHE M 219 -13.83 -35.33 40.53
N ASP M 220 -12.69 -34.92 39.97
CA ASP M 220 -12.10 -33.60 40.16
C ASP M 220 -11.79 -32.95 38.81
N VAL M 221 -10.55 -33.11 38.33
CA VAL M 221 -10.13 -32.62 37.03
C VAL M 221 -9.97 -33.82 36.11
N LEU M 222 -10.57 -33.76 34.94
CA LEU M 222 -10.56 -34.84 33.96
C LEU M 222 -9.91 -34.34 32.67
N VAL M 223 -8.86 -35.02 32.23
CA VAL M 223 -8.17 -34.76 30.96
C VAL M 223 -8.42 -35.95 30.03
N MET M 224 -8.59 -35.69 28.73
CA MET M 224 -9.01 -36.75 27.82
C MET M 224 -8.90 -36.28 26.38
N PRO M 225 -8.81 -37.20 25.44
CA PRO M 225 -8.86 -36.82 24.03
C PRO M 225 -10.24 -36.37 23.59
N ASN M 226 -10.31 -35.92 22.33
CA ASN M 226 -11.37 -35.03 21.85
C ASN M 226 -12.75 -35.63 22.02
N LEU M 227 -13.04 -36.75 21.35
CA LEU M 227 -14.41 -37.26 21.35
C LEU M 227 -14.89 -37.51 22.78
N TYR M 228 -14.03 -38.10 23.61
CA TYR M 228 -14.36 -38.36 25.00
C TYR M 228 -14.67 -37.08 25.76
N GLY M 229 -13.85 -36.03 25.55
CA GLY M 229 -14.11 -34.75 26.22
C GLY M 229 -15.35 -34.05 25.71
N ASP M 230 -15.54 -34.07 24.39
CA ASP M 230 -16.80 -33.62 23.82
C ASP M 230 -18.00 -34.30 24.50
N ILE M 231 -17.98 -35.63 24.62
CA ILE M 231 -19.12 -36.35 25.20
C ILE M 231 -19.21 -36.06 26.71
N LEU M 232 -18.09 -36.16 27.41
CA LEU M 232 -18.17 -36.13 28.87
C LEU M 232 -18.58 -34.75 29.40
N SER M 233 -18.11 -33.67 28.76
CA SER M 233 -18.46 -32.35 29.23
C SER M 233 -19.97 -32.11 29.17
N ASP M 234 -20.63 -32.60 28.12
CA ASP M 234 -22.08 -32.47 28.05
C ASP M 234 -22.76 -33.36 29.08
N LEU M 235 -22.19 -34.55 29.33
CA LEU M 235 -22.70 -35.41 30.39
C LEU M 235 -22.67 -34.69 31.74
N CYS M 236 -21.52 -34.10 32.08
CA CYS M 236 -21.37 -33.39 33.35
C CYS M 236 -22.27 -32.19 33.45
N ALA M 237 -22.50 -31.51 32.32
CA ALA M 237 -23.38 -30.35 32.34
C ALA M 237 -24.80 -30.77 32.69
N GLY M 238 -25.26 -31.90 32.14
CA GLY M 238 -26.57 -32.38 32.51
C GLY M 238 -26.74 -32.54 34.00
N LEU M 239 -25.66 -32.86 34.70
CA LEU M 239 -25.73 -33.01 36.16
C LEU M 239 -26.12 -31.71 36.84
N ILE M 240 -25.68 -30.57 36.33
CA ILE M 240 -25.90 -29.31 37.05
C ILE M 240 -26.98 -28.44 36.42
N GLY M 241 -27.78 -28.97 35.51
CA GLY M 241 -28.90 -28.24 34.97
C GLY M 241 -28.79 -27.79 33.53
N GLY M 242 -27.90 -28.38 32.73
CA GLY M 242 -27.89 -28.12 31.32
C GLY M 242 -26.97 -26.99 30.92
N LEU M 243 -27.04 -26.64 29.63
CA LEU M 243 -26.11 -25.70 29.02
C LEU M 243 -26.42 -24.24 29.32
N GLY M 244 -27.52 -23.96 30.04
CA GLY M 244 -27.80 -22.57 30.34
C GLY M 244 -27.03 -21.99 31.50
N VAL M 245 -26.37 -22.82 32.31
CA VAL M 245 -25.74 -22.39 33.56
C VAL M 245 -24.29 -22.85 33.60
N THR M 246 -23.74 -23.20 32.43
CA THR M 246 -22.44 -23.87 32.35
C THR M 246 -21.43 -23.00 31.63
N PRO M 247 -20.33 -22.61 32.27
CA PRO M 247 -19.30 -21.83 31.61
C PRO M 247 -18.42 -22.70 30.74
N SER M 248 -17.68 -22.04 29.88
CA SER M 248 -16.86 -22.73 28.89
C SER M 248 -15.76 -21.77 28.49
N GLY M 249 -14.60 -22.31 28.17
CA GLY M 249 -13.48 -21.50 27.71
C GLY M 249 -12.50 -22.31 26.91
N ASN M 250 -11.90 -21.71 25.89
CA ASN M 250 -11.08 -22.45 24.94
C ASN M 250 -9.73 -21.77 24.83
N ILE M 251 -8.73 -22.35 25.51
CA ILE M 251 -7.38 -21.80 25.51
C ILE M 251 -6.71 -22.12 24.20
N GLY M 252 -6.02 -21.13 23.62
CA GLY M 252 -5.27 -21.32 22.40
C GLY M 252 -3.87 -20.75 22.52
N ALA M 253 -3.17 -20.78 21.40
CA ALA M 253 -1.77 -20.41 21.33
C ALA M 253 -1.60 -18.90 21.34
N ASN M 254 -0.36 -18.46 21.61
CA ASN M 254 0.03 -17.05 21.59
C ASN M 254 -0.88 -16.20 22.49
N GLY M 255 -1.22 -16.71 23.68
CA GLY M 255 -1.96 -15.94 24.63
C GLY M 255 -3.45 -15.93 24.43
N VAL M 256 -3.93 -16.34 23.25
CA VAL M 256 -5.35 -16.23 22.90
C VAL M 256 -6.17 -17.22 23.72
N ALA M 257 -7.29 -16.75 24.26
CA ALA M 257 -8.32 -17.56 24.90
C ALA M 257 -9.68 -16.95 24.60
N ILE M 258 -10.66 -17.81 24.30
CA ILE M 258 -12.00 -17.37 23.95
C ILE M 258 -12.98 -18.08 24.84
N PHE M 259 -13.63 -17.33 25.72
CA PHE M 259 -14.60 -17.90 26.63
C PHE M 259 -16.00 -17.68 26.07
N GLU M 260 -16.85 -18.71 26.17
CA GLU M 260 -18.08 -18.75 25.39
C GLU M 260 -19.26 -19.20 26.25
N SER M 261 -20.45 -18.99 25.70
CA SER M 261 -21.63 -19.76 26.09
C SER M 261 -21.85 -20.83 25.03
N VAL M 262 -22.35 -21.98 25.47
CA VAL M 262 -22.53 -23.12 24.59
C VAL M 262 -23.98 -23.52 24.43
N HIS M 263 -24.91 -22.77 25.02
CA HIS M 263 -26.32 -22.91 24.69
C HIS M 263 -26.57 -22.31 23.30
N GLY M 264 -27.76 -22.54 22.79
CA GLY M 264 -28.12 -22.05 21.48
C GLY M 264 -28.58 -20.61 21.51
N THR M 265 -28.93 -20.09 20.32
CA THR M 265 -29.29 -18.69 20.19
C THR M 265 -30.67 -18.37 20.78
N ALA M 266 -31.55 -19.37 20.94
CA ALA M 266 -32.89 -19.17 21.47
C ALA M 266 -33.64 -17.99 20.83
N PRO M 267 -33.87 -18.05 19.51
CA PRO M 267 -34.41 -16.86 18.83
C PRO M 267 -35.89 -16.62 19.09
N ASP M 268 -36.66 -17.65 19.48
CA ASP M 268 -38.06 -17.43 19.84
C ASP M 268 -38.26 -16.45 21.00
N ILE M 269 -37.21 -16.05 21.71
CA ILE M 269 -37.33 -15.12 22.84
C ILE M 269 -36.30 -13.99 22.73
N ALA M 270 -35.62 -13.88 21.60
CA ALA M 270 -34.76 -12.73 21.38
C ALA M 270 -35.61 -11.47 21.20
N GLY M 271 -35.17 -10.38 21.85
CA GLY M 271 -35.79 -9.08 21.77
C GLY M 271 -36.78 -8.83 22.89
N LYS M 272 -37.15 -9.88 23.58
CA LYS M 272 -37.89 -9.73 24.81
C LYS M 272 -36.90 -9.67 25.92
N ASP M 273 -37.41 -9.65 27.13
CA ASP M 273 -36.40 -9.43 28.15
C ASP M 273 -36.40 -10.73 28.96
N MET M 274 -36.24 -11.89 28.31
CA MET M 274 -36.34 -13.18 29.00
C MET M 274 -35.08 -14.01 28.98
N ALA M 275 -34.05 -13.61 28.23
CA ALA M 275 -32.86 -14.45 28.06
C ALA M 275 -32.12 -14.60 29.38
N ASN M 276 -31.42 -15.71 29.53
CA ASN M 276 -30.76 -15.98 30.79
C ASN M 276 -29.26 -15.81 30.61
N PRO M 277 -28.64 -14.77 31.18
CA PRO M 277 -27.22 -14.52 30.94
C PRO M 277 -26.28 -15.26 31.88
N THR M 278 -26.82 -16.05 32.81
CA THR M 278 -25.98 -16.72 33.80
C THR M 278 -24.76 -17.36 33.17
N ALA M 279 -24.95 -18.09 32.07
CA ALA M 279 -23.87 -18.90 31.53
C ALA M 279 -22.78 -18.05 30.93
N LEU M 280 -23.13 -16.99 30.20
CA LEU M 280 -22.09 -16.11 29.67
C LEU M 280 -21.46 -15.23 30.74
N LEU M 281 -22.18 -14.93 31.83
CA LEU M 281 -21.57 -14.19 32.92
C LEU M 281 -20.52 -15.07 33.60
N LEU M 282 -20.91 -16.31 33.96
CA LEU M 282 -20.00 -17.30 34.53
C LEU M 282 -18.83 -17.63 33.59
N SER M 283 -19.00 -17.47 32.28
CA SER M 283 -17.84 -17.63 31.42
C SER M 283 -16.99 -16.38 31.40
N ALA M 284 -17.59 -15.22 31.63
CA ALA M 284 -16.76 -14.03 31.83
C ALA M 284 -16.08 -14.07 33.20
N VAL M 285 -16.75 -14.60 34.22
CA VAL M 285 -16.06 -14.88 35.48
C VAL M 285 -14.84 -15.75 35.23
N MET M 286 -14.98 -16.72 34.33
CA MET M 286 -13.84 -17.59 34.01
C MET M 286 -12.75 -16.82 33.31
N MET M 287 -13.12 -15.98 32.33
CA MET M 287 -12.13 -15.22 31.58
C MET M 287 -11.35 -14.28 32.51
N LEU M 288 -12.03 -13.67 33.48
CA LEU M 288 -11.34 -12.83 34.47
C LEU M 288 -10.21 -13.61 35.14
N ARG M 289 -10.57 -14.72 35.79
CA ARG M 289 -9.56 -15.57 36.43
C ARG M 289 -8.41 -15.93 35.49
N HIS M 290 -8.72 -16.24 34.23
CA HIS M 290 -7.66 -16.61 33.30
C HIS M 290 -6.68 -15.48 33.08
N MET M 291 -7.18 -14.23 33.12
CA MET M 291 -6.33 -13.06 32.95
C MET M 291 -5.64 -12.68 34.23
N GLY M 292 -6.07 -13.25 35.35
CA GLY M 292 -5.47 -13.01 36.65
C GLY M 292 -6.12 -11.95 37.53
N LEU M 293 -7.41 -11.63 37.30
CA LEU M 293 -8.17 -10.66 38.08
C LEU M 293 -9.13 -11.37 39.04
N PHE M 294 -8.48 -12.21 39.89
CA PHE M 294 -9.21 -12.99 40.88
C PHE M 294 -10.15 -12.12 41.70
N ASP M 295 -9.71 -10.90 42.01
CA ASP M 295 -10.41 -10.03 42.96
C ASP M 295 -11.85 -9.82 42.49
N HIS M 296 -12.00 -9.19 41.33
CA HIS M 296 -13.32 -8.98 40.73
C HIS M 296 -14.08 -10.27 40.54
N ALA M 297 -13.55 -11.16 39.70
CA ALA M 297 -14.21 -12.43 39.38
C ALA M 297 -14.93 -13.07 40.57
N ALA M 298 -14.33 -13.02 41.76
CA ALA M 298 -15.00 -13.62 42.93
C ALA M 298 -16.27 -12.88 43.30
N ARG M 299 -16.31 -11.57 43.03
CA ARG M 299 -17.48 -10.77 43.42
C ARG M 299 -18.63 -11.01 42.45
N ILE M 300 -18.34 -10.91 41.15
CA ILE M 300 -19.33 -11.24 40.12
C ILE M 300 -19.89 -12.64 40.36
N GLU M 301 -19.01 -13.61 40.53
CA GLU M 301 -19.45 -14.96 40.85
C GLU M 301 -20.36 -14.99 42.06
N ALA M 302 -19.94 -14.34 43.15
CA ALA M 302 -20.71 -14.41 44.40
C ALA M 302 -22.04 -13.73 44.25
N ALA M 303 -22.07 -12.57 43.57
CA ALA M 303 -23.31 -11.88 43.28
C ALA M 303 -24.29 -12.78 42.52
N CYS M 304 -23.87 -13.28 41.36
CA CYS M 304 -24.68 -14.20 40.56
C CYS M 304 -25.26 -15.33 41.41
N PHE M 305 -24.40 -16.08 42.11
CA PHE M 305 -24.91 -17.21 42.90
C PHE M 305 -25.90 -16.75 43.95
N ALA M 306 -25.67 -15.57 44.52
CA ALA M 306 -26.51 -15.07 45.59
C ALA M 306 -27.94 -14.89 45.11
N THR M 307 -28.10 -14.18 43.97
CA THR M 307 -29.39 -14.01 43.30
C THR M 307 -30.12 -15.33 43.08
N ILE M 308 -29.40 -16.36 42.64
CA ILE M 308 -30.04 -17.62 42.28
C ILE M 308 -30.54 -18.34 43.52
N LYS M 309 -29.79 -18.23 44.64
CA LYS M 309 -30.23 -18.87 45.88
C LYS M 309 -31.45 -18.18 46.46
N ASP M 310 -31.54 -16.85 46.27
CA ASP M 310 -32.73 -16.11 46.69
C ASP M 310 -33.95 -16.57 45.94
N GLY M 311 -33.87 -16.65 44.61
CA GLY M 311 -34.98 -17.04 43.77
C GLY M 311 -35.95 -15.94 43.43
N LYS M 312 -35.79 -14.73 44.00
CA LYS M 312 -36.72 -13.65 43.70
C LYS M 312 -36.80 -13.44 42.20
N SER M 313 -35.66 -13.29 41.55
CA SER M 313 -35.66 -12.93 40.14
C SER M 313 -35.01 -13.99 39.25
N LEU M 314 -35.54 -15.20 39.24
CA LEU M 314 -35.06 -16.19 38.29
C LEU M 314 -35.84 -16.12 36.98
N THR M 315 -35.15 -16.37 35.86
CA THR M 315 -35.71 -16.29 34.52
C THR M 315 -36.43 -17.59 34.16
N LYS M 316 -37.16 -17.55 33.04
CA LYS M 316 -38.21 -18.55 32.78
C LYS M 316 -37.63 -19.95 32.74
N ASP M 317 -36.39 -20.08 32.27
CA ASP M 317 -35.76 -21.39 32.15
C ASP M 317 -35.30 -21.95 33.48
N LEU M 318 -35.11 -21.10 34.49
CA LEU M 318 -34.77 -21.58 35.82
C LEU M 318 -36.01 -21.83 36.68
N GLY M 319 -37.20 -21.74 36.08
CA GLY M 319 -38.45 -21.90 36.79
C GLY M 319 -39.14 -20.60 37.18
N GLY M 320 -38.44 -19.46 37.12
CA GLY M 320 -39.02 -18.19 37.52
C GLY M 320 -39.92 -17.57 36.45
N ASN M 321 -40.41 -16.38 36.77
CA ASN M 321 -41.22 -15.57 35.85
C ASN M 321 -40.64 -14.15 35.87
N ALA M 322 -39.35 -14.07 35.57
CA ALA M 322 -38.68 -12.80 35.66
C ALA M 322 -37.95 -12.47 34.39
N LYS M 323 -37.57 -11.24 34.34
CA LYS M 323 -37.07 -10.77 33.08
C LYS M 323 -35.57 -10.63 33.23
N CYS M 324 -34.88 -10.63 32.11
CA CYS M 324 -33.43 -10.65 32.10
C CYS M 324 -32.83 -9.39 32.68
N SER M 325 -33.48 -8.24 32.49
CA SER M 325 -33.01 -7.01 33.12
C SER M 325 -33.22 -7.03 34.64
N ASP M 326 -34.36 -7.55 35.11
CA ASP M 326 -34.53 -7.74 36.54
C ASP M 326 -33.40 -8.58 37.11
N PHE M 327 -33.24 -9.80 36.57
CA PHE M 327 -32.12 -10.65 36.92
C PHE M 327 -30.82 -9.86 36.90
N THR M 328 -30.56 -9.17 35.79
CA THR M 328 -29.28 -8.47 35.67
C THR M 328 -29.10 -7.42 36.75
N GLU M 329 -30.15 -6.61 37.03
CA GLU M 329 -29.91 -5.53 38.00
C GLU M 329 -29.81 -6.06 39.43
N GLU M 330 -30.44 -7.20 39.76
CA GLU M 330 -30.22 -7.75 41.10
C GLU M 330 -28.75 -8.15 41.28
N ILE M 331 -28.18 -8.85 40.29
CA ILE M 331 -26.73 -9.07 40.29
C ILE M 331 -26.01 -7.74 40.43
N CYS M 332 -26.34 -6.78 39.56
CA CYS M 332 -25.70 -5.45 39.59
C CYS M 332 -25.91 -4.76 40.93
N ARG M 333 -27.15 -4.80 41.47
CA ARG M 333 -27.35 -4.40 42.85
C ARG M 333 -26.37 -5.12 43.76
N ARG M 334 -26.38 -6.47 43.72
CA ARG M 334 -25.85 -7.27 44.83
C ARG M 334 -24.36 -7.14 44.99
N VAL M 335 -23.68 -6.63 43.97
CA VAL M 335 -22.27 -6.36 44.17
C VAL M 335 -22.20 -4.96 44.79
N LYS M 336 -22.75 -4.88 46.02
CA LYS M 336 -22.65 -3.74 46.91
C LYS M 336 -21.29 -3.70 47.60
N ASP M 337 -20.58 -4.83 47.71
CA ASP M 337 -19.37 -4.95 48.55
C ASP M 337 -18.43 -6.06 48.06
N SER N 14 -36.08 -80.86 27.67
CA SER N 14 -34.87 -80.39 28.34
C SER N 14 -33.84 -79.84 27.33
N PHE N 15 -33.21 -78.72 27.67
CA PHE N 15 -32.59 -77.79 26.72
C PHE N 15 -31.11 -77.58 27.01
N PRO N 16 -30.21 -77.90 26.08
CA PRO N 16 -28.80 -77.62 26.30
C PRO N 16 -28.51 -76.14 26.12
N VAL N 17 -27.59 -75.61 26.93
CA VAL N 17 -27.21 -74.21 26.89
C VAL N 17 -25.72 -74.10 27.17
N THR N 18 -24.99 -73.46 26.27
CA THR N 18 -23.57 -73.24 26.48
C THR N 18 -23.36 -72.20 27.58
N MET N 19 -22.38 -72.46 28.45
CA MET N 19 -22.10 -71.56 29.57
C MET N 19 -20.62 -71.26 29.63
N LEU N 20 -20.25 -69.98 29.59
CA LEU N 20 -18.85 -69.56 29.66
C LEU N 20 -18.71 -68.63 30.86
N PRO N 21 -18.36 -69.16 32.03
CA PRO N 21 -18.34 -68.31 33.23
C PRO N 21 -17.29 -67.22 33.17
N GLY N 22 -16.28 -67.34 32.33
CA GLY N 22 -15.35 -66.24 32.24
C GLY N 22 -14.51 -66.06 33.50
N ASP N 23 -13.98 -64.86 33.65
CA ASP N 23 -13.03 -64.59 34.71
C ASP N 23 -13.60 -63.50 35.62
N GLY N 24 -12.87 -63.23 36.69
CA GLY N 24 -13.34 -62.29 37.69
C GLY N 24 -14.37 -62.94 38.57
N VAL N 25 -15.50 -62.26 38.74
CA VAL N 25 -16.60 -62.84 39.52
C VAL N 25 -17.50 -63.74 38.69
N GLY N 26 -17.21 -63.89 37.40
CA GLY N 26 -18.00 -64.72 36.51
C GLY N 26 -18.36 -66.09 37.07
N PRO N 27 -17.36 -66.93 37.36
CA PRO N 27 -17.68 -68.24 37.96
C PRO N 27 -18.67 -68.16 39.11
N GLU N 28 -18.61 -67.08 39.90
CA GLU N 28 -19.50 -66.96 41.05
C GLU N 28 -20.93 -66.64 40.64
N LEU N 29 -21.11 -65.76 39.65
CA LEU N 29 -22.45 -65.45 39.17
C LEU N 29 -23.08 -66.65 38.48
N MET N 30 -22.27 -67.41 37.74
CA MET N 30 -22.82 -68.58 37.10
C MET N 30 -23.24 -69.62 38.12
N HIS N 31 -22.51 -69.71 39.23
CA HIS N 31 -22.97 -70.62 40.29
C HIS N 31 -24.34 -70.23 40.79
N ALA N 32 -24.56 -68.93 40.99
CA ALA N 32 -25.86 -68.43 41.39
C ALA N 32 -26.94 -68.78 40.37
N VAL N 33 -26.62 -68.67 39.08
CA VAL N 33 -27.59 -69.06 38.06
C VAL N 33 -27.93 -70.54 38.20
N LYS N 34 -26.90 -71.38 38.35
CA LYS N 34 -27.15 -72.81 38.41
C LYS N 34 -28.02 -73.19 39.61
N GLU N 35 -27.84 -72.50 40.74
CA GLU N 35 -28.56 -72.84 41.97
C GLU N 35 -29.92 -72.18 42.09
N VAL N 36 -30.25 -71.21 41.24
CA VAL N 36 -31.62 -70.72 41.19
C VAL N 36 -32.44 -71.59 40.26
N PHE N 37 -31.88 -71.88 39.08
CA PHE N 37 -32.41 -72.90 38.18
C PHE N 37 -32.63 -74.23 38.90
N LYS N 38 -31.60 -74.72 39.60
CA LYS N 38 -31.69 -76.00 40.32
C LYS N 38 -32.79 -75.95 41.37
N ALA N 39 -33.08 -74.77 41.90
CA ALA N 39 -34.18 -74.61 42.84
C ALA N 39 -35.53 -74.59 42.16
N ALA N 40 -35.59 -74.13 40.92
CA ALA N 40 -36.83 -73.96 40.18
C ALA N 40 -37.13 -75.15 39.29
N ALA N 41 -36.28 -76.17 39.31
CA ALA N 41 -36.40 -77.31 38.40
C ALA N 41 -36.43 -76.82 36.95
N VAL N 42 -35.67 -75.76 36.67
CA VAL N 42 -35.60 -75.28 35.30
C VAL N 42 -35.01 -76.36 34.42
N PRO N 43 -35.64 -76.73 33.33
CA PRO N 43 -35.16 -77.84 32.49
C PRO N 43 -34.12 -77.40 31.47
N VAL N 44 -32.99 -76.89 31.94
CA VAL N 44 -31.85 -76.70 31.06
C VAL N 44 -30.65 -77.38 31.70
N GLU N 45 -29.70 -77.78 30.85
CA GLU N 45 -28.43 -78.36 31.30
C GLU N 45 -27.31 -77.60 30.60
N PHE N 46 -26.34 -77.14 31.38
CA PHE N 46 -25.28 -76.31 30.83
C PHE N 46 -24.10 -77.17 30.38
N GLN N 47 -23.48 -76.78 29.27
CA GLN N 47 -22.16 -77.27 28.89
C GLN N 47 -21.16 -76.16 29.22
N GLU N 48 -20.33 -76.37 30.25
CA GLU N 48 -19.33 -75.36 30.62
C GLU N 48 -18.08 -75.45 29.74
N HIS N 49 -17.65 -74.29 29.25
CA HIS N 49 -16.41 -74.11 28.49
C HIS N 49 -15.72 -72.90 29.11
N HIS N 50 -14.54 -73.10 29.66
CA HIS N 50 -13.82 -72.02 30.34
C HIS N 50 -12.57 -71.69 29.54
N LEU N 51 -12.64 -70.61 28.76
CA LEU N 51 -11.56 -70.18 27.89
C LEU N 51 -10.44 -69.51 28.70
N SER N 52 -9.28 -69.40 28.06
CA SER N 52 -8.13 -68.62 28.55
C SER N 52 -7.88 -68.67 30.06
N LYS N 62 -7.46 -74.43 19.05
CA LYS N 62 -8.21 -73.33 19.62
C LYS N 62 -9.55 -73.74 20.27
N LEU N 63 -10.29 -72.71 20.63
CA LEU N 63 -11.62 -72.77 21.27
C LEU N 63 -12.74 -72.94 20.25
N GLU N 64 -12.52 -73.80 19.26
CA GLU N 64 -13.57 -73.94 18.26
C GLU N 64 -14.70 -74.85 18.72
N GLN N 65 -14.61 -75.48 19.91
CA GLN N 65 -15.73 -76.27 20.44
C GLN N 65 -16.91 -75.37 20.79
N VAL N 66 -16.64 -74.17 21.30
CA VAL N 66 -17.69 -73.20 21.57
C VAL N 66 -18.55 -73.01 20.33
N LEU N 67 -17.91 -72.69 19.19
CA LEU N 67 -18.64 -72.54 17.93
C LEU N 67 -19.43 -73.80 17.59
N SER N 68 -18.79 -74.97 17.71
CA SER N 68 -19.47 -76.22 17.42
C SER N 68 -20.67 -76.44 18.35
N SER N 69 -20.44 -76.35 19.66
CA SER N 69 -21.54 -76.48 20.63
C SER N 69 -22.59 -75.38 20.41
N MET N 70 -22.14 -74.16 20.09
CA MET N 70 -23.10 -73.12 19.73
C MET N 70 -23.95 -73.55 18.54
N LYS N 71 -23.32 -74.16 17.52
CA LYS N 71 -24.09 -74.65 16.36
C LYS N 71 -25.15 -75.68 16.77
N GLU N 72 -24.94 -76.40 17.86
CA GLU N 72 -25.95 -77.36 18.31
C GLU N 72 -26.89 -76.76 19.37
N ASN N 73 -26.39 -75.91 20.27
CA ASN N 73 -27.25 -75.36 21.31
C ASN N 73 -28.02 -74.12 20.84
N LYS N 74 -27.37 -73.27 20.04
CA LYS N 74 -27.90 -72.03 19.46
C LYS N 74 -28.10 -70.91 20.50
N VAL N 75 -27.89 -71.17 21.80
CA VAL N 75 -28.03 -70.17 22.84
C VAL N 75 -26.95 -70.39 23.89
N ALA N 76 -26.55 -69.29 24.54
CA ALA N 76 -25.45 -69.35 25.49
C ALA N 76 -25.62 -68.26 26.54
N ILE N 77 -24.92 -68.42 27.66
CA ILE N 77 -24.89 -67.43 28.73
C ILE N 77 -23.42 -67.27 29.15
N ILE N 78 -22.90 -66.04 29.12
CA ILE N 78 -21.46 -65.84 29.22
C ILE N 78 -21.08 -64.75 30.21
N GLY N 79 -19.91 -64.90 30.82
CA GLY N 79 -19.33 -63.91 31.69
C GLY N 79 -18.45 -62.93 30.97
N LYS N 80 -17.47 -62.41 31.70
CA LYS N 80 -16.53 -61.47 31.14
C LYS N 80 -15.33 -62.21 30.61
N ILE N 81 -14.77 -61.65 29.57
CA ILE N 81 -13.69 -62.32 28.91
C ILE N 81 -12.39 -62.58 29.69
N ASP N 95 -15.23 -59.80 24.11
CA ASP N 95 -13.99 -60.24 23.44
C ASP N 95 -14.33 -60.68 22.02
N MET N 96 -13.79 -59.89 21.11
CA MET N 96 -14.27 -59.88 19.76
C MET N 96 -13.84 -61.12 18.96
N ARG N 97 -12.76 -61.83 19.35
CA ARG N 97 -12.45 -63.09 18.68
C ARG N 97 -13.61 -64.08 18.79
N LEU N 98 -14.36 -64.00 19.89
CA LEU N 98 -15.55 -64.83 20.09
C LEU N 98 -16.73 -64.30 19.25
N ARG N 99 -17.02 -63.01 19.34
CA ARG N 99 -18.20 -62.46 18.67
C ARG N 99 -18.10 -62.57 17.16
N ARG N 100 -16.89 -62.41 16.60
CA ARG N 100 -16.70 -62.58 15.17
C ARG N 100 -17.03 -64.00 14.73
N LYS N 101 -16.52 -65.00 15.48
CA LYS N 101 -16.78 -66.39 15.11
C LYS N 101 -18.29 -66.67 15.07
N LEU N 102 -19.02 -66.18 16.07
CA LEU N 102 -20.46 -66.42 16.20
C LEU N 102 -21.33 -65.36 15.51
N ASP N 103 -20.72 -64.34 14.89
CA ASP N 103 -21.43 -63.23 14.22
C ASP N 103 -22.41 -62.54 15.16
N LEU N 104 -21.99 -62.35 16.42
CA LEU N 104 -22.84 -61.71 17.43
C LEU N 104 -22.83 -60.20 17.19
N PHE N 105 -23.50 -59.80 16.10
CA PHE N 105 -23.40 -58.44 15.60
C PHE N 105 -24.26 -57.48 16.41
N ALA N 106 -25.37 -57.95 16.98
CA ALA N 106 -26.31 -57.07 17.65
C ALA N 106 -26.19 -57.28 19.15
N ASN N 107 -26.00 -56.18 19.89
CA ASN N 107 -26.06 -56.18 21.34
C ASN N 107 -27.27 -55.39 21.79
N VAL N 108 -27.98 -55.90 22.79
CA VAL N 108 -29.19 -55.30 23.33
C VAL N 108 -29.07 -55.21 24.86
N VAL N 109 -29.33 -54.04 25.41
CA VAL N 109 -29.21 -53.84 26.86
C VAL N 109 -30.50 -53.20 27.37
N HIS N 110 -31.15 -53.86 28.33
CA HIS N 110 -32.41 -53.40 28.88
C HIS N 110 -32.14 -52.54 30.11
N VAL N 111 -32.44 -51.24 30.00
CA VAL N 111 -32.23 -50.29 31.09
C VAL N 111 -33.57 -50.03 31.78
N LYS N 112 -33.88 -50.81 32.83
CA LYS N 112 -35.20 -50.78 33.44
C LYS N 112 -35.08 -50.68 34.96
N SER N 113 -35.73 -49.69 35.53
CA SER N 113 -35.67 -49.50 36.97
C SER N 113 -36.25 -50.70 37.70
N LEU N 114 -35.71 -50.99 38.88
CA LEU N 114 -36.21 -52.10 39.67
C LEU N 114 -37.03 -51.58 40.84
N PRO N 115 -38.33 -51.87 40.87
CA PRO N 115 -39.24 -51.30 41.88
C PRO N 115 -38.68 -51.04 43.28
N GLY N 116 -37.96 -51.97 43.89
CA GLY N 116 -37.45 -51.69 45.23
C GLY N 116 -36.18 -50.85 45.29
N TYR N 117 -35.36 -50.88 44.24
CA TYR N 117 -33.98 -50.40 44.28
C TYR N 117 -33.96 -48.97 43.74
N MET N 118 -34.08 -48.01 44.65
CA MET N 118 -34.42 -46.64 44.28
C MET N 118 -33.17 -45.85 43.96
N THR N 119 -33.16 -45.22 42.78
CA THR N 119 -32.04 -44.45 42.25
C THR N 119 -32.49 -43.01 42.01
N ARG N 120 -31.81 -42.28 41.14
CA ARG N 120 -32.28 -40.95 40.80
C ARG N 120 -33.14 -40.91 39.53
N HIS N 121 -33.41 -42.05 38.89
CA HIS N 121 -34.38 -42.11 37.78
C HIS N 121 -35.18 -43.40 37.89
N ASN N 122 -36.22 -43.36 38.71
CA ASN N 122 -37.04 -44.55 38.86
C ASN N 122 -38.12 -44.58 37.78
N ASN N 123 -38.79 -45.73 37.66
CA ASN N 123 -39.82 -45.95 36.64
C ASN N 123 -39.29 -45.62 35.24
N LEU N 124 -38.12 -46.16 34.92
CA LEU N 124 -37.48 -45.92 33.63
C LEU N 124 -37.39 -47.23 32.84
N ASP N 125 -37.43 -47.13 31.52
CA ASP N 125 -37.51 -48.34 30.70
C ASP N 125 -36.99 -48.04 29.29
N LEU N 126 -35.68 -48.19 29.10
CA LEU N 126 -35.06 -47.99 27.81
C LEU N 126 -34.37 -49.27 27.35
N VAL N 127 -34.08 -49.30 26.06
CA VAL N 127 -33.40 -50.42 25.41
C VAL N 127 -32.27 -49.84 24.59
N ILE N 128 -31.02 -50.28 24.87
CA ILE N 128 -29.88 -49.94 24.02
C ILE N 128 -29.65 -51.04 23.01
N ILE N 129 -29.55 -50.68 21.73
CA ILE N 129 -29.19 -51.59 20.65
C ILE N 129 -27.89 -51.12 20.05
N ARG N 130 -26.86 -51.95 20.10
CA ARG N 130 -25.51 -51.53 19.72
C ARG N 130 -24.93 -52.46 18.68
N GLU N 131 -24.31 -51.89 17.65
CA GLU N 131 -23.53 -52.67 16.69
C GLU N 131 -22.20 -53.09 17.32
N GLN N 132 -21.86 -54.38 17.24
CA GLN N 132 -20.76 -54.94 18.03
C GLN N 132 -19.57 -55.46 17.24
N THR N 133 -19.50 -55.25 15.91
CA THR N 133 -18.43 -55.85 15.14
C THR N 133 -17.49 -54.85 14.47
N GLU N 134 -17.93 -53.61 14.24
CA GLU N 134 -17.20 -52.61 13.47
C GLU N 134 -16.52 -51.61 14.42
N GLY N 135 -16.19 -50.45 13.90
CA GLY N 135 -15.70 -49.36 14.71
C GLY N 135 -14.20 -49.42 14.92
N GLU N 136 -13.79 -48.81 16.04
CA GLU N 136 -12.40 -48.78 16.50
C GLU N 136 -11.97 -50.08 17.14
N TYR N 137 -12.83 -51.08 17.14
CA TYR N 137 -12.59 -52.29 17.91
C TYR N 137 -11.83 -53.34 17.11
N SER N 138 -11.46 -53.05 15.87
CA SER N 138 -10.79 -54.06 15.06
C SER N 138 -9.29 -53.87 15.03
N SER N 139 -8.73 -53.06 15.92
CA SER N 139 -7.29 -52.96 16.14
C SER N 139 -6.49 -52.35 14.98
N LEU N 140 -7.11 -51.55 14.10
CA LEU N 140 -6.40 -51.02 12.93
C LEU N 140 -5.64 -49.75 13.32
N GLU N 141 -4.41 -49.92 13.78
CA GLU N 141 -3.61 -48.78 14.22
C GLU N 141 -2.18 -48.91 13.72
N HIS N 142 -1.51 -47.77 13.56
CA HIS N 142 -0.13 -47.75 13.09
C HIS N 142 0.48 -46.37 13.38
N GLU N 143 1.81 -46.33 13.33
CA GLU N 143 2.60 -45.11 13.40
C GLU N 143 2.90 -44.58 11.98
N SER N 144 2.44 -43.35 11.66
CA SER N 144 2.77 -42.71 10.37
C SER N 144 4.10 -42.00 10.41
N ALA N 145 4.46 -41.51 11.58
CA ALA N 145 5.73 -40.86 11.86
C ALA N 145 5.93 -41.01 13.36
N ARG N 146 7.12 -40.63 13.83
CA ARG N 146 7.36 -40.82 15.26
C ARG N 146 6.46 -39.88 16.03
N GLY N 147 5.71 -40.45 16.97
CA GLY N 147 4.78 -39.72 17.79
C GLY N 147 3.41 -39.49 17.18
N VAL N 148 3.16 -40.00 15.97
CA VAL N 148 1.89 -39.81 15.29
C VAL N 148 1.25 -41.17 15.11
N ILE N 149 0.14 -41.43 15.81
CA ILE N 149 -0.54 -42.72 15.73
C ILE N 149 -1.87 -42.53 15.04
N GLU N 150 -2.13 -43.36 14.02
CA GLU N 150 -3.40 -43.41 13.33
C GLU N 150 -4.22 -44.59 13.82
N CYS N 151 -5.53 -44.42 13.91
CA CYS N 151 -6.44 -45.48 14.32
C CYS N 151 -7.70 -45.41 13.47
N LEU N 152 -8.03 -46.50 12.77
CA LEU N 152 -9.14 -46.49 11.81
C LEU N 152 -10.40 -46.96 12.51
N LYS N 153 -11.47 -46.19 12.36
CA LYS N 153 -12.81 -46.63 12.75
C LYS N 153 -13.51 -46.96 11.45
N ILE N 154 -14.04 -48.18 11.36
CA ILE N 154 -14.65 -48.67 10.14
C ILE N 154 -16.17 -48.64 10.31
N VAL N 155 -16.87 -48.05 9.32
CA VAL N 155 -18.32 -48.14 9.22
C VAL N 155 -18.68 -48.62 7.81
N THR N 156 -19.56 -49.61 7.73
CA THR N 156 -20.00 -50.15 6.44
C THR N 156 -21.51 -50.15 6.40
N ARG N 157 -22.08 -50.05 5.18
CA ARG N 157 -23.54 -50.05 5.10
C ARG N 157 -24.12 -51.44 5.38
N ALA N 158 -23.37 -52.51 5.09
CA ALA N 158 -23.80 -53.86 5.49
C ALA N 158 -24.23 -53.89 6.95
N LYS N 159 -23.29 -53.60 7.87
CA LYS N 159 -23.57 -53.72 9.29
C LYS N 159 -24.47 -52.61 9.79
N SER N 160 -24.46 -51.45 9.13
CA SER N 160 -25.38 -50.41 9.56
C SER N 160 -26.81 -50.66 9.11
N GLN N 161 -27.03 -51.38 8.00
CA GLN N 161 -28.41 -51.74 7.69
C GLN N 161 -28.87 -52.89 8.58
N ARG N 162 -27.98 -53.84 8.81
CA ARG N 162 -28.31 -54.96 9.66
C ARG N 162 -28.68 -54.51 11.07
N ILE N 163 -27.93 -53.55 11.62
CA ILE N 163 -28.22 -53.16 12.99
C ILE N 163 -29.47 -52.28 13.05
N ALA N 164 -29.74 -51.52 12.00
CA ALA N 164 -30.97 -50.73 12.01
C ALA N 164 -32.21 -51.62 11.84
N LYS N 165 -32.16 -52.60 10.93
CA LYS N 165 -33.29 -53.51 10.79
C LYS N 165 -33.53 -54.25 12.10
N PHE N 166 -32.44 -54.70 12.75
CA PHE N 166 -32.60 -55.32 14.05
C PHE N 166 -33.27 -54.37 15.04
N ALA N 167 -32.74 -53.15 15.15
CA ALA N 167 -33.33 -52.17 16.06
C ALA N 167 -34.81 -51.96 15.76
N PHE N 168 -35.19 -51.99 14.48
CA PHE N 168 -36.58 -51.76 14.16
C PHE N 168 -37.41 -53.03 14.37
N ASP N 169 -36.95 -54.17 13.84
CA ASP N 169 -37.56 -55.45 14.17
C ASP N 169 -37.69 -55.60 15.69
N TYR N 170 -36.72 -55.09 16.46
CA TYR N 170 -36.79 -55.18 17.91
C TYR N 170 -37.98 -54.37 18.43
N ALA N 171 -38.09 -53.11 18.03
CA ALA N 171 -39.21 -52.30 18.51
C ALA N 171 -40.54 -52.98 18.20
N THR N 172 -40.71 -53.49 16.96
CA THR N 172 -41.97 -54.13 16.58
C THR N 172 -42.22 -55.40 17.38
N LYS N 173 -41.24 -56.30 17.38
CA LYS N 173 -41.39 -57.58 18.09
C LYS N 173 -41.71 -57.35 19.57
N LYS N 174 -41.09 -56.34 20.16
CA LYS N 174 -41.24 -56.09 21.59
C LYS N 174 -42.27 -55.02 21.90
N GLY N 175 -42.96 -54.49 20.89
CA GLY N 175 -44.05 -53.58 21.17
C GLY N 175 -43.69 -52.21 21.69
N ARG N 176 -42.52 -51.68 21.30
CA ARG N 176 -42.08 -50.34 21.63
C ARG N 176 -42.55 -49.37 20.52
N GLY N 177 -42.33 -48.08 20.70
CA GLY N 177 -42.88 -47.13 19.76
C GLY N 177 -41.94 -46.13 19.10
N LYS N 178 -40.68 -46.06 19.52
CA LYS N 178 -39.78 -45.06 18.98
C LYS N 178 -38.34 -45.59 18.94
N VAL N 179 -37.65 -45.31 17.83
CA VAL N 179 -36.24 -45.65 17.65
C VAL N 179 -35.47 -44.35 17.45
N THR N 180 -34.38 -44.17 18.20
CA THR N 180 -33.56 -42.96 18.16
C THR N 180 -32.16 -43.32 17.71
N ALA N 181 -31.72 -42.75 16.61
CA ALA N 181 -30.41 -43.06 16.06
C ALA N 181 -29.41 -42.06 16.62
N VAL N 182 -28.36 -42.56 17.27
CA VAL N 182 -27.35 -41.72 17.89
C VAL N 182 -26.07 -41.76 17.05
N HIS N 183 -25.43 -40.61 16.89
CA HIS N 183 -24.35 -40.50 15.92
C HIS N 183 -23.56 -39.22 16.23
N LYS N 184 -22.44 -39.06 15.51
CA LYS N 184 -21.71 -37.78 15.45
C LYS N 184 -21.46 -37.43 13.99
N ALA N 185 -22.54 -37.47 13.20
CA ALA N 185 -22.44 -37.30 11.76
C ALA N 185 -22.04 -35.89 11.35
N ASN N 186 -22.22 -34.90 12.22
CA ASN N 186 -21.82 -33.52 11.92
C ASN N 186 -20.31 -33.35 11.85
N ILE N 187 -19.51 -34.22 12.45
CA ILE N 187 -18.06 -34.15 12.34
C ILE N 187 -17.50 -35.29 11.50
N MET N 188 -17.91 -36.53 11.80
CA MET N 188 -17.52 -37.66 10.95
C MET N 188 -18.61 -37.85 9.88
N LYS N 189 -18.57 -36.97 8.88
CA LYS N 189 -19.65 -36.87 7.91
C LYS N 189 -19.82 -38.17 7.12
N LEU N 190 -18.76 -38.63 6.47
CA LEU N 190 -18.76 -39.99 5.94
C LEU N 190 -18.72 -41.00 7.08
N GLY N 191 -19.48 -42.06 6.95
CA GLY N 191 -19.29 -43.09 7.98
C GLY N 191 -20.27 -42.97 9.11
N ASP N 192 -20.16 -41.95 9.95
CA ASP N 192 -21.27 -41.72 10.86
C ASP N 192 -22.50 -41.26 10.07
N GLY N 193 -22.28 -40.43 9.04
CA GLY N 193 -23.36 -40.14 8.12
C GLY N 193 -23.86 -41.37 7.40
N LEU N 194 -22.93 -42.23 6.94
CA LEU N 194 -23.30 -43.51 6.36
C LEU N 194 -24.18 -44.31 7.30
N PHE N 195 -23.79 -44.39 8.58
CA PHE N 195 -24.60 -45.10 9.55
C PHE N 195 -25.97 -44.46 9.66
N LEU N 196 -26.03 -43.12 9.69
CA LEU N 196 -27.32 -42.43 9.79
C LEU N 196 -28.18 -42.67 8.55
N GLN N 197 -27.56 -42.74 7.38
CA GLN N 197 -28.36 -42.88 6.17
C GLN N 197 -29.03 -44.24 6.13
N CYS N 198 -28.34 -45.29 6.59
CA CYS N 198 -28.96 -46.60 6.61
C CYS N 198 -30.14 -46.65 7.58
N CYS N 199 -30.02 -45.95 8.71
CA CYS N 199 -31.08 -45.94 9.72
C CYS N 199 -32.33 -45.27 9.16
N GLU N 200 -32.16 -44.13 8.49
CA GLU N 200 -33.28 -43.43 7.90
C GLU N 200 -33.95 -44.27 6.80
N GLU N 201 -33.15 -45.09 6.10
CA GLU N 201 -33.70 -45.95 5.05
C GLU N 201 -34.53 -47.08 5.64
N VAL N 202 -34.08 -47.66 6.76
CA VAL N 202 -34.87 -48.69 7.41
C VAL N 202 -36.10 -48.09 8.07
N ALA N 203 -35.97 -46.86 8.60
CA ALA N 203 -37.07 -46.22 9.32
C ALA N 203 -38.33 -46.08 8.47
N GLU N 204 -38.19 -46.09 7.14
CA GLU N 204 -39.31 -45.91 6.24
C GLU N 204 -40.10 -47.18 6.02
N LEU N 205 -39.44 -48.33 6.15
CA LEU N 205 -40.13 -49.61 6.08
C LEU N 205 -40.98 -49.88 7.31
N TYR N 206 -40.79 -49.14 8.40
CA TYR N 206 -41.52 -49.34 9.65
C TYR N 206 -42.26 -48.05 10.00
N PRO N 207 -43.24 -47.67 9.20
CA PRO N 207 -43.95 -46.41 9.48
C PRO N 207 -44.64 -46.44 10.81
N LYS N 208 -45.03 -47.63 11.31
CA LYS N 208 -45.70 -47.71 12.60
C LYS N 208 -44.81 -47.18 13.73
N ILE N 209 -43.50 -47.11 13.52
CA ILE N 209 -42.53 -46.81 14.56
C ILE N 209 -41.92 -45.44 14.33
N LYS N 210 -42.03 -44.58 15.34
CA LYS N 210 -41.51 -43.22 15.28
C LYS N 210 -40.00 -43.27 15.20
N PHE N 211 -39.41 -42.47 14.32
CA PHE N 211 -37.96 -42.46 14.14
C PHE N 211 -37.38 -41.08 14.42
N GLU N 212 -36.40 -41.02 15.33
CA GLU N 212 -35.74 -39.77 15.68
C GLU N 212 -34.23 -39.92 15.54
N THR N 213 -33.52 -38.80 15.68
CA THR N 213 -32.06 -38.79 15.63
C THR N 213 -31.54 -37.81 16.67
N MET N 214 -30.40 -38.14 17.29
CA MET N 214 -29.79 -37.27 18.28
C MET N 214 -28.27 -37.42 18.24
N ILE N 215 -27.56 -36.30 18.47
CA ILE N 215 -26.09 -36.29 18.47
C ILE N 215 -25.56 -36.83 19.79
N ILE N 216 -24.45 -37.59 19.72
CA ILE N 216 -24.06 -38.49 20.82
C ILE N 216 -23.87 -37.70 22.10
N ASP N 217 -23.10 -36.60 22.05
CA ASP N 217 -22.81 -35.88 23.28
C ASP N 217 -24.08 -35.28 23.86
N ASN N 218 -24.92 -34.68 23.00
CA ASN N 218 -26.22 -34.22 23.49
C ASN N 218 -27.01 -35.36 24.12
N CYS N 219 -26.93 -36.55 23.54
CA CYS N 219 -27.68 -37.69 24.05
C CYS N 219 -27.32 -37.95 25.50
N CYS N 220 -26.02 -38.07 25.75
CA CYS N 220 -25.48 -38.29 27.08
C CYS N 220 -26.09 -37.29 28.08
N MET N 221 -26.10 -35.99 27.74
CA MET N 221 -26.70 -34.98 28.62
C MET N 221 -28.19 -35.24 28.80
N GLN N 222 -28.91 -35.43 27.70
CA GLN N 222 -30.32 -35.74 27.80
C GLN N 222 -30.54 -36.98 28.67
N LEU N 223 -29.57 -37.90 28.72
CA LEU N 223 -29.82 -39.13 29.45
C LEU N 223 -29.80 -38.91 30.95
N VAL N 224 -29.12 -37.86 31.44
CA VAL N 224 -29.10 -37.63 32.89
C VAL N 224 -30.16 -36.62 33.28
N GLN N 225 -30.52 -35.73 32.35
CA GLN N 225 -31.55 -34.75 32.65
C GLN N 225 -32.93 -35.40 32.58
N ASN N 226 -33.18 -36.15 31.51
CA ASN N 226 -34.52 -36.64 31.20
C ASN N 226 -34.41 -37.83 30.26
N PRO N 227 -33.91 -38.97 30.76
CA PRO N 227 -33.83 -40.18 29.93
C PRO N 227 -35.20 -40.74 29.56
N TYR N 228 -36.28 -40.19 30.13
CA TYR N 228 -37.62 -40.70 29.83
C TYR N 228 -38.02 -40.44 28.39
N GLN N 229 -37.42 -39.45 27.74
CA GLN N 229 -37.76 -39.12 26.37
C GLN N 229 -37.38 -40.20 25.37
N PHE N 230 -36.60 -41.19 25.78
CA PHE N 230 -36.14 -42.22 24.86
C PHE N 230 -36.94 -43.50 25.02
N ASP N 231 -36.88 -44.32 23.98
CA ASP N 231 -37.55 -45.60 23.95
C ASP N 231 -36.47 -46.62 23.60
N VAL N 232 -36.23 -46.82 22.31
CA VAL N 232 -35.15 -47.66 21.82
C VAL N 232 -34.14 -46.78 21.12
N LEU N 233 -32.85 -47.05 21.37
CA LEU N 233 -31.76 -46.30 20.78
C LEU N 233 -30.80 -47.25 20.10
N VAL N 234 -30.50 -46.99 18.82
CA VAL N 234 -29.53 -47.77 18.05
C VAL N 234 -28.32 -46.88 17.75
N MET N 235 -27.13 -47.48 17.69
CA MET N 235 -25.90 -46.71 17.56
C MET N 235 -24.77 -47.65 17.19
N PRO N 236 -23.66 -47.13 16.64
CA PRO N 236 -22.49 -48.01 16.44
C PRO N 236 -21.73 -48.29 17.73
N ASN N 237 -20.53 -48.86 17.58
CA ASN N 237 -19.91 -49.57 18.68
C ASN N 237 -19.56 -48.67 19.85
N LEU N 238 -18.62 -47.76 19.64
CA LEU N 238 -18.07 -46.96 20.73
C LEU N 238 -19.16 -46.16 21.45
N TYR N 239 -20.15 -45.63 20.70
CA TYR N 239 -21.22 -44.88 21.36
C TYR N 239 -22.10 -45.82 22.19
N GLY N 240 -22.31 -47.05 21.72
CA GLY N 240 -23.02 -48.00 22.54
C GLY N 240 -22.27 -48.38 23.79
N ASN N 241 -20.92 -48.43 23.71
CA ASN N 241 -20.12 -48.70 24.91
C ASN N 241 -20.33 -47.61 25.94
N ILE N 242 -20.29 -46.34 25.51
CA ILE N 242 -20.60 -45.23 26.40
C ILE N 242 -21.99 -45.39 26.99
N ILE N 243 -23.01 -45.44 26.15
CA ILE N 243 -24.36 -45.32 26.67
C ILE N 243 -24.76 -46.55 27.46
N ASP N 244 -24.27 -47.73 27.06
CA ASP N 244 -24.48 -48.94 27.86
C ASP N 244 -24.15 -48.64 29.32
N ASN N 245 -22.94 -48.14 29.56
CA ASN N 245 -22.53 -47.94 30.94
C ASN N 245 -23.14 -46.66 31.53
N LEU N 246 -23.38 -45.63 30.72
CA LEU N 246 -24.13 -44.48 31.21
C LEU N 246 -25.51 -44.88 31.70
N ALA N 247 -26.31 -45.52 30.83
CA ALA N 247 -27.69 -45.80 31.21
C ALA N 247 -27.77 -46.84 32.31
N ALA N 248 -26.85 -47.81 32.31
CA ALA N 248 -26.77 -48.73 33.45
C ALA N 248 -26.65 -47.96 34.75
N GLY N 249 -25.83 -46.90 34.76
CA GLY N 249 -25.70 -46.04 35.93
C GLY N 249 -27.02 -45.43 36.37
N LEU N 250 -27.98 -45.36 35.47
CA LEU N 250 -29.22 -44.68 35.77
C LEU N 250 -30.09 -45.48 36.72
N VAL N 251 -30.11 -46.80 36.55
CA VAL N 251 -31.09 -47.66 37.21
C VAL N 251 -30.47 -48.52 38.30
N GLY N 252 -29.16 -48.45 38.51
CA GLY N 252 -28.58 -49.23 39.60
C GLY N 252 -27.19 -49.82 39.39
N GLY N 253 -26.65 -49.70 38.18
CA GLY N 253 -25.27 -50.06 37.92
C GLY N 253 -25.08 -51.48 37.41
N ALA N 254 -23.79 -51.86 37.37
CA ALA N 254 -23.38 -53.11 36.75
C ALA N 254 -23.92 -54.34 37.47
N GLY N 255 -24.37 -54.21 38.71
CA GLY N 255 -24.90 -55.39 39.38
C GLY N 255 -26.30 -55.79 38.96
N VAL N 256 -27.00 -54.99 38.16
CA VAL N 256 -28.43 -55.24 38.02
C VAL N 256 -28.95 -55.13 36.59
N VAL N 257 -28.09 -54.89 35.61
CA VAL N 257 -28.52 -54.58 34.25
C VAL N 257 -28.19 -55.75 33.33
N PRO N 258 -29.19 -56.43 32.75
CA PRO N 258 -28.91 -57.53 31.82
C PRO N 258 -28.73 -57.10 30.37
N GLY N 259 -27.96 -57.91 29.64
CA GLY N 259 -27.82 -57.73 28.20
C GLY N 259 -27.94 -59.04 27.45
N GLU N 260 -27.98 -58.92 26.12
CA GLU N 260 -27.83 -60.11 25.29
C GLU N 260 -27.35 -59.70 23.91
N SER N 261 -26.54 -60.56 23.30
CA SER N 261 -26.08 -60.35 21.94
C SER N 261 -26.66 -61.43 21.03
N TYR N 262 -27.12 -61.01 19.86
CA TYR N 262 -27.78 -61.90 18.92
C TYR N 262 -26.93 -62.10 17.66
N SER N 263 -27.19 -63.24 17.00
CA SER N 263 -26.73 -63.53 15.65
C SER N 263 -27.97 -63.84 14.81
N ALA N 264 -27.82 -64.33 13.58
CA ALA N 264 -29.02 -64.80 12.89
C ALA N 264 -29.48 -66.13 13.48
N GLU N 265 -28.54 -66.94 13.94
CA GLU N 265 -28.82 -68.22 14.58
C GLU N 265 -28.76 -68.16 16.11
N TYR N 266 -27.92 -67.28 16.67
CA TYR N 266 -27.45 -67.46 18.03
C TYR N 266 -28.02 -66.41 18.99
N ALA N 267 -27.93 -66.71 20.27
CA ALA N 267 -28.40 -65.79 21.29
C ALA N 267 -27.50 -65.99 22.51
N VAL N 268 -26.90 -64.90 22.96
CA VAL N 268 -25.91 -64.94 24.02
C VAL N 268 -26.33 -63.97 25.11
N PHE N 269 -26.37 -64.42 26.36
CA PHE N 269 -26.95 -63.61 27.42
C PHE N 269 -25.88 -63.27 28.42
N GLU N 270 -25.71 -61.98 28.68
CA GLU N 270 -24.60 -61.50 29.48
C GLU N 270 -25.07 -60.35 30.35
N THR N 271 -24.12 -59.62 30.91
CA THR N 271 -24.43 -58.41 31.64
C THR N 271 -24.21 -57.21 30.72
N GLY N 272 -25.01 -56.17 30.93
CA GLY N 272 -25.04 -55.05 30.00
C GLY N 272 -23.87 -54.11 30.19
N ALA N 273 -23.52 -53.82 31.44
CA ALA N 273 -22.42 -52.91 31.70
C ALA N 273 -21.15 -53.73 31.69
N ARG N 274 -20.39 -53.63 30.60
CA ARG N 274 -19.23 -54.51 30.38
C ARG N 274 -17.91 -53.78 30.51
N HIS N 275 -17.91 -52.59 31.13
CA HIS N 275 -16.67 -51.86 31.34
C HIS N 275 -15.73 -52.68 32.23
N PRO N 276 -14.41 -52.42 32.15
CA PRO N 276 -13.44 -53.32 32.81
C PRO N 276 -13.62 -53.51 34.32
N PHE N 277 -14.07 -52.51 35.06
CA PHE N 277 -14.23 -52.66 36.51
C PHE N 277 -15.66 -53.04 36.90
N ALA N 278 -16.42 -53.65 36.00
CA ALA N 278 -17.74 -54.15 36.33
C ALA N 278 -17.62 -55.37 37.26
N GLN N 279 -18.13 -55.21 38.48
CA GLN N 279 -17.99 -56.20 39.56
C GLN N 279 -16.59 -56.81 39.65
N ALA N 280 -15.57 -56.04 39.30
CA ALA N 280 -14.19 -56.44 39.61
C ALA N 280 -13.99 -56.22 41.11
N VAL N 281 -14.49 -57.20 41.88
CA VAL N 281 -14.53 -57.13 43.33
C VAL N 281 -14.21 -58.51 43.90
N GLY N 282 -14.18 -58.61 45.24
CA GLY N 282 -13.72 -59.82 45.89
C GLY N 282 -14.78 -60.91 45.95
N ARG N 283 -14.40 -62.01 46.59
CA ARG N 283 -15.27 -63.18 46.65
C ARG N 283 -16.51 -62.89 47.50
N ASN N 284 -17.64 -63.39 47.00
CA ASN N 284 -18.91 -63.47 47.74
C ASN N 284 -19.50 -62.09 48.04
N ILE N 285 -19.24 -61.07 47.23
CA ILE N 285 -19.90 -59.80 47.43
C ILE N 285 -20.59 -59.28 46.17
N ALA N 286 -20.45 -59.95 45.03
CA ALA N 286 -21.06 -59.46 43.80
C ALA N 286 -22.58 -59.58 43.83
N ASN N 287 -23.21 -58.89 42.90
CA ASN N 287 -24.65 -58.94 42.76
C ASN N 287 -25.03 -59.89 41.63
N PRO N 288 -25.74 -60.99 41.91
CA PRO N 288 -26.23 -61.88 40.87
C PRO N 288 -27.51 -61.41 40.18
N THR N 289 -28.00 -60.21 40.50
CA THR N 289 -29.23 -59.72 39.88
C THR N 289 -29.11 -59.67 38.36
N ALA N 290 -28.08 -58.95 37.88
CA ALA N 290 -27.90 -58.75 36.45
C ALA N 290 -27.80 -60.08 35.73
N MET N 291 -27.00 -61.01 36.26
CA MET N 291 -26.89 -62.31 35.60
C MET N 291 -28.20 -63.10 35.70
N LEU N 292 -28.90 -63.01 36.84
CA LEU N 292 -30.10 -63.83 37.03
C LEU N 292 -31.23 -63.38 36.12
N LEU N 293 -31.43 -62.07 36.00
CA LEU N 293 -32.47 -61.58 35.10
C LEU N 293 -32.14 -61.93 33.65
N SER N 294 -30.87 -61.78 33.27
CA SER N 294 -30.45 -62.18 31.92
C SER N 294 -30.70 -63.67 31.69
N ALA N 295 -30.44 -64.51 32.70
CA ALA N 295 -30.82 -65.92 32.59
C ALA N 295 -32.33 -66.09 32.42
N SER N 296 -33.14 -65.26 33.09
CA SER N 296 -34.60 -65.35 32.90
C SER N 296 -34.98 -64.88 31.50
N ASN N 297 -34.29 -63.86 31.02
CA ASN N 297 -34.40 -63.47 29.63
C ASN N 297 -34.13 -64.66 28.73
N MET N 298 -32.94 -65.25 28.89
CA MET N 298 -32.58 -66.46 28.15
C MET N 298 -33.70 -67.50 28.20
N LEU N 299 -34.37 -67.65 29.36
CA LEU N 299 -35.45 -68.64 29.44
C LEU N 299 -36.63 -68.24 28.56
N ARG N 300 -36.94 -66.93 28.48
CA ARG N 300 -38.00 -66.51 27.57
C ARG N 300 -37.63 -66.85 26.13
N HIS N 301 -36.35 -66.68 25.81
CA HIS N 301 -35.89 -67.00 24.46
C HIS N 301 -36.05 -68.49 24.14
N LEU N 302 -35.79 -69.35 25.13
CA LEU N 302 -35.96 -70.79 24.95
C LEU N 302 -37.42 -71.24 24.99
N ASN N 303 -38.37 -70.31 25.19
CA ASN N 303 -39.80 -70.58 25.28
C ASN N 303 -40.18 -71.34 26.55
N LEU N 304 -39.33 -71.30 27.57
CA LEU N 304 -39.71 -71.76 28.91
C LEU N 304 -40.30 -70.58 29.68
N GLU N 305 -41.55 -70.24 29.33
CA GLU N 305 -42.13 -69.00 29.84
C GLU N 305 -42.43 -69.08 31.32
N TYR N 306 -42.90 -70.24 31.79
CA TYR N 306 -43.23 -70.32 33.21
C TYR N 306 -42.00 -70.07 34.05
N HIS N 307 -40.95 -70.86 33.80
CA HIS N 307 -39.70 -70.70 34.54
C HIS N 307 -39.06 -69.34 34.32
N SER N 308 -39.24 -68.72 33.15
CA SER N 308 -38.66 -67.39 32.93
C SER N 308 -39.25 -66.36 33.89
N SER N 309 -40.56 -66.40 34.10
CA SER N 309 -41.19 -65.40 34.93
C SER N 309 -41.22 -65.76 36.40
N MET N 310 -41.18 -67.05 36.72
CA MET N 310 -41.00 -67.43 38.12
C MET N 310 -39.70 -66.87 38.65
N ILE N 311 -38.57 -67.17 37.99
CA ILE N 311 -37.32 -66.71 38.57
C ILE N 311 -37.12 -65.21 38.34
N ALA N 312 -37.82 -64.59 37.40
CA ALA N 312 -37.62 -63.15 37.25
C ALA N 312 -38.45 -62.38 38.27
N ASP N 313 -39.73 -62.73 38.43
CA ASP N 313 -40.52 -62.13 39.51
C ASP N 313 -39.89 -62.42 40.87
N ALA N 314 -39.20 -63.55 41.00
CA ALA N 314 -38.46 -63.85 42.22
C ALA N 314 -37.42 -62.77 42.51
N VAL N 315 -36.54 -62.50 41.53
CA VAL N 315 -35.50 -61.50 41.73
C VAL N 315 -36.09 -60.16 42.13
N LYS N 316 -37.14 -59.74 41.42
CA LYS N 316 -37.66 -58.41 41.67
C LYS N 316 -38.37 -58.35 43.01
N LYS N 317 -38.97 -59.45 43.48
CA LYS N 317 -39.63 -59.39 44.78
C LYS N 317 -38.62 -59.28 45.91
N VAL N 318 -37.60 -60.15 45.90
CA VAL N 318 -36.57 -60.09 46.94
C VAL N 318 -35.98 -58.70 47.03
N ILE N 319 -35.70 -58.10 45.88
CA ILE N 319 -35.15 -56.75 45.88
C ILE N 319 -36.16 -55.75 46.44
N LYS N 320 -37.44 -55.92 46.09
CA LYS N 320 -38.46 -54.97 46.52
C LYS N 320 -38.67 -55.02 48.03
N VAL N 321 -38.78 -56.22 48.60
CA VAL N 321 -39.02 -56.34 50.04
C VAL N 321 -37.87 -55.72 50.82
N GLY N 322 -36.64 -55.90 50.35
CA GLY N 322 -35.51 -55.21 50.96
C GLY N 322 -34.92 -55.87 52.18
N LYS N 323 -35.37 -57.09 52.52
CA LYS N 323 -34.71 -57.83 53.59
C LYS N 323 -33.26 -58.13 53.21
N VAL N 324 -33.04 -58.68 52.03
CA VAL N 324 -31.72 -59.08 51.56
C VAL N 324 -31.32 -58.19 50.39
N ARG N 325 -30.15 -57.56 50.51
CA ARG N 325 -29.61 -56.69 49.48
C ARG N 325 -28.09 -56.69 49.59
N THR N 326 -27.43 -56.82 48.46
CA THR N 326 -25.98 -56.84 48.36
C THR N 326 -25.43 -55.42 48.51
N SER N 327 -24.11 -55.33 48.75
CA SER N 327 -23.49 -54.05 49.06
C SER N 327 -23.73 -53.01 47.97
N ASP N 328 -23.81 -53.43 46.70
CA ASP N 328 -23.94 -52.46 45.61
C ASP N 328 -25.31 -51.77 45.60
N MET N 329 -26.30 -52.27 46.37
CA MET N 329 -27.64 -51.69 46.47
C MET N 329 -27.92 -51.21 47.88
N GLY N 330 -26.86 -50.84 48.61
CA GLY N 330 -26.98 -50.34 49.96
C GLY N 330 -27.08 -51.38 51.05
N GLY N 331 -27.51 -52.60 50.76
CA GLY N 331 -27.61 -53.61 51.79
C GLY N 331 -26.24 -54.12 52.23
N TYR N 332 -26.30 -55.17 53.07
CA TYR N 332 -25.12 -55.76 53.68
C TYR N 332 -24.96 -57.25 53.37
N ALA N 333 -25.76 -57.81 52.46
CA ALA N 333 -25.74 -59.24 52.21
C ALA N 333 -24.59 -59.66 51.31
N THR N 334 -24.11 -60.89 51.52
CA THR N 334 -23.19 -61.55 50.60
C THR N 334 -23.91 -62.04 49.37
N CYS N 335 -23.15 -62.19 48.28
CA CYS N 335 -23.65 -62.87 47.07
C CYS N 335 -24.43 -64.12 47.44
N HIS N 336 -23.87 -64.95 48.32
CA HIS N 336 -24.50 -66.25 48.60
C HIS N 336 -25.80 -66.08 49.38
N ASP N 337 -25.86 -65.14 50.32
CA ASP N 337 -27.11 -64.92 51.04
C ASP N 337 -28.19 -64.41 50.11
N PHE N 338 -27.80 -63.62 49.11
CA PHE N 338 -28.79 -63.07 48.20
C PHE N 338 -29.32 -64.14 47.26
N THR N 339 -28.45 -65.03 46.76
CA THR N 339 -29.00 -66.06 45.88
C THR N 339 -29.81 -67.07 46.68
N GLU N 340 -29.45 -67.33 47.94
CA GLU N 340 -30.25 -68.32 48.69
C GLU N 340 -31.59 -67.76 49.09
N GLU N 341 -31.71 -66.43 49.22
CA GLU N 341 -33.04 -65.84 49.37
C GLU N 341 -33.83 -65.83 48.05
N ILE N 342 -33.14 -65.71 46.91
CA ILE N 342 -33.87 -65.88 45.65
C ILE N 342 -34.40 -67.32 45.48
N CYS N 343 -33.57 -68.33 45.84
CA CYS N 343 -34.02 -69.73 45.76
C CYS N 343 -35.16 -70.02 46.71
N ARG N 344 -35.12 -69.44 47.91
CA ARG N 344 -36.20 -69.63 48.86
C ARG N 344 -37.51 -69.15 48.29
N ARG N 345 -37.50 -68.01 47.56
CA ARG N 345 -38.76 -67.48 47.03
C ARG N 345 -39.25 -68.26 45.82
N VAL N 346 -38.35 -68.75 44.94
CA VAL N 346 -38.81 -69.58 43.81
C VAL N 346 -39.30 -70.93 44.31
N LYS N 347 -38.48 -71.62 45.10
CA LYS N 347 -38.89 -72.93 45.62
C LYS N 347 -40.24 -72.84 46.32
N ASP N 348 -40.53 -71.71 46.97
CA ASP N 348 -41.84 -71.55 47.59
C ASP N 348 -42.92 -71.21 46.57
N LEU N 349 -42.57 -70.68 45.40
CA LEU N 349 -43.54 -70.51 44.31
C LEU N 349 -43.78 -71.84 43.58
N ASP N 350 -44.26 -72.82 44.33
CA ASP N 350 -44.89 -74.02 43.79
C ASP N 350 -45.96 -74.48 44.78
N GLU N 351 -46.82 -73.53 45.17
CA GLU N 351 -47.97 -73.78 46.02
C GLU N 351 -48.98 -72.62 45.94
N GLY O 3 45.80 -40.22 5.64
CA GLY O 3 46.57 -41.28 4.98
C GLY O 3 45.73 -42.35 4.29
N VAL O 4 46.05 -43.62 4.58
CA VAL O 4 45.28 -44.75 4.07
C VAL O 4 43.87 -44.75 4.67
N GLN O 5 42.91 -45.32 3.94
CA GLN O 5 41.58 -45.65 4.46
C GLN O 5 41.43 -47.17 4.52
N THR O 6 40.61 -47.64 5.47
CA THR O 6 40.35 -49.06 5.64
C THR O 6 38.85 -49.35 5.58
N VAL O 7 38.49 -50.35 4.78
CA VAL O 7 37.13 -50.51 4.29
C VAL O 7 36.55 -51.85 4.76
N THR O 8 35.30 -51.84 5.26
CA THR O 8 34.69 -53.09 5.70
C THR O 8 34.27 -53.94 4.51
N LEU O 9 34.70 -55.21 4.49
CA LEU O 9 34.48 -56.09 3.34
C LEU O 9 33.57 -57.27 3.71
N ILE O 10 32.31 -57.21 3.27
CA ILE O 10 31.36 -58.30 3.44
C ILE O 10 31.32 -59.18 2.20
N PRO O 11 32.04 -60.31 2.16
CA PRO O 11 32.09 -61.10 0.91
C PRO O 11 30.84 -61.89 0.63
N GLY O 12 30.07 -62.23 1.66
CA GLY O 12 28.87 -63.03 1.47
C GLY O 12 29.16 -64.45 0.96
N ASP O 13 28.06 -65.12 0.57
CA ASP O 13 28.07 -66.54 0.22
C ASP O 13 28.11 -66.80 -1.28
N GLY O 14 28.06 -68.08 -1.63
CA GLY O 14 28.13 -68.51 -3.00
C GLY O 14 29.45 -68.23 -3.69
N ILE O 15 29.40 -67.39 -4.74
CA ILE O 15 30.61 -66.99 -5.43
C ILE O 15 31.28 -65.80 -4.75
N GLY O 16 30.62 -65.20 -3.76
CA GLY O 16 31.10 -64.04 -3.05
C GLY O 16 32.57 -64.07 -2.66
N PRO O 17 33.03 -65.17 -2.04
CA PRO O 17 34.47 -65.24 -1.69
C PRO O 17 35.36 -65.07 -2.91
N GLU O 18 35.16 -65.92 -3.92
CA GLU O 18 35.97 -65.84 -5.13
C GLU O 18 35.96 -64.44 -5.69
N ILE O 19 34.78 -63.88 -5.95
CA ILE O 19 34.71 -62.61 -6.66
C ILE O 19 35.23 -61.51 -5.79
N SER O 20 35.10 -61.66 -4.47
CA SER O 20 35.71 -60.70 -3.56
C SER O 20 37.24 -60.83 -3.57
N ALA O 21 37.76 -62.06 -3.52
CA ALA O 21 39.19 -62.28 -3.70
C ALA O 21 39.69 -61.74 -5.03
N ALA O 22 38.91 -61.87 -6.10
CA ALA O 22 39.23 -61.16 -7.33
C ALA O 22 39.44 -59.68 -7.06
N VAL O 23 38.36 -58.95 -6.68
CA VAL O 23 38.44 -57.50 -6.42
C VAL O 23 39.66 -57.16 -5.57
N MET O 24 39.89 -57.93 -4.51
CA MET O 24 41.09 -57.77 -3.68
C MET O 24 42.37 -57.85 -4.50
N LYS O 25 42.59 -58.98 -5.17
CA LYS O 25 43.74 -59.12 -6.08
C LYS O 25 43.85 -57.92 -7.04
N ILE O 26 42.75 -57.52 -7.70
CA ILE O 26 42.78 -56.35 -8.61
C ILE O 26 43.25 -55.11 -7.88
N PHE O 27 42.55 -54.75 -6.79
CA PHE O 27 42.88 -53.56 -6.03
C PHE O 27 44.35 -53.60 -5.56
N ASP O 28 44.82 -54.82 -5.29
CA ASP O 28 46.20 -55.06 -4.79
C ASP O 28 47.22 -54.88 -5.91
N ALA O 29 46.85 -55.24 -7.13
CA ALA O 29 47.77 -55.09 -8.28
C ALA O 29 47.69 -53.67 -8.81
N ALA O 30 46.69 -52.91 -8.42
CA ALA O 30 46.65 -51.50 -8.86
C ALA O 30 47.17 -50.62 -7.73
N LYS O 31 47.73 -51.24 -6.69
CA LYS O 31 48.31 -50.57 -5.51
C LYS O 31 47.29 -49.59 -4.95
N ALA O 32 46.06 -50.03 -4.73
CA ALA O 32 45.09 -49.07 -4.19
C ALA O 32 45.40 -48.82 -2.72
N PRO O 33 45.12 -47.63 -2.20
CA PRO O 33 45.37 -47.33 -0.79
C PRO O 33 44.21 -47.79 0.11
N ILE O 34 43.91 -49.07 0.12
CA ILE O 34 42.78 -49.60 0.93
C ILE O 34 43.13 -51.01 1.35
N GLN O 35 42.85 -51.37 2.61
CA GLN O 35 43.03 -52.77 3.05
C GLN O 35 41.67 -53.26 3.57
N TRP O 36 41.49 -54.56 3.60
CA TRP O 36 40.22 -55.22 3.87
C TRP O 36 40.12 -55.73 5.30
N GLU O 37 38.91 -55.59 5.84
CA GLU O 37 38.54 -56.11 7.17
C GLU O 37 37.29 -57.00 6.97
N GLU O 38 37.56 -58.26 6.68
CA GLU O 38 36.48 -59.20 6.38
C GLU O 38 35.53 -59.37 7.54
N ARG O 39 34.25 -59.21 7.26
CA ARG O 39 33.18 -59.29 8.26
C ARG O 39 32.08 -60.16 7.68
N ASN O 40 31.04 -60.39 8.50
CA ASN O 40 29.92 -61.22 8.14
C ASN O 40 28.63 -60.60 8.65
N VAL O 41 27.61 -60.51 7.79
CA VAL O 41 26.34 -59.88 8.15
C VAL O 41 25.20 -60.87 8.28
N THR O 42 25.37 -62.11 7.85
CA THR O 42 24.25 -63.06 7.86
C THR O 42 23.67 -63.11 9.27
N ALA O 43 22.36 -62.87 9.35
CA ALA O 43 21.76 -62.46 10.62
C ALA O 43 21.76 -63.60 11.64
N ILE O 44 21.69 -63.23 12.90
CA ILE O 44 21.64 -64.18 13.99
C ILE O 44 20.42 -63.87 14.84
N GLN O 45 20.02 -64.87 15.63
CA GLN O 45 18.86 -64.77 16.50
C GLN O 45 19.25 -64.05 17.78
N GLY O 46 18.64 -62.90 18.03
CA GLY O 46 18.91 -62.14 19.22
C GLY O 46 17.94 -62.46 20.33
N PRO O 47 17.78 -61.53 21.27
CA PRO O 47 16.76 -61.70 22.30
C PRO O 47 15.36 -61.87 21.70
N GLY O 48 14.70 -62.95 22.10
CA GLY O 48 13.32 -63.15 21.72
C GLY O 48 13.11 -63.68 20.33
N GLY O 49 14.17 -64.15 19.67
CA GLY O 49 14.11 -64.58 18.29
C GLY O 49 14.33 -63.48 17.28
N LYS O 50 14.34 -62.21 17.71
CA LYS O 50 14.53 -61.03 16.88
C LYS O 50 15.85 -61.12 16.09
N TRP O 51 15.73 -61.34 14.79
CA TRP O 51 16.92 -61.39 13.94
C TRP O 51 17.63 -60.05 13.92
N MET O 52 18.96 -60.09 13.87
CA MET O 52 19.75 -58.87 13.94
C MET O 52 21.09 -59.11 13.28
N ILE O 53 21.76 -58.01 12.98
CA ILE O 53 23.10 -57.99 12.38
C ILE O 53 24.13 -58.09 13.50
N PRO O 54 25.12 -58.97 13.37
CA PRO O 54 26.08 -59.16 14.46
C PRO O 54 26.89 -57.91 14.79
N SER O 55 27.34 -57.86 16.05
CA SER O 55 27.90 -56.63 16.61
C SER O 55 29.19 -56.24 15.90
N GLU O 56 30.06 -57.21 15.64
CA GLU O 56 31.33 -56.89 14.99
C GLU O 56 31.16 -56.30 13.61
N ALA O 57 29.98 -56.47 13.00
CA ALA O 57 29.70 -55.89 11.70
C ALA O 57 29.19 -54.46 11.86
N LYS O 58 28.25 -54.25 12.80
CA LYS O 58 27.73 -52.92 13.05
C LYS O 58 28.85 -51.98 13.50
N GLU O 59 29.82 -52.50 14.27
CA GLU O 59 30.87 -51.65 14.80
C GLU O 59 31.87 -51.28 13.72
N SER O 60 32.27 -52.27 12.92
CA SER O 60 33.24 -52.00 11.88
C SER O 60 32.67 -51.07 10.82
N MET O 61 31.38 -51.20 10.52
CA MET O 61 30.78 -50.28 9.57
C MET O 61 30.78 -48.86 10.12
N ASP O 62 30.43 -48.70 11.41
CA ASP O 62 30.44 -47.37 12.05
C ASP O 62 31.84 -46.78 12.11
N LYS O 63 32.87 -47.61 12.05
CA LYS O 63 34.26 -47.15 12.15
C LYS O 63 34.74 -46.60 10.80
N ASN O 64 34.85 -47.50 9.82
CA ASN O 64 35.27 -47.18 8.46
C ASN O 64 34.24 -46.37 7.68
N LYS O 65 32.97 -46.39 8.08
CA LYS O 65 31.91 -45.69 7.36
C LYS O 65 31.70 -46.30 5.96
N MET O 66 32.75 -46.81 5.31
CA MET O 66 32.67 -47.34 3.96
C MET O 66 32.71 -48.87 3.99
N GLY O 67 31.68 -49.51 3.41
CA GLY O 67 31.69 -50.95 3.27
C GLY O 67 31.46 -51.37 1.83
N LEU O 68 31.82 -52.63 1.53
CA LEU O 68 31.68 -53.23 0.20
C LEU O 68 31.13 -54.66 0.28
N LYS O 69 29.85 -54.84 -0.10
CA LYS O 69 29.06 -56.05 0.18
C LYS O 69 28.95 -56.96 -1.04
N GLY O 70 29.09 -58.26 -0.81
CA GLY O 70 28.90 -59.26 -1.84
C GLY O 70 27.49 -59.81 -1.83
N PRO O 71 27.23 -60.80 -2.68
CA PRO O 71 25.85 -61.29 -2.84
C PRO O 71 25.45 -62.25 -1.72
N LEU O 72 24.28 -62.01 -1.13
CA LEU O 72 23.89 -62.71 0.10
C LEU O 72 22.95 -63.88 -0.16
N LYS O 73 23.13 -64.96 0.60
CA LYS O 73 22.19 -66.06 0.60
C LYS O 73 20.78 -65.60 0.97
N THR O 74 19.78 -66.35 0.51
CA THR O 74 18.41 -65.96 0.87
C THR O 74 17.96 -66.66 2.13
N PRO O 75 17.52 -65.92 3.15
CA PRO O 75 17.19 -66.57 4.42
C PRO O 75 16.06 -67.58 4.24
N ILE O 76 16.06 -68.59 5.10
CA ILE O 76 15.11 -69.69 4.98
C ILE O 76 13.91 -69.54 5.91
N ALA O 77 14.14 -69.16 7.18
CA ALA O 77 13.05 -69.10 8.16
C ALA O 77 11.92 -68.19 7.69
N ALA O 78 10.69 -68.49 8.14
CA ALA O 78 9.56 -67.65 7.77
C ALA O 78 9.69 -66.29 8.46
N GLY O 79 9.90 -66.29 9.78
CA GLY O 79 10.00 -65.03 10.49
C GLY O 79 11.24 -64.23 10.16
N HIS O 80 12.16 -64.78 9.36
CA HIS O 80 13.37 -64.07 9.02
C HIS O 80 13.02 -62.90 8.14
N PRO O 81 13.30 -61.67 8.55
CA PRO O 81 13.10 -60.53 7.66
C PRO O 81 14.12 -60.53 6.55
N SER O 82 13.92 -59.62 5.59
CA SER O 82 14.86 -59.49 4.50
C SER O 82 16.21 -59.01 5.03
N MET O 83 17.30 -59.55 4.46
CA MET O 83 18.62 -59.00 4.78
C MET O 83 18.73 -57.55 4.36
N ASN O 84 18.11 -57.18 3.23
CA ASN O 84 18.00 -55.79 2.85
C ASN O 84 17.40 -54.97 3.99
N LEU O 85 16.23 -55.38 4.49
CA LEU O 85 15.54 -54.61 5.51
C LEU O 85 16.34 -54.52 6.80
N LEU O 86 16.98 -55.62 7.19
CA LEU O 86 17.83 -55.60 8.38
C LEU O 86 18.98 -54.63 8.21
N LEU O 87 19.70 -54.73 7.09
CA LEU O 87 20.82 -53.82 6.83
C LEU O 87 20.35 -52.37 6.76
N ARG O 88 19.25 -52.13 6.04
CA ARG O 88 18.78 -50.76 5.79
C ARG O 88 18.36 -50.08 7.09
N LYS O 89 17.62 -50.79 7.94
CA LYS O 89 17.21 -50.18 9.20
C LYS O 89 18.39 -50.00 10.14
N THR O 90 19.29 -50.99 10.20
CA THR O 90 20.48 -50.93 11.04
C THR O 90 21.32 -49.70 10.78
N PHE O 91 21.60 -49.39 9.50
CA PHE O 91 22.49 -48.30 9.10
C PHE O 91 21.76 -47.06 8.58
N ASP O 92 20.42 -47.09 8.55
CA ASP O 92 19.64 -46.02 7.93
C ASP O 92 20.11 -45.76 6.50
N LEU O 93 20.33 -46.83 5.75
CA LEU O 93 20.51 -46.72 4.31
C LEU O 93 19.26 -46.14 3.67
N TYR O 94 19.30 -44.84 3.33
CA TYR O 94 18.15 -44.12 2.79
C TYR O 94 18.20 -43.88 1.30
N ALA O 95 19.33 -44.18 0.64
CA ALA O 95 19.51 -43.90 -0.77
C ALA O 95 20.11 -45.13 -1.46
N ASN O 96 19.35 -45.72 -2.40
CA ASN O 96 19.83 -46.77 -3.29
C ASN O 96 20.28 -46.15 -4.61
N VAL O 97 21.59 -46.07 -4.79
CA VAL O 97 22.22 -45.44 -5.93
C VAL O 97 22.68 -46.54 -6.87
N ARG O 98 22.20 -46.52 -8.10
CA ARG O 98 22.63 -47.48 -9.12
C ARG O 98 23.01 -46.81 -10.43
N PRO O 99 24.30 -46.77 -10.78
CA PRO O 99 24.72 -46.11 -12.03
C PRO O 99 24.84 -47.09 -13.18
N CYS O 100 23.93 -47.00 -14.16
CA CYS O 100 23.86 -47.97 -15.25
C CYS O 100 24.42 -47.37 -16.53
N VAL O 101 25.44 -48.02 -17.09
CA VAL O 101 26.22 -47.49 -18.19
C VAL O 101 26.44 -48.57 -19.23
N SER O 102 26.13 -48.28 -20.48
CA SER O 102 26.31 -49.27 -21.54
C SER O 102 27.79 -49.64 -21.61
N ILE O 103 28.07 -50.91 -21.87
CA ILE O 103 29.41 -51.44 -21.68
C ILE O 103 29.98 -51.87 -23.03
N GLU O 104 31.01 -51.14 -23.50
CA GLU O 104 31.41 -51.14 -24.91
C GLU O 104 31.76 -52.54 -25.40
N GLY O 105 32.23 -53.41 -24.53
CA GLY O 105 32.39 -54.75 -25.02
C GLY O 105 31.15 -55.60 -24.99
N TYR O 106 30.01 -55.04 -24.61
CA TYR O 106 28.83 -55.83 -24.25
C TYR O 106 27.59 -55.23 -24.91
N LYS O 107 27.13 -55.86 -25.99
CA LYS O 107 26.09 -55.26 -26.83
C LYS O 107 24.70 -55.75 -26.42
N THR O 108 23.82 -54.79 -26.22
CA THR O 108 22.39 -54.92 -26.00
C THR O 108 21.74 -54.12 -27.11
N PRO O 109 20.45 -54.27 -27.34
CA PRO O 109 19.75 -53.34 -28.24
C PRO O 109 19.86 -51.87 -27.81
N TYR O 110 20.58 -51.61 -26.73
CA TYR O 110 20.78 -50.27 -26.19
C TYR O 110 22.27 -49.99 -26.07
N THR O 111 22.72 -48.81 -26.50
CA THR O 111 24.15 -48.49 -26.47
C THR O 111 24.50 -47.08 -26.00
N ASP O 112 23.53 -46.17 -25.94
CA ASP O 112 23.78 -44.78 -25.54
C ASP O 112 23.36 -44.51 -24.09
N VAL O 113 23.57 -45.48 -23.18
CA VAL O 113 22.96 -45.47 -21.84
C VAL O 113 23.97 -44.97 -20.81
N ASN O 114 23.60 -43.92 -20.10
CA ASN O 114 24.42 -43.58 -18.94
C ASN O 114 23.50 -42.93 -17.92
N ILE O 115 22.86 -43.78 -17.11
CA ILE O 115 21.84 -43.37 -16.15
C ILE O 115 22.25 -43.76 -14.74
N VAL O 116 22.05 -42.85 -13.80
CA VAL O 116 22.13 -43.20 -12.39
C VAL O 116 20.75 -43.01 -11.78
N THR O 117 20.14 -44.10 -11.34
CA THR O 117 18.88 -44.04 -10.60
C THR O 117 19.21 -43.87 -9.13
N ILE O 118 18.75 -42.78 -8.52
CA ILE O 118 18.80 -42.70 -7.06
C ILE O 118 17.39 -42.85 -6.51
N ARG O 119 17.23 -43.89 -5.71
CA ARG O 119 15.96 -44.34 -5.18
C ARG O 119 15.88 -44.00 -3.71
N GLU O 120 14.86 -43.22 -3.32
CA GLU O 120 14.55 -43.10 -1.90
C GLU O 120 14.29 -44.50 -1.36
N ASN O 121 14.69 -44.75 -0.11
CA ASN O 121 14.80 -46.14 0.32
C ASN O 121 14.25 -46.41 1.71
N THR O 122 13.29 -45.62 2.19
CA THR O 122 12.78 -45.79 3.55
C THR O 122 11.27 -45.69 3.67
N GLU O 123 10.57 -45.12 2.69
CA GLU O 123 9.15 -44.95 2.85
C GLU O 123 8.41 -45.34 1.57
N GLY O 124 7.44 -44.53 1.19
CA GLY O 124 6.69 -44.83 0.00
C GLY O 124 5.81 -46.04 0.22
N GLU O 125 5.68 -46.84 -0.85
CA GLU O 125 4.81 -48.02 -0.73
C GLU O 125 5.43 -49.14 0.13
N TYR O 126 6.58 -48.91 0.76
CA TYR O 126 7.29 -49.90 1.57
C TYR O 126 7.27 -49.49 3.03
N SER O 127 6.14 -48.93 3.47
CA SER O 127 6.01 -48.47 4.84
C SER O 127 6.08 -49.63 5.82
N GLY O 128 5.62 -50.79 5.40
CA GLY O 128 5.33 -51.85 6.33
C GLY O 128 3.95 -51.79 6.90
N ILE O 129 3.12 -50.86 6.46
CA ILE O 129 1.82 -50.58 7.06
C ILE O 129 0.72 -51.00 6.08
N GLU O 130 0.02 -52.09 6.41
CA GLU O 130 -1.20 -52.49 5.71
C GLU O 130 -2.27 -52.89 6.73
N HIS O 131 -3.54 -52.78 6.35
CA HIS O 131 -4.65 -53.15 7.22
C HIS O 131 -5.69 -53.97 6.46
N VAL O 132 -6.24 -54.98 7.13
CA VAL O 132 -7.47 -55.63 6.66
C VAL O 132 -8.63 -54.77 7.13
N ILE O 133 -9.26 -54.05 6.20
CA ILE O 133 -10.30 -53.07 6.55
C ILE O 133 -11.58 -53.79 6.95
N VAL O 134 -12.21 -54.47 6.00
CA VAL O 134 -13.23 -55.46 6.29
C VAL O 134 -12.68 -56.76 5.74
N ASP O 135 -13.45 -57.83 5.79
CA ASP O 135 -12.92 -59.08 5.27
C ASP O 135 -12.82 -59.00 3.74
N GLY O 136 -11.63 -59.28 3.20
CA GLY O 136 -11.44 -59.23 1.76
C GLY O 136 -11.29 -57.86 1.16
N VAL O 137 -10.95 -56.86 1.98
CA VAL O 137 -10.54 -55.54 1.51
C VAL O 137 -9.28 -55.16 2.26
N VAL O 138 -8.13 -55.19 1.59
CA VAL O 138 -6.87 -54.81 2.22
C VAL O 138 -6.51 -53.38 1.75
N ALA O 139 -6.03 -52.58 2.69
CA ALA O 139 -5.46 -51.26 2.46
C ALA O 139 -3.99 -51.29 3.01
N SER O 140 -3.17 -50.58 2.30
CA SER O 140 -1.69 -50.71 2.10
C SER O 140 -1.24 -49.27 2.04
N ILE O 141 -0.22 -48.88 2.80
CA ILE O 141 -0.13 -47.48 3.10
C ILE O 141 1.19 -46.92 2.65
N LYS O 142 1.10 -46.05 1.65
CA LYS O 142 2.19 -45.25 1.11
C LYS O 142 2.46 -44.10 2.06
N LEU O 143 3.73 -43.91 2.40
CA LEU O 143 4.19 -42.85 3.31
C LEU O 143 5.16 -41.95 2.56
N ILE O 144 4.87 -40.65 2.51
CA ILE O 144 5.82 -39.70 1.96
C ILE O 144 5.96 -38.55 2.93
N THR O 145 7.19 -38.28 3.39
CA THR O 145 7.44 -37.25 4.39
C THR O 145 8.35 -36.15 3.89
N GLU O 146 8.13 -34.94 4.45
CA GLU O 146 8.92 -33.74 4.12
C GLU O 146 10.42 -34.05 4.13
N GLY O 147 10.89 -34.74 5.16
CA GLY O 147 12.31 -34.86 5.39
C GLY O 147 12.97 -35.92 4.54
N ALA O 148 12.26 -37.02 4.33
CA ALA O 148 12.82 -38.09 3.52
C ALA O 148 12.91 -37.67 2.06
N SER O 149 11.91 -36.95 1.57
CA SER O 149 12.02 -36.41 0.23
C SER O 149 13.09 -35.33 0.19
N LYS O 150 13.03 -34.36 1.12
CA LYS O 150 14.05 -33.31 1.16
C LYS O 150 15.43 -33.92 1.20
N ARG O 151 15.58 -34.99 1.97
CA ARG O 151 16.87 -35.65 2.10
C ARG O 151 17.30 -36.31 0.80
N ILE O 152 16.38 -36.98 0.11
CA ILE O 152 16.78 -37.70 -1.10
C ILE O 152 16.94 -36.73 -2.28
N ALA O 153 16.13 -35.66 -2.32
CA ALA O 153 16.43 -34.55 -3.22
C ALA O 153 17.79 -33.96 -2.89
N GLU O 154 17.99 -33.54 -1.64
CA GLU O 154 19.29 -32.99 -1.22
C GLU O 154 20.42 -33.93 -1.62
N PHE O 155 20.24 -35.23 -1.39
CA PHE O 155 21.29 -36.15 -1.83
C PHE O 155 21.43 -36.14 -3.34
N ALA O 156 20.33 -35.88 -4.06
CA ALA O 156 20.32 -36.01 -5.52
C ALA O 156 21.30 -35.06 -6.17
N PHE O 157 20.96 -33.76 -6.12
CA PHE O 157 21.83 -32.75 -6.66
C PHE O 157 23.26 -32.95 -6.16
N GLU O 158 23.41 -33.44 -4.93
CA GLU O 158 24.74 -33.59 -4.36
C GLU O 158 25.49 -34.78 -4.94
N TYR O 159 24.81 -35.69 -5.60
CA TYR O 159 25.56 -36.73 -6.31
C TYR O 159 25.91 -36.30 -7.72
N ALA O 160 25.12 -35.41 -8.32
CA ALA O 160 25.50 -34.78 -9.59
C ALA O 160 26.84 -34.03 -9.48
N ARG O 161 26.93 -33.04 -8.57
CA ARG O 161 28.18 -32.29 -8.42
C ARG O 161 29.39 -33.23 -8.30
N ASN O 162 29.29 -34.25 -7.47
CA ASN O 162 30.46 -35.08 -7.15
C ASN O 162 30.95 -35.88 -8.34
N ASN O 163 30.08 -36.26 -9.27
CA ASN O 163 30.55 -37.06 -10.40
C ASN O 163 30.35 -36.41 -11.75
N HIS O 164 30.16 -35.08 -11.81
CA HIS O 164 30.09 -34.33 -13.07
C HIS O 164 28.90 -34.78 -13.92
N ARG O 165 27.73 -34.40 -13.44
CA ARG O 165 26.45 -34.83 -13.97
C ARG O 165 25.61 -33.60 -14.32
N SER O 166 24.98 -33.65 -15.49
CA SER O 166 24.46 -32.41 -16.06
C SER O 166 23.05 -32.11 -15.56
N ASN O 167 22.17 -33.12 -15.60
CA ASN O 167 20.79 -32.94 -15.15
C ASN O 167 20.37 -34.07 -14.21
N VAL O 168 19.40 -33.71 -13.36
CA VAL O 168 18.66 -34.61 -12.49
C VAL O 168 17.19 -34.50 -12.86
N THR O 169 16.55 -35.64 -13.08
CA THR O 169 15.11 -35.72 -13.31
C THR O 169 14.43 -36.32 -12.09
N ALA O 170 13.53 -35.55 -11.46
CA ALA O 170 12.59 -36.10 -10.48
C ALA O 170 11.43 -36.79 -11.21
N VAL O 171 11.27 -38.10 -10.98
CA VAL O 171 10.22 -38.91 -11.59
C VAL O 171 9.15 -39.26 -10.56
N HIS O 172 7.88 -39.20 -10.98
CA HIS O 172 6.79 -39.13 -10.02
C HIS O 172 5.47 -39.41 -10.73
N LYS O 173 4.42 -39.56 -9.92
CA LYS O 173 3.07 -39.68 -10.44
C LYS O 173 2.13 -38.72 -9.73
N ALA O 174 2.60 -37.49 -9.51
CA ALA O 174 1.80 -36.43 -8.90
C ALA O 174 0.45 -36.20 -9.59
N ASN O 175 0.26 -36.71 -10.80
CA ASN O 175 -1.03 -36.57 -11.45
C ASN O 175 -2.07 -37.55 -10.92
N ILE O 176 -1.64 -38.64 -10.30
CA ILE O 176 -2.54 -39.61 -9.68
C ILE O 176 -2.55 -39.49 -8.16
N MET O 177 -1.37 -39.51 -7.56
CA MET O 177 -1.25 -39.24 -6.13
C MET O 177 -0.76 -37.79 -5.98
N ARG O 178 -1.71 -36.86 -6.03
CA ARG O 178 -1.36 -35.44 -6.00
C ARG O 178 -0.73 -35.07 -4.66
N MET O 179 -1.37 -35.47 -3.57
CA MET O 179 -0.91 -35.06 -2.24
C MET O 179 0.47 -35.63 -1.91
N SER O 180 0.67 -36.94 -2.10
CA SER O 180 1.88 -37.61 -1.61
C SER O 180 3.08 -37.42 -2.55
N ASP O 181 2.90 -37.70 -3.84
CA ASP O 181 3.95 -37.40 -4.80
C ASP O 181 4.14 -35.89 -4.97
N GLY O 182 3.09 -35.11 -4.73
CA GLY O 182 3.25 -33.66 -4.74
C GLY O 182 4.29 -33.19 -3.76
N LEU O 183 4.15 -33.59 -2.49
CA LEU O 183 5.19 -33.28 -1.51
C LEU O 183 6.57 -33.69 -2.02
N PHE O 184 6.69 -34.86 -2.60
CA PHE O 184 8.00 -35.29 -3.07
C PHE O 184 8.51 -34.40 -4.18
N LEU O 185 7.60 -33.87 -5.00
CA LEU O 185 7.97 -32.88 -6.00
C LEU O 185 8.32 -31.55 -5.36
N GLN O 186 7.40 -31.02 -4.52
CA GLN O 186 7.63 -29.74 -3.85
C GLN O 186 9.01 -29.70 -3.22
N LYS O 187 9.38 -30.75 -2.48
CA LYS O 187 10.69 -30.72 -1.83
C LYS O 187 11.82 -30.92 -2.81
N CYS O 188 11.56 -31.53 -3.96
CA CYS O 188 12.58 -31.67 -5.00
C CYS O 188 12.83 -30.32 -5.66
N ARG O 189 11.78 -29.52 -5.82
CA ARG O 189 11.95 -28.18 -6.36
C ARG O 189 12.66 -27.28 -5.35
N GLU O 190 12.31 -27.40 -4.07
CA GLU O 190 12.98 -26.63 -3.02
C GLU O 190 14.48 -26.87 -3.06
N VAL O 191 14.89 -28.13 -3.11
CA VAL O 191 16.30 -28.43 -3.21
C VAL O 191 16.79 -28.00 -4.58
N ALA O 192 15.90 -27.92 -5.58
CA ALA O 192 16.34 -27.57 -6.91
C ALA O 192 16.86 -26.16 -6.98
N GLU O 193 16.14 -25.20 -6.37
CA GLU O 193 16.59 -23.82 -6.50
C GLU O 193 17.90 -23.61 -5.77
N SER O 194 18.20 -24.47 -4.79
CA SER O 194 19.46 -24.28 -4.08
C SER O 194 20.68 -24.81 -4.85
N CYS O 195 20.51 -25.52 -5.98
CA CYS O 195 21.66 -26.09 -6.74
C CYS O 195 21.46 -25.78 -8.23
N LYS O 196 21.41 -24.48 -8.56
CA LYS O 196 21.12 -24.13 -9.94
C LYS O 196 22.26 -24.52 -10.88
N ASP O 197 23.39 -25.01 -10.35
CA ASP O 197 24.45 -25.44 -11.25
C ASP O 197 24.10 -26.73 -11.94
N ILE O 198 23.15 -27.51 -11.40
CA ILE O 198 22.68 -28.73 -12.04
C ILE O 198 21.25 -28.54 -12.53
N LYS O 199 21.00 -28.99 -13.77
CA LYS O 199 19.71 -28.82 -14.39
C LYS O 199 18.71 -29.83 -13.84
N PHE O 200 17.45 -29.44 -13.79
CA PHE O 200 16.40 -30.19 -13.11
C PHE O 200 15.09 -30.15 -13.91
N ASN O 201 14.44 -31.30 -14.07
CA ASN O 201 13.16 -31.41 -14.77
C ASN O 201 12.21 -32.33 -14.03
N GLU O 202 10.91 -32.12 -14.27
CA GLU O 202 9.82 -32.90 -13.67
C GLU O 202 9.16 -33.76 -14.75
N MET O 203 9.37 -35.09 -14.70
CA MET O 203 8.78 -36.00 -15.67
C MET O 203 7.98 -37.13 -15.01
N TYR O 204 6.79 -37.41 -15.55
CA TYR O 204 5.93 -38.48 -15.04
C TYR O 204 6.57 -39.86 -15.26
N LEU O 205 6.17 -40.83 -14.43
CA LEU O 205 6.84 -42.14 -14.43
C LEU O 205 6.45 -42.99 -15.63
N ASP O 206 5.18 -42.96 -16.04
CA ASP O 206 4.78 -43.74 -17.21
C ASP O 206 5.42 -43.19 -18.48
N THR O 207 5.39 -41.87 -18.67
CA THR O 207 6.19 -41.27 -19.74
C THR O 207 7.63 -41.74 -19.67
N VAL O 208 8.20 -41.77 -18.47
CA VAL O 208 9.64 -42.05 -18.38
C VAL O 208 9.93 -43.50 -18.76
N CYS O 209 9.04 -44.43 -18.41
CA CYS O 209 9.24 -45.83 -18.81
C CYS O 209 9.16 -45.99 -20.32
N LEU O 210 8.08 -45.46 -20.92
CA LEU O 210 7.95 -45.53 -22.36
C LEU O 210 9.16 -44.91 -23.04
N ASN O 211 9.46 -43.65 -22.68
CA ASN O 211 10.51 -42.90 -23.37
C ASN O 211 11.84 -43.63 -23.29
N MET O 212 12.08 -44.36 -22.21
CA MET O 212 13.40 -44.93 -22.01
C MET O 212 13.63 -46.22 -22.78
N VAL O 213 12.58 -46.99 -23.04
CA VAL O 213 12.72 -48.17 -23.88
C VAL O 213 12.90 -47.75 -25.32
N GLN O 214 12.42 -46.55 -25.68
CA GLN O 214 12.71 -45.98 -26.99
C GLN O 214 14.10 -45.35 -27.03
N ASP O 215 14.32 -44.32 -26.21
CA ASP O 215 15.55 -43.53 -26.24
C ASP O 215 16.08 -43.30 -24.82
N PRO O 216 17.09 -44.07 -24.39
CA PRO O 216 17.67 -43.92 -23.06
C PRO O 216 18.77 -42.87 -22.90
N SER O 217 19.15 -42.18 -23.99
CA SER O 217 20.24 -41.21 -23.94
C SER O 217 19.80 -39.84 -23.41
N GLN O 218 18.49 -39.58 -23.29
CA GLN O 218 17.99 -38.31 -22.80
C GLN O 218 17.99 -38.20 -21.28
N PHE O 219 18.36 -39.28 -20.58
CA PHE O 219 18.21 -39.39 -19.13
C PHE O 219 19.59 -39.43 -18.50
N ASP O 220 19.76 -38.68 -17.39
CA ASP O 220 21.02 -38.59 -16.71
C ASP O 220 20.88 -39.16 -15.31
N VAL O 221 20.41 -38.39 -14.35
CA VAL O 221 20.20 -38.80 -12.97
C VAL O 221 18.72 -38.73 -12.68
N LEU O 222 18.17 -39.82 -12.17
CA LEU O 222 16.77 -39.90 -11.79
C LEU O 222 16.62 -40.05 -10.28
N VAL O 223 15.74 -39.25 -9.70
CA VAL O 223 15.47 -39.28 -8.28
C VAL O 223 13.98 -39.58 -8.09
N MET O 224 13.68 -40.66 -7.37
CA MET O 224 12.32 -41.16 -7.30
C MET O 224 11.97 -41.61 -5.88
N PRO O 225 10.68 -41.70 -5.57
CA PRO O 225 10.24 -42.42 -4.37
C PRO O 225 10.46 -43.93 -4.48
N ASN O 226 10.46 -44.60 -3.33
CA ASN O 226 10.88 -46.00 -3.21
C ASN O 226 10.43 -46.96 -4.32
N LEU O 227 9.12 -47.25 -4.46
CA LEU O 227 8.73 -48.30 -5.41
C LEU O 227 9.10 -47.91 -6.84
N TYR O 228 8.90 -46.63 -7.22
CA TYR O 228 9.30 -46.20 -8.56
C TYR O 228 10.77 -46.52 -8.81
N GLY O 229 11.64 -46.17 -7.86
CA GLY O 229 13.08 -46.41 -8.04
C GLY O 229 13.44 -47.88 -8.11
N ASP O 230 12.77 -48.73 -7.32
CA ASP O 230 13.05 -50.17 -7.33
C ASP O 230 12.80 -50.77 -8.70
N ILE O 231 11.70 -50.38 -9.33
CA ILE O 231 11.38 -50.88 -10.65
C ILE O 231 12.32 -50.27 -11.69
N LEU O 232 12.36 -48.94 -11.75
CA LEU O 232 13.10 -48.24 -12.79
C LEU O 232 14.57 -48.66 -12.80
N SER O 233 15.13 -48.99 -11.64
CA SER O 233 16.54 -49.30 -11.62
C SER O 233 16.83 -50.68 -12.18
N ASP O 234 15.88 -51.60 -12.10
CA ASP O 234 16.04 -52.87 -12.79
C ASP O 234 15.75 -52.76 -14.28
N LEU O 235 14.80 -51.91 -14.68
CA LEU O 235 14.68 -51.49 -16.07
C LEU O 235 16.03 -51.02 -16.60
N CYS O 236 16.56 -49.91 -16.06
CA CYS O 236 17.84 -49.36 -16.50
C CYS O 236 18.96 -50.38 -16.45
N ALA O 237 18.84 -51.38 -15.59
CA ALA O 237 19.89 -52.38 -15.56
C ALA O 237 19.75 -53.35 -16.71
N GLY O 238 18.53 -53.66 -17.12
CA GLY O 238 18.35 -54.54 -18.25
C GLY O 238 18.76 -53.89 -19.55
N LEU O 239 18.73 -52.55 -19.60
CA LEU O 239 19.18 -51.85 -20.79
C LEU O 239 20.62 -52.23 -21.14
N ILE O 240 21.50 -52.32 -20.13
CA ILE O 240 22.95 -52.43 -20.37
C ILE O 240 23.48 -53.83 -20.13
N GLY O 241 22.62 -54.81 -19.92
CA GLY O 241 23.13 -56.16 -19.85
C GLY O 241 22.53 -57.04 -18.78
N GLY O 242 22.00 -56.45 -17.72
CA GLY O 242 21.44 -57.21 -16.63
C GLY O 242 22.25 -57.08 -15.35
N LEU O 243 21.80 -57.80 -14.34
CA LEU O 243 22.28 -57.53 -12.99
C LEU O 243 23.73 -57.95 -12.76
N GLY O 244 24.32 -58.73 -13.66
CA GLY O 244 25.68 -59.17 -13.47
C GLY O 244 26.78 -58.16 -13.79
N VAL O 245 26.43 -56.98 -14.29
CA VAL O 245 27.42 -55.99 -14.71
C VAL O 245 27.02 -54.60 -14.23
N THR O 246 26.19 -54.55 -13.16
CA THR O 246 25.62 -53.31 -12.65
C THR O 246 26.14 -53.00 -11.26
N PRO O 247 26.59 -51.78 -11.00
CA PRO O 247 27.04 -51.41 -9.67
C PRO O 247 25.85 -50.99 -8.83
N SER O 248 26.01 -51.09 -7.51
CA SER O 248 25.01 -50.52 -6.62
C SER O 248 25.68 -50.10 -5.32
N GLY O 249 25.11 -49.06 -4.72
CA GLY O 249 25.57 -48.61 -3.43
C GLY O 249 24.38 -48.10 -2.63
N ASN O 250 24.58 -48.09 -1.32
CA ASN O 250 23.58 -47.58 -0.40
C ASN O 250 24.26 -46.64 0.57
N ILE O 251 23.62 -45.50 0.79
CA ILE O 251 24.15 -44.41 1.60
C ILE O 251 23.36 -44.44 2.90
N GLY O 252 24.05 -44.47 4.03
CA GLY O 252 23.40 -44.49 5.32
C GLY O 252 23.74 -43.27 6.16
N ALA O 253 23.02 -43.17 7.29
CA ALA O 253 23.29 -42.14 8.28
C ALA O 253 24.71 -42.29 8.82
N ASN O 254 25.16 -41.30 9.60
CA ASN O 254 26.47 -41.34 10.27
C ASN O 254 27.59 -41.68 9.26
N GLY O 255 27.52 -41.07 8.08
CA GLY O 255 28.55 -41.23 7.08
C GLY O 255 28.70 -42.63 6.54
N VAL O 256 27.82 -43.56 6.95
CA VAL O 256 27.90 -44.94 6.48
C VAL O 256 27.55 -45.02 5.00
N ALA O 257 28.18 -45.98 4.31
CA ALA O 257 27.87 -46.25 2.92
C ALA O 257 28.34 -47.66 2.57
N ILE O 258 27.43 -48.47 2.03
CA ILE O 258 27.70 -49.85 1.65
C ILE O 258 27.50 -49.97 0.14
N PHE O 259 28.52 -50.44 -0.55
CA PHE O 259 28.50 -50.62 -2.00
C PHE O 259 28.46 -52.11 -2.28
N GLU O 260 27.49 -52.54 -3.06
CA GLU O 260 27.17 -53.95 -3.11
C GLU O 260 27.01 -54.41 -4.54
N SER O 261 26.96 -55.73 -4.69
CA SER O 261 26.54 -56.35 -5.93
C SER O 261 25.10 -56.83 -5.76
N VAL O 262 24.22 -56.39 -6.66
CA VAL O 262 22.81 -56.71 -6.57
C VAL O 262 22.46 -57.98 -7.35
N HIS O 263 23.46 -58.66 -7.91
CA HIS O 263 23.17 -59.87 -8.67
C HIS O 263 22.99 -61.05 -7.72
N GLY O 264 22.90 -62.25 -8.29
CA GLY O 264 22.56 -63.43 -7.52
C GLY O 264 23.75 -64.05 -6.82
N THR O 265 23.46 -65.12 -6.10
CA THR O 265 24.51 -65.83 -5.37
C THR O 265 25.12 -66.95 -6.21
N ALA O 266 24.32 -67.59 -7.05
CA ALA O 266 24.81 -68.52 -8.07
C ALA O 266 25.58 -69.68 -7.44
N PRO O 267 24.96 -70.46 -6.56
CA PRO O 267 25.69 -71.61 -5.96
C PRO O 267 26.13 -72.64 -6.96
N ASP O 268 25.53 -72.66 -8.15
CA ASP O 268 25.81 -73.68 -9.14
C ASP O 268 27.27 -73.67 -9.58
N ILE O 269 27.84 -72.48 -9.74
CA ILE O 269 29.24 -72.42 -10.26
C ILE O 269 30.20 -72.04 -9.14
N ALA O 270 29.72 -72.07 -7.91
CA ALA O 270 30.49 -71.67 -6.72
C ALA O 270 31.73 -72.54 -6.61
N GLY O 271 32.85 -71.93 -6.28
CA GLY O 271 34.12 -72.67 -6.11
C GLY O 271 34.50 -73.44 -7.35
N LYS O 272 34.53 -72.79 -8.51
CA LYS O 272 34.89 -73.54 -9.72
C LYS O 272 35.60 -72.60 -10.68
N ASP O 273 36.02 -71.43 -10.21
CA ASP O 273 36.70 -70.43 -11.07
C ASP O 273 35.83 -70.22 -12.30
N MET O 274 34.57 -69.86 -12.11
CA MET O 274 33.70 -69.66 -13.29
C MET O 274 32.79 -68.46 -13.09
N ALA O 275 33.07 -67.59 -12.12
CA ALA O 275 32.17 -66.44 -11.85
C ALA O 275 32.73 -65.16 -12.44
N ASN O 276 32.05 -64.04 -12.22
CA ASN O 276 32.49 -62.73 -12.78
C ASN O 276 32.24 -61.59 -11.78
N PRO O 277 33.34 -60.90 -11.42
CA PRO O 277 33.40 -59.80 -10.44
C PRO O 277 33.01 -58.44 -11.00
N THR O 278 32.68 -58.36 -12.29
CA THR O 278 32.44 -57.07 -12.89
C THR O 278 31.48 -56.24 -12.05
N ALA O 279 30.36 -56.87 -11.66
CA ALA O 279 29.37 -56.21 -10.82
C ALA O 279 30.04 -55.58 -9.61
N LEU O 280 30.86 -56.35 -8.89
CA LEU O 280 31.46 -55.83 -7.66
C LEU O 280 32.59 -54.86 -7.96
N LEU O 281 33.42 -55.16 -8.97
CA LEU O 281 34.49 -54.23 -9.29
C LEU O 281 33.96 -52.81 -9.45
N LEU O 282 32.97 -52.62 -10.32
CA LEU O 282 32.47 -51.27 -10.55
C LEU O 282 31.76 -50.72 -9.32
N SER O 283 31.23 -51.60 -8.46
CA SER O 283 30.69 -51.13 -7.19
C SER O 283 31.80 -50.46 -6.37
N ALA O 284 32.92 -51.17 -6.20
CA ALA O 284 34.06 -50.58 -5.51
C ALA O 284 34.43 -49.24 -6.12
N VAL O 285 34.42 -49.16 -7.46
CA VAL O 285 34.70 -47.91 -8.13
C VAL O 285 33.76 -46.82 -7.63
N MET O 286 32.46 -47.13 -7.44
CA MET O 286 31.55 -46.16 -6.85
C MET O 286 32.07 -45.64 -5.53
N MET O 287 32.63 -46.56 -4.74
CA MET O 287 33.03 -46.27 -3.37
C MET O 287 34.14 -45.23 -3.35
N LEU O 288 35.23 -45.52 -4.07
CA LEU O 288 36.31 -44.57 -4.29
C LEU O 288 35.80 -43.15 -4.57
N ARG O 289 34.97 -43.02 -5.59
CA ARG O 289 34.46 -41.69 -5.97
C ARG O 289 33.60 -41.11 -4.87
N HIS O 290 32.99 -41.98 -4.07
CA HIS O 290 32.29 -41.52 -2.88
C HIS O 290 33.28 -41.05 -1.81
N MET O 291 34.53 -41.52 -1.86
CA MET O 291 35.55 -41.10 -0.91
C MET O 291 36.12 -39.72 -1.24
N GLY O 292 36.32 -39.47 -2.54
CA GLY O 292 37.17 -38.37 -3.02
C GLY O 292 38.37 -38.86 -3.81
N LEU O 293 38.46 -40.17 -4.08
CA LEU O 293 39.65 -40.79 -4.64
C LEU O 293 39.42 -41.27 -6.07
N PHE O 294 38.89 -40.36 -6.91
CA PHE O 294 38.49 -40.71 -8.29
C PHE O 294 39.67 -41.19 -9.11
N ASP O 295 40.86 -40.66 -8.82
CA ASP O 295 42.06 -40.98 -9.57
C ASP O 295 42.25 -42.49 -9.63
N HIS O 296 42.21 -43.11 -8.47
CA HIS O 296 42.54 -44.51 -8.42
C HIS O 296 41.46 -45.35 -9.09
N ALA O 297 40.20 -44.90 -8.98
CA ALA O 297 39.03 -45.54 -9.58
C ALA O 297 39.20 -45.79 -11.07
N ALA O 298 39.31 -44.70 -11.84
CA ALA O 298 39.37 -44.79 -13.30
C ALA O 298 40.30 -45.88 -13.80
N ARG O 299 41.52 -45.98 -13.24
CA ARG O 299 42.46 -46.97 -13.78
C ARG O 299 42.05 -48.41 -13.44
N ILE O 300 41.19 -48.60 -12.45
CA ILE O 300 40.49 -49.89 -12.30
C ILE O 300 39.25 -49.92 -13.18
N GLU O 301 38.43 -48.85 -13.14
CA GLU O 301 37.26 -48.76 -14.03
C GLU O 301 37.65 -48.96 -15.50
N ALA O 302 38.75 -48.33 -15.95
CA ALA O 302 39.20 -48.49 -17.34
C ALA O 302 39.88 -49.82 -17.60
N ALA O 303 40.55 -50.38 -16.59
CA ALA O 303 41.22 -51.68 -16.76
C ALA O 303 40.22 -52.78 -17.04
N CYS O 304 39.09 -52.77 -16.31
CA CYS O 304 38.00 -53.72 -16.56
C CYS O 304 37.35 -53.52 -17.93
N PHE O 305 36.83 -52.31 -18.20
CA PHE O 305 36.22 -52.03 -19.51
C PHE O 305 37.06 -52.57 -20.65
N ALA O 306 38.35 -52.23 -20.66
CA ALA O 306 39.26 -52.69 -21.72
C ALA O 306 39.27 -54.21 -21.84
N THR O 307 39.33 -54.91 -20.72
CA THR O 307 39.38 -56.39 -20.80
C THR O 307 38.08 -56.93 -21.36
N ILE O 308 36.96 -56.34 -21.00
CA ILE O 308 35.70 -56.84 -21.58
C ILE O 308 35.71 -56.39 -23.03
N LYS O 309 36.03 -55.12 -23.28
CA LYS O 309 36.04 -54.55 -24.65
C LYS O 309 36.88 -55.36 -25.63
N ASP O 310 38.03 -55.88 -25.19
CA ASP O 310 38.83 -56.81 -26.01
C ASP O 310 37.95 -58.04 -26.15
N GLY O 311 37.87 -58.86 -25.11
CA GLY O 311 36.92 -59.99 -25.16
C GLY O 311 37.55 -61.34 -25.40
N LYS O 312 38.87 -61.43 -25.41
CA LYS O 312 39.48 -62.76 -25.61
C LYS O 312 39.11 -63.60 -24.39
N SER O 313 39.55 -63.16 -23.21
CA SER O 313 39.19 -63.86 -21.96
C SER O 313 37.83 -63.33 -21.55
N LEU O 314 36.83 -64.21 -21.43
CA LEU O 314 35.46 -63.77 -21.05
C LEU O 314 34.73 -64.93 -20.41
N THR O 315 34.14 -64.69 -19.24
CA THR O 315 33.45 -65.77 -18.55
C THR O 315 32.18 -66.14 -19.28
N LYS O 316 31.67 -67.33 -18.93
CA LYS O 316 30.51 -67.90 -19.61
C LYS O 316 29.34 -66.94 -19.60
N ASP O 317 29.15 -66.21 -18.50
CA ASP O 317 27.94 -65.39 -18.39
C ASP O 317 27.92 -64.26 -19.40
N LEU O 318 29.06 -63.65 -19.68
CA LEU O 318 29.09 -62.60 -20.68
C LEU O 318 29.40 -63.10 -22.09
N GLY O 319 29.40 -64.43 -22.33
CA GLY O 319 29.49 -64.98 -23.67
C GLY O 319 30.75 -65.79 -23.97
N GLY O 320 31.80 -65.65 -23.18
CA GLY O 320 33.05 -66.35 -23.42
C GLY O 320 33.12 -67.71 -22.75
N ASN O 321 34.35 -68.13 -22.46
CA ASN O 321 34.58 -69.37 -21.73
C ASN O 321 35.78 -69.24 -20.79
N ALA O 322 36.26 -68.02 -20.51
CA ALA O 322 37.38 -67.83 -19.60
C ALA O 322 36.99 -68.15 -18.17
N LYS O 323 37.99 -68.47 -17.39
CA LYS O 323 37.83 -68.70 -15.97
C LYS O 323 37.81 -67.37 -15.24
N CYS O 324 37.30 -67.38 -14.01
CA CYS O 324 37.34 -66.18 -13.20
C CYS O 324 38.79 -65.72 -12.95
N SER O 325 39.71 -66.65 -12.58
CA SER O 325 41.17 -66.34 -12.60
C SER O 325 41.66 -65.63 -13.87
N ASP O 326 41.62 -66.44 -14.95
CA ASP O 326 41.98 -65.95 -16.27
C ASP O 326 41.49 -64.53 -16.44
N PHE O 327 40.18 -64.33 -16.25
CA PHE O 327 39.58 -63.01 -16.46
C PHE O 327 40.19 -62.00 -15.52
N THR O 328 40.44 -62.43 -14.29
CA THR O 328 40.90 -61.56 -13.23
C THR O 328 42.30 -61.06 -13.47
N GLU O 329 43.23 -61.97 -13.81
CA GLU O 329 44.63 -61.59 -14.01
C GLU O 329 44.75 -60.49 -15.07
N GLU O 330 44.14 -60.71 -16.24
CA GLU O 330 44.24 -59.70 -17.30
C GLU O 330 43.83 -58.32 -16.80
N ILE O 331 42.79 -58.26 -15.96
CA ILE O 331 42.36 -56.98 -15.39
C ILE O 331 43.50 -56.35 -14.63
N CYS O 332 44.16 -57.14 -13.78
CA CYS O 332 45.38 -56.65 -13.12
C CYS O 332 46.42 -56.23 -14.16
N ARG O 333 46.84 -57.16 -15.05
CA ARG O 333 47.85 -56.83 -16.05
C ARG O 333 47.66 -55.45 -16.68
N ARG O 334 46.45 -55.17 -17.19
CA ARG O 334 46.22 -53.89 -17.85
C ARG O 334 46.02 -52.75 -16.85
N VAL O 335 45.68 -53.08 -15.60
CA VAL O 335 45.65 -52.03 -14.58
C VAL O 335 47.04 -51.51 -14.29
N LYS O 336 48.08 -52.31 -14.52
CA LYS O 336 49.41 -51.95 -14.03
C LYS O 336 50.00 -50.79 -14.84
N ASP O 337 49.71 -50.75 -16.14
CA ASP O 337 50.01 -49.58 -16.96
C ASP O 337 48.84 -48.56 -16.89
N SER P 14 -27.26 -51.06 -39.06
CA SER P 14 -26.22 -50.11 -38.67
C SER P 14 -26.16 -50.04 -37.15
N PHE P 15 -24.97 -50.34 -36.58
CA PHE P 15 -24.78 -50.44 -35.13
C PHE P 15 -24.44 -49.09 -34.53
N PRO P 16 -25.07 -48.74 -33.42
CA PRO P 16 -24.68 -47.52 -32.70
C PRO P 16 -23.50 -47.81 -31.78
N VAL P 17 -22.47 -46.96 -31.87
CA VAL P 17 -21.31 -46.96 -30.99
C VAL P 17 -21.18 -45.55 -30.46
N THR P 18 -21.11 -45.40 -29.15
CA THR P 18 -20.94 -44.05 -28.64
C THR P 18 -19.49 -43.66 -28.77
N MET P 19 -19.24 -42.39 -29.05
CA MET P 19 -17.90 -41.92 -29.35
C MET P 19 -17.62 -40.68 -28.51
N LEU P 20 -16.42 -40.61 -27.97
CA LEU P 20 -15.98 -39.51 -27.11
C LEU P 20 -14.66 -39.05 -27.67
N PRO P 21 -14.65 -38.00 -28.49
CA PRO P 21 -13.37 -37.51 -29.02
C PRO P 21 -12.40 -37.14 -27.92
N GLY P 22 -12.84 -36.37 -26.94
CA GLY P 22 -11.98 -36.02 -25.84
C GLY P 22 -11.15 -34.80 -26.10
N ASP P 23 -10.00 -34.73 -25.43
CA ASP P 23 -9.16 -33.55 -25.43
C ASP P 23 -7.96 -33.80 -26.35
N GLY P 24 -7.09 -32.79 -26.45
CA GLY P 24 -5.87 -32.93 -27.23
C GLY P 24 -6.21 -33.38 -28.64
N VAL P 25 -5.54 -34.44 -29.07
CA VAL P 25 -5.61 -34.89 -30.46
C VAL P 25 -6.75 -35.89 -30.63
N GLY P 26 -7.54 -36.06 -29.59
CA GLY P 26 -8.67 -36.97 -29.60
C GLY P 26 -9.63 -36.78 -30.75
N PRO P 27 -10.21 -35.58 -30.91
CA PRO P 27 -11.17 -35.39 -32.00
C PRO P 27 -10.59 -35.73 -33.37
N GLU P 28 -9.33 -35.38 -33.59
CA GLU P 28 -8.66 -35.68 -34.86
C GLU P 28 -8.61 -37.18 -35.12
N LEU P 29 -8.16 -37.96 -34.13
CA LEU P 29 -8.15 -39.41 -34.28
C LEU P 29 -9.55 -39.95 -34.58
N MET P 30 -10.59 -39.39 -33.97
CA MET P 30 -11.93 -39.86 -34.30
C MET P 30 -12.34 -39.44 -35.71
N HIS P 31 -11.98 -38.22 -36.09
CA HIS P 31 -12.31 -37.79 -37.45
C HIS P 31 -11.65 -38.66 -38.49
N ALA P 32 -10.58 -39.38 -38.12
CA ALA P 32 -9.90 -40.32 -38.98
C ALA P 32 -10.55 -41.70 -38.96
N VAL P 33 -11.03 -42.16 -37.80
CA VAL P 33 -11.80 -43.39 -37.79
C VAL P 33 -13.02 -43.24 -38.67
N LYS P 34 -13.71 -42.11 -38.59
CA LYS P 34 -14.90 -41.94 -39.40
C LYS P 34 -14.53 -41.78 -40.88
N GLU P 35 -13.44 -41.08 -41.15
CA GLU P 35 -13.03 -40.91 -42.55
C GLU P 35 -12.67 -42.24 -43.17
N VAL P 36 -12.16 -43.18 -42.37
CA VAL P 36 -11.81 -44.50 -42.88
C VAL P 36 -12.98 -45.49 -42.80
N PHE P 37 -13.93 -45.26 -41.89
CA PHE P 37 -15.14 -46.07 -41.88
C PHE P 37 -16.02 -45.72 -43.06
N LYS P 38 -16.35 -44.43 -43.21
CA LYS P 38 -17.05 -43.97 -44.40
C LYS P 38 -16.37 -44.54 -45.64
N ALA P 39 -15.06 -44.34 -45.74
CA ALA P 39 -14.32 -44.80 -46.90
C ALA P 39 -14.21 -46.29 -47.02
N ALA P 40 -14.89 -47.11 -46.22
CA ALA P 40 -14.83 -48.55 -46.42
C ALA P 40 -16.16 -49.20 -46.09
N ALA P 41 -17.24 -48.41 -46.04
CA ALA P 41 -18.61 -48.91 -46.05
C ALA P 41 -18.94 -49.69 -44.80
N VAL P 42 -18.41 -49.26 -43.68
CA VAL P 42 -18.67 -49.93 -42.40
C VAL P 42 -20.02 -49.48 -41.87
N PRO P 43 -20.88 -50.38 -41.40
CA PRO P 43 -22.21 -49.93 -40.90
C PRO P 43 -22.23 -49.66 -39.40
N VAL P 44 -21.65 -48.53 -39.00
CA VAL P 44 -21.66 -48.08 -37.60
C VAL P 44 -21.98 -46.59 -37.58
N GLU P 45 -23.08 -46.23 -36.93
CA GLU P 45 -23.41 -44.83 -36.70
C GLU P 45 -22.91 -44.49 -35.30
N PHE P 46 -21.96 -43.56 -35.23
CA PHE P 46 -21.42 -43.16 -33.93
C PHE P 46 -22.32 -42.11 -33.30
N GLN P 47 -22.64 -42.30 -32.02
CA GLN P 47 -23.33 -41.29 -31.23
C GLN P 47 -22.25 -40.44 -30.58
N GLU P 48 -21.88 -39.36 -31.26
CA GLU P 48 -20.82 -38.47 -30.79
C GLU P 48 -21.33 -37.67 -29.59
N HIS P 49 -20.80 -37.97 -28.41
CA HIS P 49 -21.00 -37.12 -27.25
C HIS P 49 -19.77 -36.22 -27.07
N HIS P 50 -19.67 -35.20 -27.95
CA HIS P 50 -18.51 -34.31 -27.99
C HIS P 50 -18.33 -33.57 -26.67
N LEU P 51 -19.35 -33.55 -25.82
CA LEU P 51 -19.23 -32.97 -24.49
C LEU P 51 -18.30 -33.82 -23.63
N SER P 52 -17.21 -33.23 -23.15
CA SER P 52 -16.23 -33.89 -22.28
C SER P 52 -16.86 -34.78 -21.20
N GLU P 61 -23.63 -35.47 -13.39
CA GLU P 61 -23.69 -34.45 -14.43
C GLU P 61 -24.12 -35.05 -15.77
N LYS P 62 -23.16 -35.17 -16.68
CA LYS P 62 -23.40 -35.71 -18.02
C LYS P 62 -22.96 -37.16 -18.16
N LEU P 63 -22.13 -37.68 -17.23
CA LEU P 63 -21.69 -39.07 -17.25
C LEU P 63 -22.84 -40.07 -17.12
N GLU P 64 -24.11 -39.64 -17.08
CA GLU P 64 -25.25 -40.53 -17.28
C GLU P 64 -25.92 -40.32 -18.63
N GLN P 65 -25.71 -39.15 -19.25
CA GLN P 65 -26.06 -38.98 -20.65
C GLN P 65 -25.30 -39.98 -21.53
N VAL P 66 -24.12 -40.42 -21.08
CA VAL P 66 -23.33 -41.40 -21.82
C VAL P 66 -23.77 -42.81 -21.50
N LEU P 67 -24.06 -43.10 -20.24
CA LEU P 67 -24.45 -44.45 -19.88
C LEU P 67 -25.86 -44.78 -20.35
N SER P 68 -26.72 -43.78 -20.49
CA SER P 68 -27.89 -43.96 -21.34
C SER P 68 -27.46 -44.54 -22.69
N SER P 69 -26.44 -43.93 -23.31
CA SER P 69 -25.93 -44.41 -24.59
C SER P 69 -25.40 -45.84 -24.47
N MET P 70 -24.60 -46.09 -23.43
CA MET P 70 -23.98 -47.39 -23.29
C MET P 70 -25.01 -48.48 -22.97
N LYS P 71 -26.07 -48.15 -22.24
CA LYS P 71 -27.07 -49.16 -21.89
C LYS P 71 -27.77 -49.73 -23.12
N GLU P 72 -27.80 -49.00 -24.24
CA GLU P 72 -28.33 -49.49 -25.50
C GLU P 72 -27.25 -49.86 -26.52
N ASN P 73 -26.19 -49.06 -26.66
CA ASN P 73 -25.17 -49.33 -27.68
C ASN P 73 -24.18 -50.40 -27.24
N LYS P 74 -23.87 -50.46 -25.94
CA LYS P 74 -23.02 -51.49 -25.33
C LYS P 74 -21.56 -51.44 -25.75
N VAL P 75 -21.20 -50.56 -26.69
CA VAL P 75 -19.81 -50.43 -27.10
C VAL P 75 -19.50 -48.97 -27.40
N ALA P 76 -18.25 -48.58 -27.13
CA ALA P 76 -17.79 -47.22 -27.37
C ALA P 76 -16.37 -47.21 -27.89
N ILE P 77 -16.00 -46.05 -28.43
CA ILE P 77 -14.62 -45.76 -28.80
C ILE P 77 -14.31 -44.37 -28.23
N ILE P 78 -13.17 -44.23 -27.54
CA ILE P 78 -12.92 -43.07 -26.69
C ILE P 78 -11.50 -42.54 -26.79
N GLY P 79 -11.34 -41.26 -26.45
CA GLY P 79 -10.03 -40.64 -26.37
C GLY P 79 -9.56 -40.53 -24.94
N LYS P 80 -9.16 -39.33 -24.51
CA LYS P 80 -8.86 -39.07 -23.11
C LYS P 80 -9.52 -37.77 -22.71
N ILE P 81 -9.61 -37.54 -21.40
CA ILE P 81 -10.20 -36.31 -20.86
C ILE P 81 -9.27 -35.70 -19.80
N ALA P 92 -11.77 -37.18 -7.75
CA ALA P 92 -11.14 -38.19 -8.63
C ALA P 92 -11.00 -37.70 -10.10
N SER P 93 -10.33 -38.51 -10.94
CA SER P 93 -10.09 -38.13 -12.34
C SER P 93 -11.38 -38.13 -13.14
N TYR P 94 -11.55 -37.11 -13.99
CA TYR P 94 -12.75 -37.04 -14.80
C TYR P 94 -12.93 -38.29 -15.66
N ASP P 95 -11.86 -39.07 -15.86
CA ASP P 95 -11.93 -40.29 -16.63
C ASP P 95 -12.32 -41.50 -15.78
N MET P 96 -11.84 -41.56 -14.54
CA MET P 96 -12.23 -42.68 -13.70
C MET P 96 -13.63 -42.52 -13.13
N ARG P 97 -14.16 -41.31 -13.06
CA ARG P 97 -15.60 -41.17 -12.86
C ARG P 97 -16.37 -41.75 -14.03
N LEU P 98 -15.70 -41.92 -15.19
CA LEU P 98 -16.28 -42.59 -16.34
C LEU P 98 -16.06 -44.09 -16.31
N ARG P 99 -14.87 -44.52 -15.89
CA ARG P 99 -14.60 -45.93 -15.79
C ARG P 99 -15.18 -46.56 -14.53
N ARG P 100 -15.62 -45.75 -13.57
CA ARG P 100 -16.38 -46.28 -12.43
C ARG P 100 -17.87 -46.36 -12.75
N LYS P 101 -18.41 -45.39 -13.50
CA LYS P 101 -19.81 -45.47 -13.88
C LYS P 101 -20.07 -46.69 -14.77
N LEU P 102 -19.15 -47.00 -15.66
CA LEU P 102 -19.31 -48.11 -16.59
C LEU P 102 -18.78 -49.44 -16.04
N ASP P 103 -18.12 -49.41 -14.88
CA ASP P 103 -17.50 -50.59 -14.25
C ASP P 103 -16.49 -51.27 -15.18
N LEU P 104 -15.72 -50.46 -15.90
CA LEU P 104 -14.65 -50.96 -16.77
C LEU P 104 -13.48 -51.39 -15.90
N PHE P 105 -13.55 -52.62 -15.39
CA PHE P 105 -12.53 -53.12 -14.48
C PHE P 105 -11.34 -53.73 -15.19
N ALA P 106 -11.55 -54.40 -16.32
CA ALA P 106 -10.47 -55.05 -17.03
C ALA P 106 -10.00 -54.16 -18.18
N ASN P 107 -8.67 -53.97 -18.26
CA ASN P 107 -8.04 -53.25 -19.35
C ASN P 107 -7.12 -54.20 -20.08
N VAL P 108 -7.16 -54.17 -21.42
CA VAL P 108 -6.38 -55.08 -22.25
C VAL P 108 -5.56 -54.28 -23.24
N VAL P 109 -4.25 -54.52 -23.27
CA VAL P 109 -3.37 -53.85 -24.22
C VAL P 109 -2.60 -54.89 -25.02
N HIS P 110 -2.64 -54.75 -26.36
CA HIS P 110 -2.03 -55.70 -27.30
C HIS P 110 -0.67 -55.17 -27.74
N VAL P 111 0.40 -55.75 -27.21
CA VAL P 111 1.75 -55.43 -27.64
C VAL P 111 2.06 -56.40 -28.78
N LYS P 112 1.97 -55.91 -30.03
CA LYS P 112 2.25 -56.75 -31.19
C LYS P 112 3.04 -55.94 -32.21
N SER P 113 4.18 -56.48 -32.61
CA SER P 113 5.05 -55.80 -33.57
C SER P 113 4.35 -55.61 -34.91
N LEU P 114 4.46 -54.39 -35.46
CA LEU P 114 4.05 -54.15 -36.85
C LEU P 114 5.25 -54.39 -37.77
N PRO P 115 5.07 -55.16 -38.86
CA PRO P 115 6.23 -55.61 -39.65
C PRO P 115 7.10 -54.52 -40.26
N GLY P 116 6.52 -53.46 -40.80
CA GLY P 116 7.36 -52.41 -41.36
C GLY P 116 8.04 -51.55 -40.31
N TYR P 117 7.36 -51.28 -39.20
CA TYR P 117 7.89 -50.45 -38.11
C TYR P 117 8.96 -51.25 -37.39
N MET P 118 10.22 -50.88 -37.59
CA MET P 118 11.32 -51.65 -37.06
C MET P 118 11.76 -51.05 -35.75
N THR P 119 11.86 -51.88 -34.72
CA THR P 119 12.24 -51.46 -33.39
C THR P 119 13.28 -52.44 -32.86
N ARG P 120 13.80 -52.18 -31.65
CA ARG P 120 14.81 -53.07 -31.07
C ARG P 120 14.25 -54.43 -30.70
N HIS P 121 12.92 -54.60 -30.73
CA HIS P 121 12.27 -55.87 -30.36
C HIS P 121 11.18 -56.15 -31.38
N ASN P 122 11.49 -57.00 -32.35
CA ASN P 122 10.57 -57.27 -33.44
C ASN P 122 10.01 -58.69 -33.32
N ASN P 123 8.83 -58.91 -33.91
CA ASN P 123 8.12 -60.18 -33.80
C ASN P 123 7.64 -60.46 -32.38
N LEU P 124 7.18 -59.43 -31.67
CA LEU P 124 6.72 -59.58 -30.30
C LEU P 124 5.20 -59.65 -30.28
N ASP P 125 4.67 -60.50 -29.40
CA ASP P 125 3.22 -60.65 -29.22
C ASP P 125 2.93 -60.79 -27.71
N LEU P 126 2.44 -59.70 -27.12
CA LEU P 126 2.19 -59.65 -25.68
C LEU P 126 0.80 -59.11 -25.42
N VAL P 127 0.14 -59.65 -24.40
CA VAL P 127 -1.09 -59.09 -23.87
C VAL P 127 -0.85 -58.66 -22.42
N ILE P 128 -1.22 -57.41 -22.13
CA ILE P 128 -1.13 -56.85 -20.78
C ILE P 128 -2.57 -56.67 -20.28
N ILE P 129 -2.96 -57.44 -19.28
CA ILE P 129 -4.28 -57.30 -18.66
C ILE P 129 -4.11 -56.65 -17.29
N ARG P 130 -4.85 -55.56 -17.05
CA ARG P 130 -4.64 -54.68 -15.90
C ARG P 130 -5.97 -54.36 -15.23
N GLU P 131 -5.96 -54.35 -13.89
CA GLU P 131 -7.10 -53.87 -13.12
C GLU P 131 -7.16 -52.33 -13.13
N GLN P 132 -8.37 -51.77 -13.17
CA GLN P 132 -8.53 -50.34 -13.46
C GLN P 132 -9.30 -49.55 -12.42
N THR P 133 -9.89 -50.20 -11.40
CA THR P 133 -10.78 -49.55 -10.46
C THR P 133 -10.20 -49.35 -9.07
N GLU P 134 -9.15 -50.09 -8.67
CA GLU P 134 -8.59 -50.02 -7.32
C GLU P 134 -7.19 -49.41 -7.33
N GLY P 135 -6.38 -49.80 -6.36
CA GLY P 135 -5.05 -49.27 -6.22
C GLY P 135 -5.07 -47.91 -5.54
N GLU P 136 -4.05 -47.11 -5.84
CA GLU P 136 -3.86 -45.73 -5.43
C GLU P 136 -4.80 -44.74 -6.11
N TYR P 137 -5.66 -45.20 -7.01
CA TYR P 137 -6.24 -44.34 -8.03
C TYR P 137 -7.53 -43.65 -7.61
N SER P 138 -7.92 -43.69 -6.34
CA SER P 138 -9.14 -43.02 -5.92
C SER P 138 -8.86 -41.87 -4.94
N SER P 139 -7.62 -41.35 -4.96
CA SER P 139 -7.21 -40.17 -4.21
C SER P 139 -7.63 -40.26 -2.75
N LEU P 140 -7.31 -41.41 -2.15
CA LEU P 140 -7.45 -41.64 -0.72
C LEU P 140 -6.14 -41.24 -0.07
N GLU P 141 -5.93 -39.93 0.06
CA GLU P 141 -4.76 -39.35 0.70
C GLU P 141 -5.19 -38.39 1.82
N HIS P 142 -4.24 -38.10 2.71
CA HIS P 142 -4.45 -37.09 3.74
C HIS P 142 -3.11 -36.78 4.38
N GLU P 143 -3.12 -35.80 5.26
CA GLU P 143 -1.95 -35.40 6.03
C GLU P 143 -2.17 -35.81 7.49
N SER P 144 -1.37 -36.77 7.97
CA SER P 144 -1.52 -37.16 9.36
C SER P 144 -0.72 -36.22 10.28
N ALA P 145 0.37 -35.66 9.79
CA ALA P 145 1.20 -34.72 10.52
C ALA P 145 1.78 -33.73 9.53
N ARG P 146 2.31 -32.62 10.06
CA ARG P 146 2.82 -31.59 9.16
C ARG P 146 3.98 -32.18 8.39
N GLY P 147 3.83 -32.34 7.08
CA GLY P 147 4.91 -32.91 6.30
C GLY P 147 4.92 -34.42 6.26
N VAL P 148 3.84 -35.08 6.65
CA VAL P 148 3.72 -36.54 6.58
C VAL P 148 2.42 -36.85 5.87
N ILE P 149 2.51 -37.45 4.69
CA ILE P 149 1.33 -37.73 3.87
C ILE P 149 1.10 -39.24 3.75
N GLU P 150 -0.15 -39.65 3.87
CA GLU P 150 -0.53 -41.04 3.66
C GLU P 150 -1.35 -41.21 2.39
N CYS P 151 -1.05 -42.26 1.64
CA CYS P 151 -1.75 -42.55 0.41
C CYS P 151 -2.17 -44.01 0.47
N LEU P 152 -3.48 -44.25 0.45
CA LEU P 152 -3.99 -45.60 0.62
C LEU P 152 -3.98 -46.34 -0.71
N LYS P 153 -3.44 -47.56 -0.69
CA LYS P 153 -3.51 -48.45 -1.82
C LYS P 153 -4.50 -49.53 -1.46
N ILE P 154 -5.57 -49.64 -2.26
CA ILE P 154 -6.68 -50.55 -2.01
C ILE P 154 -6.56 -51.75 -2.94
N VAL P 155 -6.74 -52.95 -2.39
CA VAL P 155 -6.94 -54.13 -3.21
C VAL P 155 -7.97 -55.02 -2.53
N THR P 156 -8.95 -55.47 -3.30
CA THR P 156 -9.99 -56.34 -2.77
C THR P 156 -9.83 -57.75 -3.31
N ARG P 157 -10.47 -58.69 -2.65
CA ARG P 157 -10.60 -60.02 -3.23
C ARG P 157 -11.55 -60.00 -4.43
N ALA P 158 -12.67 -59.29 -4.31
CA ALA P 158 -13.63 -59.18 -5.41
C ALA P 158 -12.95 -58.70 -6.69
N LYS P 159 -12.39 -57.49 -6.68
CA LYS P 159 -11.83 -57.00 -7.94
C LYS P 159 -10.63 -57.85 -8.39
N SER P 160 -9.86 -58.40 -7.46
CA SER P 160 -8.76 -59.29 -7.85
C SER P 160 -9.28 -60.55 -8.53
N GLN P 161 -10.25 -61.22 -7.89
CA GLN P 161 -10.84 -62.42 -8.49
C GLN P 161 -11.31 -62.13 -9.91
N ARG P 162 -12.17 -61.11 -10.04
CA ARG P 162 -12.70 -60.72 -11.34
C ARG P 162 -11.60 -60.50 -12.38
N ILE P 163 -10.45 -59.93 -11.99
CA ILE P 163 -9.47 -59.64 -13.02
C ILE P 163 -8.64 -60.86 -13.34
N ALA P 164 -8.43 -61.76 -12.36
CA ALA P 164 -7.70 -62.98 -12.68
C ALA P 164 -8.52 -63.88 -13.58
N LYS P 165 -9.80 -64.08 -13.25
CA LYS P 165 -10.64 -64.92 -14.09
C LYS P 165 -10.82 -64.31 -15.46
N PHE P 166 -10.84 -62.99 -15.57
CA PHE P 166 -10.88 -62.40 -16.91
C PHE P 166 -9.62 -62.77 -17.68
N ALA P 167 -8.45 -62.64 -17.05
CA ALA P 167 -7.21 -62.94 -17.74
C ALA P 167 -7.21 -64.37 -18.29
N PHE P 168 -7.77 -65.33 -17.53
CA PHE P 168 -7.75 -66.71 -17.99
C PHE P 168 -8.79 -66.95 -19.08
N ASP P 169 -9.96 -66.33 -18.98
CA ASP P 169 -10.90 -66.41 -20.10
C ASP P 169 -10.28 -65.79 -21.35
N TYR P 170 -9.50 -64.72 -21.19
CA TYR P 170 -8.82 -64.16 -22.34
C TYR P 170 -7.89 -65.20 -22.94
N ALA P 171 -7.05 -65.81 -22.10
CA ALA P 171 -6.12 -66.82 -22.54
C ALA P 171 -6.82 -67.97 -23.23
N THR P 172 -8.05 -68.28 -22.82
CA THR P 172 -8.73 -69.40 -23.46
C THR P 172 -9.53 -68.91 -24.68
N LYS P 173 -10.44 -67.94 -24.48
CA LYS P 173 -11.17 -67.32 -25.59
C LYS P 173 -10.22 -67.06 -26.77
N LYS P 174 -9.19 -66.23 -26.54
CA LYS P 174 -8.30 -65.85 -27.63
C LYS P 174 -7.16 -66.84 -27.85
N GLY P 175 -7.15 -67.96 -27.14
CA GLY P 175 -6.23 -69.04 -27.49
C GLY P 175 -4.77 -68.89 -27.09
N ARG P 176 -4.47 -68.10 -26.06
CA ARG P 176 -3.09 -67.92 -25.59
C ARG P 176 -2.72 -69.00 -24.58
N GLY P 177 -1.43 -69.08 -24.26
CA GLY P 177 -0.90 -70.23 -23.55
C GLY P 177 -0.40 -70.06 -22.12
N LYS P 178 0.16 -68.90 -21.79
CA LYS P 178 0.66 -68.66 -20.43
C LYS P 178 0.08 -67.37 -19.86
N VAL P 179 -0.27 -67.42 -18.57
CA VAL P 179 -0.75 -66.27 -17.82
C VAL P 179 0.24 -66.01 -16.69
N THR P 180 0.81 -64.81 -16.67
CA THR P 180 1.82 -64.45 -15.68
C THR P 180 1.31 -63.32 -14.79
N ALA P 181 1.23 -63.60 -13.48
CA ALA P 181 0.80 -62.60 -12.51
C ALA P 181 2.00 -61.81 -12.01
N VAL P 182 1.90 -60.48 -12.02
CA VAL P 182 3.01 -59.61 -11.64
C VAL P 182 2.63 -58.88 -10.36
N HIS P 183 3.52 -58.92 -9.38
CA HIS P 183 3.18 -58.44 -8.04
C HIS P 183 4.42 -57.92 -7.35
N LYS P 184 4.20 -57.28 -6.20
CA LYS P 184 5.24 -57.00 -5.22
C LYS P 184 4.78 -57.54 -3.86
N ALA P 185 4.32 -58.80 -3.86
CA ALA P 185 3.79 -59.42 -2.66
C ALA P 185 4.87 -59.72 -1.62
N ASN P 186 6.15 -59.50 -1.94
CA ASN P 186 7.17 -59.65 -0.92
C ASN P 186 7.27 -58.41 -0.04
N ILE P 187 6.93 -57.22 -0.55
CA ILE P 187 6.92 -56.05 0.31
C ILE P 187 5.50 -55.81 0.81
N MET P 188 4.54 -55.66 -0.11
CA MET P 188 3.15 -55.45 0.30
C MET P 188 2.50 -56.82 0.43
N LYS P 189 2.84 -57.47 1.55
CA LYS P 189 2.51 -58.87 1.76
C LYS P 189 1.00 -59.10 1.84
N LEU P 190 0.30 -58.36 2.68
CA LEU P 190 -1.14 -58.30 2.53
C LEU P 190 -1.49 -57.61 1.22
N GLY P 191 -2.68 -57.84 0.73
CA GLY P 191 -2.99 -56.94 -0.36
C GLY P 191 -2.39 -57.29 -1.71
N ASP P 192 -1.10 -57.04 -1.97
CA ASP P 192 -0.48 -57.67 -3.15
C ASP P 192 -0.45 -59.17 -2.98
N GLY P 193 -0.23 -59.64 -1.75
CA GLY P 193 -0.41 -61.06 -1.48
C GLY P 193 -1.85 -61.50 -1.67
N LEU P 194 -2.80 -60.64 -1.28
CA LEU P 194 -4.20 -60.95 -1.56
C LEU P 194 -4.43 -61.07 -3.05
N PHE P 195 -3.74 -60.24 -3.83
CA PHE P 195 -3.88 -60.29 -5.27
C PHE P 195 -3.32 -61.60 -5.79
N LEU P 196 -2.09 -61.90 -5.41
CA LEU P 196 -1.51 -63.19 -5.77
C LEU P 196 -2.43 -64.33 -5.39
N GLN P 197 -2.94 -64.29 -4.16
CA GLN P 197 -3.74 -65.39 -3.64
C GLN P 197 -4.84 -65.79 -4.61
N CYS P 198 -5.67 -64.81 -4.99
CA CYS P 198 -6.81 -65.08 -5.86
C CYS P 198 -6.35 -65.52 -7.26
N CYS P 199 -5.25 -64.92 -7.74
CA CYS P 199 -4.68 -65.28 -9.04
C CYS P 199 -4.35 -66.77 -9.07
N GLU P 200 -3.83 -67.29 -7.97
CA GLU P 200 -3.55 -68.71 -7.89
C GLU P 200 -4.84 -69.54 -7.80
N GLU P 201 -5.83 -69.07 -7.00
CA GLU P 201 -7.10 -69.79 -6.93
C GLU P 201 -7.73 -69.93 -8.29
N VAL P 202 -7.71 -68.86 -9.08
CA VAL P 202 -8.33 -68.95 -10.40
C VAL P 202 -7.45 -69.76 -11.33
N ALA P 203 -6.13 -69.70 -11.12
CA ALA P 203 -5.23 -70.43 -12.01
C ALA P 203 -5.50 -71.93 -11.99
N GLU P 204 -6.20 -72.41 -10.97
CA GLU P 204 -6.52 -73.82 -10.80
C GLU P 204 -7.86 -74.24 -11.41
N LEU P 205 -8.71 -73.29 -11.82
CA LEU P 205 -9.85 -73.66 -12.65
C LEU P 205 -9.48 -73.79 -14.12
N TYR P 206 -8.25 -73.44 -14.51
CA TYR P 206 -7.86 -73.37 -15.92
C TYR P 206 -6.59 -74.20 -16.11
N PRO P 207 -6.73 -75.52 -16.02
CA PRO P 207 -5.55 -76.38 -16.00
C PRO P 207 -4.87 -76.48 -17.34
N LYS P 208 -5.52 -76.08 -18.44
CA LYS P 208 -4.87 -76.03 -19.74
C LYS P 208 -3.98 -74.81 -19.90
N ILE P 209 -4.22 -73.77 -19.11
CA ILE P 209 -3.45 -72.53 -19.21
C ILE P 209 -2.37 -72.52 -18.14
N LYS P 210 -1.14 -72.18 -18.53
CA LYS P 210 -0.02 -72.24 -17.63
C LYS P 210 0.08 -70.96 -16.81
N PHE P 211 0.41 -71.09 -15.51
CA PHE P 211 0.48 -69.97 -14.59
C PHE P 211 1.87 -69.87 -13.96
N GLU P 212 2.51 -68.70 -14.09
CA GLU P 212 3.73 -68.35 -13.36
C GLU P 212 3.54 -67.00 -12.71
N THR P 213 4.42 -66.66 -11.76
CA THR P 213 4.33 -65.38 -11.07
C THR P 213 5.69 -64.71 -11.07
N MET P 214 5.68 -63.38 -11.10
CA MET P 214 6.92 -62.63 -11.24
C MET P 214 6.81 -61.28 -10.55
N ILE P 215 7.91 -60.86 -9.93
CA ILE P 215 7.91 -59.62 -9.15
C ILE P 215 8.05 -58.45 -10.11
N ILE P 216 7.38 -57.33 -9.79
CA ILE P 216 7.16 -56.26 -10.77
C ILE P 216 8.48 -55.69 -11.29
N ASP P 217 9.47 -55.50 -10.41
CA ASP P 217 10.72 -54.88 -10.87
C ASP P 217 11.58 -55.84 -11.67
N ASN P 218 11.50 -57.14 -11.39
CA ASN P 218 12.16 -58.11 -12.26
C ASN P 218 11.48 -58.13 -13.62
N CYS P 219 10.15 -58.23 -13.63
CA CYS P 219 9.39 -58.28 -14.86
C CYS P 219 9.76 -57.13 -15.77
N CYS P 220 9.85 -55.94 -15.20
CA CYS P 220 10.28 -54.78 -15.97
C CYS P 220 11.62 -55.03 -16.66
N MET P 221 12.56 -55.66 -15.95
CA MET P 221 13.88 -55.92 -16.52
C MET P 221 13.82 -57.01 -17.58
N GLN P 222 13.09 -58.09 -17.31
CA GLN P 222 12.88 -59.13 -18.31
C GLN P 222 12.19 -58.61 -19.54
N LEU P 223 11.29 -57.65 -19.38
CA LEU P 223 10.66 -57.09 -20.57
C LEU P 223 11.71 -56.46 -21.49
N VAL P 224 12.82 -55.99 -20.93
CA VAL P 224 13.79 -55.25 -21.73
C VAL P 224 14.80 -56.17 -22.39
N GLN P 225 15.16 -57.27 -21.74
CA GLN P 225 16.14 -58.16 -22.36
C GLN P 225 15.54 -59.43 -22.91
N ASN P 226 14.32 -59.76 -22.57
CA ASN P 226 13.72 -60.90 -23.23
C ASN P 226 12.20 -60.82 -23.14
N PRO P 227 11.56 -59.87 -23.82
CA PRO P 227 10.10 -59.80 -23.75
C PRO P 227 9.42 -61.05 -24.28
N TYR P 228 10.14 -61.88 -25.02
CA TYR P 228 9.52 -63.01 -25.71
C TYR P 228 9.09 -64.13 -24.76
N GLN P 229 9.45 -64.05 -23.49
CA GLN P 229 9.14 -65.09 -22.51
C GLN P 229 7.77 -64.95 -21.86
N PHE P 230 7.02 -63.88 -22.14
CA PHE P 230 5.68 -63.72 -21.62
C PHE P 230 4.68 -63.98 -22.73
N ASP P 231 3.44 -64.25 -22.31
CA ASP P 231 2.31 -64.46 -23.21
C ASP P 231 1.23 -63.48 -22.81
N VAL P 232 0.48 -63.83 -21.75
CA VAL P 232 -0.48 -62.97 -21.08
C VAL P 232 0.10 -62.57 -19.73
N LEU P 233 -0.15 -61.32 -19.32
CA LEU P 233 0.27 -60.81 -18.02
C LEU P 233 -0.93 -60.20 -17.30
N VAL P 234 -1.01 -60.38 -15.98
CA VAL P 234 -2.10 -59.79 -15.21
C VAL P 234 -1.54 -59.03 -13.99
N MET P 235 -2.09 -57.85 -13.73
CA MET P 235 -1.55 -56.92 -12.76
C MET P 235 -2.67 -56.09 -12.16
N PRO P 236 -2.41 -55.43 -11.04
CA PRO P 236 -3.28 -54.34 -10.55
C PRO P 236 -3.00 -53.02 -11.27
N ASN P 237 -3.72 -51.98 -10.85
CA ASN P 237 -3.77 -50.70 -11.58
C ASN P 237 -2.40 -50.10 -11.85
N LEU P 238 -1.62 -49.82 -10.80
CA LEU P 238 -0.36 -49.08 -10.96
C LEU P 238 0.68 -49.89 -11.74
N TYR P 239 0.80 -51.19 -11.46
CA TYR P 239 1.76 -51.97 -12.22
C TYR P 239 1.37 -52.03 -13.70
N GLY P 240 0.06 -52.07 -13.97
CA GLY P 240 -0.38 -52.02 -15.36
C GLY P 240 0.01 -50.74 -16.04
N ASN P 241 -0.15 -49.60 -15.34
CA ASN P 241 0.29 -48.30 -15.86
C ASN P 241 1.73 -48.36 -16.32
N ILE P 242 2.60 -48.98 -15.53
CA ILE P 242 4.01 -49.11 -15.89
C ILE P 242 4.16 -50.00 -17.12
N ILE P 243 3.71 -51.26 -17.01
CA ILE P 243 3.98 -52.21 -18.08
C ILE P 243 3.26 -51.80 -19.37
N ASP P 244 2.05 -51.26 -19.28
CA ASP P 244 1.40 -50.72 -20.47
C ASP P 244 2.37 -49.82 -21.22
N ASN P 245 2.89 -48.81 -20.53
CA ASN P 245 3.67 -47.81 -21.24
C ASN P 245 5.07 -48.30 -21.52
N LEU P 246 5.59 -49.19 -20.66
CA LEU P 246 6.86 -49.84 -20.93
C LEU P 246 6.79 -50.64 -22.23
N ALA P 247 5.89 -51.61 -22.28
CA ALA P 247 5.84 -52.49 -23.43
C ALA P 247 5.35 -51.79 -24.68
N ALA P 248 4.61 -50.70 -24.53
CA ALA P 248 4.29 -49.90 -25.71
C ALA P 248 5.57 -49.44 -26.42
N GLY P 249 6.50 -48.85 -25.66
CA GLY P 249 7.79 -48.47 -26.22
C GLY P 249 8.53 -49.65 -26.83
N LEU P 250 8.20 -50.87 -26.42
CA LEU P 250 8.85 -52.04 -27.01
C LEU P 250 8.56 -52.15 -28.49
N VAL P 251 7.40 -51.69 -28.95
CA VAL P 251 6.94 -51.94 -30.32
C VAL P 251 6.59 -50.67 -31.09
N GLY P 252 6.90 -49.50 -30.54
CA GLY P 252 6.77 -48.28 -31.31
C GLY P 252 5.95 -47.17 -30.68
N GLY P 253 5.50 -47.36 -29.44
CA GLY P 253 5.02 -46.24 -28.67
C GLY P 253 3.54 -45.92 -28.88
N ALA P 254 3.13 -44.84 -28.22
CA ALA P 254 1.72 -44.48 -28.09
C ALA P 254 1.01 -44.38 -29.44
N GLY P 255 1.77 -44.16 -30.52
CA GLY P 255 1.15 -43.92 -31.80
C GLY P 255 0.48 -45.13 -32.42
N VAL P 256 0.86 -46.34 -31.98
CA VAL P 256 0.51 -47.55 -32.74
C VAL P 256 -0.01 -48.71 -31.90
N VAL P 257 -0.26 -48.49 -30.61
CA VAL P 257 -0.61 -49.58 -29.68
C VAL P 257 -2.06 -49.41 -29.26
N PRO P 258 -2.95 -50.36 -29.57
CA PRO P 258 -4.35 -50.20 -29.20
C PRO P 258 -4.69 -50.82 -27.84
N GLY P 259 -5.83 -50.39 -27.28
CA GLY P 259 -6.29 -50.95 -26.03
C GLY P 259 -7.81 -51.03 -25.92
N GLU P 260 -8.27 -51.82 -24.95
CA GLU P 260 -9.69 -52.01 -24.68
C GLU P 260 -9.91 -52.22 -23.19
N SER P 261 -11.07 -51.75 -22.73
CA SER P 261 -11.54 -51.95 -21.37
C SER P 261 -12.91 -52.60 -21.41
N TYR P 262 -13.09 -53.62 -20.59
CA TYR P 262 -14.34 -54.38 -20.58
C TYR P 262 -15.08 -54.18 -19.25
N SER P 263 -16.40 -54.12 -19.34
CA SER P 263 -17.27 -54.33 -18.20
C SER P 263 -17.65 -55.80 -18.19
N ALA P 264 -18.82 -56.15 -17.66
CA ALA P 264 -19.41 -57.43 -18.02
C ALA P 264 -20.23 -57.32 -19.29
N GLU P 265 -20.69 -56.11 -19.63
CA GLU P 265 -21.56 -55.89 -20.77
C GLU P 265 -21.11 -54.74 -21.65
N TYR P 266 -20.37 -53.79 -21.11
CA TYR P 266 -19.84 -52.71 -21.94
C TYR P 266 -18.45 -53.08 -22.45
N ALA P 267 -18.08 -52.51 -23.60
CA ALA P 267 -16.74 -52.65 -24.13
C ALA P 267 -16.35 -51.34 -24.78
N VAL P 268 -15.27 -50.75 -24.30
CA VAL P 268 -14.81 -49.45 -24.76
C VAL P 268 -13.42 -49.60 -25.36
N PHE P 269 -13.21 -48.97 -26.51
CA PHE P 269 -11.96 -49.13 -27.24
C PHE P 269 -11.17 -47.84 -27.22
N GLU P 270 -9.86 -47.95 -27.05
CA GLU P 270 -9.03 -46.79 -26.75
C GLU P 270 -7.59 -47.13 -27.10
N THR P 271 -6.70 -46.15 -26.89
CA THR P 271 -5.30 -46.40 -27.14
C THR P 271 -4.68 -47.14 -25.96
N GLY P 272 -3.45 -47.60 -26.16
CA GLY P 272 -2.80 -48.42 -25.15
C GLY P 272 -2.00 -47.70 -24.08
N ALA P 273 -1.13 -46.77 -24.46
CA ALA P 273 -0.23 -46.11 -23.53
C ALA P 273 -0.81 -44.74 -23.20
N ARG P 274 -1.37 -44.61 -21.99
CA ARG P 274 -2.13 -43.41 -21.62
C ARG P 274 -1.38 -42.51 -20.65
N HIS P 275 -0.04 -42.49 -20.75
CA HIS P 275 0.76 -41.54 -20.00
C HIS P 275 0.39 -40.12 -20.42
N PRO P 276 0.67 -39.12 -19.59
CA PRO P 276 0.08 -37.78 -19.84
C PRO P 276 0.56 -37.13 -21.13
N PHE P 277 1.80 -37.40 -21.56
CA PHE P 277 2.31 -36.77 -22.77
C PHE P 277 2.34 -37.73 -23.96
N ALA P 278 1.25 -38.46 -24.19
CA ALA P 278 1.14 -39.36 -25.32
C ALA P 278 0.36 -38.67 -26.42
N GLN P 279 1.03 -38.48 -27.57
CA GLN P 279 0.48 -37.72 -28.70
C GLN P 279 0.12 -36.30 -28.28
N ALA P 280 1.04 -35.66 -27.55
CA ALA P 280 0.90 -34.25 -27.21
C ALA P 280 1.41 -33.43 -28.36
N VAL P 281 0.94 -33.73 -29.55
CA VAL P 281 1.38 -33.06 -30.76
C VAL P 281 0.26 -32.12 -31.20
N GLY P 282 0.60 -31.16 -32.05
CA GLY P 282 -0.36 -30.21 -32.56
C GLY P 282 -1.30 -30.86 -33.56
N ARG P 283 -2.09 -30.01 -34.23
CA ARG P 283 -3.01 -30.52 -35.25
C ARG P 283 -2.22 -31.09 -36.43
N ASN P 284 -2.73 -32.18 -37.01
CA ASN P 284 -2.17 -32.78 -38.23
C ASN P 284 -0.80 -33.42 -38.02
N ILE P 285 -0.47 -33.84 -36.80
CA ILE P 285 0.87 -34.38 -36.56
C ILE P 285 0.77 -35.82 -36.04
N ALA P 286 -0.29 -36.12 -35.30
CA ALA P 286 -0.38 -37.36 -34.53
C ALA P 286 -0.58 -38.58 -35.41
N ASN P 287 -0.10 -39.71 -34.94
CA ASN P 287 -0.24 -40.97 -35.67
C ASN P 287 -1.60 -41.61 -35.40
N PRO P 288 -2.41 -41.85 -36.44
CA PRO P 288 -3.72 -42.49 -36.23
C PRO P 288 -3.69 -44.01 -36.24
N THR P 289 -2.51 -44.60 -36.43
CA THR P 289 -2.39 -46.06 -36.42
C THR P 289 -3.14 -46.71 -35.26
N ALA P 290 -2.93 -46.21 -34.04
CA ALA P 290 -3.36 -46.96 -32.87
C ALA P 290 -4.88 -46.91 -32.72
N MET P 291 -5.48 -45.72 -32.83
CA MET P 291 -6.93 -45.66 -32.71
C MET P 291 -7.60 -46.54 -33.76
N LEU P 292 -7.03 -46.56 -34.98
CA LEU P 292 -7.60 -47.32 -36.09
C LEU P 292 -7.51 -48.81 -35.80
N LEU P 293 -6.34 -49.29 -35.41
CA LEU P 293 -6.25 -50.69 -35.00
C LEU P 293 -7.25 -50.97 -33.90
N SER P 294 -7.37 -50.07 -32.94
CA SER P 294 -8.40 -50.19 -31.92
C SER P 294 -9.78 -50.17 -32.58
N ALA P 295 -10.01 -49.23 -33.50
CA ALA P 295 -11.30 -49.22 -34.18
C ALA P 295 -11.59 -50.58 -34.84
N SER P 296 -10.57 -51.22 -35.41
CA SER P 296 -10.85 -52.48 -36.07
C SER P 296 -11.14 -53.59 -35.06
N ASN P 297 -10.50 -53.55 -33.89
CA ASN P 297 -10.89 -54.48 -32.82
C ASN P 297 -12.32 -54.24 -32.34
N MET P 298 -12.73 -52.98 -32.24
CA MET P 298 -14.13 -52.67 -31.98
C MET P 298 -15.02 -53.38 -32.99
N LEU P 299 -14.66 -53.29 -34.27
CA LEU P 299 -15.44 -53.95 -35.32
C LEU P 299 -15.52 -55.46 -35.10
N ARG P 300 -14.38 -56.11 -34.83
CA ARG P 300 -14.41 -57.53 -34.51
C ARG P 300 -15.36 -57.81 -33.35
N HIS P 301 -15.36 -56.94 -32.33
CA HIS P 301 -16.26 -57.13 -31.21
C HIS P 301 -17.71 -57.07 -31.67
N LEU P 302 -18.02 -56.17 -32.60
CA LEU P 302 -19.35 -56.05 -33.17
C LEU P 302 -19.67 -57.13 -34.21
N ASN P 303 -18.74 -58.06 -34.45
CA ASN P 303 -18.85 -59.16 -35.42
C ASN P 303 -18.89 -58.70 -36.88
N LEU P 304 -18.50 -57.46 -37.17
CA LEU P 304 -18.26 -57.06 -38.55
C LEU P 304 -16.82 -57.42 -38.92
N GLU P 305 -16.58 -58.74 -38.94
CA GLU P 305 -15.23 -59.26 -39.10
C GLU P 305 -14.64 -58.95 -40.46
N TYR P 306 -15.43 -58.92 -41.53
CA TYR P 306 -14.83 -58.59 -42.81
C TYR P 306 -14.29 -57.17 -42.80
N HIS P 307 -15.04 -56.25 -42.18
CA HIS P 307 -14.56 -54.88 -42.09
C HIS P 307 -13.42 -54.76 -41.10
N SER P 308 -13.46 -55.58 -40.05
CA SER P 308 -12.40 -55.56 -39.05
C SER P 308 -11.06 -55.91 -39.65
N SER P 309 -10.98 -57.04 -40.37
CA SER P 309 -9.70 -57.46 -40.90
C SER P 309 -9.27 -56.62 -42.09
N MET P 310 -10.24 -56.15 -42.88
CA MET P 310 -9.92 -55.27 -44.00
C MET P 310 -9.22 -54.01 -43.51
N ILE P 311 -9.86 -53.29 -42.56
CA ILE P 311 -9.27 -52.09 -42.00
C ILE P 311 -7.92 -52.41 -41.36
N ALA P 312 -7.82 -53.55 -40.69
CA ALA P 312 -6.54 -53.92 -40.08
C ALA P 312 -5.48 -54.17 -41.15
N ASP P 313 -5.80 -54.98 -42.17
CA ASP P 313 -4.81 -55.29 -43.20
C ASP P 313 -4.34 -54.03 -43.90
N ALA P 314 -5.28 -53.20 -44.35
CA ALA P 314 -4.89 -51.92 -44.93
C ALA P 314 -3.87 -51.22 -44.05
N VAL P 315 -4.18 -51.08 -42.76
CA VAL P 315 -3.30 -50.35 -41.85
C VAL P 315 -1.90 -50.96 -41.84
N LYS P 316 -1.82 -52.28 -41.60
CA LYS P 316 -0.52 -52.92 -41.53
C LYS P 316 0.28 -52.73 -42.80
N LYS P 317 -0.40 -52.72 -43.96
CA LYS P 317 0.36 -52.70 -45.21
C LYS P 317 0.91 -51.32 -45.52
N VAL P 318 0.08 -50.29 -45.38
CA VAL P 318 0.59 -48.94 -45.52
C VAL P 318 1.84 -48.78 -44.67
N ILE P 319 1.85 -49.42 -43.49
CA ILE P 319 3.04 -49.36 -42.65
C ILE P 319 4.17 -50.18 -43.25
N LYS P 320 3.89 -51.41 -43.67
CA LYS P 320 4.95 -52.28 -44.19
C LYS P 320 5.57 -51.75 -45.48
N VAL P 321 4.77 -51.16 -46.38
CA VAL P 321 5.32 -50.65 -47.63
C VAL P 321 6.27 -49.48 -47.36
N GLY P 322 5.84 -48.51 -46.55
CA GLY P 322 6.74 -47.49 -46.04
C GLY P 322 6.70 -46.13 -46.71
N LYS P 323 5.76 -45.88 -47.63
CA LYS P 323 5.74 -44.58 -48.28
C LYS P 323 5.26 -43.50 -47.32
N VAL P 324 4.24 -43.79 -46.53
CA VAL P 324 3.62 -42.82 -45.64
C VAL P 324 3.97 -43.20 -44.21
N ARG P 325 4.70 -42.30 -43.54
CA ARG P 325 4.99 -42.44 -42.13
C ARG P 325 4.78 -41.10 -41.46
N THR P 326 4.16 -41.14 -40.28
CA THR P 326 4.03 -39.97 -39.44
C THR P 326 5.33 -39.75 -38.66
N SER P 327 5.45 -38.55 -38.08
CA SER P 327 6.69 -38.15 -37.41
C SER P 327 7.10 -39.12 -36.31
N ASP P 328 6.12 -39.67 -35.58
CA ASP P 328 6.44 -40.66 -34.55
C ASP P 328 7.08 -41.91 -35.14
N MET P 329 6.89 -42.16 -36.44
CA MET P 329 7.42 -43.36 -37.07
C MET P 329 8.69 -43.09 -37.88
N GLY P 330 9.19 -41.85 -37.90
CA GLY P 330 10.35 -41.51 -38.68
C GLY P 330 10.04 -40.62 -39.86
N GLY P 331 8.98 -40.96 -40.59
CA GLY P 331 8.60 -40.19 -41.77
C GLY P 331 8.13 -38.78 -41.43
N TYR P 332 7.66 -38.10 -42.48
CA TYR P 332 7.31 -36.68 -42.38
C TYR P 332 5.87 -36.43 -42.81
N ALA P 333 5.08 -37.48 -42.94
CA ALA P 333 3.72 -37.34 -43.42
C ALA P 333 2.82 -36.77 -42.32
N THR P 334 1.93 -35.87 -42.71
CA THR P 334 0.90 -35.42 -41.79
C THR P 334 -0.02 -36.59 -41.42
N CYS P 335 -0.97 -36.31 -40.55
CA CYS P 335 -1.95 -37.31 -40.17
C CYS P 335 -3.05 -37.39 -41.23
N HIS P 336 -3.41 -36.23 -41.80
CA HIS P 336 -4.31 -36.23 -42.96
C HIS P 336 -3.70 -37.04 -44.10
N ASP P 337 -2.43 -36.77 -44.44
CA ASP P 337 -1.73 -37.56 -45.44
C ASP P 337 -1.86 -39.05 -45.14
N PHE P 338 -1.56 -39.43 -43.90
CA PHE P 338 -1.58 -40.84 -43.53
C PHE P 338 -3.00 -41.40 -43.56
N THR P 339 -4.01 -40.64 -43.12
CA THR P 339 -5.34 -41.21 -43.11
C THR P 339 -5.87 -41.37 -44.53
N GLU P 340 -5.64 -40.36 -45.38
CA GLU P 340 -6.14 -40.46 -46.73
C GLU P 340 -5.41 -41.55 -47.51
N GLU P 341 -4.20 -41.89 -47.08
CA GLU P 341 -3.52 -43.04 -47.68
C GLU P 341 -4.19 -44.35 -47.26
N ILE P 342 -4.71 -44.42 -46.04
CA ILE P 342 -5.38 -45.64 -45.59
C ILE P 342 -6.68 -45.83 -46.37
N CYS P 343 -7.51 -44.78 -46.42
CA CYS P 343 -8.77 -44.81 -47.17
C CYS P 343 -8.55 -45.24 -48.62
N ARG P 344 -7.62 -44.57 -49.30
CA ARG P 344 -7.20 -44.98 -50.65
C ARG P 344 -7.03 -46.49 -50.67
N ARG P 345 -6.27 -47.01 -49.71
CA ARG P 345 -5.82 -48.39 -49.76
C ARG P 345 -6.85 -49.39 -49.30
N VAL P 346 -7.91 -48.96 -48.62
CA VAL P 346 -8.95 -49.86 -48.17
C VAL P 346 -10.20 -49.76 -49.04
N LYS P 347 -10.51 -48.58 -49.60
CA LYS P 347 -11.53 -48.49 -50.63
C LYS P 347 -11.17 -49.38 -51.81
N ASP P 348 -9.88 -49.52 -52.10
CA ASP P 348 -9.42 -50.37 -53.18
C ASP P 348 -9.36 -51.84 -52.78
N LEU P 349 -9.86 -52.21 -51.60
CA LEU P 349 -10.05 -53.63 -51.30
C LEU P 349 -11.45 -54.10 -51.65
N ASP P 350 -12.48 -53.27 -51.39
CA ASP P 350 -13.81 -53.57 -51.96
C ASP P 350 -13.87 -53.32 -53.45
N GLU P 351 -12.72 -53.03 -54.07
CA GLU P 351 -12.59 -52.87 -55.52
C GLU P 351 -13.60 -51.86 -56.10
#